data_7CR8
#
_entry.id   7CR8
#
_cell.length_a   185.401
_cell.length_b   185.401
_cell.length_c   382.849
_cell.angle_alpha   90.000
_cell.angle_beta   90.000
_cell.angle_gamma   120.000
#
_symmetry.space_group_name_H-M   'P 31'
#
loop_
_entity.id
_entity.type
_entity.pdbx_description
1 polymer 'CRISPR-associated endonuclease Cas1'
2 polymer 'CRISPR-associated endoribonuclease Cas2 1'
3 polymer 'DNA (36-MER)'
4 polymer 'DNA (36-MER)'
#
loop_
_entity_poly.entity_id
_entity_poly.type
_entity_poly.pdbx_seq_one_letter_code
_entity_poly.pdbx_strand_id
1 'polypeptide(L)'
;GASGSGTGSGSMSTLYLTQPDAVLSKKHEAFHVALKQEDGSWKKQPIPAQTLEDIVLLGYPSITGEALGYALELGLPVHY
LTQFGKYVGSALPSESRNGQLRLAQFRAHEDPIQRLDIVKAFVKGKVHNQYNLLYRRGQVDNPLKGRGKLVMRQQTLEQV
RGIEGLAAREYFASWQEMLGHEWTFTGRFRRPPTDPVNALLSFGYGLLRTQVTAAVHIAGLDPYIGFLHETTRGQPAMIL
DLMEEFRALVADSVVLTVLKQREIQRQDFTESLGAFRLTDSATKTFLGAFDRKLSSEFKHPIFNYKCTYRRAIELQARLL
ARHLQEGVVYEPLVIR
;
I,J,K,L,Q,R,S,T,a,b,c,d,i,j,k,l,q,r,s,t,A,B,C,D
2 'polypeptide(L)'
;GASGSGTGSGSMLYLIIYDVPATKAGNKRRTRLFDLLSGYGKWRQFSVFECFLSVKQFAKLQTAMEKLIKLDEDAVCIYV
LDENTVQRTITYGTPQPEKPGSIII
;
M,N,U,V,e,f,m,n,u,v,E,F
3 'polydeoxyribonucleotide'
;(DT)(DT)(DT)(DT)(DT)(DT)(DT)(DG)(DT)(DG)(DC)(DC)(DC)(DC)(DT)(DG)(DG)(DC)(DG)(DG)
(DT)(DC)(DG)(DC)(DT)(DT)(DT)(DC)(DA)(DA)(DG)(DT)(DT)(DT)(DT)(DT)
;
O,W,g,o,w,G
4 'polydeoxyribonucleotide'
;(DT)(DT)(DT)(DT)(DT)(DC)(DT)(DT)(DG)(DA)(DA)(DA)(DG)(DC)(DG)(DA)(DC)(DC)(DG)(DC)
(DC)(DA)(DG)(DG)(DG)(DG)(DC)(DA)(DC)(DA)(DA)(DT)(DT)(DT)(DT)(DT)
;
P,X,h,p,x,H
#
# COMPACT_ATOMS: atom_id res chain seq x y z
N SER A 13 33.48 -20.84 -22.91
CA SER A 13 33.23 -21.76 -21.80
C SER A 13 32.93 -21.04 -20.50
N THR A 14 32.96 -19.70 -20.52
CA THR A 14 32.73 -18.92 -19.31
C THR A 14 31.62 -17.89 -19.55
N LEU A 15 31.04 -17.43 -18.43
CA LEU A 15 29.90 -16.52 -18.44
C LEU A 15 30.26 -15.20 -17.76
N TYR A 16 29.80 -14.10 -18.35
CA TYR A 16 30.02 -12.75 -17.83
C TYR A 16 28.69 -12.03 -17.74
N LEU A 17 28.56 -11.18 -16.72
CA LEU A 17 27.31 -10.45 -16.49
C LEU A 17 27.60 -9.03 -16.02
N THR A 18 26.94 -8.05 -16.64
CA THR A 18 27.18 -6.64 -16.35
C THR A 18 26.06 -5.92 -15.60
N GLN A 19 24.79 -6.27 -15.81
CA GLN A 19 23.70 -5.39 -15.38
C GLN A 19 23.23 -5.72 -13.97
N PRO A 20 23.19 -4.74 -13.04
CA PRO A 20 22.65 -5.01 -11.71
C PRO A 20 21.12 -4.98 -11.65
N ASP A 21 20.48 -5.04 -12.82
CA ASP A 21 19.03 -5.07 -12.89
C ASP A 21 18.53 -6.39 -13.47
N ALA A 22 19.39 -7.40 -13.53
CA ALA A 22 19.07 -8.70 -14.12
C ALA A 22 18.89 -9.68 -12.98
N VAL A 23 17.81 -10.45 -13.02
CA VAL A 23 17.53 -11.48 -12.03
C VAL A 23 17.72 -12.82 -12.70
N LEU A 24 18.39 -13.73 -12.02
CA LEU A 24 18.68 -15.05 -12.53
C LEU A 24 17.88 -16.11 -11.80
N SER A 25 17.18 -16.96 -12.56
CA SER A 25 16.42 -18.07 -12.01
C SER A 25 16.93 -19.38 -12.60
N LYS A 26 16.55 -20.47 -11.97
CA LYS A 26 16.91 -21.82 -12.40
C LYS A 26 15.68 -22.51 -12.98
N LYS A 27 15.88 -23.22 -14.08
CA LYS A 27 14.85 -24.06 -14.69
C LYS A 27 15.27 -25.51 -14.49
N HIS A 28 14.39 -26.44 -14.85
CA HIS A 28 14.55 -27.85 -14.50
C HIS A 28 16.00 -28.28 -14.37
N GLU A 29 16.82 -27.92 -15.37
CA GLU A 29 18.27 -28.11 -15.26
C GLU A 29 19.06 -26.96 -15.85
N ALA A 30 18.41 -25.82 -16.15
CA ALA A 30 19.06 -24.77 -16.90
C ALA A 30 18.62 -23.40 -16.39
N PHE A 31 19.38 -22.38 -16.78
CA PHE A 31 19.23 -21.04 -16.26
C PHE A 31 18.40 -20.18 -17.21
N HIS A 32 17.75 -19.16 -16.63
CA HIS A 32 17.05 -18.14 -17.39
C HIS A 32 17.42 -16.78 -16.80
N VAL A 33 18.07 -15.95 -17.59
CA VAL A 33 18.39 -14.58 -17.23
C VAL A 33 17.24 -13.71 -17.69
N ALA A 34 16.89 -12.69 -16.91
CA ALA A 34 15.74 -11.84 -17.19
C ALA A 34 16.21 -10.40 -17.33
N LEU A 35 16.31 -9.94 -18.59
CA LEU A 35 16.74 -8.59 -18.90
C LEU A 35 15.52 -7.72 -19.15
N LYS A 36 15.45 -6.59 -18.47
CA LYS A 36 14.28 -5.72 -18.53
C LYS A 36 14.53 -4.52 -19.43
N GLN A 37 14.29 -4.71 -20.73
CA GLN A 37 14.34 -3.63 -21.70
C GLN A 37 12.90 -3.13 -21.88
N GLU A 38 12.69 -1.84 -21.63
CA GLU A 38 11.33 -1.32 -21.44
C GLU A 38 10.62 -1.14 -22.78
N ASP A 39 10.43 -2.27 -23.46
CA ASP A 39 9.48 -2.43 -24.56
C ASP A 39 8.68 -3.70 -24.33
N GLY A 40 8.19 -3.82 -23.09
CA GLY A 40 7.92 -5.09 -22.46
C GLY A 40 8.67 -5.25 -21.15
N SER A 41 9.72 -4.45 -20.94
CA SER A 41 10.36 -4.25 -19.65
C SER A 41 10.74 -5.56 -18.94
N TRP A 42 10.90 -6.64 -19.70
CA TRP A 42 11.38 -7.91 -19.17
C TRP A 42 11.66 -8.84 -20.35
N LYS A 43 12.81 -9.52 -20.35
CA LYS A 43 13.17 -10.37 -21.49
C LYS A 43 14.01 -11.54 -21.02
N LYS A 44 13.36 -12.70 -20.89
CA LYS A 44 14.01 -13.95 -20.49
C LYS A 44 14.84 -14.54 -21.62
N GLN A 45 16.17 -14.50 -21.48
CA GLN A 45 17.07 -15.09 -22.48
C GLN A 45 17.55 -16.42 -21.93
N PRO A 46 17.26 -17.55 -22.55
CA PRO A 46 17.68 -18.83 -21.96
C PRO A 46 19.19 -18.96 -21.94
N ILE A 47 19.66 -19.78 -21.00
CA ILE A 47 21.09 -20.01 -20.77
C ILE A 47 21.30 -21.48 -20.45
N PRO A 48 22.35 -22.11 -20.97
CA PRO A 48 22.63 -23.48 -20.58
C PRO A 48 23.54 -23.57 -19.35
N ALA A 49 23.45 -24.72 -18.71
CA ALA A 49 24.33 -25.16 -17.65
C ALA A 49 25.19 -26.27 -18.26
N GLN A 50 25.96 -26.94 -17.41
CA GLN A 50 26.60 -28.19 -17.82
C GLN A 50 27.71 -28.02 -18.84
N THR A 51 27.85 -26.81 -19.40
CA THR A 51 29.00 -26.49 -20.23
C THR A 51 29.99 -25.58 -19.52
N LEU A 52 29.56 -24.90 -18.46
CA LEU A 52 30.32 -23.86 -17.83
C LEU A 52 31.19 -24.44 -16.72
N GLU A 53 32.28 -23.75 -16.45
CA GLU A 53 33.15 -24.05 -15.32
C GLU A 53 33.45 -22.80 -14.49
N ASP A 54 32.86 -21.65 -14.83
CA ASP A 54 33.16 -20.42 -14.12
C ASP A 54 32.10 -19.37 -14.41
N ILE A 55 31.87 -18.51 -13.41
CA ILE A 55 30.94 -17.39 -13.52
C ILE A 55 31.59 -16.14 -12.93
N VAL A 56 31.26 -14.98 -13.49
CA VAL A 56 31.80 -13.70 -13.02
C VAL A 56 30.68 -12.66 -13.02
N LEU A 57 30.51 -11.97 -11.90
CA LEU A 57 29.52 -10.90 -11.77
C LEU A 57 30.22 -9.57 -11.54
N LEU A 58 29.86 -8.59 -12.37
CA LEU A 58 30.46 -7.26 -12.39
C LEU A 58 29.62 -6.27 -11.60
N GLY A 59 28.35 -6.18 -11.94
CA GLY A 59 27.43 -5.32 -11.21
C GLY A 59 27.07 -6.03 -9.93
N TYR A 60 25.87 -5.76 -9.44
CA TYR A 60 25.34 -6.40 -8.23
C TYR A 60 23.94 -6.94 -8.55
N PRO A 61 23.87 -7.87 -9.50
CA PRO A 61 22.57 -8.39 -9.95
C PRO A 61 21.93 -9.32 -8.94
N SER A 62 20.63 -9.51 -9.11
CA SER A 62 19.85 -10.40 -8.25
C SER A 62 20.06 -11.86 -8.65
N ILE A 63 20.03 -12.73 -7.65
CA ILE A 63 20.21 -14.15 -7.87
C ILE A 63 19.21 -14.91 -7.00
N THR A 64 18.66 -15.99 -7.55
CA THR A 64 17.88 -16.92 -6.77
C THR A 64 18.81 -17.79 -5.93
N GLY A 65 18.54 -17.89 -4.63
CA GLY A 65 19.27 -18.83 -3.81
C GLY A 65 19.07 -20.26 -4.29
N GLU A 66 17.88 -20.57 -4.79
CA GLU A 66 17.59 -21.89 -5.33
C GLU A 66 18.49 -22.30 -6.49
N ALA A 67 19.13 -21.34 -7.15
CA ALA A 67 19.95 -21.66 -8.31
C ALA A 67 21.36 -22.13 -7.95
N LEU A 68 21.98 -21.50 -6.94
CA LEU A 68 23.34 -21.87 -6.58
C LEU A 68 23.42 -23.34 -6.21
N GLY A 69 22.48 -23.82 -5.40
CA GLY A 69 22.44 -25.23 -5.07
C GLY A 69 22.38 -26.08 -6.33
N TYR A 70 22.00 -25.49 -7.47
CA TYR A 70 22.13 -26.18 -8.74
C TYR A 70 23.48 -25.95 -9.40
N ALA A 71 24.09 -24.77 -9.18
CA ALA A 71 25.39 -24.50 -9.77
C ALA A 71 26.50 -25.20 -9.01
N LEU A 72 26.40 -25.27 -7.69
CA LEU A 72 27.46 -25.81 -6.86
C LEU A 72 27.36 -27.32 -6.70
N GLU A 73 26.27 -27.92 -7.15
CA GLU A 73 26.21 -29.35 -7.41
C GLU A 73 26.92 -29.72 -8.71
N LEU A 74 27.56 -28.74 -9.36
CA LEU A 74 28.18 -28.91 -10.66
C LEU A 74 29.65 -28.52 -10.65
N GLY A 75 30.14 -27.90 -9.58
CA GLY A 75 31.53 -27.49 -9.49
C GLY A 75 31.69 -26.08 -10.03
N LEU A 76 30.72 -25.21 -9.73
CA LEU A 76 30.69 -23.89 -10.34
C LEU A 76 31.00 -22.77 -9.35
N PRO A 77 32.20 -22.18 -9.42
CA PRO A 77 32.47 -21.01 -8.60
C PRO A 77 31.59 -19.84 -9.02
N VAL A 78 31.31 -18.96 -8.08
CA VAL A 78 30.55 -17.75 -8.34
C VAL A 78 31.37 -16.57 -7.85
N HIS A 79 31.68 -15.64 -8.75
CA HIS A 79 32.57 -14.53 -8.48
C HIS A 79 31.80 -13.22 -8.56
N TYR A 80 32.16 -12.28 -7.67
CA TYR A 80 31.49 -11.00 -7.54
C TYR A 80 32.47 -9.87 -7.78
N LEU A 81 32.06 -8.87 -8.57
CA LEU A 81 32.91 -7.74 -8.84
C LEU A 81 32.08 -6.45 -8.79
N THR A 82 32.75 -5.34 -9.07
CA THR A 82 32.14 -4.02 -9.14
C THR A 82 32.27 -3.47 -10.56
N GLN A 83 31.45 -2.46 -10.86
CA GLN A 83 31.55 -1.78 -12.14
C GLN A 83 33.00 -1.46 -12.49
N PHE A 84 33.80 -1.16 -11.47
CA PHE A 84 35.20 -0.82 -11.64
C PHE A 84 36.09 -2.03 -11.82
N GLY A 85 35.64 -3.20 -11.35
CA GLY A 85 36.39 -4.44 -11.51
C GLY A 85 37.11 -4.91 -10.27
N LYS A 86 36.97 -4.20 -9.15
CA LYS A 86 37.63 -4.58 -7.92
C LYS A 86 37.02 -5.86 -7.37
N TYR A 87 37.87 -6.75 -6.89
CA TYR A 87 37.40 -8.02 -6.35
C TYR A 87 36.91 -7.84 -4.92
N VAL A 88 35.79 -8.46 -4.61
CA VAL A 88 35.16 -8.38 -3.31
C VAL A 88 35.05 -9.74 -2.63
N GLY A 89 34.67 -10.77 -3.37
CA GLY A 89 34.49 -12.08 -2.77
C GLY A 89 33.95 -13.07 -3.79
N SER A 90 33.89 -14.33 -3.37
CA SER A 90 33.38 -15.39 -4.23
C SER A 90 32.71 -16.47 -3.40
N ALA A 91 31.71 -17.12 -4.00
CA ALA A 91 30.97 -18.21 -3.38
C ALA A 91 31.37 -19.51 -4.07
N LEU A 92 31.91 -20.46 -3.30
CA LEU A 92 32.53 -21.64 -3.89
C LEU A 92 31.77 -22.92 -3.58
N PRO A 93 31.89 -23.94 -4.46
CA PRO A 93 31.22 -25.22 -4.24
C PRO A 93 31.95 -26.14 -3.28
N SER A 94 31.52 -27.39 -3.20
CA SER A 94 32.09 -28.41 -2.33
C SER A 94 33.60 -28.30 -2.13
N GLU A 95 34.03 -28.31 -0.87
CA GLU A 95 35.40 -28.00 -0.48
C GLU A 95 36.24 -29.27 -0.41
N SER A 96 37.48 -29.18 -0.90
CA SER A 96 38.40 -30.30 -0.83
C SER A 96 38.59 -30.77 0.60
N ARG A 97 38.87 -32.08 0.74
CA ARG A 97 39.02 -32.72 2.04
C ARG A 97 40.42 -33.24 2.30
N ASN A 98 41.46 -32.58 1.76
CA ASN A 98 42.84 -33.00 1.97
C ASN A 98 43.43 -32.13 3.08
N GLY A 99 43.22 -32.55 4.32
CA GLY A 99 43.81 -31.84 5.45
C GLY A 99 45.31 -31.97 5.53
N GLN A 100 45.82 -33.21 5.42
CA GLN A 100 47.26 -33.43 5.48
C GLN A 100 48.02 -32.46 4.60
N LEU A 101 47.43 -32.08 3.47
CA LEU A 101 48.04 -31.06 2.62
C LEU A 101 48.16 -29.73 3.35
N ARG A 102 47.03 -29.20 3.82
CA ARG A 102 47.00 -27.87 4.43
C ARG A 102 47.90 -27.76 5.64
N LEU A 103 48.21 -28.88 6.30
CA LEU A 103 49.18 -28.84 7.40
C LEU A 103 50.56 -28.48 6.87
N ALA A 104 51.03 -29.21 5.84
CA ALA A 104 52.31 -28.86 5.22
C ALA A 104 52.30 -27.42 4.71
N GLN A 105 51.19 -26.98 4.13
CA GLN A 105 51.00 -25.58 3.80
C GLN A 105 51.31 -24.68 4.99
N PHE A 106 51.01 -25.16 6.21
CA PHE A 106 51.30 -24.41 7.42
C PHE A 106 52.63 -24.79 8.05
N ARG A 107 52.92 -26.09 8.20
CA ARG A 107 54.21 -26.51 8.74
C ARG A 107 55.36 -25.73 8.11
N ALA A 108 55.17 -25.24 6.88
CA ALA A 108 56.13 -24.40 6.20
C ALA A 108 56.00 -22.91 6.50
N HIS A 109 54.82 -22.43 6.89
CA HIS A 109 54.67 -21.00 7.13
C HIS A 109 55.47 -20.53 8.34
N GLU A 110 55.65 -21.39 9.33
CA GLU A 110 56.42 -21.05 10.52
C GLU A 110 57.88 -21.51 10.42
N ASP A 111 58.24 -22.26 9.38
CA ASP A 111 59.63 -22.54 9.11
C ASP A 111 60.07 -21.62 7.98
N PRO A 112 60.58 -20.41 8.29
CA PRO A 112 60.84 -19.45 7.21
C PRO A 112 61.83 -19.93 6.18
N ILE A 113 62.78 -20.79 6.58
CA ILE A 113 63.73 -21.34 5.61
C ILE A 113 62.99 -22.06 4.50
N GLN A 114 61.91 -22.76 4.87
CA GLN A 114 61.05 -23.37 3.86
C GLN A 114 60.30 -22.31 3.09
N ARG A 115 59.68 -21.38 3.81
CA ARG A 115 59.05 -20.20 3.22
C ARG A 115 60.02 -19.44 2.34
N LEU A 116 61.28 -19.32 2.76
CA LEU A 116 62.26 -18.55 2.01
C LEU A 116 62.62 -19.22 0.70
N ASP A 117 63.07 -20.48 0.76
CA ASP A 117 63.46 -21.18 -0.46
C ASP A 117 62.32 -21.21 -1.47
N ILE A 118 61.11 -20.82 -1.06
CA ILE A 118 59.93 -20.76 -1.91
C ILE A 118 59.76 -19.41 -2.57
N VAL A 119 59.71 -18.34 -1.77
CA VAL A 119 59.42 -17.01 -2.30
C VAL A 119 60.44 -16.64 -3.36
N LYS A 120 61.70 -17.04 -3.18
CA LYS A 120 62.71 -16.77 -4.21
C LYS A 120 62.27 -17.32 -5.56
N ALA A 121 61.45 -18.37 -5.55
CA ALA A 121 60.96 -18.95 -6.81
C ALA A 121 59.86 -18.08 -7.41
N PHE A 122 58.87 -17.69 -6.59
CA PHE A 122 57.80 -16.84 -7.09
C PHE A 122 58.36 -15.60 -7.79
N VAL A 123 59.39 -15.00 -7.21
CA VAL A 123 59.94 -13.76 -7.75
C VAL A 123 60.76 -14.05 -9.01
N LYS A 124 61.62 -15.06 -8.95
CA LYS A 124 62.31 -15.52 -10.15
C LYS A 124 61.33 -15.72 -11.30
N GLY A 125 60.14 -16.23 -10.99
CA GLY A 125 59.10 -16.42 -11.98
C GLY A 125 58.33 -15.17 -12.35
N LYS A 126 58.54 -14.07 -11.63
CA LYS A 126 57.87 -12.80 -11.92
C LYS A 126 58.75 -11.85 -12.71
N VAL A 127 59.99 -11.63 -12.26
CA VAL A 127 60.86 -10.64 -12.89
C VAL A 127 61.37 -11.15 -14.23
N HIS A 128 61.77 -12.41 -14.31
CA HIS A 128 62.16 -12.99 -15.58
C HIS A 128 61.04 -12.82 -16.61
N ASN A 129 59.80 -12.95 -16.16
CA ASN A 129 58.67 -12.71 -17.05
C ASN A 129 58.59 -11.25 -17.46
N GLN A 130 59.03 -10.33 -16.60
CA GLN A 130 58.98 -8.91 -16.95
C GLN A 130 60.06 -8.55 -17.96
N TYR A 131 61.33 -8.80 -17.61
CA TYR A 131 62.41 -8.55 -18.55
C TYR A 131 62.17 -9.29 -19.86
N ASN A 132 61.72 -10.54 -19.77
CA ASN A 132 61.34 -11.27 -20.98
C ASN A 132 60.07 -10.72 -21.61
N LEU A 133 59.32 -9.88 -20.88
CA LEU A 133 58.18 -9.15 -21.45
C LEU A 133 58.64 -7.87 -22.14
N LEU A 134 59.48 -7.08 -21.47
CA LEU A 134 59.94 -5.83 -22.08
C LEU A 134 60.70 -6.11 -23.37
N TYR A 135 61.41 -7.23 -23.43
CA TYR A 135 61.98 -7.68 -24.70
C TYR A 135 60.90 -8.22 -25.62
N ARG A 136 59.85 -8.81 -25.04
CA ARG A 136 58.65 -9.16 -25.80
C ARG A 136 58.03 -7.91 -26.40
N ARG A 137 57.93 -6.83 -25.61
CA ARG A 137 57.43 -5.56 -26.12
C ARG A 137 58.51 -4.74 -26.82
N GLY A 138 59.78 -5.02 -26.56
CA GLY A 138 60.89 -4.30 -27.19
C GLY A 138 61.52 -3.25 -26.28
N GLN A 139 62.50 -3.67 -25.49
CA GLN A 139 63.20 -2.77 -24.58
C GLN A 139 64.21 -3.58 -23.76
N VAL A 140 65.09 -2.85 -23.08
CA VAL A 140 66.15 -3.46 -22.28
C VAL A 140 66.21 -2.71 -20.97
N PRO A 143 67.48 -3.44 -17.27
CA PRO A 143 67.63 -3.10 -15.87
C PRO A 143 67.23 -4.21 -14.92
N LEU A 144 66.63 -5.30 -15.43
CA LEU A 144 66.07 -6.29 -14.53
C LEU A 144 66.59 -7.72 -14.64
N LYS A 145 67.57 -8.05 -15.47
CA LYS A 145 68.06 -9.41 -15.27
C LYS A 145 69.13 -9.44 -14.18
N GLY A 146 69.79 -8.31 -13.95
CA GLY A 146 70.69 -8.21 -12.81
C GLY A 146 69.73 -8.34 -11.65
N ARG A 147 68.80 -7.39 -11.59
CA ARG A 147 67.72 -7.38 -10.62
C ARG A 147 66.74 -8.46 -11.03
N GLY A 148 66.83 -9.62 -10.41
CA GLY A 148 66.45 -10.84 -11.09
C GLY A 148 67.07 -11.94 -10.27
N LYS A 149 68.05 -12.64 -10.79
CA LYS A 149 68.65 -13.69 -9.99
C LYS A 149 69.32 -13.12 -8.76
N LEU A 150 69.53 -11.79 -8.71
CA LEU A 150 69.94 -11.10 -7.49
C LEU A 150 69.30 -11.75 -6.28
N VAL A 151 67.98 -11.91 -6.33
CA VAL A 151 67.17 -12.40 -5.22
C VAL A 151 67.85 -13.55 -4.48
N MET A 152 68.31 -14.55 -5.24
CA MET A 152 69.02 -15.66 -4.60
C MET A 152 70.13 -15.13 -3.72
N ARG A 153 70.70 -13.98 -4.05
CA ARG A 153 71.79 -13.45 -3.26
C ARG A 153 71.28 -12.83 -1.97
N GLN A 154 70.09 -13.24 -1.54
CA GLN A 154 69.53 -12.79 -0.28
C GLN A 154 69.39 -13.94 0.69
N GLN A 155 69.22 -13.59 1.96
CA GLN A 155 69.19 -14.57 3.04
C GLN A 155 68.09 -14.29 4.04
N THR A 156 67.14 -13.41 3.73
CA THR A 156 66.01 -13.14 4.61
C THR A 156 64.85 -12.67 3.76
N LEU A 157 63.71 -12.45 4.41
CA LEU A 157 62.50 -12.02 3.71
C LEU A 157 62.38 -10.51 3.57
N GLU A 158 62.42 -9.77 4.68
CA GLU A 158 62.22 -8.33 4.63
C GLU A 158 63.18 -7.67 3.65
N GLN A 159 64.40 -8.19 3.54
CA GLN A 159 65.29 -7.70 2.49
C GLN A 159 64.65 -7.85 1.12
N VAL A 160 63.77 -8.85 0.95
CA VAL A 160 63.25 -9.22 -0.36
C VAL A 160 61.95 -8.48 -0.67
N ARG A 161 61.00 -8.43 0.28
CA ARG A 161 59.71 -7.83 -0.02
C ARG A 161 59.87 -6.40 -0.51
N GLY A 162 60.85 -5.67 0.03
CA GLY A 162 61.15 -4.35 -0.51
C GLY A 162 61.64 -4.40 -1.93
N ILE A 163 62.19 -5.54 -2.35
CA ILE A 163 62.76 -5.64 -3.69
C ILE A 163 61.66 -5.62 -4.73
N GLU A 164 60.59 -6.38 -4.50
CA GLU A 164 59.46 -6.37 -5.42
C GLU A 164 58.95 -4.94 -5.64
N GLY A 165 58.83 -4.16 -4.57
CA GLY A 165 58.43 -2.77 -4.73
C GLY A 165 59.40 -1.97 -5.56
N LEU A 166 60.70 -2.25 -5.42
CA LEU A 166 61.69 -1.58 -6.26
C LEU A 166 61.55 -2.05 -7.70
N ALA A 167 61.61 -3.37 -7.93
CA ALA A 167 61.45 -3.87 -9.28
C ALA A 167 60.12 -3.42 -9.86
N ALA A 168 59.08 -3.36 -9.01
CA ALA A 168 57.77 -2.88 -9.46
C ALA A 168 57.85 -1.41 -9.86
N ARG A 169 58.42 -0.57 -9.01
CA ARG A 169 58.62 0.83 -9.38
C ARG A 169 59.56 0.95 -10.57
N GLU A 170 60.60 0.11 -10.60
CA GLU A 170 61.44 0.02 -11.77
C GLU A 170 60.70 -0.58 -12.96
N TYR A 171 59.64 -1.36 -12.69
CA TYR A 171 58.86 -1.99 -13.74
C TYR A 171 57.82 -1.03 -14.32
N PHE A 172 57.23 -0.16 -13.50
CA PHE A 172 56.18 0.72 -14.00
C PHE A 172 56.69 2.02 -14.61
N ALA A 173 57.80 2.57 -14.11
CA ALA A 173 58.32 3.81 -14.68
C ALA A 173 58.96 3.60 -16.04
N SER A 174 59.22 2.35 -16.42
CA SER A 174 59.82 2.02 -17.70
C SER A 174 58.77 1.82 -18.79
N TRP A 175 57.55 2.32 -18.59
CA TRP A 175 56.44 2.05 -19.49
C TRP A 175 56.18 3.16 -20.50
N GLN A 176 56.11 4.41 -20.05
CA GLN A 176 55.82 5.54 -20.94
C GLN A 176 56.62 5.45 -22.24
N GLU A 177 57.89 5.06 -22.13
CA GLU A 177 58.70 4.91 -23.34
C GLU A 177 58.14 3.86 -24.28
N MET A 178 57.46 2.83 -23.77
CA MET A 178 56.95 1.77 -24.62
C MET A 178 55.53 2.03 -25.13
N LEU A 179 54.73 2.82 -24.42
CA LEU A 179 53.35 3.07 -24.85
C LEU A 179 53.27 4.12 -25.95
N GLY A 180 53.82 5.30 -25.66
CA GLY A 180 53.66 6.45 -26.52
C GLY A 180 53.25 7.67 -25.73
N HIS A 181 52.59 8.61 -26.40
CA HIS A 181 52.29 9.91 -25.81
C HIS A 181 50.86 10.06 -25.31
N GLU A 182 49.93 9.23 -25.78
CA GLU A 182 48.53 9.44 -25.44
C GLU A 182 48.24 9.29 -23.95
N TRP A 183 48.97 8.42 -23.25
CA TRP A 183 48.71 8.18 -21.84
C TRP A 183 49.91 8.60 -20.99
N THR A 184 49.66 8.68 -19.69
CA THR A 184 50.64 9.14 -18.72
C THR A 184 50.71 8.19 -17.54
N PHE A 185 51.93 7.90 -17.08
CA PHE A 185 52.11 7.14 -15.86
C PHE A 185 53.34 7.66 -15.12
N THR A 186 53.09 8.26 -13.96
CA THR A 186 54.13 8.67 -13.02
C THR A 186 54.11 7.84 -11.75
N GLY A 187 52.93 7.44 -11.29
CA GLY A 187 52.74 6.69 -10.08
C GLY A 187 51.45 5.90 -10.18
N ARG A 188 51.18 5.11 -9.15
CA ARG A 188 50.05 4.18 -9.19
C ARG A 188 49.61 3.81 -7.80
N PHE A 189 48.30 3.89 -7.56
CA PHE A 189 47.67 3.63 -6.28
C PHE A 189 46.77 2.41 -6.47
N ARG A 190 46.89 1.42 -5.59
CA ARG A 190 46.12 0.20 -5.79
C ARG A 190 44.62 0.43 -5.81
N ARG A 191 44.04 0.74 -4.66
CA ARG A 191 42.60 0.98 -4.60
C ARG A 191 42.18 2.26 -5.32
N PRO A 192 42.90 3.37 -5.22
CA PRO A 192 42.47 4.61 -5.91
C PRO A 192 42.72 4.54 -7.40
N PRO A 193 41.70 4.80 -8.23
CA PRO A 193 41.89 4.87 -9.70
C PRO A 193 42.29 6.27 -10.18
N THR A 194 43.39 6.80 -9.63
CA THR A 194 43.78 8.15 -10.04
C THR A 194 44.05 8.24 -11.54
N ASP A 195 44.50 7.15 -12.16
CA ASP A 195 44.67 7.02 -13.60
C ASP A 195 43.79 5.90 -14.14
N PRO A 196 43.31 6.00 -15.38
CA PRO A 196 42.47 4.90 -15.91
C PRO A 196 43.18 3.56 -15.85
N VAL A 197 44.42 3.48 -16.32
CA VAL A 197 45.14 2.21 -16.31
C VAL A 197 45.20 1.68 -14.88
N ASN A 198 45.57 2.56 -13.94
CA ASN A 198 45.51 2.21 -12.53
C ASN A 198 44.12 1.66 -12.17
N ALA A 199 43.09 2.12 -12.87
CA ALA A 199 41.76 1.54 -12.67
C ALA A 199 41.69 0.15 -13.29
N LEU A 200 42.34 -0.03 -14.44
CA LEU A 200 42.36 -1.34 -15.10
C LEU A 200 43.08 -2.36 -14.24
N LEU A 201 44.05 -1.93 -13.45
CA LEU A 201 44.74 -2.86 -12.57
C LEU A 201 43.79 -3.37 -11.49
N SER A 202 43.16 -2.46 -10.75
CA SER A 202 42.09 -2.87 -9.86
C SER A 202 41.01 -3.65 -10.60
N PHE A 203 40.87 -3.40 -11.90
CA PHE A 203 39.95 -4.20 -12.72
C PHE A 203 40.56 -5.56 -12.98
N GLY A 204 41.73 -5.59 -13.63
CA GLY A 204 42.37 -6.85 -13.94
C GLY A 204 42.88 -7.57 -12.69
N TYR A 205 43.62 -6.84 -11.85
CA TYR A 205 44.07 -7.44 -10.58
C TYR A 205 42.90 -7.91 -9.75
N GLY A 206 41.72 -7.29 -9.92
CA GLY A 206 40.57 -7.74 -9.17
C GLY A 206 39.93 -8.97 -9.78
N LEU A 207 39.67 -8.93 -11.09
CA LEU A 207 39.10 -10.10 -11.75
C LEU A 207 40.10 -11.21 -11.99
N LEU A 208 41.40 -10.99 -11.71
CA LEU A 208 42.34 -12.10 -11.85
C LEU A 208 42.22 -13.08 -10.69
N ARG A 209 41.91 -12.59 -9.49
CA ARG A 209 41.65 -13.48 -8.37
C ARG A 209 40.61 -14.54 -8.70
N THR A 210 39.73 -14.26 -9.66
CA THR A 210 38.62 -15.17 -9.92
C THR A 210 39.13 -16.56 -10.34
N GLN A 211 40.04 -16.61 -11.32
CA GLN A 211 40.56 -17.89 -11.77
C GLN A 211 41.54 -18.47 -10.77
N VAL A 212 42.20 -17.62 -9.98
CA VAL A 212 43.13 -18.08 -8.96
C VAL A 212 42.38 -18.54 -7.72
N THR A 213 41.41 -17.74 -7.25
CA THR A 213 40.63 -18.11 -6.08
C THR A 213 39.97 -19.48 -6.25
N ALA A 214 39.83 -19.96 -7.48
CA ALA A 214 39.25 -21.27 -7.77
C ALA A 214 40.29 -22.38 -7.76
N ALA A 215 41.45 -22.16 -8.40
CA ALA A 215 42.46 -23.21 -8.50
C ALA A 215 42.82 -23.75 -7.12
N VAL A 216 42.85 -22.86 -6.12
CA VAL A 216 43.15 -23.30 -4.76
C VAL A 216 42.06 -24.23 -4.26
N HIS A 217 40.80 -23.89 -4.52
CA HIS A 217 39.68 -24.73 -4.10
C HIS A 217 39.75 -26.12 -4.72
N ILE A 218 40.42 -26.26 -5.87
CA ILE A 218 40.61 -27.58 -6.47
C ILE A 218 41.74 -28.33 -5.76
N ALA A 219 42.86 -27.64 -5.51
CA ALA A 219 43.99 -28.25 -4.83
C ALA A 219 43.76 -28.41 -3.33
N GLY A 220 42.66 -27.87 -2.79
CA GLY A 220 42.39 -27.95 -1.38
C GLY A 220 43.19 -27.02 -0.52
N LEU A 221 43.87 -26.04 -1.10
CA LEU A 221 44.70 -25.13 -0.32
C LEU A 221 43.83 -24.11 0.40
N ASP A 222 44.35 -23.61 1.53
CA ASP A 222 43.71 -22.53 2.28
C ASP A 222 44.23 -21.19 1.77
N PRO A 223 43.41 -20.38 1.11
CA PRO A 223 43.92 -19.11 0.58
C PRO A 223 44.50 -18.19 1.64
N TYR A 224 44.03 -18.27 2.88
CA TYR A 224 44.42 -17.31 3.91
C TYR A 224 45.82 -17.55 4.45
N ILE A 225 46.54 -18.57 4.00
CA ILE A 225 47.90 -18.85 4.43
C ILE A 225 48.84 -18.70 3.25
N GLY A 226 49.74 -17.73 3.32
CA GLY A 226 50.68 -17.50 2.24
C GLY A 226 52.13 -17.62 2.65
N PHE A 227 53.03 -17.30 1.71
CA PHE A 227 54.47 -17.40 1.90
C PHE A 227 55.18 -16.07 1.77
N LEU A 228 54.68 -15.17 0.92
CA LEU A 228 55.18 -13.81 0.82
C LEU A 228 54.34 -12.85 1.66
N HIS A 229 53.05 -12.74 1.36
CA HIS A 229 52.15 -11.86 2.09
C HIS A 229 51.80 -12.50 3.43
N GLU A 230 52.31 -11.96 4.53
CA GLU A 230 51.94 -12.52 5.83
C GLU A 230 50.43 -12.42 6.00
N THR A 231 49.82 -13.52 6.43
CA THR A 231 48.37 -13.62 6.48
C THR A 231 47.77 -12.85 7.64
N THR A 232 48.57 -12.12 8.40
CA THR A 232 48.08 -11.29 9.49
C THR A 232 47.64 -9.91 8.97
N ARG A 233 46.84 -9.95 7.90
CA ARG A 233 46.22 -8.74 7.35
C ARG A 233 44.78 -9.04 6.92
N GLY A 234 44.26 -10.22 7.23
CA GLY A 234 42.95 -10.61 6.76
C GLY A 234 42.82 -10.69 5.26
N GLN A 235 43.89 -11.05 4.56
CA GLN A 235 43.87 -11.16 3.11
C GLN A 235 44.50 -12.49 2.70
N PRO A 236 43.88 -13.24 1.78
CA PRO A 236 44.44 -14.53 1.38
C PRO A 236 45.78 -14.39 0.67
N ALA A 237 46.84 -14.79 1.36
CA ALA A 237 48.18 -14.61 0.84
C ALA A 237 48.57 -15.75 -0.07
N MET A 238 48.04 -16.95 0.17
CA MET A 238 48.31 -18.05 -0.74
C MET A 238 47.88 -17.70 -2.16
N ILE A 239 46.90 -16.80 -2.29
CA ILE A 239 46.53 -16.30 -3.61
C ILE A 239 47.52 -15.25 -4.09
N LEU A 240 47.67 -14.17 -3.33
CA LEU A 240 48.50 -13.07 -3.80
C LEU A 240 49.95 -13.49 -3.95
N ASP A 241 50.44 -14.34 -3.04
CA ASP A 241 51.76 -14.93 -3.25
C ASP A 241 51.82 -15.60 -4.61
N LEU A 242 50.71 -16.23 -4.99
CA LEU A 242 50.59 -16.90 -6.28
C LEU A 242 50.20 -15.92 -7.38
N MET A 243 49.26 -15.02 -7.09
CA MET A 243 48.72 -14.12 -8.10
C MET A 243 49.80 -13.29 -8.78
N GLU A 244 50.94 -13.07 -8.11
CA GLU A 244 51.99 -12.24 -8.67
C GLU A 244 52.55 -12.85 -9.95
N GLU A 245 52.74 -14.17 -9.96
CA GLU A 245 53.34 -14.82 -11.12
C GLU A 245 52.54 -14.60 -12.39
N PHE A 246 51.26 -14.24 -12.26
CA PHE A 246 50.38 -14.02 -13.39
C PHE A 246 49.95 -12.58 -13.54
N ARG A 247 50.13 -11.77 -12.49
CA ARG A 247 49.79 -10.35 -12.57
C ARG A 247 50.49 -9.69 -13.75
N ALA A 248 51.71 -10.11 -14.04
CA ALA A 248 52.55 -9.49 -15.06
C ALA A 248 52.34 -10.08 -16.45
N LEU A 249 51.64 -11.21 -16.56
CA LEU A 249 51.62 -11.99 -17.79
C LEU A 249 50.29 -12.00 -18.51
N VAL A 250 49.18 -11.80 -17.81
CA VAL A 250 47.85 -11.85 -18.41
C VAL A 250 47.18 -10.48 -18.40
N ALA A 251 47.14 -9.83 -17.24
CA ALA A 251 46.52 -8.51 -17.13
C ALA A 251 47.43 -7.40 -17.65
N ASP A 252 48.74 -7.57 -17.53
CA ASP A 252 49.65 -6.54 -18.03
C ASP A 252 49.93 -6.71 -19.52
N SER A 253 49.90 -7.95 -20.02
CA SER A 253 50.03 -8.16 -21.46
C SER A 253 48.71 -7.93 -22.20
N VAL A 254 47.57 -8.23 -21.57
CA VAL A 254 46.28 -8.04 -22.25
C VAL A 254 46.03 -6.56 -22.50
N VAL A 255 46.22 -5.72 -21.49
CA VAL A 255 45.97 -4.29 -21.65
C VAL A 255 46.85 -3.74 -22.76
N LEU A 256 48.13 -4.11 -22.76
CA LEU A 256 49.05 -3.59 -23.76
C LEU A 256 48.74 -4.08 -25.16
N THR A 257 47.98 -5.17 -25.31
CA THR A 257 47.54 -5.60 -26.64
C THR A 257 46.23 -4.95 -27.07
N VAL A 258 45.42 -4.46 -26.13
CA VAL A 258 44.14 -3.86 -26.51
C VAL A 258 44.29 -2.36 -26.71
N LEU A 259 45.25 -1.72 -26.04
CA LEU A 259 45.52 -0.32 -26.30
C LEU A 259 46.34 -0.16 -27.57
N LYS A 260 46.47 -1.25 -28.31
CA LYS A 260 46.96 -1.25 -29.69
C LYS A 260 45.72 -1.29 -30.58
N GLN A 261 45.16 -0.10 -30.82
CA GLN A 261 44.00 0.18 -31.66
C GLN A 261 42.64 -0.01 -31.00
N ARG A 262 42.56 -0.46 -29.75
CA ARG A 262 41.28 -0.71 -29.10
C ARG A 262 41.23 0.05 -27.78
N GLU A 263 40.04 0.51 -27.40
CA GLU A 263 39.87 1.17 -26.11
C GLU A 263 41.02 2.13 -25.81
N ILE A 264 41.08 3.25 -26.50
CA ILE A 264 42.17 4.20 -26.38
C ILE A 264 41.74 5.43 -25.58
N GLN A 265 40.62 6.01 -25.93
CA GLN A 265 40.06 7.18 -25.28
C GLN A 265 38.60 7.21 -25.72
N ARG A 266 37.92 8.34 -25.52
CA ARG A 266 36.51 8.50 -25.87
C ARG A 266 35.69 7.77 -24.82
N GLN A 267 36.32 6.95 -23.99
CA GLN A 267 35.79 6.09 -22.94
C GLN A 267 36.36 6.62 -21.63
N ASP A 268 36.23 5.82 -20.57
CA ASP A 268 36.87 6.13 -19.29
C ASP A 268 36.38 7.48 -18.76
N PHE A 269 35.10 7.51 -18.40
CA PHE A 269 34.53 8.76 -17.90
C PHE A 269 35.32 9.22 -16.67
N THR A 270 35.52 10.53 -16.58
CA THR A 270 36.27 11.15 -15.50
C THR A 270 35.42 11.49 -14.28
N GLU A 271 34.15 11.13 -14.26
CA GLU A 271 33.28 11.51 -13.16
C GLU A 271 33.87 11.12 -11.82
N SER A 272 33.41 11.74 -10.74
CA SER A 272 33.90 11.44 -9.39
C SER A 272 35.40 11.68 -9.30
N LEU A 273 35.76 12.96 -9.33
CA LEU A 273 37.16 13.39 -9.28
C LEU A 273 37.97 12.45 -8.39
N GLY A 274 39.01 11.85 -8.97
CA GLY A 274 39.66 10.70 -8.38
C GLY A 274 39.08 9.38 -8.80
N ALA A 275 38.12 9.35 -9.73
CA ALA A 275 37.52 8.13 -10.22
C ALA A 275 37.46 8.18 -11.74
N PHE A 276 37.89 7.09 -12.39
CA PHE A 276 37.88 6.96 -13.84
C PHE A 276 37.23 5.61 -14.18
N ARG A 277 35.90 5.57 -14.22
CA ARG A 277 35.18 4.37 -14.60
C ARG A 277 35.09 4.29 -16.13
N LEU A 278 34.71 3.12 -16.62
CA LEU A 278 34.55 2.88 -18.05
C LEU A 278 33.10 3.07 -18.48
N THR A 279 32.91 3.10 -19.80
CA THR A 279 31.60 3.04 -20.42
C THR A 279 31.18 1.59 -20.62
N ASP A 280 29.88 1.35 -20.58
CA ASP A 280 29.39 0.05 -20.99
C ASP A 280 29.71 -0.14 -22.48
N SER A 281 29.79 -1.39 -22.90
CA SER A 281 30.14 -1.81 -24.25
C SER A 281 31.65 -1.68 -24.47
N ALA A 282 32.37 -1.00 -23.59
CA ALA A 282 33.83 -1.06 -23.53
C ALA A 282 34.30 -2.09 -22.52
N THR A 283 33.63 -2.14 -21.35
CA THR A 283 33.84 -3.25 -20.43
C THR A 283 33.53 -4.57 -21.12
N LYS A 284 32.48 -4.58 -21.93
CA LYS A 284 32.08 -5.78 -22.66
C LYS A 284 33.06 -6.10 -23.77
N THR A 285 33.78 -5.09 -24.27
CA THR A 285 34.84 -5.29 -25.24
C THR A 285 36.14 -5.68 -24.57
N PHE A 286 36.39 -5.13 -23.37
CA PHE A 286 37.60 -5.44 -22.62
C PHE A 286 37.76 -6.95 -22.40
N LEU A 287 36.68 -7.63 -22.06
CA LEU A 287 36.77 -9.03 -21.65
C LEU A 287 37.13 -9.95 -22.80
N GLY A 288 36.73 -9.60 -24.02
CA GLY A 288 37.06 -10.45 -25.16
C GLY A 288 38.53 -10.79 -25.23
N ALA A 289 39.39 -9.80 -24.98
CA ALA A 289 40.82 -10.07 -24.97
C ALA A 289 41.21 -10.89 -23.74
N PHE A 290 40.47 -10.77 -22.64
CA PHE A 290 40.79 -11.57 -21.47
C PHE A 290 40.58 -13.04 -21.81
N ASP A 291 39.48 -13.36 -22.49
CA ASP A 291 39.28 -14.71 -22.98
C ASP A 291 40.22 -15.03 -24.14
N ARG A 292 40.63 -14.03 -24.92
CA ARG A 292 41.65 -14.28 -25.93
C ARG A 292 42.91 -14.87 -25.29
N LYS A 293 43.38 -14.24 -24.21
CA LYS A 293 44.53 -14.79 -23.50
C LYS A 293 44.19 -16.17 -22.96
N LEU A 294 43.00 -16.31 -22.39
CA LEU A 294 42.55 -17.60 -21.87
C LEU A 294 42.05 -18.51 -22.97
N SER A 295 42.19 -18.08 -24.23
CA SER A 295 41.95 -18.89 -25.41
C SER A 295 43.22 -19.00 -26.24
N SER A 296 44.38 -18.84 -25.58
CA SER A 296 45.67 -18.73 -26.25
C SER A 296 46.63 -19.71 -25.59
N GLU A 297 46.93 -20.80 -26.30
CA GLU A 297 47.85 -21.81 -25.79
C GLU A 297 49.28 -21.29 -25.81
N PHE A 298 50.21 -22.14 -25.38
CA PHE A 298 51.63 -21.85 -25.52
C PHE A 298 52.42 -23.16 -25.40
N LYS A 299 53.71 -23.06 -25.71
CA LYS A 299 54.58 -24.22 -25.70
C LYS A 299 54.95 -24.70 -24.29
N HIS A 300 55.02 -23.81 -23.29
CA HIS A 300 55.36 -24.30 -21.96
C HIS A 300 56.74 -24.97 -21.99
N PRO A 301 57.82 -24.19 -22.03
CA PRO A 301 59.14 -24.72 -22.44
C PRO A 301 59.45 -26.14 -21.98
N ILE A 302 59.03 -26.52 -20.77
CA ILE A 302 59.31 -27.88 -20.31
C ILE A 302 58.33 -28.89 -20.88
N PHE A 303 57.13 -28.47 -21.25
CA PHE A 303 56.16 -29.34 -21.91
C PHE A 303 56.21 -29.21 -23.43
N ASN A 304 56.53 -28.01 -23.90
CA ASN A 304 56.80 -27.68 -25.31
C ASN A 304 55.58 -27.66 -26.24
N TYR A 305 54.43 -28.22 -25.85
CA TYR A 305 53.29 -28.05 -26.74
C TYR A 305 51.93 -28.40 -26.13
N LYS A 306 51.30 -27.49 -25.37
CA LYS A 306 49.94 -27.65 -24.84
C LYS A 306 49.67 -26.65 -23.72
N CYS A 307 48.56 -26.83 -22.98
CA CYS A 307 48.27 -26.11 -21.73
C CYS A 307 48.01 -24.62 -21.86
N THR A 308 46.77 -24.27 -22.24
CA THR A 308 46.32 -22.89 -22.26
C THR A 308 46.65 -22.17 -20.96
N TYR A 309 46.61 -20.84 -20.98
CA TYR A 309 46.85 -20.07 -19.75
C TYR A 309 45.88 -20.45 -18.64
N ARG A 310 44.58 -20.47 -18.94
CA ARG A 310 43.57 -20.77 -17.92
C ARG A 310 43.92 -22.05 -17.15
N ARG A 311 44.44 -23.05 -17.86
CA ARG A 311 44.74 -24.33 -17.21
C ARG A 311 46.05 -24.25 -16.43
N ALA A 312 47.04 -23.52 -16.96
CA ALA A 312 48.34 -23.44 -16.30
C ALA A 312 48.22 -23.09 -14.83
N ILE A 313 47.22 -22.30 -14.44
CA ILE A 313 47.07 -21.92 -13.04
C ILE A 313 46.64 -23.10 -12.19
N GLU A 314 45.53 -23.74 -12.58
CA GLU A 314 45.12 -24.98 -11.93
C GLU A 314 46.30 -25.94 -11.80
N LEU A 315 47.21 -25.92 -12.78
CA LEU A 315 48.38 -26.80 -12.74
C LEU A 315 49.34 -26.37 -11.63
N GLN A 316 49.75 -25.09 -11.64
CA GLN A 316 50.69 -24.62 -10.63
C GLN A 316 50.24 -24.96 -9.22
N ALA A 317 48.94 -24.85 -8.95
CA ALA A 317 48.42 -25.21 -7.63
C ALA A 317 48.62 -26.70 -7.35
N ARG A 318 48.13 -27.57 -8.24
CA ARG A 318 48.35 -29.00 -8.07
C ARG A 318 49.84 -29.31 -8.01
N LEU A 319 50.62 -28.67 -8.89
CA LEU A 319 52.07 -28.77 -8.80
C LEU A 319 52.58 -28.35 -7.44
N LEU A 320 52.02 -27.26 -6.91
CA LEU A 320 52.50 -26.73 -5.64
C LEU A 320 52.20 -27.68 -4.49
N ALA A 321 51.00 -28.24 -4.45
CA ALA A 321 50.68 -29.23 -3.44
C ALA A 321 51.71 -30.34 -3.43
N ARG A 322 52.09 -30.82 -4.62
CA ARG A 322 53.06 -31.90 -4.71
C ARG A 322 54.42 -31.47 -4.20
N HIS A 323 54.78 -30.19 -4.38
CA HIS A 323 55.98 -29.67 -3.73
C HIS A 323 55.92 -29.87 -2.22
N LEU A 324 54.72 -29.91 -1.65
CA LEU A 324 54.51 -29.96 -0.21
C LEU A 324 54.30 -31.36 0.32
N GLN A 325 53.54 -32.19 -0.39
CA GLN A 325 53.30 -33.57 0.00
C GLN A 325 54.22 -34.55 -0.72
N GLU A 326 54.61 -34.26 -1.96
CA GLU A 326 55.49 -35.14 -2.71
C GLU A 326 56.90 -34.58 -2.86
N GLY A 327 57.12 -33.32 -2.50
CA GLY A 327 58.46 -32.76 -2.44
C GLY A 327 59.09 -32.40 -3.76
N VAL A 328 58.33 -32.26 -4.84
CA VAL A 328 58.90 -31.94 -6.14
C VAL A 328 59.30 -30.48 -6.18
N VAL A 329 60.04 -30.11 -7.22
CA VAL A 329 60.41 -28.71 -7.43
C VAL A 329 59.19 -27.94 -7.92
N TYR A 330 59.19 -26.64 -7.63
CA TYR A 330 58.19 -25.71 -8.15
C TYR A 330 58.92 -24.74 -9.09
N GLU A 331 58.99 -25.10 -10.37
CA GLU A 331 59.58 -24.22 -11.35
C GLU A 331 58.51 -23.25 -11.83
N PRO A 332 58.57 -21.98 -11.44
CA PRO A 332 57.48 -21.06 -11.81
C PRO A 332 57.37 -20.88 -13.31
N LEU A 333 56.42 -20.09 -13.75
CA LEU A 333 56.16 -19.92 -15.17
C LEU A 333 57.09 -18.82 -15.69
N VAL A 334 57.81 -19.12 -16.76
CA VAL A 334 58.80 -18.21 -17.33
C VAL A 334 58.61 -18.14 -18.83
N ILE A 335 58.70 -16.94 -19.38
CA ILE A 335 58.46 -16.70 -20.80
C ILE A 335 59.70 -16.09 -21.43
N ARG A 336 59.82 -16.29 -22.74
CA ARG A 336 60.82 -15.61 -23.54
C ARG A 336 60.18 -15.08 -24.83
N MET B 12 27.01 -6.34 19.10
CA MET B 12 27.16 -7.75 18.77
C MET B 12 25.85 -8.41 18.41
N SER B 13 25.73 -8.81 17.14
CA SER B 13 24.59 -9.57 16.65
C SER B 13 24.90 -10.02 15.23
N THR B 14 23.94 -10.73 14.65
CA THR B 14 24.05 -11.30 13.31
C THR B 14 22.63 -11.46 12.79
N LEU B 15 22.51 -11.71 11.50
CA LEU B 15 21.20 -11.74 10.85
C LEU B 15 20.87 -13.17 10.44
N TYR B 16 19.63 -13.56 10.72
CA TYR B 16 19.10 -14.89 10.48
C TYR B 16 17.81 -14.76 9.71
N LEU B 17 17.55 -15.71 8.81
CA LEU B 17 16.28 -15.71 8.08
C LEU B 17 15.82 -17.14 7.89
N THR B 18 14.58 -17.40 8.30
CA THR B 18 13.99 -18.73 8.25
C THR B 18 12.96 -18.86 7.13
N GLN B 19 12.30 -17.78 6.79
CA GLN B 19 11.15 -17.80 5.89
C GLN B 19 11.64 -17.59 4.45
N PRO B 20 11.22 -18.42 3.50
CA PRO B 20 11.66 -18.25 2.11
C PRO B 20 10.91 -17.14 1.39
N ASP B 21 10.29 -16.24 2.14
CA ASP B 21 9.49 -15.14 1.60
C ASP B 21 10.13 -13.77 1.81
N ALA B 22 11.42 -13.73 2.12
CA ALA B 22 12.10 -12.50 2.50
C ALA B 22 12.99 -11.96 1.38
N VAL B 23 12.83 -10.67 1.08
CA VAL B 23 13.69 -9.95 0.14
C VAL B 23 14.47 -8.88 0.90
N LEU B 24 15.75 -8.74 0.60
CA LEU B 24 16.60 -7.73 1.20
C LEU B 24 17.00 -6.67 0.18
N SER B 25 16.74 -5.42 0.50
CA SER B 25 17.15 -4.27 -0.31
C SER B 25 18.02 -3.36 0.54
N LYS B 26 18.69 -2.41 -0.12
CA LYS B 26 19.54 -1.43 0.53
C LYS B 26 18.86 -0.07 0.53
N LYS B 27 18.92 0.63 1.66
CA LYS B 27 18.39 2.00 1.75
C LYS B 27 19.55 2.97 1.99
N HIS B 28 20.26 3.26 0.90
CA HIS B 28 21.33 4.22 0.75
C HIS B 28 22.58 3.95 1.58
N GLU B 29 22.44 3.26 2.71
CA GLU B 29 23.59 2.74 3.43
C GLU B 29 23.26 1.53 4.30
N ALA B 30 22.00 1.07 4.27
CA ALA B 30 21.55 0.09 5.24
C ALA B 30 20.48 -0.78 4.62
N PHE B 31 20.12 -1.84 5.33
CA PHE B 31 19.23 -2.86 4.81
C PHE B 31 17.79 -2.57 5.20
N HIS B 32 16.86 -3.08 4.39
CA HIS B 32 15.44 -3.05 4.68
C HIS B 32 14.90 -4.44 4.42
N VAL B 33 14.39 -5.09 5.45
CA VAL B 33 13.82 -6.42 5.32
C VAL B 33 12.35 -6.29 4.99
N ALA B 34 11.89 -7.10 4.03
CA ALA B 34 10.50 -7.10 3.58
C ALA B 34 10.02 -8.53 3.67
N LEU B 35 9.27 -8.85 4.71
CA LEU B 35 8.75 -10.18 4.92
C LEU B 35 7.32 -10.23 4.40
N LYS B 36 6.85 -11.43 4.06
CA LYS B 36 5.50 -11.53 3.55
C LYS B 36 4.55 -11.82 4.71
N GLN B 37 4.91 -12.77 5.56
CA GLN B 37 4.17 -12.91 6.81
C GLN B 37 2.68 -13.12 6.60
N GLU B 38 2.30 -14.37 6.33
CA GLU B 38 0.89 -14.76 6.15
C GLU B 38 -0.05 -13.81 6.87
N ASP B 39 -1.14 -13.43 6.18
CA ASP B 39 -1.99 -12.32 6.59
C ASP B 39 -1.31 -10.97 6.41
N GLY B 40 -0.91 -10.66 5.18
CA GLY B 40 -0.47 -9.31 4.85
C GLY B 40 0.99 -9.19 4.48
N SER B 41 1.58 -8.02 4.71
CA SER B 41 3.01 -7.76 4.51
C SER B 41 3.67 -7.39 5.84
N TRP B 42 3.17 -7.98 6.92
CA TRP B 42 3.66 -7.73 8.27
C TRP B 42 5.19 -7.73 8.35
N LYS B 43 5.71 -6.88 9.24
CA LYS B 43 7.13 -6.77 9.60
C LYS B 43 8.03 -6.36 8.42
N LYS B 44 7.90 -5.08 8.05
CA LYS B 44 8.80 -4.45 7.08
C LYS B 44 10.05 -3.93 7.78
N GLN B 45 10.45 -4.55 8.88
CA GLN B 45 11.50 -4.02 9.74
C GLN B 45 12.87 -3.81 9.09
N PRO B 46 13.31 -2.56 8.92
CA PRO B 46 14.66 -2.30 8.43
C PRO B 46 15.69 -2.54 9.52
N ILE B 47 16.94 -2.75 9.10
CA ILE B 47 18.00 -3.00 10.07
C ILE B 47 19.29 -2.31 9.66
N PRO B 48 20.05 -1.78 10.64
CA PRO B 48 21.33 -1.12 10.34
C PRO B 48 22.51 -2.07 10.28
N ALA B 49 23.67 -1.52 9.91
CA ALA B 49 24.92 -2.22 9.96
C ALA B 49 25.61 -1.83 11.28
N GLN B 50 26.89 -2.18 11.42
CA GLN B 50 27.74 -1.87 12.56
C GLN B 50 27.43 -2.81 13.73
N THR B 51 26.34 -3.58 13.67
CA THR B 51 26.12 -4.67 14.60
C THR B 51 26.38 -6.02 13.95
N LEU B 52 26.35 -6.08 12.62
CA LEU B 52 26.46 -7.33 11.89
C LEU B 52 27.91 -7.57 11.49
N GLU B 53 28.33 -8.83 11.54
CA GLU B 53 29.58 -9.25 10.92
C GLU B 53 29.40 -10.58 10.21
N ASP B 54 28.19 -11.12 10.18
CA ASP B 54 27.89 -12.42 9.60
C ASP B 54 26.40 -12.40 9.30
N ILE B 55 26.02 -13.10 8.24
CA ILE B 55 24.63 -13.15 7.80
C ILE B 55 24.27 -14.59 7.51
N VAL B 56 22.99 -14.92 7.72
CA VAL B 56 22.51 -16.28 7.55
C VAL B 56 21.21 -16.26 6.78
N LEU B 57 21.15 -17.00 5.68
CA LEU B 57 19.94 -17.21 4.91
C LEU B 57 19.65 -18.70 5.02
N LEU B 58 18.48 -19.04 5.52
CA LEU B 58 18.17 -20.43 5.87
C LEU B 58 17.32 -21.11 4.81
N GLY B 59 16.20 -20.51 4.41
CA GLY B 59 15.41 -21.12 3.35
C GLY B 59 16.05 -20.82 2.01
N TYR B 60 15.26 -20.35 1.05
CA TYR B 60 15.80 -19.89 -0.24
C TYR B 60 15.14 -18.57 -0.63
N PRO B 61 15.27 -17.53 0.20
CA PRO B 61 14.66 -16.25 -0.14
C PRO B 61 15.41 -15.54 -1.26
N SER B 62 14.72 -14.61 -1.89
CA SER B 62 15.34 -13.77 -2.90
C SER B 62 16.14 -12.66 -2.23
N ILE B 63 17.24 -12.27 -2.86
CA ILE B 63 18.10 -11.22 -2.34
C ILE B 63 18.53 -10.34 -3.50
N THR B 64 18.59 -9.03 -3.26
CA THR B 64 19.18 -8.11 -4.22
C THR B 64 20.68 -8.26 -4.23
N GLY B 65 21.26 -8.37 -5.42
CA GLY B 65 22.71 -8.33 -5.52
C GLY B 65 23.27 -7.06 -4.93
N GLU B 66 22.52 -5.96 -5.01
CA GLU B 66 22.95 -4.69 -4.43
C GLU B 66 23.27 -4.83 -2.94
N ALA B 67 22.77 -5.89 -2.30
CA ALA B 67 23.07 -6.09 -0.88
C ALA B 67 24.43 -6.73 -0.70
N LEU B 68 24.75 -7.74 -1.53
CA LEU B 68 26.05 -8.39 -1.43
C LEU B 68 27.17 -7.41 -1.77
N GLY B 69 27.06 -6.74 -2.91
CA GLY B 69 28.05 -5.75 -3.28
C GLY B 69 28.20 -4.63 -2.27
N TYR B 70 27.19 -4.43 -1.43
CA TYR B 70 27.32 -3.53 -0.29
C TYR B 70 27.82 -4.27 0.94
N ALA B 71 27.50 -5.57 1.05
CA ALA B 71 27.93 -6.40 2.16
C ALA B 71 29.37 -6.87 2.05
N LEU B 72 29.88 -7.08 0.84
CA LEU B 72 31.22 -7.64 0.67
C LEU B 72 32.34 -6.60 0.58
N GLU B 73 32.02 -5.31 0.52
CA GLU B 73 33.05 -4.28 0.62
C GLU B 73 33.55 -4.06 2.05
N LEU B 74 33.04 -4.80 3.02
CA LEU B 74 33.37 -4.59 4.43
C LEU B 74 33.71 -5.87 5.18
N GLY B 75 33.60 -7.05 4.57
CA GLY B 75 33.93 -8.30 5.22
C GLY B 75 32.82 -9.11 5.84
N LEU B 76 31.68 -9.24 5.16
CA LEU B 76 30.51 -9.92 5.71
C LEU B 76 30.23 -11.24 4.99
N PRO B 77 30.48 -12.39 5.62
CA PRO B 77 30.09 -13.65 4.98
C PRO B 77 28.58 -13.74 4.81
N VAL B 78 28.18 -14.43 3.74
CA VAL B 78 26.77 -14.68 3.44
C VAL B 78 26.59 -16.17 3.19
N HIS B 79 25.69 -16.79 3.95
CA HIS B 79 25.49 -18.23 3.92
C HIS B 79 24.09 -18.57 3.43
N TYR B 80 23.99 -19.66 2.66
CA TYR B 80 22.74 -20.16 2.11
C TYR B 80 22.54 -21.57 2.65
N LEU B 81 21.33 -21.86 3.12
CA LEU B 81 21.00 -23.15 3.71
C LEU B 81 19.62 -23.56 3.22
N THR B 82 19.06 -24.61 3.83
CA THR B 82 17.70 -25.06 3.56
C THR B 82 16.84 -24.75 4.78
N GLN B 83 15.52 -24.70 4.58
CA GLN B 83 14.62 -24.46 5.69
C GLN B 83 14.97 -25.34 6.88
N PHE B 84 15.54 -26.51 6.62
CA PHE B 84 15.99 -27.42 7.66
C PHE B 84 17.35 -27.05 8.23
N GLY B 85 18.18 -26.31 7.49
CA GLY B 85 19.52 -25.96 7.93
C GLY B 85 20.64 -26.66 7.20
N LYS B 86 20.35 -27.46 6.17
CA LYS B 86 21.39 -28.13 5.40
C LYS B 86 22.19 -27.11 4.61
N TYR B 87 23.52 -27.27 4.64
CA TYR B 87 24.42 -26.32 4.00
C TYR B 87 24.62 -26.60 2.52
N VAL B 88 24.60 -25.54 1.72
CA VAL B 88 24.82 -25.61 0.28
C VAL B 88 26.03 -24.78 -0.15
N GLY B 89 26.18 -23.59 0.41
CA GLY B 89 27.28 -22.71 0.04
C GLY B 89 27.17 -21.39 0.75
N SER B 90 28.22 -20.59 0.62
CA SER B 90 28.29 -19.29 1.25
C SER B 90 29.16 -18.37 0.39
N ALA B 91 28.87 -17.08 0.45
CA ALA B 91 29.59 -16.08 -0.32
C ALA B 91 30.51 -15.32 0.62
N LEU B 92 31.81 -15.42 0.39
CA LEU B 92 32.78 -14.86 1.33
C LEU B 92 33.50 -13.69 0.70
N PRO B 93 33.83 -12.65 1.47
CA PRO B 93 34.55 -11.51 0.87
C PRO B 93 36.06 -11.67 0.85
N SER B 94 36.73 -10.66 0.32
CA SER B 94 38.19 -10.62 0.33
C SER B 94 38.72 -10.53 1.75
N GLU B 95 38.35 -9.47 2.47
CA GLU B 95 39.00 -9.08 3.71
C GLU B 95 38.34 -9.75 4.91
N SER B 96 38.65 -11.02 5.09
CA SER B 96 38.24 -11.78 6.26
C SER B 96 39.46 -12.04 7.13
N ARG B 97 39.23 -12.22 8.42
CA ARG B 97 40.29 -12.39 9.40
C ARG B 97 40.36 -13.84 9.87
N ASN B 98 40.09 -14.76 8.97
CA ASN B 98 40.09 -16.17 9.29
C ASN B 98 41.45 -16.82 9.06
N GLY B 99 42.45 -16.04 8.65
CA GLY B 99 43.79 -16.59 8.58
C GLY B 99 44.35 -16.86 9.97
N GLN B 100 44.27 -15.88 10.85
CA GLN B 100 44.66 -16.09 12.24
C GLN B 100 43.97 -17.32 12.81
N LEU B 101 42.71 -17.51 12.44
CA LEU B 101 41.94 -18.66 12.91
C LEU B 101 42.58 -19.97 12.49
N ARG B 102 42.75 -20.17 11.17
CA ARG B 102 43.28 -21.42 10.68
C ARG B 102 44.65 -21.70 11.28
N LEU B 103 45.38 -20.65 11.63
CA LEU B 103 46.67 -20.82 12.27
C LEU B 103 46.51 -21.39 13.68
N ALA B 104 45.71 -20.74 14.51
CA ALA B 104 45.43 -21.29 15.83
C ALA B 104 44.77 -22.67 15.71
N GLN B 105 43.84 -22.81 14.77
CA GLN B 105 43.28 -24.13 14.46
C GLN B 105 44.37 -25.16 14.21
N PHE B 106 45.49 -24.75 13.62
CA PHE B 106 46.59 -25.67 13.38
C PHE B 106 47.59 -25.66 14.54
N ARG B 107 48.04 -24.47 14.94
CA ARG B 107 48.94 -24.34 16.08
C ARG B 107 48.44 -25.12 17.28
N ALA B 108 47.13 -25.34 17.38
CA ALA B 108 46.58 -26.19 18.43
C ALA B 108 46.62 -27.67 18.05
N HIS B 109 46.60 -27.98 16.75
CA HIS B 109 46.68 -29.37 16.33
C HIS B 109 48.07 -29.94 16.59
N GLU B 110 49.11 -29.11 16.51
CA GLU B 110 50.47 -29.51 16.80
C GLU B 110 50.90 -29.13 18.22
N ASP B 111 50.10 -28.37 18.95
CA ASP B 111 50.37 -28.15 20.36
C ASP B 111 49.43 -29.04 21.16
N PRO B 112 49.85 -30.26 21.50
CA PRO B 112 48.89 -31.20 22.10
C PRO B 112 48.28 -30.70 23.40
N ILE B 113 49.00 -29.85 24.12
CA ILE B 113 48.46 -29.28 25.35
C ILE B 113 47.17 -28.52 25.05
N GLN B 114 47.15 -27.79 23.93
CA GLN B 114 45.92 -27.14 23.50
C GLN B 114 44.94 -28.17 22.96
N ARG B 115 45.41 -29.03 22.07
CA ARG B 115 44.59 -30.12 21.56
C ARG B 115 44.00 -30.96 22.70
N LEU B 116 44.82 -31.27 23.71
CA LEU B 116 44.35 -32.08 24.82
C LEU B 116 43.37 -31.30 25.70
N ASP B 117 43.78 -30.13 26.18
CA ASP B 117 42.89 -29.29 26.99
C ASP B 117 41.59 -29.01 26.26
N ILE B 118 41.55 -29.26 24.96
CA ILE B 118 40.34 -29.12 24.16
C ILE B 118 39.54 -30.41 24.14
N VAL B 119 40.19 -31.52 23.79
CA VAL B 119 39.50 -32.79 23.66
C VAL B 119 38.80 -33.18 24.95
N LYS B 120 39.43 -32.91 26.09
CA LYS B 120 38.79 -33.20 27.37
C LYS B 120 37.44 -32.52 27.51
N ALA B 121 37.28 -31.36 26.87
CA ALA B 121 36.03 -30.61 27.00
C ALA B 121 34.91 -31.23 26.16
N PHE B 122 35.20 -31.54 24.89
CA PHE B 122 34.21 -32.18 24.04
C PHE B 122 33.65 -33.41 24.73
N VAL B 123 34.52 -34.20 25.36
CA VAL B 123 34.09 -35.43 26.01
C VAL B 123 33.35 -35.12 27.30
N LYS B 124 33.92 -34.25 28.14
CA LYS B 124 33.21 -33.78 29.32
C LYS B 124 31.81 -33.29 28.96
N GLY B 125 31.66 -32.63 27.82
CA GLY B 125 30.36 -32.15 27.38
C GLY B 125 29.47 -33.21 26.78
N LYS B 126 30.00 -34.41 26.55
CA LYS B 126 29.23 -35.53 26.04
C LYS B 126 28.79 -36.45 27.17
N VAL B 127 29.72 -36.82 28.05
CA VAL B 127 29.44 -37.78 29.11
C VAL B 127 28.54 -37.16 30.17
N HIS B 128 28.81 -35.90 30.53
CA HIS B 128 27.92 -35.19 31.45
C HIS B 128 26.49 -35.16 30.93
N ASN B 129 26.33 -35.02 29.60
CA ASN B 129 25.00 -35.03 29.01
C ASN B 129 24.32 -36.38 29.14
N GLN B 130 25.09 -37.48 29.23
CA GLN B 130 24.49 -38.80 29.32
C GLN B 130 23.86 -39.02 30.68
N TYR B 131 24.63 -38.84 31.76
CA TYR B 131 24.03 -38.89 33.09
C TYR B 131 22.90 -37.87 33.20
N ASN B 132 23.11 -36.65 32.68
CA ASN B 132 22.08 -35.63 32.71
C ASN B 132 20.90 -35.96 31.81
N LEU B 133 21.06 -36.92 30.91
CA LEU B 133 19.92 -37.47 30.17
C LEU B 133 19.25 -38.56 30.99
N LEU B 134 20.04 -39.51 31.50
CA LEU B 134 19.48 -40.60 32.28
C LEU B 134 18.79 -40.08 33.53
N TYR B 135 19.23 -38.95 34.07
CA TYR B 135 18.41 -38.30 35.09
C TYR B 135 17.19 -37.64 34.47
N ARG B 136 17.31 -37.13 33.24
CA ARG B 136 16.13 -36.67 32.50
C ARG B 136 15.24 -37.85 32.16
N ARG B 137 15.78 -38.85 31.49
CA ARG B 137 15.13 -40.14 31.24
C ARG B 137 15.54 -41.00 32.44
N GLY B 138 14.79 -40.91 33.54
CA GLY B 138 15.22 -41.55 34.77
C GLY B 138 15.70 -42.97 34.62
N GLN B 139 17.03 -43.17 34.71
CA GLN B 139 17.58 -44.50 34.54
C GLN B 139 18.58 -44.98 35.59
N VAL B 140 19.60 -44.19 35.90
CA VAL B 140 20.64 -44.69 36.79
C VAL B 140 20.22 -44.42 38.24
N ASP B 141 19.98 -43.15 38.57
CA ASP B 141 19.68 -42.82 39.96
C ASP B 141 19.37 -41.36 40.20
N ASN B 142 19.12 -41.02 41.48
CA ASN B 142 19.16 -39.69 42.06
C ASN B 142 20.62 -39.26 41.96
N PRO B 143 21.06 -38.12 42.57
CA PRO B 143 22.18 -37.36 41.97
C PRO B 143 23.18 -38.18 41.18
N LEU B 144 23.40 -37.72 39.94
CA LEU B 144 24.24 -38.42 38.98
C LEU B 144 25.74 -38.17 39.04
N LYS B 145 26.19 -37.00 38.57
CA LYS B 145 27.58 -36.55 38.66
C LYS B 145 28.62 -37.66 38.62
N GLY B 146 28.66 -38.42 37.53
CA GLY B 146 29.61 -39.52 37.40
C GLY B 146 30.61 -39.36 36.27
N ARG B 147 31.84 -39.79 36.54
CA ARG B 147 32.95 -39.84 35.57
C ARG B 147 32.97 -38.63 34.65
N GLY B 148 32.86 -37.46 35.28
CA GLY B 148 33.13 -36.19 34.66
C GLY B 148 33.56 -35.29 35.79
N LYS B 149 34.65 -34.54 35.60
CA LYS B 149 35.60 -34.20 36.66
C LYS B 149 36.55 -35.36 36.89
N LEU B 150 36.19 -36.55 36.38
CA LEU B 150 37.13 -37.64 36.28
C LEU B 150 38.07 -37.50 35.10
N VAL B 151 37.66 -36.73 34.09
CA VAL B 151 38.38 -36.66 32.82
C VAL B 151 39.48 -35.61 32.85
N MET B 152 39.12 -34.38 33.26
CA MET B 152 40.12 -33.33 33.38
C MET B 152 41.29 -33.80 34.24
N ARG B 153 41.06 -34.80 35.10
CA ARG B 153 42.09 -35.39 35.93
C ARG B 153 42.94 -36.43 35.19
N GLN B 154 42.97 -36.37 33.86
CA GLN B 154 43.82 -37.24 33.05
C GLN B 154 44.81 -36.39 32.27
N GLN B 155 45.83 -37.05 31.71
CA GLN B 155 46.92 -36.31 31.09
C GLN B 155 47.36 -36.90 29.76
N THR B 156 46.55 -37.76 29.12
CA THR B 156 46.88 -38.28 27.81
C THR B 156 45.59 -38.55 27.03
N LEU B 157 45.77 -38.96 25.77
CA LEU B 157 44.65 -39.26 24.88
C LEU B 157 44.19 -40.71 24.98
N GLU B 158 45.11 -41.66 24.78
CA GLU B 158 44.74 -43.07 24.83
C GLU B 158 44.05 -43.40 26.15
N GLN B 159 44.48 -42.75 27.24
CA GLN B 159 43.74 -42.88 28.49
C GLN B 159 42.30 -42.45 28.30
N VAL B 160 42.05 -41.50 27.40
CA VAL B 160 40.73 -40.90 27.23
C VAL B 160 39.93 -41.62 26.16
N ARG B 161 40.54 -41.88 24.99
CA ARG B 161 39.81 -42.55 23.92
C ARG B 161 39.25 -43.88 24.42
N GLY B 162 39.97 -44.55 25.31
CA GLY B 162 39.38 -45.70 25.96
C GLY B 162 38.18 -45.33 26.80
N ILE B 163 38.14 -44.09 27.30
CA ILE B 163 37.02 -43.68 28.14
C ILE B 163 35.78 -43.50 27.28
N GLU B 164 35.92 -42.86 26.12
CA GLU B 164 34.80 -42.73 25.20
C GLU B 164 34.22 -44.10 24.89
N GLY B 165 35.09 -45.06 24.59
CA GLY B 165 34.64 -46.42 24.36
C GLY B 165 34.02 -47.04 25.60
N LEU B 166 34.54 -46.69 26.78
CA LEU B 166 34.00 -47.23 28.02
C LEU B 166 32.60 -46.69 28.29
N ALA B 167 32.46 -45.37 28.41
CA ALA B 167 31.17 -44.80 28.75
C ALA B 167 30.10 -45.16 27.73
N ALA B 168 30.46 -45.21 26.45
CA ALA B 168 29.50 -45.59 25.43
C ALA B 168 29.04 -47.03 25.65
N ARG B 169 29.99 -47.93 25.86
CA ARG B 169 29.63 -49.31 26.18
C ARG B 169 28.83 -49.36 27.47
N GLU B 170 29.23 -48.54 28.46
CA GLU B 170 28.46 -48.40 29.69
C GLU B 170 27.14 -47.68 29.46
N TYR B 171 27.09 -46.83 28.42
CA TYR B 171 25.92 -46.02 28.12
C TYR B 171 24.87 -46.76 27.30
N PHE B 172 25.29 -47.60 26.36
CA PHE B 172 24.34 -48.23 25.45
C PHE B 172 23.71 -49.50 26.00
N ALA B 173 24.38 -50.21 26.92
CA ALA B 173 23.79 -51.40 27.52
C ALA B 173 22.64 -51.08 28.47
N SER B 174 22.47 -49.81 28.84
CA SER B 174 21.40 -49.38 29.74
C SER B 174 20.13 -49.00 29.01
N TRP B 175 19.96 -49.45 27.77
CA TRP B 175 18.86 -49.01 26.91
C TRP B 175 17.68 -49.97 26.87
N GLN B 176 17.93 -51.27 26.67
CA GLN B 176 16.82 -52.23 26.64
C GLN B 176 15.87 -52.02 27.81
N GLU B 177 16.43 -51.83 29.01
CA GLU B 177 15.60 -51.52 30.15
C GLU B 177 14.84 -50.21 29.95
N MET B 178 15.41 -49.29 29.18
CA MET B 178 14.81 -47.97 28.98
C MET B 178 13.88 -47.89 27.78
N LEU B 179 14.07 -48.72 26.75
CA LEU B 179 13.18 -48.70 25.60
C LEU B 179 11.93 -49.52 25.88
N GLY B 180 12.10 -50.79 26.19
CA GLY B 180 11.03 -51.73 26.36
C GLY B 180 11.28 -52.98 25.56
N HIS B 181 10.18 -53.67 25.25
CA HIS B 181 10.23 -54.98 24.61
C HIS B 181 9.89 -54.93 23.14
N GLU B 182 9.24 -53.85 22.67
CA GLU B 182 8.91 -53.76 21.26
C GLU B 182 10.17 -53.75 20.41
N TRP B 183 11.24 -53.18 20.92
CA TRP B 183 12.51 -53.06 20.20
C TRP B 183 13.61 -53.79 20.98
N THR B 184 14.72 -54.02 20.28
CA THR B 184 15.88 -54.70 20.82
C THR B 184 17.12 -53.87 20.51
N PHE B 185 18.00 -53.74 21.49
CA PHE B 185 19.24 -53.00 21.31
C PHE B 185 20.33 -53.68 22.13
N THR B 186 21.40 -54.09 21.46
CA THR B 186 22.56 -54.65 22.14
C THR B 186 23.73 -53.69 22.23
N GLY B 187 24.02 -52.97 21.14
CA GLY B 187 25.11 -52.02 21.12
C GLY B 187 24.95 -51.11 19.92
N ARG B 188 25.83 -50.13 19.81
CA ARG B 188 25.79 -49.21 18.68
C ARG B 188 26.48 -49.89 17.51
N PHE B 189 25.78 -50.00 16.37
CA PHE B 189 26.29 -50.68 15.19
C PHE B 189 26.31 -49.67 14.04
N ARG B 190 27.50 -49.37 13.54
CA ARG B 190 27.64 -48.47 12.39
C ARG B 190 27.15 -49.21 11.14
N ARG B 191 27.40 -48.66 9.97
CA ARG B 191 26.94 -49.33 8.76
C ARG B 191 27.50 -50.75 8.68
N PRO B 192 26.72 -51.71 8.14
CA PRO B 192 25.26 -51.56 8.00
C PRO B 192 24.61 -51.71 9.37
N PRO B 193 23.44 -51.12 9.58
CA PRO B 193 22.76 -51.26 10.87
C PRO B 193 22.11 -52.64 10.99
N THR B 194 22.59 -53.43 11.95
CA THR B 194 22.00 -54.74 12.21
C THR B 194 20.71 -54.67 13.00
N ASP B 195 20.51 -53.59 13.74
CA ASP B 195 19.27 -53.32 14.47
C ASP B 195 18.59 -52.10 13.87
N PRO B 196 17.26 -52.05 13.87
CA PRO B 196 16.59 -50.85 13.34
C PRO B 196 17.06 -49.59 14.04
N VAL B 197 17.12 -49.62 15.37
CA VAL B 197 17.45 -48.42 16.14
C VAL B 197 18.78 -47.86 15.71
N ASN B 198 19.82 -48.70 15.68
CA ASN B 198 21.14 -48.27 15.25
C ASN B 198 21.13 -47.57 13.89
N ALA B 199 20.15 -47.89 13.04
CA ALA B 199 20.05 -47.18 11.77
C ALA B 199 19.59 -45.75 11.98
N LEU B 200 18.69 -45.52 12.93
CA LEU B 200 18.21 -44.17 13.19
C LEU B 200 19.33 -43.27 13.69
N LEU B 201 20.24 -43.83 14.49
CA LEU B 201 21.39 -43.06 14.95
C LEU B 201 22.37 -42.82 13.81
N SER B 202 22.73 -43.89 13.10
CA SER B 202 23.49 -43.73 11.87
C SER B 202 22.79 -42.78 10.92
N PHE B 203 21.46 -42.75 10.97
CA PHE B 203 20.69 -41.75 10.24
C PHE B 203 20.73 -40.41 10.96
N GLY B 204 20.38 -40.42 12.26
CA GLY B 204 20.32 -39.18 13.02
C GLY B 204 21.67 -38.50 13.15
N TYR B 205 22.72 -39.27 13.48
CA TYR B 205 24.06 -38.69 13.51
C TYR B 205 24.36 -38.00 12.19
N GLY B 206 23.70 -38.40 11.12
CA GLY B 206 23.85 -37.75 9.85
C GLY B 206 23.10 -36.44 9.86
N LEU B 207 21.89 -36.44 10.43
CA LEU B 207 21.11 -35.22 10.47
C LEU B 207 21.70 -34.20 11.43
N LEU B 208 22.60 -34.62 12.31
CA LEU B 208 23.38 -33.66 13.10
C LEU B 208 24.56 -33.15 12.30
N ARG B 209 25.15 -33.99 11.46
CA ARG B 209 26.26 -33.56 10.61
C ARG B 209 25.90 -32.34 9.79
N THR B 210 24.67 -32.26 9.29
CA THR B 210 24.31 -31.15 8.40
C THR B 210 24.30 -29.83 9.16
N GLN B 211 23.63 -29.80 10.31
CA GLN B 211 23.52 -28.56 11.05
C GLN B 211 24.88 -28.16 11.61
N VAL B 212 25.75 -29.14 11.83
CA VAL B 212 27.12 -28.86 12.25
C VAL B 212 27.97 -28.50 11.03
N THR B 213 27.84 -29.28 9.95
CA THR B 213 28.59 -29.01 8.73
C THR B 213 28.37 -27.59 8.23
N ALA B 214 27.30 -26.94 8.68
CA ALA B 214 27.06 -25.54 8.35
C ALA B 214 27.82 -24.62 9.31
N ALA B 215 27.76 -24.92 10.60
CA ALA B 215 28.40 -24.07 11.60
C ALA B 215 29.89 -23.87 11.31
N VAL B 216 30.55 -24.92 10.82
CA VAL B 216 31.99 -24.82 10.58
C VAL B 216 32.30 -23.83 9.47
N HIS B 217 31.57 -23.90 8.35
CA HIS B 217 31.80 -22.97 7.26
C HIS B 217 31.53 -21.53 7.65
N ILE B 218 30.75 -21.29 8.70
CA ILE B 218 30.51 -19.93 9.17
C ILE B 218 31.72 -19.41 9.93
N ALA B 219 32.34 -20.26 10.75
CA ALA B 219 33.51 -19.86 11.51
C ALA B 219 34.75 -19.72 10.63
N GLY B 220 34.66 -20.08 9.36
CA GLY B 220 35.83 -20.04 8.51
C GLY B 220 36.78 -21.17 8.79
N LEU B 221 36.34 -22.17 9.55
CA LEU B 221 37.14 -23.31 9.96
C LEU B 221 37.30 -24.31 8.82
N ASP B 222 38.38 -25.08 8.89
CA ASP B 222 38.57 -26.22 8.01
C ASP B 222 37.95 -27.44 8.69
N PRO B 223 36.81 -27.96 8.24
CA PRO B 223 36.18 -29.07 8.95
C PRO B 223 37.08 -30.30 9.02
N TYR B 224 37.90 -30.49 7.99
CA TYR B 224 38.75 -31.66 7.83
C TYR B 224 39.97 -31.63 8.72
N ILE B 225 40.12 -30.59 9.54
CA ILE B 225 41.20 -30.46 10.52
C ILE B 225 40.55 -30.53 11.90
N GLY B 226 40.84 -31.60 12.64
CA GLY B 226 40.31 -31.78 13.96
C GLY B 226 41.39 -31.98 15.01
N PHE B 227 40.93 -32.23 16.23
CA PHE B 227 41.80 -32.42 17.38
C PHE B 227 41.67 -33.79 18.03
N LEU B 228 40.48 -34.38 18.02
CA LEU B 228 40.28 -35.74 18.50
C LEU B 228 40.28 -36.76 17.36
N HIS B 229 39.38 -36.59 16.40
CA HIS B 229 39.28 -37.52 15.27
C HIS B 229 40.48 -37.30 14.35
N GLU B 230 41.39 -38.26 14.35
CA GLU B 230 42.59 -38.17 13.54
C GLU B 230 42.24 -37.96 12.07
N THR B 231 42.90 -36.99 11.45
CA THR B 231 42.55 -36.56 10.11
C THR B 231 43.04 -37.60 9.10
N THR B 232 42.12 -38.12 8.30
CA THR B 232 42.44 -39.06 7.23
C THR B 232 41.16 -39.31 6.45
N ARG B 233 41.31 -39.94 5.29
CA ARG B 233 40.18 -40.37 4.47
C ARG B 233 39.24 -39.23 4.14
N GLY B 234 39.67 -37.99 4.29
CA GLY B 234 38.74 -36.90 4.08
C GLY B 234 37.63 -36.86 5.11
N GLN B 235 37.96 -37.10 6.37
CA GLN B 235 36.89 -37.11 7.35
C GLN B 235 36.81 -35.78 8.06
N PRO B 236 35.66 -35.12 8.14
CA PRO B 236 35.63 -33.86 8.87
C PRO B 236 35.78 -34.11 10.35
N ALA B 237 36.97 -33.83 10.90
CA ALA B 237 37.22 -34.11 12.29
C ALA B 237 36.84 -32.92 13.16
N MET B 238 36.99 -31.72 12.61
CA MET B 238 36.52 -30.53 13.32
C MET B 238 35.01 -30.58 13.54
N ILE B 239 34.29 -31.30 12.69
CA ILE B 239 32.86 -31.52 12.91
C ILE B 239 32.64 -32.59 13.98
N LEU B 240 33.20 -33.78 13.76
CA LEU B 240 32.90 -34.90 14.64
C LEU B 240 33.29 -34.61 16.07
N ASP B 241 34.35 -33.82 16.28
CA ASP B 241 34.66 -33.36 17.63
C ASP B 241 33.45 -32.69 18.26
N LEU B 242 32.66 -31.96 17.47
CA LEU B 242 31.49 -31.28 18.00
C LEU B 242 30.28 -32.18 18.11
N MET B 243 30.06 -33.07 17.15
CA MET B 243 28.86 -33.90 17.21
C MET B 243 28.78 -34.66 18.52
N GLU B 244 29.93 -34.92 19.15
CA GLU B 244 29.96 -35.75 20.35
C GLU B 244 29.18 -35.11 21.48
N GLU B 245 29.38 -33.81 21.73
CA GLU B 245 28.66 -33.14 22.80
C GLU B 245 27.16 -33.10 22.53
N PHE B 246 26.73 -33.36 21.29
CA PHE B 246 25.32 -33.33 20.92
C PHE B 246 24.75 -34.70 20.60
N ARG B 247 25.60 -35.70 20.33
CA ARG B 247 25.10 -37.04 20.05
C ARG B 247 24.18 -37.53 21.16
N ALA B 248 24.47 -37.15 22.40
CA ALA B 248 23.75 -37.67 23.55
C ALA B 248 22.48 -36.89 23.86
N LEU B 249 22.32 -35.70 23.30
CA LEU B 249 21.23 -34.80 23.65
C LEU B 249 20.26 -34.54 22.52
N VAL B 250 20.68 -34.70 21.26
CA VAL B 250 19.87 -34.36 20.10
C VAL B 250 19.44 -35.62 19.35
N ALA B 251 20.39 -36.50 19.03
CA ALA B 251 20.02 -37.73 18.35
C ALA B 251 19.40 -38.74 19.31
N ASP B 252 19.81 -38.73 20.57
CA ASP B 252 19.28 -39.67 21.56
C ASP B 252 18.01 -39.18 22.22
N SER B 253 17.80 -37.86 22.33
CA SER B 253 16.57 -37.38 22.93
C SER B 253 15.40 -37.49 21.96
N VAL B 254 15.64 -37.28 20.68
CA VAL B 254 14.58 -37.40 19.68
C VAL B 254 14.11 -38.84 19.57
N VAL B 255 15.05 -39.79 19.49
CA VAL B 255 14.69 -41.18 19.27
C VAL B 255 13.75 -41.68 20.36
N LEU B 256 14.12 -41.46 21.63
CA LEU B 256 13.27 -41.88 22.74
C LEU B 256 12.01 -41.03 22.83
N THR B 257 11.98 -39.88 22.15
CA THR B 257 10.83 -38.99 22.18
C THR B 257 9.73 -39.45 21.24
N VAL B 258 10.07 -40.20 20.20
CA VAL B 258 9.09 -40.70 19.25
C VAL B 258 8.73 -42.16 19.52
N LEU B 259 9.62 -42.93 20.15
CA LEU B 259 9.40 -44.34 20.38
C LEU B 259 8.50 -44.64 21.58
N LYS B 260 7.96 -43.62 22.23
CA LYS B 260 6.84 -43.80 23.14
C LYS B 260 5.55 -43.25 22.56
N GLN B 261 5.54 -42.93 21.26
CA GLN B 261 4.38 -42.39 20.60
C GLN B 261 4.24 -42.83 19.14
N ARG B 262 5.38 -43.16 18.52
CA ARG B 262 5.48 -43.18 17.06
C ARG B 262 6.17 -44.44 16.55
N GLU B 263 6.72 -44.33 15.34
CA GLU B 263 7.28 -45.40 14.53
C GLU B 263 7.65 -46.69 15.23
N ILE B 264 7.19 -47.79 14.64
CA ILE B 264 7.36 -49.15 15.13
C ILE B 264 7.67 -50.02 13.91
N GLN B 265 7.94 -51.30 14.15
CA GLN B 265 8.23 -52.25 13.08
C GLN B 265 7.32 -52.10 11.87
N ARG B 266 6.10 -51.58 12.06
CA ARG B 266 5.20 -51.39 10.94
C ARG B 266 5.84 -50.65 9.77
N GLN B 267 6.91 -49.89 10.02
CA GLN B 267 7.49 -49.01 9.03
C GLN B 267 8.90 -49.41 8.61
N ASP B 268 9.79 -49.61 9.57
CA ASP B 268 11.15 -50.05 9.27
C ASP B 268 11.16 -51.35 8.47
N PHE B 269 11.79 -51.32 7.30
CA PHE B 269 11.89 -52.50 6.46
C PHE B 269 12.25 -53.72 7.29
N THR B 270 11.69 -54.86 6.94
CA THR B 270 12.06 -56.11 7.58
C THR B 270 13.30 -56.62 6.89
N GLU B 271 14.05 -57.50 7.55
CA GLU B 271 15.43 -57.71 7.14
C GLU B 271 15.48 -57.96 5.64
N SER B 272 15.99 -56.99 4.89
CA SER B 272 15.93 -57.01 3.44
C SER B 272 17.15 -57.73 2.87
N LEU B 273 18.33 -57.18 3.14
CA LEU B 273 19.60 -57.89 2.92
C LEU B 273 20.41 -57.87 4.21
N GLY B 274 19.73 -57.91 5.35
CA GLY B 274 20.34 -57.84 6.65
C GLY B 274 20.15 -56.51 7.35
N ALA B 275 19.85 -55.47 6.58
CA ALA B 275 19.69 -54.13 7.12
C ALA B 275 18.31 -53.95 7.76
N PHE B 276 18.07 -52.74 8.25
CA PHE B 276 16.72 -52.30 8.64
C PHE B 276 16.60 -50.84 8.16
N ARG B 277 16.21 -50.67 6.91
CA ARG B 277 15.97 -49.33 6.39
C ARG B 277 14.56 -48.87 6.77
N LEU B 278 14.30 -47.58 6.56
CA LEU B 278 13.01 -47.00 6.86
C LEU B 278 12.13 -46.94 5.62
N THR B 279 10.85 -46.66 5.87
CA THR B 279 9.90 -46.30 4.82
C THR B 279 9.98 -44.81 4.60
N ASP B 280 9.71 -44.37 3.37
CA ASP B 280 9.68 -42.93 3.10
C ASP B 280 8.56 -42.23 3.86
N SER B 281 7.54 -42.98 4.30
CA SER B 281 6.44 -42.39 5.05
C SER B 281 6.77 -42.21 6.53
N ALA B 282 7.84 -42.84 7.01
CA ALA B 282 8.38 -42.57 8.34
C ALA B 282 9.50 -41.55 8.31
N THR B 283 10.32 -41.57 7.25
CA THR B 283 11.36 -40.56 7.09
C THR B 283 10.76 -39.16 7.15
N LYS B 284 9.61 -38.96 6.52
CA LYS B 284 8.97 -37.65 6.52
C LYS B 284 8.38 -37.30 7.88
N THR B 285 8.03 -38.31 8.69
CA THR B 285 7.54 -38.12 10.04
C THR B 285 8.67 -37.96 11.07
N PHE B 286 9.81 -38.61 10.83
CA PHE B 286 10.94 -38.54 11.76
C PHE B 286 11.26 -37.11 12.13
N LEU B 287 11.27 -36.21 11.13
CA LEU B 287 11.71 -34.85 11.34
C LEU B 287 10.73 -34.03 12.16
N GLY B 288 9.44 -34.38 12.13
CA GLY B 288 8.44 -33.57 12.81
C GLY B 288 8.82 -33.25 14.26
N ALA B 289 9.25 -34.26 15.01
CA ALA B 289 9.79 -33.98 16.34
C ALA B 289 11.21 -33.44 16.26
N PHE B 290 11.93 -33.80 15.20
CA PHE B 290 13.34 -33.42 15.09
C PHE B 290 13.50 -31.90 14.99
N ASP B 291 12.81 -31.27 14.03
CA ASP B 291 12.90 -29.81 13.91
C ASP B 291 12.15 -29.11 15.04
N ARG B 292 11.10 -29.73 15.57
CA ARG B 292 10.47 -29.19 16.78
C ARG B 292 11.52 -29.02 17.87
N LYS B 293 12.41 -30.02 18.00
CA LYS B 293 13.47 -29.93 18.99
C LYS B 293 14.29 -28.67 18.75
N LEU B 294 14.55 -28.33 17.48
CA LEU B 294 15.33 -27.15 17.14
C LEU B 294 14.49 -25.89 17.25
N SER B 295 13.74 -25.74 18.36
CA SER B 295 12.98 -24.53 18.65
C SER B 295 12.90 -24.28 20.15
N SER B 296 13.88 -24.74 20.92
CA SER B 296 13.82 -24.84 22.37
C SER B 296 15.09 -24.33 23.03
N GLU B 297 15.44 -24.88 24.19
CA GLU B 297 16.65 -24.54 24.92
C GLU B 297 16.62 -23.19 25.62
N PHE B 298 15.84 -23.13 26.71
CA PHE B 298 15.83 -22.00 27.62
C PHE B 298 17.18 -21.76 28.29
N LYS B 299 18.18 -22.59 27.99
CA LYS B 299 19.49 -22.45 28.60
C LYS B 299 19.32 -22.34 30.11
N HIS B 300 18.93 -23.47 30.71
CA HIS B 300 18.63 -23.61 32.13
C HIS B 300 19.47 -22.68 33.00
N PRO B 301 20.78 -22.55 32.76
CA PRO B 301 21.51 -21.42 33.34
C PRO B 301 21.10 -20.14 32.62
N ILE B 302 20.56 -19.18 33.38
CA ILE B 302 19.87 -18.01 32.80
C ILE B 302 20.77 -17.33 31.77
N PHE B 303 22.02 -17.77 31.69
CA PHE B 303 23.06 -17.12 30.90
C PHE B 303 22.53 -16.51 29.60
N ASN B 304 21.59 -17.18 28.94
CA ASN B 304 20.92 -16.59 27.79
C ASN B 304 19.66 -17.39 27.49
N TYR B 305 18.49 -16.79 27.77
CA TYR B 305 17.23 -17.44 27.44
C TYR B 305 17.15 -17.75 25.96
N LYS B 306 17.26 -16.71 25.14
CA LYS B 306 17.04 -16.82 23.70
C LYS B 306 18.11 -17.64 22.99
N CYS B 307 17.87 -18.93 22.86
CA CYS B 307 18.73 -19.78 22.02
C CYS B 307 18.04 -21.11 21.73
N THR B 308 17.82 -21.40 20.45
CA THR B 308 17.41 -22.73 20.02
C THR B 308 18.62 -23.66 19.94
N TYR B 309 18.37 -24.97 19.93
CA TYR B 309 19.44 -25.93 19.71
C TYR B 309 20.11 -25.68 18.36
N ARG B 310 19.30 -25.54 17.31
CA ARG B 310 19.82 -25.30 15.97
C ARG B 310 20.83 -24.17 15.97
N ARG B 311 20.53 -23.10 16.69
CA ARG B 311 21.41 -21.95 16.75
C ARG B 311 22.54 -22.16 17.76
N ALA B 312 22.23 -22.84 18.86
CA ALA B 312 23.22 -23.06 19.91
C ALA B 312 24.56 -23.53 19.35
N ILE B 313 24.54 -24.27 18.25
CA ILE B 313 25.77 -24.80 17.67
C ILE B 313 26.60 -23.68 17.06
N GLU B 314 25.97 -22.85 16.23
CA GLU B 314 26.65 -21.68 15.65
C GLU B 314 27.46 -20.95 16.71
N LEU B 315 26.95 -20.90 17.94
CA LEU B 315 27.70 -20.26 19.02
C LEU B 315 28.90 -21.12 19.39
N GLN B 316 28.67 -22.40 19.69
CA GLN B 316 29.75 -23.29 20.10
C GLN B 316 30.93 -23.18 19.14
N ALA B 317 30.65 -23.14 17.83
CA ALA B 317 31.71 -22.93 16.86
C ALA B 317 32.31 -21.54 17.01
N ARG B 318 31.46 -20.50 16.99
CA ARG B 318 31.95 -19.14 17.17
C ARG B 318 32.67 -18.99 18.50
N LEU B 319 32.15 -19.61 19.55
CA LEU B 319 32.89 -19.66 20.81
C LEU B 319 34.27 -20.28 20.60
N LEU B 320 34.33 -21.34 19.80
CA LEU B 320 35.59 -22.04 19.59
C LEU B 320 36.59 -21.19 18.82
N ALA B 321 36.15 -20.51 17.76
CA ALA B 321 37.04 -19.63 17.03
C ALA B 321 37.71 -18.63 17.96
N ARG B 322 36.92 -18.03 18.87
CA ARG B 322 37.48 -17.08 19.82
C ARG B 322 38.43 -17.77 20.81
N HIS B 323 38.15 -19.03 21.15
CA HIS B 323 39.10 -19.81 21.93
C HIS B 323 40.47 -19.84 21.26
N LEU B 324 40.49 -19.75 19.93
CA LEU B 324 41.68 -19.87 19.11
C LEU B 324 42.23 -18.54 18.66
N GLN B 325 41.37 -17.55 18.39
CA GLN B 325 41.80 -16.23 17.96
C GLN B 325 42.02 -15.31 19.15
N GLU B 326 41.18 -15.45 20.17
CA GLU B 326 41.17 -14.59 21.33
C GLU B 326 41.65 -15.28 22.59
N GLY B 327 41.89 -16.60 22.55
CA GLY B 327 42.39 -17.31 23.71
C GLY B 327 41.32 -17.63 24.72
N VAL B 328 40.06 -17.63 24.31
CA VAL B 328 38.92 -17.83 25.19
C VAL B 328 38.76 -19.28 25.62
N VAL B 329 37.94 -19.51 26.65
CA VAL B 329 37.56 -20.84 27.11
C VAL B 329 36.49 -21.42 26.19
N TYR B 330 36.43 -22.75 26.12
CA TYR B 330 35.34 -23.47 25.47
C TYR B 330 34.63 -24.30 26.54
N GLU B 331 33.62 -23.72 27.19
CA GLU B 331 32.80 -24.45 28.16
C GLU B 331 31.65 -25.10 27.42
N PRO B 332 31.64 -26.43 27.26
CA PRO B 332 30.64 -27.06 26.38
C PRO B 332 29.21 -26.87 26.88
N LEU B 333 28.28 -27.33 26.06
CA LEU B 333 26.84 -27.21 26.31
C LEU B 333 26.33 -28.46 27.02
N VAL B 334 25.59 -28.27 28.11
CA VAL B 334 25.07 -29.38 28.89
C VAL B 334 23.61 -29.11 29.27
N ILE B 335 22.79 -30.15 29.18
CA ILE B 335 21.35 -30.08 29.49
C ILE B 335 20.75 -28.71 29.25
N MET C 12 24.70 -49.27 -57.36
CA MET C 12 24.34 -48.15 -56.50
C MET C 12 22.83 -47.89 -56.45
N SER C 13 22.15 -48.62 -55.56
CA SER C 13 20.74 -48.37 -55.26
C SER C 13 19.80 -48.57 -56.45
N THR C 14 19.46 -49.83 -56.77
CA THR C 14 18.58 -50.17 -57.87
C THR C 14 17.14 -50.39 -57.41
N LEU C 15 16.20 -50.30 -58.37
CA LEU C 15 14.77 -50.42 -58.11
C LEU C 15 14.20 -51.64 -58.84
N TYR C 16 13.33 -52.37 -58.16
CA TYR C 16 12.68 -53.57 -58.68
C TYR C 16 11.18 -53.47 -58.46
N LEU C 17 10.41 -54.10 -59.35
CA LEU C 17 8.96 -54.09 -59.24
C LEU C 17 8.34 -55.43 -59.56
N THR C 18 7.52 -55.91 -58.63
CA THR C 18 6.80 -57.18 -58.73
C THR C 18 5.31 -57.01 -58.94
N GLN C 19 4.73 -55.92 -58.43
CA GLN C 19 3.28 -55.82 -58.31
C GLN C 19 2.70 -55.29 -59.61
N PRO C 20 1.77 -56.01 -60.26
CA PRO C 20 1.20 -55.49 -61.52
C PRO C 20 0.08 -54.49 -61.35
N ASP C 21 -0.08 -53.94 -60.14
CA ASP C 21 -1.09 -52.92 -59.88
C ASP C 21 -0.48 -51.60 -59.43
N ALA C 22 0.80 -51.40 -59.68
CA ALA C 22 1.52 -50.22 -59.18
C ALA C 22 1.67 -49.20 -60.29
N VAL C 23 1.31 -47.96 -59.99
CA VAL C 23 1.37 -46.85 -60.93
C VAL C 23 2.43 -45.86 -60.48
N LEU C 24 3.22 -45.37 -61.44
CA LEU C 24 4.24 -44.36 -61.18
C LEU C 24 3.84 -43.04 -61.83
N SER C 25 3.78 -41.99 -61.02
CA SER C 25 3.56 -40.63 -61.47
C SER C 25 4.72 -39.78 -60.99
N LYS C 26 4.82 -38.57 -61.54
CA LYS C 26 5.85 -37.61 -61.17
C LYS C 26 5.24 -36.49 -60.35
N LYS C 27 5.86 -36.15 -59.22
CA LYS C 27 5.46 -34.98 -58.46
C LYS C 27 6.61 -33.98 -58.42
N HIS C 28 6.75 -33.21 -59.50
CA HIS C 28 7.64 -32.08 -59.64
C HIS C 28 9.12 -32.39 -59.62
N GLU C 29 9.54 -33.50 -58.99
CA GLU C 29 10.89 -34.01 -59.19
C GLU C 29 11.02 -35.50 -58.86
N ALA C 30 9.94 -36.16 -58.47
CA ALA C 30 10.08 -37.50 -57.90
C ALA C 30 8.83 -38.33 -58.13
N PHE C 31 8.98 -39.62 -57.83
CA PHE C 31 7.99 -40.66 -58.11
C PHE C 31 7.10 -40.95 -56.90
N HIS C 32 5.88 -41.41 -57.18
CA HIS C 32 4.93 -41.86 -56.16
C HIS C 32 4.30 -43.17 -56.62
N VAL C 33 4.51 -44.25 -55.85
CA VAL C 33 3.92 -45.56 -56.13
C VAL C 33 2.60 -45.72 -55.39
N ALA C 34 1.62 -46.34 -56.05
CA ALA C 34 0.26 -46.54 -55.52
C ALA C 34 -0.09 -48.02 -55.56
N LEU C 35 -0.05 -48.69 -54.40
CA LEU C 35 -0.25 -50.13 -54.29
C LEU C 35 -1.61 -50.60 -53.81
N LYS C 36 -2.11 -50.10 -52.68
CA LYS C 36 -3.25 -50.66 -51.97
C LYS C 36 -4.39 -51.24 -52.82
N GLN C 37 -4.72 -50.60 -53.94
CA GLN C 37 -5.73 -51.12 -54.86
C GLN C 37 -7.10 -51.20 -54.19
N GLU C 38 -7.64 -50.02 -53.88
CA GLU C 38 -9.02 -49.84 -53.42
C GLU C 38 -9.34 -50.68 -52.20
N ASP C 39 -8.41 -50.77 -51.26
CA ASP C 39 -8.71 -51.07 -49.88
C ASP C 39 -8.40 -49.86 -48.99
N GLY C 40 -8.34 -48.69 -49.60
CA GLY C 40 -7.86 -47.46 -49.01
C GLY C 40 -7.76 -46.41 -50.10
N SER C 41 -6.61 -45.73 -50.21
CA SER C 41 -6.38 -44.75 -51.26
C SER C 41 -5.18 -45.13 -52.14
N TRP C 42 -4.91 -46.43 -52.25
CA TRP C 42 -3.83 -47.02 -53.05
C TRP C 42 -2.47 -46.97 -52.37
N LYS C 43 -2.37 -46.51 -51.13
CA LYS C 43 -1.10 -46.47 -50.39
C LYS C 43 0.01 -45.87 -51.27
N LYS C 44 -0.14 -44.57 -51.54
CA LYS C 44 0.79 -43.83 -52.37
C LYS C 44 2.11 -43.57 -51.63
N GLN C 45 3.16 -44.32 -51.99
CA GLN C 45 4.45 -44.25 -51.32
C GLN C 45 5.46 -43.46 -52.16
N PRO C 46 6.00 -42.34 -51.68
CA PRO C 46 6.93 -41.56 -52.50
C PRO C 46 8.28 -42.24 -52.68
N ILE C 47 8.95 -41.90 -53.78
CA ILE C 47 10.25 -42.48 -54.12
C ILE C 47 11.15 -41.47 -54.81
N PRO C 48 12.45 -41.45 -54.54
CA PRO C 48 13.35 -40.60 -55.33
C PRO C 48 13.88 -41.30 -56.57
N ALA C 49 14.25 -40.49 -57.55
CA ALA C 49 14.92 -40.93 -58.77
C ALA C 49 16.36 -40.46 -58.89
N GLN C 50 16.64 -39.24 -58.42
CA GLN C 50 17.94 -38.61 -58.53
C GLN C 50 19.08 -39.40 -57.89
N THR C 51 18.79 -40.49 -57.18
CA THR C 51 19.84 -41.37 -56.68
C THR C 51 20.01 -42.63 -57.50
N LEU C 52 19.06 -42.97 -58.36
CA LEU C 52 18.98 -44.27 -59.01
C LEU C 52 19.79 -44.30 -60.29
N GLU C 53 20.19 -45.51 -60.68
CA GLU C 53 20.89 -45.74 -61.94
C GLU C 53 20.30 -46.87 -62.79
N ASP C 54 19.22 -47.54 -62.34
CA ASP C 54 18.67 -48.65 -63.10
C ASP C 54 17.29 -49.02 -62.55
N ILE C 55 16.43 -49.54 -63.45
CA ILE C 55 15.09 -50.00 -63.10
C ILE C 55 14.78 -51.33 -63.77
N VAL C 56 13.96 -52.15 -63.11
CA VAL C 56 13.54 -53.46 -63.62
C VAL C 56 12.06 -53.65 -63.31
N LEU C 57 11.24 -53.93 -64.33
CA LEU C 57 9.82 -54.18 -64.18
C LEU C 57 9.43 -55.57 -64.66
N LEU C 58 8.76 -56.34 -63.79
CA LEU C 58 8.41 -57.72 -64.05
C LEU C 58 6.93 -57.94 -64.33
N GLY C 59 6.06 -57.50 -63.42
CA GLY C 59 4.63 -57.73 -63.57
C GLY C 59 3.92 -56.84 -64.56
N TYR C 60 4.66 -56.20 -65.44
CA TYR C 60 4.09 -55.34 -66.47
C TYR C 60 3.18 -54.30 -65.81
N PRO C 61 3.70 -53.51 -64.87
CA PRO C 61 2.87 -52.52 -64.18
C PRO C 61 2.60 -51.30 -65.04
N SER C 62 1.58 -50.54 -64.63
CA SER C 62 1.25 -49.31 -65.31
C SER C 62 2.18 -48.19 -64.87
N ILE C 63 2.49 -47.30 -65.81
CA ILE C 63 3.39 -46.17 -65.56
C ILE C 63 2.83 -44.94 -66.26
N THR C 64 3.01 -43.78 -65.64
CA THR C 64 2.71 -42.53 -66.31
C THR C 64 3.75 -42.25 -67.39
N GLY C 65 3.28 -41.97 -68.61
CA GLY C 65 4.18 -41.55 -69.66
C GLY C 65 4.87 -40.23 -69.34
N GLU C 66 4.13 -39.30 -68.72
CA GLU C 66 4.75 -38.03 -68.32
C GLU C 66 5.90 -38.25 -67.35
N ALA C 67 5.91 -39.39 -66.64
CA ALA C 67 6.98 -39.69 -65.69
C ALA C 67 8.18 -40.32 -66.39
N LEU C 68 7.93 -41.16 -67.38
CA LEU C 68 9.02 -41.84 -68.08
C LEU C 68 10.01 -40.84 -68.66
N GLY C 69 9.50 -39.85 -69.39
CA GLY C 69 10.34 -38.81 -69.93
C GLY C 69 11.17 -38.07 -68.90
N TYR C 70 10.83 -38.22 -67.62
CA TYR C 70 11.67 -37.63 -66.58
C TYR C 70 12.84 -38.53 -66.19
N ALA C 71 12.69 -39.84 -66.36
CA ALA C 71 13.79 -40.74 -66.03
C ALA C 71 14.91 -40.63 -67.05
N LEU C 72 14.56 -40.41 -68.31
CA LEU C 72 15.53 -40.37 -69.39
C LEU C 72 16.15 -39.00 -69.56
N GLU C 73 15.60 -37.98 -68.90
CA GLU C 73 16.30 -36.71 -68.67
C GLU C 73 17.33 -36.86 -67.56
N LEU C 74 17.50 -38.08 -67.03
CA LEU C 74 18.35 -38.36 -65.90
C LEU C 74 19.36 -39.46 -66.21
N GLY C 75 19.21 -40.16 -67.34
CA GLY C 75 20.12 -41.22 -67.73
C GLY C 75 19.68 -42.55 -67.16
N LEU C 76 18.37 -42.81 -67.14
CA LEU C 76 17.83 -43.97 -66.45
C LEU C 76 17.26 -45.03 -67.38
N PRO C 77 17.94 -46.17 -67.54
CA PRO C 77 17.36 -47.25 -68.34
C PRO C 77 16.10 -47.82 -67.68
N VAL C 78 15.22 -48.37 -68.52
CA VAL C 78 14.00 -49.01 -68.07
C VAL C 78 13.94 -50.41 -68.67
N HIS C 79 13.82 -51.41 -67.81
CA HIS C 79 13.84 -52.81 -68.21
C HIS C 79 12.49 -53.46 -67.93
N TYR C 80 12.10 -54.36 -68.82
CA TYR C 80 10.81 -55.05 -68.74
C TYR C 80 11.03 -56.55 -68.67
N LEU C 81 10.33 -57.21 -67.75
CA LEU C 81 10.41 -58.66 -67.61
C LEU C 81 9.02 -59.21 -67.32
N THR C 82 8.95 -60.52 -67.11
CA THR C 82 7.71 -61.22 -66.77
C THR C 82 7.83 -61.81 -65.36
N GLN C 83 6.66 -62.18 -64.81
CA GLN C 83 6.63 -62.83 -63.51
C GLN C 83 7.68 -63.94 -63.42
N PHE C 84 7.94 -64.61 -64.54
CA PHE C 84 8.90 -65.71 -64.58
C PHE C 84 10.34 -65.25 -64.68
N GLY C 85 10.58 -64.04 -65.18
CA GLY C 85 11.91 -63.49 -65.28
C GLY C 85 12.51 -63.48 -66.66
N LYS C 86 11.79 -63.95 -67.67
CA LYS C 86 12.33 -63.92 -69.02
C LYS C 86 12.43 -62.49 -69.53
N TYR C 87 13.49 -62.20 -70.27
CA TYR C 87 13.68 -60.87 -70.79
C TYR C 87 12.77 -60.66 -71.99
N VAL C 88 12.12 -59.50 -72.04
CA VAL C 88 11.20 -59.17 -73.12
C VAL C 88 11.65 -57.94 -73.89
N GLY C 89 12.13 -56.92 -73.20
CA GLY C 89 12.55 -55.69 -73.86
C GLY C 89 12.95 -54.65 -72.85
N SER C 90 13.52 -53.57 -73.36
CA SER C 90 13.95 -52.46 -72.51
C SER C 90 13.87 -51.15 -73.27
N ALA C 91 13.59 -50.07 -72.53
CA ALA C 91 13.49 -48.73 -73.07
C ALA C 91 14.68 -47.92 -72.57
N LEU C 92 15.48 -47.38 -73.49
CA LEU C 92 16.76 -46.77 -73.11
C LEU C 92 16.76 -45.26 -73.33
N PRO C 93 17.59 -44.54 -72.55
CA PRO C 93 17.70 -43.07 -72.69
C PRO C 93 18.60 -42.65 -73.84
N SER C 94 18.92 -41.37 -73.90
CA SER C 94 19.76 -40.84 -74.98
C SER C 94 21.04 -41.65 -75.14
N GLU C 95 21.36 -41.95 -76.40
CA GLU C 95 22.41 -42.89 -76.77
C GLU C 95 23.75 -42.18 -76.95
N SER C 96 24.72 -42.87 -77.54
CA SER C 96 26.03 -42.34 -77.85
C SER C 96 26.14 -42.06 -79.34
N ARG C 97 27.00 -41.13 -79.70
CA ARG C 97 27.11 -40.67 -81.08
C ARG C 97 28.43 -41.06 -81.75
N ASN C 98 29.01 -42.20 -81.38
CA ASN C 98 30.28 -42.61 -81.99
C ASN C 98 29.98 -43.64 -83.07
N GLY C 99 29.78 -43.14 -84.29
CA GLY C 99 29.66 -44.02 -85.44
C GLY C 99 30.96 -44.71 -85.78
N GLN C 100 32.06 -43.96 -85.77
CA GLN C 100 33.37 -44.54 -86.03
C GLN C 100 33.56 -45.82 -85.25
N LEU C 101 33.08 -45.85 -84.01
CA LEU C 101 33.10 -47.08 -83.22
C LEU C 101 32.31 -48.17 -83.90
N ARG C 102 31.03 -47.91 -84.13
CA ARG C 102 30.12 -48.90 -84.70
C ARG C 102 30.54 -49.34 -86.08
N LEU C 103 31.29 -48.51 -86.80
CA LEU C 103 31.80 -48.93 -88.09
C LEU C 103 32.82 -50.05 -87.93
N ALA C 104 33.84 -49.82 -87.11
CA ALA C 104 34.82 -50.88 -86.84
C ALA C 104 34.14 -52.10 -86.24
N GLN C 105 33.17 -51.87 -85.35
CA GLN C 105 32.33 -52.97 -84.87
C GLN C 105 31.83 -53.82 -86.04
N PHE C 106 31.57 -53.19 -87.18
CA PHE C 106 31.18 -53.89 -88.40
C PHE C 106 32.34 -54.16 -89.35
N ARG C 107 33.16 -53.14 -89.66
CA ARG C 107 34.30 -53.35 -90.54
C ARG C 107 35.08 -54.61 -90.15
N ALA C 108 35.04 -54.97 -88.86
CA ALA C 108 35.64 -56.21 -88.36
C ALA C 108 34.69 -57.41 -88.42
N HIS C 109 33.38 -57.18 -88.42
CA HIS C 109 32.43 -58.29 -88.39
C HIS C 109 32.48 -59.14 -89.66
N GLU C 110 32.81 -58.53 -90.80
CA GLU C 110 32.89 -59.27 -92.05
C GLU C 110 34.29 -59.76 -92.37
N ASP C 111 35.29 -59.40 -91.56
CA ASP C 111 36.61 -60.00 -91.67
C ASP C 111 36.72 -61.04 -90.55
N PRO C 112 36.35 -62.29 -90.79
CA PRO C 112 36.31 -63.26 -89.69
C PRO C 112 37.66 -63.45 -89.01
N ILE C 113 38.76 -63.17 -89.71
CA ILE C 113 40.08 -63.32 -89.13
C ILE C 113 40.17 -62.54 -87.83
N GLN C 114 39.59 -61.34 -87.82
CA GLN C 114 39.49 -60.54 -86.61
C GLN C 114 38.45 -61.12 -85.66
N ARG C 115 37.27 -61.45 -86.19
CA ARG C 115 36.21 -62.08 -85.42
C ARG C 115 36.70 -63.30 -84.65
N LEU C 116 37.57 -64.11 -85.26
CA LEU C 116 38.06 -65.31 -84.59
C LEU C 116 39.01 -64.95 -83.44
N ASP C 117 40.04 -64.15 -83.72
CA ASP C 117 41.01 -63.78 -82.71
C ASP C 117 40.33 -63.16 -81.49
N ILE C 118 39.06 -62.80 -81.65
CA ILE C 118 38.26 -62.25 -80.55
C ILE C 118 37.47 -63.31 -79.82
N VAL C 119 36.66 -64.08 -80.55
CA VAL C 119 35.78 -65.05 -79.90
C VAL C 119 36.59 -66.05 -79.09
N LYS C 120 37.77 -66.42 -79.59
CA LYS C 120 38.63 -67.30 -78.81
C LYS C 120 38.89 -66.71 -77.43
N ALA C 121 38.85 -65.39 -77.32
CA ALA C 121 39.04 -64.74 -76.03
C ALA C 121 37.78 -64.82 -75.17
N PHE C 122 36.62 -64.48 -75.75
CA PHE C 122 35.37 -64.57 -75.00
C PHE C 122 35.20 -65.94 -74.36
N VAL C 123 35.46 -66.99 -75.14
CA VAL C 123 35.26 -68.36 -74.65
C VAL C 123 36.39 -68.76 -73.72
N LYS C 124 37.63 -68.49 -74.12
CA LYS C 124 38.77 -68.70 -73.24
C LYS C 124 38.51 -68.07 -71.87
N GLY C 125 37.93 -66.88 -71.87
CA GLY C 125 37.58 -66.24 -70.62
C GLY C 125 36.28 -66.73 -70.02
N LYS C 126 35.53 -67.54 -70.77
CA LYS C 126 34.27 -68.09 -70.31
C LYS C 126 34.39 -69.51 -69.78
N VAL C 127 35.00 -70.41 -70.56
CA VAL C 127 35.05 -71.81 -70.13
C VAL C 127 35.98 -71.91 -68.93
N HIS C 128 37.07 -71.15 -68.96
CA HIS C 128 37.93 -71.02 -67.78
C HIS C 128 37.14 -70.56 -66.58
N ASN C 129 36.20 -69.66 -66.81
CA ASN C 129 35.40 -69.12 -65.74
C ASN C 129 34.62 -70.23 -65.08
N GLN C 130 34.32 -71.28 -65.84
CA GLN C 130 33.62 -72.46 -65.33
C GLN C 130 34.54 -73.40 -64.56
N TYR C 131 35.61 -73.89 -65.20
CA TYR C 131 36.53 -74.78 -64.50
C TYR C 131 37.09 -74.12 -63.25
N ASN C 132 37.49 -72.85 -63.35
CA ASN C 132 37.94 -72.13 -62.17
C ASN C 132 36.80 -71.87 -61.20
N LEU C 133 35.55 -72.06 -61.64
CA LEU C 133 34.39 -72.03 -60.75
C LEU C 133 34.20 -73.38 -60.05
N LEU C 134 34.22 -74.46 -60.83
CA LEU C 134 34.01 -75.78 -60.26
C LEU C 134 35.06 -76.10 -59.20
N TYR C 135 36.27 -75.55 -59.33
CA TYR C 135 37.26 -75.68 -58.28
C TYR C 135 36.88 -74.88 -57.04
N ARG C 136 36.16 -73.76 -57.22
CA ARG C 136 35.59 -73.06 -56.07
C ARG C 136 34.62 -73.97 -55.33
N ARG C 137 33.79 -74.71 -56.08
CA ARG C 137 32.80 -75.60 -55.50
C ARG C 137 33.37 -76.92 -55.01
N GLY C 138 34.57 -77.28 -55.44
CA GLY C 138 35.17 -78.55 -55.05
C GLY C 138 34.85 -79.72 -55.95
N GLN C 139 35.32 -79.65 -57.20
CA GLN C 139 35.11 -80.71 -58.17
C GLN C 139 36.48 -81.16 -58.65
N VAL C 140 36.70 -82.46 -58.63
CA VAL C 140 38.04 -83.01 -58.86
C VAL C 140 38.60 -82.58 -60.20
N ASP C 141 38.00 -83.06 -61.26
CA ASP C 141 38.65 -82.90 -62.54
C ASP C 141 37.77 -82.17 -63.53
N ASN C 142 36.54 -82.68 -63.75
CA ASN C 142 35.66 -82.19 -64.80
C ASN C 142 36.56 -81.69 -65.92
N PRO C 143 37.25 -82.57 -66.60
CA PRO C 143 38.34 -82.15 -67.49
C PRO C 143 37.95 -81.00 -68.39
N LEU C 144 38.47 -79.81 -68.12
CA LEU C 144 38.05 -78.66 -68.89
C LEU C 144 39.16 -77.72 -69.32
N LYS C 145 40.27 -77.59 -68.58
CA LYS C 145 41.31 -76.68 -69.05
C LYS C 145 41.83 -77.11 -70.42
N GLY C 146 41.99 -78.42 -70.63
CA GLY C 146 42.30 -78.92 -71.95
C GLY C 146 41.28 -78.27 -72.87
N ARG C 147 39.99 -78.49 -72.59
CA ARG C 147 38.95 -77.87 -73.40
C ARG C 147 39.05 -76.35 -73.43
N GLY C 148 39.35 -75.74 -72.29
CA GLY C 148 39.63 -74.31 -72.29
C GLY C 148 40.65 -73.91 -73.34
N LYS C 149 41.81 -74.56 -73.32
CA LYS C 149 42.92 -74.17 -74.18
C LYS C 149 42.87 -74.91 -75.50
N LEU C 150 41.87 -75.78 -75.66
CA LEU C 150 41.62 -76.38 -76.95
C LEU C 150 41.36 -75.31 -77.99
N VAL C 151 40.42 -74.41 -77.71
CA VAL C 151 39.98 -73.40 -78.66
C VAL C 151 41.12 -72.83 -79.49
N MET C 152 42.19 -72.43 -78.80
CA MET C 152 43.34 -71.82 -79.47
C MET C 152 43.85 -72.65 -80.63
N ARG C 153 43.66 -73.97 -80.63
CA ARG C 153 44.02 -74.75 -81.80
C ARG C 153 42.89 -74.82 -82.84
N GLN C 154 41.97 -73.85 -82.84
CA GLN C 154 40.94 -73.82 -83.86
C GLN C 154 41.08 -72.57 -84.71
N GLN C 155 40.46 -72.63 -85.91
CA GLN C 155 40.59 -71.54 -86.87
C GLN C 155 39.29 -71.22 -87.60
N THR C 156 38.14 -71.63 -87.08
CA THR C 156 36.88 -71.27 -87.71
C THR C 156 35.84 -71.08 -86.61
N LEU C 157 34.66 -70.64 -87.01
CA LEU C 157 33.57 -70.42 -86.08
C LEU C 157 32.78 -71.70 -85.86
N GLU C 158 32.31 -72.33 -86.93
CA GLU C 158 31.54 -73.56 -86.79
C GLU C 158 32.27 -74.60 -85.97
N GLN C 159 33.61 -74.63 -86.07
CA GLN C 159 34.37 -75.50 -85.19
C GLN C 159 34.10 -75.17 -83.72
N VAL C 160 33.81 -73.91 -83.41
CA VAL C 160 33.77 -73.45 -82.02
C VAL C 160 32.37 -73.54 -81.42
N ARG C 161 31.33 -73.11 -82.14
CA ARG C 161 30.00 -73.11 -81.55
C ARG C 161 29.59 -74.49 -81.05
N GLY C 162 30.02 -75.55 -81.74
CA GLY C 162 29.81 -76.88 -81.20
C GLY C 162 30.59 -77.12 -79.93
N ILE C 163 31.69 -76.40 -79.73
CA ILE C 163 32.52 -76.62 -78.57
C ILE C 163 31.89 -76.01 -77.33
N GLU C 164 31.45 -74.76 -77.40
CA GLU C 164 30.79 -74.14 -76.26
C GLU C 164 29.60 -74.98 -75.81
N GLY C 165 28.81 -75.46 -76.76
CA GLY C 165 27.71 -76.36 -76.40
C GLY C 165 28.21 -77.61 -75.73
N LEU C 166 29.39 -78.09 -76.13
CA LEU C 166 29.98 -79.24 -75.48
C LEU C 166 30.42 -78.90 -74.06
N ALA C 167 31.24 -77.87 -73.88
CA ALA C 167 31.66 -77.50 -72.54
C ALA C 167 30.44 -77.21 -71.66
N ALA C 168 29.41 -76.61 -72.24
CA ALA C 168 28.17 -76.37 -71.51
C ALA C 168 27.53 -77.70 -71.12
N ARG C 169 27.44 -78.63 -72.07
CA ARG C 169 26.95 -79.97 -71.76
C ARG C 169 27.86 -80.66 -70.75
N GLU C 170 29.18 -80.47 -70.90
CA GLU C 170 30.13 -80.95 -69.89
C GLU C 170 30.00 -80.17 -68.59
N TYR C 171 29.53 -78.93 -68.69
CA TYR C 171 29.37 -78.07 -67.52
C TYR C 171 28.11 -78.42 -66.75
N PHE C 172 27.06 -78.83 -67.45
CA PHE C 172 25.78 -79.15 -66.83
C PHE C 172 25.66 -80.59 -66.34
N ALA C 173 26.42 -81.54 -66.90
CA ALA C 173 26.35 -82.89 -66.37
C ALA C 173 27.05 -83.03 -65.02
N SER C 174 27.90 -82.07 -64.66
CA SER C 174 28.57 -82.04 -63.37
C SER C 174 27.76 -81.27 -62.33
N TRP C 175 26.47 -81.13 -62.56
CA TRP C 175 25.60 -80.22 -61.82
C TRP C 175 24.86 -80.88 -60.67
N GLN C 176 24.16 -81.98 -60.95
CA GLN C 176 23.42 -82.68 -59.90
C GLN C 176 24.33 -83.07 -58.74
N GLU C 177 25.50 -83.63 -59.04
CA GLU C 177 26.42 -84.04 -57.98
C GLU C 177 26.87 -82.86 -57.14
N MET C 178 26.87 -81.66 -57.72
CA MET C 178 27.31 -80.47 -57.00
C MET C 178 26.18 -79.85 -56.20
N LEU C 179 24.92 -80.10 -56.57
CA LEU C 179 23.78 -79.60 -55.83
C LEU C 179 23.48 -80.52 -54.65
N GLY C 180 23.24 -81.80 -54.92
CA GLY C 180 22.79 -82.73 -53.92
C GLY C 180 21.59 -83.53 -54.39
N HIS C 181 20.78 -84.00 -53.44
CA HIS C 181 19.67 -84.89 -53.74
C HIS C 181 18.33 -84.18 -53.79
N GLU C 182 18.22 -82.99 -53.19
CA GLU C 182 16.93 -82.32 -53.09
C GLU C 182 16.36 -81.96 -54.46
N TRP C 183 17.21 -81.67 -55.44
CA TRP C 183 16.78 -81.25 -56.77
C TRP C 183 17.23 -82.27 -57.81
N THR C 184 16.71 -82.11 -59.03
CA THR C 184 17.08 -82.97 -60.14
C THR C 184 17.49 -82.07 -61.30
N PHE C 185 18.65 -82.34 -61.89
CA PHE C 185 19.10 -81.62 -63.06
C PHE C 185 19.97 -82.52 -63.91
N THR C 186 19.55 -82.77 -65.14
CA THR C 186 20.37 -83.48 -66.12
C THR C 186 20.93 -82.54 -67.19
N GLY C 187 20.12 -81.59 -67.64
CA GLY C 187 20.54 -80.64 -68.67
C GLY C 187 19.62 -79.43 -68.66
N ARG C 188 19.95 -78.48 -69.54
CA ARG C 188 19.20 -77.24 -69.67
C ARG C 188 18.42 -77.24 -70.98
N PHE C 189 17.18 -76.74 -70.90
CA PHE C 189 16.24 -76.73 -72.01
C PHE C 189 15.94 -75.30 -72.45
N ARG C 190 16.13 -75.03 -73.75
CA ARG C 190 15.62 -73.79 -74.35
C ARG C 190 14.10 -73.72 -74.28
N ARG C 191 13.46 -74.83 -73.89
CA ARG C 191 12.02 -74.99 -73.74
C ARG C 191 11.49 -73.98 -72.73
N PRO C 192 10.20 -74.00 -72.43
CA PRO C 192 9.76 -73.50 -71.13
C PRO C 192 10.47 -74.32 -70.07
N PRO C 193 10.64 -73.79 -68.87
CA PRO C 193 11.44 -74.55 -67.90
C PRO C 193 10.73 -75.79 -67.41
N THR C 194 10.81 -76.84 -68.24
CA THR C 194 10.31 -78.15 -67.88
C THR C 194 10.81 -78.58 -66.50
N ASP C 195 11.92 -77.99 -66.05
CA ASP C 195 12.54 -78.12 -64.75
C ASP C 195 12.45 -76.79 -64.01
N PRO C 196 12.20 -76.81 -62.70
CA PRO C 196 12.10 -75.52 -61.98
C PRO C 196 13.36 -74.68 -62.04
N VAL C 197 14.51 -75.29 -61.73
CA VAL C 197 15.76 -74.53 -61.63
C VAL C 197 16.05 -73.81 -62.95
N ASN C 198 15.95 -74.55 -64.07
CA ASN C 198 16.13 -73.90 -65.37
C ASN C 198 15.22 -72.68 -65.51
N ALA C 199 14.08 -72.67 -64.81
CA ALA C 199 13.24 -71.48 -64.80
C ALA C 199 13.93 -70.37 -64.04
N LEU C 200 14.62 -70.75 -62.96
CA LEU C 200 15.40 -69.79 -62.19
C LEU C 200 16.52 -69.22 -63.02
N LEU C 201 17.09 -70.02 -63.92
CA LEU C 201 18.13 -69.54 -64.82
C LEU C 201 17.55 -68.59 -65.86
N SER C 202 16.47 -69.01 -66.54
CA SER C 202 15.74 -68.09 -67.41
C SER C 202 15.35 -66.82 -66.66
N PHE C 203 15.23 -66.90 -65.34
CA PHE C 203 15.01 -65.70 -64.53
C PHE C 203 16.29 -64.88 -64.46
N GLY C 204 17.37 -65.48 -63.96
CA GLY C 204 18.62 -64.76 -63.88
C GLY C 204 19.23 -64.49 -65.24
N TYR C 205 19.35 -65.53 -66.07
CA TYR C 205 19.81 -65.33 -67.43
C TYR C 205 18.91 -64.38 -68.20
N GLY C 206 17.64 -64.28 -67.81
CA GLY C 206 16.74 -63.36 -68.47
C GLY C 206 16.96 -61.93 -68.00
N LEU C 207 17.02 -61.73 -66.70
CA LEU C 207 17.29 -60.41 -66.15
C LEU C 207 18.74 -59.98 -66.25
N LEU C 208 19.66 -60.85 -66.68
CA LEU C 208 21.05 -60.42 -66.78
C LEU C 208 21.25 -59.44 -67.93
N ARG C 209 20.49 -59.59 -69.01
CA ARG C 209 20.55 -58.61 -70.09
C ARG C 209 20.38 -57.19 -69.58
N THR C 210 19.70 -57.01 -68.43
CA THR C 210 19.38 -55.67 -67.98
C THR C 210 20.63 -54.83 -67.77
N GLN C 211 21.60 -55.35 -67.02
CA GLN C 211 22.83 -54.61 -66.78
C GLN C 211 23.75 -54.63 -67.98
N VAL C 212 23.62 -55.67 -68.83
CA VAL C 212 24.42 -55.75 -70.05
C VAL C 212 23.83 -54.88 -71.14
N THR C 213 22.52 -54.97 -71.36
CA THR C 213 21.86 -54.17 -72.37
C THR C 213 22.09 -52.68 -72.19
N ALA C 214 22.49 -52.25 -70.98
CA ALA C 214 22.80 -50.85 -70.72
C ALA C 214 24.25 -50.51 -71.04
N ALA C 215 25.19 -51.36 -70.61
CA ALA C 215 26.61 -51.07 -70.83
C ALA C 215 26.89 -50.83 -72.31
N VAL C 216 26.22 -51.57 -73.19
CA VAL C 216 26.41 -51.36 -74.62
C VAL C 216 25.93 -49.98 -75.01
N HIS C 217 24.78 -49.57 -74.47
CA HIS C 217 24.25 -48.23 -74.72
C HIS C 217 25.19 -47.15 -74.21
N ILE C 218 26.06 -47.47 -73.25
CA ILE C 218 27.03 -46.50 -72.76
C ILE C 218 28.20 -46.37 -73.73
N ALA C 219 28.72 -47.48 -74.24
CA ALA C 219 29.80 -47.44 -75.21
C ALA C 219 29.33 -47.04 -76.59
N GLY C 220 28.03 -46.91 -76.80
CA GLY C 220 27.50 -46.59 -78.11
C GLY C 220 27.50 -47.74 -79.09
N LEU C 221 27.70 -48.97 -78.60
CA LEU C 221 27.75 -50.12 -79.47
C LEU C 221 26.35 -50.50 -79.93
N ASP C 222 26.30 -51.16 -81.08
CA ASP C 222 25.04 -51.69 -81.60
C ASP C 222 24.83 -53.10 -81.06
N PRO C 223 23.85 -53.34 -80.21
CA PRO C 223 23.69 -54.70 -79.66
C PRO C 223 23.47 -55.73 -80.74
N TYR C 224 22.87 -55.34 -81.87
CA TYR C 224 22.49 -56.27 -82.92
C TYR C 224 23.65 -56.74 -83.79
N ILE C 225 24.87 -56.25 -83.59
CA ILE C 225 26.02 -56.72 -84.35
C ILE C 225 26.98 -57.35 -83.37
N GLY C 226 27.11 -58.68 -83.44
CA GLY C 226 27.98 -59.41 -82.55
C GLY C 226 28.95 -60.26 -83.34
N PHE C 227 29.71 -61.11 -82.64
CA PHE C 227 30.73 -61.95 -83.26
C PHE C 227 30.40 -63.43 -83.21
N LEU C 228 29.65 -63.88 -82.20
CA LEU C 228 29.19 -65.26 -82.17
C LEU C 228 27.80 -65.44 -82.78
N HIS C 229 26.80 -64.79 -82.18
CA HIS C 229 25.43 -64.91 -82.67
C HIS C 229 25.31 -64.06 -83.92
N GLU C 230 25.36 -64.71 -85.08
CA GLU C 230 25.21 -63.96 -86.32
C GLU C 230 23.86 -63.28 -86.32
N THR C 231 23.83 -61.98 -86.57
CA THR C 231 22.58 -61.23 -86.45
C THR C 231 21.74 -61.56 -87.69
N THR C 232 21.22 -62.78 -87.67
CA THR C 232 20.36 -63.28 -88.73
C THR C 232 19.13 -63.98 -88.15
N ARG C 233 18.98 -64.00 -86.83
CA ARG C 233 17.79 -64.50 -86.15
C ARG C 233 17.05 -63.37 -85.44
N GLY C 234 17.42 -62.12 -85.73
CA GLY C 234 16.87 -60.95 -85.08
C GLY C 234 17.12 -60.86 -83.59
N GLN C 235 18.20 -61.46 -83.11
CA GLN C 235 18.59 -61.39 -81.71
C GLN C 235 19.87 -60.58 -81.58
N PRO C 236 19.97 -59.66 -80.63
CA PRO C 236 21.21 -58.89 -80.49
C PRO C 236 22.35 -59.85 -80.18
N ALA C 237 23.57 -59.41 -80.47
CA ALA C 237 24.69 -60.31 -80.34
C ALA C 237 25.85 -59.73 -79.52
N MET C 238 26.06 -58.42 -79.58
CA MET C 238 27.04 -57.82 -78.67
C MET C 238 26.65 -58.05 -77.23
N ILE C 239 25.36 -58.25 -76.97
CA ILE C 239 24.91 -58.58 -75.63
C ILE C 239 25.22 -60.04 -75.31
N LEU C 240 24.69 -60.96 -76.11
CA LEU C 240 24.88 -62.38 -75.79
C LEU C 240 26.33 -62.79 -75.93
N ASP C 241 27.02 -62.26 -76.95
CA ASP C 241 28.45 -62.49 -77.07
C ASP C 241 29.16 -62.02 -75.80
N LEU C 242 28.70 -60.91 -75.22
CA LEU C 242 29.23 -60.41 -73.97
C LEU C 242 28.57 -61.10 -72.77
N MET C 243 27.24 -61.25 -72.83
CA MET C 243 26.49 -61.85 -71.74
C MET C 243 26.99 -63.26 -71.42
N GLU C 244 27.61 -63.91 -72.41
CA GLU C 244 28.05 -65.29 -72.23
C GLU C 244 29.10 -65.39 -71.13
N GLU C 245 30.03 -64.44 -71.10
CA GLU C 245 31.11 -64.47 -70.10
C GLU C 245 30.59 -64.41 -68.68
N PHE C 246 29.34 -63.99 -68.47
CA PHE C 246 28.81 -63.78 -67.14
C PHE C 246 27.72 -64.77 -66.73
N ARG C 247 27.13 -65.49 -67.68
CA ARG C 247 26.12 -66.48 -67.31
C ARG C 247 26.65 -67.48 -66.27
N ALA C 248 27.93 -67.82 -66.34
CA ALA C 248 28.45 -68.92 -65.53
C ALA C 248 28.94 -68.53 -64.15
N LEU C 249 29.22 -67.25 -63.88
CA LEU C 249 29.87 -66.88 -62.64
C LEU C 249 29.07 -65.96 -61.73
N VAL C 250 28.11 -65.21 -62.24
CA VAL C 250 27.33 -64.27 -61.43
C VAL C 250 25.91 -64.78 -61.25
N ALA C 251 25.21 -65.07 -62.33
CA ALA C 251 23.88 -65.66 -62.20
C ALA C 251 24.00 -67.15 -61.91
N ASP C 252 25.06 -67.78 -62.42
CA ASP C 252 25.26 -69.21 -62.21
C ASP C 252 25.92 -69.50 -60.86
N SER C 253 26.74 -68.58 -60.35
CA SER C 253 27.26 -68.73 -59.00
C SER C 253 26.23 -68.30 -57.96
N VAL C 254 25.36 -67.34 -58.32
CA VAL C 254 24.35 -66.84 -57.39
C VAL C 254 23.37 -67.95 -57.01
N VAL C 255 22.89 -68.70 -58.01
CA VAL C 255 21.87 -69.73 -57.73
C VAL C 255 22.39 -70.69 -56.67
N LEU C 256 23.63 -71.16 -56.86
CA LEU C 256 24.23 -72.09 -55.93
C LEU C 256 24.51 -71.43 -54.58
N THR C 257 24.47 -70.11 -54.53
CA THR C 257 24.64 -69.38 -53.28
C THR C 257 23.36 -69.29 -52.47
N VAL C 258 22.19 -69.44 -53.11
CA VAL C 258 20.93 -69.38 -52.38
C VAL C 258 20.37 -70.79 -52.14
N LEU C 259 20.70 -71.74 -53.03
CA LEU C 259 20.23 -73.11 -52.86
C LEU C 259 21.10 -73.93 -51.92
N LYS C 260 22.07 -73.30 -51.26
CA LYS C 260 22.78 -73.93 -50.15
C LYS C 260 22.29 -73.39 -48.81
N GLN C 261 21.48 -72.33 -48.81
CA GLN C 261 20.93 -71.77 -47.58
C GLN C 261 19.44 -71.55 -47.66
N ARG C 262 18.92 -71.20 -48.83
CA ARG C 262 17.56 -70.69 -48.95
C ARG C 262 16.78 -71.41 -50.03
N GLU C 263 15.48 -71.07 -50.08
CA GLU C 263 14.53 -71.57 -51.07
C GLU C 263 14.82 -72.99 -51.51
N ILE C 264 15.05 -73.89 -50.55
CA ILE C 264 15.34 -75.27 -50.89
C ILE C 264 14.19 -75.90 -51.67
N GLN C 265 12.97 -75.58 -51.28
CA GLN C 265 11.75 -76.08 -51.91
C GLN C 265 10.60 -75.26 -51.35
N ARG C 266 9.37 -75.71 -51.59
CA ARG C 266 8.14 -75.14 -51.03
C ARG C 266 7.81 -73.78 -51.62
N GLN C 267 8.75 -73.19 -52.34
CA GLN C 267 8.59 -71.83 -52.85
C GLN C 267 8.41 -71.79 -54.36
N ASP C 268 8.14 -72.92 -54.98
CA ASP C 268 7.84 -72.98 -56.40
C ASP C 268 6.37 -73.32 -56.61
N PHE C 269 5.90 -73.13 -57.83
CA PHE C 269 4.53 -73.41 -58.19
C PHE C 269 4.51 -73.98 -59.61
N THR C 270 3.67 -74.98 -59.82
CA THR C 270 3.52 -75.62 -61.12
C THR C 270 2.07 -75.55 -61.55
N GLU C 271 1.82 -75.22 -62.84
CA GLU C 271 0.43 -75.02 -63.25
C GLU C 271 0.24 -75.05 -64.77
N SER C 272 -0.69 -75.88 -65.23
CA SER C 272 -1.24 -75.82 -66.60
C SER C 272 -0.24 -76.28 -67.67
N LEU C 273 1.02 -76.44 -67.29
CA LEU C 273 2.05 -76.93 -68.22
C LEU C 273 3.06 -77.80 -67.51
N GLY C 274 2.88 -78.09 -66.23
CA GLY C 274 4.01 -78.34 -65.36
C GLY C 274 4.54 -76.96 -65.01
N ALA C 275 5.21 -76.34 -65.98
CA ALA C 275 5.48 -74.91 -65.98
C ALA C 275 5.83 -74.42 -64.58
N PHE C 276 6.93 -74.96 -64.06
CA PHE C 276 7.29 -74.70 -62.67
C PHE C 276 7.69 -73.24 -62.49
N ARG C 277 6.69 -72.42 -62.18
CA ARG C 277 6.85 -71.01 -61.89
C ARG C 277 7.33 -70.81 -60.46
N LEU C 278 7.72 -69.58 -60.14
CA LEU C 278 8.14 -69.27 -58.78
C LEU C 278 6.96 -68.73 -57.99
N THR C 279 7.11 -68.75 -56.67
CA THR C 279 6.16 -68.12 -55.77
C THR C 279 6.55 -66.67 -55.50
N ASP C 280 5.55 -65.82 -55.30
CA ASP C 280 5.80 -64.45 -54.87
C ASP C 280 6.37 -64.45 -53.45
N SER C 281 7.09 -63.39 -53.12
CA SER C 281 7.72 -63.21 -51.81
C SER C 281 8.95 -64.10 -51.68
N ALA C 282 9.12 -65.04 -52.61
CA ALA C 282 10.37 -65.76 -52.78
C ALA C 282 11.22 -65.05 -53.83
N THR C 283 10.56 -64.51 -54.85
CA THR C 283 11.23 -63.65 -55.82
C THR C 283 11.93 -62.50 -55.11
N LYS C 284 11.29 -61.92 -54.10
CA LYS C 284 11.83 -60.75 -53.42
C LYS C 284 13.07 -61.09 -52.61
N THR C 285 13.23 -62.34 -52.21
CA THR C 285 14.45 -62.78 -51.55
C THR C 285 15.53 -63.09 -52.58
N PHE C 286 15.13 -63.58 -53.75
CA PHE C 286 16.07 -63.89 -54.82
C PHE C 286 16.94 -62.69 -55.16
N LEU C 287 16.32 -61.53 -55.34
CA LEU C 287 17.06 -60.35 -55.81
C LEU C 287 17.99 -59.82 -54.73
N GLY C 288 17.60 -59.97 -53.46
CA GLY C 288 18.46 -59.50 -52.39
C GLY C 288 19.88 -60.00 -52.55
N ALA C 289 20.03 -61.27 -52.96
CA ALA C 289 21.35 -61.80 -53.26
C ALA C 289 21.89 -61.25 -54.57
N PHE C 290 21.01 -60.92 -55.54
CA PHE C 290 21.50 -60.44 -56.82
C PHE C 290 22.15 -59.07 -56.67
N ASP C 291 21.48 -58.14 -55.99
CA ASP C 291 22.13 -56.86 -55.71
C ASP C 291 23.23 -57.03 -54.67
N ARG C 292 23.07 -57.99 -53.75
CA ARG C 292 24.18 -58.36 -52.89
C ARG C 292 25.36 -58.80 -53.72
N LYS C 293 25.10 -59.66 -54.72
CA LYS C 293 26.16 -60.11 -55.60
C LYS C 293 26.77 -58.92 -56.33
N LEU C 294 25.93 -58.00 -56.82
CA LEU C 294 26.40 -56.83 -57.54
C LEU C 294 26.94 -55.75 -56.62
N SER C 295 27.04 -56.03 -55.31
CA SER C 295 27.64 -55.12 -54.34
C SER C 295 28.96 -55.72 -53.86
N SER C 296 29.55 -56.56 -54.72
CA SER C 296 30.75 -57.34 -54.44
C SER C 296 31.95 -56.61 -55.02
N GLU C 297 33.14 -56.98 -54.53
CA GLU C 297 34.37 -56.29 -54.90
C GLU C 297 35.33 -57.11 -55.75
N PHE C 298 35.77 -58.27 -55.26
CA PHE C 298 36.60 -59.25 -55.97
C PHE C 298 37.93 -58.68 -56.46
N LYS C 299 38.21 -57.41 -56.19
CA LYS C 299 39.52 -56.80 -56.42
C LYS C 299 39.99 -56.81 -57.88
N HIS C 300 39.17 -57.27 -58.83
CA HIS C 300 39.56 -57.20 -60.23
C HIS C 300 40.85 -57.96 -60.52
N PRO C 301 40.86 -59.29 -60.55
CA PRO C 301 42.13 -60.02 -60.65
C PRO C 301 42.86 -59.82 -61.97
N ILE C 302 43.06 -58.57 -62.36
CA ILE C 302 44.01 -58.20 -63.40
C ILE C 302 44.95 -57.16 -62.81
N PHE C 303 44.38 -56.06 -62.35
CA PHE C 303 45.02 -55.03 -61.54
C PHE C 303 44.40 -55.07 -60.14
N ASN C 304 44.78 -54.12 -59.29
CA ASN C 304 44.13 -53.99 -57.99
C ASN C 304 42.95 -53.03 -58.02
N TYR C 305 42.30 -52.90 -59.20
CA TYR C 305 41.14 -52.03 -59.35
C TYR C 305 40.16 -52.13 -58.18
N LYS C 306 39.71 -53.34 -57.86
CA LYS C 306 38.71 -53.53 -56.81
C LYS C 306 37.35 -53.02 -57.25
N CYS C 307 37.05 -53.11 -58.54
CA CYS C 307 35.73 -52.76 -59.06
C CYS C 307 34.70 -53.84 -58.73
N THR C 308 33.46 -53.41 -58.56
CA THR C 308 32.35 -54.34 -58.37
C THR C 308 32.00 -55.06 -59.67
N TYR C 309 31.24 -56.16 -59.53
CA TYR C 309 30.73 -56.84 -60.72
C TYR C 309 29.91 -55.89 -61.57
N ARG C 310 28.99 -55.16 -60.94
CA ARG C 310 28.11 -54.26 -61.66
C ARG C 310 28.88 -53.34 -62.60
N ARG C 311 30.04 -52.85 -62.17
CA ARG C 311 30.81 -51.93 -62.99
C ARG C 311 31.62 -52.67 -64.04
N ALA C 312 32.15 -53.85 -63.70
CA ALA C 312 32.99 -54.60 -64.63
C ALA C 312 32.36 -54.71 -66.02
N ILE C 313 31.04 -54.75 -66.10
CA ILE C 313 30.38 -54.86 -67.40
C ILE C 313 30.55 -53.58 -68.19
N GLU C 314 30.15 -52.45 -67.61
CA GLU C 314 30.42 -51.15 -68.21
C GLU C 314 31.88 -51.04 -68.64
N LEU C 315 32.78 -51.63 -67.85
CA LEU C 315 34.20 -51.55 -68.15
C LEU C 315 34.57 -52.39 -69.37
N GLN C 316 34.26 -53.69 -69.33
CA GLN C 316 34.59 -54.58 -70.45
C GLN C 316 34.05 -54.02 -71.76
N ALA C 317 32.84 -53.46 -71.73
CA ALA C 317 32.28 -52.85 -72.94
C ALA C 317 33.10 -51.65 -73.39
N ARG C 318 33.36 -50.69 -72.50
CA ARG C 318 34.21 -49.56 -72.86
C ARG C 318 35.59 -50.05 -73.28
N LEU C 319 36.12 -51.04 -72.56
CA LEU C 319 37.37 -51.67 -72.95
C LEU C 319 37.30 -52.20 -74.37
N LEU C 320 36.16 -52.78 -74.75
CA LEU C 320 36.05 -53.42 -76.05
C LEU C 320 36.17 -52.40 -77.18
N ALA C 321 35.50 -51.25 -77.04
CA ALA C 321 35.66 -50.18 -78.02
C ALA C 321 37.13 -49.86 -78.24
N ARG C 322 37.89 -49.78 -77.16
CA ARG C 322 39.31 -49.46 -77.25
C ARG C 322 40.08 -50.55 -77.99
N HIS C 323 39.69 -51.81 -77.82
CA HIS C 323 40.24 -52.86 -78.67
C HIS C 323 40.01 -52.56 -80.14
N LEU C 324 38.96 -51.80 -80.45
CA LEU C 324 38.50 -51.54 -81.81
C LEU C 324 39.03 -50.23 -82.36
N GLN C 325 39.14 -49.20 -81.54
CA GLN C 325 39.64 -47.90 -81.94
C GLN C 325 41.12 -47.71 -81.65
N GLU C 326 41.59 -48.24 -80.52
CA GLU C 326 42.95 -48.07 -80.07
C GLU C 326 43.77 -49.34 -80.20
N GLY C 327 43.15 -50.48 -80.49
CA GLY C 327 43.88 -51.71 -80.70
C GLY C 327 44.33 -52.39 -79.44
N VAL C 328 43.72 -52.08 -78.30
CA VAL C 328 44.16 -52.66 -77.05
C VAL C 328 43.77 -54.13 -77.00
N VAL C 329 44.39 -54.86 -76.08
CA VAL C 329 44.03 -56.25 -75.85
C VAL C 329 42.74 -56.29 -75.04
N TYR C 330 41.98 -57.36 -75.23
CA TYR C 330 40.78 -57.63 -74.44
C TYR C 330 41.01 -58.91 -73.64
N GLU C 331 41.54 -58.77 -72.42
CA GLU C 331 41.68 -59.94 -71.56
C GLU C 331 40.40 -60.10 -70.77
N PRO C 332 39.53 -61.07 -71.10
CA PRO C 332 38.25 -61.19 -70.41
C PRO C 332 38.43 -61.58 -68.96
N LEU C 333 37.33 -61.73 -68.23
CA LEU C 333 37.39 -61.98 -66.80
C LEU C 333 37.50 -63.47 -66.50
N VAL C 334 38.51 -63.81 -65.71
CA VAL C 334 38.78 -65.18 -65.29
C VAL C 334 39.11 -65.13 -63.81
N ILE C 335 38.56 -66.05 -63.03
CA ILE C 335 38.72 -66.03 -61.58
C ILE C 335 38.92 -67.45 -61.07
N ARG C 336 39.97 -67.66 -60.29
CA ARG C 336 40.29 -68.96 -59.73
C ARG C 336 40.25 -68.92 -58.20
N MET D 12 -0.94 -54.69 -92.33
CA MET D 12 0.07 -53.72 -92.73
C MET D 12 0.08 -52.49 -91.82
N SER D 13 -1.11 -52.03 -91.46
CA SER D 13 -1.26 -50.77 -90.74
C SER D 13 -0.46 -50.77 -89.44
N THR D 14 -0.18 -49.56 -88.96
CA THR D 14 0.57 -49.29 -87.75
C THR D 14 -0.30 -48.40 -86.86
N LEU D 15 0.09 -48.25 -85.59
CA LEU D 15 -0.76 -47.56 -84.63
C LEU D 15 -0.20 -46.22 -84.19
N TYR D 16 -1.09 -45.23 -84.11
CA TYR D 16 -0.78 -43.86 -83.73
C TYR D 16 -1.75 -43.41 -82.65
N LEU D 17 -1.27 -42.56 -81.74
CA LEU D 17 -2.14 -41.98 -80.71
C LEU D 17 -1.72 -40.54 -80.47
N THR D 18 -2.70 -39.63 -80.54
CA THR D 18 -2.45 -38.19 -80.44
C THR D 18 -2.91 -37.58 -79.12
N GLN D 19 -3.97 -38.10 -78.52
CA GLN D 19 -4.62 -37.42 -77.39
C GLN D 19 -4.03 -37.89 -76.08
N PRO D 20 -3.64 -36.96 -75.18
CA PRO D 20 -3.18 -37.37 -73.84
C PRO D 20 -4.35 -37.69 -72.93
N ASP D 21 -5.51 -37.93 -73.55
CA ASP D 21 -6.75 -38.29 -72.86
C ASP D 21 -7.13 -39.74 -73.16
N ALA D 22 -6.19 -40.52 -73.66
CA ALA D 22 -6.42 -41.89 -74.12
C ALA D 22 -5.85 -42.91 -73.15
N VAL D 23 -6.63 -43.93 -72.84
CA VAL D 23 -6.19 -45.07 -72.05
C VAL D 23 -6.11 -46.27 -72.98
N LEU D 24 -5.01 -46.99 -72.92
CA LEU D 24 -4.82 -48.20 -73.72
C LEU D 24 -4.78 -49.40 -72.79
N SER D 25 -5.68 -50.35 -73.02
CA SER D 25 -5.72 -51.58 -72.24
C SER D 25 -5.69 -52.79 -73.17
N LYS D 26 -5.46 -53.95 -72.56
CA LYS D 26 -5.55 -55.24 -73.21
C LYS D 26 -6.82 -55.89 -72.70
N LYS D 27 -7.68 -56.34 -73.60
CA LYS D 27 -8.87 -57.09 -73.23
C LYS D 27 -8.84 -58.48 -73.87
N HIS D 28 -8.71 -59.50 -73.03
CA HIS D 28 -8.76 -60.89 -73.47
C HIS D 28 -8.13 -61.13 -74.83
N GLU D 29 -6.81 -60.94 -74.91
CA GLU D 29 -5.93 -61.30 -76.02
C GLU D 29 -5.89 -60.25 -77.13
N ALA D 30 -6.52 -59.10 -76.94
CA ALA D 30 -6.62 -58.09 -77.97
C ALA D 30 -6.65 -56.73 -77.29
N PHE D 31 -6.49 -55.67 -78.10
CA PHE D 31 -6.33 -54.34 -77.55
C PHE D 31 -7.66 -53.62 -77.44
N HIS D 32 -7.71 -52.66 -76.51
CA HIS D 32 -8.87 -51.79 -76.32
C HIS D 32 -8.38 -50.37 -76.16
N VAL D 33 -8.71 -49.51 -77.12
CA VAL D 33 -8.43 -48.09 -77.04
C VAL D 33 -9.66 -47.41 -76.46
N ALA D 34 -9.44 -46.47 -75.53
CA ALA D 34 -10.53 -45.77 -74.87
C ALA D 34 -10.31 -44.27 -74.99
N LEU D 35 -11.00 -43.64 -75.92
CA LEU D 35 -10.90 -42.20 -76.14
C LEU D 35 -12.09 -41.48 -75.50
N LYS D 36 -11.99 -40.16 -75.49
CA LYS D 36 -12.95 -39.25 -74.90
C LYS D 36 -12.55 -37.87 -75.39
N GLN D 37 -13.53 -36.99 -75.60
CA GLN D 37 -13.16 -35.69 -76.16
C GLN D 37 -14.23 -34.64 -75.88
N GLU D 38 -14.09 -33.49 -76.53
CA GLU D 38 -15.03 -32.39 -76.42
C GLU D 38 -16.45 -32.87 -76.66
N ASP D 39 -17.32 -32.61 -75.68
CA ASP D 39 -18.70 -33.06 -75.75
C ASP D 39 -18.78 -34.56 -76.02
N GLY D 40 -18.05 -35.31 -75.21
CA GLY D 40 -18.00 -36.74 -75.38
C GLY D 40 -17.41 -37.41 -74.16
N SER D 41 -17.14 -38.70 -74.31
CA SER D 41 -16.64 -39.50 -73.20
C SER D 41 -15.94 -40.72 -73.79
N TRP D 42 -15.72 -41.74 -72.97
CA TRP D 42 -15.11 -42.99 -73.39
C TRP D 42 -15.71 -43.45 -74.71
N LYS D 43 -14.92 -43.39 -75.78
CA LYS D 43 -15.37 -43.73 -77.14
C LYS D 43 -14.59 -44.95 -77.61
N LYS D 44 -14.75 -46.03 -76.87
CA LYS D 44 -14.09 -47.31 -77.09
C LYS D 44 -14.07 -47.86 -78.51
N GLN D 45 -13.01 -48.63 -78.81
CA GLN D 45 -12.81 -49.30 -80.09
C GLN D 45 -11.86 -50.48 -79.91
N PRO D 46 -12.32 -51.71 -80.09
CA PRO D 46 -11.40 -52.85 -79.96
C PRO D 46 -10.43 -52.89 -81.14
N ILE D 47 -9.30 -53.54 -80.93
CA ILE D 47 -8.27 -53.57 -81.98
C ILE D 47 -7.59 -54.93 -82.07
N PRO D 48 -7.32 -55.42 -83.28
CA PRO D 48 -6.56 -56.65 -83.45
C PRO D 48 -5.05 -56.42 -83.49
N ALA D 49 -4.32 -57.51 -83.33
CA ALA D 49 -2.88 -57.57 -83.50
C ALA D 49 -2.60 -58.15 -84.89
N GLN D 50 -1.37 -58.61 -85.12
CA GLN D 50 -0.97 -59.33 -86.33
C GLN D 50 -1.09 -58.53 -87.62
N THR D 51 -1.63 -57.31 -87.53
CA THR D 51 -1.55 -56.37 -88.65
C THR D 51 -0.46 -55.33 -88.41
N LEU D 52 -0.02 -55.22 -87.15
CA LEU D 52 0.84 -54.15 -86.68
C LEU D 52 2.31 -54.55 -86.77
N GLU D 53 3.17 -53.55 -86.96
CA GLU D 53 4.60 -53.73 -86.83
C GLU D 53 5.23 -52.62 -85.99
N ASP D 54 4.43 -51.68 -85.49
CA ASP D 54 4.94 -50.52 -84.76
C ASP D 54 3.77 -49.85 -84.07
N ILE D 55 4.07 -49.16 -82.97
CA ILE D 55 3.09 -48.39 -82.21
C ILE D 55 3.66 -47.00 -81.98
N VAL D 56 2.78 -46.01 -81.93
CA VAL D 56 3.19 -44.62 -81.76
C VAL D 56 2.27 -43.95 -80.75
N LEU D 57 2.87 -43.36 -79.71
CA LEU D 57 2.17 -42.59 -78.70
C LEU D 57 2.69 -41.16 -78.82
N LEU D 58 1.78 -40.20 -78.98
CA LEU D 58 2.19 -38.84 -79.31
C LEU D 58 2.22 -37.94 -78.08
N GLY D 59 1.10 -37.84 -77.36
CA GLY D 59 1.12 -36.99 -76.18
C GLY D 59 1.79 -37.74 -75.04
N TYR D 60 1.16 -37.78 -73.88
CA TYR D 60 1.64 -38.57 -72.75
C TYR D 60 0.45 -39.31 -72.13
N PRO D 61 -0.24 -40.15 -72.91
CA PRO D 61 -1.41 -40.84 -72.38
C PRO D 61 -1.02 -41.92 -71.38
N SER D 62 -2.01 -42.34 -70.61
CA SER D 62 -1.81 -43.46 -69.71
C SER D 62 -1.91 -44.74 -70.52
N ILE D 63 -1.13 -45.74 -70.13
CA ILE D 63 -1.06 -47.00 -70.85
C ILE D 63 -1.09 -48.15 -69.85
N THR D 64 -1.77 -49.22 -70.22
CA THR D 64 -1.73 -50.45 -69.44
C THR D 64 -0.39 -51.15 -69.59
N GLY D 65 0.24 -51.48 -68.46
CA GLY D 65 1.44 -52.29 -68.51
C GLY D 65 1.16 -53.66 -69.10
N GLU D 66 -0.02 -54.21 -68.84
CA GLU D 66 -0.41 -55.50 -69.41
C GLU D 66 -0.36 -55.47 -70.94
N ALA D 67 -0.37 -54.28 -71.55
CA ALA D 67 -0.31 -54.19 -73.00
C ALA D 67 1.12 -54.33 -73.50
N LEU D 68 2.08 -53.71 -72.80
CA LEU D 68 3.47 -53.80 -73.23
C LEU D 68 3.94 -55.26 -73.24
N GLY D 69 3.73 -55.97 -72.14
CA GLY D 69 4.07 -57.38 -72.07
C GLY D 69 3.37 -58.25 -73.10
N TYR D 70 2.27 -57.76 -73.68
CA TYR D 70 1.64 -58.46 -74.79
C TYR D 70 2.26 -58.04 -76.11
N ALA D 71 2.72 -56.79 -76.19
CA ALA D 71 3.43 -56.32 -77.38
C ALA D 71 4.87 -56.80 -77.38
N LEU D 72 5.49 -56.85 -76.19
CA LEU D 72 6.91 -57.16 -76.08
C LEU D 72 7.20 -58.66 -75.97
N GLU D 73 6.20 -59.47 -75.65
CA GLU D 73 6.24 -60.91 -75.91
C GLU D 73 5.92 -61.20 -77.36
N LEU D 74 5.71 -60.15 -78.16
CA LEU D 74 5.16 -60.26 -79.51
C LEU D 74 5.99 -59.57 -80.58
N GLY D 75 6.97 -58.76 -80.21
CA GLY D 75 7.85 -58.11 -81.17
C GLY D 75 7.39 -56.77 -81.70
N LEU D 76 6.75 -55.97 -80.87
CA LEU D 76 6.23 -54.65 -81.30
C LEU D 76 6.93 -53.52 -80.56
N PRO D 77 7.79 -52.74 -81.22
CA PRO D 77 8.36 -51.57 -80.55
C PRO D 77 7.28 -50.57 -80.16
N VAL D 78 7.54 -49.85 -79.07
CA VAL D 78 6.61 -48.83 -78.54
C VAL D 78 7.39 -47.53 -78.36
N HIS D 79 6.89 -46.47 -78.97
CA HIS D 79 7.57 -45.18 -78.98
C HIS D 79 6.74 -44.13 -78.25
N TYR D 80 7.44 -43.24 -77.54
CA TYR D 80 6.83 -42.16 -76.77
C TYR D 80 7.33 -40.84 -77.34
N LEU D 81 6.40 -39.90 -77.54
CA LEU D 81 6.73 -38.59 -78.08
C LEU D 81 5.89 -37.55 -77.35
N THR D 82 5.90 -36.32 -77.85
CA THR D 82 5.02 -35.25 -77.40
C THR D 82 4.02 -34.98 -78.51
N GLN D 83 2.90 -34.34 -78.16
CA GLN D 83 1.90 -34.00 -79.16
C GLN D 83 2.54 -33.40 -80.41
N PHE D 84 3.67 -32.72 -80.23
CA PHE D 84 4.38 -32.07 -81.32
C PHE D 84 5.21 -33.03 -82.17
N GLY D 85 5.60 -34.18 -81.62
CA GLY D 85 6.42 -35.14 -82.34
C GLY D 85 7.86 -35.23 -81.88
N LYS D 86 8.24 -34.50 -80.82
CA LYS D 86 9.59 -34.59 -80.30
C LYS D 86 9.82 -35.94 -79.66
N TYR D 87 10.98 -36.53 -79.94
CA TYR D 87 11.29 -37.87 -79.42
C TYR D 87 11.87 -37.81 -78.02
N VAL D 88 11.38 -38.71 -77.16
CA VAL D 88 11.85 -38.83 -75.79
C VAL D 88 12.44 -40.20 -75.52
N GLY D 89 11.82 -41.25 -76.04
CA GLY D 89 12.29 -42.61 -75.81
C GLY D 89 11.36 -43.59 -76.46
N SER D 90 11.79 -44.85 -76.47
CA SER D 90 11.03 -45.92 -77.09
C SER D 90 11.33 -47.21 -76.34
N ALA D 91 10.36 -48.12 -76.35
CA ALA D 91 10.48 -49.39 -75.66
C ALA D 91 10.74 -50.47 -76.70
N LEU D 92 11.89 -51.14 -76.58
CA LEU D 92 12.30 -52.07 -77.61
C LEU D 92 12.24 -53.49 -77.08
N PRO D 93 11.81 -54.45 -77.89
CA PRO D 93 11.76 -55.84 -77.41
C PRO D 93 13.07 -56.59 -77.59
N SER D 94 13.08 -57.86 -77.20
CA SER D 94 14.24 -58.71 -77.46
C SER D 94 14.46 -58.85 -78.96
N GLU D 95 13.45 -59.35 -79.67
CA GLU D 95 13.58 -59.76 -81.05
C GLU D 95 13.27 -58.60 -81.98
N SER D 96 14.09 -58.45 -83.02
CA SER D 96 13.88 -57.40 -84.00
C SER D 96 14.69 -57.72 -85.25
N ARG D 97 14.23 -57.19 -86.37
CA ARG D 97 14.85 -57.42 -87.68
C ARG D 97 15.64 -56.19 -88.09
N ASN D 98 16.25 -55.53 -87.11
CA ASN D 98 17.02 -54.32 -87.31
C ASN D 98 18.50 -54.59 -87.49
N GLY D 99 18.96 -55.83 -87.30
CA GLY D 99 20.36 -56.13 -87.54
C GLY D 99 20.71 -56.07 -89.02
N GLN D 100 19.96 -56.79 -89.85
CA GLN D 100 20.17 -56.69 -91.30
C GLN D 100 20.08 -55.22 -91.73
N LEU D 101 19.18 -54.47 -91.10
CA LEU D 101 19.04 -53.05 -91.40
C LEU D 101 20.34 -52.32 -91.12
N ARG D 102 20.83 -52.39 -89.88
CA ARG D 102 22.05 -51.69 -89.54
C ARG D 102 23.21 -52.16 -90.41
N LEU D 103 23.14 -53.42 -90.85
CA LEU D 103 24.17 -53.94 -91.75
C LEU D 103 24.06 -53.28 -93.12
N ALA D 104 22.88 -53.34 -93.73
CA ALA D 104 22.68 -52.65 -94.99
C ALA D 104 22.97 -51.16 -94.83
N GLN D 105 22.50 -50.57 -93.73
CA GLN D 105 22.87 -49.20 -93.39
C GLN D 105 24.38 -49.00 -93.40
N PHE D 106 25.13 -50.03 -92.99
CA PHE D 106 26.59 -49.95 -92.99
C PHE D 106 27.19 -50.49 -94.29
N ARG D 107 26.77 -51.71 -94.68
CA ARG D 107 27.21 -52.28 -95.95
C ARG D 107 27.02 -51.29 -97.09
N ALA D 108 26.07 -50.37 -96.95
CA ALA D 108 25.83 -49.34 -97.96
C ALA D 108 26.73 -48.12 -97.78
N HIS D 109 27.17 -47.84 -96.55
CA HIS D 109 28.05 -46.71 -96.35
C HIS D 109 29.41 -46.96 -97.00
N GLU D 110 29.82 -48.22 -97.08
CA GLU D 110 31.08 -48.60 -97.70
C GLU D 110 30.95 -49.07 -99.15
N ASP D 111 29.72 -49.22 -99.65
CA ASP D 111 29.52 -49.46 -101.08
C ASP D 111 29.08 -48.15 -101.73
N PRO D 112 30.01 -47.35 -102.24
CA PRO D 112 29.60 -46.00 -102.71
C PRO D 112 28.55 -46.04 -103.78
N ILE D 113 28.52 -47.12 -104.57
CA ILE D 113 27.51 -47.25 -105.61
C ILE D 113 26.11 -47.21 -104.99
N GLN D 114 25.95 -47.86 -103.84
CA GLN D 114 24.69 -47.75 -103.11
C GLN D 114 24.57 -46.38 -102.46
N ARG D 115 25.62 -45.96 -101.73
CA ARG D 115 25.64 -44.64 -101.12
C ARG D 115 25.38 -43.52 -102.13
N LEU D 116 26.00 -43.61 -103.32
CA LEU D 116 25.83 -42.56 -104.31
C LEU D 116 24.42 -42.59 -104.90
N ASP D 117 24.02 -43.74 -105.46
CA ASP D 117 22.68 -43.87 -106.03
C ASP D 117 21.61 -43.51 -105.02
N ILE D 118 21.99 -43.39 -103.75
CA ILE D 118 21.10 -42.93 -102.69
C ILE D 118 21.16 -41.41 -102.56
N VAL D 119 22.38 -40.88 -102.41
CA VAL D 119 22.56 -39.45 -102.20
C VAL D 119 21.95 -38.66 -103.34
N LYS D 120 22.06 -39.15 -104.57
CA LYS D 120 21.46 -38.47 -105.70
C LYS D 120 19.96 -38.27 -105.49
N ALA D 121 19.31 -39.17 -104.74
CA ALA D 121 17.88 -39.07 -104.53
C ALA D 121 17.53 -37.99 -103.52
N PHE D 122 18.22 -37.97 -102.37
CA PHE D 122 17.97 -36.92 -101.38
C PHE D 122 18.05 -35.54 -102.03
N VAL D 123 19.03 -35.35 -102.90
CA VAL D 123 19.26 -34.05 -103.53
C VAL D 123 18.19 -33.78 -104.59
N LYS D 124 17.96 -34.76 -105.47
CA LYS D 124 16.87 -34.66 -106.43
C LYS D 124 15.55 -34.32 -105.73
N GLY D 125 15.32 -34.89 -104.55
CA GLY D 125 14.11 -34.62 -103.79
C GLY D 125 14.09 -33.30 -103.05
N LYS D 126 15.21 -32.59 -103.05
CA LYS D 126 15.33 -31.29 -102.40
C LYS D 126 15.17 -30.15 -103.39
N VAL D 127 15.88 -30.22 -104.51
CA VAL D 127 15.90 -29.10 -105.45
C VAL D 127 14.56 -29.00 -106.17
N HIS D 128 14.01 -30.13 -106.58
CA HIS D 128 12.69 -30.13 -107.20
C HIS D 128 11.64 -29.52 -106.29
N ASN D 129 11.73 -29.76 -104.97
CA ASN D 129 10.76 -29.16 -104.06
C ASN D 129 10.89 -27.65 -104.00
N GLN D 130 12.11 -27.12 -104.11
CA GLN D 130 12.30 -25.67 -104.08
C GLN D 130 11.95 -25.03 -105.42
N TYR D 131 12.49 -25.53 -106.53
CA TYR D 131 12.05 -25.01 -107.82
C TYR D 131 10.52 -25.12 -107.92
N ASN D 132 9.96 -26.26 -107.48
CA ASN D 132 8.51 -26.41 -107.40
C ASN D 132 7.89 -25.56 -106.30
N LEU D 133 8.70 -25.01 -105.40
CA LEU D 133 8.21 -24.06 -104.41
C LEU D 133 8.07 -22.67 -105.03
N LEU D 134 9.10 -22.20 -105.72
CA LEU D 134 9.01 -20.91 -106.37
C LEU D 134 7.87 -20.92 -107.39
N TYR D 135 7.58 -22.09 -107.94
CA TYR D 135 6.38 -22.24 -108.76
C TYR D 135 5.12 -22.19 -107.90
N ARG D 136 5.19 -22.62 -106.63
CA ARG D 136 4.08 -22.39 -105.71
C ARG D 136 3.86 -20.89 -105.49
N ARG D 137 4.92 -20.17 -105.12
CA ARG D 137 4.82 -18.73 -104.98
C ARG D 137 5.12 -17.97 -106.26
N GLY D 138 5.33 -18.68 -107.37
CA GLY D 138 5.53 -18.03 -108.66
C GLY D 138 6.66 -17.03 -108.78
N GLN D 139 7.91 -17.47 -108.86
CA GLN D 139 9.04 -16.55 -109.03
C GLN D 139 9.76 -16.78 -110.34
N VAL D 140 10.13 -18.02 -110.64
CA VAL D 140 10.78 -18.27 -111.92
C VAL D 140 9.71 -18.29 -113.00
N ASP D 141 8.52 -18.78 -112.66
CA ASP D 141 7.37 -18.86 -113.56
C ASP D 141 7.62 -19.87 -114.66
N ASN D 142 8.80 -20.46 -114.72
CA ASN D 142 9.19 -21.29 -115.85
C ASN D 142 8.56 -22.67 -115.74
N PRO D 143 8.27 -23.31 -116.88
CA PRO D 143 8.09 -24.78 -116.85
C PRO D 143 9.25 -25.45 -116.15
N LEU D 144 10.41 -24.80 -116.16
CA LEU D 144 11.44 -24.87 -115.15
C LEU D 144 12.38 -26.06 -115.14
N LYS D 145 11.92 -27.23 -115.57
CA LYS D 145 12.78 -28.40 -115.71
C LYS D 145 13.58 -28.76 -114.46
N GLY D 146 13.61 -27.86 -113.46
CA GLY D 146 14.28 -28.07 -112.17
C GLY D 146 15.73 -28.52 -112.18
N ARG D 147 16.31 -28.69 -113.37
CA ARG D 147 17.67 -29.15 -113.60
C ARG D 147 17.86 -30.58 -113.11
N GLY D 148 17.12 -30.97 -112.07
CA GLY D 148 16.83 -32.36 -111.78
C GLY D 148 17.85 -33.34 -112.28
N LYS D 149 17.37 -34.02 -113.33
CA LYS D 149 18.03 -35.05 -114.10
C LYS D 149 19.52 -34.81 -114.28
N LEU D 150 19.94 -33.56 -114.12
CA LEU D 150 21.35 -33.24 -114.06
C LEU D 150 22.03 -34.03 -112.95
N VAL D 151 21.37 -34.13 -111.81
CA VAL D 151 21.98 -34.75 -110.65
C VAL D 151 22.11 -36.25 -110.87
N MET D 152 21.02 -36.91 -111.25
CA MET D 152 21.06 -38.36 -111.42
C MET D 152 22.13 -38.80 -112.43
N ARG D 153 22.38 -38.02 -113.47
CA ARG D 153 23.42 -38.35 -114.45
C ARG D 153 24.77 -37.71 -114.09
N GLN D 154 25.27 -38.08 -112.91
CA GLN D 154 26.60 -37.74 -112.42
C GLN D 154 27.39 -39.02 -112.14
N GLN D 155 28.69 -38.88 -111.89
CA GLN D 155 29.54 -40.05 -111.69
C GLN D 155 30.46 -39.93 -110.48
N THR D 156 30.27 -38.93 -109.62
CA THR D 156 31.01 -38.86 -108.37
C THR D 156 30.21 -38.02 -107.38
N LEU D 157 30.73 -37.92 -106.15
CA LEU D 157 30.10 -37.15 -105.10
C LEU D 157 30.53 -35.69 -105.10
N GLU D 158 31.84 -35.43 -105.07
CA GLU D 158 32.33 -34.06 -105.01
C GLU D 158 31.73 -33.20 -106.12
N GLN D 159 31.48 -33.79 -107.28
CA GLN D 159 30.75 -33.07 -108.31
C GLN D 159 29.41 -32.58 -107.78
N VAL D 160 28.82 -33.32 -106.85
CA VAL D 160 27.45 -33.06 -106.38
C VAL D 160 27.44 -32.16 -105.14
N ARG D 161 28.28 -32.49 -104.15
CA ARG D 161 28.29 -31.73 -102.91
C ARG D 161 28.52 -30.25 -103.17
N GLY D 162 29.32 -29.93 -104.20
CA GLY D 162 29.41 -28.56 -104.66
C GLY D 162 28.13 -28.03 -105.27
N ILE D 163 27.25 -28.91 -105.75
CA ILE D 163 26.04 -28.47 -106.44
C ILE D 163 25.02 -27.90 -105.46
N GLU D 164 24.81 -28.58 -104.33
CA GLU D 164 23.88 -28.04 -103.32
C GLU D 164 24.25 -26.60 -103.00
N GLY D 165 25.54 -26.32 -102.90
CA GLY D 165 25.97 -24.95 -102.69
C GLY D 165 25.53 -24.03 -103.80
N LEU D 166 25.48 -24.54 -105.04
CA LEU D 166 25.00 -23.72 -106.15
C LEU D 166 23.52 -23.42 -106.02
N ALA D 167 22.68 -24.46 -105.96
CA ALA D 167 21.23 -24.24 -105.91
C ALA D 167 20.83 -23.38 -104.73
N ALA D 168 21.48 -23.56 -103.58
CA ALA D 168 21.15 -22.74 -102.42
C ALA D 168 21.43 -21.27 -102.71
N ARG D 169 22.61 -21.00 -103.28
CA ARG D 169 22.91 -19.62 -103.69
C ARG D 169 21.93 -19.16 -104.75
N GLU D 170 21.57 -20.05 -105.68
CA GLU D 170 20.52 -19.75 -106.65
C GLU D 170 19.14 -19.71 -106.00
N TYR D 171 18.94 -20.45 -104.92
CA TYR D 171 17.63 -20.55 -104.29
C TYR D 171 17.33 -19.41 -103.33
N PHE D 172 18.32 -18.96 -102.57
CA PHE D 172 18.09 -17.93 -101.58
C PHE D 172 18.19 -16.53 -102.15
N ALA D 173 18.97 -16.34 -103.22
CA ALA D 173 19.02 -15.03 -103.86
C ALA D 173 17.71 -14.71 -104.57
N SER D 174 16.84 -15.70 -104.79
CA SER D 174 15.55 -15.48 -105.41
C SER D 174 14.45 -15.18 -104.38
N TRP D 175 14.83 -14.88 -103.14
CA TRP D 175 13.89 -14.55 -102.09
C TRP D 175 13.78 -13.04 -101.91
N GLN D 176 14.92 -12.35 -101.95
CA GLN D 176 14.95 -10.90 -101.84
C GLN D 176 13.85 -10.29 -102.69
N GLU D 177 13.73 -10.75 -103.94
CA GLU D 177 12.60 -10.35 -104.78
C GLU D 177 11.27 -10.91 -104.27
N MET D 178 11.32 -12.06 -103.59
CA MET D 178 10.11 -12.79 -103.21
C MET D 178 9.50 -12.33 -101.90
N LEU D 179 10.30 -11.81 -100.98
CA LEU D 179 9.76 -11.28 -99.73
C LEU D 179 9.29 -9.85 -99.93
N GLY D 180 10.18 -8.98 -100.36
CA GLY D 180 9.89 -7.57 -100.49
C GLY D 180 10.94 -6.76 -99.78
N HIS D 181 10.55 -5.56 -99.37
CA HIS D 181 11.46 -4.62 -98.71
C HIS D 181 11.29 -4.61 -97.19
N GLU D 182 10.16 -5.15 -96.69
CA GLU D 182 9.93 -5.10 -95.26
C GLU D 182 11.02 -5.85 -94.51
N TRP D 183 11.52 -6.93 -95.10
CA TRP D 183 12.62 -7.72 -94.55
C TRP D 183 13.74 -7.72 -95.59
N THR D 184 14.92 -8.16 -95.17
CA THR D 184 16.07 -8.21 -96.05
C THR D 184 16.67 -9.60 -95.99
N PHE D 185 16.97 -10.17 -97.15
CA PHE D 185 17.62 -11.47 -97.21
C PHE D 185 18.51 -11.52 -98.45
N THR D 186 19.81 -11.67 -98.23
CA THR D 186 20.78 -11.86 -99.31
C THR D 186 21.31 -13.28 -99.43
N GLY D 187 21.52 -13.94 -98.30
CA GLY D 187 22.10 -15.27 -98.29
C GLY D 187 21.74 -15.96 -96.99
N ARG D 188 22.23 -17.18 -96.83
CA ARG D 188 21.92 -17.98 -95.65
C ARG D 188 23.09 -17.91 -94.69
N PHE D 189 22.81 -17.46 -93.47
CA PHE D 189 23.80 -17.32 -92.40
C PHE D 189 23.33 -18.19 -91.25
N ARG D 190 23.97 -19.34 -91.07
CA ARG D 190 23.65 -20.25 -89.99
C ARG D 190 24.16 -19.62 -88.68
N ARG D 191 24.20 -20.41 -87.62
CA ARG D 191 24.59 -19.93 -86.30
C ARG D 191 25.91 -19.16 -86.36
N PRO D 192 25.97 -17.94 -85.80
CA PRO D 192 24.83 -17.04 -85.52
C PRO D 192 24.34 -16.32 -86.78
N PRO D 193 23.05 -15.99 -86.83
CA PRO D 193 22.53 -15.30 -88.02
C PRO D 193 22.83 -13.81 -88.09
N THR D 194 22.45 -13.07 -87.05
CA THR D 194 22.61 -11.61 -86.99
C THR D 194 21.58 -10.94 -87.91
N ASP D 195 20.93 -11.75 -88.75
CA ASP D 195 19.79 -11.37 -89.59
C ASP D 195 18.57 -12.09 -89.06
N PRO D 196 17.41 -11.43 -88.94
CA PRO D 196 16.25 -12.15 -88.39
C PRO D 196 15.85 -13.38 -89.18
N VAL D 197 15.68 -13.25 -90.49
CA VAL D 197 15.18 -14.37 -91.29
C VAL D 197 16.08 -15.59 -91.13
N ASN D 198 17.40 -15.39 -91.31
CA ASN D 198 18.34 -16.49 -91.14
C ASN D 198 18.16 -17.23 -89.82
N ALA D 199 17.66 -16.54 -88.79
CA ALA D 199 17.45 -17.21 -87.51
C ALA D 199 16.26 -18.17 -87.58
N LEU D 200 15.20 -17.79 -88.29
CA LEU D 200 14.03 -18.66 -88.37
C LEU D 200 14.35 -19.97 -89.06
N LEU D 201 15.23 -19.92 -90.06
CA LEU D 201 15.67 -21.14 -90.72
C LEU D 201 16.57 -21.96 -89.81
N SER D 202 17.61 -21.33 -89.25
CA SER D 202 18.39 -21.97 -88.21
C SER D 202 17.49 -22.45 -87.09
N PHE D 203 16.37 -21.76 -86.88
CA PHE D 203 15.35 -22.20 -85.94
C PHE D 203 14.54 -23.35 -86.54
N GLY D 204 13.94 -23.11 -87.71
CA GLY D 204 13.09 -24.12 -88.32
C GLY D 204 13.86 -25.37 -88.71
N TYR D 205 14.99 -25.20 -89.38
CA TYR D 205 15.83 -26.35 -89.69
C TYR D 205 16.15 -27.15 -88.43
N GLY D 206 16.12 -26.50 -87.27
CA GLY D 206 16.34 -27.16 -86.00
C GLY D 206 15.13 -27.94 -85.53
N LEU D 207 13.94 -27.36 -85.67
CA LEU D 207 12.72 -28.04 -85.24
C LEU D 207 12.33 -29.19 -86.14
N LEU D 208 12.93 -29.30 -87.33
CA LEU D 208 12.69 -30.46 -88.19
C LEU D 208 13.49 -31.66 -87.70
N ARG D 209 14.68 -31.40 -87.15
CA ARG D 209 15.50 -32.45 -86.55
C ARG D 209 14.69 -33.30 -85.59
N THR D 210 13.72 -32.71 -84.90
CA THR D 210 12.97 -33.44 -83.88
C THR D 210 12.10 -34.55 -84.48
N GLN D 211 11.27 -34.21 -85.48
CA GLN D 211 10.39 -35.23 -86.05
C GLN D 211 11.19 -36.25 -86.85
N VAL D 212 12.33 -35.84 -87.38
CA VAL D 212 13.21 -36.76 -88.08
C VAL D 212 13.99 -37.57 -87.06
N THR D 213 14.52 -36.91 -86.03
CA THR D 213 15.18 -37.60 -84.93
C THR D 213 14.28 -38.66 -84.32
N ALA D 214 12.96 -38.53 -84.51
CA ALA D 214 12.00 -39.52 -84.05
C ALA D 214 11.81 -40.63 -85.08
N ALA D 215 11.64 -40.25 -86.34
CA ALA D 215 11.40 -41.23 -87.40
C ALA D 215 12.51 -42.27 -87.45
N VAL D 216 13.76 -41.85 -87.21
CA VAL D 216 14.88 -42.77 -87.30
C VAL D 216 14.81 -43.84 -86.22
N HIS D 217 14.52 -43.43 -84.98
CA HIS D 217 14.42 -44.40 -83.90
C HIS D 217 13.30 -45.41 -84.11
N ILE D 218 12.32 -45.10 -84.97
CA ILE D 218 11.29 -46.07 -85.29
C ILE D 218 11.82 -47.13 -86.22
N ALA D 219 12.63 -46.73 -87.22
CA ALA D 219 13.21 -47.68 -88.15
C ALA D 219 14.33 -48.49 -87.52
N GLY D 220 14.75 -48.17 -86.29
CA GLY D 220 15.85 -48.87 -85.69
C GLY D 220 17.19 -48.48 -86.25
N LEU D 221 17.25 -47.39 -87.01
CA LEU D 221 18.46 -46.92 -87.66
C LEU D 221 19.37 -46.21 -86.66
N ASP D 222 20.66 -46.17 -87.00
CA ASP D 222 21.63 -45.37 -86.26
C ASP D 222 21.67 -43.99 -86.90
N PRO D 223 21.13 -42.95 -86.26
CA PRO D 223 21.11 -41.63 -86.92
C PRO D 223 22.50 -41.11 -87.24
N TYR D 224 23.48 -41.49 -86.41
CA TYR D 224 24.85 -40.99 -86.49
C TYR D 224 25.66 -41.66 -87.58
N ILE D 225 25.05 -42.58 -88.33
CA ILE D 225 25.67 -43.22 -89.48
C ILE D 225 24.89 -42.74 -90.70
N GLY D 226 25.54 -41.94 -91.55
CA GLY D 226 24.89 -41.40 -92.72
C GLY D 226 25.61 -41.73 -94.02
N PHE D 227 25.07 -41.17 -95.09
CA PHE D 227 25.57 -41.39 -96.44
C PHE D 227 26.06 -40.12 -97.13
N LEU D 228 25.43 -38.97 -96.86
CA LEU D 228 25.89 -37.68 -97.40
C LEU D 228 26.75 -36.90 -96.41
N HIS D 229 26.18 -36.56 -95.25
CA HIS D 229 26.90 -35.78 -94.25
C HIS D 229 27.95 -36.65 -93.57
N GLU D 230 29.23 -36.35 -93.85
CA GLU D 230 30.31 -37.12 -93.28
C GLU D 230 30.24 -37.14 -91.75
N THR D 231 30.38 -38.33 -91.18
CA THR D 231 30.12 -38.64 -89.78
C THR D 231 31.24 -38.17 -88.85
N THR D 232 31.09 -36.95 -88.32
CA THR D 232 32.00 -36.43 -87.32
C THR D 232 31.20 -35.88 -86.14
N ARG D 233 31.91 -35.49 -85.09
CA ARG D 233 31.32 -34.80 -83.95
C ARG D 233 30.11 -35.53 -83.38
N GLY D 234 29.92 -36.79 -83.72
CA GLY D 234 28.65 -37.37 -83.35
C GLY D 234 27.54 -36.65 -84.08
N GLN D 235 27.80 -36.24 -85.33
CA GLN D 235 26.81 -35.50 -86.09
C GLN D 235 25.83 -36.49 -86.70
N PRO D 236 24.53 -36.37 -86.42
CA PRO D 236 23.57 -37.34 -86.96
C PRO D 236 23.33 -37.16 -88.46
N ALA D 237 24.18 -37.77 -89.29
CA ALA D 237 24.07 -37.54 -90.72
C ALA D 237 22.84 -38.23 -91.29
N MET D 238 22.44 -39.36 -90.71
CA MET D 238 21.23 -40.03 -91.17
C MET D 238 20.01 -39.15 -91.04
N ILE D 239 20.01 -38.21 -90.11
CA ILE D 239 18.91 -37.24 -90.02
C ILE D 239 19.08 -36.16 -91.09
N LEU D 240 20.21 -35.47 -91.09
CA LEU D 240 20.39 -34.36 -92.00
C LEU D 240 20.31 -34.83 -93.45
N ASP D 241 20.77 -36.05 -93.73
CA ASP D 241 20.58 -36.63 -95.05
C ASP D 241 19.11 -36.59 -95.44
N LEU D 242 18.22 -36.83 -94.47
CA LEU D 242 16.79 -36.79 -94.75
C LEU D 242 16.25 -35.37 -94.68
N MET D 243 16.73 -34.57 -93.73
CA MET D 243 16.20 -33.23 -93.55
C MET D 243 16.27 -32.40 -94.82
N GLU D 244 17.20 -32.72 -95.73
CA GLU D 244 17.41 -31.88 -96.91
C GLU D 244 16.18 -31.84 -97.79
N GLU D 245 15.56 -32.99 -98.05
CA GLU D 245 14.39 -33.01 -98.93
C GLU D 245 13.21 -32.23 -98.36
N PHE D 246 13.25 -31.88 -97.07
CA PHE D 246 12.17 -31.15 -96.42
C PHE D 246 12.52 -29.71 -96.07
N ARG D 247 13.81 -29.36 -96.06
CA ARG D 247 14.20 -27.98 -95.74
C ARG D 247 13.46 -26.99 -96.62
N ALA D 248 13.20 -27.35 -97.87
CA ALA D 248 12.61 -26.43 -98.84
C ALA D 248 11.09 -26.44 -98.80
N LEU D 249 10.47 -27.40 -98.13
CA LEU D 249 9.04 -27.62 -98.21
C LEU D 249 8.29 -27.36 -96.92
N VAL D 250 8.95 -27.47 -95.77
CA VAL D 250 8.30 -27.35 -94.48
C VAL D 250 8.73 -26.08 -93.76
N ALA D 251 10.05 -25.88 -93.63
CA ALA D 251 10.52 -24.66 -92.98
C ALA D 251 10.45 -23.46 -93.91
N ASP D 252 10.63 -23.67 -95.22
CA ASP D 252 10.62 -22.55 -96.16
C ASP D 252 9.22 -22.18 -96.62
N SER D 253 8.30 -23.13 -96.69
CA SER D 253 6.92 -22.77 -97.00
C SER D 253 6.21 -22.20 -95.78
N VAL D 254 6.57 -22.68 -94.58
CA VAL D 254 5.96 -22.16 -93.36
C VAL D 254 6.37 -20.71 -93.15
N VAL D 255 7.67 -20.42 -93.29
CA VAL D 255 8.15 -19.06 -93.04
C VAL D 255 7.44 -18.08 -93.96
N LEU D 256 7.41 -18.39 -95.25
CA LEU D 256 6.75 -17.52 -96.22
C LEU D 256 5.24 -17.54 -96.05
N THR D 257 4.70 -18.52 -95.32
CA THR D 257 3.28 -18.58 -95.06
C THR D 257 2.85 -17.65 -93.93
N VAL D 258 3.78 -17.31 -93.04
CA VAL D 258 3.48 -16.43 -91.91
C VAL D 258 4.01 -15.01 -92.11
N LEU D 259 5.07 -14.85 -92.91
CA LEU D 259 5.63 -13.52 -93.14
C LEU D 259 4.85 -12.72 -94.15
N LYS D 260 3.72 -13.24 -94.61
CA LYS D 260 2.76 -12.47 -95.36
C LYS D 260 1.56 -12.09 -94.51
N GLN D 261 1.62 -12.37 -93.20
CA GLN D 261 0.50 -12.04 -92.32
C GLN D 261 0.82 -11.27 -91.04
N ARG D 262 1.64 -11.87 -90.18
CA ARG D 262 1.70 -11.42 -88.79
C ARG D 262 3.05 -11.05 -88.20
N GLU D 263 4.06 -11.91 -88.34
CA GLU D 263 5.34 -11.68 -87.68
C GLU D 263 6.01 -10.42 -88.21
N ILE D 264 6.58 -9.64 -87.30
CA ILE D 264 7.23 -8.38 -87.62
C ILE D 264 8.43 -8.20 -86.71
N GLN D 265 9.36 -7.34 -87.12
CA GLN D 265 10.52 -7.04 -86.31
C GLN D 265 10.15 -6.71 -84.87
N ARG D 266 8.93 -6.21 -84.65
CA ARG D 266 8.47 -5.96 -83.29
C ARG D 266 8.39 -7.25 -82.49
N GLN D 267 8.45 -8.40 -83.15
CA GLN D 267 8.34 -9.71 -82.52
C GLN D 267 9.69 -10.43 -82.53
N ASP D 268 10.61 -9.98 -83.37
CA ASP D 268 12.00 -10.44 -83.38
C ASP D 268 12.79 -9.46 -82.53
N PHE D 269 13.48 -9.94 -81.50
CA PHE D 269 14.24 -9.01 -80.69
C PHE D 269 15.46 -8.54 -81.48
N THR D 270 15.80 -7.26 -81.33
CA THR D 270 16.89 -6.67 -82.08
C THR D 270 18.23 -6.96 -81.39
N GLU D 271 19.31 -6.63 -82.10
CA GLU D 271 20.66 -6.95 -81.66
C GLU D 271 20.88 -6.60 -80.20
N SER D 272 21.09 -7.60 -79.35
CA SER D 272 21.44 -7.35 -77.96
C SER D 272 22.95 -7.37 -77.78
N LEU D 273 23.57 -8.53 -78.00
CA LEU D 273 25.03 -8.61 -78.12
C LEU D 273 25.46 -9.09 -79.49
N GLY D 274 25.04 -10.29 -79.91
CA GLY D 274 25.16 -10.72 -81.29
C GLY D 274 23.87 -11.26 -81.86
N ALA D 275 23.00 -11.76 -80.99
CA ALA D 275 21.96 -12.72 -81.38
C ALA D 275 20.69 -12.04 -81.85
N PHE D 276 19.85 -12.82 -82.53
CA PHE D 276 18.50 -12.44 -82.91
C PHE D 276 17.54 -13.53 -82.44
N ARG D 277 17.19 -13.49 -81.16
CA ARG D 277 16.18 -14.36 -80.60
C ARG D 277 14.80 -13.72 -80.80
N LEU D 278 13.76 -14.51 -80.56
CA LEU D 278 12.40 -14.03 -80.60
C LEU D 278 11.93 -13.67 -79.19
N THR D 279 10.78 -13.05 -79.13
CA THR D 279 10.07 -12.93 -77.86
C THR D 279 9.30 -14.23 -77.66
N ASP D 280 9.12 -14.62 -76.40
CA ASP D 280 8.34 -15.83 -76.16
C ASP D 280 6.90 -15.70 -76.64
N SER D 281 6.46 -14.48 -76.96
CA SER D 281 5.11 -14.29 -77.48
C SER D 281 5.03 -14.52 -78.99
N ALA D 282 6.17 -14.54 -79.67
CA ALA D 282 6.25 -14.96 -81.07
C ALA D 282 6.61 -16.43 -81.24
N THR D 283 7.49 -16.96 -80.39
CA THR D 283 7.81 -18.38 -80.42
C THR D 283 6.54 -19.23 -80.29
N LYS D 284 5.61 -18.83 -79.43
CA LYS D 284 4.38 -19.60 -79.25
C LYS D 284 3.46 -19.49 -80.46
N THR D 285 3.59 -18.41 -81.25
CA THR D 285 2.82 -18.23 -82.47
C THR D 285 3.42 -18.96 -83.67
N PHE D 286 4.75 -19.08 -83.71
CA PHE D 286 5.41 -19.75 -84.83
C PHE D 286 4.79 -21.11 -85.08
N LEU D 287 4.50 -21.86 -84.01
CA LEU D 287 4.04 -23.23 -84.15
C LEU D 287 2.62 -23.30 -84.71
N GLY D 288 1.79 -22.30 -84.44
CA GLY D 288 0.41 -22.35 -84.90
C GLY D 288 0.28 -22.67 -86.37
N ALA D 289 1.07 -22.00 -87.21
CA ALA D 289 1.12 -22.37 -88.62
C ALA D 289 1.95 -23.63 -88.82
N PHE D 290 2.93 -23.87 -87.95
CA PHE D 290 3.83 -24.99 -88.14
C PHE D 290 3.11 -26.32 -87.99
N ASP D 291 2.44 -26.54 -86.85
CA ASP D 291 1.71 -27.78 -86.65
C ASP D 291 0.46 -27.83 -87.52
N ARG D 292 -0.11 -26.68 -87.84
CA ARG D 292 -1.21 -26.63 -88.80
C ARG D 292 -0.78 -27.27 -90.11
N LYS D 293 0.42 -26.93 -90.60
CA LYS D 293 0.92 -27.53 -91.83
C LYS D 293 1.05 -29.04 -91.71
N LEU D 294 1.52 -29.53 -90.56
CA LEU D 294 1.75 -30.96 -90.34
C LEU D 294 0.49 -31.74 -90.18
N SER D 295 -0.66 -31.13 -90.46
CA SER D 295 -1.94 -31.81 -90.38
C SER D 295 -2.61 -31.92 -91.74
N SER D 296 -1.83 -31.94 -92.82
CA SER D 296 -2.44 -31.94 -94.14
C SER D 296 -1.43 -32.30 -95.22
N GLU D 297 -1.94 -32.91 -96.29
CA GLU D 297 -1.25 -33.21 -97.55
C GLU D 297 -2.27 -34.04 -98.35
N PHE D 298 -2.08 -34.10 -99.67
CA PHE D 298 -2.93 -35.03 -100.41
C PHE D 298 -2.19 -36.32 -100.71
N LYS D 299 -1.26 -36.27 -101.67
CA LYS D 299 -0.33 -37.36 -101.95
C LYS D 299 0.37 -37.09 -103.28
N HIS D 300 1.33 -37.96 -103.62
CA HIS D 300 2.04 -37.97 -104.90
C HIS D 300 3.51 -38.25 -104.67
N PHE D 303 0.68 -41.31 -106.73
CA PHE D 303 -0.45 -42.15 -106.37
C PHE D 303 -1.27 -41.51 -105.25
N ASN D 304 -2.52 -41.19 -105.54
CA ASN D 304 -3.43 -40.64 -104.55
C ASN D 304 -3.42 -41.47 -103.27
N TYR D 305 -3.01 -40.84 -102.16
CA TYR D 305 -2.98 -41.52 -100.87
C TYR D 305 -2.83 -40.56 -99.70
N LYS D 306 -3.76 -40.63 -98.75
CA LYS D 306 -3.74 -39.75 -97.58
C LYS D 306 -2.38 -39.79 -96.88
N CYS D 307 -1.93 -38.61 -96.42
CA CYS D 307 -0.73 -38.50 -95.60
C CYS D 307 -0.61 -37.11 -94.98
N THR D 308 -0.41 -37.01 -93.66
CA THR D 308 0.04 -35.74 -93.12
C THR D 308 1.52 -35.55 -93.48
N TYR D 309 2.00 -34.31 -93.41
CA TYR D 309 3.45 -34.11 -93.55
C TYR D 309 4.18 -34.90 -92.47
N ARG D 310 3.72 -34.75 -91.22
CA ARG D 310 4.33 -35.46 -90.10
C ARG D 310 4.46 -36.94 -90.40
N ARG D 311 3.45 -37.54 -91.03
CA ARG D 311 3.48 -38.96 -91.30
C ARG D 311 4.35 -39.28 -92.51
N ALA D 312 4.31 -38.43 -93.53
CA ALA D 312 5.07 -38.67 -94.75
C ALA D 312 6.52 -39.04 -94.43
N ILE D 313 7.07 -38.48 -93.35
CA ILE D 313 8.46 -38.75 -93.01
C ILE D 313 8.63 -40.17 -92.48
N GLU D 314 7.82 -40.57 -91.51
CA GLU D 314 7.88 -41.92 -90.97
C GLU D 314 7.97 -42.96 -92.07
N LEU D 315 7.28 -42.73 -93.19
CA LEU D 315 7.36 -43.65 -94.31
C LEU D 315 8.74 -43.58 -94.97
N GLN D 316 9.17 -42.37 -95.32
CA GLN D 316 10.44 -42.20 -96.01
C GLN D 316 11.55 -42.97 -95.31
N ALA D 317 11.56 -42.95 -93.97
CA ALA D 317 12.51 -43.77 -93.22
C ALA D 317 12.24 -45.25 -93.43
N ARG D 318 10.98 -45.67 -93.22
CA ARG D 318 10.64 -47.08 -93.40
C ARG D 318 10.95 -47.55 -94.82
N LEU D 319 10.62 -46.74 -95.82
CA LEU D 319 11.02 -47.06 -97.18
C LEU D 319 12.53 -47.23 -97.28
N LEU D 320 13.29 -46.38 -96.56
CA LEU D 320 14.73 -46.44 -96.67
C LEU D 320 15.27 -47.75 -96.11
N ALA D 321 14.75 -48.20 -94.96
CA ALA D 321 15.12 -49.51 -94.44
C ALA D 321 14.88 -50.58 -95.50
N ARG D 322 13.71 -50.54 -96.15
CA ARG D 322 13.39 -51.51 -97.18
C ARG D 322 14.28 -51.34 -98.41
N HIS D 323 14.68 -50.11 -98.73
CA HIS D 323 15.71 -49.93 -99.74
C HIS D 323 16.98 -50.68 -99.35
N LEU D 324 17.22 -50.82 -98.06
CA LEU D 324 18.43 -51.39 -97.49
C LEU D 324 18.27 -52.84 -97.08
N GLN D 325 17.09 -53.18 -96.56
CA GLN D 325 16.79 -54.53 -96.10
C GLN D 325 16.17 -55.36 -97.21
N GLU D 326 15.37 -54.71 -98.07
CA GLU D 326 14.67 -55.35 -99.16
C GLU D 326 15.18 -54.93 -100.54
N GLY D 327 16.05 -53.93 -100.62
CA GLY D 327 16.61 -53.52 -101.90
C GLY D 327 15.69 -52.66 -102.72
N VAL D 328 14.70 -52.04 -102.11
CA VAL D 328 13.68 -51.23 -102.79
C VAL D 328 14.24 -49.89 -103.24
N VAL D 329 13.50 -49.20 -104.10
CA VAL D 329 13.81 -47.83 -104.51
C VAL D 329 13.42 -46.87 -103.41
N TYR D 330 14.11 -45.72 -103.37
CA TYR D 330 13.74 -44.60 -102.50
C TYR D 330 13.39 -43.44 -103.42
N GLU D 331 12.11 -43.35 -103.83
CA GLU D 331 11.64 -42.23 -104.62
C GLU D 331 11.22 -41.11 -103.68
N PRO D 332 12.00 -40.03 -103.55
CA PRO D 332 11.69 -39.01 -102.52
C PRO D 332 10.40 -38.25 -102.75
N LEU D 333 10.12 -37.35 -101.81
CA LEU D 333 8.87 -36.61 -101.75
C LEU D 333 8.92 -35.31 -102.54
N VAL D 334 7.89 -35.08 -103.36
CA VAL D 334 7.79 -33.90 -104.21
C VAL D 334 6.38 -33.34 -104.10
N ILE D 335 6.28 -32.01 -104.00
CA ILE D 335 5.04 -31.28 -103.74
C ILE D 335 3.83 -32.17 -103.46
N MET E 12 32.79 -34.36 -31.07
CA MET E 12 32.26 -33.94 -29.78
C MET E 12 31.00 -33.09 -29.94
N LEU E 13 30.79 -32.55 -31.14
CA LEU E 13 29.64 -31.71 -31.40
C LEU E 13 28.41 -32.59 -31.59
N TYR E 14 27.60 -32.68 -30.54
CA TYR E 14 26.42 -33.55 -30.55
C TYR E 14 25.21 -32.75 -31.01
N LEU E 15 24.67 -33.13 -32.17
CA LEU E 15 23.44 -32.55 -32.70
C LEU E 15 22.31 -33.54 -32.43
N ILE E 16 21.16 -33.01 -32.02
CA ILE E 16 20.09 -33.84 -31.50
C ILE E 16 18.76 -33.38 -32.11
N ILE E 17 17.82 -34.31 -32.22
CA ILE E 17 16.52 -34.05 -32.83
C ILE E 17 15.44 -34.68 -31.97
N TYR E 18 14.25 -34.07 -31.98
CA TYR E 18 13.08 -34.70 -31.40
C TYR E 18 11.84 -34.25 -32.14
N ASP E 19 11.00 -35.20 -32.52
CA ASP E 19 9.69 -34.91 -33.10
C ASP E 19 8.71 -35.85 -32.42
N VAL E 20 7.86 -35.31 -31.57
CA VAL E 20 7.13 -36.09 -30.56
C VAL E 20 5.67 -35.68 -30.65
N PRO E 21 4.73 -36.58 -30.38
CA PRO E 21 3.32 -36.27 -30.63
C PRO E 21 2.76 -35.12 -29.81
N ALA E 22 1.49 -34.79 -30.08
CA ALA E 22 0.79 -33.74 -29.39
C ALA E 22 -0.06 -34.28 -28.24
N THR E 23 0.25 -35.47 -27.76
CA THR E 23 -0.46 -36.01 -26.61
C THR E 23 0.01 -35.29 -25.35
N LYS E 24 -0.95 -34.88 -24.53
CA LYS E 24 -0.63 -34.23 -23.26
C LYS E 24 0.19 -35.13 -22.34
N ALA E 25 0.30 -36.42 -22.66
CA ALA E 25 1.18 -37.33 -21.95
C ALA E 25 2.60 -37.34 -22.50
N GLY E 26 2.81 -36.78 -23.70
CA GLY E 26 4.13 -36.67 -24.29
C GLY E 26 4.58 -35.25 -24.47
N ASN E 27 3.64 -34.33 -24.72
CA ASN E 27 3.99 -32.91 -24.75
C ASN E 27 4.69 -32.50 -23.46
N LYS E 28 4.27 -33.08 -22.33
CA LYS E 28 5.03 -32.95 -21.10
C LYS E 28 6.48 -33.40 -21.32
N ARG E 29 6.65 -34.59 -21.90
CA ARG E 29 7.99 -35.10 -22.15
C ARG E 29 8.74 -34.24 -23.16
N ARG E 30 8.04 -33.74 -24.18
CA ARG E 30 8.68 -32.82 -25.13
C ARG E 30 9.03 -31.49 -24.46
N THR E 31 8.04 -30.80 -23.91
CA THR E 31 8.25 -29.44 -23.42
C THR E 31 9.25 -29.43 -22.27
N ARG E 32 9.29 -30.50 -21.47
CA ARG E 32 10.34 -30.65 -20.47
C ARG E 32 11.69 -30.87 -21.14
N LEU E 33 11.71 -31.58 -22.26
CA LEU E 33 12.97 -31.84 -22.95
C LEU E 33 13.49 -30.58 -23.61
N PHE E 34 12.59 -29.75 -24.13
CA PHE E 34 13.00 -28.43 -24.64
C PHE E 34 13.66 -27.63 -23.54
N ASP E 35 13.06 -27.60 -22.34
CA ASP E 35 13.68 -26.97 -21.19
C ASP E 35 15.02 -27.60 -20.81
N LEU E 36 15.24 -28.86 -21.19
CA LEU E 36 16.50 -29.53 -20.84
C LEU E 36 17.63 -29.10 -21.75
N LEU E 37 17.48 -29.34 -23.05
CA LEU E 37 18.58 -29.14 -23.98
C LEU E 37 19.08 -27.71 -23.94
N SER E 38 18.18 -26.75 -23.68
CA SER E 38 18.62 -25.39 -23.39
C SER E 38 19.59 -25.35 -22.22
N GLY E 39 19.64 -26.42 -21.41
CA GLY E 39 20.58 -26.51 -20.31
C GLY E 39 21.91 -27.08 -20.71
N TYR E 40 21.94 -27.88 -21.78
CA TYR E 40 23.18 -28.45 -22.27
C TYR E 40 23.67 -27.83 -23.58
N GLY E 41 22.81 -27.14 -24.31
CA GLY E 41 23.22 -26.60 -25.58
C GLY E 41 22.28 -25.53 -26.10
N LYS E 42 22.48 -25.18 -27.36
CA LYS E 42 21.80 -24.08 -28.03
C LYS E 42 20.69 -24.59 -28.95
N TRP E 43 19.79 -23.68 -29.30
CA TRP E 43 18.65 -23.97 -30.15
C TRP E 43 18.92 -23.47 -31.56
N ARG E 44 18.61 -24.29 -32.56
CA ARG E 44 18.69 -23.85 -33.95
C ARG E 44 17.34 -23.95 -34.66
N GLN E 45 16.62 -25.06 -34.49
CA GLN E 45 15.29 -25.23 -35.04
C GLN E 45 14.38 -25.88 -34.00
N PHE E 46 13.09 -25.85 -34.29
CA PHE E 46 12.09 -26.26 -33.31
C PHE E 46 12.40 -27.61 -32.71
N SER E 47 12.74 -28.59 -33.54
CA SER E 47 13.07 -29.93 -33.12
C SER E 47 14.58 -30.15 -33.11
N VAL E 48 15.35 -29.10 -32.80
CA VAL E 48 16.78 -29.09 -33.04
C VAL E 48 17.47 -28.34 -31.92
N PHE E 49 18.56 -28.93 -31.41
CA PHE E 49 19.52 -28.25 -30.55
C PHE E 49 20.91 -28.65 -30.99
N GLU E 50 21.86 -27.73 -30.89
CA GLU E 50 23.26 -27.99 -31.17
C GLU E 50 24.04 -27.95 -29.86
N CYS E 51 24.62 -29.09 -29.49
CA CYS E 51 25.30 -29.25 -28.21
C CYS E 51 26.76 -29.57 -28.45
N PHE E 52 27.63 -28.57 -28.30
CA PHE E 52 29.07 -28.83 -28.25
C PHE E 52 29.45 -28.98 -26.79
N LEU E 53 30.16 -30.06 -26.47
CA LEU E 53 30.37 -30.39 -25.07
C LEU E 53 31.32 -31.56 -24.97
N SER E 54 31.71 -31.87 -23.74
CA SER E 54 32.66 -32.94 -23.45
C SER E 54 31.88 -34.24 -23.26
N VAL E 55 32.56 -35.27 -22.78
CA VAL E 55 31.95 -36.59 -22.67
C VAL E 55 31.22 -36.76 -21.34
N LYS E 56 31.92 -36.53 -20.23
CA LYS E 56 31.26 -36.63 -18.93
C LYS E 56 29.96 -35.84 -18.90
N GLN E 57 29.93 -34.70 -19.60
CA GLN E 57 28.70 -33.93 -19.73
C GLN E 57 27.64 -34.70 -20.49
N PHE E 58 28.05 -35.70 -21.28
CA PHE E 58 27.13 -36.51 -22.06
C PHE E 58 26.39 -37.51 -21.18
N ALA E 59 27.13 -38.36 -20.47
CA ALA E 59 26.48 -39.34 -19.62
C ALA E 59 25.59 -38.67 -18.59
N LYS E 60 25.96 -37.46 -18.15
CA LYS E 60 25.03 -36.67 -17.35
C LYS E 60 23.73 -36.42 -18.09
N LEU E 61 23.77 -36.49 -19.43
CA LEU E 61 22.61 -36.26 -20.27
C LEU E 61 21.97 -37.54 -20.79
N GLN E 62 22.74 -38.37 -21.49
CA GLN E 62 22.20 -39.62 -22.02
C GLN E 62 21.46 -40.39 -20.93
N THR E 63 22.05 -40.46 -19.73
CA THR E 63 21.39 -41.12 -18.61
C THR E 63 20.11 -40.42 -18.21
N ALA E 64 19.90 -39.18 -18.67
CA ALA E 64 18.65 -38.46 -18.40
C ALA E 64 17.56 -38.80 -19.39
N MET E 65 17.92 -39.26 -20.60
CA MET E 65 16.95 -39.59 -21.63
C MET E 65 16.51 -41.05 -21.52
N GLU E 66 17.47 -41.98 -21.49
CA GLU E 66 17.14 -43.38 -21.25
C GLU E 66 16.29 -43.54 -20.00
N LYS E 67 16.33 -42.58 -19.10
CA LYS E 67 15.56 -42.57 -17.86
C LYS E 67 14.23 -41.86 -18.02
N LEU E 68 13.90 -41.37 -19.22
CA LEU E 68 12.78 -40.46 -19.38
C LEU E 68 11.84 -40.72 -20.55
N ILE E 69 12.20 -41.55 -21.53
CA ILE E 69 11.47 -41.58 -22.79
C ILE E 69 10.66 -42.86 -22.92
N LYS E 70 9.55 -42.76 -23.65
CA LYS E 70 8.79 -43.92 -24.10
C LYS E 70 9.02 -44.07 -25.61
N LEU E 71 10.03 -44.88 -25.96
CA LEU E 71 10.41 -45.07 -27.34
C LEU E 71 9.40 -45.89 -28.14
N ASP E 72 8.48 -46.59 -27.47
CA ASP E 72 7.40 -47.26 -28.17
C ASP E 72 6.45 -46.25 -28.81
N GLU E 73 6.59 -44.97 -28.44
CA GLU E 73 5.73 -43.91 -28.94
C GLU E 73 6.52 -42.66 -29.33
N ASP E 74 7.85 -42.69 -29.20
CA ASP E 74 8.70 -41.52 -29.42
C ASP E 74 9.65 -41.76 -30.59
N ALA E 75 10.33 -40.70 -31.00
CA ALA E 75 11.18 -40.72 -32.18
C ALA E 75 12.32 -39.72 -31.99
N VAL E 76 13.56 -40.20 -32.06
CA VAL E 76 14.73 -39.34 -31.93
C VAL E 76 15.88 -39.93 -32.74
N CYS E 77 16.73 -39.05 -33.25
CA CYS E 77 17.98 -39.43 -33.88
C CYS E 77 19.04 -38.42 -33.46
N ILE E 78 20.30 -38.87 -33.44
CA ILE E 78 21.41 -38.05 -32.94
C ILE E 78 22.60 -38.21 -33.86
N TYR E 79 23.40 -37.14 -33.98
CA TYR E 79 24.55 -37.13 -34.89
C TYR E 79 25.77 -36.57 -34.17
N VAL E 80 26.93 -37.16 -34.47
CA VAL E 80 28.19 -36.88 -33.80
C VAL E 80 29.12 -36.19 -34.79
N LEU E 81 29.56 -34.98 -34.46
CA LEU E 81 30.23 -34.10 -35.42
C LEU E 81 31.57 -33.61 -34.89
N ASP E 82 32.64 -33.93 -35.62
CA ASP E 82 33.97 -33.42 -35.34
C ASP E 82 34.25 -32.14 -36.13
N GLU E 83 35.27 -31.39 -35.71
CA GLU E 83 35.50 -30.07 -36.28
C GLU E 83 35.62 -30.11 -37.80
N ASN E 84 36.52 -30.92 -38.34
CA ASN E 84 36.73 -30.92 -39.78
C ASN E 84 35.52 -31.40 -40.57
N THR E 85 34.54 -32.02 -39.92
CA THR E 85 33.25 -32.24 -40.57
C THR E 85 32.30 -31.09 -40.31
N VAL E 86 32.59 -30.23 -39.33
CA VAL E 86 31.79 -29.03 -39.10
C VAL E 86 32.16 -27.95 -40.12
N GLN E 87 33.47 -27.76 -40.35
CA GLN E 87 33.94 -26.72 -41.26
C GLN E 87 33.18 -26.75 -42.58
N ARG E 88 32.71 -27.93 -42.98
CA ARG E 88 32.06 -28.14 -44.27
C ARG E 88 30.55 -27.95 -44.20
N THR E 89 29.98 -27.83 -43.00
CA THR E 89 28.56 -27.57 -42.85
C THR E 89 28.19 -26.27 -43.56
N ILE E 90 26.93 -26.17 -43.98
CA ILE E 90 26.49 -25.06 -44.81
C ILE E 90 25.11 -24.60 -44.35
N THR E 91 24.92 -23.28 -44.35
CA THR E 91 23.65 -22.67 -44.00
C THR E 91 23.42 -21.48 -44.91
N TYR E 92 22.17 -21.04 -44.97
CA TYR E 92 21.83 -19.88 -45.81
C TYR E 92 21.08 -18.80 -45.06
N GLY E 93 20.17 -19.16 -44.17
CA GLY E 93 19.33 -18.20 -43.49
C GLY E 93 19.64 -18.05 -42.03
N THR E 94 20.55 -18.87 -41.52
CA THR E 94 20.96 -18.86 -40.12
C THR E 94 22.47 -18.71 -39.99
N PRO E 95 22.95 -18.28 -38.84
CA PRO E 95 24.40 -18.18 -38.61
C PRO E 95 25.06 -19.52 -38.39
N GLN E 96 26.40 -19.50 -38.43
CA GLN E 96 27.22 -20.69 -38.30
C GLN E 96 27.44 -21.07 -36.84
N PRO E 97 27.84 -22.32 -36.58
CA PRO E 97 27.97 -22.77 -35.19
C PRO E 97 29.13 -22.10 -34.47
N GLU E 98 28.99 -22.01 -33.14
CA GLU E 98 30.04 -21.51 -32.26
C GLU E 98 29.73 -21.98 -30.84
N LYS E 99 30.76 -21.94 -30.00
CA LYS E 99 30.64 -22.35 -28.59
C LYS E 99 31.64 -21.55 -27.77
N PRO E 100 31.39 -20.25 -27.59
CA PRO E 100 32.34 -19.41 -26.84
C PRO E 100 32.03 -19.26 -25.36
N GLY E 101 32.87 -18.49 -24.67
CA GLY E 101 32.46 -17.91 -23.41
C GLY E 101 31.44 -16.81 -23.65
N SER E 102 30.49 -16.70 -22.73
CA SER E 102 29.34 -15.82 -22.92
C SER E 102 29.51 -14.50 -22.19
N ILE E 103 29.11 -13.42 -22.84
CA ILE E 103 29.14 -12.07 -22.27
C ILE E 103 27.80 -11.41 -22.55
N ILE E 104 27.33 -10.62 -21.61
CA ILE E 104 26.14 -9.81 -21.80
C ILE E 104 26.22 -8.55 -20.95
N MET F 12 30.00 -38.30 -47.39
CA MET F 12 29.15 -38.04 -48.53
C MET F 12 27.67 -38.18 -48.19
N LEU F 13 27.37 -38.30 -46.89
CA LEU F 13 26.00 -38.42 -46.42
C LEU F 13 25.51 -37.04 -46.01
N TYR F 14 24.68 -36.45 -46.86
CA TYR F 14 24.19 -35.09 -46.69
C TYR F 14 22.89 -35.10 -45.90
N LEU F 15 22.92 -34.57 -44.68
CA LEU F 15 21.73 -34.39 -43.86
C LEU F 15 21.34 -32.91 -43.88
N ILE F 16 20.05 -32.65 -44.03
CA ILE F 16 19.56 -31.29 -44.23
C ILE F 16 18.25 -31.07 -43.49
N ILE F 17 17.97 -29.79 -43.23
CA ILE F 17 16.83 -29.36 -42.42
C ILE F 17 16.11 -28.22 -43.13
N TYR F 18 14.84 -28.05 -42.76
CA TYR F 18 14.09 -26.84 -43.14
C TYR F 18 13.16 -26.46 -42.01
N ASP F 19 13.16 -25.18 -41.66
CA ASP F 19 12.24 -24.63 -40.66
C ASP F 19 11.75 -23.29 -41.18
N VAL F 20 10.51 -23.26 -41.67
CA VAL F 20 10.04 -22.16 -42.52
C VAL F 20 8.63 -21.77 -42.11
N PRO F 21 8.29 -20.48 -42.24
CA PRO F 21 6.98 -20.00 -41.78
C PRO F 21 5.77 -20.54 -42.54
N ALA F 22 4.58 -20.11 -42.10
CA ALA F 22 3.30 -20.53 -42.65
C ALA F 22 2.75 -19.54 -43.68
N THR F 23 3.64 -18.77 -44.33
CA THR F 23 3.20 -17.83 -45.33
C THR F 23 2.70 -18.53 -46.59
N LYS F 24 1.59 -18.03 -47.14
CA LYS F 24 1.12 -18.57 -48.40
C LYS F 24 2.17 -18.40 -49.49
N ALA F 25 3.15 -17.53 -49.27
CA ALA F 25 4.29 -17.37 -50.16
C ALA F 25 5.48 -18.24 -49.77
N GLY F 26 5.52 -18.73 -48.51
CA GLY F 26 6.58 -19.61 -48.07
C GLY F 26 6.10 -21.01 -47.73
N ASN F 27 4.86 -21.10 -47.24
CA ASN F 27 4.23 -22.40 -47.07
C ASN F 27 4.30 -23.18 -48.37
N LYS F 28 4.16 -22.48 -49.49
CA LYS F 28 4.44 -23.08 -50.78
C LYS F 28 5.86 -23.61 -50.84
N ARG F 29 6.83 -22.80 -50.40
CA ARG F 29 8.24 -23.22 -50.45
C ARG F 29 8.48 -24.47 -49.62
N ARG F 30 7.81 -24.60 -48.47
CA ARG F 30 7.96 -25.81 -47.66
C ARG F 30 7.42 -27.03 -48.40
N THR F 31 6.13 -26.98 -48.75
CA THR F 31 5.49 -28.17 -49.31
C THR F 31 6.09 -28.54 -50.66
N ARG F 32 6.56 -27.55 -51.43
CA ARG F 32 7.29 -27.85 -52.65
C ARG F 32 8.66 -28.46 -52.34
N LEU F 33 9.29 -28.02 -51.25
CA LEU F 33 10.61 -28.55 -50.90
C LEU F 33 10.52 -29.99 -50.43
N PHE F 34 9.46 -30.32 -49.68
CA PHE F 34 9.21 -31.72 -49.34
C PHE F 34 9.01 -32.54 -50.61
N ASP F 35 8.25 -32.01 -51.58
CA ASP F 35 8.13 -32.70 -52.86
C ASP F 35 9.49 -32.93 -53.51
N LEU F 36 10.49 -32.11 -53.19
CA LEU F 36 11.81 -32.26 -53.75
C LEU F 36 12.62 -33.34 -53.03
N LEU F 37 12.85 -33.15 -51.73
CA LEU F 37 13.79 -33.99 -50.99
C LEU F 37 13.40 -35.45 -51.02
N SER F 38 12.11 -35.76 -51.02
CA SER F 38 11.70 -37.14 -51.30
C SER F 38 12.25 -37.62 -52.64
N GLY F 39 12.65 -36.68 -53.51
CA GLY F 39 13.24 -37.00 -54.79
C GLY F 39 14.74 -37.20 -54.74
N TYR F 40 15.40 -36.59 -53.75
CA TYR F 40 16.84 -36.75 -53.58
C TYR F 40 17.22 -37.59 -52.37
N GLY F 41 16.33 -37.78 -51.41
CA GLY F 41 16.68 -38.52 -50.23
C GLY F 41 15.45 -38.98 -49.45
N LYS F 42 15.71 -39.47 -48.24
CA LYS F 42 14.70 -40.10 -47.40
C LYS F 42 14.25 -39.14 -46.30
N TRP F 43 13.10 -39.46 -45.70
CA TRP F 43 12.46 -38.63 -44.69
C TRP F 43 12.70 -39.23 -43.31
N ARG F 44 13.07 -38.36 -42.35
CA ARG F 44 13.19 -38.78 -40.95
C ARG F 44 12.31 -37.98 -40.02
N GLN F 45 12.28 -36.65 -40.13
CA GLN F 45 11.46 -35.81 -39.28
C GLN F 45 10.81 -34.69 -40.09
N PHE F 46 9.85 -34.02 -39.45
CA PHE F 46 9.02 -33.04 -40.15
C PHE F 46 9.87 -32.04 -40.92
N SER F 47 10.88 -31.49 -40.25
CA SER F 47 11.79 -30.51 -40.84
C SER F 47 13.11 -31.14 -41.25
N VAL F 48 13.08 -32.40 -41.68
CA VAL F 48 14.30 -33.21 -41.76
C VAL F 48 14.25 -34.14 -42.95
N PHE F 49 15.37 -34.21 -43.67
CA PHE F 49 15.64 -35.29 -44.62
C PHE F 49 17.10 -35.70 -44.46
N GLU F 50 17.35 -37.00 -44.61
CA GLU F 50 18.70 -37.55 -44.62
C GLU F 50 18.98 -38.07 -46.03
N CYS F 51 19.95 -37.45 -46.71
CA CYS F 51 20.24 -37.73 -48.11
C CYS F 51 21.64 -38.29 -48.24
N PHE F 52 21.77 -39.60 -48.40
CA PHE F 52 23.04 -40.20 -48.77
C PHE F 52 23.08 -40.34 -50.29
N LEU F 53 24.15 -39.84 -50.90
CA LEU F 53 24.20 -39.69 -52.35
C LEU F 53 25.60 -39.25 -52.74
N SER F 54 25.83 -39.14 -54.05
CA SER F 54 27.13 -38.79 -54.58
C SER F 54 27.25 -37.27 -54.69
N VAL F 55 28.30 -36.80 -55.36
CA VAL F 55 28.61 -35.37 -55.37
C VAL F 55 27.91 -34.62 -56.49
N LYS F 56 28.17 -35.01 -57.74
CA LYS F 56 27.54 -34.32 -58.86
C LYS F 56 26.03 -34.22 -58.68
N GLN F 57 25.43 -35.20 -58.01
CA GLN F 57 24.01 -35.13 -57.69
C GLN F 57 23.72 -33.95 -56.76
N PHE F 58 24.76 -33.42 -56.10
CA PHE F 58 24.59 -32.31 -55.19
C PHE F 58 24.36 -31.01 -55.95
N ALA F 59 25.27 -30.67 -56.87
CA ALA F 59 25.11 -29.43 -57.63
C ALA F 59 23.79 -29.42 -58.38
N LYS F 60 23.32 -30.59 -58.85
CA LYS F 60 21.96 -30.67 -59.36
C LYS F 60 20.95 -30.29 -58.30
N LEU F 61 21.34 -30.38 -57.02
CA LEU F 61 20.49 -30.02 -55.88
C LEU F 61 20.85 -28.63 -55.36
N GLN F 62 22.13 -28.43 -55.01
CA GLN F 62 22.59 -27.13 -54.53
C GLN F 62 22.07 -26.01 -55.43
N THR F 63 22.18 -26.22 -56.74
CA THR F 63 21.68 -25.25 -57.71
C THR F 63 20.17 -25.11 -57.68
N ALA F 64 19.45 -26.04 -57.05
CA ALA F 64 18.00 -25.95 -56.98
C ALA F 64 17.48 -25.12 -55.81
N MET F 65 18.21 -25.06 -54.70
CA MET F 65 17.74 -24.32 -53.53
C MET F 65 18.22 -22.87 -53.56
N GLU F 66 19.52 -22.65 -53.76
CA GLU F 66 20.03 -21.29 -53.97
C GLU F 66 19.22 -20.57 -55.04
N LYS F 67 18.49 -21.30 -55.87
CA LYS F 67 17.71 -20.79 -56.98
C LYS F 67 16.27 -20.42 -56.61
N LEU F 68 15.85 -20.62 -55.37
CA LEU F 68 14.43 -20.48 -55.04
C LEU F 68 14.09 -19.78 -53.74
N ILE F 69 15.05 -19.48 -52.85
CA ILE F 69 14.74 -19.16 -51.45
C ILE F 69 14.84 -17.66 -51.21
N LYS F 70 14.07 -17.20 -50.21
CA LYS F 70 14.16 -15.85 -49.66
C LYS F 70 14.93 -15.91 -48.33
N LEU F 71 16.21 -15.56 -48.37
CA LEU F 71 17.05 -15.69 -47.19
C LEU F 71 16.70 -14.70 -46.09
N ASP F 72 15.96 -13.63 -46.42
CA ASP F 72 15.46 -12.71 -45.40
C ASP F 72 14.34 -13.30 -44.57
N GLU F 73 13.76 -14.43 -45.00
CA GLU F 73 12.61 -15.02 -44.35
C GLU F 73 12.72 -16.52 -44.16
N ASP F 74 13.81 -17.15 -44.62
CA ASP F 74 13.96 -18.59 -44.61
C ASP F 74 15.11 -18.99 -43.71
N ALA F 75 15.19 -20.28 -43.38
CA ALA F 75 16.17 -20.76 -42.40
C ALA F 75 16.53 -22.21 -42.68
N VAL F 76 17.81 -22.48 -42.92
CA VAL F 76 18.30 -23.84 -43.13
C VAL F 76 19.77 -23.93 -42.73
N CYS F 77 20.17 -25.14 -42.32
CA CYS F 77 21.57 -25.48 -42.06
C CYS F 77 21.82 -26.87 -42.63
N ILE F 78 23.10 -27.18 -42.88
CA ILE F 78 23.48 -28.37 -43.62
C ILE F 78 24.61 -29.10 -42.90
N TYR F 79 24.62 -30.43 -43.02
CA TYR F 79 25.61 -31.27 -42.36
C TYR F 79 26.15 -32.31 -43.33
N VAL F 80 27.46 -32.54 -43.28
CA VAL F 80 28.17 -33.44 -44.19
C VAL F 80 28.77 -34.56 -43.34
N LEU F 81 28.36 -35.80 -43.61
CA LEU F 81 28.64 -36.93 -42.74
C LEU F 81 29.24 -38.10 -43.52
N ASP F 82 30.48 -38.47 -43.18
CA ASP F 82 31.11 -39.67 -43.71
C ASP F 82 30.90 -40.86 -42.77
N GLU F 83 31.13 -42.06 -43.29
CA GLU F 83 30.75 -43.29 -42.59
C GLU F 83 31.27 -43.33 -41.15
N ASN F 84 32.58 -43.17 -40.96
CA ASN F 84 33.10 -43.27 -39.60
C ASN F 84 32.54 -42.19 -38.69
N THR F 85 31.92 -41.16 -39.26
CA THR F 85 31.12 -40.21 -38.50
C THR F 85 29.66 -40.61 -38.44
N VAL F 86 29.21 -41.49 -39.34
CA VAL F 86 27.82 -41.92 -39.36
C VAL F 86 27.55 -43.02 -38.35
N GLN F 87 28.44 -44.01 -38.28
CA GLN F 87 28.16 -45.19 -37.45
C GLN F 87 27.73 -44.81 -36.05
N ARG F 88 28.31 -43.76 -35.48
CA ARG F 88 28.01 -43.35 -34.12
C ARG F 88 26.98 -42.21 -34.14
N THR F 89 25.75 -42.63 -34.44
CA THR F 89 24.57 -41.76 -34.46
C THR F 89 23.47 -42.43 -33.65
N ILE F 90 23.83 -42.89 -32.45
CA ILE F 90 22.95 -43.75 -31.66
C ILE F 90 21.54 -43.15 -31.65
N THR F 91 20.55 -44.04 -31.72
CA THR F 91 19.15 -43.66 -31.77
C THR F 91 18.38 -44.61 -30.86
N TYR F 92 17.14 -44.22 -30.54
CA TYR F 92 16.34 -45.06 -29.66
C TYR F 92 14.98 -45.44 -30.23
N GLY F 93 14.30 -44.53 -30.92
CA GLY F 93 12.96 -44.82 -31.38
C GLY F 93 12.82 -45.00 -32.87
N THR F 94 13.88 -44.72 -33.61
CA THR F 94 13.91 -44.89 -35.05
C THR F 94 15.13 -45.73 -35.42
N PRO F 95 15.12 -46.38 -36.58
CA PRO F 95 16.31 -47.10 -37.04
C PRO F 95 17.35 -46.13 -37.59
N GLN F 96 18.58 -46.64 -37.70
CA GLN F 96 19.68 -45.82 -38.21
C GLN F 96 19.73 -45.87 -39.73
N PRO F 97 20.41 -44.90 -40.35
CA PRO F 97 20.39 -44.83 -41.82
C PRO F 97 21.13 -45.98 -42.49
N GLU F 98 20.70 -46.27 -43.72
CA GLU F 98 21.31 -47.24 -44.62
C GLU F 98 20.73 -46.90 -45.99
N LYS F 99 21.38 -47.37 -47.06
CA LYS F 99 20.96 -47.03 -48.42
C LYS F 99 21.24 -48.14 -49.40
N PRO F 100 20.40 -49.17 -49.43
CA PRO F 100 20.60 -50.27 -50.39
C PRO F 100 19.87 -50.03 -51.70
N GLY F 101 19.94 -51.02 -52.60
CA GLY F 101 18.98 -51.09 -53.69
C GLY F 101 17.61 -51.50 -53.16
N SER F 102 16.57 -50.95 -53.78
CA SER F 102 15.21 -51.11 -53.30
C SER F 102 14.49 -52.18 -54.11
N ILE F 103 13.64 -52.96 -53.43
CA ILE F 103 12.90 -54.05 -54.05
C ILE F 103 11.42 -53.91 -53.70
N ILE F 104 10.58 -54.29 -54.66
CA ILE F 104 9.14 -54.38 -54.45
C ILE F 104 8.60 -55.52 -55.31
N SER I 13 -4.90 41.01 -13.58
CA SER I 13 -4.82 42.06 -12.57
C SER I 13 -3.99 41.64 -11.37
N THR I 14 -3.85 40.34 -11.16
CA THR I 14 -3.11 39.81 -10.01
C THR I 14 -2.02 38.88 -10.49
N LEU I 15 -0.99 38.72 -9.65
CA LEU I 15 0.18 37.93 -9.98
C LEU I 15 0.37 36.77 -9.00
N TYR I 16 0.76 35.63 -9.55
CA TYR I 16 1.02 34.40 -8.79
C TYR I 16 2.39 33.88 -9.21
N LEU I 17 3.13 33.30 -8.26
CA LEU I 17 4.47 32.79 -8.56
C LEU I 17 4.70 31.48 -7.82
N THR I 18 5.20 30.47 -8.55
CA THR I 18 5.37 29.13 -8.02
C THR I 18 6.81 28.68 -7.77
N GLN I 19 7.78 29.16 -8.54
CA GLN I 19 9.10 28.51 -8.55
C GLN I 19 10.03 29.11 -7.49
N PRO I 20 10.63 28.28 -6.61
CA PRO I 20 11.58 28.82 -5.63
C PRO I 20 12.96 29.06 -6.19
N ASP I 21 13.11 29.08 -7.52
CA ASP I 21 14.40 29.31 -8.15
C ASP I 21 14.44 30.57 -9.00
N ALA I 22 13.46 31.45 -8.84
CA ALA I 22 13.32 32.64 -9.67
C ALA I 22 13.76 33.86 -8.88
N VAL I 23 14.56 34.72 -9.51
CA VAL I 23 15.02 35.95 -8.91
C VAL I 23 14.27 37.08 -9.60
N LEU I 24 13.74 38.01 -8.82
CA LEU I 24 13.03 39.17 -9.33
C LEU I 24 13.87 40.41 -9.09
N SER I 25 14.08 41.17 -10.15
CA SER I 25 14.83 42.42 -10.06
C SER I 25 13.93 43.56 -10.47
N LYS I 26 14.35 44.78 -10.15
CA LYS I 26 13.61 45.97 -10.50
C LYS I 26 14.32 46.68 -11.64
N LYS I 27 13.55 47.10 -12.63
CA LYS I 27 14.06 47.96 -13.69
C LYS I 27 13.35 49.30 -13.51
N HIS I 28 13.79 50.30 -14.27
CA HIS I 28 13.45 51.69 -13.98
C HIS I 28 12.07 51.87 -13.35
N GLU I 29 11.05 51.24 -13.93
CA GLU I 29 9.73 51.22 -13.31
C GLU I 29 9.02 49.88 -13.48
N ALA I 30 9.72 48.84 -13.92
CA ALA I 30 9.05 47.58 -14.28
C ALA I 30 9.94 46.42 -13.87
N PHE I 31 9.32 45.25 -13.83
CA PHE I 31 9.97 44.06 -13.32
C PHE I 31 10.56 43.22 -14.44
N HIS I 32 11.60 42.48 -14.10
CA HIS I 32 12.16 41.44 -14.98
C HIS I 32 12.38 40.23 -14.08
N VAL I 33 11.60 39.18 -14.30
CA VAL I 33 11.79 37.91 -13.62
C VAL I 33 12.71 37.09 -14.50
N ALA I 34 13.61 36.33 -13.88
CA ALA I 34 14.64 35.60 -14.61
C ALA I 34 14.53 34.11 -14.26
N LEU I 35 13.99 33.34 -15.22
CA LEU I 35 13.81 31.90 -15.03
C LEU I 35 15.03 31.19 -15.60
N LYS I 36 15.59 30.29 -14.82
CA LYS I 36 16.83 29.61 -15.19
C LYS I 36 16.50 28.21 -15.71
N GLN I 37 16.11 28.18 -16.99
CA GLN I 37 15.87 26.91 -17.68
C GLN I 37 17.16 26.48 -18.38
N GLU I 38 17.50 25.19 -18.25
CA GLU I 38 18.83 24.72 -18.62
C GLU I 38 18.92 24.55 -20.13
N ASP I 39 18.84 25.68 -20.83
CA ASP I 39 19.25 25.85 -22.21
C ASP I 39 20.06 27.12 -22.34
N GLY I 40 20.94 27.33 -21.36
CA GLY I 40 21.50 28.63 -21.05
C GLY I 40 21.33 28.96 -19.57
N SER I 41 20.31 28.37 -18.94
CA SER I 41 20.14 28.39 -17.48
C SER I 41 19.74 29.76 -16.95
N TRP I 42 19.07 30.57 -17.76
CA TRP I 42 18.53 31.86 -17.33
C TRP I 42 17.65 32.42 -18.46
N LYS I 43 16.47 32.93 -18.09
CA LYS I 43 15.54 33.47 -19.08
C LYS I 43 14.71 34.59 -18.44
N LYS I 44 15.10 35.83 -18.72
CA LYS I 44 14.44 37.03 -18.22
C LYS I 44 13.10 37.29 -18.91
N GLN I 45 12.00 37.08 -18.18
CA GLN I 45 10.65 37.28 -18.70
C GLN I 45 10.10 38.60 -18.16
N PRO I 46 9.81 39.59 -18.99
CA PRO I 46 9.33 40.87 -18.45
C PRO I 46 7.95 40.75 -17.81
N ILE I 47 7.70 41.69 -16.89
CA ILE I 47 6.44 41.79 -16.15
C ILE I 47 6.14 43.28 -16.00
N PRO I 48 4.90 43.73 -16.16
CA PRO I 48 4.61 45.14 -15.89
C PRO I 48 4.23 45.39 -14.44
N ALA I 49 4.36 46.66 -14.07
CA ALA I 49 3.89 47.19 -12.80
C ALA I 49 2.63 47.99 -13.11
N GLN I 50 2.14 48.72 -12.13
CA GLN I 50 1.11 49.71 -12.40
C GLN I 50 -0.23 49.14 -12.85
N THR I 51 -0.27 47.83 -13.11
CA THR I 51 -1.53 47.15 -13.36
C THR I 51 -1.98 46.31 -12.18
N LEU I 52 -1.06 46.00 -11.28
CA LEU I 52 -1.29 45.01 -10.25
C LEU I 52 -1.86 45.66 -9.00
N GLU I 53 -2.62 44.87 -8.26
CA GLU I 53 -3.09 45.24 -6.93
C GLU I 53 -2.80 44.13 -5.94
N ASP I 54 -2.15 43.06 -6.36
CA ASP I 54 -1.89 41.94 -5.45
C ASP I 54 -0.83 41.02 -6.07
N ILE I 55 -0.05 40.40 -5.18
CA ILE I 55 0.96 39.42 -5.56
C ILE I 55 0.83 38.23 -4.61
N VAL I 56 1.16 37.04 -5.11
CA VAL I 56 1.09 35.81 -4.32
C VAL I 56 2.34 35.00 -4.60
N LEU I 57 3.07 34.62 -3.55
CA LEU I 57 4.26 33.79 -3.65
C LEU I 57 4.02 32.46 -2.97
N LEU I 58 4.26 31.38 -3.71
CA LEU I 58 3.95 30.01 -3.31
C LEU I 58 5.18 29.27 -2.82
N GLY I 59 6.23 29.23 -3.63
CA GLY I 59 7.47 28.61 -3.22
C GLY I 59 8.18 29.55 -2.29
N TYR I 60 9.51 29.45 -2.26
CA TYR I 60 10.35 30.34 -1.46
C TYR I 60 11.38 31.01 -2.37
N PRO I 61 10.91 31.77 -3.35
CA PRO I 61 11.82 32.41 -4.31
C PRO I 61 12.57 33.61 -3.77
N SER I 62 13.63 33.97 -4.50
CA SER I 62 14.46 35.11 -4.17
C SER I 62 13.81 36.41 -4.62
N ILE I 63 14.11 37.48 -3.87
CA ILE I 63 13.57 38.80 -4.16
C ILE I 63 14.68 39.84 -4.00
N THR I 64 14.70 40.82 -4.91
CA THR I 64 15.53 42.01 -4.73
C THR I 64 14.86 42.93 -3.70
N GLY I 65 15.62 43.34 -2.68
CA GLY I 65 15.10 44.32 -1.75
C GLY I 65 14.77 45.65 -2.41
N GLU I 66 15.58 46.04 -3.40
CA GLU I 66 15.33 47.27 -4.13
C GLU I 66 13.96 47.28 -4.81
N ALA I 67 13.34 46.12 -5.00
CA ALA I 67 12.04 46.07 -5.68
C ALA I 67 10.87 46.38 -4.75
N LEU I 68 10.89 45.86 -3.52
CA LEU I 68 9.77 46.09 -2.60
C LEU I 68 9.61 47.58 -2.34
N GLY I 69 10.71 48.27 -2.08
CA GLY I 69 10.66 49.70 -1.89
C GLY I 69 10.00 50.37 -3.07
N TYR I 70 9.91 49.67 -4.20
CA TYR I 70 9.13 50.14 -5.33
C TYR I 70 7.69 49.64 -5.33
N ALA I 71 7.44 48.43 -4.81
CA ALA I 71 6.09 47.88 -4.83
C ALA I 71 5.18 48.53 -3.81
N LEU I 72 5.72 48.83 -2.64
CA LEU I 72 4.93 49.38 -1.55
C LEU I 72 4.83 50.90 -1.63
N GLU I 73 5.57 51.51 -2.56
CA GLU I 73 5.29 52.86 -3.02
C GLU I 73 4.09 52.89 -3.96
N LEU I 74 3.47 51.73 -4.19
CA LEU I 74 2.41 51.59 -5.18
C LEU I 74 1.16 50.91 -4.62
N GLY I 75 1.24 50.32 -3.43
CA GLY I 75 0.10 49.65 -2.85
C GLY I 75 0.05 48.20 -3.27
N LEU I 76 1.20 47.54 -3.35
CA LEU I 76 1.26 46.17 -3.84
C LEU I 76 1.55 45.23 -2.69
N PRO I 77 0.56 44.52 -2.17
CA PRO I 77 0.84 43.53 -1.13
C PRO I 77 1.67 42.39 -1.66
N VAL I 78 2.45 41.78 -0.76
CA VAL I 78 3.25 40.62 -1.08
C VAL I 78 2.89 39.53 -0.07
N HIS I 79 2.44 38.40 -0.58
CA HIS I 79 1.94 37.30 0.23
C HIS I 79 2.84 36.09 0.06
N TYR I 80 3.03 35.35 1.14
CA TYR I 80 3.93 34.20 1.15
C TYR I 80 3.18 32.93 1.49
N LEU I 81 3.41 31.89 0.71
CA LEU I 81 2.75 30.61 0.90
C LEU I 81 3.77 29.50 0.70
N THR I 82 3.29 28.26 0.76
CA THR I 82 4.07 27.06 0.51
C THR I 82 3.52 26.36 -0.73
N GLN I 83 4.35 25.48 -1.29
CA GLN I 83 3.87 24.64 -2.40
C GLN I 83 2.52 24.04 -2.05
N PHE I 84 2.28 23.79 -0.76
CA PHE I 84 1.03 23.23 -0.29
C PHE I 84 -0.08 24.28 -0.14
N GLY I 85 0.28 25.55 0.04
CA GLY I 85 -0.69 26.62 0.12
C GLY I 85 -0.99 27.13 1.51
N LYS I 86 -0.33 26.60 2.54
CA LYS I 86 -0.58 27.05 3.90
C LYS I 86 -0.09 28.48 4.10
N TYR I 87 -0.90 29.29 4.78
CA TYR I 87 -0.54 30.68 4.97
C TYR I 87 0.44 30.84 6.12
N VAL I 88 1.48 31.65 5.90
CA VAL I 88 2.51 31.90 6.88
C VAL I 88 2.63 33.39 7.23
N GLY I 89 2.59 34.27 6.23
CA GLY I 89 2.75 35.69 6.49
C GLY I 89 2.77 36.49 5.21
N SER I 90 2.77 37.82 5.39
CA SER I 90 2.76 38.76 4.28
C SER I 90 3.47 40.05 4.67
N ALA I 91 4.02 40.73 3.66
CA ALA I 91 4.72 41.99 3.81
C ALA I 91 3.81 43.10 3.29
N LEU I 92 3.51 44.09 4.13
CA LEU I 92 2.44 45.04 3.82
C LEU I 92 2.95 46.44 3.51
N PRO I 93 2.17 47.19 2.70
CA PRO I 93 2.55 48.56 2.31
C PRO I 93 2.23 49.61 3.36
N SER I 94 2.34 50.88 2.98
CA SER I 94 2.09 51.99 3.89
C SER I 94 0.77 51.80 4.64
N GLU I 95 0.84 51.98 5.96
CA GLU I 95 -0.26 51.63 6.86
C GLU I 95 -1.22 52.77 7.09
N SER I 96 -2.51 52.45 7.11
CA SER I 96 -3.52 53.44 7.44
C SER I 96 -3.20 54.12 8.76
N ARG I 97 -3.60 55.38 8.88
CA ARG I 97 -3.29 56.18 10.06
C ARG I 97 -4.52 56.59 10.85
N ASN I 98 -5.57 55.76 10.87
CA ASN I 98 -6.77 56.09 11.64
C ASN I 98 -6.68 55.36 12.97
N GLY I 99 -6.14 56.05 13.97
CA GLY I 99 -6.07 55.49 15.31
C GLY I 99 -7.44 55.35 15.96
N GLN I 100 -8.24 56.42 15.90
CA GLN I 100 -9.57 56.39 16.52
C GLN I 100 -10.35 55.13 16.18
N LEU I 101 -10.24 54.65 14.94
CA LEU I 101 -10.94 53.43 14.56
C LEU I 101 -10.47 52.25 15.40
N ARG I 102 -9.16 51.96 15.36
CA ARG I 102 -8.64 50.77 16.01
C ARG I 102 -8.97 50.73 17.49
N LEU I 103 -9.24 51.88 18.12
CA LEU I 103 -9.72 51.88 19.49
C LEU I 103 -11.12 51.28 19.57
N ALA I 104 -12.04 51.77 18.72
CA ALA I 104 -13.38 51.18 18.67
C ALA I 104 -13.31 49.69 18.38
N GLN I 105 -12.42 49.29 17.46
CA GLN I 105 -12.12 47.88 17.26
C GLN I 105 -11.80 47.19 18.58
N PHE I 106 -11.19 47.91 19.52
CA PHE I 106 -10.86 47.40 20.84
C PHE I 106 -11.95 47.70 21.86
N ARG I 107 -12.42 48.95 21.92
CA ARG I 107 -13.52 49.29 22.82
C ARG I 107 -14.66 48.27 22.70
N ALA I 108 -14.80 47.64 21.54
CA ALA I 108 -15.81 46.61 21.31
C ALA I 108 -15.35 45.21 21.72
N HIS I 109 -14.05 44.93 21.68
CA HIS I 109 -13.57 43.59 22.01
C HIS I 109 -13.72 43.27 23.49
N GLU I 110 -13.62 44.26 24.37
CA GLU I 110 -13.74 44.03 25.81
C GLU I 110 -15.14 44.28 26.36
N ASP I 111 -16.06 44.78 25.57
CA ASP I 111 -17.46 44.84 26.00
C ASP I 111 -18.16 43.67 25.34
N PRO I 112 -18.25 42.51 26.00
CA PRO I 112 -18.77 41.33 25.29
C PRO I 112 -20.16 41.54 24.73
N ILE I 113 -20.97 42.37 25.39
CA ILE I 113 -22.28 42.69 24.87
C ILE I 113 -22.16 43.35 23.51
N GLN I 114 -21.16 44.21 23.34
CA GLN I 114 -20.88 44.79 22.03
C GLN I 114 -20.28 43.72 21.10
N ARG I 115 -19.25 43.02 21.59
CA ARG I 115 -18.68 41.90 20.85
C ARG I 115 -19.74 40.88 20.50
N LEU I 116 -20.70 40.65 21.40
CA LEU I 116 -21.71 39.61 21.19
C LEU I 116 -22.63 39.95 20.02
N ASP I 117 -23.28 41.11 20.06
CA ASP I 117 -24.20 41.50 18.99
C ASP I 117 -23.51 41.50 17.62
N ILE I 118 -22.20 41.39 17.58
CA ILE I 118 -21.44 41.31 16.35
C ILE I 118 -21.26 39.86 15.89
N VAL I 119 -20.78 38.99 16.78
CA VAL I 119 -20.49 37.62 16.41
C VAL I 119 -21.73 36.93 15.85
N LYS I 120 -22.91 37.26 16.38
CA LYS I 120 -24.14 36.67 15.87
C LYS I 120 -24.34 36.93 14.38
N ALA I 121 -23.83 38.05 13.87
CA ALA I 121 -24.00 38.36 12.46
C ALA I 121 -23.05 37.54 11.60
N PHE I 122 -21.77 37.45 11.99
CA PHE I 122 -20.82 36.63 11.24
C PHE I 122 -21.39 35.23 11.03
N VAL I 123 -22.04 34.68 12.05
CA VAL I 123 -22.55 33.32 11.97
C VAL I 123 -23.78 33.26 11.07
N LYS I 124 -24.75 34.14 11.31
CA LYS I 124 -25.87 34.26 10.37
C LYS I 124 -25.38 34.45 8.94
N GLY I 125 -24.30 35.20 8.77
CA GLY I 125 -23.75 35.45 7.45
C GLY I 125 -22.93 34.33 6.87
N LYS I 126 -22.63 33.30 7.67
CA LYS I 126 -21.91 32.14 7.16
C LYS I 126 -22.87 30.99 6.85
N VAL I 127 -23.76 30.67 7.79
CA VAL I 127 -24.61 29.51 7.65
C VAL I 127 -25.67 29.74 6.57
N HIS I 128 -26.27 30.94 6.54
CA HIS I 128 -27.18 31.25 5.45
C HIS I 128 -26.50 31.07 4.10
N ASN I 129 -25.20 31.37 4.03
CA ASN I 129 -24.44 31.06 2.82
C ASN I 129 -24.32 29.55 2.63
N GLN I 130 -24.28 28.81 3.73
CA GLN I 130 -24.11 27.36 3.72
C GLN I 130 -25.39 26.65 3.32
N TYR I 131 -26.47 26.91 4.06
CA TYR I 131 -27.77 26.31 3.71
C TYR I 131 -28.18 26.67 2.30
N ASN I 132 -28.02 27.93 1.91
CA ASN I 132 -28.31 28.34 0.55
C ASN I 132 -27.29 27.79 -0.44
N LEU I 133 -26.19 27.22 0.04
CA LEU I 133 -25.23 26.54 -0.82
C LEU I 133 -25.69 25.12 -1.16
N LEU I 134 -26.07 24.35 -0.14
CA LEU I 134 -26.51 22.98 -0.42
C LEU I 134 -27.75 22.97 -1.29
N TYR I 135 -28.61 23.98 -1.15
CA TYR I 135 -29.71 24.18 -2.08
C TYR I 135 -29.18 24.68 -3.43
N ARG I 136 -28.05 25.39 -3.43
CA ARG I 136 -27.40 25.74 -4.69
C ARG I 136 -26.99 24.49 -5.46
N ARG I 137 -26.30 23.56 -4.79
CA ARG I 137 -25.90 22.32 -5.43
C ARG I 137 -27.03 21.30 -5.43
N GLY I 138 -28.12 21.59 -4.73
CA GLY I 138 -29.26 20.69 -4.67
C GLY I 138 -29.23 19.80 -3.45
N GLN I 139 -29.82 20.25 -2.35
CA GLN I 139 -29.87 19.47 -1.11
C GLN I 139 -30.60 20.32 -0.08
N VAL I 140 -30.97 19.68 1.02
CA VAL I 140 -31.74 20.34 2.07
C VAL I 140 -31.38 19.74 3.42
N PRO I 143 -30.98 20.55 7.21
CA PRO I 143 -30.47 20.51 8.58
C PRO I 143 -30.12 21.89 9.14
N LEU I 144 -29.93 22.88 8.27
CA LEU I 144 -29.58 24.23 8.70
C LEU I 144 -30.72 25.22 8.56
N LYS I 145 -31.90 24.80 8.10
CA LYS I 145 -33.02 25.72 8.02
C LYS I 145 -33.35 26.33 9.37
N GLY I 146 -33.19 25.54 10.44
CA GLY I 146 -33.44 26.04 11.79
C GLY I 146 -32.17 26.32 12.56
N ARG I 147 -31.05 25.74 12.14
CA ARG I 147 -29.78 25.93 12.81
C ARG I 147 -29.07 27.23 12.41
N GLY I 148 -29.73 28.10 11.65
CA GLY I 148 -29.16 29.40 11.40
C GLY I 148 -29.84 30.44 12.26
N LYS I 149 -31.13 30.24 12.50
CA LYS I 149 -31.89 31.15 13.33
C LYS I 149 -31.74 30.82 14.80
N LEU I 150 -31.36 29.57 15.11
CA LEU I 150 -30.99 29.18 16.46
C LEU I 150 -29.60 29.72 16.82
N VAL I 151 -29.39 31.00 16.58
CA VAL I 151 -28.14 31.67 16.88
C VAL I 151 -28.52 32.93 17.64
N MET I 152 -29.41 33.72 17.02
CA MET I 152 -29.99 34.89 17.66
C MET I 152 -30.64 34.55 18.99
N ARG I 153 -31.07 33.30 19.18
CA ARG I 153 -31.61 32.84 20.45
C ARG I 153 -30.52 32.47 21.45
N GLN I 154 -29.32 33.02 21.31
CA GLN I 154 -28.25 32.77 22.26
C GLN I 154 -27.92 34.07 22.99
N GLN I 155 -27.20 33.90 24.10
CA GLN I 155 -26.89 35.02 24.99
C GLN I 155 -25.45 35.00 25.44
N THR I 156 -24.60 34.17 24.83
CA THR I 156 -23.19 34.14 25.17
C THR I 156 -22.38 33.66 23.97
N LEU I 157 -21.06 33.67 24.15
CA LEU I 157 -20.12 33.24 23.11
C LEU I 157 -19.81 31.76 23.17
N GLU I 158 -19.35 31.28 24.33
CA GLU I 158 -18.93 29.88 24.46
C GLU I 158 -20.04 28.92 24.07
N GLN I 159 -21.29 29.23 24.41
CA GLN I 159 -22.40 28.43 23.92
C GLN I 159 -22.41 28.40 22.40
N VAL I 160 -21.94 29.47 21.78
CA VAL I 160 -22.07 29.67 20.34
C VAL I 160 -20.87 29.09 19.58
N ARG I 161 -19.66 29.31 20.08
CA ARG I 161 -18.48 28.81 19.37
C ARG I 161 -18.59 27.32 19.11
N GLY I 162 -19.19 26.57 20.05
CA GLY I 162 -19.51 25.18 19.81
C GLY I 162 -20.54 24.98 18.71
N ILE I 163 -21.39 25.99 18.46
CA ILE I 163 -22.45 25.84 17.47
C ILE I 163 -21.86 25.76 16.08
N GLU I 164 -20.93 26.68 15.78
CA GLU I 164 -20.22 26.61 14.50
C GLU I 164 -19.55 25.25 14.32
N GLY I 165 -18.95 24.72 15.40
CA GLY I 165 -18.34 23.40 15.32
C GLY I 165 -19.33 22.30 14.98
N LEU I 166 -20.56 22.40 15.50
CA LEU I 166 -21.57 21.42 15.13
C LEU I 166 -21.97 21.59 13.66
N ALA I 167 -22.40 22.80 13.29
CA ALA I 167 -22.79 23.04 11.91
C ALA I 167 -21.65 22.75 10.96
N ALA I 168 -20.41 23.05 11.37
CA ALA I 168 -19.25 22.74 10.53
C ALA I 168 -19.11 21.24 10.35
N ARG I 169 -19.16 20.48 11.45
CA ARG I 169 -19.15 19.03 11.36
C ARG I 169 -20.38 18.51 10.62
N GLU I 170 -21.53 19.16 10.83
CA GLU I 170 -22.70 18.87 10.02
C GLU I 170 -22.51 19.32 8.57
N TYR I 171 -21.62 20.29 8.34
CA TYR I 171 -21.36 20.80 7.00
C TYR I 171 -20.41 19.90 6.23
N PHE I 172 -19.41 19.32 6.91
CA PHE I 172 -18.46 18.47 6.21
C PHE I 172 -18.93 17.04 6.06
N ALA I 173 -19.69 16.52 7.04
CA ALA I 173 -20.25 15.18 6.93
C ALA I 173 -21.43 15.12 5.98
N SER I 174 -22.00 16.27 5.61
CA SER I 174 -23.13 16.35 4.70
C SER I 174 -22.69 16.49 3.24
N TRP I 175 -21.45 16.16 2.93
CA TRP I 175 -20.89 16.38 1.60
C TRP I 175 -20.92 15.13 0.71
N GLN I 176 -20.50 13.98 1.26
CA GLN I 176 -20.40 12.75 0.48
C GLN I 176 -21.61 12.50 -0.41
N GLU I 177 -22.82 12.75 0.09
CA GLU I 177 -24.00 12.57 -0.74
C GLU I 177 -23.96 13.45 -1.98
N MET I 178 -23.30 14.62 -1.90
CA MET I 178 -23.26 15.53 -3.05
C MET I 178 -22.07 15.28 -3.97
N LEU I 179 -20.99 14.68 -3.49
CA LEU I 179 -19.81 14.45 -4.34
C LEU I 179 -19.97 13.21 -5.20
N GLY I 180 -20.16 12.06 -4.56
CA GLY I 180 -20.15 10.79 -5.26
C GLY I 180 -19.23 9.78 -4.58
N HIS I 181 -18.72 8.82 -5.35
CA HIS I 181 -17.93 7.74 -4.79
C HIS I 181 -16.44 7.92 -4.93
N GLU I 182 -15.98 8.79 -5.83
CA GLU I 182 -14.56 8.88 -6.12
C GLU I 182 -13.75 9.32 -4.91
N TRP I 183 -14.30 10.17 -4.06
CA TRP I 183 -13.57 10.66 -2.89
C TRP I 183 -14.32 10.29 -1.62
N THR I 184 -13.60 10.44 -0.50
CA THR I 184 -14.11 10.11 0.82
C THR I 184 -13.85 11.26 1.78
N PHE I 185 -14.82 11.56 2.64
CA PHE I 185 -14.64 12.55 3.70
C PHE I 185 -15.38 12.05 4.92
N THR I 186 -14.62 11.71 5.96
CA THR I 186 -15.16 11.33 7.27
C THR I 186 -14.89 12.34 8.37
N GLY I 187 -13.71 12.95 8.37
CA GLY I 187 -13.31 13.88 9.41
C GLY I 187 -12.22 14.77 8.85
N ARG I 188 -11.78 15.72 9.67
CA ARG I 188 -10.82 16.70 9.16
C ARG I 188 -10.12 17.53 10.23
N PHE I 189 -8.81 17.66 10.10
CA PHE I 189 -7.96 18.44 10.98
C PHE I 189 -7.39 19.58 10.15
N ARG I 190 -7.17 20.73 10.78
CA ARG I 190 -6.75 21.91 10.03
C ARG I 190 -5.39 21.75 9.36
N ARG I 191 -4.33 21.68 10.14
CA ARG I 191 -3.00 21.53 9.55
C ARG I 191 -2.84 20.24 8.74
N PRO I 192 -3.12 19.05 9.27
CA PRO I 192 -2.68 17.82 8.60
C PRO I 192 -3.51 17.54 7.36
N PRO I 193 -2.88 17.36 6.20
CA PRO I 193 -3.66 16.98 5.00
C PRO I 193 -3.91 15.48 4.91
N THR I 194 -4.29 14.83 6.01
CA THR I 194 -4.59 13.40 6.00
C THR I 194 -5.41 12.95 4.79
N ASP I 195 -6.25 13.84 4.28
CA ASP I 195 -7.03 13.68 3.06
C ASP I 195 -6.60 14.74 2.05
N PRO I 196 -6.68 14.46 0.74
CA PRO I 196 -6.27 15.49 -0.23
C PRO I 196 -7.00 16.80 -0.01
N VAL I 197 -8.33 16.77 0.10
CA VAL I 197 -9.09 18.00 0.27
C VAL I 197 -8.58 18.75 1.49
N ASN I 198 -8.38 18.03 2.61
CA ASN I 198 -7.81 18.61 3.81
C ASN I 198 -6.55 19.41 3.48
N ALA I 199 -5.81 19.00 2.45
CA ALA I 199 -4.69 19.81 1.99
C ALA I 199 -5.19 21.03 1.21
N LEU I 200 -6.23 20.82 0.40
CA LEU I 200 -6.79 21.92 -0.39
C LEU I 200 -7.42 22.97 0.49
N LEU I 201 -8.01 22.57 1.61
CA LEU I 201 -8.60 23.54 2.53
C LEU I 201 -7.51 24.37 3.18
N SER I 202 -6.48 23.73 3.73
CA SER I 202 -5.27 24.45 4.13
C SER I 202 -4.71 25.24 2.96
N PHE I 203 -4.94 24.78 1.72
CA PHE I 203 -4.52 25.53 0.54
C PHE I 203 -5.43 26.73 0.32
N GLY I 204 -6.74 26.48 0.18
CA GLY I 204 -7.66 27.58 -0.04
C GLY I 204 -7.76 28.51 1.14
N TYR I 205 -7.96 27.94 2.34
CA TYR I 205 -7.97 28.76 3.55
C TYR I 205 -6.68 29.55 3.71
N GLY I 206 -5.57 29.07 3.15
CA GLY I 206 -4.32 29.78 3.28
C GLY I 206 -4.22 30.98 2.35
N LEU I 207 -4.56 30.78 1.08
CA LEU I 207 -4.59 31.89 0.14
C LEU I 207 -5.81 32.77 0.32
N LEU I 208 -6.73 32.46 1.22
CA LEU I 208 -7.83 33.39 1.47
C LEU I 208 -7.37 34.57 2.32
N ARG I 209 -6.48 34.32 3.29
CA ARG I 209 -5.92 35.41 4.08
C ARG I 209 -5.30 36.49 3.21
N THR I 210 -4.79 36.12 2.02
CA THR I 210 -4.09 37.12 1.20
C THR I 210 -5.02 38.26 0.82
N GLN I 211 -6.21 37.93 0.31
CA GLN I 211 -7.15 38.96 -0.11
C GLN I 211 -7.81 39.63 1.08
N VAL I 212 -7.92 38.94 2.21
CA VAL I 212 -8.48 39.54 3.41
C VAL I 212 -7.43 40.36 4.16
N THR I 213 -6.25 39.77 4.38
CA THR I 213 -5.17 40.48 5.07
C THR I 213 -4.81 41.78 4.37
N ALA I 214 -5.19 41.93 3.09
CA ALA I 214 -4.96 43.16 2.36
C ALA I 214 -6.08 44.16 2.59
N ALA I 215 -7.33 43.69 2.53
CA ALA I 215 -8.47 44.59 2.70
C ALA I 215 -8.40 45.33 4.02
N VAL I 216 -7.95 44.67 5.08
CA VAL I 216 -7.87 45.31 6.38
C VAL I 216 -6.82 46.42 6.37
N HIS I 217 -5.65 46.15 5.78
CA HIS I 217 -4.60 47.16 5.73
C HIS I 217 -5.05 48.41 4.99
N ILE I 218 -6.05 48.29 4.11
CA ILE I 218 -6.63 49.47 3.49
C ILE I 218 -7.57 50.17 4.46
N ALA I 219 -8.39 49.39 5.17
CA ALA I 219 -9.28 49.93 6.18
C ALA I 219 -8.55 50.31 7.46
N GLY I 220 -7.26 49.97 7.58
CA GLY I 220 -6.49 50.31 8.75
C GLY I 220 -6.77 49.49 9.98
N LEU I 221 -7.45 48.35 9.85
CA LEU I 221 -7.81 47.58 11.02
C LEU I 221 -6.61 46.84 11.59
N ASP I 222 -6.67 46.57 12.89
CA ASP I 222 -5.67 45.75 13.57
C ASP I 222 -6.08 44.29 13.46
N PRO I 223 -5.41 43.48 12.64
CA PRO I 223 -5.84 42.08 12.47
C PRO I 223 -5.86 41.28 13.76
N TYR I 224 -5.01 41.64 14.73
CA TYR I 224 -4.83 40.86 15.94
C TYR I 224 -5.98 40.99 16.93
N ILE I 225 -7.00 41.80 16.62
CA ILE I 225 -8.16 41.99 17.49
C ILE I 225 -9.38 41.48 16.75
N GLY I 226 -10.01 40.43 17.30
CA GLY I 226 -11.18 39.86 16.70
C GLY I 226 -12.39 39.90 17.62
N PHE I 227 -13.48 39.30 17.13
CA PHE I 227 -14.74 39.26 17.86
C PHE I 227 -15.21 37.85 18.14
N LEU I 228 -14.91 36.89 17.27
CA LEU I 228 -15.15 35.48 17.52
C LEU I 228 -13.90 34.80 18.07
N HIS I 229 -12.81 34.82 17.30
CA HIS I 229 -11.55 34.21 17.72
C HIS I 229 -10.85 35.11 18.74
N GLU I 230 -10.85 34.72 20.01
CA GLU I 230 -10.13 35.49 21.01
C GLU I 230 -8.64 35.51 20.64
N THR I 231 -8.04 36.70 20.69
CA THR I 231 -6.68 36.91 20.21
C THR I 231 -5.63 36.37 21.16
N THR I 232 -6.03 35.58 22.17
CA THR I 232 -5.08 34.94 23.08
C THR I 232 -4.61 33.60 22.50
N ARG I 233 -4.18 33.63 21.23
CA ARG I 233 -3.58 32.47 20.59
C ARG I 233 -2.42 32.87 19.68
N GLY I 234 -1.99 34.13 19.71
CA GLY I 234 -0.98 34.57 18.77
C GLY I 234 -1.42 34.48 17.33
N GLN I 235 -2.71 34.66 17.06
CA GLN I 235 -3.27 34.55 15.72
C GLN I 235 -4.17 35.74 15.42
N PRO I 236 -4.02 36.39 14.26
CA PRO I 236 -4.87 37.54 13.96
C PRO I 236 -6.33 37.15 13.79
N ALA I 237 -7.16 37.56 14.74
CA ALA I 237 -8.55 37.13 14.80
C ALA I 237 -9.48 38.00 13.98
N MET I 238 -9.16 39.29 13.82
CA MET I 238 -10.00 40.13 12.97
C MET I 238 -10.06 39.60 11.55
N ILE I 239 -9.05 38.84 11.13
CA ILE I 239 -9.10 38.19 9.83
C ILE I 239 -10.03 36.98 9.88
N LEU I 240 -9.71 36.03 10.75
CA LEU I 240 -10.45 34.77 10.77
C LEU I 240 -11.91 35.00 11.15
N ASP I 241 -12.18 35.96 12.05
CA ASP I 241 -13.57 36.33 12.31
C ASP I 241 -14.25 36.73 11.01
N LEU I 242 -13.50 37.42 10.14
CA LEU I 242 -14.04 37.80 8.84
C LEU I 242 -13.91 36.69 7.81
N MET I 243 -12.76 36.01 7.78
CA MET I 243 -12.49 35.02 6.74
C MET I 243 -13.57 33.95 6.70
N GLU I 244 -14.26 33.71 7.82
CA GLU I 244 -15.30 32.68 7.85
C GLU I 244 -16.44 33.05 6.92
N GLU I 245 -16.84 34.33 6.89
CA GLU I 245 -17.95 34.74 6.06
C GLU I 245 -17.70 34.46 4.58
N PHE I 246 -16.44 34.34 4.18
CA PHE I 246 -16.06 34.08 2.80
C PHE I 246 -15.46 32.70 2.61
N ARG I 247 -15.00 32.08 3.70
CA ARG I 247 -14.48 30.72 3.64
C ARG I 247 -15.48 29.77 3.01
N ALA I 248 -16.78 30.03 3.22
CA ALA I 248 -17.84 29.12 2.81
C ALA I 248 -18.30 29.32 1.37
N LEU I 249 -17.89 30.42 0.72
CA LEU I 249 -18.44 30.80 -0.57
C LEU I 249 -17.46 30.74 -1.72
N VAL I 250 -16.17 30.87 -1.47
CA VAL I 250 -15.16 30.94 -2.52
C VAL I 250 -14.23 29.73 -2.49
N ALA I 251 -13.67 29.41 -1.31
CA ALA I 251 -12.80 28.25 -1.21
C ALA I 251 -13.60 26.95 -1.21
N ASP I 252 -14.83 26.99 -0.69
CA ASP I 252 -15.68 25.81 -0.70
C ASP I 252 -16.44 25.66 -2.01
N SER I 253 -16.75 26.78 -2.68
CA SER I 253 -17.37 26.71 -3.99
C SER I 253 -16.39 26.45 -5.12
N VAL I 254 -15.16 26.93 -5.00
CA VAL I 254 -14.22 26.81 -6.11
C VAL I 254 -14.00 25.33 -6.44
N VAL I 255 -13.75 24.51 -5.42
CA VAL I 255 -13.50 23.09 -5.64
C VAL I 255 -14.71 22.42 -6.28
N LEU I 256 -15.91 22.69 -5.74
CA LEU I 256 -17.09 21.95 -6.16
C LEU I 256 -17.48 22.21 -7.61
N THR I 257 -17.04 23.31 -8.21
CA THR I 257 -17.25 23.55 -9.63
C THR I 257 -16.14 22.98 -10.52
N VAL I 258 -14.94 22.78 -9.97
CA VAL I 258 -13.83 22.26 -10.77
C VAL I 258 -13.72 20.74 -10.65
N LEU I 259 -14.21 20.17 -9.56
CA LEU I 259 -14.28 18.72 -9.45
C LEU I 259 -15.45 18.19 -10.25
N LYS I 260 -16.05 19.07 -11.06
CA LYS I 260 -17.00 18.71 -12.09
C LYS I 260 -16.18 18.64 -13.38
N GLN I 261 -15.45 17.53 -13.51
CA GLN I 261 -14.57 17.12 -14.61
C GLN I 261 -13.14 17.64 -14.59
N ARG I 262 -12.70 18.42 -13.60
CA ARG I 262 -11.36 18.99 -13.61
C ARG I 262 -10.62 18.62 -12.34
N GLU I 263 -9.33 18.31 -12.47
CA GLU I 263 -8.52 17.96 -11.31
C GLU I 263 -9.27 17.00 -10.40
N ILE I 264 -9.45 15.77 -10.85
CA ILE I 264 -10.22 14.77 -10.12
C ILE I 264 -9.31 13.74 -9.46
N GLN I 265 -8.37 13.20 -10.20
CA GLN I 265 -7.42 12.21 -9.71
C GLN I 265 -6.25 12.26 -10.68
N ARG I 266 -5.38 11.24 -10.65
CA ARG I 266 -4.19 11.15 -11.49
C ARG I 266 -3.15 12.11 -10.95
N GLN I 267 -3.53 13.03 -10.07
CA GLN I 267 -2.75 14.12 -9.49
C GLN I 267 -2.70 13.88 -7.99
N ASP I 268 -2.27 14.91 -7.26
CA ASP I 268 -2.32 14.88 -5.79
C ASP I 268 -1.43 13.74 -5.26
N PHE I 269 -0.13 13.88 -5.48
CA PHE I 269 0.80 12.84 -5.06
C PHE I 269 0.64 12.54 -3.58
N THR I 270 0.70 11.24 -3.25
CA THR I 270 0.56 10.74 -1.89
C THR I 270 1.87 10.61 -1.13
N GLU I 271 2.99 11.06 -1.70
CA GLU I 271 4.28 10.86 -1.05
C GLU I 271 4.26 11.38 0.38
N SER I 272 5.25 11.01 1.19
CA SER I 272 5.38 11.56 2.55
C SER I 272 4.14 11.24 3.39
N LEU I 273 4.01 9.96 3.73
CA LEU I 273 2.82 9.42 4.38
C LEU I 273 2.18 10.44 5.31
N GLY I 274 0.88 10.67 5.13
CA GLY I 274 0.20 11.79 5.75
C GLY I 274 0.27 13.07 4.97
N ALA I 275 0.75 13.04 3.72
CA ALA I 275 0.90 14.22 2.90
C ALA I 275 0.29 13.99 1.52
N PHE I 276 -0.45 14.99 1.04
CA PHE I 276 -1.05 14.97 -0.30
C PHE I 276 -0.74 16.31 -0.98
N ARG I 277 0.44 16.42 -1.58
CA ARG I 277 0.75 17.60 -2.36
C ARG I 277 0.22 17.43 -3.77
N LEU I 278 0.15 18.53 -4.51
CA LEU I 278 -0.26 18.49 -5.90
C LEU I 278 0.96 18.45 -6.81
N THR I 279 0.69 18.15 -8.08
CA THR I 279 1.68 18.24 -9.14
C THR I 279 1.73 19.65 -9.72
N ASP I 280 2.88 20.01 -10.27
CA ASP I 280 2.94 21.24 -11.04
C ASP I 280 1.98 21.09 -12.22
N SER I 281 1.47 22.22 -12.71
CA SER I 281 0.45 22.32 -13.74
C SER I 281 -0.93 22.05 -13.15
N ALA I 282 -1.02 21.54 -11.92
CA ALA I 282 -2.26 21.52 -11.15
C ALA I 282 -2.32 22.73 -10.24
N THR I 283 -1.19 23.08 -9.62
CA THR I 283 -1.11 24.36 -8.92
C THR I 283 -1.43 25.50 -9.86
N LYS I 284 -0.95 25.41 -11.10
CA LYS I 284 -1.23 26.44 -12.10
C LYS I 284 -2.66 26.36 -12.63
N THR I 285 -3.29 25.17 -12.56
CA THR I 285 -4.66 25.02 -13.04
C THR I 285 -5.69 25.42 -11.98
N PHE I 286 -5.45 25.09 -10.72
CA PHE I 286 -6.38 25.45 -9.66
C PHE I 286 -6.59 26.96 -9.58
N LEU I 287 -5.49 27.72 -9.71
CA LEU I 287 -5.54 29.15 -9.45
C LEU I 287 -6.33 29.90 -10.51
N GLY I 288 -6.24 29.46 -11.77
CA GLY I 288 -7.04 30.05 -12.81
C GLY I 288 -8.51 30.06 -12.43
N ALA I 289 -8.96 28.97 -11.80
CA ALA I 289 -10.34 28.90 -11.33
C ALA I 289 -10.57 29.85 -10.16
N PHE I 290 -9.52 30.15 -9.40
CA PHE I 290 -9.68 31.08 -8.28
C PHE I 290 -9.99 32.48 -8.82
N ASP I 291 -9.30 32.89 -9.88
CA ASP I 291 -9.58 34.18 -10.52
C ASP I 291 -10.92 34.19 -11.24
N ARG I 292 -11.44 33.02 -11.66
CA ARG I 292 -12.78 33.00 -12.23
C ARG I 292 -13.79 33.61 -11.26
N LYS I 293 -13.77 33.16 -10.00
CA LYS I 293 -14.64 33.74 -8.99
C LYS I 293 -14.32 35.21 -8.79
N LEU I 294 -13.03 35.55 -8.78
CA LEU I 294 -12.58 36.93 -8.60
C LEU I 294 -12.73 37.75 -9.87
N SER I 295 -13.29 37.16 -10.92
CA SER I 295 -13.63 37.84 -12.16
C SER I 295 -15.14 37.71 -12.41
N SER I 296 -15.90 37.55 -11.34
CA SER I 296 -17.31 37.17 -11.40
C SER I 296 -18.13 38.19 -10.64
N GLU I 297 -18.87 39.01 -11.38
CA GLU I 297 -19.72 40.01 -10.76
C GLU I 297 -20.89 39.32 -10.05
N PHE I 298 -21.74 40.10 -9.39
CA PHE I 298 -22.97 39.53 -8.88
C PHE I 298 -23.96 40.63 -8.51
N LYS I 299 -25.20 40.20 -8.32
CA LYS I 299 -26.31 41.10 -7.98
C LYS I 299 -26.12 41.82 -6.66
N HIS I 300 -25.50 41.21 -5.66
CA HIS I 300 -25.33 41.93 -4.40
C HIS I 300 -26.70 42.31 -3.84
N PRO I 301 -27.43 41.36 -3.23
CA PRO I 301 -28.89 41.49 -3.08
C PRO I 301 -29.41 42.91 -2.85
N ILE I 302 -28.69 43.73 -2.09
CA ILE I 302 -29.16 45.10 -1.86
C ILE I 302 -28.81 46.00 -3.04
N PHE I 303 -27.65 45.79 -3.66
CA PHE I 303 -27.23 46.68 -4.75
C PHE I 303 -27.84 46.27 -6.08
N ASN I 304 -28.07 44.98 -6.27
CA ASN I 304 -28.77 44.32 -7.37
C ASN I 304 -27.96 44.23 -8.68
N TYR I 305 -26.85 44.98 -8.85
CA TYR I 305 -26.09 44.77 -10.08
C TYR I 305 -24.68 45.38 -10.12
N LYS I 306 -23.66 44.69 -9.58
CA LYS I 306 -22.26 45.13 -9.66
C LYS I 306 -21.34 44.36 -8.70
N CYS I 307 -20.10 44.84 -8.52
CA CYS I 307 -19.21 44.41 -7.45
C CYS I 307 -18.72 42.98 -7.46
N THR I 308 -17.65 42.71 -8.23
CA THR I 308 -17.01 41.40 -8.17
C THR I 308 -16.74 41.00 -6.73
N TYR I 309 -16.48 39.70 -6.50
CA TYR I 309 -16.19 39.22 -5.15
C TYR I 309 -14.98 39.95 -4.54
N ARG I 310 -13.90 40.08 -5.31
CA ARG I 310 -12.68 40.69 -4.79
C ARG I 310 -12.97 42.00 -4.07
N ARG I 311 -13.92 42.79 -4.58
CA ARG I 311 -14.21 44.08 -3.97
C ARG I 311 -15.06 43.95 -2.71
N ALA I 312 -16.04 43.04 -2.71
CA ALA I 312 -16.90 42.88 -1.55
C ALA I 312 -16.10 42.78 -0.25
N ILE I 313 -14.90 42.19 -0.33
CA ILE I 313 -14.06 42.08 0.86
C ILE I 313 -13.50 43.46 1.24
N GLU I 314 -12.89 44.15 0.27
CA GLU I 314 -12.54 45.56 0.48
C GLU I 314 -13.73 46.30 1.06
N LEU I 315 -14.94 45.92 0.64
CA LEU I 315 -16.17 46.56 1.09
C LEU I 315 -16.52 46.20 2.53
N GLN I 316 -16.64 44.89 2.82
CA GLN I 316 -17.05 44.46 4.16
C GLN I 316 -16.23 45.10 5.26
N ALA I 317 -14.92 45.25 5.04
CA ALA I 317 -14.09 45.93 6.03
C ALA I 317 -14.57 47.37 6.22
N ARG I 318 -14.72 48.10 5.11
CA ARG I 318 -15.23 49.46 5.19
C ARG I 318 -16.63 49.48 5.80
N LEU I 319 -17.49 48.52 5.44
CA LEU I 319 -18.79 48.43 6.08
C LEU I 319 -18.65 48.33 7.60
N LEU I 320 -17.71 47.50 8.07
CA LEU I 320 -17.53 47.33 9.50
C LEU I 320 -16.91 48.59 10.12
N ALA I 321 -15.91 49.16 9.46
CA ALA I 321 -15.30 50.39 9.96
C ALA I 321 -16.36 51.43 10.25
N ARG I 322 -17.30 51.61 9.33
CA ARG I 322 -18.39 52.56 9.56
C ARG I 322 -19.31 52.09 10.69
N HIS I 323 -19.51 50.77 10.80
CA HIS I 323 -20.30 50.24 11.90
C HIS I 323 -19.77 50.65 13.27
N LEU I 324 -18.47 50.92 13.38
CA LEU I 324 -17.87 51.18 14.68
C LEU I 324 -17.76 52.67 14.99
N GLN I 325 -17.39 53.49 14.02
CA GLN I 325 -17.32 54.94 14.22
C GLN I 325 -18.55 55.67 13.69
N GLU I 326 -19.19 55.17 12.65
CA GLU I 326 -20.36 55.83 12.08
C GLU I 326 -21.66 55.16 12.49
N GLY I 327 -21.58 53.98 13.11
CA GLY I 327 -22.75 53.33 13.66
C GLY I 327 -23.64 52.64 12.66
N VAL I 328 -23.15 52.35 11.44
CA VAL I 328 -24.00 51.71 10.46
C VAL I 328 -24.24 50.27 10.89
N VAL I 329 -25.24 49.65 10.26
CA VAL I 329 -25.47 48.22 10.46
C VAL I 329 -24.44 47.44 9.66
N TYR I 330 -24.13 46.24 10.13
CA TYR I 330 -23.27 45.32 9.40
C TYR I 330 -24.18 44.16 8.99
N GLU I 331 -24.81 44.29 7.82
CA GLU I 331 -25.64 43.22 7.28
C GLU I 331 -24.72 42.31 6.49
N PRO I 332 -24.40 41.12 6.98
CA PRO I 332 -23.42 40.28 6.27
C PRO I 332 -23.93 39.90 4.90
N LEU I 333 -23.12 39.19 4.13
CA LEU I 333 -23.46 38.85 2.75
C LEU I 333 -24.25 37.55 2.75
N VAL I 334 -25.36 37.54 2.02
CA VAL I 334 -26.29 36.42 1.99
C VAL I 334 -26.57 36.06 0.54
N ILE I 335 -26.61 34.76 0.26
CA ILE I 335 -26.75 34.25 -1.11
C ILE I 335 -27.98 33.37 -1.20
N ARG I 336 -28.61 33.41 -2.38
CA ARG I 336 -29.75 32.56 -2.69
C ARG I 336 -29.70 32.12 -4.16
N MET J 12 16.50 34.78 22.31
CA MET J 12 16.94 35.95 23.06
C MET J 12 17.93 36.81 22.27
N SER J 13 17.67 36.98 20.98
CA SER J 13 18.53 37.83 20.15
C SER J 13 17.81 38.12 18.84
N THR J 14 18.46 38.93 18.02
CA THR J 14 17.94 39.37 16.73
C THR J 14 19.13 39.59 15.80
N LEU J 15 18.85 39.68 14.50
CA LEU J 15 19.89 39.73 13.49
C LEU J 15 19.93 41.08 12.79
N TYR J 16 21.14 41.58 12.56
CA TYR J 16 21.41 42.87 11.95
C TYR J 16 22.39 42.72 10.80
N LEU J 17 22.19 43.54 9.77
CA LEU J 17 23.07 43.56 8.61
C LEU J 17 23.25 44.99 8.12
N THR J 18 24.49 45.39 7.89
CA THR J 18 24.81 46.74 7.44
C THR J 18 25.17 46.78 5.97
N GLN J 19 25.78 45.74 5.47
CA GLN J 19 26.36 45.70 4.13
C GLN J 19 25.34 45.17 3.14
N PRO J 20 25.11 45.85 2.02
CA PRO J 20 24.15 45.34 1.03
C PRO J 20 24.75 44.23 0.18
N ASP J 21 25.84 43.62 0.68
CA ASP J 21 26.55 42.56 -0.03
C ASP J 21 26.43 41.20 0.66
N ALA J 22 25.47 41.04 1.58
CA ALA J 22 25.33 39.82 2.37
C ALA J 22 24.14 39.01 1.88
N VAL J 23 24.37 37.72 1.64
CA VAL J 23 23.32 36.79 1.21
C VAL J 23 23.11 35.74 2.30
N LEU J 24 21.85 35.35 2.47
CA LEU J 24 21.45 34.33 3.44
C LEU J 24 21.02 33.07 2.69
N SER J 25 21.64 31.94 3.04
CA SER J 25 21.29 30.62 2.51
C SER J 25 20.93 29.72 3.68
N LYS J 26 20.31 28.58 3.37
CA LYS J 26 19.96 27.59 4.37
C LYS J 26 20.88 26.38 4.27
N LYS J 27 21.35 25.89 5.42
CA LYS J 27 22.13 24.65 5.46
C LYS J 27 21.36 23.60 6.28
N HIS J 28 20.40 23.00 5.60
CA HIS J 28 19.55 21.88 6.00
C HIS J 28 18.55 22.13 7.11
N GLU J 29 18.82 23.08 8.02
CA GLU J 29 17.82 23.55 8.96
C GLU J 29 18.16 24.94 9.47
N ALA J 30 19.21 25.55 8.94
CA ALA J 30 19.78 26.74 9.56
C ALA J 30 20.31 27.68 8.50
N PHE J 31 20.64 28.89 8.95
CA PHE J 31 20.98 30.00 8.08
C PHE J 31 22.49 30.07 7.87
N HIS J 32 22.89 30.63 6.72
CA HIS J 32 24.29 30.85 6.40
C HIS J 32 24.47 32.26 5.85
N VAL J 33 25.26 33.07 6.54
CA VAL J 33 25.57 34.42 6.08
C VAL J 33 26.83 34.37 5.24
N ALA J 34 26.82 35.12 4.14
CA ALA J 34 27.96 35.22 3.23
C ALA J 34 28.25 36.70 3.05
N LEU J 35 29.28 37.19 3.72
CA LEU J 35 29.65 38.60 3.66
C LEU J 35 30.74 38.78 2.61
N LYS J 36 30.72 39.92 1.93
CA LYS J 36 31.70 40.13 0.88
C LYS J 36 32.95 40.76 1.48
N GLN J 37 32.79 41.79 2.30
CA GLN J 37 33.92 42.29 3.05
C GLN J 37 35.07 42.69 2.12
N GLU J 38 34.94 43.85 1.46
CA GLU J 38 35.93 44.33 0.52
C GLU J 38 37.33 43.85 0.90
N ASP J 39 38.13 43.48 -0.10
CA ASP J 39 39.30 42.62 0.09
C ASP J 39 38.90 41.18 0.31
N GLY J 40 38.08 40.64 -0.59
CA GLY J 40 37.81 39.22 -0.67
C GLY J 40 36.37 38.90 -0.38
N SER J 41 36.15 37.69 0.16
CA SER J 41 34.84 37.20 0.59
C SER J 41 34.82 36.87 2.09
N TRP J 42 35.59 37.65 2.86
CA TRP J 42 35.73 37.48 4.30
C TRP J 42 34.40 37.29 5.05
N LYS J 43 34.46 36.48 6.12
CA LYS J 43 33.36 36.26 7.08
C LYS J 43 32.10 35.62 6.47
N LYS J 44 32.24 34.32 6.16
CA LYS J 44 31.13 33.49 5.72
C LYS J 44 30.34 32.88 6.89
N GLN J 45 30.29 33.56 8.04
CA GLN J 45 29.72 32.96 9.25
C GLN J 45 28.26 32.53 9.21
N PRO J 46 27.98 31.23 9.31
CA PRO J 46 26.59 30.77 9.42
C PRO J 46 26.06 31.08 10.82
N ILE J 47 24.74 31.11 10.95
CA ILE J 47 24.13 31.41 12.24
C ILE J 47 22.93 30.49 12.47
N PRO J 48 22.76 29.99 13.70
CA PRO J 48 21.62 29.11 14.00
C PRO J 48 20.35 29.82 14.42
N ALA J 49 19.30 29.03 14.62
CA ALA J 49 18.04 29.49 15.16
C ALA J 49 18.03 29.23 16.66
N GLN J 50 16.87 29.33 17.28
CA GLN J 50 16.57 29.04 18.68
C GLN J 50 17.03 30.18 19.60
N THR J 51 17.81 31.15 19.10
CA THR J 51 18.06 32.37 19.85
C THR J 51 17.34 33.58 19.26
N LEU J 52 16.98 33.52 17.98
CA LEU J 52 16.45 34.69 17.28
C LEU J 52 14.92 34.67 17.34
N GLU J 53 14.34 35.86 17.37
CA GLU J 53 12.90 35.99 17.20
C GLU J 53 12.56 37.15 16.28
N ASP J 54 13.55 37.80 15.67
CA ASP J 54 13.36 38.97 14.83
C ASP J 54 14.58 39.11 13.96
N ILE J 55 14.39 39.67 12.76
CA ILE J 55 15.46 39.87 11.80
C ILE J 55 15.39 41.30 11.29
N VAL J 56 16.56 41.85 10.95
CA VAL J 56 16.66 43.23 10.47
C VAL J 56 17.60 43.24 9.27
N LEU J 57 17.11 43.77 8.15
CA LEU J 57 17.91 43.99 6.96
C LEU J 57 17.97 45.50 6.75
N LEU J 58 19.17 46.05 6.68
CA LEU J 58 19.35 47.49 6.72
C LEU J 58 19.57 48.10 5.34
N GLY J 59 20.56 47.62 4.60
CA GLY J 59 20.77 48.14 3.27
C GLY J 59 19.79 47.48 2.33
N TYR J 60 20.28 46.95 1.21
CA TYR J 60 19.45 46.14 0.31
C TYR J 60 20.22 44.87 -0.07
N PRO J 61 20.56 44.04 0.92
CA PRO J 61 21.29 42.81 0.59
C PRO J 61 20.35 41.82 -0.08
N SER J 62 20.96 40.88 -0.80
CA SER J 62 20.19 39.81 -1.40
C SER J 62 19.91 38.71 -0.37
N ILE J 63 18.74 38.10 -0.48
CA ILE J 63 18.37 37.01 0.42
C ILE J 63 17.67 35.93 -0.39
N THR J 64 17.94 34.68 -0.03
CA THR J 64 17.19 33.55 -0.57
C THR J 64 15.81 33.49 0.04
N GLY J 65 14.79 33.34 -0.81
CA GLY J 65 13.45 33.07 -0.31
C GLY J 65 13.42 31.81 0.52
N GLU J 66 14.31 30.85 0.22
CA GLU J 66 14.39 29.60 0.97
C GLU J 66 14.52 29.84 2.47
N ALA J 67 14.97 31.04 2.86
CA ALA J 67 15.07 31.40 4.27
C ALA J 67 13.75 31.95 4.82
N LEU J 68 13.08 32.81 4.05
CA LEU J 68 11.83 33.40 4.50
C LEU J 68 10.77 32.33 4.74
N GLY J 69 10.56 31.47 3.75
CA GLY J 69 9.64 30.36 3.93
C GLY J 69 10.01 29.46 5.07
N TYR J 70 11.27 29.51 5.51
CA TYR J 70 11.69 28.82 6.72
C TYR J 70 11.55 29.70 7.95
N ALA J 71 11.66 31.03 7.78
CA ALA J 71 11.52 31.97 8.90
C ALA J 71 10.07 32.17 9.31
N LEU J 72 9.14 32.16 8.35
CA LEU J 72 7.75 32.46 8.61
C LEU J 72 6.93 31.23 9.04
N GLU J 73 7.52 30.03 8.98
CA GLU J 73 6.87 28.87 9.58
C GLU J 73 6.95 28.84 11.09
N LEU J 74 7.60 29.85 11.70
CA LEU J 74 7.80 29.88 13.15
C LEU J 74 7.48 31.24 13.77
N GLY J 75 7.18 32.27 12.98
CA GLY J 75 6.86 33.58 13.52
C GLY J 75 7.94 34.64 13.59
N LEU J 76 8.75 34.76 12.53
CA LEU J 76 9.85 35.73 12.52
C LEU J 76 9.61 36.85 11.51
N PRO J 77 9.26 38.06 11.94
CA PRO J 77 9.19 39.18 11.00
C PRO J 77 10.56 39.52 10.43
N VAL J 78 10.56 40.03 9.20
CA VAL J 78 11.77 40.47 8.51
C VAL J 78 11.57 41.90 8.02
N HIS J 79 12.48 42.79 8.39
CA HIS J 79 12.34 44.21 8.11
C HIS J 79 13.40 44.67 7.11
N TYR J 80 12.99 45.59 6.24
CA TYR J 80 13.84 46.12 5.17
C TYR J 80 13.96 47.63 5.37
N LEU J 81 15.18 48.14 5.25
CA LEU J 81 15.48 49.55 5.43
C LEU J 81 16.46 49.97 4.35
N THR J 82 17.02 51.16 4.49
CA THR J 82 18.07 51.64 3.60
C THR J 82 19.38 51.68 4.36
N GLN J 83 20.50 51.68 3.62
CA GLN J 83 21.81 51.77 4.28
C GLN J 83 21.81 52.88 5.32
N PHE J 84 21.00 53.92 5.10
CA PHE J 84 20.86 55.02 6.05
C PHE J 84 19.94 54.69 7.22
N GLY J 85 19.02 53.74 7.04
CA GLY J 85 18.08 53.37 8.08
C GLY J 85 16.65 53.81 7.85
N LYS J 86 16.34 54.43 6.71
CA LYS J 86 14.96 54.81 6.42
C LYS J 86 14.12 53.56 6.18
N TYR J 87 12.91 53.55 6.73
CA TYR J 87 12.05 52.38 6.62
C TYR J 87 11.28 52.35 5.31
N VAL J 88 11.22 51.16 4.71
CA VAL J 88 10.47 50.91 3.48
C VAL J 88 9.40 49.85 3.68
N GLY J 89 9.70 48.78 4.41
CA GLY J 89 8.73 47.73 4.63
C GLY J 89 9.32 46.58 5.41
N SER J 90 8.43 45.69 5.83
CA SER J 90 8.79 44.51 6.61
C SER J 90 7.81 43.39 6.30
N ALA J 91 8.29 42.15 6.43
CA ALA J 91 7.51 40.96 6.14
C ALA J 91 7.12 40.27 7.45
N LEU J 92 5.82 40.09 7.66
CA LEU J 92 5.35 39.58 8.94
C LEU J 92 4.78 38.17 8.80
N PRO J 93 4.95 37.32 9.81
CA PRO J 93 4.38 35.97 9.75
C PRO J 93 2.94 35.92 10.24
N SER J 94 2.38 34.71 10.29
CA SER J 94 1.03 34.52 10.81
C SER J 94 1.02 34.47 12.34
N GLU J 95 1.87 33.61 12.92
CA GLU J 95 1.80 33.29 14.34
C GLU J 95 2.66 34.29 15.11
N SER J 96 2.09 35.49 15.27
CA SER J 96 2.72 36.56 16.01
C SER J 96 2.00 36.79 17.33
N ARG J 97 2.74 37.31 18.30
CA ARG J 97 2.25 37.56 19.64
C ARG J 97 2.06 39.07 19.86
N ASN J 98 1.69 39.78 18.81
CA ASN J 98 1.53 41.22 18.86
C ASN J 98 0.09 41.64 19.14
N GLY J 99 -0.83 40.68 19.24
CA GLY J 99 -2.18 41.04 19.66
C GLY J 99 -2.20 41.46 21.12
N GLN J 100 -1.62 40.62 21.99
CA GLN J 100 -1.48 41.00 23.39
C GLN J 100 -0.83 42.37 23.53
N LEU J 101 0.16 42.64 22.68
CA LEU J 101 0.82 43.94 22.68
C LEU J 101 -0.18 45.06 22.38
N ARG J 102 -0.84 44.98 21.23
CA ARG J 102 -1.78 46.03 20.85
C ARG J 102 -2.89 46.18 21.87
N LEU J 103 -3.18 45.11 22.63
CA LEU J 103 -4.19 45.18 23.67
C LEU J 103 -3.74 46.06 24.83
N ALA J 104 -2.58 45.74 25.42
CA ALA J 104 -2.03 46.58 26.47
C ALA J 104 -1.77 47.99 25.98
N GLN J 105 -1.23 48.13 24.77
CA GLN J 105 -1.08 49.44 24.14
C GLN J 105 -2.38 50.23 24.19
N PHE J 106 -3.53 49.56 24.12
CA PHE J 106 -4.80 50.24 24.23
C PHE J 106 -5.28 50.30 25.68
N ARG J 107 -5.31 49.15 26.35
CA ARG J 107 -5.67 49.12 27.76
C ARG J 107 -4.88 50.14 28.57
N ALA J 108 -3.69 50.50 28.09
CA ALA J 108 -2.90 51.55 28.74
C ALA J 108 -3.30 52.94 28.26
N HIS J 109 -3.81 53.05 27.03
CA HIS J 109 -4.22 54.35 26.51
C HIS J 109 -5.45 54.86 27.25
N GLU J 110 -6.34 53.97 27.66
CA GLU J 110 -7.52 54.30 28.44
C GLU J 110 -7.34 54.07 29.93
N ASP J 111 -6.21 53.49 30.34
CA ASP J 111 -5.87 53.45 31.76
C ASP J 111 -4.87 54.57 32.00
N PRO J 112 -5.34 55.77 32.36
CA PRO J 112 -4.40 56.91 32.43
C PRO J 112 -3.28 56.68 33.42
N ILE J 113 -3.50 55.84 34.43
CA ILE J 113 -2.44 55.52 35.38
C ILE J 113 -1.24 54.96 34.66
N GLN J 114 -1.49 54.09 33.67
CA GLN J 114 -0.41 53.60 32.82
C GLN J 114 0.07 54.72 31.91
N ARG J 115 -0.87 55.41 31.27
CA ARG J 115 -0.55 56.57 30.46
C ARG J 115 0.26 57.59 31.25
N LEU J 116 -0.13 57.86 32.50
CA LEU J 116 0.55 58.87 33.30
C LEU J 116 1.91 58.38 33.77
N ASP J 117 1.95 57.26 34.50
CA ASP J 117 3.21 56.72 34.99
C ASP J 117 4.19 56.47 33.86
N ILE J 118 3.72 56.47 32.62
CA ILE J 118 4.56 56.33 31.44
C ILE J 118 5.01 57.69 30.91
N VAL J 119 4.08 58.60 30.69
CA VAL J 119 4.45 59.92 30.17
C VAL J 119 5.47 60.59 31.08
N LYS J 120 5.32 60.37 32.40
CA LYS J 120 6.29 60.91 33.35
C LYS J 120 7.71 60.50 32.99
N ALA J 121 7.87 59.33 32.37
CA ALA J 121 9.19 58.84 32.00
C ALA J 121 9.71 59.54 30.75
N PHE J 122 8.85 59.67 29.72
CA PHE J 122 9.27 60.32 28.48
C PHE J 122 9.92 61.68 28.71
N VAL J 123 9.32 62.50 29.57
CA VAL J 123 9.88 63.83 29.83
C VAL J 123 11.11 63.72 30.71
N LYS J 124 11.01 62.93 31.79
CA LYS J 124 12.16 62.64 32.63
C LYS J 124 13.36 62.25 31.78
N GLY J 125 13.14 61.49 30.71
CA GLY J 125 14.21 61.10 29.81
C GLY J 125 14.64 62.16 28.81
N LYS J 126 13.91 63.27 28.73
CA LYS J 126 14.25 64.36 27.82
C LYS J 126 15.01 65.49 28.50
N VAL J 127 14.49 65.96 29.64
CA VAL J 127 15.06 67.15 30.26
C VAL J 127 16.41 66.85 30.90
N HIS J 128 16.54 65.72 31.59
CA HIS J 128 17.85 65.35 32.13
C HIS J 128 18.88 65.27 31.02
N ASN J 129 18.48 64.81 29.82
CA ASN J 129 19.40 64.86 28.68
C ASN J 129 19.71 66.29 28.29
N GLN J 130 18.77 67.21 28.53
CA GLN J 130 19.02 68.62 28.21
C GLN J 130 20.00 69.22 29.22
N TYR J 131 19.67 69.11 30.51
CA TYR J 131 20.61 69.52 31.54
C TYR J 131 21.93 68.79 31.39
N ASN J 132 21.87 67.47 31.16
CA ASN J 132 23.09 66.70 30.92
C ASN J 132 23.72 67.03 29.58
N LEU J 133 23.00 67.72 28.71
CA LEU J 133 23.60 68.27 27.50
C LEU J 133 24.30 69.59 27.80
N LEU J 134 23.59 70.50 28.46
CA LEU J 134 24.17 71.79 28.80
C LEU J 134 25.35 71.61 29.73
N TYR J 135 25.34 70.56 30.55
CA TYR J 135 26.56 70.18 31.25
C TYR J 135 27.56 69.52 30.32
N ARG J 136 27.09 68.76 29.32
CA ARG J 136 27.98 68.28 28.28
C ARG J 136 28.56 69.45 27.50
N ARG J 137 27.69 70.32 27.01
CA ARG J 137 28.07 71.61 26.44
C ARG J 137 28.13 72.55 27.64
N GLY J 138 29.19 72.41 28.45
CA GLY J 138 29.21 73.05 29.75
C GLY J 138 28.66 74.46 29.69
N GLN J 139 27.41 74.59 30.14
CA GLN J 139 26.72 75.86 30.06
C GLN J 139 25.96 76.26 31.30
N VAL J 140 25.25 75.33 31.94
CA VAL J 140 24.38 75.70 33.05
C VAL J 140 25.22 76.04 34.27
N ASP J 141 25.92 75.05 34.82
CA ASP J 141 26.64 75.23 36.07
C ASP J 141 27.35 73.95 36.47
N ASN J 142 28.08 73.98 37.58
CA ASN J 142 28.54 72.77 38.26
C ASN J 142 27.28 72.02 38.69
N PRO J 143 27.38 70.81 39.29
CA PRO J 143 26.28 69.83 39.18
C PRO J 143 24.88 70.38 39.10
N LEU J 144 24.14 69.83 38.13
CA LEU J 144 22.84 70.32 37.72
C LEU J 144 21.58 69.68 38.30
N LYS J 145 21.28 68.45 37.87
CA LYS J 145 20.15 67.62 38.31
C LYS J 145 18.90 68.43 38.66
N GLY J 146 18.45 69.27 37.74
CA GLY J 146 17.27 70.08 37.95
C GLY J 146 16.03 69.56 37.26
N ARG J 147 14.89 69.80 37.91
CA ARG J 147 13.55 69.45 37.39
C ARG J 147 13.52 68.07 36.76
N GLY J 148 14.02 67.11 37.52
CA GLY J 148 13.80 65.69 37.28
C GLY J 148 13.47 65.17 38.66
N LYS J 149 12.56 64.21 38.78
CA LYS J 149 12.01 63.78 40.07
C LYS J 149 10.95 64.79 40.51
N LEU J 150 10.94 65.97 39.88
CA LEU J 150 9.82 66.89 40.02
C LEU J 150 8.58 66.34 39.33
N VAL J 151 8.76 65.43 38.38
CA VAL J 151 7.67 64.90 37.58
C VAL J 151 7.03 63.69 38.24
N MET J 152 7.86 62.72 38.64
CA MET J 152 7.34 61.57 39.37
C MET J 152 6.52 62.01 40.56
N ARG J 153 6.79 63.21 41.07
CA ARG J 153 6.04 63.80 42.17
C ARG J 153 4.76 64.49 41.71
N GLN J 154 4.45 64.48 40.42
CA GLN J 154 3.20 65.08 39.94
C GLN J 154 2.22 63.98 39.57
N GLN J 155 0.95 64.38 39.39
CA GLN J 155 -0.11 63.39 39.24
C GLN J 155 -1.11 63.71 38.14
N THR J 156 -0.77 64.59 37.20
CA THR J 156 -1.66 64.83 36.07
C THR J 156 -0.85 65.19 34.84
N LEU J 157 -1.55 65.33 33.71
CA LEU J 157 -0.97 65.70 32.43
C LEU J 157 -0.88 67.22 32.26
N GLU J 158 -2.00 67.92 32.47
CA GLU J 158 -2.00 69.37 32.30
C GLU J 158 -0.89 69.98 33.13
N GLN J 159 -0.62 69.40 34.31
CA GLN J 159 0.54 69.82 35.08
C GLN J 159 1.82 69.63 34.28
N VAL J 160 1.85 68.63 33.39
CA VAL J 160 3.08 68.21 32.71
C VAL J 160 3.27 68.92 31.38
N ARG J 161 2.23 68.96 30.53
CA ARG J 161 2.40 69.54 29.21
C ARG J 161 2.89 70.99 29.29
N GLY J 162 2.45 71.73 30.32
CA GLY J 162 3.04 73.03 30.56
C GLY J 162 4.50 72.95 30.93
N ILE J 163 4.95 71.82 31.46
CA ILE J 163 6.35 71.69 31.87
C ILE J 163 7.24 71.60 30.64
N GLU J 164 6.84 70.77 29.67
CA GLU J 164 7.59 70.68 28.42
C GLU J 164 7.70 72.06 27.77
N GLY J 165 6.58 72.78 27.66
CA GLY J 165 6.62 74.11 27.11
C GLY J 165 7.42 75.08 27.99
N LEU J 166 7.29 74.93 29.30
CA LEU J 166 8.09 75.75 30.21
C LEU J 166 9.56 75.37 30.11
N ALA J 167 9.86 74.08 30.29
CA ALA J 167 11.25 73.64 30.19
C ALA J 167 11.83 73.95 28.81
N ALA J 168 11.02 73.79 27.77
CA ALA J 168 11.48 74.08 26.41
C ALA J 168 11.72 75.57 26.21
N ARG J 169 10.75 76.41 26.59
CA ARG J 169 10.92 77.85 26.44
C ARG J 169 12.13 78.35 27.23
N GLU J 170 12.33 77.82 28.43
CA GLU J 170 13.56 78.09 29.17
C GLU J 170 14.76 77.44 28.51
N TYR J 171 14.54 76.37 27.75
CA TYR J 171 15.61 75.63 27.08
C TYR J 171 16.03 76.29 25.77
N PHE J 172 15.09 76.89 25.04
CA PHE J 172 15.39 77.48 23.74
C PHE J 172 15.91 78.92 23.84
N ALA J 173 15.57 79.65 24.90
CA ALA J 173 16.07 81.01 25.06
C ALA J 173 17.56 81.06 25.40
N SER J 174 18.17 79.92 25.76
CA SER J 174 19.57 79.85 26.13
C SER J 174 20.50 79.55 24.96
N TRP J 175 20.07 79.78 23.72
CA TRP J 175 20.83 79.36 22.55
C TRP J 175 21.67 80.46 21.93
N GLN J 176 21.07 81.62 21.63
CA GLN J 176 21.86 82.74 21.12
C GLN J 176 23.10 82.96 21.98
N GLU J 177 22.91 82.93 23.30
CA GLU J 177 24.03 83.03 24.21
C GLU J 177 24.99 81.86 24.02
N MET J 178 24.48 80.72 23.58
CA MET J 178 25.29 79.53 23.37
C MET J 178 25.89 79.48 21.97
N LEU J 179 25.24 80.11 20.98
CA LEU J 179 25.77 80.11 19.62
C LEU J 179 26.80 81.23 19.44
N GLY J 180 26.40 82.47 19.67
CA GLY J 180 27.22 83.62 19.34
C GLY J 180 26.45 84.65 18.53
N HIS J 181 27.16 85.43 17.72
CA HIS J 181 26.54 86.53 16.99
C HIS J 181 26.22 86.19 15.55
N GLU J 182 26.87 85.19 14.98
CA GLU J 182 26.72 84.90 13.55
C GLU J 182 25.31 84.49 13.19
N TRP J 183 24.59 83.84 14.11
CA TRP J 183 23.24 83.37 13.85
C TRP J 183 22.26 84.07 14.79
N THR J 184 20.98 83.93 14.48
CA THR J 184 19.91 84.58 15.23
C THR J 184 18.87 83.55 15.62
N PHE J 185 18.47 83.57 16.89
CA PHE J 185 17.45 82.67 17.39
C PHE J 185 16.67 83.35 18.52
N THR J 186 15.36 83.48 18.34
CA THR J 186 14.49 83.99 19.40
C THR J 186 13.65 82.89 20.04
N GLY J 187 13.10 81.97 19.26
CA GLY J 187 12.29 80.89 19.81
C GLY J 187 12.19 79.77 18.80
N ARG J 188 11.54 78.68 19.23
CA ARG J 188 11.38 77.53 18.34
C ARG J 188 10.23 77.79 17.39
N PHE J 189 10.50 77.68 16.09
CA PHE J 189 9.51 77.97 15.06
C PHE J 189 9.33 76.74 14.17
N ARG J 190 8.11 76.19 14.16
CA ARG J 190 7.77 75.09 13.26
C ARG J 190 7.65 75.66 11.85
N ARG J 191 7.18 74.84 10.90
CA ARG J 191 7.06 75.33 9.53
C ARG J 191 6.13 76.55 9.47
N PRO J 192 6.42 77.50 8.57
CA PRO J 192 7.75 77.61 7.93
C PRO J 192 8.74 78.14 8.94
N PRO J 193 10.02 77.80 8.81
CA PRO J 193 11.01 78.34 9.75
C PRO J 193 11.36 79.77 9.41
N THR J 194 11.24 80.65 10.41
CA THR J 194 11.60 82.06 10.22
C THR J 194 13.08 82.31 10.45
N ASP J 195 13.75 81.43 11.18
CA ASP J 195 15.19 81.42 11.39
C ASP J 195 15.78 80.17 10.73
N PRO J 196 17.00 80.23 10.21
CA PRO J 196 17.59 79.02 9.62
C PRO J 196 17.57 77.86 10.60
N VAL J 197 18.03 78.11 11.84
CA VAL J 197 18.18 77.05 12.82
C VAL J 197 16.87 76.31 13.04
N ASN J 198 15.78 77.04 13.28
CA ASN J 198 14.47 76.41 13.43
C ASN J 198 14.15 75.48 12.28
N ALA J 199 14.69 75.77 11.09
CA ALA J 199 14.49 74.85 9.96
C ALA J 199 15.31 73.59 10.15
N LEU J 200 16.54 73.73 10.66
CA LEU J 200 17.40 72.56 10.81
C LEU J 200 16.86 71.59 11.85
N LEU J 201 16.27 72.10 12.93
CA LEU J 201 15.64 71.22 13.90
C LEU J 201 14.36 70.63 13.33
N SER J 202 13.51 71.49 12.77
CA SER J 202 12.34 71.01 12.04
C SER J 202 12.75 70.00 10.97
N PHE J 203 13.94 70.17 10.40
CA PHE J 203 14.49 69.17 9.50
C PHE J 203 15.08 68.00 10.28
N GLY J 204 15.98 68.31 11.22
CA GLY J 204 16.64 67.27 11.98
C GLY J 204 15.67 66.44 12.80
N TYR J 205 14.72 67.12 13.47
CA TYR J 205 13.66 66.37 14.15
C TYR J 205 12.98 65.42 13.18
N GLY J 206 13.02 65.75 11.89
CA GLY J 206 12.43 64.94 10.85
C GLY J 206 13.29 63.73 10.52
N LEU J 207 14.60 63.93 10.42
CA LEU J 207 15.45 62.79 10.15
C LEU J 207 15.54 61.85 11.33
N LEU J 208 15.06 62.26 12.50
CA LEU J 208 14.86 61.32 13.59
C LEU J 208 13.59 60.51 13.39
N ARG J 209 12.55 61.13 12.80
CA ARG J 209 11.34 60.38 12.49
C ARG J 209 11.68 59.11 11.72
N THR J 210 12.73 59.16 10.89
CA THR J 210 13.06 58.02 10.04
C THR J 210 13.51 56.84 10.88
N GLN J 211 14.49 57.05 11.76
CA GLN J 211 15.04 55.96 12.55
C GLN J 211 14.04 55.52 13.62
N VAL J 212 13.17 56.42 14.04
CA VAL J 212 12.12 56.05 14.98
C VAL J 212 10.97 55.38 14.24
N THR J 213 10.55 55.97 13.11
CA THR J 213 9.49 55.39 12.30
C THR J 213 9.81 53.96 11.89
N ALA J 214 11.08 53.57 11.95
CA ALA J 214 11.49 52.21 11.66
C ALA J 214 11.36 51.31 12.88
N ALA J 215 11.88 51.77 14.01
CA ALA J 215 11.85 50.96 15.23
C ALA J 215 10.43 50.56 15.61
N VAL J 216 9.46 51.44 15.40
CA VAL J 216 8.10 51.17 15.82
C VAL J 216 7.52 49.98 15.06
N HIS J 217 7.69 49.97 13.72
CA HIS J 217 7.19 48.86 12.92
C HIS J 217 7.87 47.55 13.27
N ILE J 218 9.05 47.59 13.88
CA ILE J 218 9.73 46.36 14.26
C ILE J 218 9.06 45.73 15.47
N ALA J 219 8.69 46.54 16.46
CA ALA J 219 7.96 46.03 17.61
C ALA J 219 6.49 45.77 17.30
N GLY J 220 6.02 46.13 16.11
CA GLY J 220 4.63 45.95 15.76
C GLY J 220 3.67 46.96 16.35
N LEU J 221 4.18 48.08 16.86
CA LEU J 221 3.32 49.07 17.49
C LEU J 221 2.54 49.85 16.45
N ASP J 222 1.40 50.40 16.89
CA ASP J 222 0.63 51.32 16.06
C ASP J 222 1.17 52.72 16.33
N PRO J 223 1.92 53.32 15.40
CA PRO J 223 2.51 54.63 15.69
C PRO J 223 1.48 55.71 15.96
N TYR J 224 0.31 55.59 15.33
CA TYR J 224 -0.71 56.62 15.38
C TYR J 224 -1.50 56.62 16.68
N ILE J 225 -1.20 55.70 17.59
CA ILE J 225 -1.81 55.65 18.92
C ILE J 225 -0.69 55.89 19.93
N GLY J 226 -0.76 57.02 20.62
CA GLY J 226 0.22 57.38 21.62
C GLY J 226 -0.42 57.65 22.96
N PHE J 227 0.38 58.12 23.92
CA PHE J 227 -0.10 58.39 25.27
C PHE J 227 -0.01 59.85 25.65
N LEU J 228 0.97 60.58 25.14
CA LEU J 228 1.05 62.03 25.32
C LEU J 228 0.42 62.76 24.15
N HIS J 229 0.90 62.50 22.94
CA HIS J 229 0.40 63.14 21.74
C HIS J 229 -0.98 62.56 21.40
N GLU J 230 -2.01 63.36 21.63
CA GLU J 230 -3.38 62.91 21.37
C GLU J 230 -3.54 62.49 19.91
N THR J 231 -4.14 61.32 19.72
CA THR J 231 -4.23 60.71 18.40
C THR J 231 -5.27 61.44 17.56
N THR J 232 -4.83 62.00 16.44
CA THR J 232 -5.71 62.67 15.49
C THR J 232 -4.88 62.98 14.24
N ARG J 233 -5.57 63.39 13.18
CA ARG J 233 -4.93 63.82 11.95
C ARG J 233 -4.00 62.75 11.39
N GLY J 234 -4.13 61.51 11.85
CA GLY J 234 -3.17 60.50 11.44
C GLY J 234 -1.77 60.80 11.94
N GLN J 235 -1.66 61.32 13.15
CA GLN J 235 -0.33 61.69 13.65
C GLN J 235 0.31 60.50 14.35
N PRO J 236 1.57 60.17 14.00
CA PRO J 236 2.23 59.04 14.66
C PRO J 236 2.54 59.37 16.10
N ALA J 237 1.63 59.02 17.02
CA ALA J 237 1.79 59.43 18.40
C ALA J 237 2.67 58.47 19.19
N MET J 238 2.64 57.18 18.86
CA MET J 238 3.59 56.25 19.48
C MET J 238 5.01 56.63 19.12
N ILE J 239 5.22 57.31 18.00
CA ILE J 239 6.55 57.79 17.62
C ILE J 239 6.94 59.02 18.42
N LEU J 240 6.10 60.06 18.37
CA LEU J 240 6.49 61.35 18.93
C LEU J 240 6.81 61.25 20.42
N ASP J 241 6.11 60.37 21.15
CA ASP J 241 6.50 60.13 22.53
C ASP J 241 7.97 59.75 22.61
N LEU J 242 8.46 59.01 21.62
CA LEU J 242 9.86 58.59 21.61
C LEU J 242 10.78 59.67 21.03
N MET J 243 10.38 60.37 19.98
CA MET J 243 11.30 61.33 19.38
C MET J 243 11.78 62.36 20.38
N GLU J 244 10.97 62.66 21.39
CA GLU J 244 11.31 63.72 22.34
C GLU J 244 12.53 63.36 23.17
N GLU J 245 12.58 62.13 23.70
CA GLU J 245 13.72 61.73 24.53
C GLU J 245 15.03 61.72 23.75
N PHE J 246 14.98 61.76 22.42
CA PHE J 246 16.16 61.79 21.57
C PHE J 246 16.36 63.15 20.91
N ARG J 247 15.29 63.95 20.87
CA ARG J 247 15.33 65.27 20.24
C ARG J 247 16.44 66.14 20.83
N ALA J 248 16.72 65.99 22.12
CA ALA J 248 17.64 66.87 22.84
C ALA J 248 19.09 66.44 22.68
N LEU J 249 19.33 65.24 22.15
CA LEU J 249 20.67 64.65 22.14
C LEU J 249 21.26 64.48 20.75
N VAL J 250 20.45 64.35 19.71
CA VAL J 250 20.93 64.05 18.36
C VAL J 250 20.68 65.21 17.41
N ALA J 251 19.43 65.69 17.33
CA ALA J 251 19.15 66.80 16.44
C ALA J 251 19.65 68.12 17.02
N ASP J 252 19.66 68.25 18.34
CA ASP J 252 20.16 69.47 18.97
C ASP J 252 21.67 69.43 19.16
N SER J 253 22.26 68.24 19.30
CA SER J 253 23.71 68.14 19.45
C SER J 253 24.45 68.27 18.12
N VAL J 254 23.87 67.79 17.02
CA VAL J 254 24.53 67.85 15.73
C VAL J 254 24.72 69.29 15.29
N VAL J 255 23.66 70.10 15.41
CA VAL J 255 23.72 71.48 14.92
C VAL J 255 24.88 72.22 15.55
N LEU J 256 25.00 72.14 16.88
CA LEU J 256 26.09 72.80 17.59
C LEU J 256 27.43 72.14 17.28
N THR J 257 27.43 70.93 16.74
CA THR J 257 28.65 70.25 16.35
C THR J 257 29.16 70.74 15.00
N VAL J 258 28.27 71.27 14.17
CA VAL J 258 28.62 71.76 12.85
C VAL J 258 28.76 73.28 12.84
N LEU J 259 28.05 73.95 13.74
CA LEU J 259 28.03 75.41 13.72
C LEU J 259 29.20 76.08 14.41
N LYS J 260 30.17 75.33 14.93
CA LYS J 260 31.46 75.92 15.30
C LYS J 260 32.57 75.46 14.37
N GLN J 261 32.20 74.84 13.24
CA GLN J 261 33.17 74.35 12.26
C GLN J 261 32.65 74.41 10.83
N ARG J 262 31.34 74.33 10.67
CA ARG J 262 30.71 74.02 9.39
C ARG J 262 29.65 75.05 8.99
N GLU J 263 28.77 74.62 8.07
CA GLU J 263 27.74 75.41 7.40
C GLU J 263 27.31 76.68 8.10
N ILE J 264 27.26 77.76 7.33
CA ILE J 264 26.95 79.10 7.79
C ILE J 264 26.03 79.73 6.76
N GLN J 265 25.65 80.99 6.99
CA GLN J 265 24.76 81.70 6.07
C GLN J 265 25.17 81.59 4.61
N ARG J 266 26.43 81.26 4.32
CA ARG J 266 26.86 81.12 2.94
C ARG J 266 25.95 80.21 2.12
N GLN J 267 25.16 79.36 2.78
CA GLN J 267 24.37 78.33 2.11
C GLN J 267 22.87 78.56 2.21
N ASP J 268 22.35 78.66 3.42
CA ASP J 268 20.92 78.87 3.66
C ASP J 268 20.34 79.98 2.81
N PHE J 269 19.29 79.63 2.05
CA PHE J 269 18.60 80.58 1.19
C PHE J 269 18.43 81.93 1.88
N THR J 270 18.52 83.00 1.11
CA THR J 270 18.10 84.30 1.59
C THR J 270 16.59 84.32 1.40
N GLU J 271 15.87 84.90 2.35
CA GLU J 271 14.47 84.52 2.51
C GLU J 271 13.78 84.58 1.15
N SER J 272 13.50 83.40 0.60
CA SER J 272 12.99 83.33 -0.77
C SER J 272 11.56 83.84 -0.82
N LEU J 273 10.66 83.18 -0.09
CA LEU J 273 9.36 83.74 0.24
C LEU J 273 9.11 83.67 1.73
N GLY J 274 10.19 83.62 2.52
CA GLY J 274 10.10 83.62 3.97
C GLY J 274 10.89 82.52 4.62
N ALA J 275 10.99 81.39 3.93
CA ALA J 275 11.76 80.27 4.45
C ALA J 275 13.24 80.62 4.53
N PHE J 276 13.96 79.81 5.31
CA PHE J 276 15.41 79.68 5.20
C PHE J 276 15.64 78.22 4.84
N ARG J 277 15.51 77.90 3.55
CA ARG J 277 15.81 76.55 3.12
C ARG J 277 17.32 76.39 2.91
N LEU J 278 17.74 75.15 2.72
CA LEU J 278 19.16 74.83 2.58
C LEU J 278 19.62 74.80 1.13
N THR J 279 20.94 74.69 0.98
CA THR J 279 21.58 74.47 -0.30
C THR J 279 21.55 72.99 -0.65
N ASP J 280 21.51 72.70 -1.95
CA ASP J 280 21.55 71.31 -2.38
C ASP J 280 22.87 70.64 -2.01
N SER J 281 23.93 71.44 -1.88
CA SER J 281 25.25 70.94 -1.48
C SER J 281 25.46 70.97 0.03
N ALA J 282 24.55 71.63 0.77
CA ALA J 282 24.58 71.60 2.23
C ALA J 282 23.75 70.46 2.81
N THR J 283 22.62 70.12 2.18
CA THR J 283 21.88 68.93 2.61
C THR J 283 22.81 67.72 2.64
N LYS J 284 23.70 67.61 1.66
CA LYS J 284 24.63 66.49 1.59
C LYS J 284 25.73 66.58 2.64
N THR J 285 26.05 67.80 3.10
CA THR J 285 27.06 67.98 4.13
C THR J 285 26.51 67.76 5.53
N PHE J 286 25.24 68.10 5.75
CA PHE J 286 24.64 67.93 7.07
C PHE J 286 24.83 66.52 7.59
N LEU J 287 24.63 65.52 6.73
CA LEU J 287 24.64 64.13 7.17
C LEU J 287 26.04 63.65 7.53
N GLY J 288 27.08 64.23 6.94
CA GLY J 288 28.42 63.74 7.20
C GLY J 288 28.72 63.60 8.68
N ALA J 289 28.38 64.61 9.48
CA ALA J 289 28.46 64.47 10.93
C ALA J 289 27.28 63.70 11.50
N PHE J 290 26.12 63.74 10.81
CA PHE J 290 24.92 63.13 11.35
C PHE J 290 25.06 61.62 11.47
N ASP J 291 25.49 60.95 10.40
CA ASP J 291 25.68 59.50 10.47
C ASP J 291 26.88 59.14 11.33
N ARG J 292 27.87 60.02 11.41
CA ARG J 292 28.96 59.84 12.37
C ARG J 292 28.40 59.71 13.78
N LYS J 293 27.42 60.55 14.13
CA LYS J 293 26.84 60.50 15.46
C LYS J 293 26.25 59.12 15.75
N LEU J 294 25.59 58.51 14.77
CA LEU J 294 25.00 57.19 14.98
C LEU J 294 26.06 56.09 14.89
N SER J 295 27.18 56.28 15.59
CA SER J 295 28.23 55.26 15.65
C SER J 295 28.91 55.21 17.03
N SER J 296 28.22 55.64 18.08
CA SER J 296 28.81 55.87 19.40
C SER J 296 27.91 55.31 20.50
N GLU J 297 27.92 55.95 21.67
CA GLU J 297 27.13 55.53 22.82
C GLU J 297 27.68 54.29 23.53
N PHE J 298 28.80 54.51 24.22
CA PHE J 298 29.40 53.54 25.10
C PHE J 298 28.53 53.20 26.32
N LYS J 299 27.29 53.73 26.34
CA LYS J 299 26.36 53.47 27.43
C LYS J 299 27.09 53.66 28.75
N HIS J 300 27.50 54.90 28.98
CA HIS J 300 28.26 55.34 30.14
C HIS J 300 27.73 54.71 31.43
N PRO J 301 26.43 54.44 31.55
CA PRO J 301 26.00 53.44 32.53
C PRO J 301 26.39 52.05 32.06
N ILE J 302 27.32 51.40 32.77
CA ILE J 302 28.11 50.28 32.27
C ILE J 302 27.26 49.20 31.58
N PHE J 303 25.95 49.21 31.82
CA PHE J 303 25.09 48.06 31.54
C PHE J 303 25.29 47.38 30.19
N ASN J 304 25.70 48.10 29.15
CA ASN J 304 25.98 47.44 27.87
C ASN J 304 26.82 48.36 26.99
N TYR J 305 28.06 47.93 26.73
CA TYR J 305 28.96 48.68 25.85
C TYR J 305 28.41 48.78 24.43
N LYS J 306 28.08 47.64 23.83
CA LYS J 306 27.67 47.57 22.44
C LYS J 306 26.30 48.20 22.23
N CYS J 307 26.28 49.47 21.82
CA CYS J 307 25.05 50.06 21.32
C CYS J 307 25.29 51.39 20.61
N THR J 308 24.96 51.49 19.33
CA THR J 308 24.92 52.78 18.66
C THR J 308 23.59 53.47 18.93
N TYR J 309 23.54 54.77 18.68
CA TYR J 309 22.28 55.51 18.78
C TYR J 309 21.23 54.90 17.86
N ARG J 310 21.61 54.65 16.61
CA ARG J 310 20.70 54.12 15.61
C ARG J 310 19.96 52.89 16.12
N ARG J 311 20.67 51.99 16.79
CA ARG J 311 20.04 50.76 17.27
C ARG J 311 19.31 50.98 18.59
N ALA J 312 19.88 51.82 19.47
CA ALA J 312 19.30 52.07 20.78
C ALA J 312 17.80 52.32 20.71
N ILE J 313 17.33 52.87 19.58
CA ILE J 313 15.91 53.18 19.43
C ILE J 313 15.10 51.89 19.34
N GLU J 314 15.50 50.98 18.45
CA GLU J 314 14.87 49.66 18.39
C GLU J 314 14.73 49.05 19.78
N LEU J 315 15.69 49.29 20.66
CA LEU J 315 15.63 48.73 22.00
C LEU J 315 14.54 49.41 22.82
N GLN J 316 14.58 50.74 22.88
CA GLN J 316 13.57 51.47 23.66
C GLN J 316 12.16 51.03 23.29
N ALA J 317 11.91 50.84 21.99
CA ALA J 317 10.61 50.31 21.56
C ALA J 317 10.41 48.90 22.09
N ARG J 318 11.36 48.01 21.82
CA ARG J 318 11.29 46.65 22.36
C ARG J 318 11.23 46.68 23.88
N LEU J 319 12.01 47.57 24.50
CA LEU J 319 11.92 47.77 25.93
C LEU J 319 10.48 48.07 26.33
N LEU J 320 9.80 48.90 25.54
CA LEU J 320 8.42 49.26 25.86
C LEU J 320 7.47 48.09 25.68
N ALA J 321 7.65 47.31 24.60
CA ALA J 321 6.79 46.15 24.38
C ALA J 321 6.74 45.26 25.62
N ARG J 322 7.91 44.98 26.21
CA ARG J 322 7.95 44.17 27.42
C ARG J 322 7.28 44.88 28.59
N HIS J 323 7.39 46.21 28.65
CA HIS J 323 6.60 46.97 29.60
C HIS J 323 5.11 46.68 29.42
N LEU J 324 4.70 46.33 28.20
CA LEU J 324 3.30 46.14 27.83
C LEU J 324 2.88 44.69 27.83
N GLN J 325 3.75 43.77 27.41
CA GLN J 325 3.45 42.35 27.40
C GLN J 325 3.89 41.65 28.68
N GLU J 326 5.03 42.10 29.21
CA GLU J 326 5.68 41.47 30.34
C GLU J 326 5.56 42.27 31.63
N GLY J 327 5.05 43.49 31.57
CA GLY J 327 4.89 44.29 32.76
C GLY J 327 6.17 44.94 33.21
N VAL J 328 7.14 45.06 32.30
CA VAL J 328 8.46 45.59 32.63
C VAL J 328 8.37 47.09 32.87
N VAL J 329 9.44 47.62 33.48
CA VAL J 329 9.63 49.05 33.63
C VAL J 329 10.12 49.64 32.31
N TYR J 330 9.83 50.91 32.09
CA TYR J 330 10.41 51.64 30.96
C TYR J 330 11.29 52.73 31.59
N GLU J 331 12.56 52.39 31.85
CA GLU J 331 13.52 53.36 32.35
C GLU J 331 14.15 54.01 31.12
N PRO J 332 13.82 55.26 30.80
CA PRO J 332 14.28 55.83 29.53
C PRO J 332 15.79 55.94 29.45
N LEU J 333 16.25 56.33 28.27
CA LEU J 333 17.68 56.45 27.99
C LEU J 333 18.11 57.89 28.26
N VAL J 334 19.19 58.05 29.02
CA VAL J 334 19.70 59.37 29.39
C VAL J 334 21.21 59.38 29.20
N ILE J 335 21.70 60.48 28.62
CA ILE J 335 23.11 60.65 28.27
C ILE J 335 23.81 59.33 27.97
N MET K 12 -15.43 64.55 -51.17
CA MET K 12 -14.86 63.25 -50.82
C MET K 12 -13.55 62.95 -51.55
N SER K 13 -12.43 63.25 -50.91
CA SER K 13 -11.14 62.71 -51.33
C SER K 13 -10.82 63.09 -52.77
N THR K 14 -10.53 64.37 -52.99
CA THR K 14 -10.27 64.87 -54.32
C THR K 14 -8.85 65.39 -54.45
N LEU K 15 -8.35 65.36 -55.69
CA LEU K 15 -6.99 65.77 -56.01
C LEU K 15 -7.02 66.90 -57.02
N TYR K 16 -6.15 67.89 -56.80
CA TYR K 16 -6.00 69.04 -57.68
C TYR K 16 -4.52 69.19 -57.98
N LEU K 17 -4.21 69.67 -59.19
CA LEU K 17 -2.82 69.84 -59.56
C LEU K 17 -2.61 71.15 -60.29
N THR K 18 -1.63 71.91 -59.81
CA THR K 18 -1.27 73.22 -60.31
C THR K 18 0.02 73.25 -61.09
N GLN K 19 0.96 72.36 -60.80
CA GLN K 19 2.33 72.52 -61.27
C GLN K 19 2.45 71.92 -62.65
N PRO K 20 2.90 72.68 -63.67
CA PRO K 20 3.04 72.13 -65.02
C PRO K 20 4.29 71.30 -65.25
N ASP K 21 5.00 70.91 -64.20
CA ASP K 21 6.18 70.06 -64.31
C ASP K 21 6.00 68.76 -63.55
N ALA K 22 4.76 68.36 -63.26
CA ALA K 22 4.49 67.24 -62.37
C ALA K 22 4.16 66.00 -63.20
N VAL K 23 4.83 64.89 -62.87
CA VAL K 23 4.63 63.61 -63.53
C VAL K 23 3.98 62.64 -62.56
N LEU K 24 2.99 61.91 -63.06
CA LEU K 24 2.32 60.87 -62.28
C LEU K 24 2.69 59.51 -62.86
N SER K 25 3.26 58.65 -62.02
CA SER K 25 3.55 57.27 -62.36
C SER K 25 2.87 56.36 -61.35
N LYS K 26 2.79 55.08 -61.66
CA LYS K 26 2.22 54.08 -60.79
C LYS K 26 3.30 53.17 -60.23
N LYS K 27 3.24 52.88 -58.93
CA LYS K 27 4.13 51.87 -58.34
C LYS K 27 3.27 50.72 -57.80
N HIS K 28 2.89 49.83 -58.72
CA HIS K 28 2.23 48.56 -58.45
C HIS K 28 0.87 48.63 -57.77
N GLU K 29 0.54 49.74 -57.09
CA GLU K 29 -0.84 49.96 -56.67
C GLU K 29 -1.15 51.43 -56.43
N ALA K 30 -0.18 52.32 -56.64
CA ALA K 30 -0.33 53.70 -56.21
C ALA K 30 0.51 54.62 -57.09
N PHE K 31 0.25 55.92 -56.93
CA PHE K 31 0.82 56.98 -57.74
C PHE K 31 2.03 57.60 -57.05
N HIS K 32 2.92 58.20 -57.83
CA HIS K 32 4.07 58.93 -57.31
C HIS K 32 4.23 60.25 -58.06
N VAL K 33 4.18 61.37 -57.33
CA VAL K 33 4.37 62.71 -57.90
C VAL K 33 5.84 63.09 -57.84
N ALA K 34 6.33 63.77 -58.89
CA ALA K 34 7.74 64.17 -59.03
C ALA K 34 7.80 65.68 -59.28
N LEU K 35 8.20 66.43 -58.25
CA LEU K 35 8.19 67.90 -58.29
C LEU K 35 9.52 68.58 -58.57
N LYS K 36 10.51 68.38 -57.70
CA LYS K 36 11.64 69.29 -57.55
C LYS K 36 12.26 69.84 -58.84
N GLN K 37 12.18 69.09 -59.94
CA GLN K 37 12.69 69.57 -61.23
C GLN K 37 14.21 69.77 -61.19
N GLU K 38 14.90 68.65 -61.00
CA GLU K 38 16.35 68.55 -61.24
C GLU K 38 17.15 69.42 -60.27
N ASP K 39 16.59 69.76 -59.12
CA ASP K 39 17.35 70.28 -58.00
C ASP K 39 17.61 69.19 -56.95
N GLY K 40 17.64 67.95 -57.40
CA GLY K 40 17.68 66.77 -56.55
C GLY K 40 17.31 65.56 -57.39
N SER K 41 16.36 64.76 -56.90
CA SER K 41 15.81 63.65 -57.67
C SER K 41 14.32 63.86 -57.95
N TRP K 42 13.89 65.12 -58.01
CA TRP K 42 12.52 65.56 -58.31
C TRP K 42 11.55 65.50 -57.15
N LYS K 43 11.99 65.19 -55.92
CA LYS K 43 11.08 65.10 -54.78
C LYS K 43 9.84 64.29 -55.14
N LYS K 44 10.08 63.00 -55.37
CA LYS K 44 9.02 62.07 -55.76
C LYS K 44 8.11 61.75 -54.57
N GLN K 45 6.89 62.32 -54.60
CA GLN K 45 5.93 62.23 -53.49
C GLN K 45 4.80 61.25 -53.75
N PRO K 46 4.62 60.23 -52.91
CA PRO K 46 3.56 59.24 -53.13
C PRO K 46 2.15 59.78 -52.85
N ILE K 47 1.17 59.12 -53.47
CA ILE K 47 -0.25 59.46 -53.31
C ILE K 47 -1.11 58.20 -53.42
N PRO K 48 -2.18 58.08 -52.64
CA PRO K 48 -3.14 56.98 -52.86
C PRO K 48 -4.21 57.35 -53.88
N ALA K 49 -4.86 56.33 -54.43
CA ALA K 49 -5.97 56.56 -55.35
C ALA K 49 -7.19 55.70 -55.06
N GLN K 50 -6.98 54.54 -54.44
CA GLN K 50 -8.09 53.68 -54.03
C GLN K 50 -9.08 54.37 -53.10
N THR K 51 -8.78 55.59 -52.65
CA THR K 51 -9.70 56.38 -51.85
C THR K 51 -10.39 57.50 -52.64
N LEU K 52 -9.93 57.80 -53.86
CA LEU K 52 -10.31 59.00 -54.58
C LEU K 52 -11.62 58.82 -55.36
N GLU K 53 -12.26 59.96 -55.65
CA GLU K 53 -13.43 59.99 -56.50
C GLU K 53 -13.35 61.03 -57.62
N ASP K 54 -12.27 61.80 -57.72
CA ASP K 54 -12.16 62.82 -58.75
C ASP K 54 -10.75 63.36 -58.80
N ILE K 55 -10.33 63.81 -59.98
CA ILE K 55 -9.02 64.42 -60.20
C ILE K 55 -9.17 65.66 -61.05
N VAL K 56 -8.28 66.65 -60.82
CA VAL K 56 -8.33 67.93 -61.51
C VAL K 56 -6.90 68.37 -61.88
N LEU K 57 -6.67 68.65 -63.17
CA LEU K 57 -5.39 69.11 -63.66
C LEU K 57 -5.51 70.47 -64.35
N LEU K 58 -4.70 71.44 -63.91
CA LEU K 58 -4.80 72.82 -64.40
C LEU K 58 -3.65 73.24 -65.30
N GLY K 59 -2.40 73.14 -64.83
CA GLY K 59 -1.26 73.61 -65.59
C GLY K 59 -0.77 72.71 -66.71
N TYR K 60 -1.64 71.86 -67.24
CA TYR K 60 -1.25 70.99 -68.34
C TYR K 60 -0.05 70.16 -67.91
N PRO K 61 -0.17 69.40 -66.82
CA PRO K 61 0.95 68.57 -66.36
C PRO K 61 1.13 67.30 -67.18
N SER K 62 2.32 66.71 -67.06
CA SER K 62 2.64 65.45 -67.70
C SER K 62 2.11 64.29 -66.86
N ILE K 63 1.69 63.21 -67.55
CA ILE K 63 1.15 62.03 -66.89
C ILE K 63 1.65 60.77 -67.57
N THR K 64 1.87 59.73 -66.76
CA THR K 64 2.10 58.39 -67.29
C THR K 64 0.77 57.83 -67.82
N GLY K 65 0.77 57.39 -69.09
CA GLY K 65 -0.40 56.69 -69.59
C GLY K 65 -0.64 55.37 -68.89
N GLU K 66 0.44 54.65 -68.56
CA GLU K 66 0.32 53.40 -67.82
C GLU K 66 -0.37 53.59 -66.48
N ALA K 67 -0.32 54.80 -65.93
CA ALA K 67 -1.01 55.11 -64.68
C ALA K 67 -2.47 55.45 -64.97
N LEU K 68 -2.70 56.15 -66.08
CA LEU K 68 -4.05 56.55 -66.47
C LEU K 68 -4.96 55.33 -66.60
N GLY K 69 -4.49 54.32 -67.31
CA GLY K 69 -5.24 53.07 -67.44
C GLY K 69 -5.57 52.42 -66.12
N TYR K 70 -4.92 52.83 -65.04
CA TYR K 70 -5.27 52.35 -63.71
C TYR K 70 -6.38 53.15 -63.06
N ALA K 71 -6.52 54.43 -63.43
CA ALA K 71 -7.53 55.26 -62.80
C ALA K 71 -8.94 54.90 -63.25
N LEU K 72 -9.11 54.52 -64.51
CA LEU K 72 -10.42 54.26 -65.06
C LEU K 72 -10.91 52.84 -64.79
N GLU K 73 -10.05 51.98 -64.27
CA GLU K 73 -10.46 50.72 -63.67
C GLU K 73 -11.07 50.90 -62.29
N LEU K 74 -11.20 52.15 -61.83
CA LEU K 74 -11.59 52.44 -60.45
C LEU K 74 -12.77 53.39 -60.34
N GLY K 75 -13.19 54.02 -61.44
CA GLY K 75 -14.29 54.95 -61.40
C GLY K 75 -13.81 56.37 -61.12
N LEU K 76 -12.65 56.73 -61.68
CA LEU K 76 -12.05 58.03 -61.41
C LEU K 76 -12.07 58.90 -62.66
N PRO K 77 -12.96 59.87 -62.76
CA PRO K 77 -12.88 60.83 -63.88
C PRO K 77 -11.61 61.66 -63.77
N VAL K 78 -11.12 62.12 -64.92
CA VAL K 78 -9.94 62.98 -64.97
C VAL K 78 -10.32 64.24 -65.72
N HIS K 79 -10.12 65.39 -65.08
CA HIS K 79 -10.55 66.67 -65.61
C HIS K 79 -9.35 67.55 -65.89
N TYR K 80 -9.46 68.34 -66.95
CA TYR K 80 -8.37 69.18 -67.45
C TYR K 80 -8.80 70.64 -67.44
N LEU K 81 -7.91 71.51 -66.95
CA LEU K 81 -8.16 72.94 -66.95
C LEU K 81 -6.87 73.66 -67.33
N THR K 82 -6.92 74.99 -67.30
CA THR K 82 -5.80 75.87 -67.54
C THR K 82 -5.50 76.68 -66.28
N GLN K 83 -4.32 77.30 -66.25
CA GLN K 83 -3.93 78.15 -65.13
C GLN K 83 -5.06 79.09 -64.73
N PHE K 84 -5.83 79.53 -65.72
CA PHE K 84 -6.94 80.44 -65.49
C PHE K 84 -8.21 79.74 -65.00
N GLY K 85 -8.35 78.45 -65.26
CA GLY K 85 -9.51 77.71 -64.84
C GLY K 85 -10.50 77.40 -65.95
N LYS K 86 -10.18 77.78 -67.18
CA LYS K 86 -11.06 77.51 -68.30
C LYS K 86 -11.13 76.00 -68.57
N TYR K 87 -12.33 75.52 -68.87
CA TYR K 87 -12.50 74.10 -69.11
C TYR K 87 -12.02 73.77 -70.51
N VAL K 88 -11.29 72.66 -70.63
CA VAL K 88 -10.74 72.23 -71.91
C VAL K 88 -11.26 70.85 -72.30
N GLY K 89 -11.32 69.91 -71.36
CA GLY K 89 -11.74 68.56 -71.70
C GLY K 89 -11.63 67.66 -70.50
N SER K 90 -12.14 66.44 -70.68
CA SER K 90 -12.08 65.43 -69.63
C SER K 90 -12.00 64.05 -70.26
N ALA K 91 -11.32 63.15 -69.55
CA ALA K 91 -11.17 61.76 -69.95
C ALA K 91 -12.04 60.93 -69.01
N LEU K 92 -12.97 60.19 -69.58
CA LEU K 92 -13.98 59.54 -68.76
C LEU K 92 -13.78 58.03 -68.73
N PRO K 93 -14.19 57.38 -67.63
CA PRO K 93 -14.01 55.92 -67.52
C PRO K 93 -15.09 55.15 -68.26
N SER K 94 -15.12 53.83 -68.09
CA SER K 94 -16.15 53.02 -68.72
C SER K 94 -17.53 53.56 -68.35
N GLU K 95 -18.39 53.68 -69.36
CA GLU K 95 -19.63 54.43 -69.25
C GLU K 95 -20.78 53.55 -68.77
N SER K 96 -22.01 54.04 -68.92
CA SER K 96 -23.23 53.35 -68.55
C SER K 96 -23.91 52.81 -69.80
N ARG K 97 -24.69 51.74 -69.61
CA ARG K 97 -25.23 50.99 -70.74
C ARG K 97 -26.74 51.11 -70.94
N ASN K 98 -27.34 52.25 -70.58
CA ASN K 98 -28.79 52.40 -70.77
C ASN K 98 -29.07 53.28 -71.98
N GLY K 99 -29.27 52.62 -73.14
CA GLY K 99 -29.68 53.34 -74.32
C GLY K 99 -31.10 53.87 -74.23
N GLN K 100 -32.03 53.03 -73.77
CA GLN K 100 -33.41 53.46 -73.60
C GLN K 100 -33.48 54.82 -72.91
N LEU K 101 -32.58 55.06 -71.97
CA LEU K 101 -32.48 56.37 -71.35
C LEU K 101 -32.16 57.43 -72.39
N ARG K 102 -31.04 57.24 -73.09
CA ARG K 102 -30.58 58.23 -74.06
C ARG K 102 -31.58 58.41 -75.20
N LEU K 103 -32.39 57.39 -75.48
CA LEU K 103 -33.45 57.57 -76.46
C LEU K 103 -34.51 58.52 -75.93
N ALA K 104 -35.04 58.23 -74.73
CA ALA K 104 -36.01 59.13 -74.11
C ALA K 104 -35.44 60.54 -73.99
N GLN K 105 -34.18 60.65 -73.60
CA GLN K 105 -33.47 61.92 -73.67
C GLN K 105 -33.59 62.55 -75.05
N PHE K 106 -33.62 61.72 -76.10
CA PHE K 106 -33.80 62.20 -77.46
C PHE K 106 -35.27 62.18 -77.89
N ARG K 107 -35.94 61.05 -77.70
CA ARG K 107 -37.37 60.99 -77.98
C ARG K 107 -38.09 62.18 -77.35
N ALA K 108 -37.54 62.70 -76.25
CA ALA K 108 -38.06 63.90 -75.58
C ALA K 108 -37.49 65.20 -76.13
N HIS K 109 -36.27 65.18 -76.67
CA HIS K 109 -35.67 66.42 -77.16
C HIS K 109 -36.38 66.97 -78.39
N GLU K 110 -36.98 66.10 -79.20
CA GLU K 110 -37.65 66.53 -80.41
C GLU K 110 -39.13 66.82 -80.20
N ASP K 111 -39.65 66.57 -79.01
CA ASP K 111 -41.01 66.99 -78.67
C ASP K 111 -40.90 68.27 -77.83
N PRO K 112 -40.93 69.45 -78.45
CA PRO K 112 -40.67 70.67 -77.67
C PRO K 112 -41.64 70.85 -76.52
N ILE K 113 -42.85 70.33 -76.67
CA ILE K 113 -43.85 70.41 -75.60
C ILE K 113 -43.32 69.74 -74.34
N GLN K 114 -42.66 68.60 -74.50
CA GLN K 114 -42.02 67.91 -73.38
C GLN K 114 -40.77 68.66 -72.94
N ARG K 115 -39.94 69.05 -73.91
CA ARG K 115 -38.77 69.87 -73.62
C ARG K 115 -39.13 71.09 -72.78
N LEU K 116 -40.28 71.71 -73.07
CA LEU K 116 -40.67 72.92 -72.34
C LEU K 116 -41.05 72.63 -70.90
N ASP K 117 -41.96 71.67 -70.67
CA ASP K 117 -42.40 71.38 -69.31
C ASP K 117 -41.22 71.07 -68.40
N ILE K 118 -40.05 70.83 -68.98
CA ILE K 118 -38.84 70.59 -68.22
C ILE K 118 -38.04 71.86 -68.02
N VAL K 119 -37.70 72.57 -69.11
CA VAL K 119 -36.85 73.74 -68.99
C VAL K 119 -37.48 74.77 -68.05
N LYS K 120 -38.81 74.89 -68.11
CA LYS K 120 -39.49 75.77 -67.15
C LYS K 120 -39.16 75.37 -65.72
N ALA K 121 -38.85 74.09 -65.50
CA ALA K 121 -38.46 73.63 -64.17
C ALA K 121 -37.03 74.06 -63.86
N PHE K 122 -36.12 73.85 -64.81
CA PHE K 122 -34.74 74.28 -64.62
C PHE K 122 -34.67 75.75 -64.20
N VAL K 123 -35.45 76.60 -64.88
CA VAL K 123 -35.39 78.03 -64.66
C VAL K 123 -36.10 78.44 -63.38
N LYS K 124 -37.35 77.99 -63.20
CA LYS K 124 -38.05 78.21 -61.93
C LYS K 124 -37.17 77.79 -60.75
N GLY K 125 -36.45 76.68 -60.89
CA GLY K 125 -35.54 76.23 -59.86
C GLY K 125 -34.22 76.95 -59.82
N LYS K 126 -33.98 77.82 -60.79
CA LYS K 126 -32.75 78.60 -60.89
C LYS K 126 -32.92 80.02 -60.34
N VAL K 127 -33.96 80.73 -60.75
CA VAL K 127 -34.11 82.12 -60.34
C VAL K 127 -34.49 82.20 -58.87
N HIS K 128 -35.42 81.33 -58.44
CA HIS K 128 -35.71 81.24 -57.01
C HIS K 128 -34.42 80.98 -56.25
N ASN K 129 -33.51 80.21 -56.85
CA ASN K 129 -32.19 80.02 -56.25
C ASN K 129 -31.41 81.33 -56.23
N GLN K 130 -31.65 82.21 -57.21
CA GLN K 130 -30.98 83.51 -57.23
C GLN K 130 -31.59 84.48 -56.23
N TYR K 131 -32.90 84.73 -56.36
CA TYR K 131 -33.58 85.63 -55.42
C TYR K 131 -33.43 85.15 -53.99
N ASN K 132 -33.64 83.85 -53.76
CA ASN K 132 -33.47 83.30 -52.42
C ASN K 132 -32.01 83.30 -52.00
N LEU K 133 -31.08 83.57 -52.92
CA LEU K 133 -29.70 83.80 -52.55
C LEU K 133 -29.48 85.24 -52.08
N LEU K 134 -29.94 86.21 -52.87
CA LEU K 134 -29.73 87.61 -52.53
C LEU K 134 -30.38 87.96 -51.20
N TYR K 135 -31.46 87.27 -50.82
CA TYR K 135 -32.01 87.44 -49.48
C TYR K 135 -31.08 86.85 -48.43
N ARG K 136 -30.32 85.80 -48.77
CA ARG K 136 -29.25 85.35 -47.89
C ARG K 136 -28.22 86.45 -47.69
N ARG K 137 -27.86 87.14 -48.77
CA ARG K 137 -26.85 88.18 -48.75
C ARG K 137 -27.34 89.52 -48.23
N GLY K 138 -28.66 89.73 -48.16
CA GLY K 138 -29.18 91.02 -47.74
C GLY K 138 -29.50 92.00 -48.86
N GLN K 139 -30.56 91.71 -49.59
CA GLN K 139 -31.02 92.55 -50.69
C GLN K 139 -32.54 92.69 -50.58
N VAL K 140 -33.05 93.87 -50.95
CA VAL K 140 -34.44 94.19 -50.71
C VAL K 140 -35.36 93.49 -51.70
N ASP K 141 -35.27 93.86 -52.98
CA ASP K 141 -36.20 93.34 -53.97
C ASP K 141 -35.51 92.54 -55.06
N ASN K 142 -34.58 93.16 -55.81
CA ASN K 142 -33.92 92.50 -56.93
C ASN K 142 -34.95 91.65 -57.66
N PRO K 143 -35.84 92.27 -58.41
CA PRO K 143 -37.15 91.67 -58.67
C PRO K 143 -37.12 90.44 -59.56
N LEU K 144 -36.83 89.29 -58.96
CA LEU K 144 -36.83 88.02 -59.68
C LEU K 144 -38.08 87.20 -59.38
N LYS K 145 -38.54 87.20 -58.13
CA LYS K 145 -39.80 86.55 -57.76
C LYS K 145 -40.87 86.75 -58.82
N GLY K 146 -41.05 87.99 -59.26
CA GLY K 146 -42.02 88.25 -60.31
C GLY K 146 -41.63 87.64 -61.64
N ARG K 147 -40.33 87.57 -61.92
CA ARG K 147 -39.87 86.96 -63.16
C ARG K 147 -40.04 85.45 -63.13
N GLY K 148 -39.93 84.84 -61.94
CA GLY K 148 -40.30 83.44 -61.82
C GLY K 148 -41.73 83.16 -62.25
N LYS K 149 -42.68 83.88 -61.65
CA LYS K 149 -44.07 83.63 -61.96
C LYS K 149 -44.39 83.98 -63.41
N LEU K 150 -43.60 84.87 -64.00
CA LEU K 150 -43.64 85.19 -65.42
C LEU K 150 -43.19 84.03 -66.30
N VAL K 151 -42.58 83.00 -65.74
CA VAL K 151 -42.03 81.92 -66.56
C VAL K 151 -43.12 80.94 -66.97
N MET K 152 -43.87 80.42 -65.98
CA MET K 152 -44.96 79.52 -66.32
C MET K 152 -45.92 80.17 -67.30
N ARG K 153 -46.02 81.52 -67.29
CA ARG K 153 -46.91 82.18 -68.22
C ARG K 153 -46.33 82.22 -69.62
N GLN K 154 -45.35 81.39 -69.92
CA GLN K 154 -44.82 81.27 -71.26
C GLN K 154 -45.10 79.86 -71.77
N GLN K 155 -45.07 79.72 -73.09
CA GLN K 155 -45.40 78.45 -73.70
C GLN K 155 -44.48 78.13 -74.88
N THR K 156 -43.31 78.76 -74.93
CA THR K 156 -42.33 78.47 -75.96
C THR K 156 -40.95 78.58 -75.35
N LEU K 157 -39.94 78.25 -76.14
CA LEU K 157 -38.57 78.31 -75.68
C LEU K 157 -38.00 79.72 -75.84
N GLU K 158 -38.12 80.27 -77.04
CA GLU K 158 -37.60 81.62 -77.29
C GLU K 158 -38.18 82.62 -76.30
N GLN K 159 -39.45 82.46 -75.91
CA GLN K 159 -40.01 83.28 -74.85
C GLN K 159 -39.22 83.12 -73.57
N VAL K 160 -38.75 81.90 -73.33
CA VAL K 160 -38.11 81.56 -72.06
C VAL K 160 -36.63 81.89 -72.19
N ARG K 161 -36.08 81.83 -73.40
CA ARG K 161 -34.70 82.22 -73.61
C ARG K 161 -34.49 83.68 -73.22
N GLY K 162 -35.43 84.55 -73.59
CA GLY K 162 -35.31 85.96 -73.24
C GLY K 162 -35.50 86.25 -71.76
N ILE K 163 -36.36 85.50 -71.09
CA ILE K 163 -36.60 85.78 -69.68
C ILE K 163 -35.37 85.38 -68.88
N GLU K 164 -34.84 84.19 -69.16
CA GLU K 164 -33.63 83.72 -68.51
C GLU K 164 -32.48 84.71 -68.69
N GLY K 165 -32.26 85.19 -69.91
CA GLY K 165 -31.22 86.16 -70.13
C GLY K 165 -31.44 87.42 -69.33
N LEU K 166 -32.70 87.78 -69.12
CA LEU K 166 -33.06 88.95 -68.34
C LEU K 166 -32.68 88.83 -66.88
N ALA K 167 -33.23 87.83 -66.21
CA ALA K 167 -33.10 87.72 -64.77
C ALA K 167 -31.65 87.67 -64.34
N ALA K 168 -30.81 87.00 -65.13
CA ALA K 168 -29.38 86.96 -64.82
C ALA K 168 -28.77 88.36 -64.96
N ARG K 169 -29.11 89.06 -66.04
CA ARG K 169 -28.63 90.43 -66.18
C ARG K 169 -29.16 91.32 -65.06
N GLU K 170 -30.40 91.09 -64.62
CA GLU K 170 -30.90 91.75 -63.41
C GLU K 170 -30.14 91.27 -62.18
N TYR K 171 -29.54 90.08 -62.26
CA TYR K 171 -28.80 89.46 -61.18
C TYR K 171 -27.41 90.05 -61.04
N PHE K 172 -26.78 90.42 -62.16
CA PHE K 172 -25.42 90.96 -62.12
C PHE K 172 -25.34 92.47 -61.89
N ALA K 173 -26.36 93.25 -62.29
CA ALA K 173 -26.30 94.69 -62.01
C ALA K 173 -26.56 94.98 -60.54
N SER K 174 -27.11 94.01 -59.80
CA SER K 174 -27.36 94.12 -58.37
C SER K 174 -26.17 93.63 -57.55
N TRP K 175 -24.99 93.60 -58.16
CA TRP K 175 -23.80 92.98 -57.63
C TRP K 175 -22.89 93.97 -56.93
N GLN K 176 -22.57 95.08 -57.59
CA GLN K 176 -21.71 96.11 -57.02
C GLN K 176 -22.19 96.56 -55.64
N GLU K 177 -23.48 96.88 -55.53
CA GLU K 177 -24.03 97.32 -54.25
C GLU K 177 -23.90 96.23 -53.20
N MET K 178 -23.86 94.97 -53.62
CA MET K 178 -23.72 93.85 -52.71
C MET K 178 -22.26 93.58 -52.40
N LEU K 179 -21.35 94.00 -53.29
CA LEU K 179 -19.92 93.83 -53.09
C LEU K 179 -19.35 94.92 -52.21
N GLY K 180 -19.53 96.17 -52.64
CA GLY K 180 -18.92 97.31 -51.97
C GLY K 180 -18.16 98.17 -52.95
N HIS K 181 -17.17 98.90 -52.43
CA HIS K 181 -16.39 99.84 -53.22
C HIS K 181 -15.03 99.30 -53.62
N GLU K 182 -14.55 98.25 -52.95
CA GLU K 182 -13.21 97.75 -53.21
C GLU K 182 -13.06 97.22 -54.64
N TRP K 183 -14.13 96.66 -55.20
CA TRP K 183 -14.11 96.07 -56.52
C TRP K 183 -15.10 96.81 -57.42
N THR K 184 -15.03 96.53 -58.71
CA THR K 184 -15.92 97.14 -59.69
C THR K 184 -16.54 96.05 -60.54
N PHE K 185 -17.85 96.11 -60.72
CA PHE K 185 -18.55 95.19 -61.61
C PHE K 185 -19.74 95.91 -62.22
N THR K 186 -19.76 96.02 -63.54
CA THR K 186 -20.93 96.52 -64.25
C THR K 186 -21.68 95.41 -64.96
N GLY K 187 -20.97 94.47 -65.57
CA GLY K 187 -21.59 93.36 -66.26
C GLY K 187 -20.58 92.27 -66.50
N ARG K 188 -21.07 91.17 -67.07
CA ARG K 188 -20.25 90.02 -67.44
C ARG K 188 -20.14 89.97 -68.96
N PHE K 189 -18.96 89.62 -69.44
CA PHE K 189 -18.66 89.60 -70.87
C PHE K 189 -18.47 88.16 -71.33
N ARG K 190 -19.15 87.79 -72.42
CA ARG K 190 -18.92 86.49 -73.02
C ARG K 190 -17.46 86.36 -73.43
N ARG K 191 -16.79 87.49 -73.65
CA ARG K 191 -15.39 87.63 -73.97
C ARG K 191 -14.52 87.10 -72.83
N PRO K 192 -13.20 87.16 -72.96
CA PRO K 192 -12.34 86.76 -71.85
C PRO K 192 -12.45 87.75 -70.71
N PRO K 193 -11.61 87.62 -69.69
CA PRO K 193 -11.80 88.50 -68.52
C PRO K 193 -11.31 89.94 -68.68
N THR K 194 -12.13 90.73 -69.37
CA THR K 194 -11.94 92.17 -69.38
C THR K 194 -12.01 92.71 -67.95
N ASP K 195 -12.66 91.97 -67.06
CA ASP K 195 -12.80 92.16 -65.63
C ASP K 195 -12.07 91.04 -64.89
N PRO K 196 -11.42 91.33 -63.77
CA PRO K 196 -10.76 90.24 -63.03
C PRO K 196 -11.72 89.17 -62.58
N VAL K 197 -12.80 89.58 -61.91
CA VAL K 197 -13.75 88.63 -61.35
C VAL K 197 -14.31 87.72 -62.43
N ASN K 198 -14.72 88.31 -63.57
CA ASN K 198 -15.17 87.51 -64.70
C ASN K 198 -14.18 86.40 -65.01
N ALA K 199 -12.88 86.63 -64.74
CA ALA K 199 -11.91 85.55 -64.83
C ALA K 199 -12.09 84.59 -63.67
N LEU K 200 -12.37 85.14 -62.49
CA LEU K 200 -12.58 84.31 -61.31
C LEU K 200 -13.81 83.45 -61.45
N LEU K 201 -14.85 83.98 -62.09
CA LEU K 201 -16.05 83.19 -62.37
C LEU K 201 -15.76 82.16 -63.45
N SER K 202 -15.11 82.57 -64.53
CA SER K 202 -14.62 81.62 -65.52
C SER K 202 -13.80 80.51 -64.85
N PHE K 203 -13.22 80.79 -63.69
CA PHE K 203 -12.53 79.75 -62.94
C PHE K 203 -13.53 78.80 -62.30
N GLY K 204 -14.42 79.32 -61.46
CA GLY K 204 -15.39 78.46 -60.80
C GLY K 204 -16.40 77.87 -61.76
N TYR K 205 -17.03 78.73 -62.56
CA TYR K 205 -17.95 78.23 -63.60
C TYR K 205 -17.22 77.32 -64.59
N GLY K 206 -15.92 77.49 -64.75
CA GLY K 206 -15.16 76.65 -65.66
C GLY K 206 -14.85 75.29 -65.08
N LEU K 207 -14.38 75.27 -63.83
CA LEU K 207 -14.15 74.02 -63.13
C LEU K 207 -15.42 73.36 -62.64
N LEU K 208 -16.58 74.01 -62.82
CA LEU K 208 -17.83 73.40 -62.34
C LEU K 208 -18.25 72.22 -63.21
N ARG K 209 -18.00 72.29 -64.52
CA ARG K 209 -18.28 71.15 -65.38
C ARG K 209 -17.69 69.85 -64.87
N THR K 210 -16.65 69.92 -64.05
CA THR K 210 -15.93 68.70 -63.65
C THR K 210 -16.86 67.70 -62.95
N GLN K 211 -17.56 68.14 -61.90
CA GLN K 211 -18.46 67.26 -61.18
C GLN K 211 -19.76 67.02 -61.93
N VAL K 212 -20.14 67.96 -62.79
CA VAL K 212 -21.36 67.81 -63.58
C VAL K 212 -21.09 66.89 -64.77
N THR K 213 -19.98 67.12 -65.48
CA THR K 213 -19.61 66.26 -66.59
C THR K 213 -19.53 64.80 -66.16
N ALA K 214 -19.39 64.55 -64.86
CA ALA K 214 -19.35 63.20 -64.32
C ALA K 214 -20.75 62.66 -64.00
N ALA K 215 -21.58 63.47 -63.33
CA ALA K 215 -22.89 62.99 -62.91
C ALA K 215 -23.69 62.44 -64.09
N VAL K 216 -23.60 63.09 -65.25
CA VAL K 216 -24.29 62.58 -66.42
C VAL K 216 -23.71 61.23 -66.81
N HIS K 217 -22.39 61.12 -66.81
CA HIS K 217 -21.71 59.87 -67.09
C HIS K 217 -22.07 58.81 -66.05
N ILE K 218 -22.50 59.24 -64.86
CA ILE K 218 -22.98 58.29 -63.86
C ILE K 218 -24.39 57.82 -64.21
N ALA K 219 -25.26 58.77 -64.57
CA ALA K 219 -26.62 58.45 -65.00
C ALA K 219 -26.66 57.92 -66.42
N GLY K 220 -25.54 57.93 -67.15
CA GLY K 220 -25.51 57.46 -68.52
C GLY K 220 -26.09 58.41 -69.54
N LEU K 221 -26.29 59.68 -69.18
CA LEU K 221 -26.91 60.62 -70.11
C LEU K 221 -25.94 61.04 -71.20
N ASP K 222 -26.52 61.47 -72.34
CA ASP K 222 -25.75 62.00 -73.46
C ASP K 222 -25.56 63.50 -73.27
N PRO K 223 -24.35 63.98 -72.96
CA PRO K 223 -24.20 65.41 -72.71
C PRO K 223 -24.53 66.31 -73.89
N TYR K 224 -24.33 65.86 -75.11
CA TYR K 224 -24.52 66.72 -76.28
C TYR K 224 -25.99 66.92 -76.64
N ILE K 225 -26.91 66.33 -75.90
CA ILE K 225 -28.34 66.50 -76.13
C ILE K 225 -28.90 67.20 -74.90
N GLY K 226 -29.33 68.44 -75.08
CA GLY K 226 -29.90 69.20 -73.99
C GLY K 226 -31.28 69.71 -74.31
N PHE K 227 -31.83 70.53 -73.42
CA PHE K 227 -33.15 71.09 -73.58
C PHE K 227 -33.13 72.60 -73.72
N LEU K 228 -32.16 73.28 -73.10
CA LEU K 228 -31.95 74.71 -73.29
C LEU K 228 -30.88 74.99 -74.35
N HIS K 229 -29.64 74.55 -74.09
CA HIS K 229 -28.53 74.81 -75.00
C HIS K 229 -28.66 73.85 -76.18
N GLU K 230 -29.35 74.30 -77.22
CA GLU K 230 -29.49 73.48 -78.41
C GLU K 230 -28.12 73.23 -79.02
N THR K 231 -27.80 71.95 -79.24
CA THR K 231 -26.46 71.53 -79.64
C THR K 231 -26.25 71.72 -81.14
N THR K 232 -25.96 72.97 -81.52
CA THR K 232 -25.59 73.29 -82.90
C THR K 232 -24.34 74.16 -82.94
N ARG K 233 -23.66 74.32 -81.79
CA ARG K 233 -22.38 75.01 -81.69
C ARG K 233 -21.27 74.06 -81.27
N GLY K 234 -21.54 72.75 -81.32
CA GLY K 234 -20.62 71.77 -80.78
C GLY K 234 -20.41 71.90 -79.30
N GLN K 235 -21.41 72.39 -78.57
CA GLN K 235 -21.35 72.56 -77.13
C GLN K 235 -22.27 71.55 -76.45
N PRO K 236 -21.82 70.84 -75.42
CA PRO K 236 -22.72 69.91 -74.73
C PRO K 236 -23.83 70.71 -74.07
N ALA K 237 -24.92 70.02 -73.73
CA ALA K 237 -26.06 70.75 -73.20
C ALA K 237 -26.66 70.14 -71.94
N MET K 238 -26.65 68.82 -71.79
CA MET K 238 -27.09 68.24 -70.52
C MET K 238 -26.22 68.73 -69.39
N ILE K 239 -24.96 69.10 -69.70
CA ILE K 239 -24.13 69.72 -68.68
C ILE K 239 -24.58 71.15 -68.45
N LEU K 240 -24.59 71.97 -69.51
CA LEU K 240 -24.95 73.37 -69.36
C LEU K 240 -26.41 73.53 -68.97
N ASP K 241 -27.29 72.74 -69.57
CA ASP K 241 -28.69 72.73 -69.15
C ASP K 241 -28.80 72.42 -67.67
N LEU K 242 -27.95 71.51 -67.18
CA LEU K 242 -27.89 71.18 -65.76
C LEU K 242 -26.97 72.13 -65.00
N MET K 243 -25.81 72.45 -65.60
CA MET K 243 -24.83 73.28 -64.92
C MET K 243 -25.43 74.63 -64.55
N GLU K 244 -26.46 75.06 -65.28
CA GLU K 244 -27.06 76.36 -65.02
C GLU K 244 -27.68 76.41 -63.64
N GLU K 245 -28.34 75.33 -63.23
CA GLU K 245 -29.00 75.31 -61.93
C GLU K 245 -28.02 75.47 -60.76
N PHE K 246 -26.74 75.21 -60.99
CA PHE K 246 -25.75 75.22 -59.92
C PHE K 246 -24.75 76.35 -60.01
N ARG K 247 -24.65 77.02 -61.17
CA ARG K 247 -23.73 78.12 -61.30
C ARG K 247 -23.94 79.18 -60.22
N ALA K 248 -25.19 79.40 -59.82
CA ALA K 248 -25.51 80.55 -59.00
C ALA K 248 -25.34 80.35 -57.50
N LEU K 249 -25.27 79.11 -57.02
CA LEU K 249 -25.30 78.87 -55.58
C LEU K 249 -24.03 78.26 -55.03
N VAL K 250 -23.22 77.58 -55.84
CA VAL K 250 -21.98 76.96 -55.38
C VAL K 250 -20.77 77.69 -55.93
N ALA K 251 -20.70 77.86 -57.25
CA ALA K 251 -19.59 78.61 -57.82
C ALA K 251 -19.80 80.11 -57.66
N ASP K 252 -21.06 80.56 -57.70
CA ASP K 252 -21.39 81.96 -57.55
C ASP K 252 -21.51 82.38 -56.09
N SER K 253 -21.94 81.47 -55.21
CA SER K 253 -21.98 81.76 -53.78
C SER K 253 -20.60 81.65 -53.14
N VAL K 254 -19.71 80.83 -53.70
CA VAL K 254 -18.38 80.69 -53.14
C VAL K 254 -17.64 82.02 -53.18
N VAL K 255 -17.72 82.74 -54.30
CA VAL K 255 -16.97 84.00 -54.42
C VAL K 255 -17.35 84.94 -53.28
N LEU K 256 -18.65 85.10 -53.05
CA LEU K 256 -19.13 85.97 -51.98
C LEU K 256 -18.76 85.42 -50.62
N THR K 257 -18.38 84.13 -50.55
CA THR K 257 -17.95 83.52 -49.29
C THR K 257 -16.47 83.79 -48.99
N VAL K 258 -15.65 84.04 -50.01
CA VAL K 258 -14.24 84.32 -49.79
C VAL K 258 -13.91 85.80 -49.90
N LEU K 259 -14.69 86.59 -50.65
CA LEU K 259 -14.43 88.01 -50.79
C LEU K 259 -14.93 88.84 -49.62
N LYS K 260 -15.42 88.19 -48.55
CA LYS K 260 -15.64 88.85 -47.28
C LYS K 260 -14.59 88.49 -46.24
N GLN K 261 -13.70 87.55 -46.54
CA GLN K 261 -12.65 87.16 -45.60
C GLN K 261 -11.27 87.13 -46.20
N ARG K 262 -11.14 86.73 -47.45
CA ARG K 262 -9.84 86.35 -48.01
C ARG K 262 -9.59 87.04 -49.34
N GLU K 263 -8.33 86.91 -49.78
CA GLU K 263 -7.87 87.45 -51.06
C GLU K 263 -8.57 88.75 -51.42
N ILE K 264 -8.65 89.66 -50.46
CA ILE K 264 -9.34 90.93 -50.69
C ILE K 264 -8.73 91.64 -51.90
N GLN K 265 -7.43 91.59 -52.03
CA GLN K 265 -6.69 92.20 -53.13
C GLN K 265 -5.26 91.69 -53.04
N ARG K 266 -4.36 92.30 -53.82
CA ARG K 266 -2.92 92.03 -53.80
C ARG K 266 -2.59 90.63 -54.31
N GLN K 267 -3.61 89.79 -54.51
CA GLN K 267 -3.41 88.41 -54.91
C GLN K 267 -3.86 88.16 -56.35
N ASP K 268 -3.98 89.22 -57.13
CA ASP K 268 -4.28 89.14 -58.56
C ASP K 268 -3.18 89.85 -59.32
N PHE K 269 -2.97 89.45 -60.57
CA PHE K 269 -1.94 90.08 -61.40
C PHE K 269 -2.49 90.29 -62.79
N THR K 270 -2.30 91.50 -63.32
CA THR K 270 -2.68 91.83 -64.69
C THR K 270 -1.47 91.60 -65.60
N GLU K 271 -1.67 90.83 -66.67
CA GLU K 271 -0.52 90.57 -67.53
C GLU K 271 -0.96 90.05 -68.89
N SER K 272 -0.34 90.61 -69.93
CA SER K 272 -0.36 90.11 -71.30
C SER K 272 -1.68 90.37 -72.01
N LEU K 273 -2.72 90.76 -71.28
CA LEU K 273 -3.97 91.17 -71.93
C LEU K 273 -4.68 92.28 -71.15
N GLY K 274 -4.07 92.83 -70.12
CA GLY K 274 -4.84 93.37 -69.02
C GLY K 274 -5.20 92.15 -68.20
N ALA K 275 -6.13 91.35 -68.71
CA ALA K 275 -6.21 89.92 -68.39
C ALA K 275 -5.90 89.63 -66.94
N PHE K 276 -6.73 90.10 -66.01
CA PHE K 276 -6.39 89.96 -64.60
C PHE K 276 -6.42 88.49 -64.23
N ARG K 277 -5.27 87.83 -64.39
CA ARG K 277 -5.10 86.44 -64.01
C ARG K 277 -4.85 86.35 -62.52
N LEU K 278 -4.87 85.12 -62.00
CA LEU K 278 -4.69 84.92 -60.58
C LEU K 278 -3.24 84.61 -60.22
N THR K 279 -2.94 84.78 -58.93
CA THR K 279 -1.67 84.40 -58.34
C THR K 279 -1.70 82.97 -57.82
N ASP K 280 -0.55 82.30 -57.88
CA ASP K 280 -0.43 81.01 -57.22
C ASP K 280 -0.48 81.20 -55.71
N SER K 281 -0.80 80.11 -54.99
CA SER K 281 -0.92 80.12 -53.54
C SER K 281 -2.21 80.82 -53.12
N ALA K 282 -2.85 81.51 -54.07
CA ALA K 282 -4.22 81.98 -53.91
C ALA K 282 -5.19 80.98 -54.52
N THR K 283 -4.79 80.38 -55.64
CA THR K 283 -5.55 79.26 -56.19
C THR K 283 -5.67 78.15 -55.16
N LYS K 284 -4.58 77.89 -54.42
CA LYS K 284 -4.61 76.81 -53.44
C LYS K 284 -5.53 77.12 -52.29
N THR K 285 -5.80 78.41 -52.04
CA THR K 285 -6.80 78.78 -51.06
C THR K 285 -8.20 78.72 -51.67
N PHE K 286 -8.32 79.04 -52.96
CA PHE K 286 -9.61 78.99 -53.63
C PHE K 286 -10.25 77.61 -53.52
N LEU K 287 -9.49 76.56 -53.83
CA LEU K 287 -10.06 75.23 -53.92
C LEU K 287 -10.42 74.67 -52.55
N GLY K 288 -9.65 75.03 -51.53
CA GLY K 288 -9.99 74.58 -50.18
C GLY K 288 -11.42 74.91 -49.81
N ALA K 289 -11.87 76.10 -50.19
CA ALA K 289 -13.26 76.46 -49.98
C ALA K 289 -14.18 75.71 -50.94
N PHE K 290 -13.67 75.35 -52.12
CA PHE K 290 -14.52 74.65 -53.07
C PHE K 290 -14.90 73.27 -52.53
N ASP K 291 -13.91 72.53 -52.02
CA ASP K 291 -14.23 71.25 -51.39
C ASP K 291 -14.96 71.47 -50.06
N ARG K 292 -14.69 72.58 -49.38
CA ARG K 292 -15.50 72.94 -48.21
C ARG K 292 -16.96 73.08 -48.61
N LYS K 293 -17.21 73.79 -49.71
CA LYS K 293 -18.57 73.94 -50.21
C LYS K 293 -19.17 72.59 -50.55
N LEU K 294 -18.35 71.70 -51.13
CA LEU K 294 -18.84 70.39 -51.53
C LEU K 294 -19.05 69.46 -50.35
N SER K 295 -18.28 69.64 -49.28
CA SER K 295 -18.46 68.84 -48.07
C SER K 295 -19.54 69.40 -47.16
N SER K 296 -20.48 70.16 -47.72
CA SER K 296 -21.53 70.83 -46.98
C SER K 296 -22.73 69.89 -46.85
N GLU K 297 -23.57 70.16 -45.86
CA GLU K 297 -24.74 69.31 -45.58
C GLU K 297 -26.03 69.83 -46.19
N PHE K 298 -26.40 71.08 -45.89
CA PHE K 298 -27.52 71.82 -46.48
C PHE K 298 -28.87 71.13 -46.30
N LYS K 299 -28.88 69.95 -45.70
CA LYS K 299 -30.09 69.24 -45.29
C LYS K 299 -31.10 68.96 -46.41
N HIS K 300 -30.80 69.35 -47.64
CA HIS K 300 -31.67 69.01 -48.77
C HIS K 300 -33.12 69.45 -48.55
N PRO K 301 -33.45 70.75 -48.64
CA PRO K 301 -34.79 71.17 -48.21
C PRO K 301 -35.92 70.66 -49.09
N ILE K 302 -36.01 69.34 -49.27
CA ILE K 302 -37.21 68.67 -49.75
C ILE K 302 -37.64 67.71 -48.66
N PHE K 303 -36.78 66.73 -48.37
CA PHE K 303 -36.79 65.89 -47.19
C PHE K 303 -35.57 66.27 -46.37
N ASN K 304 -35.28 65.48 -45.33
CA ASN K 304 -34.07 65.73 -44.55
C ASN K 304 -32.92 64.81 -44.95
N TYR K 305 -32.76 64.59 -46.26
CA TYR K 305 -31.67 63.78 -46.79
C TYR K 305 -30.35 64.03 -46.04
N LYS K 306 -29.94 65.29 -45.96
CA LYS K 306 -28.66 65.65 -45.37
C LYS K 306 -27.50 65.17 -46.24
N CYS K 307 -27.72 65.13 -47.56
CA CYS K 307 -26.69 64.83 -48.53
C CYS K 307 -25.83 66.06 -48.78
N THR K 308 -24.65 65.83 -49.36
CA THR K 308 -23.75 66.88 -49.79
C THR K 308 -24.11 67.47 -51.16
N TYR K 309 -23.55 68.66 -51.43
CA TYR K 309 -23.66 69.23 -52.77
C TYR K 309 -23.05 68.29 -53.80
N ARG K 310 -21.83 67.80 -53.52
CA ARG K 310 -21.13 66.93 -54.45
C ARG K 310 -22.04 65.82 -54.95
N ARG K 311 -22.85 65.26 -54.05
CA ARG K 311 -23.79 64.21 -54.42
C ARG K 311 -25.04 64.79 -55.06
N ALA K 312 -25.51 65.94 -54.56
CA ALA K 312 -26.75 66.52 -55.05
C ALA K 312 -26.81 66.57 -56.56
N ILE K 313 -25.68 66.78 -57.24
CA ILE K 313 -25.68 66.81 -58.70
C ILE K 313 -25.91 65.40 -59.26
N GLU K 314 -25.09 64.45 -58.80
CA GLU K 314 -25.31 63.04 -59.14
C GLU K 314 -26.77 62.66 -58.96
N LEU K 315 -27.44 63.23 -57.96
CA LEU K 315 -28.83 62.91 -57.70
C LEU K 315 -29.75 63.48 -58.77
N GLN K 316 -29.67 64.80 -58.99
CA GLN K 316 -30.54 65.43 -59.98
C GLN K 316 -30.46 64.72 -61.33
N ALA K 317 -29.26 64.30 -61.72
CA ALA K 317 -29.11 63.53 -62.94
C ALA K 317 -29.84 62.19 -62.83
N ARG K 318 -29.55 61.42 -61.78
CA ARG K 318 -30.27 60.16 -61.59
C ARG K 318 -31.76 60.40 -61.48
N LEU K 319 -32.15 61.45 -60.74
CA LEU K 319 -33.55 61.84 -60.68
C LEU K 319 -34.10 62.09 -62.07
N LEU K 320 -33.30 62.70 -62.95
CA LEU K 320 -33.78 63.04 -64.27
C LEU K 320 -34.09 61.79 -65.09
N ALA K 321 -33.20 60.79 -65.03
CA ALA K 321 -33.48 59.53 -65.71
C ALA K 321 -34.85 59.00 -65.32
N ARG K 322 -35.17 59.04 -64.02
CA ARG K 322 -36.46 58.56 -63.57
C ARG K 322 -37.59 59.43 -64.08
N HIS K 323 -37.35 60.74 -64.20
CA HIS K 323 -38.31 61.61 -64.87
C HIS K 323 -38.59 61.16 -66.29
N LEU K 324 -37.62 60.51 -66.94
CA LEU K 324 -37.70 60.14 -68.33
C LEU K 324 -38.18 58.71 -68.54
N GLN K 325 -37.75 57.80 -67.67
CA GLN K 325 -38.12 56.40 -67.73
C GLN K 325 -39.30 56.06 -66.83
N GLU K 326 -39.39 56.71 -65.67
CA GLU K 326 -40.43 56.44 -64.70
C GLU K 326 -41.45 57.56 -64.63
N GLY K 327 -41.21 58.69 -65.28
CA GLY K 327 -42.19 59.75 -65.30
C GLY K 327 -42.21 60.55 -64.03
N VAL K 328 -41.15 60.49 -63.22
CA VAL K 328 -41.17 61.18 -61.95
C VAL K 328 -41.09 62.69 -62.18
N VAL K 329 -41.42 63.44 -61.14
CA VAL K 329 -41.27 64.88 -61.18
C VAL K 329 -39.80 65.22 -60.99
N TYR K 330 -39.39 66.36 -61.56
CA TYR K 330 -38.03 66.87 -61.40
C TYR K 330 -38.06 68.20 -60.65
N GLU K 331 -37.96 68.13 -59.32
CA GLU K 331 -37.88 69.35 -58.52
C GLU K 331 -36.42 69.78 -58.37
N PRO K 332 -35.98 70.83 -59.08
CA PRO K 332 -34.58 71.25 -58.98
C PRO K 332 -34.26 71.76 -57.58
N LEU K 333 -33.03 72.22 -57.35
CA LEU K 333 -32.61 72.62 -56.02
C LEU K 333 -32.98 74.08 -55.77
N VAL K 334 -33.64 74.30 -54.64
CA VAL K 334 -34.14 75.61 -54.23
C VAL K 334 -33.78 75.81 -52.76
N ILE K 335 -33.30 77.01 -52.42
CA ILE K 335 -32.83 77.30 -51.07
C ILE K 335 -33.22 78.72 -50.70
N ARG K 336 -33.89 78.88 -49.56
CA ARG K 336 -34.28 80.19 -49.05
C ARG K 336 -33.83 80.35 -47.60
N MET L 12 -7.76 66.54 -92.28
CA MET L 12 -8.38 65.22 -92.33
C MET L 12 -7.41 64.15 -91.85
N SER L 13 -6.17 64.22 -92.33
CA SER L 13 -5.14 63.33 -91.85
C SER L 13 -5.14 63.30 -90.33
N THR L 14 -5.00 62.12 -89.76
CA THR L 14 -5.05 61.88 -88.33
C THR L 14 -3.75 61.22 -87.90
N LEU L 15 -3.50 61.21 -86.60
CA LEU L 15 -2.23 60.77 -86.06
C LEU L 15 -2.36 59.47 -85.29
N TYR L 16 -1.37 58.60 -85.49
CA TYR L 16 -1.29 57.28 -84.89
C TYR L 16 0.07 57.13 -84.22
N LEU L 17 0.12 56.38 -83.12
CA LEU L 17 1.37 56.08 -82.45
C LEU L 17 1.33 54.64 -81.95
N THR L 18 2.36 53.88 -82.30
CA THR L 18 2.42 52.45 -81.99
C THR L 18 3.41 52.09 -80.91
N GLN L 19 4.52 52.77 -80.81
CA GLN L 19 5.62 52.29 -79.99
C GLN L 19 5.52 52.88 -78.59
N PRO L 20 5.62 52.05 -77.52
CA PRO L 20 5.58 52.59 -76.16
C PRO L 20 6.92 53.20 -75.77
N ASP L 21 7.72 53.50 -76.80
CA ASP L 21 9.02 54.16 -76.68
C ASP L 21 8.96 55.55 -77.29
N ALA L 22 7.75 56.06 -77.48
CA ALA L 22 7.52 57.31 -78.19
C ALA L 22 7.21 58.43 -77.23
N VAL L 23 7.86 59.58 -77.42
CA VAL L 23 7.57 60.78 -76.64
C VAL L 23 6.92 61.77 -77.59
N LEU L 24 5.81 62.34 -77.16
CA LEU L 24 5.12 63.38 -77.91
C LEU L 24 5.23 64.66 -77.11
N SER L 25 5.83 65.68 -77.72
CA SER L 25 5.98 66.98 -77.10
C SER L 25 5.42 68.07 -77.99
N LYS L 26 5.29 69.26 -77.42
CA LYS L 26 4.95 70.47 -78.16
C LYS L 26 6.22 71.30 -78.25
N LYS L 27 6.58 71.70 -79.47
CA LYS L 27 7.71 72.58 -79.73
C LYS L 27 7.24 73.81 -80.48
N HIS L 28 7.40 74.99 -79.84
CA HIS L 28 7.06 76.27 -80.45
C HIS L 28 5.80 76.21 -81.29
N GLU L 29 4.67 75.94 -80.64
CA GLU L 29 3.32 76.06 -81.18
C GLU L 29 2.90 74.90 -82.07
N ALA L 30 3.69 73.83 -82.16
CA ALA L 30 3.41 72.73 -83.07
C ALA L 30 4.01 71.46 -82.48
N PHE L 31 3.71 70.32 -83.10
CA PHE L 31 3.99 69.02 -82.50
C PHE L 31 5.36 68.46 -82.88
N HIS L 32 5.89 67.62 -81.99
CA HIS L 32 7.16 66.93 -82.17
C HIS L 32 7.01 65.49 -81.70
N VAL L 33 7.15 64.53 -82.63
CA VAL L 33 7.14 63.10 -82.31
C VAL L 33 8.57 62.62 -82.12
N ALA L 34 8.79 61.76 -81.13
CA ALA L 34 10.12 61.23 -80.83
C ALA L 34 10.07 59.71 -80.77
N LEU L 35 10.46 59.06 -81.87
CA LEU L 35 10.52 57.61 -81.93
C LEU L 35 11.97 57.11 -81.83
N LYS L 36 12.12 55.94 -81.21
CA LYS L 36 13.40 55.31 -80.96
C LYS L 36 13.14 53.81 -81.03
N GLN L 37 14.07 53.07 -81.62
CA GLN L 37 13.85 51.64 -81.79
C GLN L 37 15.18 50.92 -81.89
N GLU L 38 15.09 49.61 -82.11
CA GLU L 38 16.25 48.73 -82.19
C GLU L 38 17.21 49.23 -83.26
N ASP L 39 18.49 49.31 -82.90
CA ASP L 39 19.53 49.85 -83.78
C ASP L 39 19.19 51.29 -84.20
N GLY L 40 18.94 52.13 -83.19
CA GLY L 40 18.63 53.51 -83.46
C GLY L 40 18.50 54.28 -82.17
N SER L 41 17.98 55.50 -82.31
CA SER L 41 17.81 56.40 -81.18
C SER L 41 16.69 57.38 -81.52
N TRP L 42 16.61 58.47 -80.76
CA TRP L 42 15.64 59.53 -81.01
C TRP L 42 15.56 59.85 -82.50
N LYS L 43 14.38 59.62 -83.08
CA LYS L 43 14.14 59.73 -84.51
C LYS L 43 13.07 60.77 -84.77
N LYS L 44 13.38 62.03 -84.42
CA LYS L 44 12.43 63.12 -84.52
C LYS L 44 11.78 63.26 -85.89
N GLN L 45 10.54 63.79 -85.86
CA GLN L 45 9.78 64.21 -87.03
C GLN L 45 8.77 65.25 -86.55
N PRO L 46 8.90 66.52 -86.94
CA PRO L 46 7.93 67.54 -86.50
C PRO L 46 6.59 67.36 -87.20
N ILE L 47 5.54 67.88 -86.56
CA ILE L 47 4.18 67.73 -87.08
C ILE L 47 3.35 69.00 -86.88
N PRO L 48 2.57 69.40 -87.87
CA PRO L 48 1.65 70.55 -87.71
C PRO L 48 0.28 70.16 -87.19
N ALA L 49 -0.49 71.18 -86.83
CA ALA L 49 -1.88 71.05 -86.41
C ALA L 49 -2.80 71.48 -87.55
N GLN L 50 -4.09 71.66 -87.23
CA GLN L 50 -5.16 72.19 -88.08
C GLN L 50 -5.62 71.21 -89.16
N THR L 51 -4.91 70.10 -89.34
CA THR L 51 -5.37 69.06 -90.23
C THR L 51 -5.99 67.89 -89.47
N LEU L 52 -5.74 67.82 -88.17
CA LEU L 52 -6.07 66.66 -87.36
C LEU L 52 -7.50 66.78 -86.84
N GLU L 53 -8.11 65.63 -86.64
CA GLU L 53 -9.39 65.55 -85.96
C GLU L 53 -9.38 64.47 -84.89
N ASP L 54 -8.25 63.79 -84.70
CA ASP L 54 -8.12 62.68 -83.76
C ASP L 54 -6.65 62.37 -83.56
N ILE L 55 -6.34 61.82 -82.40
CA ILE L 55 -5.02 61.29 -82.11
C ILE L 55 -5.26 59.89 -81.54
N VAL L 56 -4.35 58.98 -81.84
CA VAL L 56 -4.48 57.59 -81.43
C VAL L 56 -3.14 57.13 -80.90
N LEU L 57 -3.15 56.60 -79.69
CA LEU L 57 -1.97 56.06 -79.04
C LEU L 57 -2.20 54.57 -78.89
N LEU L 58 -1.27 53.76 -79.39
CA LEU L 58 -1.48 52.32 -79.42
C LEU L 58 -0.82 51.66 -78.21
N GLY L 59 0.48 51.87 -78.03
CA GLY L 59 1.12 51.28 -76.88
C GLY L 59 0.79 52.12 -75.67
N TYR L 60 1.78 52.41 -74.83
CA TYR L 60 1.61 53.31 -73.69
C TYR L 60 2.79 54.28 -73.67
N PRO L 61 2.94 55.09 -74.71
CA PRO L 61 4.09 56.00 -74.75
C PRO L 61 3.92 57.12 -73.75
N SER L 62 5.04 57.75 -73.42
CA SER L 62 4.97 58.92 -72.57
C SER L 62 4.57 60.11 -73.44
N ILE L 63 3.82 61.02 -72.84
CA ILE L 63 3.35 62.20 -73.56
C ILE L 63 3.51 63.42 -72.67
N THR L 64 3.92 64.51 -73.30
CA THR L 64 3.97 65.80 -72.63
C THR L 64 2.57 66.37 -72.43
N GLY L 65 2.26 66.77 -71.20
CA GLY L 65 1.02 67.47 -70.94
C GLY L 65 0.91 68.77 -71.72
N GLU L 66 2.05 69.44 -71.95
CA GLU L 66 2.05 70.66 -72.75
C GLU L 66 1.41 70.46 -74.10
N ALA L 67 1.31 69.21 -74.57
CA ALA L 67 0.66 68.91 -75.83
C ALA L 67 -0.85 68.81 -75.68
N LEU L 68 -1.32 68.21 -74.59
CA LEU L 68 -2.75 68.04 -74.38
C LEU L 68 -3.46 69.39 -74.36
N GLY L 69 -2.96 70.33 -73.56
CA GLY L 69 -3.53 71.67 -73.54
C GLY L 69 -3.52 72.35 -74.87
N TYR L 70 -2.71 71.88 -75.81
CA TYR L 70 -2.74 72.37 -77.19
C TYR L 70 -3.77 71.62 -78.02
N ALA L 71 -4.04 70.35 -77.69
CA ALA L 71 -5.06 69.60 -78.40
C ALA L 71 -6.47 69.95 -77.93
N LEU L 72 -6.65 70.16 -76.62
CA LEU L 72 -7.97 70.41 -76.08
C LEU L 72 -8.35 71.88 -76.06
N GLU L 73 -7.38 72.78 -76.27
CA GLU L 73 -7.67 74.15 -76.65
C GLU L 73 -7.99 74.26 -78.14
N LEU L 74 -7.99 73.13 -78.85
CA LEU L 74 -8.09 73.11 -80.30
C LEU L 74 -9.19 72.21 -80.83
N GLY L 75 -9.79 71.36 -79.99
CA GLY L 75 -10.85 70.48 -80.42
C GLY L 75 -10.39 69.13 -80.93
N LEU L 76 -9.33 68.56 -80.36
CA LEU L 76 -8.77 67.29 -80.81
C LEU L 76 -8.92 66.24 -79.73
N PRO L 77 -9.83 65.26 -79.88
CA PRO L 77 -9.88 64.16 -78.91
C PRO L 77 -8.60 63.36 -78.95
N VAL L 78 -8.24 62.78 -77.81
CA VAL L 78 -7.06 61.92 -77.68
C VAL L 78 -7.50 60.60 -77.06
N HIS L 79 -7.19 59.50 -77.74
CA HIS L 79 -7.61 58.17 -77.34
C HIS L 79 -6.39 57.34 -76.94
N TYR L 80 -6.57 56.49 -75.94
CA TYR L 80 -5.51 55.65 -75.41
C TYR L 80 -5.91 54.19 -75.58
N LEU L 81 -4.98 53.39 -76.09
CA LEU L 81 -5.23 51.97 -76.35
C LEU L 81 -3.96 51.19 -75.95
N THR L 82 -3.97 49.89 -76.25
CA THR L 82 -2.81 49.03 -76.07
C THR L 82 -2.29 48.62 -77.43
N GLN L 83 -1.02 48.19 -77.47
CA GLN L 83 -0.42 47.78 -78.74
C GLN L 83 -1.35 46.84 -79.51
N PHE L 84 -2.17 46.07 -78.81
CA PHE L 84 -3.11 45.15 -79.42
C PHE L 84 -4.33 45.85 -79.99
N GLY L 85 -4.67 47.03 -79.48
CA GLY L 85 -5.82 47.78 -79.93
C GLY L 85 -6.99 47.82 -78.97
N LYS L 86 -6.86 47.22 -77.79
CA LYS L 86 -7.94 47.25 -76.81
C LYS L 86 -8.12 48.65 -76.24
N TYR L 87 -9.37 49.06 -76.08
CA TYR L 87 -9.68 50.40 -75.58
C TYR L 87 -9.65 50.44 -74.06
N VAL L 88 -9.04 51.50 -73.53
CA VAL L 88 -8.95 51.73 -72.09
C VAL L 88 -9.62 53.04 -71.69
N GLY L 89 -9.42 54.08 -72.48
CA GLY L 89 -10.02 55.37 -72.19
C GLY L 89 -9.55 56.39 -73.22
N SER L 90 -10.21 57.54 -73.20
CA SER L 90 -9.91 58.61 -74.14
C SER L 90 -10.24 59.95 -73.50
N ALA L 91 -9.54 60.99 -73.93
CA ALA L 91 -9.71 62.33 -73.39
C ALA L 91 -10.46 63.20 -74.38
N LEU L 92 -11.63 63.71 -73.97
CA LEU L 92 -12.52 64.44 -74.84
C LEU L 92 -12.58 65.91 -74.41
N PRO L 93 -12.71 66.85 -75.36
CA PRO L 93 -12.81 68.26 -74.95
C PRO L 93 -14.22 68.72 -74.64
N SER L 94 -14.35 69.99 -74.28
CA SER L 94 -15.66 70.62 -74.15
C SER L 94 -16.38 70.60 -75.49
N GLU L 95 -15.73 71.16 -76.50
CA GLU L 95 -16.34 71.40 -77.80
C GLU L 95 -16.12 70.17 -78.69
N SER L 96 -17.16 69.78 -79.39
CA SER L 96 -17.08 68.64 -80.30
C SER L 96 -18.30 68.66 -81.20
N ARG L 97 -18.15 68.04 -82.37
CA ARG L 97 -19.21 67.98 -83.36
C ARG L 97 -19.88 66.62 -83.35
N ASN L 98 -19.95 66.01 -82.16
CA ASN L 98 -20.52 64.69 -81.96
C ASN L 98 -21.98 64.76 -81.54
N GLY L 99 -22.48 65.93 -81.17
CA GLY L 99 -23.90 66.05 -80.90
C GLY L 99 -24.71 65.88 -82.17
N GLN L 100 -24.36 66.64 -83.20
CA GLN L 100 -24.99 66.42 -84.51
C GLN L 100 -24.89 64.95 -84.90
N LEU L 101 -23.76 64.33 -84.59
CA LEU L 101 -23.55 62.91 -84.87
C LEU L 101 -24.52 62.05 -84.08
N ARG L 102 -24.51 62.17 -82.75
CA ARG L 102 -25.36 61.31 -81.93
C ARG L 102 -26.84 61.45 -82.29
N LEU L 103 -27.23 62.61 -82.83
CA LEU L 103 -28.61 62.81 -83.22
C LEU L 103 -29.00 61.93 -84.39
N ALA L 104 -28.26 62.03 -85.51
CA ALA L 104 -28.56 61.16 -86.64
C ALA L 104 -28.49 59.70 -86.23
N GLN L 105 -27.49 59.35 -85.43
CA GLN L 105 -27.46 58.02 -84.82
C GLN L 105 -28.79 57.69 -84.16
N PHE L 106 -29.46 58.70 -83.59
CA PHE L 106 -30.78 58.49 -82.99
C PHE L 106 -31.90 58.78 -83.97
N ARG L 107 -31.86 59.95 -84.63
CA ARG L 107 -32.84 60.27 -85.66
C ARG L 107 -32.98 59.13 -86.67
N ALA L 108 -31.92 58.35 -86.85
CA ALA L 108 -31.95 57.23 -87.79
C ALA L 108 -32.51 55.94 -87.20
N HIS L 109 -32.40 55.75 -85.87
CA HIS L 109 -32.90 54.50 -85.31
C HIS L 109 -34.43 54.44 -85.36
N GLU L 110 -35.10 55.58 -85.28
CA GLU L 110 -36.55 55.64 -85.39
C GLU L 110 -37.02 55.98 -86.80
N ASP L 111 -36.10 56.26 -87.72
CA ASP L 111 -36.42 56.37 -89.13
C ASP L 111 -36.00 55.07 -89.81
N PRO L 112 -36.89 54.07 -89.90
CA PRO L 112 -36.44 52.75 -90.41
C PRO L 112 -35.85 52.84 -91.80
N ILE L 113 -36.26 53.85 -92.58
CA ILE L 113 -35.72 54.03 -93.91
C ILE L 113 -34.21 54.23 -93.86
N GLN L 114 -33.73 55.00 -92.88
CA GLN L 114 -32.29 55.13 -92.68
C GLN L 114 -31.72 53.86 -92.09
N ARG L 115 -32.37 53.34 -91.04
CA ARG L 115 -31.99 52.06 -90.46
C ARG L 115 -31.91 50.97 -91.52
N LEU L 116 -32.87 50.95 -92.44
CA LEU L 116 -32.92 49.90 -93.46
C LEU L 116 -31.78 50.05 -94.46
N ASP L 117 -31.71 51.20 -95.15
CA ASP L 117 -30.66 51.42 -96.13
C ASP L 117 -29.28 51.25 -95.54
N ILE L 118 -29.18 51.22 -94.21
CA ILE L 118 -27.94 50.97 -93.51
C ILE L 118 -27.76 49.49 -93.22
N VAL L 119 -28.78 48.86 -92.64
CA VAL L 119 -28.68 47.44 -92.26
C VAL L 119 -28.36 46.59 -93.48
N LYS L 120 -28.92 46.95 -94.64
CA LYS L 120 -28.63 46.21 -95.87
C LYS L 120 -27.14 46.13 -96.16
N ALA L 121 -26.37 47.11 -95.72
CA ALA L 121 -24.93 47.11 -96.01
C ALA L 121 -24.19 46.10 -95.15
N PHE L 122 -24.47 46.08 -93.84
CA PHE L 122 -23.81 45.13 -92.95
C PHE L 122 -23.93 43.71 -93.49
N VAL L 123 -25.12 43.33 -93.94
CA VAL L 123 -25.33 41.96 -94.41
C VAL L 123 -24.73 41.77 -95.80
N LYS L 124 -25.01 42.69 -96.71
CA LYS L 124 -24.35 42.70 -98.01
C LYS L 124 -22.84 42.64 -97.87
N GLY L 125 -22.30 43.36 -96.88
CA GLY L 125 -20.88 43.34 -96.62
C GLY L 125 -20.38 42.13 -95.87
N LYS L 126 -21.31 41.30 -95.39
CA LYS L 126 -21.01 40.07 -94.69
C LYS L 126 -21.08 38.86 -95.61
N VAL L 127 -22.17 38.76 -96.39
CA VAL L 127 -22.36 37.56 -97.19
C VAL L 127 -21.36 37.52 -98.32
N HIS L 128 -21.14 38.66 -98.99
CA HIS L 128 -20.10 38.70 -100.00
C HIS L 128 -18.74 38.34 -99.42
N ASN L 129 -18.41 38.87 -98.25
CA ASN L 129 -17.11 38.55 -97.68
C ASN L 129 -16.98 37.07 -97.39
N GLN L 130 -18.07 36.43 -96.97
CA GLN L 130 -18.01 34.98 -96.75
C GLN L 130 -18.09 34.24 -98.07
N TYR L 131 -19.10 34.54 -98.89
CA TYR L 131 -19.13 33.95 -100.23
C TYR L 131 -17.83 34.26 -100.95
N ASN L 132 -17.33 35.50 -100.83
CA ASN L 132 -16.00 35.77 -101.38
C ASN L 132 -14.90 35.07 -100.58
N LEU L 133 -15.15 34.78 -99.31
CA LEU L 133 -14.19 33.99 -98.54
C LEU L 133 -14.27 32.53 -98.96
N LEU L 134 -15.48 31.99 -99.04
CA LEU L 134 -15.62 30.58 -99.39
C LEU L 134 -15.10 30.30 -100.80
N TYR L 135 -15.25 31.25 -101.71
CA TYR L 135 -14.65 31.12 -103.02
C TYR L 135 -13.14 31.31 -102.97
N ARG L 136 -12.65 32.14 -102.06
CA ARG L 136 -11.20 32.31 -101.89
C ARG L 136 -10.57 30.98 -101.51
N ARG L 137 -11.14 30.30 -100.53
CA ARG L 137 -10.69 29.00 -100.12
C ARG L 137 -11.31 27.88 -100.96
N GLY L 138 -12.31 28.21 -101.77
CA GLY L 138 -13.00 27.30 -102.66
C GLY L 138 -13.85 26.17 -102.11
N GLN L 139 -15.06 26.49 -101.66
CA GLN L 139 -16.01 25.49 -101.17
C GLN L 139 -17.22 25.38 -102.10
N VAL L 140 -17.96 26.48 -102.31
CA VAL L 140 -18.96 26.44 -103.39
C VAL L 140 -18.24 26.75 -104.70
N ASP L 141 -17.34 27.73 -104.65
CA ASP L 141 -16.32 27.96 -105.66
C ASP L 141 -16.91 27.97 -107.07
N ASN L 142 -18.10 28.54 -107.20
CA ASN L 142 -18.71 28.78 -108.50
C ASN L 142 -18.29 30.18 -108.92
N PRO L 143 -18.76 30.69 -110.07
CA PRO L 143 -18.60 32.13 -110.36
C PRO L 143 -19.05 33.01 -109.20
N LEU L 144 -20.11 32.58 -108.52
CA LEU L 144 -20.70 33.03 -107.28
C LEU L 144 -21.56 34.25 -107.00
N LYS L 145 -21.36 35.38 -107.63
CA LYS L 145 -22.16 36.58 -107.39
C LYS L 145 -22.54 36.94 -105.95
N GLY L 146 -22.66 35.95 -105.07
CA GLY L 146 -23.06 36.15 -103.68
C GLY L 146 -24.53 36.33 -103.37
N ARG L 147 -25.42 36.20 -104.35
CA ARG L 147 -26.86 36.41 -104.23
C ARG L 147 -27.17 37.88 -103.98
N GLY L 148 -26.17 38.61 -103.47
CA GLY L 148 -26.10 40.06 -103.50
C GLY L 148 -27.37 40.88 -103.47
N LYS L 149 -27.58 41.54 -104.61
CA LYS L 149 -28.67 42.47 -104.86
C LYS L 149 -30.00 42.01 -104.31
N LEU L 150 -30.13 40.71 -104.05
CA LEU L 150 -31.32 40.21 -103.37
C LEU L 150 -31.60 41.00 -102.10
N VAL L 151 -30.58 41.17 -101.27
CA VAL L 151 -30.78 41.86 -99.99
C VAL L 151 -31.16 43.31 -100.22
N MET L 152 -30.38 44.01 -101.04
CA MET L 152 -30.65 45.42 -101.26
C MET L 152 -32.08 45.67 -101.72
N ARG L 153 -32.67 44.75 -102.46
CA ARG L 153 -34.06 44.88 -102.88
C ARG L 153 -35.00 44.03 -102.00
N GLN L 154 -35.04 44.41 -100.74
CA GLN L 154 -35.95 43.91 -99.72
C GLN L 154 -36.82 45.09 -99.28
N GLN L 155 -37.87 44.82 -98.49
CA GLN L 155 -38.79 45.88 -98.11
C GLN L 155 -39.13 45.90 -96.63
N THR L 156 -38.43 45.12 -95.80
CA THR L 156 -38.62 45.22 -94.35
C THR L 156 -37.38 44.62 -93.69
N LEU L 157 -37.40 44.63 -92.35
CA LEU L 157 -36.31 44.06 -91.58
C LEU L 157 -36.49 42.55 -91.42
N GLU L 158 -37.67 42.13 -90.96
CA GLU L 158 -37.94 40.71 -90.74
C GLU L 158 -37.63 39.90 -91.99
N GLN L 159 -37.88 40.47 -93.18
CA GLN L 159 -37.44 39.81 -94.40
C GLN L 159 -35.93 39.57 -94.40
N VAL L 160 -35.17 40.46 -93.75
CA VAL L 160 -33.72 40.42 -93.80
C VAL L 160 -33.14 39.63 -92.64
N ARG L 161 -33.63 39.91 -91.43
CA ARG L 161 -33.10 39.25 -90.23
C ARG L 161 -33.19 37.74 -90.36
N GLY L 162 -34.23 37.24 -91.03
CA GLY L 162 -34.31 35.83 -91.37
C GLY L 162 -33.25 35.38 -92.36
N ILE L 163 -32.68 36.30 -93.14
CA ILE L 163 -31.76 35.93 -94.19
C ILE L 163 -30.42 35.47 -93.61
N GLU L 164 -29.88 36.23 -92.66
CA GLU L 164 -28.61 35.84 -92.05
C GLU L 164 -28.69 34.42 -91.48
N GLY L 165 -29.81 34.08 -90.85
CA GLY L 165 -29.97 32.73 -90.33
C GLY L 165 -29.86 31.67 -91.41
N LEU L 166 -30.34 31.98 -92.62
CA LEU L 166 -30.18 31.05 -93.73
C LEU L 166 -28.72 30.94 -94.16
N ALA L 167 -28.11 32.07 -94.52
CA ALA L 167 -26.75 32.06 -95.04
C ALA L 167 -25.76 31.46 -94.03
N ALA L 168 -25.98 31.69 -92.74
CA ALA L 168 -25.04 31.17 -91.75
C ALA L 168 -25.01 29.64 -91.77
N ARG L 169 -26.17 29.00 -91.71
CA ARG L 169 -26.19 27.54 -91.79
C ARG L 169 -25.63 27.07 -93.13
N GLU L 170 -25.96 27.76 -94.22
CA GLU L 170 -25.36 27.46 -95.51
C GLU L 170 -23.87 27.80 -95.52
N TYR L 171 -23.46 28.74 -94.67
CA TYR L 171 -22.05 29.12 -94.57
C TYR L 171 -21.30 28.14 -93.68
N PHE L 172 -21.93 27.71 -92.60
CA PHE L 172 -21.34 26.79 -91.64
C PHE L 172 -21.57 25.33 -92.01
N ALA L 173 -22.64 25.03 -92.74
CA ALA L 173 -22.85 23.65 -93.18
C ALA L 173 -21.84 23.23 -94.22
N SER L 174 -21.15 24.19 -94.84
CA SER L 174 -20.12 23.89 -95.82
C SER L 174 -18.73 23.83 -95.18
N TRP L 175 -18.66 23.79 -93.84
CA TRP L 175 -17.39 23.79 -93.12
C TRP L 175 -16.98 22.40 -92.66
N GLN L 176 -17.93 21.62 -92.15
CA GLN L 176 -17.63 20.24 -91.77
C GLN L 176 -16.78 19.61 -92.85
N GLU L 177 -17.21 19.84 -94.11
CA GLU L 177 -16.46 19.43 -95.28
C GLU L 177 -15.17 20.19 -95.48
N MET L 178 -15.12 21.45 -95.04
CA MET L 178 -14.00 22.31 -95.37
C MET L 178 -12.80 22.07 -94.49
N LEU L 179 -13.02 21.50 -93.31
CA LEU L 179 -11.94 21.20 -92.39
C LEU L 179 -11.25 19.89 -92.80
N GLY L 180 -12.06 18.83 -92.88
CA GLY L 180 -11.61 17.47 -93.07
C GLY L 180 -12.25 16.64 -91.97
N HIS L 181 -11.60 15.54 -91.62
CA HIS L 181 -12.13 14.66 -90.59
C HIS L 181 -11.47 14.90 -89.25
N GLU L 182 -10.32 15.60 -89.22
CA GLU L 182 -9.59 15.78 -87.98
C GLU L 182 -10.41 16.52 -86.93
N TRP L 183 -11.25 17.46 -87.35
CA TRP L 183 -12.09 18.24 -86.47
C TRP L 183 -13.55 18.01 -86.83
N THR L 184 -14.45 18.46 -85.97
CA THR L 184 -15.88 18.27 -86.19
C THR L 184 -16.57 19.62 -86.08
N PHE L 185 -17.39 19.93 -87.08
CA PHE L 185 -18.21 21.14 -87.06
C PHE L 185 -19.46 20.88 -87.88
N THR L 186 -20.63 20.93 -87.25
CA THR L 186 -21.90 20.81 -87.94
C THR L 186 -22.64 22.14 -88.07
N GLY L 187 -22.59 22.99 -87.05
CA GLY L 187 -23.24 24.29 -87.13
C GLY L 187 -22.65 25.21 -86.08
N ARG L 188 -23.07 26.48 -86.12
CA ARG L 188 -22.55 27.46 -85.19
C ARG L 188 -23.18 27.25 -83.83
N PHE L 189 -22.35 26.98 -82.82
CA PHE L 189 -22.78 26.71 -81.46
C PHE L 189 -22.11 27.75 -80.56
N ARG L 190 -22.79 28.85 -80.28
CA ARG L 190 -22.24 29.85 -79.37
C ARG L 190 -22.24 29.25 -77.96
N ARG L 191 -21.92 30.05 -76.96
CA ARG L 191 -21.80 29.61 -75.57
C ARG L 191 -23.02 28.80 -75.15
N PRO L 192 -22.85 27.54 -74.68
CA PRO L 192 -21.58 26.79 -74.70
C PRO L 192 -21.23 26.26 -76.09
N PRO L 193 -19.95 26.18 -76.42
CA PRO L 193 -19.59 25.61 -77.73
C PRO L 193 -19.69 24.09 -77.76
N THR L 194 -19.01 23.44 -76.80
CA THR L 194 -19.00 21.98 -76.64
C THR L 194 -18.19 21.30 -77.74
N ASP L 195 -17.90 22.05 -78.79
CA ASP L 195 -17.06 21.69 -79.91
C ASP L 195 -15.82 22.58 -79.86
N PRO L 196 -14.62 22.06 -80.16
CA PRO L 196 -13.45 22.94 -80.12
C PRO L 196 -13.62 24.15 -81.03
N VAL L 197 -13.96 23.93 -82.30
CA VAL L 197 -14.04 25.04 -83.24
C VAL L 197 -15.06 26.07 -82.76
N ASN L 198 -16.27 25.62 -82.41
CA ASN L 198 -17.29 26.52 -81.89
C ASN L 198 -16.77 27.38 -80.74
N ALA L 199 -15.83 26.86 -79.96
CA ALA L 199 -15.26 27.64 -78.88
C ALA L 199 -14.33 28.74 -79.40
N LEU L 200 -13.56 28.44 -80.45
CA LEU L 200 -12.63 29.44 -80.97
C LEU L 200 -13.37 30.63 -81.56
N LEU L 201 -14.54 30.39 -82.18
CA LEU L 201 -15.29 31.49 -82.77
C LEU L 201 -15.89 32.39 -81.70
N SER L 202 -16.58 31.80 -80.72
CA SER L 202 -17.00 32.57 -79.56
C SER L 202 -15.82 33.27 -78.91
N PHE L 203 -14.63 32.68 -79.02
CA PHE L 203 -13.40 33.32 -78.57
C PHE L 203 -12.96 34.39 -79.57
N GLY L 204 -12.76 33.99 -80.82
CA GLY L 204 -12.27 34.93 -81.83
C GLY L 204 -13.25 36.06 -82.09
N TYR L 205 -14.54 35.72 -82.25
CA TYR L 205 -15.55 36.77 -82.35
C TYR L 205 -15.49 37.70 -81.16
N GLY L 206 -14.95 37.24 -80.04
CA GLY L 206 -14.79 38.07 -78.86
C GLY L 206 -13.62 39.02 -79.02
N LEU L 207 -12.49 38.55 -79.55
CA LEU L 207 -11.36 39.44 -79.77
C LEU L 207 -11.60 40.38 -80.94
N LEU L 208 -12.65 40.17 -81.73
CA LEU L 208 -13.04 41.17 -82.71
C LEU L 208 -13.76 42.32 -82.01
N ARG L 209 -14.51 42.00 -80.95
CA ARG L 209 -15.13 43.02 -80.13
C ARG L 209 -14.11 44.06 -79.68
N THR L 210 -12.86 43.65 -79.45
CA THR L 210 -11.88 44.55 -78.87
C THR L 210 -11.52 45.70 -79.80
N GLN L 211 -11.14 45.39 -81.04
CA GLN L 211 -10.73 46.46 -81.95
C GLN L 211 -11.93 47.28 -82.40
N VAL L 212 -13.11 46.67 -82.40
CA VAL L 212 -14.33 47.42 -82.72
C VAL L 212 -14.78 48.23 -81.52
N THR L 213 -14.80 47.60 -80.34
CA THR L 213 -15.15 48.31 -79.11
C THR L 213 -14.30 49.55 -78.91
N ALA L 214 -13.14 49.62 -79.56
CA ALA L 214 -12.28 50.79 -79.51
C ALA L 214 -12.65 51.80 -80.59
N ALA L 215 -12.85 51.31 -81.83
CA ALA L 215 -13.17 52.18 -82.94
C ALA L 215 -14.40 53.04 -82.67
N VAL L 216 -15.39 52.49 -81.96
CA VAL L 216 -16.64 53.21 -81.75
C VAL L 216 -16.41 54.47 -80.91
N HIS L 217 -15.66 54.34 -79.82
CA HIS L 217 -15.40 55.50 -78.96
C HIS L 217 -14.64 56.60 -79.69
N ILE L 218 -13.97 56.27 -80.79
CA ILE L 218 -13.26 57.28 -81.56
C ILE L 218 -14.25 58.16 -82.32
N ALA L 219 -15.27 57.56 -82.91
CA ALA L 219 -16.30 58.33 -83.59
C ALA L 219 -17.26 58.99 -82.62
N GLY L 220 -17.13 58.73 -81.32
CA GLY L 220 -18.03 59.28 -80.34
C GLY L 220 -19.38 58.61 -80.31
N LEU L 221 -19.51 57.46 -80.95
CA LEU L 221 -20.80 56.78 -81.04
C LEU L 221 -21.14 56.09 -79.72
N ASP L 222 -22.44 55.90 -79.52
CA ASP L 222 -22.94 55.11 -78.41
C ASP L 222 -22.98 53.66 -78.85
N PRO L 223 -22.07 52.80 -78.38
CA PRO L 223 -22.10 51.40 -78.86
C PRO L 223 -23.40 50.71 -78.53
N TYR L 224 -24.04 51.12 -77.43
CA TYR L 224 -25.24 50.49 -76.90
C TYR L 224 -26.48 50.86 -77.68
N ILE L 225 -26.35 51.71 -78.69
CA ILE L 225 -27.43 52.05 -79.61
C ILE L 225 -26.99 51.60 -81.00
N GLY L 226 -27.67 50.60 -81.54
CA GLY L 226 -27.38 50.10 -82.86
C GLY L 226 -28.60 50.17 -83.76
N PHE L 227 -28.51 49.60 -84.96
CA PHE L 227 -29.59 49.63 -85.92
C PHE L 227 -30.17 48.27 -86.25
N LEU L 228 -29.36 47.21 -86.20
CA LEU L 228 -29.88 45.86 -86.39
C LEU L 228 -30.20 45.19 -85.05
N HIS L 229 -29.20 45.07 -84.18
CA HIS L 229 -29.40 44.42 -82.89
C HIS L 229 -30.19 45.34 -81.98
N GLU L 230 -31.46 45.03 -81.76
CA GLU L 230 -32.29 45.85 -80.89
C GLU L 230 -31.66 45.90 -79.49
N THR L 231 -31.55 47.10 -78.95
CA THR L 231 -30.73 47.34 -77.77
C THR L 231 -31.45 46.87 -76.50
N THR L 232 -30.89 45.83 -75.87
CA THR L 232 -31.31 45.38 -74.56
C THR L 232 -30.07 45.11 -73.73
N ARG L 233 -30.27 44.82 -72.45
CA ARG L 233 -29.19 44.38 -71.56
C ARG L 233 -27.97 45.29 -71.63
N GLY L 234 -28.09 46.50 -72.15
CA GLY L 234 -26.85 47.24 -72.35
C GLY L 234 -25.99 46.56 -73.38
N GLN L 235 -26.59 46.07 -74.48
CA GLN L 235 -25.83 45.33 -75.48
C GLN L 235 -25.34 46.30 -76.55
N PRO L 236 -24.03 46.31 -76.85
CA PRO L 236 -23.50 47.27 -77.81
C PRO L 236 -23.91 47.05 -79.25
N ALA L 237 -25.20 47.22 -79.57
CA ALA L 237 -25.68 46.93 -80.90
C ALA L 237 -24.89 47.68 -81.97
N MET L 238 -24.43 48.89 -81.67
CA MET L 238 -23.61 49.62 -82.62
C MET L 238 -22.31 48.89 -82.93
N ILE L 239 -21.80 48.09 -81.99
CA ILE L 239 -20.64 47.25 -82.28
C ILE L 239 -21.04 46.03 -83.11
N LEU L 240 -22.02 45.28 -82.61
CA LEU L 240 -22.34 44.00 -83.22
C LEU L 240 -22.73 44.17 -84.68
N ASP L 241 -23.41 45.28 -85.02
CA ASP L 241 -23.69 45.56 -86.42
C ASP L 241 -22.42 45.57 -87.25
N LEU L 242 -21.33 46.11 -86.70
CA LEU L 242 -20.08 46.17 -87.45
C LEU L 242 -19.36 44.83 -87.42
N MET L 243 -19.39 44.13 -86.30
CA MET L 243 -18.72 42.84 -86.23
C MET L 243 -19.23 41.92 -87.33
N GLU L 244 -20.44 42.15 -87.84
CA GLU L 244 -21.01 41.25 -88.84
C GLU L 244 -20.19 41.26 -90.12
N GLU L 245 -19.88 42.46 -90.64
CA GLU L 245 -19.12 42.55 -91.88
C GLU L 245 -17.69 42.04 -91.73
N PHE L 246 -17.19 41.90 -90.50
CA PHE L 246 -15.83 41.43 -90.27
C PHE L 246 -15.73 40.03 -89.67
N ARG L 247 -16.82 39.52 -89.08
CA ARG L 247 -16.77 38.18 -88.49
C ARG L 247 -16.31 37.14 -89.50
N ALA L 248 -16.69 37.30 -90.76
CA ALA L 248 -16.44 36.28 -91.77
C ALA L 248 -15.07 36.40 -92.40
N LEU L 249 -14.37 37.52 -92.18
CA LEU L 249 -13.15 37.82 -92.91
C LEU L 249 -11.89 37.83 -92.05
N VAL L 250 -12.01 38.03 -90.74
CA VAL L 250 -10.85 38.16 -89.87
C VAL L 250 -10.73 36.97 -88.94
N ALA L 251 -11.79 36.64 -88.20
CA ALA L 251 -11.75 35.48 -87.32
C ALA L 251 -11.98 34.18 -88.08
N ASP L 252 -12.77 34.20 -89.15
CA ASP L 252 -13.08 32.98 -89.89
C ASP L 252 -11.98 32.63 -90.88
N SER L 253 -11.26 33.63 -91.38
CA SER L 253 -10.09 33.35 -92.21
C SER L 253 -8.91 32.94 -91.34
N VAL L 254 -8.83 33.48 -90.12
CA VAL L 254 -7.74 33.15 -89.22
C VAL L 254 -7.81 31.68 -88.83
N VAL L 255 -8.99 31.22 -88.40
CA VAL L 255 -9.13 29.84 -87.94
C VAL L 255 -8.73 28.89 -89.06
N LEU L 256 -9.29 29.11 -90.24
CA LEU L 256 -8.99 28.24 -91.38
C LEU L 256 -7.55 28.41 -91.83
N THR L 257 -6.90 29.50 -91.45
CA THR L 257 -5.50 29.72 -91.80
C THR L 257 -4.57 29.00 -90.84
N VAL L 258 -5.01 28.73 -89.61
CA VAL L 258 -4.18 28.07 -88.63
C VAL L 258 -4.54 26.59 -88.44
N LEU L 259 -5.79 26.22 -88.71
CA LEU L 259 -6.19 24.82 -88.57
C LEU L 259 -5.79 23.99 -89.77
N LYS L 260 -4.99 24.56 -90.67
CA LYS L 260 -4.34 23.82 -91.74
C LYS L 260 -2.88 23.57 -91.44
N GLN L 261 -2.34 24.09 -90.32
CA GLN L 261 -0.92 23.94 -90.04
C GLN L 261 -0.60 23.30 -88.69
N ARG L 262 -1.03 23.92 -87.59
CA ARG L 262 -0.39 23.66 -86.30
C ARG L 262 -1.30 23.21 -85.16
N GLU L 263 -2.39 23.92 -84.92
CA GLU L 263 -3.23 23.60 -83.77
C GLU L 263 -3.97 22.29 -83.96
N ILE L 264 -3.79 21.39 -83.00
CA ILE L 264 -4.42 20.08 -82.99
C ILE L 264 -5.21 19.98 -81.69
N GLN L 265 -6.15 19.05 -81.65
CA GLN L 265 -6.93 18.83 -80.43
C GLN L 265 -6.04 18.78 -79.19
N ARG L 266 -4.76 18.44 -79.36
CA ARG L 266 -3.82 18.42 -78.25
C ARG L 266 -3.67 19.79 -77.58
N GLN L 267 -4.12 20.86 -78.25
CA GLN L 267 -3.98 22.22 -77.74
C GLN L 267 -5.30 22.77 -77.27
N ASP L 268 -6.38 22.01 -77.47
CA ASP L 268 -7.71 22.29 -76.94
C ASP L 268 -7.94 21.30 -75.81
N PHE L 269 -8.26 21.78 -74.63
CA PHE L 269 -8.47 20.86 -73.52
C PHE L 269 -9.80 20.13 -73.73
N THR L 270 -9.81 18.86 -73.35
CA THR L 270 -11.00 18.03 -73.55
C THR L 270 -12.07 18.44 -72.55
N GLU L 271 -13.25 17.84 -72.67
CA GLU L 271 -14.33 18.14 -71.73
C GLU L 271 -13.78 18.09 -70.31
N SER L 272 -13.70 19.23 -69.64
CA SER L 272 -13.28 19.23 -68.25
C SER L 272 -14.46 18.82 -67.37
N LEU L 273 -15.50 19.64 -67.35
CA LEU L 273 -16.86 19.17 -67.16
C LEU L 273 -17.68 19.43 -68.42
N GLY L 274 -17.77 20.68 -68.85
CA GLY L 274 -18.25 21.02 -70.17
C GLY L 274 -17.33 21.93 -70.95
N ALA L 275 -16.52 22.70 -70.23
CA ALA L 275 -15.80 23.80 -70.85
C ALA L 275 -14.83 23.31 -71.92
N PHE L 276 -14.74 24.09 -73.01
CA PHE L 276 -13.68 23.92 -74.00
C PHE L 276 -12.97 25.26 -74.19
N ARG L 277 -12.07 25.57 -73.26
CA ARG L 277 -11.17 26.69 -73.40
C ARG L 277 -9.86 26.18 -74.00
N LEU L 278 -8.98 27.11 -74.34
CA LEU L 278 -7.68 26.74 -74.86
C LEU L 278 -6.66 26.63 -73.72
N THR L 279 -5.49 26.09 -74.05
CA THR L 279 -4.36 26.12 -73.15
C THR L 279 -3.67 27.47 -73.27
N ASP L 280 -3.03 27.90 -72.18
CA ASP L 280 -2.28 29.16 -72.23
C ASP L 280 -1.15 29.13 -73.24
N SER L 281 -0.83 27.96 -73.80
CA SER L 281 0.19 27.86 -74.83
C SER L 281 -0.41 27.89 -76.24
N ALA L 282 -1.73 27.69 -76.35
CA ALA L 282 -2.46 27.90 -77.59
C ALA L 282 -3.07 29.29 -77.68
N THR L 283 -3.55 29.82 -76.54
CA THR L 283 -4.02 31.20 -76.52
C THR L 283 -2.94 32.14 -77.03
N LYS L 284 -1.69 31.89 -76.64
CA LYS L 284 -0.57 32.74 -77.03
C LYS L 284 -0.16 32.52 -78.49
N THR L 285 -0.46 31.36 -79.06
CA THR L 285 -0.19 31.13 -80.48
C THR L 285 -1.30 31.70 -81.36
N PHE L 286 -2.53 31.72 -80.85
CA PHE L 286 -3.66 32.25 -81.60
C PHE L 286 -3.38 33.64 -82.13
N LEU L 287 -2.83 34.51 -81.27
CA LEU L 287 -2.69 35.92 -81.62
C LEU L 287 -1.58 36.18 -82.62
N GLY L 288 -0.51 35.39 -82.61
CA GLY L 288 0.60 35.64 -83.52
C GLY L 288 0.17 35.79 -84.96
N ALA L 289 -0.66 34.86 -85.44
CA ALA L 289 -1.26 35.00 -86.76
C ALA L 289 -2.39 36.02 -86.74
N PHE L 290 -3.04 36.19 -85.58
CA PHE L 290 -4.15 37.13 -85.48
C PHE L 290 -3.67 38.55 -85.70
N ASP L 291 -2.61 38.95 -84.98
CA ASP L 291 -2.02 40.27 -85.18
C ASP L 291 -1.31 40.33 -86.52
N ARG L 292 -0.82 39.19 -87.00
CA ARG L 292 -0.30 39.10 -88.36
C ARG L 292 -1.35 39.53 -89.37
N LYS L 293 -2.56 38.98 -89.24
CA LYS L 293 -3.63 39.34 -90.17
C LYS L 293 -4.00 40.81 -90.09
N LEU L 294 -4.03 41.37 -88.88
CA LEU L 294 -4.44 42.77 -88.71
C LEU L 294 -3.38 43.75 -89.15
N SER L 295 -2.31 43.32 -89.84
CA SER L 295 -1.27 44.21 -90.30
C SER L 295 -1.12 44.23 -91.83
N SER L 296 -2.18 43.95 -92.59
CA SER L 296 -1.99 43.88 -94.04
C SER L 296 -3.31 43.90 -94.79
N GLU L 297 -3.26 44.44 -96.02
CA GLU L 297 -4.35 44.43 -96.99
C GLU L 297 -3.88 45.25 -98.18
N PHE L 298 -4.62 45.27 -99.30
CA PHE L 298 -4.32 46.21 -100.35
C PHE L 298 -5.28 47.40 -100.29
N LYS L 299 -6.50 47.22 -100.81
CA LYS L 299 -7.60 48.18 -100.64
C LYS L 299 -8.75 47.91 -101.62
N HIS L 300 -9.84 48.67 -101.45
CA HIS L 300 -10.99 48.71 -102.35
C HIS L 300 -12.24 49.09 -101.55
N PHE L 303 -10.42 51.62 -105.57
CA PHE L 303 -9.46 52.65 -105.20
C PHE L 303 -8.30 52.07 -104.39
N ASN L 304 -7.15 51.94 -105.06
CA ASN L 304 -5.93 51.46 -104.42
C ASN L 304 -5.55 52.31 -103.23
N TYR L 305 -5.44 51.70 -102.05
CA TYR L 305 -5.03 52.44 -100.86
C TYR L 305 -4.61 51.50 -99.74
N LYS L 306 -3.31 51.48 -99.42
CA LYS L 306 -2.82 50.64 -98.32
C LYS L 306 -3.74 50.78 -97.12
N CYS L 307 -4.02 49.65 -96.47
CA CYS L 307 -4.84 49.66 -95.26
C CYS L 307 -4.60 48.40 -94.45
N THR L 308 -4.31 48.55 -93.16
CA THR L 308 -4.37 47.37 -92.31
C THR L 308 -5.83 46.98 -92.12
N TYR L 309 -6.08 45.72 -91.78
CA TYR L 309 -7.43 45.35 -91.36
C TYR L 309 -7.80 46.13 -90.11
N ARG L 310 -6.89 46.16 -89.13
CA ARG L 310 -7.11 46.88 -87.89
C ARG L 310 -7.54 48.31 -88.13
N ARG L 311 -6.92 48.98 -89.12
CA ARG L 311 -7.22 50.39 -89.32
C ARG L 311 -8.53 50.58 -90.09
N ALA L 312 -8.78 49.76 -91.12
CA ALA L 312 -10.00 49.89 -91.90
C ALA L 312 -11.22 49.98 -91.02
N ILE L 313 -11.18 49.35 -89.84
CA ILE L 313 -12.32 49.37 -88.93
C ILE L 313 -12.56 50.78 -88.41
N GLU L 314 -11.50 51.41 -87.88
CA GLU L 314 -11.60 52.80 -87.48
C GLU L 314 -12.27 53.66 -88.55
N LEU L 315 -12.00 53.36 -89.82
CA LEU L 315 -12.58 54.15 -90.90
C LEU L 315 -14.07 53.84 -91.08
N GLN L 316 -14.41 52.56 -91.22
CA GLN L 316 -15.80 52.19 -91.47
C GLN L 316 -16.74 52.91 -90.50
N ALA L 317 -16.33 53.00 -89.23
CA ALA L 317 -17.10 53.79 -88.27
C ALA L 317 -17.08 55.26 -88.67
N ARG L 318 -15.89 55.81 -88.92
CA ARG L 318 -15.78 57.22 -89.33
C ARG L 318 -16.59 57.47 -90.60
N LEU L 319 -16.49 56.57 -91.58
CA LEU L 319 -17.36 56.65 -92.75
C LEU L 319 -18.82 56.58 -92.33
N LEU L 320 -19.14 55.74 -91.36
CA LEU L 320 -20.53 55.59 -90.92
C LEU L 320 -21.02 56.88 -90.28
N ALA L 321 -20.20 57.51 -89.44
CA ALA L 321 -20.55 58.80 -88.87
C ALA L 321 -20.93 59.79 -89.96
N ARG L 322 -20.14 59.83 -91.03
CA ARG L 322 -20.38 60.75 -92.13
C ARG L 322 -21.66 60.40 -92.88
N HIS L 323 -21.99 59.11 -92.98
CA HIS L 323 -23.32 58.74 -93.48
C HIS L 323 -24.42 59.35 -92.64
N LEU L 324 -24.15 59.58 -91.36
CA LEU L 324 -25.13 60.01 -90.37
C LEU L 324 -25.14 61.51 -90.14
N GLN L 325 -23.96 62.12 -90.15
CA GLN L 325 -23.78 63.52 -89.89
C GLN L 325 -23.84 64.34 -91.17
N GLU L 326 -23.35 63.76 -92.26
CA GLU L 326 -23.18 64.42 -93.53
C GLU L 326 -24.03 63.84 -94.65
N GLY L 327 -24.71 62.73 -94.42
CA GLY L 327 -25.56 62.13 -95.42
C GLY L 327 -24.83 61.29 -96.45
N VAL L 328 -23.61 60.87 -96.15
CA VAL L 328 -22.77 60.09 -97.06
C VAL L 328 -23.28 58.65 -97.13
N VAL L 329 -22.80 57.91 -98.13
CA VAL L 329 -23.07 56.48 -98.25
C VAL L 329 -22.18 55.69 -97.28
N TYR L 330 -22.65 54.51 -96.89
CA TYR L 330 -21.85 53.55 -96.15
C TYR L 330 -21.69 52.34 -97.06
N GLU L 331 -20.66 52.35 -97.90
CA GLU L 331 -20.36 51.23 -98.78
C GLU L 331 -19.45 50.26 -98.04
N PRO L 332 -19.94 49.09 -97.61
CA PRO L 332 -19.13 48.23 -96.75
C PRO L 332 -17.88 47.64 -97.40
N LEU L 333 -17.12 46.90 -96.60
CA LEU L 333 -15.83 46.36 -96.98
C LEU L 333 -15.96 44.96 -97.57
N VAL L 334 -15.28 44.73 -98.70
CA VAL L 334 -15.32 43.45 -99.39
C VAL L 334 -13.88 43.02 -99.71
N ILE L 335 -13.59 41.75 -99.48
CA ILE L 335 -12.26 41.17 -99.67
C ILE L 335 -11.14 42.19 -99.62
N MET M 12 -10.37 51.87 -22.25
CA MET M 12 -9.23 52.04 -21.36
C MET M 12 -7.95 51.48 -21.97
N LEU M 13 -8.02 51.03 -23.23
CA LEU M 13 -6.89 50.36 -23.86
C LEU M 13 -6.01 51.39 -24.56
N TYR M 14 -4.89 51.73 -23.92
CA TYR M 14 -3.98 52.74 -24.43
C TYR M 14 -2.90 52.07 -25.27
N LEU M 15 -2.90 52.38 -26.56
CA LEU M 15 -1.90 51.90 -27.52
C LEU M 15 -0.89 53.01 -27.79
N ILE M 16 0.37 52.64 -27.92
CA ILE M 16 1.46 53.60 -27.92
C ILE M 16 2.43 53.32 -29.06
N ILE M 17 3.08 54.38 -29.53
CA ILE M 17 3.99 54.30 -30.66
C ILE M 17 5.25 55.12 -30.38
N TYR M 18 6.37 54.67 -30.93
CA TYR M 18 7.55 55.51 -31.02
C TYR M 18 8.41 55.08 -32.20
N ASP M 19 8.88 56.05 -32.97
CA ASP M 19 9.87 55.83 -34.02
C ASP M 19 10.89 56.95 -33.84
N VAL M 20 12.08 56.59 -33.37
CA VAL M 20 13.00 57.54 -32.77
C VAL M 20 14.36 57.37 -33.42
N PRO M 21 15.14 58.46 -33.57
CA PRO M 21 16.40 58.35 -34.32
C PRO M 21 17.42 57.45 -33.65
N ALA M 22 18.56 57.25 -34.31
CA ALA M 22 19.62 56.41 -33.79
C ALA M 22 20.70 57.20 -33.07
N THR M 23 20.38 58.42 -32.62
CA THR M 23 21.34 59.20 -31.86
C THR M 23 21.46 58.61 -30.45
N LYS M 24 22.70 58.45 -29.99
CA LYS M 24 22.95 57.92 -28.66
C LYS M 24 22.37 58.81 -27.56
N ALA M 25 21.97 60.03 -27.89
CA ALA M 25 21.27 60.91 -26.96
C ALA M 25 19.76 60.72 -27.00
N GLY M 26 19.25 60.03 -28.03
CA GLY M 26 17.84 59.72 -28.13
C GLY M 26 17.57 58.23 -28.02
N ASN M 27 18.53 57.42 -28.48
CA ASN M 27 18.46 55.99 -28.27
C ASN M 27 18.27 55.66 -26.79
N LYS M 28 18.92 56.43 -25.92
CA LYS M 28 18.64 56.33 -24.48
C LYS M 28 17.16 56.55 -24.21
N ARG M 29 16.59 57.63 -24.76
CA ARG M 29 15.18 57.92 -24.54
C ARG M 29 14.31 56.80 -25.08
N ARG M 30 14.72 56.20 -26.21
CA ARG M 30 14.04 55.02 -26.73
C ARG M 30 14.19 53.84 -25.77
N THR M 31 15.45 53.46 -25.48
CA THR M 31 15.70 52.25 -24.71
C THR M 31 15.18 52.36 -23.28
N ARG M 32 15.24 53.56 -22.70
CA ARG M 32 14.65 53.77 -21.38
C ARG M 32 13.13 53.68 -21.44
N LEU M 33 12.53 54.13 -22.54
CA LEU M 33 11.07 54.08 -22.67
C LEU M 33 10.59 52.65 -22.85
N PHE M 34 11.35 51.84 -23.60
CA PHE M 34 11.02 50.42 -23.71
C PHE M 34 10.97 49.76 -22.35
N ASP M 35 11.97 50.03 -21.51
CA ASP M 35 11.97 49.52 -20.14
C ASP M 35 10.78 50.03 -19.34
N LEU M 36 10.20 51.17 -19.73
CA LEU M 36 9.05 51.71 -19.02
C LEU M 36 7.77 50.99 -19.38
N LEU M 37 7.42 51.02 -20.67
CA LEU M 37 6.13 50.50 -21.12
C LEU M 37 5.97 49.03 -20.75
N SER M 38 7.07 48.28 -20.71
CA SER M 38 7.02 46.95 -20.13
C SER M 38 6.47 46.98 -18.71
N GLY M 39 6.48 48.16 -18.06
CA GLY M 39 5.94 48.33 -16.74
C GLY M 39 4.46 48.65 -16.67
N TYR M 40 3.91 49.25 -17.73
CA TYR M 40 2.49 49.60 -17.76
C TYR M 40 1.64 48.73 -18.67
N GLY M 41 2.24 48.01 -19.62
CA GLY M 41 1.44 47.28 -20.57
C GLY M 41 2.24 46.23 -21.32
N LYS M 42 1.63 45.74 -22.39
CA LYS M 42 2.15 44.63 -23.17
C LYS M 42 2.84 45.13 -24.43
N TRP M 43 3.71 44.28 -24.98
CA TRP M 43 4.45 44.56 -26.20
C TRP M 43 3.87 43.72 -27.33
N ARG M 44 3.67 44.33 -28.49
CA ARG M 44 3.26 43.58 -29.68
C ARG M 44 4.22 43.73 -30.85
N GLN M 45 4.70 44.95 -31.12
CA GLN M 45 5.67 45.19 -32.18
C GLN M 45 6.76 46.12 -31.65
N PHE M 46 7.84 46.23 -32.43
CA PHE M 46 9.03 46.94 -32.00
C PHE M 46 8.69 48.31 -31.43
N SER M 47 7.86 49.07 -32.15
CA SER M 47 7.46 50.41 -31.75
C SER M 47 6.04 50.42 -31.18
N VAL M 48 5.62 49.36 -30.50
CA VAL M 48 4.22 49.16 -30.16
C VAL M 48 4.14 48.54 -28.77
N PHE M 49 3.24 49.08 -27.94
CA PHE M 49 2.85 48.45 -26.69
C PHE M 49 1.34 48.55 -26.55
N GLU M 50 0.75 47.53 -25.93
CA GLU M 50 -0.68 47.52 -25.62
C GLU M 50 -0.83 47.69 -24.11
N CYS M 51 -1.38 48.82 -23.69
CA CYS M 51 -1.51 49.17 -22.28
C CYS M 51 -2.99 49.33 -21.97
N PHE M 52 -3.59 48.32 -21.36
CA PHE M 52 -4.94 48.45 -20.83
C PHE M 52 -4.88 48.82 -19.36
N LEU M 53 -5.60 49.87 -18.99
CA LEU M 53 -5.48 50.41 -17.63
C LEU M 53 -6.50 51.53 -17.46
N SER M 54 -6.60 51.99 -16.22
CA SER M 54 -7.54 53.04 -15.85
C SER M 54 -6.85 54.40 -15.98
N VAL M 55 -7.47 55.45 -15.45
CA VAL M 55 -6.97 56.80 -15.66
C VAL M 55 -5.88 57.13 -14.65
N LYS M 56 -6.16 56.92 -13.35
CA LYS M 56 -5.16 57.23 -12.34
C LYS M 56 -3.81 56.64 -12.71
N GLN M 57 -3.82 55.43 -13.29
CA GLN M 57 -2.60 54.81 -13.78
C GLN M 57 -2.05 55.51 -15.02
N PHE M 58 -2.89 56.25 -15.75
CA PHE M 58 -2.45 56.92 -16.96
C PHE M 58 -1.65 58.18 -16.65
N ALA M 59 -2.24 59.10 -15.90
CA ALA M 59 -1.56 60.36 -15.59
C ALA M 59 -0.23 60.10 -14.90
N LYS M 60 -0.13 58.99 -14.15
CA LYS M 60 1.17 58.57 -13.64
C LYS M 60 2.17 58.33 -14.74
N LEU M 61 1.71 58.07 -15.97
CA LEU M 61 2.58 57.81 -17.10
C LEU M 61 2.78 59.04 -17.99
N GLN M 62 1.69 59.60 -18.50
CA GLN M 62 1.78 60.78 -19.34
C GLN M 62 2.69 61.83 -18.73
N THR M 63 2.57 62.04 -17.41
CA THR M 63 3.42 62.99 -16.71
C THR M 63 4.90 62.60 -16.74
N ALA M 64 5.21 61.37 -17.13
CA ALA M 64 6.60 60.94 -17.23
C ALA M 64 7.22 61.31 -18.57
N MET M 65 6.41 61.50 -19.61
CA MET M 65 6.90 61.83 -20.94
C MET M 65 7.04 63.33 -21.13
N GLU M 66 5.96 64.09 -20.88
CA GLU M 66 6.07 65.55 -20.91
C GLU M 66 7.21 66.04 -20.05
N LYS M 67 7.66 65.24 -19.09
CA LYS M 67 8.80 65.52 -18.24
C LYS M 67 10.09 64.95 -18.84
N LEU M 68 9.99 64.32 -20.02
CA LEU M 68 11.09 63.55 -20.57
C LEU M 68 11.37 63.75 -22.05
N ILE M 69 10.48 64.36 -22.82
CA ILE M 69 10.57 64.27 -24.27
C ILE M 69 11.15 65.57 -24.83
N LYS M 70 11.91 65.43 -25.91
CA LYS M 70 12.30 66.55 -26.75
C LYS M 70 11.51 66.36 -28.05
N LEU M 71 10.31 66.95 -28.08
CA LEU M 71 9.41 66.84 -29.22
C LEU M 71 9.89 67.64 -30.42
N ASP M 72 10.90 68.49 -30.23
CA ASP M 72 11.48 69.24 -31.33
C ASP M 72 12.16 68.34 -32.36
N GLU M 73 12.43 67.09 -32.01
CA GLU M 73 13.04 66.14 -32.92
C GLU M 73 12.38 64.76 -32.84
N ASP M 74 11.36 64.59 -32.02
CA ASP M 74 10.73 63.30 -31.77
C ASP M 74 9.29 63.31 -32.27
N ALA M 75 8.71 62.11 -32.31
CA ALA M 75 7.38 61.90 -32.89
C ALA M 75 6.73 60.73 -32.20
N VAL M 76 5.53 60.95 -31.65
CA VAL M 76 4.77 59.88 -30.99
C VAL M 76 3.28 60.15 -31.17
N CYS M 77 2.52 59.07 -31.22
CA CYS M 77 1.07 59.14 -31.30
C CYS M 77 0.47 58.08 -30.39
N ILE M 78 -0.78 58.30 -29.98
CA ILE M 78 -1.47 57.43 -29.04
C ILE M 78 -2.88 57.19 -29.56
N TYR M 79 -3.40 55.99 -29.29
CA TYR M 79 -4.72 55.59 -29.75
C TYR M 79 -5.48 54.96 -28.59
N VAL M 80 -6.77 55.26 -28.50
CA VAL M 80 -7.61 54.88 -27.38
C VAL M 80 -8.65 53.89 -27.85
N LEU M 81 -8.68 52.71 -27.23
CA LEU M 81 -9.50 51.61 -27.69
C LEU M 81 -10.39 51.16 -26.53
N ASP M 82 -11.69 51.32 -26.72
CA ASP M 82 -12.71 50.84 -25.79
C ASP M 82 -13.14 49.43 -26.19
N GLU M 83 -13.78 48.74 -25.25
CA GLU M 83 -14.08 47.33 -25.45
C GLU M 83 -14.76 47.08 -26.79
N ASN M 84 -15.89 47.75 -27.04
CA ASN M 84 -16.67 47.49 -28.25
C ASN M 84 -15.96 47.92 -29.53
N THR M 85 -14.92 48.74 -29.45
CA THR M 85 -14.10 48.99 -30.64
C THR M 85 -12.91 48.04 -30.73
N VAL M 86 -12.57 47.35 -29.65
CA VAL M 86 -11.52 46.35 -29.69
C VAL M 86 -12.06 45.06 -30.31
N GLN M 87 -13.28 44.68 -29.90
CA GLN M 87 -13.90 43.44 -30.38
C GLN M 87 -13.76 43.30 -31.88
N ARG M 88 -13.72 44.41 -32.60
CA ARG M 88 -13.66 44.45 -34.06
C ARG M 88 -12.23 44.49 -34.58
N THR M 89 -11.25 44.50 -33.69
CA THR M 89 -9.85 44.46 -34.10
C THR M 89 -9.48 43.06 -34.60
N ILE M 90 -8.55 43.01 -35.54
CA ILE M 90 -8.25 41.78 -36.27
C ILE M 90 -6.75 41.64 -36.51
N THR M 91 -6.26 40.40 -36.45
CA THR M 91 -4.85 40.08 -36.64
C THR M 91 -4.72 38.82 -37.49
N TYR M 92 -3.50 38.59 -38.01
CA TYR M 92 -3.22 37.40 -38.80
C TYR M 92 -2.04 36.59 -38.29
N GLY M 93 -0.96 37.26 -37.87
CA GLY M 93 0.26 36.57 -37.53
C GLY M 93 0.58 36.58 -36.04
N THR M 94 -0.20 37.32 -35.28
CA THR M 94 -0.04 37.43 -33.84
C THR M 94 -1.37 37.08 -33.18
N PRO M 95 -1.35 36.74 -31.89
CA PRO M 95 -2.60 36.48 -31.17
C PRO M 95 -3.34 37.79 -30.89
N GLN M 96 -4.58 37.63 -30.46
CA GLN M 96 -5.44 38.78 -30.20
C GLN M 96 -5.15 39.37 -28.83
N PRO M 97 -5.54 40.62 -28.60
CA PRO M 97 -5.18 41.29 -27.34
C PRO M 97 -5.92 40.69 -26.15
N GLU M 98 -5.30 40.86 -24.98
CA GLU M 98 -5.87 40.42 -23.73
C GLU M 98 -5.20 41.18 -22.59
N LYS M 99 -5.84 41.11 -21.42
CA LYS M 99 -5.37 41.78 -20.21
C LYS M 99 -5.75 40.91 -19.03
N PRO M 100 -5.08 39.78 -18.85
CA PRO M 100 -5.49 38.86 -17.79
C PRO M 100 -4.79 39.03 -16.46
N GLY M 101 -5.20 38.23 -15.48
CA GLY M 101 -4.36 37.95 -14.34
C GLY M 101 -3.25 37.00 -14.76
N SER M 102 -2.07 37.19 -14.17
CA SER M 102 -0.90 36.46 -14.63
C SER M 102 -0.61 35.27 -13.72
N ILE M 103 -0.30 34.13 -14.35
CA ILE M 103 0.08 32.91 -13.66
C ILE M 103 1.31 32.36 -14.37
N ILE M 104 2.24 31.82 -13.60
CA ILE M 104 3.39 31.14 -14.17
C ILE M 104 3.91 30.08 -13.20
N MET N 12 -14.79 54.38 -39.09
CA MET N 12 -14.29 53.68 -40.27
C MET N 12 -12.85 54.08 -40.61
N LEU N 13 -12.05 54.39 -39.59
CA LEU N 13 -10.64 54.72 -39.80
C LEU N 13 -9.81 53.49 -39.48
N TYR N 14 -9.30 52.84 -40.52
CA TYR N 14 -8.59 51.58 -40.40
C TYR N 14 -7.10 51.85 -40.18
N LEU N 15 -6.62 51.53 -38.99
CA LEU N 15 -5.22 51.63 -38.63
C LEU N 15 -4.63 50.22 -38.59
N ILE N 16 -3.44 50.06 -39.17
CA ILE N 16 -2.84 48.75 -39.37
C ILE N 16 -1.33 48.82 -39.13
N ILE N 17 -0.75 47.65 -38.87
CA ILE N 17 0.66 47.50 -38.51
C ILE N 17 1.28 46.40 -39.36
N TYR N 18 2.59 46.48 -39.55
CA TYR N 18 3.35 45.37 -40.09
C TYR N 18 4.72 45.35 -39.42
N ASP N 19 5.14 44.18 -38.96
CA ASP N 19 6.47 43.99 -38.38
C ASP N 19 7.01 42.66 -38.88
N VAL N 20 7.98 42.72 -39.79
CA VAL N 20 8.34 41.55 -40.60
C VAL N 20 9.85 41.40 -40.66
N PRO N 21 10.36 40.16 -40.73
CA PRO N 21 11.81 39.94 -40.71
C PRO N 21 12.53 40.51 -41.93
N ALA N 22 13.85 40.33 -41.95
CA ALA N 22 14.71 40.81 -43.02
C ALA N 22 14.97 39.74 -44.08
N THR N 23 14.07 38.76 -44.18
CA THR N 23 14.21 37.72 -45.19
C THR N 23 13.93 38.29 -46.58
N LYS N 24 14.78 37.94 -47.55
CA LYS N 24 14.55 38.43 -48.91
C LYS N 24 13.20 37.98 -49.46
N ALA N 25 12.57 36.98 -48.83
CA ALA N 25 11.22 36.57 -49.21
C ALA N 25 10.15 37.31 -48.42
N GLY N 26 10.50 37.94 -47.30
CA GLY N 26 9.56 38.74 -46.54
C GLY N 26 9.97 40.20 -46.58
N ASN N 27 11.29 40.43 -46.63
CA ASN N 27 11.80 41.77 -46.90
C ASN N 27 11.18 42.32 -48.17
N LYS N 28 11.04 41.47 -49.18
CA LYS N 28 10.23 41.83 -50.35
C LYS N 28 8.79 42.13 -49.94
N ARG N 29 8.20 41.26 -49.10
CA ARG N 29 6.81 41.44 -48.70
C ARG N 29 6.59 42.78 -48.01
N ARG N 30 7.59 43.25 -47.24
CA ARG N 30 7.46 44.55 -46.60
C ARG N 30 7.33 45.67 -47.62
N THR N 31 8.31 45.79 -48.52
CA THR N 31 8.33 46.93 -49.42
C THR N 31 7.16 46.95 -50.39
N ARG N 32 6.65 45.78 -50.79
CA ARG N 32 5.46 45.76 -51.63
C ARG N 32 4.23 46.24 -50.87
N LEU N 33 4.14 45.92 -49.58
CA LEU N 33 3.00 46.38 -48.80
C LEU N 33 3.10 47.88 -48.55
N PHE N 34 4.32 48.39 -48.34
CA PHE N 34 4.52 49.84 -48.26
C PHE N 34 4.04 50.51 -49.55
N ASP N 35 4.45 49.95 -50.69
CA ASP N 35 3.95 50.43 -51.97
C ASP N 35 2.44 50.26 -52.09
N LEU N 36 1.86 49.32 -51.33
CA LEU N 36 0.43 49.09 -51.36
C LEU N 36 -0.31 50.11 -50.49
N LEU N 37 -0.02 50.11 -49.19
CA LEU N 37 -0.80 50.91 -48.25
C LEU N 37 -0.73 52.40 -48.57
N SER N 38 0.40 52.87 -49.10
CA SER N 38 0.45 54.22 -49.62
C SER N 38 -0.61 54.44 -50.70
N GLY N 39 -1.14 53.37 -51.28
CA GLY N 39 -2.20 53.45 -52.26
C GLY N 39 -3.58 53.46 -51.64
N TYR N 40 -3.69 52.90 -50.43
CA TYR N 40 -4.96 52.85 -49.72
C TYR N 40 -5.03 53.81 -48.53
N GLY N 41 -3.91 54.31 -48.04
CA GLY N 41 -3.94 55.17 -46.87
C GLY N 41 -2.65 55.95 -46.70
N LYS N 42 -2.55 56.60 -45.55
CA LYS N 42 -1.46 57.52 -45.24
C LYS N 42 -0.45 56.86 -44.30
N TRP N 43 0.75 57.44 -44.27
CA TRP N 43 1.86 56.92 -43.47
C TRP N 43 2.11 57.77 -42.23
N ARG N 44 2.31 57.09 -41.10
CA ARG N 44 2.73 57.77 -39.87
C ARG N 44 4.05 57.23 -39.31
N GLN N 45 4.22 55.91 -39.24
CA GLN N 45 5.44 55.33 -38.70
C GLN N 45 5.90 54.14 -39.52
N PHE N 46 7.12 53.69 -39.21
CA PHE N 46 7.79 52.68 -40.04
C PHE N 46 6.90 51.47 -40.30
N SER N 47 6.33 50.92 -39.23
CA SER N 47 5.51 49.72 -39.32
C SER N 47 4.02 50.04 -39.22
N VAL N 48 3.62 51.24 -39.66
CA VAL N 48 2.29 51.74 -39.35
C VAL N 48 1.78 52.57 -40.51
N PHE N 49 0.51 52.36 -40.84
CA PHE N 49 -0.25 53.24 -41.71
C PHE N 49 -1.61 53.47 -41.06
N GLU N 50 -2.14 54.68 -41.20
CA GLU N 50 -3.48 55.02 -40.76
C GLU N 50 -4.32 55.24 -42.00
N CYS N 51 -5.31 54.37 -42.21
CA CYS N 51 -6.09 54.32 -43.44
C CYS N 51 -7.54 54.63 -43.09
N PHE N 52 -7.98 55.84 -43.41
CA PHE N 52 -9.39 56.21 -43.30
C PHE N 52 -10.05 55.93 -44.65
N LEU N 53 -11.14 55.16 -44.62
CA LEU N 53 -11.70 54.63 -45.85
C LEU N 53 -13.01 53.93 -45.56
N SER N 54 -13.67 53.49 -46.63
CA SER N 54 -14.98 52.87 -46.56
C SER N 54 -14.88 51.35 -46.43
N VAL N 55 -16.01 50.67 -46.62
CA VAL N 55 -16.11 49.23 -46.39
C VAL N 55 -15.70 48.48 -47.65
N LYS N 56 -16.40 48.71 -48.76
CA LYS N 56 -16.05 48.04 -50.00
C LYS N 56 -14.59 48.31 -50.38
N GLN N 57 -14.08 49.50 -50.06
CA GLN N 57 -12.68 49.80 -50.29
C GLN N 57 -11.78 48.91 -49.45
N PHE N 58 -12.32 48.32 -48.38
CA PHE N 58 -11.55 47.46 -47.51
C PHE N 58 -11.29 46.10 -48.16
N ALA N 59 -12.36 45.42 -48.60
CA ALA N 59 -12.19 44.10 -49.19
C ALA N 59 -11.25 44.14 -50.40
N LYS N 60 -11.23 45.25 -51.14
CA LYS N 60 -10.20 45.40 -52.17
C LYS N 60 -8.80 45.30 -51.58
N LEU N 61 -8.66 45.57 -50.28
CA LEU N 61 -7.41 45.44 -49.56
C LEU N 61 -7.37 44.14 -48.77
N GLN N 62 -8.37 43.93 -47.91
CA GLN N 62 -8.46 42.71 -47.13
C GLN N 62 -8.22 41.48 -48.00
N THR N 63 -8.89 41.43 -49.16
CA THR N 63 -8.70 40.33 -50.09
C THR N 63 -7.30 40.31 -50.69
N ALA N 64 -6.55 41.41 -50.57
CA ALA N 64 -5.20 41.45 -51.12
C ALA N 64 -4.13 40.93 -50.17
N MET N 65 -4.33 41.02 -48.86
CA MET N 65 -3.32 40.57 -47.90
C MET N 65 -3.50 39.10 -47.52
N GLU N 66 -4.71 38.69 -47.15
CA GLU N 66 -4.97 37.28 -46.93
C GLU N 66 -4.49 36.43 -48.10
N LYS N 67 -4.29 37.05 -49.26
CA LYS N 67 -3.92 36.42 -50.51
C LYS N 67 -2.43 36.34 -50.75
N LEU N 68 -1.59 36.82 -49.81
CA LEU N 68 -0.16 36.95 -50.09
C LEU N 68 0.79 36.52 -48.98
N ILE N 69 0.32 36.24 -47.76
CA ILE N 69 1.20 36.22 -46.60
C ILE N 69 1.55 34.80 -46.17
N LYS N 70 2.71 34.66 -45.53
CA LYS N 70 3.11 33.47 -44.80
C LYS N 70 2.95 33.77 -43.31
N LEU N 71 1.82 33.34 -42.75
CA LEU N 71 1.50 33.68 -41.36
C LEU N 71 2.40 32.97 -40.36
N ASP N 72 3.11 31.93 -40.79
CA ASP N 72 4.10 31.27 -39.94
C ASP N 72 5.32 32.14 -39.68
N GLU N 73 5.49 33.22 -40.43
CA GLU N 73 6.68 34.04 -40.35
C GLU N 73 6.40 35.53 -40.32
N ASP N 74 5.14 35.94 -40.40
CA ASP N 74 4.75 37.34 -40.48
C ASP N 74 3.88 37.69 -39.28
N ALA N 75 3.64 39.00 -39.09
CA ALA N 75 2.93 39.48 -37.92
C ALA N 75 2.21 40.77 -38.27
N VAL N 76 0.88 40.77 -38.10
CA VAL N 76 0.07 41.96 -38.37
C VAL N 76 -1.16 41.94 -37.47
N CYS N 77 -1.62 43.14 -37.11
CA CYS N 77 -2.87 43.34 -36.38
C CYS N 77 -3.60 44.52 -36.99
N ILE N 78 -4.91 44.58 -36.72
CA ILE N 78 -5.79 45.55 -37.34
C ILE N 78 -6.62 46.21 -36.25
N TYR N 79 -6.93 47.50 -36.44
CA TYR N 79 -7.65 48.26 -35.44
C TYR N 79 -8.79 49.05 -36.07
N VAL N 80 -9.89 49.16 -35.34
CA VAL N 80 -11.11 49.79 -35.80
C VAL N 80 -11.31 51.04 -34.95
N LEU N 81 -11.31 52.21 -35.60
CA LEU N 81 -11.28 53.50 -34.91
C LEU N 81 -12.44 54.33 -35.42
N ASP N 82 -13.40 54.62 -34.55
CA ASP N 82 -14.51 55.50 -34.90
C ASP N 82 -14.19 56.94 -34.50
N GLU N 83 -14.90 57.87 -35.15
CA GLU N 83 -14.60 59.29 -34.94
C GLU N 83 -14.59 59.64 -33.46
N ASN N 84 -15.69 59.31 -32.76
CA ASN N 84 -15.77 59.62 -31.35
C ASN N 84 -14.70 58.88 -30.56
N THR N 85 -14.11 57.84 -31.16
CA THR N 85 -12.91 57.19 -30.65
C THR N 85 -11.64 57.79 -31.22
N VAL N 86 -11.75 58.54 -32.33
CA VAL N 86 -10.59 59.16 -32.95
C VAL N 86 -10.20 60.46 -32.25
N GLN N 87 -11.18 61.30 -31.90
CA GLN N 87 -10.88 62.62 -31.37
C GLN N 87 -9.82 62.57 -30.27
N ARG N 88 -9.87 61.53 -29.44
CA ARG N 88 -8.97 61.42 -28.29
C ARG N 88 -7.77 60.54 -28.64
N THR N 89 -6.94 61.08 -29.51
CA THR N 89 -5.69 60.47 -29.95
C THR N 89 -4.53 61.44 -29.75
N ILE N 90 -4.46 62.00 -28.54
CA ILE N 90 -3.51 63.07 -28.26
C ILE N 90 -2.11 62.67 -28.68
N THR N 91 -1.36 63.65 -29.18
CA THR N 91 0.01 63.47 -29.66
C THR N 91 0.84 64.65 -29.16
N TYR N 92 2.16 64.51 -29.27
CA TYR N 92 3.07 65.56 -28.82
C TYR N 92 4.03 66.05 -29.88
N GLY N 93 4.56 65.16 -30.72
CA GLY N 93 5.56 65.56 -31.69
C GLY N 93 5.08 65.51 -33.12
N THR N 94 3.87 64.99 -33.31
CA THR N 94 3.25 64.84 -34.62
C THR N 94 1.88 65.49 -34.62
N PRO N 95 1.32 65.76 -35.79
CA PRO N 95 -0.04 66.29 -35.85
C PRO N 95 -1.04 65.21 -35.53
N GLN N 96 -2.25 65.61 -35.19
CA GLN N 96 -3.23 64.56 -34.92
C GLN N 96 -3.81 64.10 -36.26
N PRO N 97 -4.31 62.87 -36.34
CA PRO N 97 -4.75 62.33 -37.63
C PRO N 97 -6.02 62.98 -38.17
N GLU N 98 -6.20 62.88 -39.49
CA GLU N 98 -7.35 63.41 -40.22
C GLU N 98 -7.37 62.73 -41.58
N LYS N 99 -8.44 62.95 -42.36
CA LYS N 99 -8.51 62.38 -43.71
C LYS N 99 -9.31 63.19 -44.72
N PRO N 100 -8.71 64.25 -45.32
CA PRO N 100 -9.41 65.07 -46.31
C PRO N 100 -9.01 64.88 -47.77
N GLY N 101 -9.63 65.64 -48.70
CA GLY N 101 -9.08 65.83 -50.03
C GLY N 101 -7.85 66.72 -50.10
N SER N 102 -6.99 66.44 -51.08
CA SER N 102 -5.67 67.05 -51.21
C SER N 102 -5.60 68.20 -52.22
N ILE N 103 -4.54 69.00 -52.10
CA ILE N 103 -4.28 70.11 -53.02
C ILE N 103 -2.81 70.19 -53.40
N ILE N 104 -2.54 70.66 -54.61
CA ILE N 104 -1.19 71.06 -54.98
C ILE N 104 -1.27 72.20 -55.99
N MET Q 12 -42.96 45.42 -43.91
CA MET Q 12 -43.53 45.56 -42.57
C MET Q 12 -44.31 44.32 -42.12
N SER Q 13 -45.62 44.46 -42.01
CA SER Q 13 -46.49 43.34 -41.68
C SER Q 13 -47.62 43.23 -42.68
N THR Q 14 -47.89 42.01 -43.13
CA THR Q 14 -48.95 41.81 -44.10
C THR Q 14 -50.22 41.45 -43.34
N LEU Q 15 -51.36 41.52 -44.03
CA LEU Q 15 -52.63 41.23 -43.39
C LEU Q 15 -53.20 39.94 -43.97
N TYR Q 16 -53.73 39.11 -43.08
CA TYR Q 16 -54.31 37.83 -43.43
C TYR Q 16 -55.74 37.80 -42.87
N LEU Q 17 -56.64 37.25 -43.65
CA LEU Q 17 -58.05 37.15 -43.27
C LEU Q 17 -58.61 35.82 -43.77
N THR Q 18 -59.30 35.11 -42.89
CA THR Q 18 -59.80 33.77 -43.20
C THR Q 18 -61.29 33.67 -43.44
N GLN Q 19 -62.11 34.48 -42.77
CA GLN Q 19 -63.54 34.22 -42.68
C GLN Q 19 -64.31 34.87 -43.82
N PRO Q 20 -65.13 34.11 -44.56
CA PRO Q 20 -65.96 34.73 -45.61
C PRO Q 20 -67.22 35.37 -45.08
N ASP Q 21 -67.28 35.59 -43.76
CA ASP Q 21 -68.42 36.26 -43.14
C ASP Q 21 -68.04 37.60 -42.54
N ALA Q 22 -66.85 38.09 -42.86
CA ALA Q 22 -66.33 39.34 -42.33
C ALA Q 22 -66.37 40.38 -43.44
N VAL Q 23 -66.92 41.55 -43.14
CA VAL Q 23 -66.95 42.66 -44.08
C VAL Q 23 -66.01 43.71 -43.56
N LEU Q 24 -65.22 44.30 -44.47
CA LEU Q 24 -64.26 45.34 -44.12
C LEU Q 24 -64.78 46.67 -44.66
N SER Q 25 -64.86 47.66 -43.77
CA SER Q 25 -65.28 49.00 -44.13
C SER Q 25 -64.16 49.98 -43.82
N LYS Q 26 -64.30 51.18 -44.36
CA LYS Q 26 -63.33 52.25 -44.18
C LYS Q 26 -63.87 53.30 -43.21
N LYS Q 27 -63.01 53.77 -42.32
CA LYS Q 27 -63.30 54.86 -41.41
C LYS Q 27 -62.47 56.04 -41.89
N HIS Q 28 -62.68 57.22 -41.29
CA HIS Q 28 -62.06 58.44 -41.77
C HIS Q 28 -60.71 58.20 -42.42
N GLU Q 29 -59.86 57.40 -41.78
CA GLU Q 29 -58.63 56.93 -42.43
C GLU Q 29 -58.28 55.50 -42.03
N ALA Q 30 -59.18 54.75 -41.40
CA ALA Q 30 -58.82 53.46 -40.82
C ALA Q 30 -59.95 52.46 -41.05
N PHE Q 31 -59.62 51.19 -40.86
CA PHE Q 31 -60.49 50.09 -41.23
C PHE Q 31 -61.27 49.55 -40.04
N HIS Q 32 -62.43 48.97 -40.33
CA HIS Q 32 -63.24 48.26 -39.35
C HIS Q 32 -63.73 46.96 -39.97
N VAL Q 33 -63.29 45.84 -39.40
CA VAL Q 33 -63.74 44.51 -39.77
C VAL Q 33 -64.92 44.15 -38.88
N ALA Q 34 -65.89 43.41 -39.42
CA ALA Q 34 -67.12 43.08 -38.69
C ALA Q 34 -67.26 41.57 -38.59
N LEU Q 35 -66.94 41.04 -37.40
CA LEU Q 35 -67.01 39.61 -37.13
C LEU Q 35 -68.32 39.31 -36.42
N LYS Q 36 -69.13 38.44 -37.02
CA LYS Q 36 -70.45 38.14 -36.48
C LYS Q 36 -70.42 36.82 -35.73
N GLN Q 37 -69.84 36.86 -34.54
CA GLN Q 37 -69.87 35.70 -33.65
C GLN Q 37 -71.19 35.71 -32.91
N GLU Q 38 -71.89 34.58 -32.92
CA GLU Q 38 -73.30 34.62 -32.54
C GLU Q 38 -73.44 34.82 -31.04
N ASP Q 39 -73.11 36.02 -30.58
CA ASP Q 39 -73.47 36.54 -29.26
C ASP Q 39 -74.02 37.95 -29.41
N GLY Q 40 -74.75 38.18 -30.49
CA GLY Q 40 -75.12 39.51 -30.93
C GLY Q 40 -74.98 39.59 -32.44
N SER Q 41 -74.18 38.68 -33.01
CA SER Q 41 -74.06 38.51 -34.45
C SER Q 41 -73.40 39.71 -35.13
N TRP Q 42 -72.48 40.39 -34.43
CA TRP Q 42 -71.67 41.46 -35.01
C TRP Q 42 -70.58 41.89 -34.03
N LYS Q 43 -69.34 42.04 -34.51
CA LYS Q 43 -68.23 42.44 -33.61
C LYS Q 43 -67.20 43.23 -34.43
N LYS Q 44 -67.38 44.54 -34.47
CA LYS Q 44 -66.44 45.44 -35.16
C LYS Q 44 -65.14 45.57 -34.38
N GLN Q 45 -64.07 44.99 -34.93
CA GLN Q 45 -62.74 45.03 -34.32
C GLN Q 45 -61.92 46.07 -35.07
N PRO Q 46 -61.48 47.16 -34.44
CA PRO Q 46 -60.78 48.21 -35.19
C PRO Q 46 -59.45 47.73 -35.75
N ILE Q 47 -59.03 48.40 -36.81
CA ILE Q 47 -57.81 48.04 -37.54
C ILE Q 47 -57.07 49.30 -38.00
N PRO Q 48 -55.73 49.32 -37.94
CA PRO Q 48 -55.00 50.44 -38.52
C PRO Q 48 -54.67 50.21 -39.99
N ALA Q 49 -54.45 51.33 -40.67
CA ALA Q 49 -53.92 51.42 -42.00
C ALA Q 49 -52.51 51.99 -41.86
N GLN Q 50 -51.90 52.33 -42.99
CA GLN Q 50 -50.67 53.12 -42.95
C GLN Q 50 -49.46 52.40 -42.37
N THR Q 51 -49.66 51.22 -41.81
CA THR Q 51 -48.55 50.36 -41.40
C THR Q 51 -48.31 49.22 -42.35
N LEU Q 52 -49.30 48.92 -43.19
CA LEU Q 52 -49.32 47.71 -43.99
C LEU Q 52 -48.61 47.95 -45.32
N GLU Q 53 -48.09 46.86 -45.89
CA GLU Q 53 -47.50 46.90 -47.22
C GLU Q 53 -48.05 45.80 -48.12
N ASP Q 54 -48.99 44.98 -47.64
CA ASP Q 54 -49.50 43.87 -48.42
C ASP Q 54 -50.71 43.28 -47.69
N ILE Q 55 -51.63 42.65 -48.43
CA ILE Q 55 -52.83 42.07 -47.87
C ILE Q 55 -53.09 40.66 -48.41
N VAL Q 56 -53.77 39.83 -47.60
CA VAL Q 56 -54.08 38.45 -47.97
C VAL Q 56 -55.51 38.10 -47.61
N LEU Q 57 -56.28 37.61 -48.58
CA LEU Q 57 -57.64 37.12 -48.38
C LEU Q 57 -57.69 35.63 -48.76
N LEU Q 58 -58.18 34.81 -47.82
CA LEU Q 58 -58.18 33.36 -47.97
C LEU Q 58 -59.54 32.82 -48.38
N GLY Q 59 -60.58 33.17 -47.64
CA GLY Q 59 -61.91 32.74 -48.02
C GLY Q 59 -62.35 33.62 -49.16
N TYR Q 60 -63.64 33.96 -49.20
CA TYR Q 60 -64.20 34.87 -50.19
C TYR Q 60 -64.99 35.95 -49.46
N PRO Q 61 -64.31 36.73 -48.62
CA PRO Q 61 -65.03 37.73 -47.81
C PRO Q 61 -65.51 38.93 -48.60
N SER Q 62 -66.51 39.59 -48.03
CA SER Q 62 -67.09 40.78 -48.64
C SER Q 62 -66.26 42.01 -48.31
N ILE Q 63 -66.22 42.94 -49.26
CA ILE Q 63 -65.47 44.18 -49.10
C ILE Q 63 -66.26 45.34 -49.67
N THR Q 64 -66.16 46.48 -48.99
CA THR Q 64 -66.64 47.73 -49.56
C THR Q 64 -65.67 48.18 -50.65
N GLY Q 65 -66.18 48.48 -51.84
CA GLY Q 65 -65.33 49.08 -52.84
C GLY Q 65 -64.74 50.39 -52.35
N GLU Q 66 -65.49 51.10 -51.52
CA GLU Q 66 -65.02 52.34 -50.90
C GLU Q 66 -63.74 52.17 -50.11
N ALA Q 67 -63.41 50.94 -49.71
CA ALA Q 67 -62.19 50.71 -48.93
C ALA Q 67 -60.96 50.58 -49.81
N LEU Q 68 -61.08 49.87 -50.94
CA LEU Q 68 -59.94 49.67 -51.82
C LEU Q 68 -59.39 51.00 -52.32
N GLY Q 69 -60.25 51.87 -52.79
CA GLY Q 69 -59.82 53.18 -53.24
C GLY Q 69 -59.00 53.92 -52.19
N TYR Q 70 -59.11 53.52 -50.93
CA TYR Q 70 -58.21 54.02 -49.90
C TYR Q 70 -56.96 53.15 -49.78
N ALA Q 71 -57.07 51.85 -50.06
CA ALA Q 71 -55.91 50.98 -49.97
C ALA Q 71 -54.94 51.22 -51.13
N LEU Q 72 -55.47 51.50 -52.31
CA LEU Q 72 -54.65 51.66 -53.49
C LEU Q 72 -54.13 53.09 -53.64
N GLU Q 73 -54.64 54.02 -52.84
CA GLU Q 73 -54.02 55.32 -52.63
C GLU Q 73 -52.83 55.24 -51.68
N LEU Q 74 -52.48 54.05 -51.20
CA LEU Q 74 -51.48 53.86 -50.18
C LEU Q 74 -50.39 52.87 -50.59
N GLY Q 75 -50.57 52.18 -51.71
CA GLY Q 75 -49.61 51.20 -52.18
C GLY Q 75 -49.93 49.84 -51.63
N LEU Q 76 -51.21 49.51 -51.53
CA LEU Q 76 -51.63 48.25 -50.91
C LEU Q 76 -52.22 47.29 -51.93
N PRO Q 77 -51.47 46.28 -52.36
CA PRO Q 77 -52.07 45.25 -53.21
C PRO Q 77 -53.08 44.44 -52.42
N VAL Q 78 -54.04 43.88 -53.13
CA VAL Q 78 -55.06 43.02 -52.51
C VAL Q 78 -55.00 41.67 -53.22
N HIS Q 79 -54.79 40.62 -52.44
CA HIS Q 79 -54.59 39.28 -52.95
C HIS Q 79 -55.74 38.40 -52.50
N TYR Q 80 -56.14 37.49 -53.39
CA TYR Q 80 -57.30 36.62 -53.16
C TYR Q 80 -56.84 35.17 -53.22
N LEU Q 81 -57.29 34.37 -52.26
CA LEU Q 81 -56.92 32.97 -52.20
C LEU Q 81 -58.15 32.14 -51.86
N THR Q 82 -57.93 30.83 -51.72
CA THR Q 82 -58.94 29.87 -51.34
C THR Q 82 -58.60 29.24 -50.00
N GLN Q 83 -59.62 28.68 -49.35
CA GLN Q 83 -59.39 27.92 -48.13
C GLN Q 83 -58.25 26.92 -48.32
N PHE Q 84 -58.10 26.41 -49.54
CA PHE Q 84 -57.02 25.50 -49.88
C PHE Q 84 -55.71 26.22 -50.12
N GLY Q 85 -55.77 27.50 -50.46
CA GLY Q 85 -54.59 28.30 -50.72
C GLY Q 85 -54.32 28.55 -52.19
N LYS Q 86 -55.17 28.08 -53.07
CA LYS Q 86 -54.96 28.26 -54.50
C LYS Q 86 -55.10 29.73 -54.89
N TYR Q 87 -54.18 30.20 -55.72
CA TYR Q 87 -54.19 31.59 -56.15
C TYR Q 87 -55.16 31.75 -57.31
N VAL Q 88 -55.94 32.84 -57.26
CA VAL Q 88 -56.93 33.15 -58.28
C VAL Q 88 -56.61 34.45 -58.99
N GLY Q 89 -56.23 35.48 -58.25
CA GLY Q 89 -55.96 36.77 -58.82
C GLY Q 89 -55.67 37.77 -57.73
N SER Q 90 -55.26 38.96 -58.17
CA SER Q 90 -54.95 40.04 -57.24
C SER Q 90 -55.24 41.38 -57.89
N ALA Q 91 -55.61 42.34 -57.06
CA ALA Q 91 -55.94 43.71 -57.49
C ALA Q 91 -54.79 44.60 -57.05
N LEU Q 92 -54.16 45.28 -58.01
CA LEU Q 92 -52.93 46.00 -57.76
C LEU Q 92 -53.13 47.52 -57.86
N PRO Q 93 -52.27 48.28 -57.17
CA PRO Q 93 -52.40 49.75 -57.19
C PRO Q 93 -51.87 50.36 -58.48
N SER Q 94 -51.74 51.68 -58.52
CA SER Q 94 -51.28 52.35 -59.72
C SER Q 94 -50.02 51.71 -60.30
N GLU Q 95 -50.01 51.57 -61.62
CA GLU Q 95 -49.01 50.78 -62.34
C GLU Q 95 -47.82 51.65 -62.73
N SER Q 96 -46.62 51.09 -62.58
CA SER Q 96 -45.42 51.79 -63.01
C SER Q 96 -45.56 52.19 -64.47
N ARG Q 97 -44.90 53.30 -64.82
CA ARG Q 97 -45.00 53.89 -66.16
C ARG Q 97 -43.68 53.80 -66.93
N ASN Q 98 -42.91 52.74 -66.71
CA ASN Q 98 -41.62 52.56 -67.39
C ASN Q 98 -41.87 51.64 -68.59
N GLY Q 99 -42.29 52.27 -69.70
CA GLY Q 99 -42.50 51.52 -70.92
C GLY Q 99 -41.22 51.00 -71.54
N GLN Q 100 -40.22 51.87 -71.67
CA GLN Q 100 -38.93 51.44 -72.23
C GLN Q 100 -38.46 50.14 -71.61
N LEU Q 101 -38.73 49.94 -70.33
CA LEU Q 101 -38.37 48.70 -69.66
C LEU Q 101 -39.05 47.50 -70.31
N ARG Q 102 -40.38 47.50 -70.34
CA ARG Q 102 -41.15 46.35 -70.80
C ARG Q 102 -40.83 45.95 -72.23
N LEU Q 103 -40.27 46.85 -73.04
CA LEU Q 103 -39.87 46.45 -74.39
C LEU Q 103 -38.71 45.45 -74.34
N ALA Q 104 -37.64 45.77 -73.61
CA ALA Q 104 -36.54 44.82 -73.48
C ALA Q 104 -37.03 43.49 -72.93
N GLN Q 105 -37.94 43.54 -71.94
CA GLN Q 105 -38.63 42.34 -71.49
C GLN Q 105 -39.19 41.57 -72.68
N PHE Q 106 -39.59 42.27 -73.74
CA PHE Q 106 -40.06 41.67 -74.97
C PHE Q 106 -38.94 41.52 -76.01
N ARG Q 107 -38.19 42.60 -76.28
CA ARG Q 107 -37.06 42.50 -77.20
C ARG Q 107 -36.17 41.30 -76.87
N ALA Q 108 -36.15 40.89 -75.60
CA ALA Q 108 -35.38 39.73 -75.18
C ALA Q 108 -36.13 38.42 -75.33
N HIS Q 109 -37.47 38.44 -75.28
CA HIS Q 109 -38.22 37.19 -75.40
C HIS Q 109 -38.16 36.61 -76.81
N GLU Q 110 -38.01 37.45 -77.84
CA GLU Q 110 -37.96 36.98 -79.21
C GLU Q 110 -36.53 36.75 -79.69
N ASP Q 111 -35.53 37.11 -78.90
CA ASP Q 111 -34.15 36.72 -79.17
C ASP Q 111 -33.82 35.54 -78.27
N PRO Q 112 -34.00 34.30 -78.72
CA PRO Q 112 -33.86 33.16 -77.77
C PRO Q 112 -32.50 33.10 -77.14
N ILE Q 113 -31.46 33.58 -77.82
CA ILE Q 113 -30.12 33.60 -77.25
C ILE Q 113 -30.08 34.46 -75.99
N GLN Q 114 -30.79 35.59 -76.02
CA GLN Q 114 -30.91 36.40 -74.82
C GLN Q 114 -31.81 35.72 -73.80
N ARG Q 115 -32.97 35.25 -74.26
CA ARG Q 115 -33.83 34.42 -73.41
C ARG Q 115 -33.06 33.25 -72.83
N LEU Q 116 -32.17 32.66 -73.64
CA LEU Q 116 -31.43 31.48 -73.20
C LEU Q 116 -30.45 31.78 -72.08
N ASP Q 117 -29.54 32.74 -72.30
CA ASP Q 117 -28.54 33.06 -71.30
C ASP Q 117 -29.14 33.42 -69.95
N ILE Q 118 -30.44 33.65 -69.89
CA ILE Q 118 -31.13 33.95 -68.64
C ILE Q 118 -31.66 32.69 -67.97
N VAL Q 119 -32.41 31.88 -68.71
CA VAL Q 119 -33.05 30.71 -68.12
C VAL Q 119 -32.01 29.84 -67.43
N LYS Q 120 -30.80 29.78 -67.99
CA LYS Q 120 -29.73 29.06 -67.33
C LYS Q 120 -29.51 29.57 -65.90
N ALA Q 121 -29.82 30.84 -65.64
CA ALA Q 121 -29.61 31.41 -64.32
C ALA Q 121 -30.70 31.01 -63.32
N PHE Q 122 -31.97 31.15 -63.72
CA PHE Q 122 -33.05 30.77 -62.81
C PHE Q 122 -32.85 29.36 -62.29
N VAL Q 123 -32.47 28.45 -63.18
CA VAL Q 123 -32.29 27.05 -62.81
C VAL Q 123 -31.00 26.88 -62.03
N LYS Q 124 -29.89 27.41 -62.54
CA LYS Q 124 -28.67 27.47 -61.75
C LYS Q 124 -28.93 28.07 -60.38
N GLY Q 125 -29.78 29.10 -60.34
CA GLY Q 125 -30.17 29.74 -59.09
C GLY Q 125 -31.21 29.00 -58.29
N LYS Q 126 -31.79 27.95 -58.87
CA LYS Q 126 -32.79 27.13 -58.22
C LYS Q 126 -32.22 25.85 -57.64
N VAL Q 127 -31.43 25.11 -58.43
CA VAL Q 127 -30.98 23.79 -58.03
C VAL Q 127 -29.90 23.87 -56.96
N HIS Q 128 -28.95 24.81 -57.11
CA HIS Q 128 -27.94 24.98 -56.07
C HIS Q 128 -28.58 25.20 -54.71
N ASN Q 129 -29.71 25.91 -54.69
CA ASN Q 129 -30.45 26.06 -53.44
C ASN Q 129 -31.01 24.73 -52.96
N GLN Q 130 -31.34 23.82 -53.88
CA GLN Q 130 -31.84 22.50 -53.49
C GLN Q 130 -30.71 21.62 -52.97
N TYR Q 131 -29.66 21.43 -53.78
CA TYR Q 131 -28.53 20.66 -53.31
C TYR Q 131 -27.99 21.23 -52.00
N ASN Q 132 -27.90 22.54 -51.92
CA ASN Q 132 -27.52 23.19 -50.67
C ASN Q 132 -28.60 23.08 -49.61
N LEU Q 133 -29.83 22.71 -50.00
CA LEU Q 133 -30.88 22.45 -49.02
C LEU Q 133 -30.79 21.06 -48.42
N LEU Q 134 -30.65 20.04 -49.25
CA LEU Q 134 -30.59 18.68 -48.74
C LEU Q 134 -29.38 18.48 -47.84
N TYR Q 135 -28.28 19.18 -48.13
CA TYR Q 135 -27.16 19.24 -47.19
C TYR Q 135 -27.53 20.09 -45.98
N ARG Q 136 -28.39 21.09 -46.21
CA ARG Q 136 -28.97 21.90 -45.13
C ARG Q 136 -29.81 21.03 -44.20
N ARG Q 137 -30.63 20.16 -44.77
CA ARG Q 137 -31.45 19.24 -44.00
C ARG Q 137 -30.65 18.03 -43.51
N GLY Q 138 -29.54 17.73 -44.17
CA GLY Q 138 -28.70 16.59 -43.85
C GLY Q 138 -29.01 15.46 -44.79
N GLN Q 139 -28.34 15.45 -45.93
CA GLN Q 139 -28.53 14.44 -46.96
C GLN Q 139 -27.62 14.84 -48.12
N VAL Q 140 -27.47 13.92 -49.08
CA VAL Q 140 -26.60 14.17 -50.21
C VAL Q 140 -27.15 13.44 -51.43
N PRO Q 143 -26.51 14.06 -55.62
CA PRO Q 143 -27.19 13.76 -56.89
C PRO Q 143 -27.36 15.01 -57.75
N LEU Q 144 -27.46 16.18 -57.11
CA LEU Q 144 -27.60 17.45 -57.81
C LEU Q 144 -26.30 18.22 -57.88
N LYS Q 145 -25.23 17.71 -57.25
CA LYS Q 145 -23.93 18.38 -57.33
C LYS Q 145 -23.52 18.58 -58.79
N GLY Q 146 -23.60 17.53 -59.60
CA GLY Q 146 -23.30 17.65 -61.01
C GLY Q 146 -24.45 18.18 -61.85
N ARG Q 147 -25.69 17.91 -61.44
CA ARG Q 147 -26.88 18.33 -62.18
C ARG Q 147 -27.11 19.82 -62.16
N GLY Q 148 -26.18 20.61 -61.63
CA GLY Q 148 -26.30 22.05 -61.76
C GLY Q 148 -25.34 22.54 -62.82
N LYS Q 149 -24.23 21.84 -62.99
CA LYS Q 149 -23.24 22.25 -63.98
C LYS Q 149 -23.54 21.67 -65.35
N LEU Q 150 -24.35 20.61 -65.41
CA LEU Q 150 -24.90 20.12 -66.67
C LEU Q 150 -26.06 21.01 -67.08
N VAL Q 151 -25.86 22.32 -67.04
CA VAL Q 151 -26.87 23.30 -67.41
C VAL Q 151 -26.19 24.26 -68.36
N MET Q 152 -25.06 24.82 -67.91
CA MET Q 152 -24.22 25.64 -68.79
C MET Q 152 -23.76 24.83 -69.99
N ARG Q 153 -23.70 23.49 -69.86
CA ARG Q 153 -23.38 22.61 -70.97
C ARG Q 153 -24.60 22.30 -71.83
N GLN Q 154 -25.63 23.14 -71.83
CA GLN Q 154 -26.76 22.94 -72.71
C GLN Q 154 -26.80 24.07 -73.72
N GLN Q 155 -27.56 23.86 -74.79
CA GLN Q 155 -27.51 24.76 -75.92
C GLN Q 155 -28.88 25.13 -76.47
N THR Q 156 -29.96 24.73 -75.83
CA THR Q 156 -31.28 25.16 -76.24
C THR Q 156 -32.19 25.10 -75.02
N LEU Q 157 -33.44 25.50 -75.22
CA LEU Q 157 -34.42 25.50 -74.16
C LEU Q 157 -35.10 24.13 -74.00
N GLU Q 158 -35.60 23.56 -75.10
CA GLU Q 158 -36.29 22.27 -75.01
C GLU Q 158 -35.41 21.23 -74.32
N GLN Q 159 -34.10 21.28 -74.57
CA GLN Q 159 -33.18 20.43 -73.83
C GLN Q 159 -33.25 20.70 -72.33
N VAL Q 160 -33.56 21.94 -71.95
CA VAL Q 160 -33.46 22.38 -70.57
C VAL Q 160 -34.78 22.22 -69.83
N ARG Q 161 -35.89 22.65 -70.43
CA ARG Q 161 -37.16 22.61 -69.71
C ARG Q 161 -37.46 21.19 -69.21
N GLY Q 162 -37.05 20.18 -69.97
CA GLY Q 162 -37.11 18.82 -69.46
C GLY Q 162 -36.19 18.57 -68.29
N ILE Q 163 -35.13 19.37 -68.15
CA ILE Q 163 -34.14 19.13 -67.10
C ILE Q 163 -34.74 19.45 -65.73
N GLU Q 164 -35.39 20.60 -65.61
CA GLU Q 164 -36.02 20.98 -64.35
C GLU Q 164 -37.00 19.90 -63.87
N GLY Q 165 -37.79 19.35 -64.79
CA GLY Q 165 -38.72 18.30 -64.40
C GLY Q 165 -38.03 17.08 -63.82
N LEU Q 166 -36.84 16.74 -64.32
CA LEU Q 166 -36.09 15.62 -63.76
C LEU Q 166 -35.62 15.96 -62.34
N ALA Q 167 -34.88 17.06 -62.19
CA ALA Q 167 -34.40 17.43 -60.87
C ALA Q 167 -35.57 17.59 -59.90
N ALA Q 168 -36.71 18.09 -60.39
CA ALA Q 168 -37.89 18.21 -59.54
C ALA Q 168 -38.35 16.82 -59.08
N ARG Q 169 -38.49 15.88 -60.02
CA ARG Q 169 -38.81 14.51 -59.63
C ARG Q 169 -37.72 13.91 -58.77
N GLU Q 170 -36.46 14.24 -59.08
CA GLU Q 170 -35.35 13.87 -58.20
C GLU Q 170 -35.42 14.61 -56.87
N TYR Q 171 -36.05 15.79 -56.87
CA TYR Q 171 -36.15 16.60 -55.67
C TYR Q 171 -37.27 16.12 -54.77
N PHE Q 172 -38.39 15.67 -55.34
CA PHE Q 172 -39.51 15.23 -54.53
C PHE Q 172 -39.41 13.77 -54.11
N ALA Q 173 -38.80 12.92 -54.93
CA ALA Q 173 -38.64 11.51 -54.57
C ALA Q 173 -37.59 11.29 -53.49
N SER Q 174 -36.75 12.28 -53.22
CA SER Q 174 -35.72 12.19 -52.20
C SER Q 174 -36.17 12.68 -50.83
N TRP Q 175 -37.48 12.74 -50.58
CA TRP Q 175 -37.97 13.37 -49.35
C TRP Q 175 -38.29 12.38 -48.23
N GLN Q 176 -39.02 11.30 -48.51
CA GLN Q 176 -39.36 10.35 -47.45
C GLN Q 176 -38.15 10.03 -46.57
N GLU Q 177 -36.97 9.90 -47.18
CA GLU Q 177 -35.78 9.66 -46.37
C GLU Q 177 -35.57 10.75 -45.34
N MET Q 178 -35.98 11.99 -45.63
CA MET Q 178 -35.81 13.09 -44.69
C MET Q 178 -37.02 13.29 -43.77
N LEU Q 179 -38.21 12.84 -44.18
CA LEU Q 179 -39.40 13.06 -43.35
C LEU Q 179 -39.51 12.04 -42.23
N GLY Q 180 -39.56 10.76 -42.59
CA GLY Q 180 -39.83 9.70 -41.64
C GLY Q 180 -40.95 8.82 -42.14
N HIS Q 181 -41.64 8.16 -41.21
CA HIS Q 181 -42.66 7.19 -41.55
C HIS Q 181 -44.08 7.72 -41.42
N GLU Q 182 -44.28 8.83 -40.69
CA GLU Q 182 -45.63 9.32 -40.47
C GLU Q 182 -46.29 9.73 -41.77
N TRP Q 183 -45.52 10.25 -42.73
CA TRP Q 183 -46.06 10.66 -44.01
C TRP Q 183 -45.43 9.86 -45.13
N THR Q 184 -46.08 9.90 -46.28
CA THR Q 184 -45.64 9.18 -47.47
C THR Q 184 -45.72 10.10 -48.67
N PHE Q 185 -44.73 10.02 -49.54
CA PHE Q 185 -44.74 10.79 -50.79
C PHE Q 185 -44.23 9.87 -51.88
N THR Q 186 -45.13 9.51 -52.80
CA THR Q 186 -44.83 8.74 -53.99
C THR Q 186 -44.91 9.59 -55.25
N GLY Q 187 -45.87 10.52 -55.29
CA GLY Q 187 -46.09 11.37 -56.44
C GLY Q 187 -46.82 12.60 -55.97
N ARG Q 188 -47.06 13.51 -56.92
CA ARG Q 188 -47.65 14.79 -56.60
C ARG Q 188 -48.25 15.39 -57.86
N PHE Q 189 -49.48 15.88 -57.72
CA PHE Q 189 -50.28 16.45 -58.80
C PHE Q 189 -50.42 17.93 -58.50
N ARG Q 190 -50.07 18.78 -59.47
CA ARG Q 190 -50.02 20.20 -59.16
C ARG Q 190 -51.35 20.73 -58.65
N ARG Q 191 -52.36 20.81 -59.51
CA ARG Q 191 -53.66 21.31 -59.07
C ARG Q 191 -54.36 20.39 -58.08
N PRO Q 192 -54.51 19.08 -58.31
CA PRO Q 192 -55.29 18.25 -57.37
C PRO Q 192 -54.51 17.97 -56.10
N PRO Q 193 -55.18 18.01 -54.93
CA PRO Q 193 -54.51 17.63 -53.65
C PRO Q 193 -54.72 16.17 -53.27
N THR Q 194 -54.11 15.25 -54.03
CA THR Q 194 -54.28 13.84 -53.67
C THR Q 194 -53.49 13.48 -52.42
N ASP Q 195 -52.41 14.21 -52.14
CA ASP Q 195 -51.60 14.08 -50.93
C ASP Q 195 -51.68 15.34 -50.09
N PRO Q 196 -51.59 15.23 -48.76
CA PRO Q 196 -51.64 16.47 -47.94
C PRO Q 196 -50.58 17.47 -48.37
N VAL Q 197 -49.32 17.04 -48.46
CA VAL Q 197 -48.25 17.93 -48.89
C VAL Q 197 -48.58 18.51 -50.25
N ASN Q 198 -49.05 17.66 -51.17
CA ASN Q 198 -49.51 18.11 -52.48
C ASN Q 198 -50.47 19.28 -52.35
N ALA Q 199 -51.25 19.34 -51.27
CA ALA Q 199 -52.11 20.50 -51.04
C ALA Q 199 -51.30 21.71 -50.55
N LEU Q 200 -50.29 21.47 -49.70
CA LEU Q 200 -49.49 22.55 -49.16
C LEU Q 200 -48.71 23.28 -50.24
N LEU Q 201 -48.28 22.56 -51.27
CA LEU Q 201 -47.54 23.18 -52.35
C LEU Q 201 -48.45 24.13 -53.13
N SER Q 202 -49.62 23.64 -53.56
CA SER Q 202 -50.64 24.52 -54.11
C SER Q 202 -50.99 25.65 -53.15
N PHE Q 203 -50.85 25.41 -51.84
CA PHE Q 203 -51.09 26.46 -50.85
C PHE Q 203 -49.94 27.46 -50.82
N GLY Q 204 -48.73 26.98 -50.54
CA GLY Q 204 -47.60 27.88 -50.44
C GLY Q 204 -47.22 28.48 -51.79
N TYR Q 205 -47.09 27.64 -52.82
CA TYR Q 205 -46.79 28.15 -54.15
C TYR Q 205 -47.86 29.13 -54.62
N GLY Q 206 -49.10 28.98 -54.16
CA GLY Q 206 -50.15 29.89 -54.57
C GLY Q 206 -50.12 31.21 -53.82
N LEU Q 207 -50.03 31.14 -52.49
CA LEU Q 207 -49.88 32.35 -51.71
C LEU Q 207 -48.48 32.91 -51.79
N LEU Q 208 -47.55 32.20 -52.43
CA LEU Q 208 -46.23 32.77 -52.67
C LEU Q 208 -46.29 33.80 -53.79
N ARG Q 209 -47.14 33.56 -54.78
CA ARG Q 209 -47.39 34.54 -55.83
C ARG Q 209 -47.76 35.90 -55.26
N THR Q 210 -48.33 35.94 -54.05
CA THR Q 210 -48.83 37.20 -53.50
C THR Q 210 -47.70 38.21 -53.36
N GLN Q 211 -46.59 37.82 -52.73
CA GLN Q 211 -45.47 38.73 -52.56
C GLN Q 211 -44.73 38.92 -53.88
N VAL Q 212 -44.80 37.94 -54.77
CA VAL Q 212 -44.14 38.02 -56.06
C VAL Q 212 -44.93 38.85 -57.05
N THR Q 213 -46.25 38.59 -57.15
CA THR Q 213 -47.10 39.32 -58.07
C THR Q 213 -47.02 40.83 -57.87
N ALA Q 214 -46.56 41.29 -56.70
CA ALA Q 214 -46.41 42.71 -56.42
C ALA Q 214 -45.05 43.26 -56.85
N ALA Q 215 -43.97 42.54 -56.55
CA ALA Q 215 -42.63 43.05 -56.87
C ALA Q 215 -42.53 43.42 -58.34
N VAL Q 216 -43.17 42.65 -59.22
CA VAL Q 216 -43.19 42.99 -60.63
C VAL Q 216 -43.94 44.31 -60.84
N HIS Q 217 -45.09 44.44 -60.17
CA HIS Q 217 -45.83 45.70 -60.23
C HIS Q 217 -45.01 46.83 -59.64
N ILE Q 218 -44.06 46.52 -58.77
CA ILE Q 218 -43.15 47.51 -58.21
C ILE Q 218 -42.06 47.87 -59.22
N ALA Q 219 -41.48 46.86 -59.86
CA ALA Q 219 -40.45 47.07 -60.87
C ALA Q 219 -41.03 47.52 -62.22
N GLY Q 220 -42.34 47.56 -62.37
CA GLY Q 220 -42.94 47.90 -63.64
C GLY Q 220 -42.93 46.79 -64.66
N LEU Q 221 -42.68 45.56 -64.25
CA LEU Q 221 -42.60 44.44 -65.17
C LEU Q 221 -43.98 44.01 -65.63
N ASP Q 222 -44.04 43.43 -66.83
CA ASP Q 222 -45.24 42.78 -67.31
C ASP Q 222 -45.19 41.31 -66.91
N PRO Q 223 -45.98 40.87 -65.93
CA PRO Q 223 -45.88 39.45 -65.52
C PRO Q 223 -46.21 38.48 -66.63
N TYR Q 224 -47.03 38.89 -67.60
CA TYR Q 224 -47.51 37.99 -68.63
C TYR Q 224 -46.44 37.65 -69.67
N ILE Q 225 -45.24 38.20 -69.56
CA ILE Q 225 -44.12 37.88 -70.44
C ILE Q 225 -43.01 37.25 -69.62
N GLY Q 226 -42.69 35.99 -69.90
CA GLY Q 226 -41.61 35.31 -69.22
C GLY Q 226 -40.55 34.83 -70.18
N PHE Q 227 -39.56 34.15 -69.62
CA PHE Q 227 -38.41 33.64 -70.36
C PHE Q 227 -38.27 32.13 -70.31
N LEU Q 228 -38.71 31.51 -69.21
CA LEU Q 228 -38.74 30.06 -69.08
C LEU Q 228 -40.11 29.54 -69.50
N HIS Q 229 -41.17 29.96 -68.82
CA HIS Q 229 -42.52 29.57 -69.18
C HIS Q 229 -42.95 30.41 -70.38
N GLU Q 230 -43.02 29.81 -71.57
CA GLU Q 230 -43.54 30.58 -72.68
C GLU Q 230 -44.95 31.04 -72.30
N THR Q 231 -45.22 32.33 -72.46
CA THR Q 231 -46.45 32.91 -71.94
C THR Q 231 -47.66 32.56 -72.79
N THR Q 232 -47.53 31.57 -73.68
CA THR Q 232 -48.64 31.10 -74.50
C THR Q 232 -49.49 30.09 -73.73
N ARG Q 233 -49.89 30.44 -72.50
CA ARG Q 233 -50.84 29.66 -71.73
C ARG Q 233 -51.78 30.56 -70.94
N GLY Q 234 -51.76 31.86 -71.20
CA GLY Q 234 -52.51 32.81 -70.40
C GLY Q 234 -52.11 32.84 -68.95
N GLN Q 235 -50.87 32.45 -68.65
CA GLN Q 235 -50.32 32.48 -67.29
C GLN Q 235 -49.14 33.44 -67.22
N PRO Q 236 -49.05 34.28 -66.20
CA PRO Q 236 -47.91 35.21 -66.13
C PRO Q 236 -46.60 34.48 -65.95
N ALA Q 237 -45.78 34.46 -66.99
CA ALA Q 237 -44.56 33.69 -66.96
C ALA Q 237 -43.42 34.46 -66.32
N MET Q 238 -43.43 35.79 -66.43
CA MET Q 238 -42.40 36.57 -65.76
C MET Q 238 -42.38 36.33 -64.26
N ILE Q 239 -43.53 35.99 -63.67
CA ILE Q 239 -43.55 35.61 -62.27
C ILE Q 239 -43.06 34.18 -62.09
N LEU Q 240 -43.73 33.23 -62.74
CA LEU Q 240 -43.43 31.83 -62.51
C LEU Q 240 -42.01 31.49 -62.94
N ASP Q 241 -41.51 32.13 -64.00
CA ASP Q 241 -40.10 31.98 -64.32
C ASP Q 241 -39.24 32.39 -63.13
N LEU Q 242 -39.67 33.44 -62.43
CA LEU Q 242 -38.97 33.94 -61.25
C LEU Q 242 -39.37 33.18 -59.99
N MET Q 243 -40.66 32.86 -59.84
CA MET Q 243 -41.14 32.25 -58.61
C MET Q 243 -40.36 30.98 -58.26
N GLU Q 244 -39.73 30.35 -59.24
CA GLU Q 244 -38.99 29.12 -58.99
C GLU Q 244 -37.84 29.35 -58.02
N GLU Q 245 -37.14 30.48 -58.16
CA GLU Q 245 -35.98 30.73 -57.31
C GLU Q 245 -36.34 30.76 -55.83
N PHE Q 246 -37.61 31.01 -55.51
CA PHE Q 246 -38.07 31.07 -54.13
C PHE Q 246 -39.03 29.95 -53.77
N ARG Q 247 -39.64 29.32 -54.77
CA ARG Q 247 -40.54 28.20 -54.52
C ARG Q 247 -39.86 27.14 -53.68
N ALA Q 248 -38.54 26.96 -53.88
CA ALA Q 248 -37.76 25.91 -53.26
C ALA Q 248 -37.18 26.29 -51.90
N LEU Q 249 -37.23 27.57 -51.53
CA LEU Q 249 -36.47 28.07 -50.39
C LEU Q 249 -37.32 28.53 -49.22
N VAL Q 250 -38.54 29.00 -49.47
CA VAL Q 250 -39.40 29.55 -48.44
C VAL Q 250 -40.65 28.70 -48.24
N ALA Q 251 -41.32 28.35 -49.34
CA ALA Q 251 -42.50 27.51 -49.24
C ALA Q 251 -42.14 26.05 -49.00
N ASP Q 252 -41.00 25.59 -49.53
CA ASP Q 252 -40.56 24.23 -49.30
C ASP Q 252 -39.76 24.07 -48.02
N SER Q 253 -39.04 25.12 -47.60
CA SER Q 253 -38.31 25.07 -46.34
C SER Q 253 -39.22 25.31 -45.13
N VAL Q 254 -40.27 26.12 -45.30
CA VAL Q 254 -41.17 26.41 -44.18
C VAL Q 254 -41.86 25.14 -43.71
N VAL Q 255 -42.39 24.36 -44.65
CA VAL Q 255 -43.10 23.13 -44.28
C VAL Q 255 -42.16 22.19 -43.54
N LEU Q 256 -40.94 22.02 -44.04
CA LEU Q 256 -40.03 21.08 -43.41
C LEU Q 256 -39.61 21.52 -42.01
N THR Q 257 -39.74 22.81 -41.67
CA THR Q 257 -39.49 23.27 -40.31
C THR Q 257 -40.73 23.20 -39.44
N VAL Q 258 -41.93 23.18 -40.02
CA VAL Q 258 -43.15 23.12 -39.22
C VAL Q 258 -43.54 21.66 -39.01
N LEU Q 259 -43.12 20.78 -39.90
CA LEU Q 259 -43.32 19.34 -39.69
C LEU Q 259 -42.32 18.82 -38.67
N LYS Q 260 -41.61 19.76 -38.03
CA LYS Q 260 -40.79 19.50 -36.86
C LYS Q 260 -41.60 19.95 -35.64
N GLN Q 261 -42.48 19.06 -35.18
CA GLN Q 261 -43.33 19.19 -34.00
C GLN Q 261 -44.61 20.01 -34.19
N ARG Q 262 -44.88 20.55 -35.38
CA ARG Q 262 -46.02 21.43 -35.58
C ARG Q 262 -46.86 20.88 -36.74
N GLU Q 263 -48.17 20.82 -36.55
CA GLU Q 263 -49.07 20.34 -37.59
C GLU Q 263 -48.51 19.05 -38.20
N ILE Q 264 -48.62 17.97 -37.42
CA ILE Q 264 -48.07 16.68 -37.81
C ILE Q 264 -49.17 15.75 -38.31
N GLN Q 265 -50.29 15.74 -37.62
CA GLN Q 265 -51.47 14.96 -37.95
C GLN Q 265 -52.56 15.55 -37.06
N ARG Q 266 -53.69 14.86 -36.94
CA ARG Q 266 -54.84 15.30 -36.16
C ARG Q 266 -55.56 16.39 -36.93
N GLN Q 267 -54.95 16.92 -37.98
CA GLN Q 267 -55.41 18.01 -38.84
C GLN Q 267 -55.60 17.44 -40.23
N ASP Q 268 -55.74 18.33 -41.22
CA ASP Q 268 -55.78 17.93 -42.62
C ASP Q 268 -56.95 16.97 -42.86
N PHE Q 269 -58.16 17.51 -42.72
CA PHE Q 269 -59.35 16.71 -42.89
C PHE Q 269 -59.38 16.13 -44.30
N THR Q 270 -59.81 14.87 -44.40
CA THR Q 270 -59.84 14.13 -45.66
C THR Q 270 -61.13 14.30 -46.45
N GLU Q 271 -62.09 15.11 -45.98
CA GLU Q 271 -63.39 15.18 -46.64
C GLU Q 271 -63.22 15.51 -48.12
N SER Q 272 -64.28 15.25 -48.89
CA SER Q 272 -64.26 15.42 -50.35
C SER Q 272 -63.15 14.57 -50.97
N LEU Q 273 -63.36 13.26 -50.91
CA LEU Q 273 -62.35 12.27 -51.30
C LEU Q 273 -61.55 12.77 -52.50
N GLY Q 274 -60.22 12.75 -52.34
CA GLY Q 274 -59.35 13.48 -53.24
C GLY Q 274 -59.10 14.91 -52.84
N ALA Q 275 -59.57 15.33 -51.67
CA ALA Q 275 -59.37 16.69 -51.18
C ALA Q 275 -58.86 16.64 -49.75
N PHE Q 276 -57.77 17.35 -49.49
CA PHE Q 276 -57.17 17.45 -48.16
C PHE Q 276 -57.09 18.93 -47.77
N ARG Q 277 -58.19 19.47 -47.25
CA ARG Q 277 -58.19 20.82 -46.73
C ARG Q 277 -57.67 20.79 -45.29
N LEU Q 278 -57.36 21.95 -44.75
CA LEU Q 278 -56.91 22.07 -43.37
C LEU Q 278 -58.07 22.42 -42.44
N THR Q 279 -57.80 22.27 -41.15
CA THR Q 279 -58.72 22.76 -40.12
C THR Q 279 -58.40 24.22 -39.79
N ASP Q 280 -59.42 24.97 -39.42
CA ASP Q 280 -59.18 26.31 -38.89
C ASP Q 280 -58.38 26.16 -37.60
N SER Q 281 -57.62 27.20 -37.27
CA SER Q 281 -56.70 27.28 -36.14
C SER Q 281 -55.42 26.51 -36.46
N ALA Q 282 -55.40 25.68 -37.50
CA ALA Q 282 -54.19 25.14 -38.10
C ALA Q 282 -53.76 25.96 -39.31
N THR Q 283 -54.73 26.37 -40.12
CA THR Q 283 -54.45 27.35 -41.17
C THR Q 283 -53.85 28.61 -40.57
N LYS Q 284 -54.36 29.02 -39.41
CA LYS Q 284 -53.89 30.22 -38.74
C LYS Q 284 -52.49 30.03 -38.15
N THR Q 285 -52.11 28.79 -37.85
CA THR Q 285 -50.75 28.52 -37.39
C THR Q 285 -49.79 28.41 -38.56
N PHE Q 286 -50.24 27.85 -39.69
CA PHE Q 286 -49.39 27.76 -40.87
C PHE Q 286 -48.85 29.11 -41.27
N LEU Q 287 -49.72 30.13 -41.24
CA LEU Q 287 -49.32 31.46 -41.74
C LEU Q 287 -48.28 32.08 -40.83
N GLY Q 288 -48.34 31.78 -39.53
CA GLY Q 288 -47.33 32.27 -38.62
C GLY Q 288 -45.93 31.94 -39.08
N ALA Q 289 -45.74 30.73 -39.62
CA ALA Q 289 -44.42 30.34 -40.12
C ALA Q 289 -44.05 31.08 -41.40
N PHE Q 290 -45.02 31.50 -42.20
CA PHE Q 290 -44.67 32.22 -43.43
C PHE Q 290 -43.99 33.53 -43.06
N ASP Q 291 -44.54 34.24 -42.06
CA ASP Q 291 -43.88 35.44 -41.55
C ASP Q 291 -42.60 35.11 -40.80
N ARG Q 292 -42.48 33.91 -40.22
CA ARG Q 292 -41.20 33.54 -39.62
C ARG Q 292 -40.07 33.67 -40.64
N LYS Q 293 -40.26 33.07 -41.82
CA LYS Q 293 -39.27 33.24 -42.87
C LYS Q 293 -39.16 34.70 -43.28
N LEU Q 294 -40.29 35.38 -43.41
CA LEU Q 294 -40.29 36.80 -43.76
C LEU Q 294 -39.95 37.68 -42.56
N SER Q 295 -39.57 37.08 -41.43
CA SER Q 295 -39.06 37.78 -40.27
C SER Q 295 -37.63 37.35 -39.98
N SER Q 296 -36.94 36.85 -40.99
CA SER Q 296 -35.61 36.24 -40.83
C SER Q 296 -34.66 36.81 -41.87
N GLU Q 297 -33.70 37.61 -41.40
CA GLU Q 297 -32.69 38.15 -42.30
C GLU Q 297 -31.74 37.05 -42.73
N PHE Q 298 -30.75 37.43 -43.54
CA PHE Q 298 -29.65 36.52 -43.84
C PHE Q 298 -28.46 37.32 -44.38
N LYS Q 299 -27.32 36.64 -44.43
CA LYS Q 299 -26.08 37.27 -44.88
C LYS Q 299 -26.11 37.67 -46.36
N HIS Q 300 -26.75 36.89 -47.23
CA HIS Q 300 -26.70 37.24 -48.65
C HIS Q 300 -25.24 37.20 -49.11
N PRO Q 301 -24.70 36.00 -49.39
CA PRO Q 301 -23.24 35.81 -49.44
C PRO Q 301 -22.42 37.00 -49.92
N ILE Q 302 -22.87 37.67 -50.99
CA ILE Q 302 -22.11 38.83 -51.45
C ILE Q 302 -22.33 40.04 -50.54
N PHE Q 303 -23.50 40.14 -49.90
CA PHE Q 303 -23.78 41.25 -49.01
C PHE Q 303 -23.39 40.95 -47.57
N ASN Q 304 -23.57 39.70 -47.16
CA ASN Q 304 -23.12 39.13 -45.89
C ASN Q 304 -23.88 39.60 -44.64
N TYR Q 305 -24.68 40.68 -44.70
CA TYR Q 305 -25.45 40.98 -43.49
C TYR Q 305 -26.60 41.99 -43.65
N LYS Q 306 -27.79 41.54 -44.08
CA LYS Q 306 -29.01 42.36 -44.15
C LYS Q 306 -30.07 41.68 -45.02
N CYS Q 307 -31.12 42.41 -45.39
CA CYS Q 307 -32.08 42.01 -46.42
C CYS Q 307 -32.94 40.78 -46.10
N THR Q 308 -34.01 41.00 -45.34
CA THR Q 308 -34.99 39.96 -45.10
C THR Q 308 -35.39 39.28 -46.41
N TYR Q 309 -35.98 38.09 -46.31
CA TYR Q 309 -36.46 37.40 -47.51
C TYR Q 309 -37.47 38.24 -48.28
N ARG Q 310 -38.46 38.81 -47.58
CA ARG Q 310 -39.51 39.56 -48.27
C ARG Q 310 -38.94 40.60 -49.23
N ARG Q 311 -37.86 41.28 -48.84
CA ARG Q 311 -37.32 42.34 -49.68
C ARG Q 311 -36.47 41.79 -50.83
N ALA Q 312 -35.70 40.73 -50.58
CA ALA Q 312 -34.85 40.17 -51.63
C ALA Q 312 -35.64 39.97 -52.93
N ILE Q 313 -36.93 39.68 -52.83
CA ILE Q 313 -37.75 39.49 -54.02
C ILE Q 313 -37.92 40.84 -54.73
N GLU Q 314 -38.39 41.84 -54.00
CA GLU Q 314 -38.41 43.20 -54.52
C GLU Q 314 -37.05 43.57 -55.13
N LEU Q 315 -35.97 43.06 -54.54
CA LEU Q 315 -34.63 43.36 -55.04
C LEU Q 315 -34.35 42.67 -56.36
N GLN Q 316 -34.49 41.33 -56.39
CA GLN Q 316 -34.19 40.58 -57.60
C GLN Q 316 -34.90 41.18 -58.81
N ALA Q 317 -36.14 41.63 -58.63
CA ALA Q 317 -36.84 42.33 -59.71
C ALA Q 317 -36.09 43.59 -60.09
N ARG Q 318 -35.79 44.45 -59.11
CA ARG Q 318 -35.00 45.64 -59.40
C ARG Q 318 -33.67 45.24 -60.01
N LEU Q 319 -33.04 44.19 -59.48
CA LEU Q 319 -31.83 43.66 -60.10
C LEU Q 319 -32.08 43.22 -61.53
N LEU Q 320 -33.21 42.56 -61.78
CA LEU Q 320 -33.46 42.02 -63.11
C LEU Q 320 -33.71 43.13 -64.13
N ALA Q 321 -34.53 44.12 -63.78
CA ALA Q 321 -34.75 45.23 -64.68
C ALA Q 321 -33.44 45.85 -65.12
N ARG Q 322 -32.52 46.04 -64.18
CA ARG Q 322 -31.23 46.64 -64.49
C ARG Q 322 -30.40 45.76 -65.40
N HIS Q 323 -30.53 44.44 -65.29
CA HIS Q 323 -29.88 43.55 -66.25
C HIS Q 323 -30.28 43.88 -67.68
N LEU Q 324 -31.48 44.46 -67.86
CA LEU Q 324 -32.05 44.67 -69.18
C LEU Q 324 -31.81 46.08 -69.73
N GLN Q 325 -31.93 47.10 -68.89
CA GLN Q 325 -31.69 48.49 -69.29
C GLN Q 325 -30.29 48.97 -68.94
N GLU Q 326 -29.71 48.50 -67.83
CA GLU Q 326 -28.38 48.93 -67.43
C GLU Q 326 -27.34 47.86 -67.72
N GLY Q 327 -27.76 46.66 -68.09
CA GLY Q 327 -26.83 45.62 -68.51
C GLY Q 327 -26.11 44.88 -67.43
N VAL Q 328 -26.60 44.93 -66.18
CA VAL Q 328 -25.90 44.27 -65.09
C VAL Q 328 -26.09 42.77 -65.24
N VAL Q 329 -25.29 42.00 -64.51
CA VAL Q 329 -25.47 40.56 -64.44
C VAL Q 329 -26.65 40.26 -63.53
N TYR Q 330 -27.29 39.13 -63.75
CA TYR Q 330 -28.34 38.64 -62.86
C TYR Q 330 -27.82 37.37 -62.20
N GLU Q 331 -27.15 37.53 -61.07
CA GLU Q 331 -26.70 36.39 -60.29
C GLU Q 331 -27.82 35.98 -59.36
N PRO Q 332 -28.49 34.85 -59.61
CA PRO Q 332 -29.67 34.52 -58.79
C PRO Q 332 -29.30 34.31 -57.34
N LEU Q 333 -30.30 34.01 -56.51
CA LEU Q 333 -30.10 33.88 -55.07
C LEU Q 333 -29.65 32.46 -54.78
N VAL Q 334 -28.58 32.33 -53.99
CA VAL Q 334 -27.93 31.05 -53.74
C VAL Q 334 -27.71 30.86 -52.25
N ILE Q 335 -27.92 29.63 -51.78
CA ILE Q 335 -27.83 29.29 -50.37
C ILE Q 335 -26.79 28.19 -50.17
N ARG Q 336 -26.24 28.13 -48.95
CA ARG Q 336 -25.48 26.99 -48.48
C ARG Q 336 -25.88 26.64 -47.06
N MET R 12 -71.76 37.47 -76.52
CA MET R 12 -71.11 38.78 -76.50
C MET R 12 -71.80 39.73 -75.52
N SER R 13 -71.28 39.77 -74.29
CA SER R 13 -71.76 40.75 -73.32
C SER R 13 -70.77 40.79 -72.15
N THR R 14 -71.01 41.76 -71.27
CA THR R 14 -70.20 42.03 -70.08
C THR R 14 -71.13 42.73 -69.10
N LEU R 15 -70.70 42.84 -67.85
CA LEU R 15 -71.57 43.33 -66.79
C LEU R 15 -71.13 44.72 -66.34
N TYR R 16 -72.12 45.61 -66.18
CA TYR R 16 -71.93 46.99 -65.82
C TYR R 16 -72.82 47.36 -64.65
N LEU R 17 -72.32 48.26 -63.80
CA LEU R 17 -73.13 48.78 -62.71
C LEU R 17 -72.82 50.26 -62.48
N THR R 18 -73.88 51.06 -62.45
CA THR R 18 -73.81 52.49 -62.19
C THR R 18 -74.33 52.82 -60.81
N GLN R 19 -75.24 52.00 -60.30
CA GLN R 19 -75.99 52.29 -59.10
C GLN R 19 -75.23 51.77 -57.89
N PRO R 20 -74.90 52.61 -56.91
CA PRO R 20 -74.18 52.13 -55.72
C PRO R 20 -75.10 51.47 -54.71
N ASP R 21 -76.30 51.09 -55.13
CA ASP R 21 -77.28 50.44 -54.27
C ASP R 21 -77.55 49.01 -54.69
N ALA R 22 -76.68 48.43 -55.53
CA ALA R 22 -76.86 47.10 -56.09
C ALA R 22 -75.86 46.14 -55.45
N VAL R 23 -76.35 44.99 -55.00
CA VAL R 23 -75.54 43.94 -54.43
C VAL R 23 -75.57 42.72 -55.35
N LEU R 24 -74.42 42.06 -55.49
CA LEU R 24 -74.31 40.84 -56.30
C LEU R 24 -74.16 39.66 -55.37
N SER R 25 -75.05 38.68 -55.53
CA SER R 25 -75.01 37.44 -54.79
C SER R 25 -74.94 36.29 -55.79
N LYS R 26 -74.60 35.10 -55.30
CA LYS R 26 -74.55 33.90 -56.10
C LYS R 26 -75.71 33.00 -55.75
N LYS R 27 -76.36 32.42 -56.76
CA LYS R 27 -77.44 31.47 -56.53
C LYS R 27 -77.01 30.09 -57.05
N HIS R 28 -76.23 29.42 -56.21
CA HIS R 28 -75.73 28.06 -56.30
C HIS R 28 -74.74 27.79 -57.42
N GLU R 29 -74.79 28.56 -58.51
CA GLU R 29 -73.72 28.54 -59.51
C GLU R 29 -73.66 29.82 -60.33
N ALA R 30 -74.51 30.80 -60.01
CA ALA R 30 -74.66 31.97 -60.85
C ALA R 30 -75.01 33.17 -59.98
N PHE R 31 -74.96 34.36 -60.57
CA PHE R 31 -75.07 35.59 -59.80
C PHE R 31 -76.51 36.06 -59.71
N HIS R 32 -76.78 36.83 -58.65
CA HIS R 32 -78.08 37.47 -58.44
C HIS R 32 -77.85 38.93 -58.07
N VAL R 33 -78.32 39.83 -58.91
CA VAL R 33 -78.24 41.25 -58.64
C VAL R 33 -79.52 41.70 -57.95
N ALA R 34 -79.37 42.55 -56.94
CA ALA R 34 -80.49 43.09 -56.17
C ALA R 34 -80.30 44.62 -56.17
N LEU R 35 -81.04 45.30 -57.00
CA LEU R 35 -80.97 46.75 -57.09
C LEU R 35 -82.04 47.36 -56.20
N LYS R 36 -81.76 48.53 -55.65
CA LYS R 36 -82.74 49.12 -54.74
C LYS R 36 -83.69 50.00 -55.53
N GLN R 37 -83.17 50.72 -56.54
CA GLN R 37 -84.06 51.38 -57.48
C GLN R 37 -85.05 52.30 -56.78
N GLU R 38 -84.59 53.50 -56.40
CA GLU R 38 -85.35 54.45 -55.60
C GLU R 38 -86.85 54.25 -55.71
N ASP R 39 -87.54 54.33 -54.56
CA ASP R 39 -88.95 53.98 -54.45
C ASP R 39 -89.15 52.46 -54.50
N GLY R 40 -88.43 51.76 -53.62
CA GLY R 40 -88.58 50.32 -53.48
C GLY R 40 -87.27 49.56 -53.57
N SER R 41 -87.35 48.30 -54.00
CA SER R 41 -86.18 47.47 -54.29
C SER R 41 -86.27 46.87 -55.68
N TRP R 42 -86.85 47.62 -56.61
CA TRP R 42 -87.05 47.22 -58.00
C TRP R 42 -85.84 46.53 -58.65
N LYS R 43 -86.12 45.57 -59.54
CA LYS R 43 -85.13 44.88 -60.38
C LYS R 43 -84.12 44.06 -59.57
N LYS R 44 -84.62 42.95 -59.03
CA LYS R 44 -83.80 41.92 -58.40
C LYS R 44 -83.26 40.94 -59.43
N GLN R 45 -83.08 41.38 -60.67
CA GLN R 45 -82.76 40.48 -61.78
C GLN R 45 -81.50 39.63 -61.64
N PRO R 46 -81.66 38.30 -61.58
CA PRO R 46 -80.48 37.42 -61.56
C PRO R 46 -79.83 37.37 -62.94
N ILE R 47 -78.56 36.97 -62.98
CA ILE R 47 -77.86 36.88 -64.25
C ILE R 47 -76.96 35.65 -64.29
N PRO R 48 -76.91 34.94 -65.41
CA PRO R 48 -76.00 33.81 -65.57
C PRO R 48 -74.64 34.21 -66.12
N ALA R 49 -73.73 33.25 -66.09
CA ALA R 49 -72.42 33.38 -66.69
C ALA R 49 -72.50 32.81 -68.12
N GLN R 50 -71.36 32.50 -68.72
CA GLN R 50 -71.18 31.89 -70.04
C GLN R 50 -71.30 32.93 -71.15
N THR R 51 -71.75 34.15 -70.86
CA THR R 51 -71.64 35.26 -71.79
C THR R 51 -70.57 36.25 -71.36
N LEU R 52 -70.17 36.21 -70.09
CA LEU R 52 -69.32 37.24 -69.52
C LEU R 52 -67.86 36.87 -69.67
N GLU R 53 -67.03 37.87 -69.89
CA GLU R 53 -65.59 37.73 -69.78
C GLU R 53 -65.02 38.95 -69.07
N ASP R 54 -65.87 39.86 -68.60
CA ASP R 54 -65.48 41.11 -67.98
C ASP R 54 -66.66 41.64 -67.19
N ILE R 55 -66.36 42.33 -66.11
CA ILE R 55 -67.36 42.97 -65.27
C ILE R 55 -66.91 44.40 -65.03
N VAL R 56 -67.87 45.29 -64.84
CA VAL R 56 -67.60 46.71 -64.64
C VAL R 56 -68.46 47.19 -63.47
N LEU R 57 -67.80 47.76 -62.47
CA LEU R 57 -68.47 48.40 -61.35
C LEU R 57 -68.08 49.87 -61.44
N LEU R 58 -69.08 50.73 -61.52
CA LEU R 58 -68.84 52.14 -61.80
C LEU R 58 -68.88 52.97 -60.52
N GLY R 59 -69.94 52.83 -59.72
CA GLY R 59 -69.99 53.54 -58.46
C GLY R 59 -69.16 52.80 -57.42
N TYR R 60 -69.69 52.64 -56.22
CA TYR R 60 -69.03 51.85 -55.17
C TYR R 60 -70.04 50.90 -54.53
N PRO R 61 -70.61 49.98 -55.31
CA PRO R 61 -71.60 49.06 -54.75
C PRO R 61 -70.94 48.01 -53.86
N SER R 62 -71.76 47.41 -53.00
CA SER R 62 -71.30 46.32 -52.17
C SER R 62 -71.31 45.03 -52.98
N ILE R 63 -70.34 44.16 -52.71
CA ILE R 63 -70.24 42.89 -53.40
C ILE R 63 -69.86 41.79 -52.41
N THR R 64 -70.44 40.62 -52.61
CA THR R 64 -70.02 39.43 -51.88
C THR R 64 -68.66 38.96 -52.40
N GLY R 65 -67.73 38.73 -51.49
CA GLY R 65 -66.48 38.11 -51.90
C GLY R 65 -66.71 36.76 -52.54
N GLU R 66 -67.74 36.04 -52.09
CA GLU R 66 -68.08 34.76 -52.70
C GLU R 66 -68.31 34.89 -54.19
N ALA R 67 -68.56 36.10 -54.69
CA ALA R 67 -68.73 36.29 -56.13
C ALA R 67 -67.38 36.37 -56.84
N LEU R 68 -66.43 37.12 -56.27
CA LEU R 68 -65.11 37.20 -56.87
C LEU R 68 -64.44 35.84 -56.86
N GLY R 69 -64.38 35.20 -55.69
CA GLY R 69 -63.85 33.85 -55.60
C GLY R 69 -64.62 32.88 -56.45
N TYR R 70 -65.85 33.24 -56.83
CA TYR R 70 -66.58 32.48 -57.83
C TYR R 70 -66.29 33.00 -59.23
N ALA R 71 -66.01 34.30 -59.35
CA ALA R 71 -65.68 34.92 -60.63
C ALA R 71 -64.24 34.66 -61.06
N LEU R 72 -63.32 34.61 -60.10
CA LEU R 72 -61.90 34.49 -60.40
C LEU R 72 -61.41 33.05 -60.55
N GLU R 73 -62.24 32.07 -60.24
CA GLU R 73 -61.93 30.67 -60.58
C GLU R 73 -62.11 30.36 -62.05
N LEU R 74 -62.51 31.34 -62.86
CA LEU R 74 -62.80 31.13 -64.27
C LEU R 74 -62.16 32.17 -65.18
N GLY R 75 -61.53 33.22 -64.62
CA GLY R 75 -60.84 34.21 -65.43
C GLY R 75 -61.57 35.48 -65.84
N LEU R 76 -62.35 36.07 -64.95
CA LEU R 76 -63.14 37.25 -65.27
C LEU R 76 -62.59 38.46 -64.53
N PRO R 77 -61.94 39.40 -65.21
CA PRO R 77 -61.47 40.61 -64.51
C PRO R 77 -62.63 41.39 -63.92
N VAL R 78 -62.36 42.06 -62.81
CA VAL R 78 -63.34 42.88 -62.11
C VAL R 78 -62.76 44.27 -61.92
N HIS R 79 -63.48 45.28 -62.39
CA HIS R 79 -63.01 46.65 -62.38
C HIS R 79 -63.87 47.51 -61.46
N TYR R 80 -63.22 48.44 -60.76
CA TYR R 80 -63.86 49.38 -59.85
C TYR R 80 -63.58 50.76 -60.41
N LEU R 81 -64.60 51.60 -60.47
CA LEU R 81 -64.48 52.94 -61.03
C LEU R 81 -65.23 53.90 -60.11
N THR R 82 -65.40 55.13 -60.55
CA THR R 82 -66.17 56.12 -59.81
C THR R 82 -67.48 56.38 -60.54
N GLN R 83 -68.45 56.91 -59.78
CA GLN R 83 -69.76 57.23 -60.36
C GLN R 83 -69.60 58.00 -61.66
N PHE R 84 -68.53 58.78 -61.80
CA PHE R 84 -68.22 59.51 -63.02
C PHE R 84 -67.54 58.65 -64.06
N GLY R 85 -66.89 57.55 -63.66
CA GLY R 85 -66.14 56.69 -64.56
C GLY R 85 -64.64 56.74 -64.39
N LYS R 86 -64.13 57.48 -63.41
CA LYS R 86 -62.69 57.53 -63.15
C LYS R 86 -62.20 56.19 -62.63
N TYR R 87 -61.02 55.78 -63.11
CA TYR R 87 -60.47 54.48 -62.74
C TYR R 87 -59.76 54.55 -61.39
N VAL R 88 -60.00 53.54 -60.57
CA VAL R 88 -59.38 53.40 -59.26
C VAL R 88 -58.56 52.13 -59.13
N GLY R 89 -59.08 51.02 -59.64
CA GLY R 89 -58.38 49.75 -59.56
C GLY R 89 -59.25 48.64 -60.11
N SER R 90 -58.62 47.48 -60.27
CA SER R 90 -59.32 46.30 -60.77
C SER R 90 -58.66 45.06 -60.18
N ALA R 91 -59.46 44.01 -60.03
CA ALA R 91 -58.99 42.74 -59.48
C ALA R 91 -58.89 41.75 -60.65
N LEU R 92 -57.69 41.27 -60.91
CA LEU R 92 -57.46 40.45 -62.09
C LEU R 92 -57.15 39.03 -61.68
N PRO R 93 -57.58 38.03 -62.46
CA PRO R 93 -57.30 36.64 -62.10
C PRO R 93 -55.92 36.20 -62.57
N SER R 94 -55.58 34.95 -62.25
CA SER R 94 -54.35 34.36 -62.74
C SER R 94 -54.39 34.18 -64.26
N GLU R 95 -55.35 33.38 -64.73
CA GLU R 95 -55.34 32.90 -66.11
C GLU R 95 -56.08 33.89 -67.01
N SER R 96 -55.38 34.96 -67.37
CA SER R 96 -55.85 35.92 -68.34
C SER R 96 -55.01 35.75 -69.61
N ARG R 97 -55.59 36.11 -70.74
CA ARG R 97 -54.96 35.93 -72.04
C ARG R 97 -54.47 37.26 -72.60
N ASN R 98 -53.99 38.13 -71.72
CA ASN R 98 -53.55 39.45 -72.10
C ASN R 98 -52.06 39.50 -72.43
N GLY R 99 -51.34 38.39 -72.28
CA GLY R 99 -49.96 38.38 -72.72
C GLY R 99 -49.86 38.43 -74.24
N GLN R 100 -50.60 37.56 -74.92
CA GLN R 100 -50.67 37.62 -76.38
C GLN R 100 -51.01 39.03 -76.85
N LEU R 101 -51.86 39.71 -76.09
CA LEU R 101 -52.19 41.11 -76.39
C LEU R 101 -50.94 41.97 -76.34
N ARG R 102 -50.25 41.97 -75.18
CA ARG R 102 -49.09 42.83 -75.02
C ARG R 102 -48.03 42.53 -76.07
N LEU R 103 -47.99 41.30 -76.57
CA LEU R 103 -47.04 40.93 -77.60
C LEU R 103 -47.39 41.60 -78.93
N ALA R 104 -48.61 41.41 -79.40
CA ALA R 104 -49.04 42.12 -80.61
C ALA R 104 -48.95 43.63 -80.39
N GLN R 105 -49.36 44.09 -79.21
CA GLN R 105 -49.13 45.48 -78.81
C GLN R 105 -47.68 45.89 -78.99
N PHE R 106 -46.75 44.96 -78.77
CA PHE R 106 -45.32 45.26 -78.94
C PHE R 106 -44.85 44.91 -80.35
N ARG R 107 -45.12 43.68 -80.79
CA ARG R 107 -44.76 43.25 -82.15
C ARG R 107 -45.19 44.27 -83.19
N ALA R 108 -46.24 45.04 -82.90
CA ALA R 108 -46.68 46.11 -83.78
C ALA R 108 -45.93 47.42 -83.52
N HIS R 109 -45.43 47.62 -82.30
CA HIS R 109 -44.72 48.85 -81.99
C HIS R 109 -43.39 48.92 -82.73
N GLU R 110 -42.73 47.78 -82.93
CA GLU R 110 -41.50 47.71 -83.71
C GLU R 110 -41.74 47.28 -85.15
N ASP R 111 -42.96 46.91 -85.50
CA ASP R 111 -43.33 46.68 -86.89
C ASP R 111 -44.05 47.93 -87.36
N PRO R 112 -43.34 48.92 -87.90
CA PRO R 112 -43.97 50.23 -88.14
C PRO R 112 -45.16 50.19 -89.09
N ILE R 113 -45.18 49.23 -90.04
CA ILE R 113 -46.31 49.15 -90.96
C ILE R 113 -47.60 48.94 -90.20
N GLN R 114 -47.56 48.11 -89.14
CA GLN R 114 -48.72 47.96 -88.28
C GLN R 114 -48.93 49.23 -87.48
N ARG R 115 -47.85 49.75 -86.90
CA ARG R 115 -47.88 51.06 -86.25
C ARG R 115 -48.45 52.11 -87.19
N LEU R 116 -48.06 52.06 -88.46
CA LEU R 116 -48.53 53.04 -89.43
C LEU R 116 -49.99 52.80 -89.79
N ASP R 117 -50.31 51.60 -90.30
CA ASP R 117 -51.68 51.29 -90.70
C ASP R 117 -52.65 51.47 -89.56
N ILE R 118 -52.16 51.62 -88.33
CA ILE R 118 -52.97 51.90 -87.17
C ILE R 118 -53.12 53.40 -86.96
N VAL R 119 -51.98 54.11 -86.92
CA VAL R 119 -52.01 55.55 -86.68
C VAL R 119 -52.88 56.24 -87.72
N LYS R 120 -52.87 55.75 -88.96
CA LYS R 120 -53.72 56.32 -89.99
C LYS R 120 -55.18 56.32 -89.55
N ALA R 121 -55.56 55.35 -88.72
CA ALA R 121 -56.95 55.27 -88.26
C ALA R 121 -57.22 56.29 -87.14
N PHE R 122 -56.36 56.34 -86.13
CA PHE R 122 -56.57 57.29 -85.04
C PHE R 122 -56.78 58.71 -85.56
N VAL R 123 -55.97 59.12 -86.53
CA VAL R 123 -56.05 60.48 -87.06
C VAL R 123 -57.26 60.63 -87.97
N LYS R 124 -57.41 59.71 -88.93
CA LYS R 124 -58.60 59.68 -89.76
C LYS R 124 -59.87 59.74 -88.92
N GLY R 125 -59.86 59.09 -87.74
CA GLY R 125 -60.99 59.14 -86.84
C GLY R 125 -61.10 60.41 -86.04
N LYS R 126 -60.09 61.28 -86.13
CA LYS R 126 -60.04 62.58 -85.49
C LYS R 126 -60.47 63.69 -86.43
N VAL R 127 -59.88 63.69 -87.63
CA VAL R 127 -60.10 64.78 -88.58
C VAL R 127 -61.51 64.71 -89.16
N HIS R 128 -61.97 63.51 -89.52
CA HIS R 128 -63.34 63.36 -89.98
C HIS R 128 -64.32 63.85 -88.94
N ASN R 129 -63.99 63.68 -87.65
CA ASN R 129 -64.83 64.25 -86.60
C ASN R 129 -64.82 65.78 -86.64
N GLN R 130 -63.73 66.38 -87.11
CA GLN R 130 -63.64 67.84 -87.16
C GLN R 130 -64.46 68.43 -88.30
N TYR R 131 -64.23 67.99 -89.54
CA TYR R 131 -65.08 68.44 -90.64
C TYR R 131 -66.54 68.10 -90.37
N ASN R 132 -66.81 66.89 -89.87
CA ASN R 132 -68.16 66.52 -89.50
C ASN R 132 -68.66 67.30 -88.29
N LEU R 133 -67.76 67.97 -87.58
CA LEU R 133 -68.18 68.90 -86.52
C LEU R 133 -68.52 70.27 -87.10
N LEU R 134 -67.62 70.83 -87.89
CA LEU R 134 -67.87 72.15 -88.46
C LEU R 134 -69.10 72.15 -89.35
N TYR R 135 -69.39 71.02 -89.99
CA TYR R 135 -70.69 70.88 -90.64
C TYR R 135 -71.79 70.68 -89.59
N ARG R 136 -71.47 70.01 -88.47
CA ARG R 136 -72.41 69.95 -87.35
C ARG R 136 -72.63 71.34 -86.77
N ARG R 137 -71.56 72.01 -86.34
CA ARG R 137 -71.59 73.42 -85.96
C ARG R 137 -71.30 74.17 -87.27
N GLY R 138 -72.35 74.40 -88.06
CA GLY R 138 -72.13 74.91 -89.40
C GLY R 138 -71.14 76.06 -89.51
N GLN R 139 -69.92 75.73 -89.96
CA GLN R 139 -68.88 76.72 -90.16
C GLN R 139 -68.22 76.62 -91.53
N VAL R 140 -67.68 75.46 -91.88
CA VAL R 140 -66.94 75.38 -93.13
C VAL R 140 -67.94 75.14 -94.25
N ASP R 141 -67.54 75.58 -95.43
CA ASP R 141 -68.34 75.56 -96.64
C ASP R 141 -67.69 74.62 -97.64
N ASN R 142 -68.51 73.98 -98.50
CA ASN R 142 -67.93 73.11 -99.52
C ASN R 142 -67.18 71.85 -99.12
N PRO R 143 -67.51 70.73 -99.76
CA PRO R 143 -67.28 69.38 -99.24
C PRO R 143 -66.50 69.13 -97.97
N LEU R 144 -67.23 68.41 -97.10
CA LEU R 144 -66.79 68.00 -95.78
C LEU R 144 -65.68 66.96 -95.83
N LYS R 145 -65.63 66.14 -96.87
CA LYS R 145 -64.65 65.07 -96.92
C LYS R 145 -63.22 65.59 -97.08
N GLY R 146 -62.89 66.59 -96.26
CA GLY R 146 -61.57 67.20 -96.32
C GLY R 146 -60.46 66.42 -95.64
N ARG R 147 -59.31 66.37 -96.31
CA ARG R 147 -58.06 65.81 -95.79
C ARG R 147 -58.31 64.58 -94.93
N GLY R 148 -59.12 63.69 -95.48
CA GLY R 148 -59.27 62.34 -95.01
C GLY R 148 -59.40 61.54 -96.29
N LYS R 149 -58.71 60.41 -96.38
CA LYS R 149 -58.34 59.76 -97.64
C LYS R 149 -57.11 60.45 -98.23
N LEU R 150 -56.78 61.66 -97.75
CA LEU R 150 -55.46 62.20 -98.06
C LEU R 150 -54.37 61.48 -97.30
N VAL R 151 -54.73 60.93 -96.14
CA VAL R 151 -53.75 60.35 -95.22
C VAL R 151 -53.45 58.91 -95.56
N MET R 152 -54.49 58.09 -95.74
CA MET R 152 -54.28 56.71 -96.14
C MET R 152 -53.38 56.64 -97.37
N ARG R 153 -53.38 57.72 -98.18
CA ARG R 153 -52.49 57.82 -99.34
C ARG R 153 -51.09 58.32 -98.97
N GLN R 154 -50.66 58.17 -97.72
CA GLN R 154 -49.31 58.49 -97.29
C GLN R 154 -48.61 57.23 -96.78
N GLN R 155 -47.29 57.32 -96.63
CA GLN R 155 -46.50 56.15 -96.30
C GLN R 155 -45.42 56.39 -95.24
N THR R 156 -45.51 57.47 -94.46
CA THR R 156 -44.53 57.68 -93.42
C THR R 156 -45.16 58.40 -92.23
N LEU R 157 -44.36 58.58 -91.17
CA LEU R 157 -44.77 59.26 -89.96
C LEU R 157 -44.55 60.77 -90.06
N GLU R 158 -43.32 61.18 -90.38
CA GLU R 158 -43.01 62.60 -90.47
C GLU R 158 -43.94 63.29 -91.45
N GLN R 159 -44.32 62.61 -92.54
CA GLN R 159 -45.34 63.15 -93.42
C GLN R 159 -46.64 63.39 -92.67
N VAL R 160 -46.91 62.59 -91.63
CA VAL R 160 -48.20 62.62 -90.94
C VAL R 160 -48.18 63.58 -89.76
N ARG R 161 -47.13 63.51 -88.93
CA ARG R 161 -47.08 64.38 -87.76
C ARG R 161 -47.20 65.85 -88.14
N GLY R 162 -46.65 66.23 -89.29
CA GLY R 162 -46.87 67.57 -89.80
C GLY R 162 -48.32 67.84 -90.14
N ILE R 163 -49.11 66.80 -90.43
CA ILE R 163 -50.49 66.99 -90.85
C ILE R 163 -51.36 67.40 -89.67
N GLU R 164 -51.25 66.66 -88.56
CA GLU R 164 -52.05 66.99 -87.38
C GLU R 164 -51.79 68.44 -86.95
N GLY R 165 -50.53 68.85 -86.93
CA GLY R 165 -50.23 70.23 -86.57
C GLY R 165 -50.86 71.23 -87.52
N LEU R 166 -50.93 70.89 -88.81
CA LEU R 166 -51.57 71.78 -89.77
C LEU R 166 -53.08 71.84 -89.55
N ALA R 167 -53.76 70.69 -89.58
CA ALA R 167 -55.21 70.69 -89.44
C ALA R 167 -55.66 71.34 -88.13
N ALA R 168 -54.92 71.10 -87.05
CA ALA R 168 -55.29 71.69 -85.76
C ALA R 168 -55.18 73.21 -85.82
N ARG R 169 -54.06 73.72 -86.33
CA ARG R 169 -53.89 75.16 -86.44
C ARG R 169 -54.95 75.78 -87.35
N GLU R 170 -55.23 75.12 -88.48
CA GLU R 170 -56.34 75.54 -89.33
C GLU R 170 -57.67 75.23 -88.66
N TYR R 171 -57.70 74.24 -87.77
CA TYR R 171 -58.92 73.89 -87.06
C TYR R 171 -59.16 74.81 -85.88
N PHE R 172 -58.08 75.24 -85.20
CA PHE R 172 -58.22 76.10 -84.04
C PHE R 172 -58.35 77.57 -84.43
N ALA R 173 -57.80 77.95 -85.59
CA ALA R 173 -57.92 79.32 -86.08
C ALA R 173 -59.32 79.65 -86.60
N SER R 174 -60.16 78.64 -86.82
CA SER R 174 -61.52 78.83 -87.33
C SER R 174 -62.56 79.03 -86.23
N TRP R 175 -62.13 79.43 -85.03
CA TRP R 175 -63.01 79.45 -83.86
C TRP R 175 -63.60 80.82 -83.55
N GLN R 176 -62.78 81.87 -83.50
CA GLN R 176 -63.33 83.19 -83.21
C GLN R 176 -64.56 83.49 -84.06
N GLU R 177 -64.48 83.19 -85.35
CA GLU R 177 -65.65 83.34 -86.21
C GLU R 177 -66.78 82.43 -85.77
N MET R 178 -66.44 81.29 -85.16
CA MET R 178 -67.46 80.32 -84.74
C MET R 178 -68.01 80.57 -83.34
N LEU R 179 -67.22 81.17 -82.45
CA LEU R 179 -67.70 81.46 -81.09
C LEU R 179 -68.47 82.77 -81.04
N GLY R 180 -67.83 83.87 -81.48
CA GLY R 180 -68.36 85.21 -81.39
C GLY R 180 -67.35 86.15 -80.78
N HIS R 181 -67.85 87.25 -80.22
CA HIS R 181 -66.99 88.31 -79.72
C HIS R 181 -66.80 88.29 -78.20
N GLU R 182 -67.71 87.63 -77.47
CA GLU R 182 -67.60 87.65 -76.01
C GLU R 182 -66.32 86.97 -75.55
N TRP R 183 -65.84 85.99 -76.30
CA TRP R 183 -64.63 85.25 -75.96
C TRP R 183 -63.57 85.48 -77.02
N THR R 184 -62.34 85.11 -76.69
CA THR R 184 -61.19 85.30 -77.55
C THR R 184 -60.42 83.99 -77.64
N PHE R 185 -60.03 83.63 -78.86
CA PHE R 185 -59.24 82.44 -79.09
C PHE R 185 -58.28 82.69 -80.24
N THR R 186 -56.99 82.55 -79.97
CA THR R 186 -55.97 82.64 -81.00
C THR R 186 -55.39 81.28 -81.38
N GLY R 187 -55.10 80.44 -80.39
CA GLY R 187 -54.54 79.12 -80.62
C GLY R 187 -54.71 78.28 -79.38
N ARG R 188 -54.27 77.03 -79.49
CA ARG R 188 -54.35 76.13 -78.35
C ARG R 188 -53.12 76.33 -77.47
N PHE R 189 -53.35 76.59 -76.18
CA PHE R 189 -52.28 76.79 -75.22
C PHE R 189 -52.42 75.73 -74.13
N ARG R 190 -51.42 74.87 -74.02
CA ARG R 190 -51.38 73.87 -72.96
C ARG R 190 -51.10 74.60 -71.65
N ARG R 191 -50.83 73.86 -70.57
CA ARG R 191 -50.55 74.54 -69.32
C ARG R 191 -49.37 75.50 -69.47
N PRO R 192 -49.37 76.61 -68.71
CA PRO R 192 -50.58 77.12 -68.05
C PRO R 192 -51.47 77.76 -69.12
N PRO R 193 -52.79 77.78 -68.89
CA PRO R 193 -53.68 78.40 -69.88
C PRO R 193 -53.64 79.91 -69.78
N THR R 194 -53.37 80.57 -70.91
CA THR R 194 -53.36 82.02 -70.97
C THR R 194 -54.72 82.59 -71.33
N ASP R 195 -55.58 81.80 -71.96
CA ASP R 195 -56.95 82.12 -72.29
C ASP R 195 -57.88 81.24 -71.46
N PRO R 196 -59.06 81.74 -71.09
CA PRO R 196 -59.98 80.87 -70.35
C PRO R 196 -60.25 79.58 -71.12
N VAL R 197 -60.59 79.71 -72.40
CA VAL R 197 -61.00 78.57 -73.21
C VAL R 197 -59.93 77.49 -73.22
N ASN R 198 -58.69 77.87 -73.56
CA ASN R 198 -57.59 76.91 -73.59
C ASN R 198 -57.49 76.12 -72.29
N ALA R 199 -57.92 76.70 -71.17
CA ALA R 199 -57.91 75.97 -69.92
C ALA R 199 -58.98 74.88 -69.89
N LEU R 200 -60.16 75.17 -70.47
CA LEU R 200 -61.23 74.18 -70.45
C LEU R 200 -60.87 72.95 -71.27
N LEU R 201 -60.18 73.15 -72.39
CA LEU R 201 -59.71 72.02 -73.18
C LEU R 201 -58.60 71.30 -72.45
N SER R 202 -57.61 72.06 -71.99
CA SER R 202 -56.58 71.51 -71.10
C SER R 202 -57.23 70.83 -69.90
N PHE R 203 -58.37 71.35 -69.44
CA PHE R 203 -59.14 70.69 -68.39
C PHE R 203 -59.96 69.53 -68.95
N GLY R 204 -60.74 69.81 -70.00
CA GLY R 204 -61.62 68.79 -70.54
C GLY R 204 -60.87 67.57 -71.08
N TYR R 205 -59.78 67.80 -71.81
CA TYR R 205 -58.95 66.70 -72.24
C TYR R 205 -58.55 65.84 -71.05
N GLY R 206 -58.57 66.42 -69.85
CA GLY R 206 -58.28 65.68 -68.64
C GLY R 206 -59.47 64.83 -68.27
N LEU R 207 -60.68 65.40 -68.36
CA LEU R 207 -61.86 64.62 -68.05
C LEU R 207 -62.14 63.56 -69.10
N LEU R 208 -61.49 63.66 -70.26
CA LEU R 208 -61.52 62.56 -71.21
C LEU R 208 -60.50 61.49 -70.84
N ARG R 209 -59.34 61.90 -70.31
CA ARG R 209 -58.35 60.94 -69.84
C ARG R 209 -58.94 59.96 -68.84
N THR R 210 -59.87 60.42 -67.99
CA THR R 210 -60.38 59.56 -66.93
C THR R 210 -61.14 58.38 -67.52
N GLN R 211 -62.06 58.65 -68.43
CA GLN R 211 -62.87 57.59 -69.01
C GLN R 211 -62.03 56.71 -69.92
N VAL R 212 -60.96 57.26 -70.48
CA VAL R 212 -60.09 56.49 -71.36
C VAL R 212 -59.10 55.66 -70.56
N THR R 213 -58.45 56.27 -69.57
CA THR R 213 -57.47 55.56 -68.75
C THR R 213 -58.06 54.30 -68.12
N ALA R 214 -59.38 54.19 -68.04
CA ALA R 214 -60.00 52.99 -67.50
C ALA R 214 -60.15 51.91 -68.56
N ALA R 215 -60.65 52.29 -69.74
CA ALA R 215 -60.89 51.31 -70.80
C ALA R 215 -59.63 50.52 -71.10
N VAL R 216 -58.46 51.17 -71.04
CA VAL R 216 -57.21 50.49 -71.34
C VAL R 216 -56.95 49.41 -70.30
N HIS R 217 -57.13 49.73 -69.01
CA HIS R 217 -56.96 48.74 -67.96
C HIS R 217 -57.97 47.60 -68.10
N ILE R 218 -59.06 47.84 -68.80
CA ILE R 218 -60.02 46.77 -69.09
C ILE R 218 -59.49 45.86 -70.18
N ALA R 219 -58.86 46.44 -71.21
CA ALA R 219 -58.29 45.66 -72.28
C ALA R 219 -57.02 44.93 -71.87
N GLY R 220 -56.51 45.17 -70.67
CA GLY R 220 -55.27 44.55 -70.25
C GLY R 220 -54.06 45.16 -70.92
N LEU R 221 -54.23 46.30 -71.58
CA LEU R 221 -53.17 46.96 -72.33
C LEU R 221 -52.26 47.73 -71.38
N ASP R 222 -51.02 47.94 -71.84
CA ASP R 222 -50.09 48.80 -71.14
C ASP R 222 -50.30 50.21 -71.66
N PRO R 223 -50.92 51.11 -70.89
CA PRO R 223 -51.21 52.45 -71.45
C PRO R 223 -49.96 53.19 -71.85
N TYR R 224 -48.85 52.95 -71.16
CA TYR R 224 -47.60 53.66 -71.35
C TYR R 224 -46.86 53.23 -72.59
N ILE R 225 -47.41 52.28 -73.34
CA ILE R 225 -46.85 51.85 -74.62
C ILE R 225 -47.88 52.21 -75.69
N GLY R 226 -47.54 53.17 -76.54
CA GLY R 226 -48.41 53.58 -77.61
C GLY R 226 -47.71 53.45 -78.94
N PHE R 227 -48.34 53.93 -80.00
CA PHE R 227 -47.80 53.83 -81.35
C PHE R 227 -47.51 55.16 -82.00
N LEU R 228 -48.28 56.21 -81.69
CA LEU R 228 -47.98 57.55 -82.17
C LEU R 228 -47.19 58.34 -81.14
N HIS R 229 -47.74 58.52 -79.94
CA HIS R 229 -47.07 59.30 -78.91
C HIS R 229 -45.85 58.52 -78.44
N GLU R 230 -44.67 58.99 -78.82
CA GLU R 230 -43.43 58.29 -78.49
C GLU R 230 -43.29 58.12 -76.99
N THR R 231 -42.95 56.91 -76.58
CA THR R 231 -42.95 56.53 -75.17
C THR R 231 -41.74 57.10 -74.46
N THR R 232 -42.00 57.90 -73.43
CA THR R 232 -40.97 58.45 -72.54
C THR R 232 -41.70 59.21 -71.45
N ARG R 233 -40.95 59.63 -70.44
CA ARG R 233 -41.46 60.48 -69.37
C ARG R 233 -42.66 59.86 -68.67
N GLY R 234 -42.90 58.57 -68.85
CA GLY R 234 -44.12 58.01 -68.30
C GLY R 234 -45.38 58.54 -68.95
N GLN R 235 -45.37 58.69 -70.30
CA GLN R 235 -46.57 59.24 -70.93
C GLN R 235 -47.42 58.12 -71.49
N PRO R 236 -48.72 58.08 -71.14
CA PRO R 236 -49.59 57.03 -71.66
C PRO R 236 -49.90 57.20 -73.14
N ALA R 237 -49.10 56.58 -74.00
CA ALA R 237 -49.30 56.81 -75.43
C ALA R 237 -50.40 55.91 -75.96
N MET R 238 -50.57 54.72 -75.37
CA MET R 238 -51.71 53.89 -75.75
C MET R 238 -53.02 54.59 -75.43
N ILE R 239 -53.03 55.50 -74.44
CA ILE R 239 -54.21 56.33 -74.20
C ILE R 239 -54.27 57.47 -75.22
N LEU R 240 -53.20 58.25 -75.30
CA LEU R 240 -53.22 59.48 -76.09
C LEU R 240 -53.53 59.20 -77.55
N ASP R 241 -53.08 58.07 -78.08
CA ASP R 241 -53.48 57.69 -79.43
C ASP R 241 -54.99 57.70 -79.57
N LEU R 242 -55.70 57.29 -78.52
CA LEU R 242 -57.16 57.25 -78.56
C LEU R 242 -57.79 58.60 -78.26
N MET R 243 -57.24 59.36 -77.31
CA MET R 243 -57.87 60.63 -76.95
C MET R 243 -58.05 61.53 -78.17
N GLU R 244 -57.20 61.35 -79.19
CA GLU R 244 -57.23 62.26 -80.33
C GLU R 244 -58.55 62.18 -81.08
N GLU R 245 -59.03 60.96 -81.36
CA GLU R 245 -60.27 60.82 -82.10
C GLU R 245 -61.47 61.38 -81.33
N PHE R 246 -61.32 61.62 -80.03
CA PHE R 246 -62.40 62.12 -79.19
C PHE R 246 -62.23 63.57 -78.75
N ARG R 247 -61.00 64.11 -78.83
CA ARG R 247 -60.77 65.49 -78.43
C ARG R 247 -61.68 66.45 -79.17
N ALA R 248 -61.95 66.17 -80.45
CA ALA R 248 -62.68 67.10 -81.30
C ALA R 248 -64.18 66.97 -81.15
N LEU R 249 -64.65 65.90 -80.52
CA LEU R 249 -66.07 65.58 -80.51
C LEU R 249 -66.72 65.63 -79.14
N VAL R 250 -65.97 65.43 -78.06
CA VAL R 250 -66.52 65.35 -76.72
C VAL R 250 -66.07 66.52 -75.85
N ALA R 251 -64.76 66.76 -75.78
CA ALA R 251 -64.27 67.88 -74.98
C ALA R 251 -64.48 69.20 -75.72
N ASP R 252 -64.43 69.18 -77.04
CA ASP R 252 -64.64 70.37 -77.83
C ASP R 252 -66.11 70.64 -78.11
N SER R 253 -66.95 69.59 -78.15
CA SER R 253 -68.38 69.82 -78.36
C SER R 253 -69.07 70.31 -77.09
N VAL R 254 -68.63 69.87 -75.92
CA VAL R 254 -69.24 70.33 -74.68
C VAL R 254 -68.99 71.83 -74.51
N VAL R 255 -67.76 72.27 -74.76
CA VAL R 255 -67.41 73.67 -74.57
C VAL R 255 -68.32 74.56 -75.42
N LEU R 256 -68.42 74.24 -76.70
CA LEU R 256 -69.28 75.00 -77.61
C LEU R 256 -70.75 74.75 -77.30
N THR R 257 -71.05 73.70 -76.53
CA THR R 257 -72.41 73.42 -76.11
C THR R 257 -72.82 74.25 -74.90
N VAL R 258 -71.86 74.70 -74.09
CA VAL R 258 -72.17 75.49 -72.91
C VAL R 258 -71.93 76.98 -73.18
N LEU R 259 -71.02 77.28 -74.10
CA LEU R 259 -70.68 78.67 -74.35
C LEU R 259 -71.65 79.38 -75.26
N LYS R 260 -72.73 78.74 -75.69
CA LYS R 260 -73.86 79.45 -76.29
C LYS R 260 -75.08 79.46 -75.37
N GLN R 261 -74.88 79.11 -74.09
CA GLN R 261 -75.94 79.15 -73.09
C GLN R 261 -75.41 79.52 -71.70
N ARG R 262 -74.14 79.24 -71.46
CA ARG R 262 -73.60 79.14 -70.11
C ARG R 262 -72.32 79.96 -69.90
N GLU R 263 -71.57 79.55 -68.87
CA GLU R 263 -70.40 80.22 -68.30
C GLU R 263 -69.68 81.23 -69.17
N ILE R 264 -69.44 82.39 -68.56
CA ILE R 264 -68.83 83.56 -69.18
C ILE R 264 -67.70 84.03 -68.26
N GLN R 265 -67.06 85.14 -68.64
CA GLN R 265 -65.99 85.72 -67.81
C GLN R 265 -66.37 85.83 -66.34
N ARG R 266 -67.67 85.89 -66.03
CA ARG R 266 -68.12 86.02 -64.65
C ARG R 266 -67.59 84.94 -63.72
N GLN R 267 -67.08 83.83 -64.27
CA GLN R 267 -66.68 82.69 -63.45
C GLN R 267 -65.17 82.44 -63.45
N ASP R 268 -64.57 82.27 -64.62
CA ASP R 268 -63.13 82.06 -64.73
C ASP R 268 -62.34 83.17 -64.03
N PHE R 269 -61.52 82.78 -63.08
CA PHE R 269 -60.68 83.70 -62.32
C PHE R 269 -60.05 84.76 -63.20
N THR R 270 -59.89 85.96 -62.66
CA THR R 270 -59.17 86.98 -63.41
C THR R 270 -57.68 86.68 -63.26
N GLU R 271 -56.85 87.43 -63.96
CA GLU R 271 -55.44 87.05 -64.00
C GLU R 271 -54.94 86.90 -62.58
N SER R 272 -54.73 85.66 -62.13
CA SER R 272 -54.28 85.41 -60.76
C SER R 272 -52.76 85.55 -60.69
N LEU R 273 -52.07 84.62 -61.35
CA LEU R 273 -50.68 84.77 -61.74
C LEU R 273 -50.51 84.33 -63.18
N GLY R 274 -51.54 84.53 -63.99
CA GLY R 274 -51.50 84.30 -65.43
C GLY R 274 -52.52 83.28 -65.91
N ALA R 275 -52.85 82.31 -65.06
CA ALA R 275 -53.81 81.28 -65.44
C ALA R 275 -55.19 81.90 -65.62
N PHE R 276 -56.12 81.05 -66.06
CA PHE R 276 -57.56 81.29 -65.91
C PHE R 276 -58.11 80.03 -65.26
N ARG R 277 -58.02 79.96 -63.94
CA ARG R 277 -58.63 78.83 -63.27
C ARG R 277 -60.12 79.10 -63.13
N LEU R 278 -60.86 78.06 -62.79
CA LEU R 278 -62.30 78.15 -62.66
C LEU R 278 -62.73 78.36 -61.22
N THR R 279 -64.01 78.68 -61.07
CA THR R 279 -64.63 78.73 -59.75
C THR R 279 -65.05 77.32 -59.34
N ASP R 280 -65.03 77.06 -58.04
CA ASP R 280 -65.47 75.77 -57.55
C ASP R 280 -66.95 75.52 -57.82
N SER R 281 -67.71 76.54 -58.20
CA SER R 281 -69.14 76.41 -58.49
C SER R 281 -69.42 76.26 -59.98
N ALA R 282 -68.44 76.56 -60.84
CA ALA R 282 -68.52 76.25 -62.26
C ALA R 282 -67.94 74.89 -62.60
N THR R 283 -66.91 74.47 -61.87
CA THR R 283 -66.40 73.11 -62.05
C THR R 283 -67.51 72.09 -61.94
N LYS R 284 -68.43 72.28 -60.98
CA LYS R 284 -69.53 71.35 -60.79
C LYS R 284 -70.61 71.48 -61.85
N THR R 285 -70.74 72.64 -62.49
CA THR R 285 -71.73 72.83 -63.54
C THR R 285 -71.24 72.30 -64.88
N PHE R 286 -69.93 72.39 -65.14
CA PHE R 286 -69.37 71.88 -66.37
C PHE R 286 -69.79 70.44 -66.62
N LEU R 287 -69.76 69.62 -65.55
CA LEU R 287 -70.02 68.19 -65.70
C LEU R 287 -71.48 67.88 -65.98
N GLY R 288 -72.40 68.70 -65.47
CA GLY R 288 -73.81 68.42 -65.69
C GLY R 288 -74.14 68.19 -67.15
N ALA R 289 -73.61 69.05 -68.02
CA ALA R 289 -73.74 68.81 -69.45
C ALA R 289 -72.76 67.75 -69.93
N PHE R 290 -71.62 67.61 -69.24
CA PHE R 290 -70.58 66.68 -69.69
C PHE R 290 -71.06 65.23 -69.60
N ASP R 291 -71.61 64.83 -68.45
CA ASP R 291 -72.13 63.48 -68.34
C ASP R 291 -73.41 63.30 -69.16
N ARG R 292 -74.18 64.37 -69.35
CA ARG R 292 -75.29 64.33 -70.30
C ARG R 292 -74.78 63.95 -71.68
N LYS R 293 -73.65 64.52 -72.09
CA LYS R 293 -73.05 64.11 -73.36
C LYS R 293 -72.84 62.61 -73.36
N LEU R 294 -72.39 62.06 -72.23
CA LEU R 294 -72.19 60.62 -72.10
C LEU R 294 -73.53 59.94 -71.81
N SER R 295 -74.57 60.29 -72.57
CA SER R 295 -75.87 59.65 -72.45
C SER R 295 -76.60 59.55 -73.80
N SER R 296 -75.82 59.55 -74.89
CA SER R 296 -76.27 59.72 -76.27
C SER R 296 -75.56 58.63 -77.07
N GLU R 297 -75.12 58.92 -78.29
CA GLU R 297 -74.37 57.91 -79.03
C GLU R 297 -75.24 56.80 -79.60
N PHE R 298 -75.65 56.98 -80.85
CA PHE R 298 -76.52 56.05 -81.54
C PHE R 298 -76.12 55.82 -82.99
N LYS R 299 -76.16 54.55 -83.41
CA LYS R 299 -76.29 54.10 -84.80
C LYS R 299 -75.02 54.00 -85.67
N HIS R 300 -73.83 54.42 -85.20
CA HIS R 300 -72.75 54.92 -86.08
C HIS R 300 -72.59 54.33 -87.48
N PRO R 301 -71.92 53.16 -87.69
CA PRO R 301 -72.28 52.32 -88.83
C PRO R 301 -73.42 51.35 -88.47
N ILE R 302 -73.67 50.35 -89.31
CA ILE R 302 -75.02 49.97 -89.69
C ILE R 302 -76.03 50.26 -88.59
N PHE R 303 -75.94 49.64 -87.41
CA PHE R 303 -76.94 50.07 -86.43
C PHE R 303 -76.65 50.00 -84.92
N ASN R 304 -75.47 49.74 -84.41
CA ASN R 304 -75.46 49.67 -82.93
C ASN R 304 -75.91 51.00 -82.33
N TYR R 305 -77.03 50.94 -81.60
CA TYR R 305 -77.65 52.08 -80.93
C TYR R 305 -77.44 52.05 -79.43
N LYS R 306 -77.62 50.89 -78.80
CA LYS R 306 -77.50 50.81 -77.35
C LYS R 306 -76.03 51.04 -77.07
N CYS R 307 -75.66 52.31 -77.02
CA CYS R 307 -74.29 52.65 -76.67
C CYS R 307 -74.17 54.12 -76.35
N THR R 308 -73.69 54.43 -75.16
CA THR R 308 -73.30 55.77 -74.79
C THR R 308 -71.85 56.05 -75.22
N TYR R 309 -71.49 57.34 -75.25
CA TYR R 309 -70.10 57.71 -75.50
C TYR R 309 -69.19 57.08 -74.45
N ARG R 310 -69.57 57.20 -73.18
CA ARG R 310 -68.77 56.68 -72.08
C ARG R 310 -68.34 55.25 -72.33
N ARG R 311 -69.26 54.41 -72.81
CA ARG R 311 -68.97 53.02 -73.06
C ARG R 311 -68.30 52.81 -74.41
N ALA R 312 -68.70 53.59 -75.41
CA ALA R 312 -68.15 53.44 -76.75
C ALA R 312 -66.63 53.34 -76.73
N ILE R 313 -65.99 53.96 -75.76
CA ILE R 313 -64.53 53.92 -75.65
C ILE R 313 -64.07 52.52 -75.28
N GLU R 314 -64.68 51.96 -74.22
CA GLU R 314 -64.41 50.57 -73.84
C GLU R 314 -64.44 49.66 -75.05
N LEU R 315 -65.34 49.93 -76.00
CA LEU R 315 -65.42 49.12 -77.21
C LEU R 315 -64.21 49.37 -78.09
N GLN R 316 -63.93 50.65 -78.40
CA GLN R 316 -62.75 50.98 -79.19
C GLN R 316 -61.51 50.34 -78.60
N ALA R 317 -61.39 50.33 -77.28
CA ALA R 317 -60.29 49.63 -76.64
C ALA R 317 -60.35 48.14 -76.94
N ARG R 318 -61.48 47.50 -76.63
CA ARG R 318 -61.66 46.09 -76.96
C ARG R 318 -61.53 45.87 -78.46
N LEU R 319 -62.07 46.81 -79.25
CA LEU R 319 -61.86 46.75 -80.69
C LEU R 319 -60.38 46.67 -81.05
N LEU R 320 -59.56 47.45 -80.36
CA LEU R 320 -58.14 47.47 -80.67
C LEU R 320 -57.44 46.17 -80.30
N ALA R 321 -57.72 45.65 -79.10
CA ALA R 321 -57.12 44.38 -78.70
C ALA R 321 -57.34 43.30 -79.76
N ARG R 322 -58.58 43.22 -80.27
CA ARG R 322 -58.88 42.23 -81.30
C ARG R 322 -58.13 42.51 -82.58
N HIS R 323 -57.89 43.79 -82.89
CA HIS R 323 -56.99 44.11 -84.00
C HIS R 323 -55.64 43.45 -83.81
N LEU R 324 -55.24 43.25 -82.55
CA LEU R 324 -53.93 42.75 -82.17
C LEU R 324 -53.93 41.26 -81.83
N GLN R 325 -55.03 40.76 -81.24
CA GLN R 325 -55.12 39.36 -80.88
C GLN R 325 -55.67 38.53 -82.02
N GLU R 326 -56.63 39.09 -82.75
CA GLU R 326 -57.34 38.42 -83.82
C GLU R 326 -57.02 38.98 -85.19
N GLY R 327 -56.28 40.08 -85.27
CA GLY R 327 -55.92 40.64 -86.55
C GLY R 327 -57.01 41.46 -87.19
N VAL R 328 -58.00 41.90 -86.40
CA VAL R 328 -59.16 42.63 -86.91
C VAL R 328 -58.75 44.04 -87.29
N VAL R 329 -59.62 44.72 -88.03
CA VAL R 329 -59.44 46.13 -88.35
C VAL R 329 -59.82 47.00 -87.15
N TYR R 330 -59.25 48.19 -87.09
CA TYR R 330 -59.66 49.23 -86.14
C TYR R 330 -60.22 50.37 -86.98
N GLU R 331 -61.52 50.31 -87.28
CA GLU R 331 -62.18 51.40 -87.98
C GLU R 331 -62.67 52.38 -86.94
N PRO R 332 -62.06 53.56 -86.81
CA PRO R 332 -62.40 54.44 -85.70
C PRO R 332 -63.83 54.95 -85.72
N LEU R 333 -64.19 55.66 -84.66
CA LEU R 333 -65.53 56.20 -84.48
C LEU R 333 -65.58 57.62 -85.04
N VAL R 334 -66.59 57.90 -85.85
CA VAL R 334 -66.75 59.20 -86.48
C VAL R 334 -68.18 59.68 -86.30
N ILE R 335 -68.33 60.95 -85.97
CA ILE R 335 -69.63 61.58 -85.68
C ILE R 335 -70.69 60.58 -85.27
N MET S 12 -29.57 70.17 -7.33
CA MET S 12 -30.49 69.05 -7.18
C MET S 12 -31.87 69.48 -6.67
N SER S 13 -32.59 70.27 -7.46
CA SER S 13 -34.03 70.44 -7.28
C SER S 13 -34.37 70.97 -5.89
N THR S 14 -34.02 72.23 -5.65
CA THR S 14 -34.23 72.88 -4.37
C THR S 14 -35.53 73.69 -4.34
N LEU S 15 -36.02 73.94 -3.12
CA LEU S 15 -37.28 74.63 -2.88
C LEU S 15 -37.05 75.93 -2.12
N TYR S 16 -37.74 76.99 -2.54
CA TYR S 16 -37.64 78.30 -1.92
C TYR S 16 -39.03 78.85 -1.65
N LEU S 17 -39.14 79.67 -0.59
CA LEU S 17 -40.41 80.32 -0.27
C LEU S 17 -40.19 81.75 0.19
N THR S 18 -40.92 82.66 -0.44
CA THR S 18 -40.87 84.08 -0.18
C THR S 18 -42.08 84.62 0.57
N GLN S 19 -43.24 83.97 0.41
CA GLN S 19 -44.49 84.56 0.85
C GLN S 19 -44.71 84.22 2.33
N PRO S 20 -44.91 85.21 3.20
CA PRO S 20 -45.11 84.90 4.62
C PRO S 20 -46.52 84.46 4.99
N ASP S 21 -47.33 84.10 3.99
CA ASP S 21 -48.69 83.62 4.22
C ASP S 21 -48.89 82.19 3.73
N ALA S 22 -47.82 81.44 3.53
CA ALA S 22 -47.90 80.13 2.89
C ALA S 22 -47.86 79.04 3.95
N VAL S 23 -48.82 78.12 3.86
CA VAL S 23 -48.94 76.99 4.78
C VAL S 23 -48.63 75.70 4.03
N LEU S 24 -47.88 74.82 4.68
CA LEU S 24 -47.53 73.52 4.12
C LEU S 24 -48.22 72.42 4.91
N SER S 25 -48.96 71.56 4.20
CA SER S 25 -49.60 70.39 4.77
C SER S 25 -49.12 69.17 4.00
N LYS S 26 -49.37 67.98 4.57
CA LYS S 26 -49.04 66.72 3.94
C LYS S 26 -50.31 66.00 3.50
N LYS S 27 -50.31 65.48 2.28
CA LYS S 27 -51.42 64.64 1.82
C LYS S 27 -50.90 63.23 1.53
N HIS S 28 -50.74 62.46 2.60
CA HIS S 28 -50.41 61.05 2.59
C HIS S 28 -49.09 60.68 1.95
N GLU S 29 -48.52 61.55 1.10
CA GLU S 29 -47.13 61.40 0.68
C GLU S 29 -46.51 62.69 0.18
N ALA S 30 -47.25 63.81 0.20
CA ALA S 30 -46.80 65.01 -0.49
C ALA S 30 -47.34 66.28 0.14
N PHE S 31 -46.79 67.41 -0.30
CA PHE S 31 -47.04 68.73 0.28
C PHE S 31 -48.11 69.49 -0.48
N HIS S 32 -48.78 70.41 0.22
CA HIS S 32 -49.75 71.32 -0.39
C HIS S 32 -49.57 72.72 0.19
N VAL S 33 -49.25 73.69 -0.68
CA VAL S 33 -49.10 75.10 -0.32
C VAL S 33 -50.42 75.83 -0.50
N ALA S 34 -50.72 76.77 0.41
CA ALA S 34 -51.97 77.53 0.41
C ALA S 34 -51.66 79.03 0.38
N LEU S 35 -51.83 79.64 -0.79
CA LEU S 35 -51.50 81.05 -1.02
C LEU S 35 -52.70 82.01 -0.99
N LYS S 36 -53.73 81.75 -1.78
CA LYS S 36 -54.79 82.72 -2.07
C LYS S 36 -55.18 83.61 -0.90
N GLN S 37 -55.28 83.05 0.30
CA GLN S 37 -55.55 83.84 1.50
C GLN S 37 -56.88 84.59 1.38
N GLU S 38 -57.96 83.80 1.37
CA GLU S 38 -59.33 84.31 1.46
C GLU S 38 -59.76 85.11 0.23
N ASP S 39 -59.12 84.87 -0.92
CA ASP S 39 -59.66 85.29 -2.20
C ASP S 39 -60.19 84.09 -2.99
N GLY S 40 -60.39 82.97 -2.30
CA GLY S 40 -60.85 81.72 -2.90
C GLY S 40 -60.73 80.59 -1.89
N SER S 41 -60.24 79.44 -2.34
CA SER S 41 -59.98 78.30 -1.46
C SER S 41 -58.51 78.20 -1.07
N TRP S 42 -57.81 79.33 -1.05
CA TRP S 42 -56.40 79.47 -0.69
C TRP S 42 -55.45 79.04 -1.82
N LYS S 43 -55.95 78.68 -2.99
CA LYS S 43 -55.11 78.23 -4.10
C LYS S 43 -54.07 77.25 -3.59
N LYS S 44 -54.58 76.10 -3.15
CA LYS S 44 -53.75 75.05 -2.56
C LYS S 44 -52.93 74.35 -3.64
N GLN S 45 -51.62 74.63 -3.66
CA GLN S 45 -50.71 74.15 -4.71
C GLN S 45 -49.86 72.99 -4.24
N PRO S 46 -49.95 71.81 -4.87
CA PRO S 46 -49.14 70.67 -4.45
C PRO S 46 -47.66 70.81 -4.80
N ILE S 47 -46.83 70.10 -4.03
CA ILE S 47 -45.38 70.07 -4.23
C ILE S 47 -44.84 68.68 -3.90
N PRO S 48 -43.86 68.17 -4.64
CA PRO S 48 -43.22 66.91 -4.23
C PRO S 48 -42.07 67.14 -3.27
N ALA S 49 -41.87 66.14 -2.40
CA ALA S 49 -40.74 66.10 -1.48
C ALA S 49 -39.73 65.01 -1.79
N GLN S 50 -40.20 63.85 -2.23
CA GLN S 50 -39.37 62.70 -2.56
C GLN S 50 -38.29 63.00 -3.60
N THR S 51 -38.28 64.19 -4.21
CA THR S 51 -37.22 64.61 -5.11
C THR S 51 -36.25 65.61 -4.48
N LEU S 52 -36.60 66.19 -3.34
CA LEU S 52 -35.91 67.36 -2.81
C LEU S 52 -34.69 67.01 -1.98
N GLU S 53 -33.78 67.98 -1.88
CA GLU S 53 -32.60 67.87 -1.03
C GLU S 53 -32.38 69.06 -0.11
N ASP S 54 -33.22 70.09 -0.16
CA ASP S 54 -33.01 71.26 0.68
C ASP S 54 -34.23 72.18 0.62
N ILE S 55 -34.47 72.91 1.71
CA ILE S 55 -35.56 73.88 1.80
C ILE S 55 -35.06 75.17 2.45
N VAL S 56 -35.64 76.30 2.02
CA VAL S 56 -35.28 77.62 2.53
C VAL S 56 -36.55 78.44 2.72
N LEU S 57 -36.74 78.98 3.93
CA LEU S 57 -37.88 79.83 4.25
C LEU S 57 -37.44 81.22 4.69
N LEU S 58 -37.96 82.25 4.02
CA LEU S 58 -37.55 83.63 4.25
C LEU S 58 -38.57 84.45 5.04
N GLY S 59 -39.81 84.50 4.56
CA GLY S 59 -40.82 85.29 5.21
C GLY S 59 -41.40 84.67 6.46
N TYR S 60 -40.67 83.74 7.07
CA TYR S 60 -41.13 83.09 8.28
C TYR S 60 -42.54 82.55 8.02
N PRO S 61 -42.72 81.72 6.99
CA PRO S 61 -44.06 81.23 6.68
C PRO S 61 -44.51 80.17 7.66
N SER S 62 -45.82 79.96 7.71
CA SER S 62 -46.39 78.95 8.59
C SER S 62 -46.24 77.57 7.97
N ILE S 63 -46.05 76.57 8.83
CA ILE S 63 -45.81 75.20 8.40
C ILE S 63 -46.61 74.24 9.27
N THR S 64 -47.10 73.17 8.66
CA THR S 64 -47.66 72.07 9.42
C THR S 64 -46.52 71.29 10.09
N GLY S 65 -46.62 71.11 11.40
CA GLY S 65 -45.67 70.24 12.07
C GLY S 65 -45.79 68.79 11.60
N GLU S 66 -47.02 68.33 11.37
CA GLU S 66 -47.23 66.98 10.85
C GLU S 66 -46.54 66.79 9.51
N ALA S 67 -46.32 67.86 8.76
CA ALA S 67 -45.58 67.77 7.50
C ALA S 67 -44.09 67.81 7.78
N LEU S 68 -43.69 68.64 8.75
CA LEU S 68 -42.29 68.78 9.11
C LEU S 68 -41.69 67.46 9.56
N GLY S 69 -42.38 66.76 10.46
CA GLY S 69 -41.91 65.46 10.92
C GLY S 69 -41.69 64.44 9.82
N TYR S 70 -42.24 64.69 8.64
CA TYR S 70 -41.99 63.86 7.47
C TYR S 70 -40.72 64.27 6.73
N ALA S 71 -40.30 65.52 6.86
CA ALA S 71 -39.11 65.99 6.17
C ALA S 71 -37.84 65.37 6.76
N LEU S 72 -37.83 65.12 8.06
CA LEU S 72 -36.65 64.57 8.72
C LEU S 72 -36.59 63.05 8.60
N GLU S 73 -37.66 62.43 8.15
CA GLU S 73 -37.66 61.05 7.70
C GLU S 73 -37.06 60.88 6.31
N LEU S 74 -36.58 61.97 5.71
CA LEU S 74 -36.12 61.95 4.33
C LEU S 74 -34.72 62.52 4.16
N GLY S 75 -34.17 63.18 5.18
CA GLY S 75 -32.87 63.79 5.07
C GLY S 75 -32.94 65.18 4.50
N LEU S 76 -34.00 65.93 4.84
CA LEU S 76 -34.27 67.22 4.24
C LEU S 76 -34.09 68.35 5.25
N PRO S 77 -33.02 69.12 5.16
CA PRO S 77 -32.86 70.28 6.04
C PRO S 77 -33.93 71.34 5.79
N VAL S 78 -34.23 72.11 6.83
CA VAL S 78 -35.16 73.22 6.76
C VAL S 78 -34.44 74.47 7.27
N HIS S 79 -34.37 75.50 6.44
CA HIS S 79 -33.63 76.71 6.73
C HIS S 79 -34.57 77.90 6.85
N TYR S 80 -34.26 78.80 7.77
CA TYR S 80 -35.09 79.97 8.04
C TYR S 80 -34.29 81.24 7.82
N LEU S 81 -34.90 82.20 7.12
CA LEU S 81 -34.28 83.47 6.83
C LEU S 81 -35.32 84.58 6.99
N THR S 82 -34.92 85.81 6.66
CA THR S 82 -35.78 86.98 6.64
C THR S 82 -35.88 87.52 5.21
N GLN S 83 -36.90 88.34 4.97
CA GLN S 83 -37.05 88.98 3.67
C GLN S 83 -35.74 89.57 3.17
N PHE S 84 -34.89 90.03 4.09
CA PHE S 84 -33.61 90.62 3.73
C PHE S 84 -32.56 89.58 3.40
N GLY S 85 -32.73 88.36 3.88
CA GLY S 85 -31.79 87.28 3.60
C GLY S 85 -30.88 86.92 4.74
N LYS S 86 -31.02 87.57 5.89
CA LYS S 86 -30.16 87.24 7.02
C LYS S 86 -30.47 85.85 7.54
N TYR S 87 -29.43 85.12 7.90
CA TYR S 87 -29.61 83.79 8.44
C TYR S 87 -30.00 83.92 9.91
N VAL S 88 -31.02 83.16 10.32
CA VAL S 88 -31.48 83.14 11.69
C VAL S 88 -31.35 81.75 12.31
N GLY S 89 -31.68 80.72 11.56
CA GLY S 89 -31.61 79.37 12.06
C GLY S 89 -32.12 78.39 11.04
N SER S 90 -31.91 77.11 11.34
CA SER S 90 -32.35 76.03 10.47
C SER S 90 -32.63 74.81 11.34
N ALA S 91 -33.59 74.00 10.90
CA ALA S 91 -33.98 72.79 11.60
C ALA S 91 -33.44 71.59 10.82
N LEU S 92 -32.62 70.77 11.47
CA LEU S 92 -31.84 69.76 10.78
C LEU S 92 -32.31 68.33 11.11
N PRO S 93 -32.10 67.40 10.17
CA PRO S 93 -32.55 66.01 10.36
C PRO S 93 -31.64 65.15 11.21
N SER S 94 -31.90 63.84 11.23
CA SER S 94 -31.10 62.91 12.01
C SER S 94 -29.62 63.10 11.72
N GLU S 95 -28.82 62.98 12.79
CA GLU S 95 -27.44 63.39 12.83
C GLU S 95 -26.48 62.25 12.45
N SER S 96 -25.19 62.49 12.69
CA SER S 96 -24.13 61.51 12.49
C SER S 96 -23.71 60.99 13.86
N ARG S 97 -23.23 59.75 13.89
CA ARG S 97 -22.94 59.08 15.14
C ARG S 97 -21.45 58.87 15.38
N ASN S 98 -20.59 59.71 14.84
CA ASN S 98 -19.16 59.54 15.06
C ASN S 98 -18.64 60.54 16.09
N GLY S 99 -18.46 60.07 17.32
CA GLY S 99 -17.79 60.87 18.33
C GLY S 99 -16.31 61.03 18.02
N GLN S 100 -15.65 59.93 17.65
CA GLN S 100 -14.23 59.97 17.32
C GLN S 100 -13.87 61.15 16.43
N LEU S 101 -14.74 61.47 15.47
CA LEU S 101 -14.50 62.64 14.64
C LEU S 101 -14.52 63.91 15.48
N ARG S 102 -15.64 64.16 16.15
CA ARG S 102 -15.82 65.39 16.90
C ARG S 102 -14.78 65.53 18.00
N LEU S 103 -14.23 64.42 18.48
CA LEU S 103 -13.15 64.50 19.44
C LEU S 103 -11.89 65.06 18.77
N ALA S 104 -11.47 64.44 17.67
CA ALA S 104 -10.33 64.94 16.91
C ALA S 104 -10.56 66.38 16.46
N GLN S 105 -11.77 66.69 16.02
CA GLN S 105 -12.13 68.08 15.74
C GLN S 105 -11.76 68.98 16.91
N PHE S 106 -11.86 68.47 18.13
CA PHE S 106 -11.48 69.20 19.34
C PHE S 106 -10.07 68.88 19.81
N ARG S 107 -9.69 67.59 19.88
CA ARG S 107 -8.34 67.24 20.27
C ARG S 107 -7.31 68.08 19.52
N ALA S 108 -7.65 68.53 18.31
CA ALA S 108 -6.79 69.42 17.53
C ALA S 108 -7.02 70.89 17.84
N HIS S 109 -8.21 71.26 18.32
CA HIS S 109 -8.50 72.66 18.59
C HIS S 109 -7.64 73.23 19.72
N GLU S 110 -7.24 72.41 20.67
CA GLU S 110 -6.43 72.86 21.79
C GLU S 110 -4.94 72.70 21.55
N ASP S 111 -4.54 72.06 20.45
CA ASP S 111 -3.14 72.08 20.05
C ASP S 111 -2.98 73.10 18.92
N PRO S 112 -2.71 74.37 19.24
CA PRO S 112 -2.72 75.39 18.17
C PRO S 112 -1.71 75.12 17.07
N ILE S 113 -0.63 74.39 17.39
CA ILE S 113 0.37 74.08 16.37
C ILE S 113 -0.30 73.41 15.19
N GLN S 114 -1.28 72.55 15.47
CA GLN S 114 -2.08 71.94 14.41
C GLN S 114 -3.06 72.94 13.83
N ARG S 115 -3.76 73.68 14.69
CA ARG S 115 -4.72 74.70 14.27
C ARG S 115 -4.12 75.64 13.24
N LEU S 116 -2.85 76.03 13.42
CA LEU S 116 -2.23 76.94 12.47
C LEU S 116 -2.01 76.26 11.12
N ASP S 117 -1.39 75.08 11.13
CA ASP S 117 -1.13 74.37 9.88
C ASP S 117 -2.39 74.20 9.05
N ILE S 118 -3.57 74.40 9.66
CA ILE S 118 -4.84 74.33 8.94
C ILE S 118 -5.31 75.71 8.50
N VAL S 119 -5.40 76.67 9.41
CA VAL S 119 -5.94 77.99 9.04
C VAL S 119 -5.12 78.58 7.90
N LYS S 120 -3.81 78.36 7.92
CA LYS S 120 -2.98 78.79 6.81
C LYS S 120 -3.50 78.20 5.49
N ALA S 121 -4.15 77.05 5.56
CA ALA S 121 -4.72 76.42 4.36
C ALA S 121 -6.02 77.11 3.95
N PHE S 122 -6.92 77.34 4.91
CA PHE S 122 -8.16 78.06 4.62
C PHE S 122 -7.86 79.37 3.90
N VAL S 123 -6.84 80.09 4.38
CA VAL S 123 -6.51 81.40 3.84
C VAL S 123 -5.82 81.28 2.49
N LYS S 124 -4.80 80.43 2.39
CA LYS S 124 -4.18 80.16 1.10
C LYS S 124 -5.24 79.78 0.07
N GLY S 125 -6.23 79.00 0.48
CA GLY S 125 -7.32 78.63 -0.42
C GLY S 125 -8.38 79.69 -0.57
N LYS S 126 -8.31 80.75 0.23
CA LYS S 126 -9.26 81.85 0.19
C LYS S 126 -8.74 83.07 -0.57
N VAL S 127 -7.55 83.56 -0.23
CA VAL S 127 -7.07 84.79 -0.85
C VAL S 127 -6.62 84.55 -2.28
N HIS S 128 -5.88 83.47 -2.53
CA HIS S 128 -5.60 83.10 -3.92
C HIS S 128 -6.91 82.96 -4.68
N ASN S 129 -7.96 82.52 -3.97
CA ASN S 129 -9.29 82.48 -4.54
C ASN S 129 -9.78 83.88 -4.91
N GLN S 130 -9.32 84.90 -4.17
CA GLN S 130 -9.71 86.27 -4.44
C GLN S 130 -8.97 86.86 -5.64
N TYR S 131 -7.63 86.87 -5.58
CA TYR S 131 -6.86 87.41 -6.71
C TYR S 131 -7.20 86.68 -8.00
N ASN S 132 -7.31 85.36 -7.94
CA ASN S 132 -7.70 84.61 -9.13
C ASN S 132 -9.13 84.89 -9.55
N LEU S 133 -9.92 85.54 -8.70
CA LEU S 133 -11.24 86.03 -9.13
C LEU S 133 -11.11 87.36 -9.87
N LEU S 134 -10.37 88.30 -9.30
CA LEU S 134 -10.22 89.60 -9.93
C LEU S 134 -9.58 89.49 -11.31
N TYR S 135 -8.75 88.47 -11.51
CA TYR S 135 -8.21 88.20 -12.84
C TYR S 135 -9.27 87.64 -13.77
N ARG S 136 -10.27 86.92 -13.23
CA ARG S 136 -11.43 86.57 -14.06
C ARG S 136 -12.12 87.84 -14.53
N ARG S 137 -12.23 88.83 -13.64
CA ARG S 137 -12.88 90.09 -13.94
C ARG S 137 -11.99 91.07 -14.70
N GLY S 138 -10.68 90.88 -14.68
CA GLY S 138 -9.77 91.82 -15.31
C GLY S 138 -9.19 92.91 -14.44
N GLN S 139 -8.28 92.52 -13.54
CA GLN S 139 -7.59 93.44 -12.65
C GLN S 139 -6.12 93.07 -12.63
N VAL S 140 -5.26 94.04 -12.91
CA VAL S 140 -3.84 93.78 -13.11
C VAL S 140 -3.17 93.19 -11.87
N ASP S 141 -3.08 93.97 -10.79
CA ASP S 141 -2.24 93.58 -9.68
C ASP S 141 -3.03 93.37 -8.39
N ASN S 142 -3.67 94.41 -7.85
CA ASN S 142 -4.34 94.33 -6.56
C ASN S 142 -3.51 93.44 -5.64
N PRO S 143 -2.37 93.93 -5.13
CA PRO S 143 -1.28 93.00 -4.77
C PRO S 143 -1.61 92.07 -3.62
N LEU S 144 -2.39 91.03 -3.91
CA LEU S 144 -2.72 89.99 -2.94
C LEU S 144 -1.82 88.78 -3.09
N LYS S 145 -1.49 88.41 -4.34
CA LYS S 145 -0.51 87.35 -4.61
C LYS S 145 0.61 87.38 -3.58
N GLY S 146 1.15 88.59 -3.33
CA GLY S 146 2.14 88.74 -2.29
C GLY S 146 1.57 88.53 -0.90
N ARG S 147 0.29 88.88 -0.71
CA ARG S 147 -0.41 88.69 0.55
C ARG S 147 -0.76 87.23 0.80
N GLY S 148 -0.28 86.31 -0.02
CA GLY S 148 -0.46 84.91 0.27
C GLY S 148 0.81 84.30 0.80
N LYS S 149 1.95 84.64 0.19
CA LYS S 149 3.21 84.05 0.66
C LYS S 149 3.61 84.62 2.01
N LEU S 150 3.08 85.80 2.36
CA LEU S 150 3.18 86.36 3.71
C LEU S 150 2.40 85.56 4.73
N VAL S 151 1.57 84.61 4.32
CA VAL S 151 0.74 83.88 5.27
C VAL S 151 1.55 82.79 5.95
N MET S 152 2.19 81.93 5.17
CA MET S 152 3.06 80.91 5.75
C MET S 152 4.13 81.57 6.62
N ARG S 153 4.54 82.81 6.29
CA ARG S 153 5.55 83.47 7.10
C ARG S 153 5.04 83.87 8.44
N GLN S 154 3.85 83.45 8.84
CA GLN S 154 3.35 83.73 10.18
C GLN S 154 3.24 82.42 10.94
N GLN S 155 3.25 82.53 12.26
CA GLN S 155 3.28 81.36 13.12
C GLN S 155 2.38 81.54 14.33
N THR S 156 1.39 82.42 14.24
CA THR S 156 0.41 82.60 15.30
C THR S 156 -0.94 82.86 14.63
N LEU S 157 -1.98 82.90 15.45
CA LEU S 157 -3.32 83.15 14.95
C LEU S 157 -3.60 84.65 14.85
N GLU S 158 -3.36 85.39 15.94
CA GLU S 158 -3.60 86.82 15.95
C GLU S 158 -2.87 87.51 14.82
N GLN S 159 -1.67 87.02 14.48
CA GLN S 159 -0.95 87.54 13.32
C GLN S 159 -1.78 87.41 12.04
N VAL S 160 -2.65 86.40 11.98
CA VAL S 160 -3.33 86.07 10.73
C VAL S 160 -4.66 86.81 10.61
N ARG S 161 -5.46 86.82 11.67
CA ARG S 161 -6.79 87.45 11.59
C ARG S 161 -6.69 88.90 11.16
N GLY S 162 -5.64 89.61 11.58
CA GLY S 162 -5.40 90.93 11.05
C GLY S 162 -5.07 90.91 9.58
N ILE S 163 -4.50 89.80 9.10
CA ILE S 163 -4.10 89.70 7.70
C ILE S 163 -5.31 89.41 6.82
N GLU S 164 -6.15 88.45 7.20
CA GLU S 164 -7.35 88.16 6.40
C GLU S 164 -8.21 89.42 6.26
N GLY S 165 -8.40 90.15 7.36
CA GLY S 165 -9.13 91.40 7.28
C GLY S 165 -8.43 92.40 6.37
N LEU S 166 -7.10 92.34 6.32
CA LEU S 166 -6.35 93.22 5.43
C LEU S 166 -6.63 92.88 3.97
N ALA S 167 -6.44 91.61 3.58
CA ALA S 167 -6.66 91.23 2.19
C ALA S 167 -8.09 91.56 1.74
N ALA S 168 -9.05 91.38 2.64
CA ALA S 168 -10.44 91.70 2.32
C ALA S 168 -10.61 93.20 2.04
N ARG S 169 -10.05 94.04 2.92
CA ARG S 169 -10.11 95.47 2.69
C ARG S 169 -9.39 95.87 1.42
N GLU S 170 -8.24 95.26 1.14
CA GLU S 170 -7.57 95.45 -0.15
C GLU S 170 -8.39 94.85 -1.29
N TYR S 171 -9.25 93.89 -0.97
CA TYR S 171 -10.12 93.23 -1.93
C TYR S 171 -11.33 94.11 -2.22
N PHE S 172 -11.80 94.86 -1.22
CA PHE S 172 -12.93 95.76 -1.36
C PHE S 172 -12.54 97.14 -1.88
N ALA S 173 -11.28 97.57 -1.67
CA ALA S 173 -10.85 98.83 -2.26
C ALA S 173 -10.69 98.73 -3.76
N SER S 174 -10.58 97.50 -4.29
CA SER S 174 -10.53 97.23 -5.71
C SER S 174 -11.91 96.96 -6.28
N TRP S 175 -12.96 97.38 -5.59
CA TRP S 175 -14.33 96.99 -5.86
C TRP S 175 -15.09 98.00 -6.71
N GLN S 176 -15.09 99.28 -6.30
CA GLN S 176 -15.74 100.31 -7.09
C GLN S 176 -15.24 100.32 -8.53
N GLU S 177 -13.92 100.20 -8.71
CA GLU S 177 -13.34 100.18 -10.05
C GLU S 177 -13.87 99.03 -10.87
N MET S 178 -14.26 97.93 -10.21
CA MET S 178 -14.77 96.75 -10.89
C MET S 178 -16.27 96.84 -11.11
N LEU S 179 -16.96 97.65 -10.32
CA LEU S 179 -18.41 97.83 -10.47
C LEU S 179 -18.72 98.82 -11.58
N GLY S 180 -18.23 100.04 -11.44
CA GLY S 180 -18.56 101.15 -12.29
C GLY S 180 -19.02 102.32 -11.46
N HIS S 181 -19.80 103.19 -12.08
CA HIS S 181 -20.27 104.42 -11.46
C HIS S 181 -21.71 104.32 -10.98
N GLU S 182 -22.47 103.34 -11.48
CA GLU S 182 -23.88 103.23 -11.17
C GLU S 182 -24.14 102.98 -9.68
N TRP S 183 -23.23 102.28 -9.01
CA TRP S 183 -23.38 101.90 -7.61
C TRP S 183 -22.27 102.52 -6.78
N THR S 184 -22.40 102.37 -5.46
CA THR S 184 -21.42 102.90 -4.52
C THR S 184 -20.95 101.79 -3.61
N PHE S 185 -19.64 101.64 -3.50
CA PHE S 185 -19.06 100.71 -2.53
C PHE S 185 -17.69 101.22 -2.12
N THR S 186 -17.53 101.53 -0.84
CA THR S 186 -16.23 101.86 -0.27
C THR S 186 -15.69 100.71 0.58
N GLY S 187 -16.56 100.07 1.35
CA GLY S 187 -16.21 98.94 2.19
C GLY S 187 -17.47 98.20 2.57
N ARG S 188 -17.27 97.08 3.27
CA ARG S 188 -18.36 96.23 3.71
C ARG S 188 -18.50 96.33 5.23
N PHE S 189 -19.73 96.28 5.69
CA PHE S 189 -20.08 96.45 7.09
C PHE S 189 -20.74 95.20 7.66
N ARG S 190 -20.25 94.74 8.81
CA ARG S 190 -20.98 93.72 9.58
C ARG S 190 -22.33 94.24 10.02
N ARG S 191 -22.55 95.55 9.84
CA ARG S 191 -23.74 96.31 10.16
C ARG S 191 -24.93 95.72 9.41
N PRO S 192 -26.12 96.27 9.59
CA PRO S 192 -27.17 96.06 8.60
C PRO S 192 -26.74 96.75 7.31
N PRO S 193 -27.53 96.63 6.27
CA PRO S 193 -27.08 97.24 5.00
C PRO S 193 -27.24 98.75 4.90
N THR S 194 -26.23 99.46 5.43
CA THR S 194 -26.18 100.90 5.23
C THR S 194 -25.98 101.22 3.77
N ASP S 195 -25.44 100.28 3.03
CA ASP S 195 -25.24 100.22 1.61
C ASP S 195 -26.15 99.13 1.05
N PRO S 196 -26.75 99.35 -0.12
CA PRO S 196 -27.59 98.29 -0.69
C PRO S 196 -26.81 97.01 -0.92
N VAL S 197 -25.63 97.12 -1.53
CA VAL S 197 -24.83 95.97 -1.92
C VAL S 197 -24.56 95.08 -0.71
N ASN S 198 -24.10 95.67 0.39
CA ASN S 198 -23.89 94.91 1.62
C ASN S 198 -25.13 94.09 1.99
N ALA S 199 -26.32 94.57 1.62
CA ALA S 199 -27.53 93.78 1.87
C ALA S 199 -27.57 92.58 0.96
N LEU S 200 -27.19 92.77 -0.30
CA LEU S 200 -27.19 91.67 -1.25
C LEU S 200 -26.17 90.61 -0.87
N LEU S 201 -25.02 91.06 -0.35
CA LEU S 201 -24.01 90.12 0.15
C LEU S 201 -24.47 89.50 1.47
N SER S 202 -24.91 90.33 2.41
CA SER S 202 -25.56 89.82 3.61
C SER S 202 -26.69 88.87 3.26
N PHE S 203 -27.28 89.04 2.07
CA PHE S 203 -28.27 88.08 1.58
C PHE S 203 -27.57 86.80 1.14
N GLY S 204 -26.62 86.93 0.20
CA GLY S 204 -25.94 85.75 -0.29
C GLY S 204 -25.03 85.12 0.76
N TYR S 205 -24.19 85.93 1.40
CA TYR S 205 -23.37 85.41 2.49
C TYR S 205 -24.23 84.80 3.58
N GLY S 206 -25.48 85.25 3.73
CA GLY S 206 -26.36 84.69 4.73
C GLY S 206 -26.96 83.37 4.33
N LEU S 207 -27.50 83.31 3.11
CA LEU S 207 -28.01 82.06 2.58
C LEU S 207 -26.90 81.12 2.14
N LEU S 208 -25.63 81.49 2.30
CA LEU S 208 -24.57 80.54 2.04
C LEU S 208 -24.48 79.52 3.17
N ARG S 209 -24.73 79.95 4.41
CA ARG S 209 -24.77 79.02 5.53
C ARG S 209 -25.71 77.86 5.29
N THR S 210 -26.80 78.07 4.54
CA THR S 210 -27.81 77.03 4.40
C THR S 210 -27.22 75.77 3.79
N GLN S 211 -26.50 75.92 2.67
CA GLN S 211 -25.90 74.76 2.03
C GLN S 211 -24.70 74.25 2.81
N VAL S 212 -24.04 75.13 3.57
CA VAL S 212 -22.89 74.71 4.37
C VAL S 212 -23.35 74.06 5.67
N THR S 213 -24.30 74.68 6.37
CA THR S 213 -24.80 74.14 7.63
C THR S 213 -25.30 72.71 7.50
N ALA S 214 -25.62 72.26 6.29
CA ALA S 214 -26.05 70.89 6.07
C ALA S 214 -24.87 69.95 5.84
N ALA S 215 -23.92 70.35 4.99
CA ALA S 215 -22.79 69.47 4.67
C ALA S 215 -22.07 69.02 5.94
N VAL S 216 -21.96 69.91 6.92
CA VAL S 216 -21.30 69.56 8.16
C VAL S 216 -22.09 68.48 8.90
N HIS S 217 -23.41 68.65 8.96
CA HIS S 217 -24.27 67.66 9.61
C HIS S 217 -24.21 66.30 8.95
N ILE S 218 -23.83 66.24 7.66
CA ILE S 218 -23.64 64.96 7.00
C ILE S 218 -22.32 64.34 7.42
N ALA S 219 -21.27 65.16 7.48
CA ALA S 219 -19.95 64.71 7.89
C ALA S 219 -19.83 64.48 9.38
N GLY S 220 -20.86 64.81 10.15
CA GLY S 220 -20.80 64.66 11.59
C GLY S 220 -20.01 65.71 12.32
N LEU S 221 -19.70 66.83 11.67
CA LEU S 221 -18.87 67.85 12.28
C LEU S 221 -19.68 68.63 13.32
N ASP S 222 -18.96 69.16 14.31
CA ASP S 222 -19.56 70.06 15.30
C ASP S 222 -19.45 71.50 14.79
N PRO S 223 -20.54 72.13 14.37
CA PRO S 223 -20.41 73.49 13.81
C PRO S 223 -19.84 74.49 14.79
N TYR S 224 -20.11 74.32 16.09
CA TYR S 224 -19.69 75.29 17.08
C TYR S 224 -18.21 75.21 17.41
N ILE S 225 -17.47 74.28 16.82
CA ILE S 225 -16.03 74.14 17.07
C ILE S 225 -15.31 74.42 15.76
N GLY S 226 -14.62 75.56 15.70
CA GLY S 226 -13.89 75.93 14.51
C GLY S 226 -12.42 76.20 14.79
N PHE S 227 -11.70 76.68 13.78
CA PHE S 227 -10.28 76.94 13.88
C PHE S 227 -9.94 78.42 13.75
N LEU S 228 -10.73 79.19 13.00
CA LEU S 228 -10.55 80.63 12.94
C LEU S 228 -11.41 81.36 13.97
N HIS S 229 -12.73 81.22 13.86
CA HIS S 229 -13.66 81.88 14.76
C HIS S 229 -13.66 81.10 16.06
N GLU S 230 -12.97 81.62 17.06
CA GLU S 230 -12.95 80.95 18.35
C GLU S 230 -14.37 80.87 18.89
N THR S 231 -14.80 79.66 19.27
CA THR S 231 -16.19 79.46 19.67
C THR S 231 -16.33 80.01 21.09
N THR S 232 -16.31 81.34 21.18
CA THR S 232 -16.50 82.04 22.43
C THR S 232 -17.47 83.21 22.29
N ARG S 233 -18.09 83.38 21.11
CA ARG S 233 -19.15 84.36 20.89
C ARG S 233 -20.50 83.68 20.70
N GLY S 234 -20.58 82.38 20.97
CA GLY S 234 -21.76 81.62 20.68
C GLY S 234 -22.13 81.58 19.21
N GLN S 235 -21.14 81.73 18.33
CA GLN S 235 -21.32 81.66 16.90
C GLN S 235 -20.66 80.39 16.37
N PRO S 236 -21.31 79.62 15.49
CA PRO S 236 -20.65 78.41 14.99
C PRO S 236 -19.38 78.81 14.26
N ALA S 237 -18.44 77.88 14.19
CA ALA S 237 -17.12 78.23 13.65
C ALA S 237 -16.67 77.30 12.54
N MET S 238 -17.02 76.01 12.58
CA MET S 238 -16.71 75.15 11.45
C MET S 238 -17.42 75.65 10.20
N ILE S 239 -18.53 76.35 10.37
CA ILE S 239 -19.22 76.93 9.22
C ILE S 239 -18.47 78.16 8.73
N LEU S 240 -18.32 79.18 9.59
CA LEU S 240 -17.70 80.42 9.13
C LEU S 240 -16.25 80.19 8.75
N ASP S 241 -15.55 79.34 9.51
CA ASP S 241 -14.21 78.91 9.11
C ASP S 241 -14.25 78.25 7.74
N LEU S 242 -15.31 77.47 7.48
CA LEU S 242 -15.46 76.82 6.19
C LEU S 242 -16.11 77.74 5.17
N MET S 243 -17.16 78.46 5.58
CA MET S 243 -17.87 79.37 4.70
C MET S 243 -16.95 80.43 4.12
N GLU S 244 -15.83 80.69 4.81
CA GLU S 244 -14.91 81.73 4.38
C GLU S 244 -14.33 81.43 3.01
N GLU S 245 -13.95 80.18 2.77
CA GLU S 245 -13.35 79.80 1.50
C GLU S 245 -14.31 80.01 0.34
N PHE S 246 -15.61 80.14 0.62
CA PHE S 246 -16.64 80.23 -0.40
C PHE S 246 -17.30 81.59 -0.51
N ARG S 247 -17.16 82.44 0.52
CA ARG S 247 -17.79 83.76 0.48
C ARG S 247 -17.36 84.53 -0.77
N ALA S 248 -16.12 84.37 -1.20
CA ALA S 248 -15.55 85.23 -2.22
C ALA S 248 -15.82 84.77 -3.65
N LEU S 249 -16.21 83.51 -3.84
CA LEU S 249 -16.26 82.94 -5.18
C LEU S 249 -17.65 82.53 -5.66
N VAL S 250 -18.60 82.26 -4.77
CA VAL S 250 -19.93 81.83 -5.16
C VAL S 250 -20.98 82.91 -4.89
N ALA S 251 -21.04 83.40 -3.65
CA ALA S 251 -21.95 84.49 -3.33
C ALA S 251 -21.36 85.81 -3.79
N ASP S 252 -20.04 85.90 -3.77
CA ASP S 252 -19.36 87.13 -4.18
C ASP S 252 -19.17 87.19 -5.68
N SER S 253 -19.04 86.05 -6.35
CA SER S 253 -18.99 86.02 -7.81
C SER S 253 -20.38 86.11 -8.43
N VAL S 254 -21.41 85.61 -7.74
CA VAL S 254 -22.77 85.65 -8.27
C VAL S 254 -23.22 87.08 -8.49
N VAL S 255 -22.96 87.95 -7.51
CA VAL S 255 -23.45 89.33 -7.59
C VAL S 255 -22.92 90.00 -8.86
N LEU S 256 -21.63 89.88 -9.12
CA LEU S 256 -21.03 90.50 -10.28
C LEU S 256 -21.52 89.87 -11.57
N THR S 257 -22.12 88.69 -11.49
CA THR S 257 -22.73 88.03 -12.64
C THR S 257 -24.13 88.56 -12.92
N VAL S 258 -24.79 89.16 -11.94
CA VAL S 258 -26.13 89.68 -12.14
C VAL S 258 -26.11 91.20 -12.33
N LEU S 259 -25.13 91.88 -11.75
CA LEU S 259 -25.03 93.33 -11.88
C LEU S 259 -24.30 93.79 -13.14
N LYS S 260 -23.92 92.86 -14.03
CA LYS S 260 -23.49 93.22 -15.37
C LYS S 260 -24.57 92.94 -16.41
N GLN S 261 -25.68 92.34 -15.99
CA GLN S 261 -26.78 92.05 -16.88
C GLN S 261 -28.12 92.51 -16.33
N ARG S 262 -28.33 92.43 -15.02
CA ARG S 262 -29.66 92.58 -14.43
C ARG S 262 -29.67 93.52 -13.25
N GLU S 263 -30.88 93.89 -12.86
CA GLU S 263 -31.17 94.74 -11.71
C GLU S 263 -30.10 95.82 -11.49
N ILE S 264 -29.87 96.61 -12.52
CA ILE S 264 -28.85 97.66 -12.41
C ILE S 264 -29.27 98.69 -11.36
N GLN S 265 -30.57 98.91 -11.22
CA GLN S 265 -31.12 99.86 -10.26
C GLN S 265 -32.63 99.61 -10.19
N ARG S 266 -33.35 100.53 -9.56
CA ARG S 266 -34.81 100.57 -9.51
C ARG S 266 -35.44 99.40 -8.78
N GLN S 267 -34.67 98.38 -8.44
CA GLN S 267 -35.20 97.17 -7.83
C GLN S 267 -34.77 97.01 -6.37
N ASP S 268 -34.52 98.13 -5.70
CA ASP S 268 -34.20 98.15 -4.27
C ASP S 268 -35.14 99.13 -3.57
N PHE S 269 -35.15 99.07 -2.24
CA PHE S 269 -36.00 99.94 -1.46
C PHE S 269 -35.30 100.32 -0.16
N THR S 270 -35.45 101.58 0.24
CA THR S 270 -34.89 102.10 1.47
C THR S 270 -36.02 102.48 2.43
N GLU S 271 -35.92 102.05 3.69
CA GLU S 271 -37.00 102.40 4.61
C GLU S 271 -36.62 102.06 6.05
N SER S 272 -36.97 102.97 6.96
CA SER S 272 -36.95 102.77 8.40
C SER S 272 -35.54 102.76 8.99
N LEU S 273 -34.53 102.68 8.14
CA LEU S 273 -33.16 102.83 8.59
C LEU S 273 -32.29 103.52 7.55
N GLY S 274 -32.87 103.98 6.44
CA GLY S 274 -32.14 103.97 5.19
C GLY S 274 -32.32 102.57 4.67
N ALA S 275 -31.64 101.61 5.29
CA ALA S 275 -32.04 100.21 5.27
C ALA S 275 -32.41 99.75 3.85
N PHE S 276 -31.39 99.69 3.00
CA PHE S 276 -31.63 99.34 1.60
C PHE S 276 -32.09 97.89 1.52
N ARG S 277 -33.40 97.70 1.61
CA ARG S 277 -34.02 96.38 1.47
C ARG S 277 -34.16 96.03 0.00
N LEU S 278 -34.47 94.78 -0.27
CA LEU S 278 -34.68 94.34 -1.64
C LEU S 278 -36.16 94.38 -1.98
N THR S 279 -36.45 94.37 -3.27
CA THR S 279 -37.82 94.26 -3.77
C THR S 279 -38.21 92.80 -4.00
N ASP S 280 -39.49 92.51 -3.80
CA ASP S 280 -40.02 91.22 -4.22
C ASP S 280 -40.03 91.17 -5.74
N SER S 281 -40.01 89.94 -6.28
CA SER S 281 -39.95 89.71 -7.72
C SER S 281 -38.54 90.01 -8.24
N ALA S 282 -37.73 90.66 -7.41
CA ALA S 282 -36.29 90.76 -7.60
C ALA S 282 -35.57 89.69 -6.80
N THR S 283 -36.07 89.40 -5.60
CA THR S 283 -35.58 88.27 -4.83
C THR S 283 -35.69 86.99 -5.65
N LYS S 284 -36.80 86.82 -6.38
CA LYS S 284 -37.02 85.59 -7.13
C LYS S 284 -36.06 85.47 -8.31
N THR S 285 -35.54 86.59 -8.80
CA THR S 285 -34.53 86.53 -9.83
C THR S 285 -33.14 86.27 -9.26
N PHE S 286 -32.87 86.81 -8.07
CA PHE S 286 -31.57 86.60 -7.43
C PHE S 286 -31.25 85.13 -7.28
N LEU S 287 -32.22 84.35 -6.78
CA LEU S 287 -31.95 82.95 -6.49
C LEU S 287 -31.78 82.15 -7.77
N GLY S 288 -32.47 82.54 -8.84
CA GLY S 288 -32.26 81.88 -10.12
C GLY S 288 -30.80 81.83 -10.48
N ALA S 289 -30.07 82.91 -10.19
CA ALA S 289 -28.62 82.89 -10.37
C ALA S 289 -27.94 82.04 -9.32
N PHE S 290 -28.51 81.96 -8.11
CA PHE S 290 -27.87 81.16 -7.08
C PHE S 290 -27.96 79.68 -7.40
N ASP S 291 -29.14 79.20 -7.80
CA ASP S 291 -29.24 77.80 -8.20
C ASP S 291 -28.52 77.56 -9.54
N ARG S 292 -28.53 78.56 -10.42
CA ARG S 292 -27.71 78.47 -11.62
C ARG S 292 -26.24 78.33 -11.23
N LYS S 293 -25.81 79.16 -10.29
CA LYS S 293 -24.43 79.08 -9.80
C LYS S 293 -24.15 77.71 -9.19
N LEU S 294 -25.12 77.15 -8.48
CA LEU S 294 -24.91 75.87 -7.81
C LEU S 294 -24.90 74.69 -8.76
N SER S 295 -25.51 74.80 -9.94
CA SER S 295 -25.52 73.72 -10.92
C SER S 295 -24.36 73.80 -11.90
N SER S 296 -23.25 74.41 -11.51
CA SER S 296 -22.11 74.63 -12.39
C SER S 296 -21.16 73.43 -12.31
N GLU S 297 -20.33 73.27 -13.34
CA GLU S 297 -19.45 72.11 -13.46
C GLU S 297 -18.01 72.35 -13.01
N PHE S 298 -17.31 73.27 -13.66
CA PHE S 298 -15.98 73.78 -13.29
C PHE S 298 -14.86 72.73 -13.21
N LYS S 299 -15.17 71.47 -13.48
CA LYS S 299 -14.16 70.42 -13.61
C LYS S 299 -13.30 70.16 -12.36
N HIS S 300 -13.54 70.85 -11.26
CA HIS S 300 -12.80 70.56 -10.03
C HIS S 300 -11.29 70.64 -10.24
N PRO S 301 -10.69 71.82 -10.35
CA PRO S 301 -9.30 71.90 -10.84
C PRO S 301 -8.28 71.29 -9.90
N ILE S 302 -8.49 70.03 -9.50
CA ILE S 302 -7.49 69.23 -8.82
C ILE S 302 -7.34 67.95 -9.63
N PHE S 303 -8.44 67.24 -9.80
CA PHE S 303 -8.60 66.17 -10.77
C PHE S 303 -9.65 66.64 -11.78
N ASN S 304 -10.07 65.74 -12.67
CA ASN S 304 -11.15 66.03 -13.60
C ASN S 304 -12.51 65.61 -13.05
N TYR S 305 -12.68 65.62 -11.71
CA TYR S 305 -13.95 65.29 -11.08
C TYR S 305 -15.14 65.86 -11.83
N LYS S 306 -15.15 67.18 -12.03
CA LYS S 306 -16.28 67.86 -12.68
C LYS S 306 -17.52 67.79 -11.78
N CYS S 307 -17.31 67.96 -10.48
CA CYS S 307 -18.40 68.06 -9.54
C CYS S 307 -19.00 69.47 -9.56
N THR S 308 -20.23 69.57 -9.05
CA THR S 308 -20.88 70.86 -8.86
C THR S 308 -20.32 71.61 -7.64
N TYR S 309 -20.58 72.92 -7.61
CA TYR S 309 -20.26 73.69 -6.41
C TYR S 309 -21.01 73.15 -5.21
N ARG S 310 -22.33 72.96 -5.36
CA ARG S 310 -23.17 72.48 -4.25
C ARG S 310 -22.55 71.27 -3.57
N ARG S 311 -22.01 70.35 -4.37
CA ARG S 311 -21.44 69.13 -3.80
C ARG S 311 -20.05 69.37 -3.25
N ALA S 312 -19.26 70.23 -3.92
CA ALA S 312 -17.91 70.51 -3.44
C ALA S 312 -17.89 70.82 -1.94
N ILE S 313 -18.95 71.42 -1.42
CA ILE S 313 -19.00 71.74 0.00
C ILE S 313 -19.14 70.46 0.81
N GLU S 314 -20.16 69.65 0.50
CA GLU S 314 -20.29 68.34 1.11
C GLU S 314 -18.97 67.58 1.04
N LEU S 315 -18.23 67.74 -0.05
CA LEU S 315 -16.97 67.02 -0.23
C LEU S 315 -15.86 67.57 0.66
N GLN S 316 -15.58 68.87 0.56
CA GLN S 316 -14.52 69.46 1.37
C GLN S 316 -14.68 69.10 2.84
N ALA S 317 -15.92 69.05 3.33
CA ALA S 317 -16.17 68.63 4.69
C ALA S 317 -15.72 67.18 4.91
N ARG S 318 -16.20 66.26 4.08
CA ARG S 318 -15.76 64.87 4.19
C ARG S 318 -14.25 64.76 4.01
N LEU S 319 -13.70 65.53 3.07
CA LEU S 319 -12.25 65.60 2.92
C LEU S 319 -11.61 66.00 4.24
N LEU S 320 -12.22 66.95 4.96
CA LEU S 320 -11.64 67.41 6.22
C LEU S 320 -11.68 66.31 7.27
N ALA S 321 -12.80 65.60 7.38
CA ALA S 321 -12.88 64.49 8.32
C ALA S 321 -11.73 63.53 8.13
N ARG S 322 -11.42 63.20 6.88
CA ARG S 322 -10.31 62.30 6.60
C ARG S 322 -8.98 62.92 6.98
N HIS S 323 -8.85 64.25 6.82
CA HIS S 323 -7.66 64.93 7.33
C HIS S 323 -7.47 64.70 8.81
N LEU S 324 -8.56 64.47 9.55
CA LEU S 324 -8.53 64.38 11.00
C LEU S 324 -8.44 62.94 11.50
N GLN S 325 -9.14 62.03 10.83
CA GLN S 325 -9.13 60.62 11.20
C GLN S 325 -8.10 59.82 10.43
N GLU S 326 -7.93 60.14 9.15
CA GLU S 326 -7.05 59.42 8.26
C GLU S 326 -5.79 60.20 7.90
N GLY S 327 -5.70 61.47 8.31
CA GLY S 327 -4.48 62.21 8.09
C GLY S 327 -4.32 62.72 6.69
N VAL S 328 -5.41 62.82 5.93
CA VAL S 328 -5.35 63.22 4.53
C VAL S 328 -5.01 64.70 4.48
N VAL S 329 -4.61 65.16 3.31
CA VAL S 329 -4.39 66.58 3.09
C VAL S 329 -5.75 67.26 2.93
N TYR S 330 -5.80 68.54 3.27
CA TYR S 330 -6.97 69.37 3.01
C TYR S 330 -6.55 70.46 2.02
N GLU S 331 -6.66 70.16 0.73
CA GLU S 331 -6.36 71.16 -0.29
C GLU S 331 -7.63 71.93 -0.62
N PRO S 332 -7.77 73.17 -0.17
CA PRO S 332 -9.00 73.93 -0.45
C PRO S 332 -9.13 74.24 -1.94
N LEU S 333 -10.22 74.89 -2.34
CA LEU S 333 -10.47 75.14 -3.75
C LEU S 333 -9.87 76.47 -4.20
N VAL S 334 -9.08 76.41 -5.27
CA VAL S 334 -8.47 77.58 -5.87
C VAL S 334 -8.63 77.43 -7.38
N ILE S 335 -9.03 78.50 -8.06
CA ILE S 335 -9.32 78.45 -9.49
C ILE S 335 -8.80 79.73 -10.13
N ARG S 336 -8.22 79.60 -11.32
CA ARG S 336 -7.57 80.72 -12.00
C ARG S 336 -7.90 80.73 -13.49
N MET T 12 -36.33 82.74 33.15
CA MET T 12 -35.77 81.42 33.45
C MET T 12 -36.69 80.30 32.99
N SER T 13 -37.98 80.43 33.26
CA SER T 13 -38.93 79.43 32.82
C SER T 13 -38.84 79.24 31.31
N THR T 14 -39.28 78.06 30.87
CA THR T 14 -39.26 77.64 29.48
C THR T 14 -40.69 77.27 29.10
N LEU T 15 -40.92 77.05 27.80
CA LEU T 15 -42.28 76.89 27.28
C LEU T 15 -42.55 75.47 26.83
N TYR T 16 -43.75 75.00 27.19
CA TYR T 16 -44.22 73.66 26.88
C TYR T 16 -45.60 73.74 26.25
N LEU T 17 -45.88 72.81 25.34
CA LEU T 17 -47.19 72.71 24.70
C LEU T 17 -47.54 71.24 24.50
N THR T 18 -48.74 70.86 24.98
CA THR T 18 -49.18 69.46 24.93
C THR T 18 -50.26 69.20 23.89
N GLN T 19 -51.13 70.16 23.63
CA GLN T 19 -52.33 69.91 22.84
C GLN T 19 -52.07 70.19 21.36
N PRO T 20 -52.38 69.26 20.46
CA PRO T 20 -52.25 69.57 19.02
C PRO T 20 -53.43 70.39 18.54
N ASP T 21 -54.15 70.97 19.49
CA ASP T 21 -55.30 71.82 19.24
C ASP T 21 -55.02 73.27 19.63
N ALA T 22 -53.76 73.60 19.87
CA ALA T 22 -53.32 74.90 20.33
C ALA T 22 -52.61 75.66 19.22
N VAL T 23 -52.93 76.94 19.08
CA VAL T 23 -52.29 77.81 18.10
C VAL T 23 -51.38 78.76 18.86
N LEU T 24 -50.16 78.93 18.37
CA LEU T 24 -49.21 79.88 18.93
C LEU T 24 -49.01 80.99 17.91
N SER T 25 -49.34 82.22 18.30
CA SER T 25 -49.18 83.38 17.46
C SER T 25 -48.38 84.47 18.17
N LYS T 26 -47.98 85.47 17.40
CA LYS T 26 -47.33 86.66 17.91
C LYS T 26 -48.32 87.80 17.84
N LYS T 27 -48.50 88.50 18.96
CA LYS T 27 -49.37 89.67 19.03
C LYS T 27 -48.56 90.89 19.46
N HIS T 28 -48.46 91.88 18.57
CA HIS T 28 -47.81 93.15 18.85
C HIS T 28 -46.58 92.99 19.73
N GLU T 29 -45.59 92.29 19.20
CA GLU T 29 -44.25 92.13 19.77
C GLU T 29 -44.22 91.09 20.88
N ALA T 30 -45.29 90.34 21.08
CA ALA T 30 -45.41 89.43 22.21
C ALA T 30 -46.22 88.22 21.76
N PHE T 31 -46.21 87.18 22.58
CA PHE T 31 -46.77 85.90 22.17
C PHE T 31 -48.23 85.75 22.58
N HIS T 32 -48.95 84.94 21.81
CA HIS T 32 -50.33 84.58 22.10
C HIS T 32 -50.48 83.08 21.88
N VAL T 33 -50.75 82.35 22.96
CA VAL T 33 -51.08 80.93 22.88
C VAL T 33 -52.59 80.82 22.83
N ALA T 34 -53.11 79.93 21.98
CA ALA T 34 -54.55 79.79 21.82
C ALA T 34 -54.93 78.32 22.06
N LEU T 35 -55.39 78.02 23.26
CA LEU T 35 -55.82 76.69 23.62
C LEU T 35 -57.34 76.59 23.57
N LYS T 36 -57.81 75.36 23.51
CA LYS T 36 -59.22 75.00 23.40
C LYS T 36 -59.29 73.53 23.75
N GLN T 37 -60.34 73.14 24.46
CA GLN T 37 -60.40 71.75 24.88
C GLN T 37 -61.84 71.36 25.20
N GLU T 38 -61.97 70.14 25.71
CA GLU T 38 -63.26 69.53 26.03
C GLU T 38 -64.15 70.49 26.79
N ASP T 39 -65.33 70.76 26.24
CA ASP T 39 -66.29 71.68 26.84
C ASP T 39 -65.68 73.08 26.96
N GLY T 40 -65.25 73.60 25.82
CA GLY T 40 -64.65 74.91 25.80
C GLY T 40 -64.45 75.42 24.39
N SER T 41 -63.56 76.41 24.29
CA SER T 41 -63.22 77.05 23.03
C SER T 41 -61.84 77.68 23.20
N TRP T 42 -61.48 78.59 22.30
CA TRP T 42 -60.20 79.28 22.42
C TRP T 42 -60.01 79.76 23.85
N LYS T 43 -58.83 79.44 24.40
CA LYS T 43 -58.49 79.74 25.79
C LYS T 43 -57.23 80.60 25.78
N LYS T 44 -57.31 81.73 25.09
CA LYS T 44 -56.19 82.63 24.90
C LYS T 44 -55.49 82.98 26.21
N GLN T 45 -54.19 83.24 26.10
CA GLN T 45 -53.35 83.73 27.18
C GLN T 45 -52.13 84.40 26.58
N PRO T 46 -51.96 85.71 26.74
CA PRO T 46 -50.76 86.36 26.19
C PRO T 46 -49.54 85.97 27.00
N ILE T 47 -48.38 86.08 26.37
CA ILE T 47 -47.15 85.70 27.05
C ILE T 47 -46.03 86.67 26.67
N PRO T 48 -45.20 87.11 27.61
CA PRO T 48 -44.03 87.91 27.26
C PRO T 48 -42.82 87.03 26.95
N ALA T 49 -41.85 87.66 26.30
CA ALA T 49 -40.56 87.07 25.97
C ALA T 49 -39.53 87.51 27.02
N GLN T 50 -38.25 87.42 26.67
CA GLN T 50 -37.12 87.93 27.44
C GLN T 50 -36.90 87.18 28.76
N THR T 51 -37.80 86.26 29.10
CA THR T 51 -37.57 85.37 30.22
C THR T 51 -37.17 83.96 29.79
N LEU T 52 -37.42 83.63 28.53
CA LEU T 52 -37.32 82.26 28.05
C LEU T 52 -35.92 81.95 27.54
N GLU T 53 -35.57 80.66 27.61
CA GLU T 53 -34.34 80.17 27.01
C GLU T 53 -34.58 78.92 26.15
N ASP T 54 -35.81 78.43 26.07
CA ASP T 54 -36.14 77.23 25.32
C ASP T 54 -37.66 77.14 25.18
N ILE T 55 -38.09 76.49 24.10
CA ILE T 55 -39.50 76.21 23.87
C ILE T 55 -39.59 74.73 23.48
N VAL T 56 -40.70 74.10 23.87
CA VAL T 56 -40.90 72.67 23.64
C VAL T 56 -42.32 72.45 23.15
N LEU T 57 -42.45 71.76 22.02
CA LEU T 57 -43.74 71.39 21.44
C LEU T 57 -43.87 69.88 21.51
N LEU T 58 -44.98 69.40 22.07
CA LEU T 58 -45.13 67.99 22.40
C LEU T 58 -45.90 67.22 21.34
N GLY T 59 -47.10 67.66 21.00
CA GLY T 59 -47.87 66.98 19.97
C GLY T 59 -47.40 67.41 18.60
N TYR T 60 -48.35 67.77 17.74
CA TYR T 60 -48.07 68.35 16.43
C TYR T 60 -48.98 69.55 16.22
N PRO T 61 -48.87 70.57 17.08
CA PRO T 61 -49.77 71.72 16.96
C PRO T 61 -49.41 72.60 15.78
N SER T 62 -50.36 73.44 15.40
CA SER T 62 -50.09 74.45 14.40
C SER T 62 -49.36 75.61 15.06
N ILE T 63 -48.48 76.24 14.29
CA ILE T 63 -47.65 77.33 14.81
C ILE T 63 -47.63 78.45 13.78
N THR T 64 -47.62 79.68 14.26
CA THR T 64 -47.40 80.82 13.41
C THR T 64 -45.94 80.85 12.95
N GLY T 65 -45.73 80.92 11.63
CA GLY T 65 -44.39 81.12 11.13
C GLY T 65 -43.81 82.44 11.59
N GLU T 66 -44.65 83.48 11.68
CA GLU T 66 -44.22 84.77 12.19
C GLU T 66 -43.66 84.66 13.61
N ALA T 67 -43.97 83.57 14.32
CA ALA T 67 -43.49 83.41 15.69
C ALA T 67 -42.05 82.89 15.72
N LEU T 68 -41.73 81.93 14.85
CA LEU T 68 -40.39 81.37 14.84
C LEU T 68 -39.34 82.44 14.54
N GLY T 69 -39.56 83.22 13.49
CA GLY T 69 -38.66 84.31 13.18
C GLY T 69 -38.51 85.31 14.30
N TYR T 70 -39.44 85.32 15.25
CA TYR T 70 -39.29 86.13 16.46
C TYR T 70 -38.54 85.35 17.53
N ALA T 71 -38.68 84.02 17.54
CA ALA T 71 -37.91 83.19 18.45
C ALA T 71 -36.49 83.01 17.95
N LEU T 72 -36.32 82.85 16.63
CA LEU T 72 -35.01 82.59 16.05
C LEU T 72 -34.25 83.86 15.70
N GLU T 73 -34.93 85.00 15.65
CA GLU T 73 -34.22 86.28 15.68
C GLU T 73 -33.80 86.62 17.10
N LEU T 74 -34.12 85.78 18.08
CA LEU T 74 -33.96 86.08 19.49
C LEU T 74 -33.12 85.06 20.23
N GLY T 75 -32.81 83.92 19.60
CA GLY T 75 -32.01 82.90 20.23
C GLY T 75 -32.79 81.89 21.03
N LEU T 76 -33.99 81.54 20.59
CA LEU T 76 -34.85 80.59 21.31
C LEU T 76 -35.01 79.34 20.47
N PRO T 77 -34.38 78.22 20.84
CA PRO T 77 -34.61 76.98 20.10
C PRO T 77 -36.06 76.54 20.20
N VAL T 78 -36.50 75.84 19.15
CA VAL T 78 -37.86 75.30 19.09
C VAL T 78 -37.75 73.81 18.81
N HIS T 79 -38.31 73.00 19.69
CA HIS T 79 -38.21 71.55 19.62
C HIS T 79 -39.57 70.94 19.35
N TYR T 80 -39.57 69.87 18.54
CA TYR T 80 -40.80 69.18 18.16
C TYR T 80 -40.70 67.73 18.63
N LEU T 81 -41.78 67.24 19.24
CA LEU T 81 -41.82 65.88 19.75
C LEU T 81 -43.22 65.32 19.46
N THR T 82 -43.50 64.15 20.02
CA THR T 82 -44.82 63.53 19.98
C THR T 82 -45.38 63.57 21.40
N GLN T 83 -46.71 63.46 21.51
CA GLN T 83 -47.34 63.48 22.83
C GLN T 83 -46.63 62.56 23.82
N PHE T 84 -46.05 61.46 23.33
CA PHE T 84 -45.35 60.53 24.20
C PHE T 84 -43.95 60.99 24.59
N GLY T 85 -43.34 61.88 23.79
CA GLY T 85 -42.01 62.38 24.07
C GLY T 85 -40.92 61.91 23.14
N LYS T 86 -41.25 61.15 22.09
CA LYS T 86 -40.23 60.73 21.13
C LYS T 86 -39.74 61.93 20.33
N TYR T 87 -38.43 62.03 20.16
CA TYR T 87 -37.84 63.17 19.47
C TYR T 87 -37.85 62.99 17.96
N VAL T 88 -38.19 64.07 17.24
CA VAL T 88 -38.23 64.08 15.79
C VAL T 88 -37.26 65.10 15.21
N GLY T 89 -37.17 66.28 15.80
CA GLY T 89 -36.29 67.32 15.30
C GLY T 89 -36.45 68.59 16.11
N SER T 90 -35.56 69.53 15.85
CA SER T 90 -35.57 70.81 16.55
C SER T 90 -35.04 71.89 15.62
N ALA T 91 -35.51 73.11 15.83
CA ALA T 91 -35.14 74.26 15.03
C ALA T 91 -34.18 75.14 15.83
N LEU T 92 -32.97 75.32 15.30
CA LEU T 92 -31.91 75.99 16.04
C LEU T 92 -31.57 77.32 15.39
N PRO T 93 -31.23 78.36 16.17
CA PRO T 93 -30.90 79.65 15.55
C PRO T 93 -29.44 79.78 15.13
N SER T 94 -29.10 80.93 14.57
CA SER T 94 -27.71 81.25 14.27
C SER T 94 -26.90 81.31 15.56
N GLU T 95 -27.33 82.16 16.48
CA GLU T 95 -26.59 82.49 17.68
C GLU T 95 -26.96 81.49 18.77
N SER T 96 -25.95 80.98 19.47
CA SER T 96 -26.22 80.05 20.54
C SER T 96 -24.96 79.86 21.37
N ARG T 97 -25.16 79.51 22.63
CA ARG T 97 -24.10 79.38 23.63
C ARG T 97 -23.78 77.92 23.89
N ASN T 98 -23.82 77.11 22.83
CA ASN T 98 -23.62 75.67 22.89
C ASN T 98 -22.18 75.24 22.65
N GLY T 99 -21.31 76.14 22.18
CA GLY T 99 -19.92 75.76 21.97
C GLY T 99 -19.18 75.47 23.27
N GLN T 100 -19.22 76.42 24.22
CA GLN T 100 -18.60 76.17 25.52
C GLN T 100 -19.07 74.86 26.11
N LEU T 101 -20.35 74.53 25.92
CA LEU T 101 -20.88 73.26 26.40
C LEU T 101 -20.15 72.09 25.77
N ARG T 102 -20.16 72.00 24.45
CA ARG T 102 -19.51 70.88 23.78
C ARG T 102 -18.03 70.83 24.14
N LEU T 103 -17.44 71.98 24.45
CA LEU T 103 -16.05 72.02 24.86
C LEU T 103 -15.89 71.39 26.23
N ALA T 104 -16.63 71.88 27.23
CA ALA T 104 -16.59 71.24 28.54
C ALA T 104 -17.04 69.80 28.46
N GLN T 105 -18.09 69.52 27.68
CA GLN T 105 -18.50 68.14 27.41
C GLN T 105 -17.33 67.30 26.93
N PHE T 106 -16.43 67.89 26.14
CA PHE T 106 -15.25 67.17 25.67
C PHE T 106 -14.07 67.38 26.62
N ARG T 107 -13.78 68.64 26.95
CA ARG T 107 -12.73 68.96 27.91
C ARG T 107 -12.86 68.12 29.19
N ALA T 108 -14.08 67.71 29.53
CA ALA T 108 -14.30 66.87 30.69
C ALA T 108 -14.12 65.38 30.40
N HIS T 109 -14.34 64.96 29.15
CA HIS T 109 -14.16 63.55 28.83
C HIS T 109 -12.69 63.18 28.88
N GLU T 110 -11.81 64.13 28.59
CA GLU T 110 -10.37 63.95 28.65
C GLU T 110 -9.77 64.40 29.96
N ASP T 111 -10.56 65.02 30.84
CA ASP T 111 -10.12 65.30 32.21
C ASP T 111 -10.75 64.25 33.11
N PRO T 112 -10.08 63.12 33.35
CA PRO T 112 -10.75 62.01 34.04
C PRO T 112 -11.26 62.36 35.41
N ILE T 113 -10.63 63.32 36.10
CA ILE T 113 -11.10 63.71 37.43
C ILE T 113 -12.54 64.19 37.34
N GLN T 114 -12.87 64.93 36.28
CA GLN T 114 -14.25 65.32 36.06
C GLN T 114 -15.08 64.13 35.62
N ARG T 115 -14.57 63.36 34.65
CA ARG T 115 -15.24 62.13 34.27
C ARG T 115 -15.49 61.24 35.48
N LEU T 116 -14.50 61.15 36.38
CA LEU T 116 -14.65 60.32 37.56
C LEU T 116 -15.62 60.94 38.56
N ASP T 117 -15.32 62.15 39.02
CA ASP T 117 -16.15 62.83 40.01
C ASP T 117 -17.59 62.99 39.53
N ILE T 118 -17.85 62.79 38.25
CA ILE T 118 -19.20 62.86 37.70
C ILE T 118 -19.86 61.48 37.68
N VAL T 119 -19.18 60.48 37.12
CA VAL T 119 -19.79 59.16 36.95
C VAL T 119 -20.27 58.60 38.29
N LYS T 120 -19.55 58.88 39.37
CA LYS T 120 -19.99 58.41 40.68
C LYS T 120 -21.42 58.85 40.97
N ALA T 121 -21.86 59.96 40.38
CA ALA T 121 -23.23 60.43 40.59
C ALA T 121 -24.21 59.58 39.80
N PHE T 122 -23.93 59.33 38.52
CA PHE T 122 -24.79 58.46 37.73
C PHE T 122 -25.03 57.15 38.46
N VAL T 123 -23.98 56.59 39.06
CA VAL T 123 -24.09 55.32 39.77
C VAL T 123 -24.81 55.53 41.10
N LYS T 124 -24.35 56.52 41.87
CA LYS T 124 -25.04 56.92 43.09
C LYS T 124 -26.52 57.21 42.84
N GLY T 125 -26.84 57.80 41.70
CA GLY T 125 -28.22 58.12 41.38
C GLY T 125 -29.06 56.95 40.91
N LYS T 126 -28.43 55.81 40.65
CA LYS T 126 -29.12 54.59 40.26
C LYS T 126 -29.31 53.64 41.43
N VAL T 127 -28.25 53.41 42.20
CA VAL T 127 -28.29 52.37 43.22
C VAL T 127 -29.20 52.78 44.37
N HIS T 128 -29.12 54.03 44.81
CA HIS T 128 -30.07 54.49 45.82
C HIS T 128 -31.51 54.35 45.35
N ASN T 129 -31.77 54.58 44.06
CA ASN T 129 -33.14 54.44 43.56
C ASN T 129 -33.62 52.99 43.62
N GLN T 130 -32.71 52.03 43.39
CA GLN T 130 -33.09 50.62 43.51
C GLN T 130 -33.17 50.22 44.97
N TYR T 131 -32.17 50.59 45.77
CA TYR T 131 -32.29 50.39 47.21
C TYR T 131 -33.59 51.03 47.70
N ASN T 132 -33.87 52.24 47.22
CA ASN T 132 -35.14 52.91 47.51
C ASN T 132 -36.32 52.28 46.78
N LEU T 133 -36.06 51.42 45.79
CA LEU T 133 -37.15 50.66 45.17
C LEU T 133 -37.53 49.47 46.03
N LEU T 134 -36.54 48.67 46.43
CA LEU T 134 -36.83 47.53 47.29
C LEU T 134 -37.41 47.98 48.63
N TYR T 135 -37.01 49.16 49.11
CA TYR T 135 -37.65 49.75 50.27
C TYR T 135 -39.06 50.21 49.95
N ARG T 136 -39.29 50.66 48.71
CA ARG T 136 -40.66 50.91 48.26
C ARG T 136 -41.46 49.61 48.22
N ARG T 137 -40.92 48.58 47.58
CA ARG T 137 -41.59 47.29 47.51
C ARG T 137 -41.31 46.40 48.72
N GLY T 138 -40.59 46.91 49.73
CA GLY T 138 -40.40 46.14 50.95
C GLY T 138 -39.80 44.75 50.78
N GLN T 139 -38.50 44.63 50.51
CA GLN T 139 -37.91 43.30 50.36
C GLN T 139 -36.75 43.05 51.31
N VAL T 140 -35.79 43.96 51.41
CA VAL T 140 -34.66 43.72 52.31
C VAL T 140 -35.01 44.28 53.68
N ASP T 141 -35.95 45.23 53.76
CA ASP T 141 -36.53 45.73 54.99
C ASP T 141 -35.52 46.53 55.81
N ASN T 142 -34.29 46.68 55.33
CA ASN T 142 -33.22 47.29 56.10
C ASN T 142 -33.34 48.80 56.08
N PRO T 143 -32.98 49.49 57.18
CA PRO T 143 -32.60 50.90 57.07
C PRO T 143 -31.58 51.13 55.97
N LEU T 144 -30.74 50.12 55.73
CA LEU T 144 -30.10 49.83 54.46
C LEU T 144 -28.90 50.63 54.02
N LYS T 145 -28.76 51.89 54.43
CA LYS T 145 -27.58 52.68 54.13
C LYS T 145 -27.23 52.75 52.64
N GLY T 146 -27.89 51.95 51.80
CA GLY T 146 -27.68 51.93 50.35
C GLY T 146 -26.27 51.64 49.86
N ARG T 147 -25.33 51.49 50.78
CA ARG T 147 -23.92 51.24 50.51
C ARG T 147 -23.29 52.47 49.86
N GLY T 148 -24.11 53.28 49.17
CA GLY T 148 -23.83 54.68 48.94
C GLY T 148 -22.37 55.07 48.91
N LYS T 149 -22.03 55.75 50.00
CA LYS T 149 -20.73 56.32 50.30
C LYS T 149 -19.54 55.51 49.81
N LEU T 150 -19.76 54.22 49.55
CA LEU T 150 -18.71 53.41 48.93
C LEU T 150 -18.32 53.96 47.58
N VAL T 151 -19.30 54.17 46.70
CA VAL T 151 -19.00 54.61 45.33
C VAL T 151 -18.22 55.92 45.35
N MET T 152 -18.75 56.92 46.06
CA MET T 152 -18.08 58.21 46.08
C MET T 152 -16.64 58.11 46.55
N ARG T 153 -16.32 57.19 47.46
CA ARG T 153 -14.94 56.96 47.88
C ARG T 153 -14.27 55.83 47.09
N GLN T 154 -14.13 56.06 45.79
CA GLN T 154 -13.36 55.21 44.88
C GLN T 154 -12.25 56.06 44.28
N GLN T 155 -11.28 55.41 43.62
CA GLN T 155 -10.13 56.15 43.11
C GLN T 155 -9.76 55.79 41.67
N THR T 156 -10.60 55.05 40.95
CA THR T 156 -10.39 54.80 39.53
C THR T 156 -11.74 54.48 38.90
N LEU T 157 -11.71 54.26 37.59
CA LEU T 157 -12.94 53.92 36.86
C LEU T 157 -13.25 52.43 36.97
N GLU T 158 -12.26 51.59 36.65
CA GLU T 158 -12.47 50.14 36.68
C GLU T 158 -13.01 49.66 38.02
N GLN T 159 -12.61 50.30 39.11
CA GLN T 159 -13.18 49.97 40.41
C GLN T 159 -14.69 50.12 40.42
N VAL T 160 -15.22 51.05 39.63
CA VAL T 160 -16.65 51.39 39.68
C VAL T 160 -17.46 50.59 38.67
N ARG T 161 -17.00 50.55 37.41
CA ARG T 161 -17.75 49.89 36.36
C ARG T 161 -18.00 48.42 36.65
N GLY T 162 -17.05 47.75 37.31
CA GLY T 162 -17.28 46.39 37.77
C GLY T 162 -18.38 46.28 38.80
N ILE T 163 -18.69 47.38 39.50
CA ILE T 163 -19.64 47.33 40.60
C ILE T 163 -21.07 47.14 40.11
N GLU T 164 -21.46 47.87 39.06
CA GLU T 164 -22.83 47.74 38.56
C GLU T 164 -23.21 46.29 38.29
N GLY T 165 -22.29 45.52 37.70
CA GLY T 165 -22.58 44.12 37.48
C GLY T 165 -22.85 43.38 38.77
N LEU T 166 -22.17 43.77 39.85
CA LEU T 166 -22.47 43.20 41.15
C LEU T 166 -23.85 43.64 41.63
N ALA T 167 -24.06 44.96 41.71
CA ALA T 167 -25.35 45.47 42.17
C ALA T 167 -26.49 44.99 41.29
N ALA T 168 -26.26 44.90 39.97
CA ALA T 168 -27.32 44.45 39.07
C ALA T 168 -27.73 43.01 39.38
N ARG T 169 -26.74 42.12 39.50
CA ARG T 169 -27.06 40.74 39.89
C ARG T 169 -27.65 40.69 41.28
N GLU T 170 -27.12 41.51 42.20
CA GLU T 170 -27.73 41.67 43.51
C GLU T 170 -29.08 42.36 43.43
N TYR T 171 -29.30 43.16 42.38
CA TYR T 171 -30.56 43.88 42.22
C TYR T 171 -31.64 43.00 41.61
N PHE T 172 -31.28 42.15 40.65
CA PHE T 172 -32.26 41.30 39.99
C PHE T 172 -32.48 39.98 40.69
N ALA T 173 -31.48 39.46 41.41
CA ALA T 173 -31.67 38.19 42.11
C ALA T 173 -32.63 38.32 43.30
N SER T 174 -32.91 39.54 43.76
CA SER T 174 -33.88 39.74 44.82
C SER T 174 -35.28 39.98 44.27
N TRP T 175 -35.49 39.69 42.99
CA TRP T 175 -36.78 39.81 42.32
C TRP T 175 -37.46 38.45 42.29
N GLN T 176 -36.67 37.42 42.00
CA GLN T 176 -37.13 36.05 42.07
C GLN T 176 -37.93 35.85 43.35
N GLU T 177 -37.38 36.32 44.48
CA GLU T 177 -38.14 36.34 45.73
C GLU T 177 -39.29 37.34 45.69
N MET T 178 -39.14 38.42 44.92
CA MET T 178 -40.06 39.54 44.92
C MET T 178 -41.23 39.39 43.98
N LEU T 179 -41.10 38.58 42.93
CA LEU T 179 -42.20 38.42 41.98
C LEU T 179 -43.24 37.41 42.47
N GLY T 180 -42.81 36.19 42.73
CA GLY T 180 -43.69 35.10 43.09
C GLY T 180 -43.40 33.90 42.21
N HIS T 181 -44.40 33.04 42.05
CA HIS T 181 -44.22 31.80 41.31
C HIS T 181 -44.77 31.85 39.90
N GLU T 182 -45.69 32.77 39.59
CA GLU T 182 -46.27 32.79 38.26
C GLU T 182 -45.23 33.10 37.20
N TRP T 183 -44.23 33.91 37.52
CA TRP T 183 -43.19 34.30 36.58
C TRP T 183 -41.84 33.81 37.09
N THR T 184 -40.85 33.83 36.19
CA THR T 184 -39.51 33.34 36.50
C THR T 184 -38.46 34.36 36.07
N PHE T 185 -37.51 34.64 36.95
CA PHE T 185 -36.40 35.52 36.62
C PHE T 185 -35.16 35.09 37.39
N THR T 186 -34.08 34.76 36.67
CA THR T 186 -32.81 34.46 37.31
C THR T 186 -31.76 35.56 37.16
N GLY T 187 -31.66 36.20 35.99
CA GLY T 187 -30.69 37.26 35.79
C GLY T 187 -31.10 38.10 34.60
N ARG T 188 -30.35 39.17 34.34
CA ARG T 188 -30.69 40.04 33.22
C ARG T 188 -30.21 39.40 31.93
N PHE T 189 -31.13 39.20 31.00
CA PHE T 189 -30.87 38.59 29.70
C PHE T 189 -31.35 39.60 28.65
N ARG T 190 -30.47 40.53 28.28
CA ARG T 190 -30.84 41.48 27.24
C ARG T 190 -31.00 40.73 25.91
N ARG T 191 -31.24 41.47 24.85
CA ARG T 191 -31.45 40.92 23.52
C ARG T 191 -30.53 39.73 23.23
N PRO T 192 -31.08 38.53 22.96
CA PRO T 192 -32.48 38.11 23.13
C PRO T 192 -32.83 37.86 24.58
N PRO T 193 -34.07 38.13 24.97
CA PRO T 193 -34.46 37.79 26.35
C PRO T 193 -34.74 36.30 26.51
N THR T 194 -35.66 35.79 25.68
CA THR T 194 -36.10 34.39 25.69
C THR T 194 -36.95 34.12 26.92
N ASP T 195 -36.94 35.06 27.87
CA ASP T 195 -37.77 35.13 29.07
C ASP T 195 -38.73 36.29 28.90
N PRO T 196 -40.00 36.19 29.31
CA PRO T 196 -40.89 37.34 29.13
C PRO T 196 -40.38 38.59 29.82
N VAL T 197 -40.05 38.51 31.11
CA VAL T 197 -39.65 39.70 31.85
C VAL T 197 -38.44 40.36 31.20
N ASN T 198 -37.40 39.57 30.90
CA ASN T 198 -36.23 40.12 30.22
C ASN T 198 -36.59 40.91 28.98
N ALA T 199 -37.70 40.56 28.31
CA ALA T 199 -38.13 41.30 27.13
C ALA T 199 -38.71 42.66 27.50
N LEU T 200 -39.44 42.74 28.61
CA LEU T 200 -40.06 44.01 28.98
C LEU T 200 -39.01 45.07 29.32
N LEU T 201 -37.89 44.66 29.91
CA LEU T 201 -36.84 45.62 30.24
C LEU T 201 -36.14 46.12 28.97
N SER T 202 -35.70 45.19 28.12
CA SER T 202 -35.20 45.62 26.82
C SER T 202 -36.23 46.48 26.10
N PHE T 203 -37.50 46.26 26.38
CA PHE T 203 -38.56 47.13 25.86
C PHE T 203 -38.62 48.42 26.65
N GLY T 204 -38.81 48.32 27.98
CA GLY T 204 -38.97 49.52 28.78
C GLY T 204 -37.73 50.40 28.79
N TYR T 205 -36.56 49.80 29.04
CA TYR T 205 -35.33 50.57 28.91
C TYR T 205 -35.21 51.17 27.51
N GLY T 206 -35.88 50.57 26.52
CA GLY T 206 -35.87 51.06 25.16
C GLY T 206 -36.74 52.28 24.97
N LEU T 207 -37.94 52.26 25.55
CA LEU T 207 -38.79 53.44 25.46
C LEU T 207 -38.27 54.58 26.33
N LEU T 208 -37.28 54.29 27.19
CA LEU T 208 -36.61 55.34 27.95
C LEU T 208 -35.61 56.10 27.10
N ARG T 209 -34.94 55.39 26.19
CA ARG T 209 -34.05 56.05 25.23
C ARG T 209 -34.76 57.16 24.48
N THR T 210 -36.07 57.01 24.25
CA THR T 210 -36.81 57.97 23.44
C THR T 210 -36.89 59.35 24.11
N GLN T 211 -37.33 59.39 25.37
CA GLN T 211 -37.48 60.67 26.05
C GLN T 211 -36.15 61.29 26.40
N VAL T 212 -35.12 60.46 26.59
CA VAL T 212 -33.78 60.97 26.83
C VAL T 212 -33.18 61.45 25.52
N THR T 213 -33.40 60.69 24.44
CA THR T 213 -32.95 61.10 23.12
C THR T 213 -33.44 62.50 22.77
N ALA T 214 -34.48 62.99 23.44
CA ALA T 214 -34.98 64.35 23.25
C ALA T 214 -34.29 65.36 24.17
N ALA T 215 -34.18 65.03 25.45
CA ALA T 215 -33.62 65.97 26.42
C ALA T 215 -32.22 66.41 26.03
N VAL T 216 -31.43 65.49 25.48
CA VAL T 216 -30.05 65.82 25.10
C VAL T 216 -30.04 66.85 23.98
N HIS T 217 -30.85 66.65 22.95
CA HIS T 217 -30.93 67.60 21.85
C HIS T 217 -31.45 68.95 22.30
N ILE T 218 -32.15 69.02 23.44
CA ILE T 218 -32.54 70.33 23.97
C ILE T 218 -31.33 71.01 24.58
N ALA T 219 -30.50 70.25 25.30
CA ALA T 219 -29.26 70.78 25.86
C ALA T 219 -28.17 70.98 24.82
N GLY T 220 -28.39 70.53 23.59
CA GLY T 220 -27.39 70.66 22.55
C GLY T 220 -26.22 69.71 22.66
N LEU T 221 -26.32 68.72 23.54
CA LEU T 221 -25.23 67.78 23.77
C LEU T 221 -25.13 66.75 22.65
N ASP T 222 -23.94 66.19 22.51
CA ASP T 222 -23.72 65.07 21.60
C ASP T 222 -24.02 63.78 22.34
N PRO T 223 -25.13 63.09 22.06
CA PRO T 223 -25.42 61.86 22.81
C PRO T 223 -24.33 60.83 22.67
N TYR T 224 -23.65 60.82 21.53
CA TYR T 224 -22.63 59.84 21.18
C TYR T 224 -21.32 60.08 21.89
N ILE T 225 -21.24 61.13 22.70
CA ILE T 225 -20.07 61.43 23.52
C ILE T 225 -20.53 61.32 24.98
N GLY T 226 -20.03 60.30 25.67
CA GLY T 226 -20.37 60.09 27.06
C GLY T 226 -19.14 60.04 27.95
N PHE T 227 -19.39 59.76 29.22
CA PHE T 227 -18.36 59.70 30.24
C PHE T 227 -18.24 58.32 30.87
N LEU T 228 -19.32 57.57 30.97
CA LEU T 228 -19.26 56.18 31.43
C LEU T 228 -19.18 55.21 30.26
N HIS T 229 -20.17 55.23 29.38
CA HIS T 229 -20.21 54.34 28.22
C HIS T 229 -19.21 54.82 27.17
N GLU T 230 -18.13 54.07 26.98
CA GLU T 230 -17.15 54.45 25.96
C GLU T 230 -17.79 54.50 24.58
N THR T 231 -17.51 55.58 23.85
CA THR T 231 -18.20 55.93 22.60
C THR T 231 -17.71 55.07 21.44
N THR T 232 -18.51 54.08 21.05
CA THR T 232 -18.27 53.29 19.85
C THR T 232 -19.56 53.14 19.06
N ARG T 233 -19.44 52.57 17.86
CA ARG T 233 -20.59 52.21 17.05
C ARG T 233 -21.58 53.34 16.88
N GLY T 234 -21.18 54.56 17.19
CA GLY T 234 -22.19 55.60 17.26
C GLY T 234 -23.15 55.32 18.40
N GLN T 235 -22.63 54.82 19.52
CA GLN T 235 -23.50 54.51 20.65
C GLN T 235 -23.74 55.79 21.44
N PRO T 236 -25.02 56.14 21.70
CA PRO T 236 -25.29 57.40 22.41
C PRO T 236 -24.88 57.39 23.87
N ALA T 237 -23.58 57.28 24.13
CA ALA T 237 -23.11 57.12 25.51
C ALA T 237 -23.58 58.23 26.42
N MET T 238 -23.70 59.46 25.92
CA MET T 238 -24.18 60.54 26.76
C MET T 238 -25.61 60.30 27.23
N ILE T 239 -26.40 59.54 26.46
CA ILE T 239 -27.73 59.16 26.91
C ILE T 239 -27.63 58.03 27.93
N LEU T 240 -26.94 56.94 27.56
CA LEU T 240 -26.93 55.76 28.41
C LEU T 240 -26.39 56.07 29.79
N ASP T 241 -25.45 57.00 29.91
CA ASP T 241 -24.98 57.43 31.22
C ASP T 241 -26.15 57.90 32.10
N LEU T 242 -27.12 58.57 31.49
CA LEU T 242 -28.27 59.05 32.25
C LEU T 242 -29.32 57.97 32.47
N MET T 243 -29.57 57.13 31.46
CA MET T 243 -30.62 56.14 31.57
C MET T 243 -30.45 55.26 32.80
N GLU T 244 -29.23 55.14 33.32
CA GLU T 244 -28.98 54.24 34.43
C GLU T 244 -29.75 54.65 35.67
N GLU T 245 -29.69 55.93 36.03
CA GLU T 245 -30.40 56.40 37.23
C GLU T 245 -31.91 56.26 37.10
N PHE T 246 -32.43 56.05 35.88
CA PHE T 246 -33.86 55.94 35.66
C PHE T 246 -34.30 54.52 35.33
N ARG T 247 -33.37 53.65 34.92
CA ARG T 247 -33.74 52.27 34.62
C ARG T 247 -34.41 51.60 35.82
N ALA T 248 -33.97 51.94 37.02
CA ALA T 248 -34.41 51.24 38.23
C ALA T 248 -35.68 51.81 38.84
N LEU T 249 -36.11 53.01 38.44
CA LEU T 249 -37.22 53.68 39.11
C LEU T 249 -38.45 53.83 38.24
N VAL T 250 -38.31 53.84 36.92
CA VAL T 250 -39.42 54.01 36.00
C VAL T 250 -39.65 52.75 35.19
N ALA T 251 -38.61 52.21 34.57
CA ALA T 251 -38.78 50.99 33.80
C ALA T 251 -38.92 49.77 34.69
N ASP T 252 -38.28 49.75 35.85
CA ASP T 252 -38.40 48.63 36.76
C ASP T 252 -39.59 48.77 37.70
N SER T 253 -39.98 50.01 38.04
CA SER T 253 -41.18 50.20 38.85
C SER T 253 -42.46 50.09 38.03
N VAL T 254 -42.42 50.48 36.74
CA VAL T 254 -43.63 50.39 35.93
C VAL T 254 -44.05 48.94 35.76
N VAL T 255 -43.10 48.08 35.39
CA VAL T 255 -43.43 46.68 35.16
C VAL T 255 -43.97 46.04 36.43
N LEU T 256 -43.27 46.23 37.54
CA LEU T 256 -43.68 45.68 38.82
C LEU T 256 -44.94 46.35 39.35
N THR T 257 -45.33 47.50 38.79
CA THR T 257 -46.57 48.14 39.17
C THR T 257 -47.77 47.52 38.46
N VAL T 258 -47.55 46.91 37.30
CA VAL T 258 -48.63 46.32 36.53
C VAL T 258 -48.72 44.80 36.65
N LEU T 259 -47.60 44.13 36.94
CA LEU T 259 -47.60 42.67 37.05
C LEU T 259 -48.13 42.17 38.39
N LYS T 260 -48.66 43.04 39.24
CA LYS T 260 -49.43 42.61 40.39
C LYS T 260 -50.92 42.82 40.16
N GLN T 261 -51.32 43.12 38.92
CA GLN T 261 -52.74 43.31 38.63
C GLN T 261 -53.28 42.49 37.44
N ARG T 262 -52.72 42.72 36.26
CA ARG T 262 -53.39 42.26 35.04
C ARG T 262 -52.58 41.40 34.07
N GLU T 263 -51.38 41.82 33.70
CA GLU T 263 -50.64 41.09 32.68
C GLU T 263 -50.21 39.71 33.16
N ILE T 264 -50.37 38.73 32.28
CA ILE T 264 -50.09 37.32 32.56
C ILE T 264 -49.47 36.73 31.30
N GLN T 265 -48.93 35.51 31.44
CA GLN T 265 -48.33 34.84 30.29
C GLN T 265 -49.26 34.79 29.08
N ARG T 266 -50.56 34.98 29.28
CA ARG T 266 -51.49 35.03 28.15
C ARG T 266 -51.26 36.27 27.28
N GLN T 267 -50.52 37.25 27.79
CA GLN T 267 -50.29 38.50 27.09
C GLN T 267 -48.87 38.57 26.56
N ASP T 268 -48.01 37.67 27.01
CA ASP T 268 -46.67 37.46 26.47
C ASP T 268 -46.79 36.29 25.51
N PHE T 269 -46.41 36.49 24.25
CA PHE T 269 -46.53 35.42 23.27
C PHE T 269 -45.48 34.35 23.56
N THR T 270 -45.85 33.10 23.34
CA THR T 270 -44.94 31.99 23.60
C THR T 270 -43.97 31.81 22.44
N GLU T 271 -42.90 31.06 22.69
CA GLU T 271 -41.86 30.88 21.69
C GLU T 271 -42.47 30.53 20.35
N SER T 272 -42.36 31.44 19.37
CA SER T 272 -42.78 31.12 18.01
C SER T 272 -41.69 30.29 17.33
N LEU T 273 -40.53 30.91 17.12
CA LEU T 273 -39.28 30.18 16.95
C LEU T 273 -38.31 30.53 18.06
N GLY T 274 -37.94 31.80 18.20
CA GLY T 274 -37.13 32.25 19.32
C GLY T 274 -37.65 33.43 20.11
N ALA T 275 -38.43 34.28 19.46
CA ALA T 275 -38.66 35.62 19.98
C ALA T 275 -39.73 35.64 21.07
N PHE T 276 -39.67 36.68 21.91
CA PHE T 276 -40.75 37.00 22.84
C PHE T 276 -41.13 38.47 22.71
N ARG T 277 -41.95 38.75 21.70
CA ARG T 277 -42.62 40.03 21.53
C ARG T 277 -43.96 39.96 22.26
N LEU T 278 -44.61 41.10 22.39
CA LEU T 278 -45.93 41.15 22.97
C LEU T 278 -47.00 41.09 21.86
N THR T 279 -48.25 40.92 22.29
CA THR T 279 -49.38 41.06 21.39
C THR T 279 -49.73 42.54 21.27
N ASP T 280 -50.30 42.91 20.12
CA ASP T 280 -50.66 44.31 19.88
C ASP T 280 -51.70 44.85 20.84
N SER T 281 -52.31 44.01 21.67
CA SER T 281 -53.30 44.47 22.64
C SER T 281 -52.73 44.60 24.04
N ALA T 282 -51.56 44.03 24.31
CA ALA T 282 -50.82 44.25 25.54
C ALA T 282 -49.81 45.38 25.41
N THR T 283 -49.19 45.51 24.24
CA THR T 283 -48.30 46.63 23.97
C THR T 283 -48.97 47.96 24.25
N LYS T 284 -50.25 48.07 23.89
CA LYS T 284 -51.00 49.31 24.08
C LYS T 284 -51.31 49.58 25.55
N THR T 285 -51.32 48.53 26.37
CA THR T 285 -51.54 48.69 27.80
C THR T 285 -50.25 49.11 28.51
N PHE T 286 -49.10 48.72 27.97
CA PHE T 286 -47.82 49.10 28.56
C PHE T 286 -47.80 50.59 28.84
N LEU T 287 -48.28 51.39 27.89
CA LEU T 287 -48.22 52.84 28.02
C LEU T 287 -49.19 53.38 29.04
N GLY T 288 -50.35 52.73 29.21
CA GLY T 288 -51.36 53.26 30.11
C GLY T 288 -50.83 53.58 31.50
N ALA T 289 -50.10 52.64 32.08
CA ALA T 289 -49.40 52.93 33.34
C ALA T 289 -48.12 53.71 33.09
N PHE T 290 -47.48 53.52 31.93
CA PHE T 290 -46.22 54.17 31.67
C PHE T 290 -46.37 55.68 31.53
N ASP T 291 -47.30 56.12 30.68
CA ASP T 291 -47.55 57.55 30.56
C ASP T 291 -48.24 58.09 31.80
N ARG T 292 -49.01 57.23 32.47
CA ARG T 292 -49.55 57.58 33.78
C ARG T 292 -48.45 57.93 34.76
N LYS T 293 -47.40 57.11 34.81
CA LYS T 293 -46.30 57.36 35.74
C LYS T 293 -45.61 58.69 35.45
N LEU T 294 -45.41 59.02 34.18
CA LEU T 294 -44.71 60.25 33.82
C LEU T 294 -45.54 61.49 34.05
N SER T 295 -46.69 61.38 34.71
CA SER T 295 -47.53 62.52 35.01
C SER T 295 -47.69 62.75 36.51
N SER T 296 -46.71 62.32 37.30
CA SER T 296 -46.87 62.41 38.75
C SER T 296 -45.50 62.42 39.43
N GLU T 297 -45.42 63.11 40.58
CA GLU T 297 -44.28 63.06 41.50
C GLU T 297 -44.48 64.13 42.57
N PHE T 298 -43.63 64.17 43.61
CA PHE T 298 -43.64 65.34 44.48
C PHE T 298 -42.42 66.23 44.22
N LYS T 299 -41.25 65.81 44.76
CA LYS T 299 -39.96 66.41 44.46
C LYS T 299 -38.90 65.95 45.47
N HIS T 300 -37.65 66.35 45.23
CA HIS T 300 -36.53 66.14 46.15
C HIS T 300 -35.21 66.34 45.40
N PHE T 303 -35.73 69.42 48.01
CA PHE T 303 -36.57 70.62 48.06
C PHE T 303 -37.93 70.36 47.43
N ASN T 304 -38.99 70.63 48.20
CA ASN T 304 -40.36 70.50 47.69
C ASN T 304 -40.54 71.32 46.42
N TYR T 305 -40.86 70.64 45.31
CA TYR T 305 -41.11 71.34 44.06
C TYR T 305 -41.75 70.47 42.99
N LYS T 306 -42.87 70.92 42.44
CA LYS T 306 -43.58 70.16 41.42
C LYS T 306 -42.63 69.77 40.28
N CYS T 307 -42.59 68.48 39.97
CA CYS T 307 -41.82 67.98 38.83
C CYS T 307 -42.41 66.65 38.40
N THR T 308 -42.80 66.53 37.14
CA THR T 308 -43.15 65.22 36.63
C THR T 308 -41.88 64.38 36.47
N TYR T 309 -42.05 63.05 36.41
CA TYR T 309 -40.92 62.22 36.03
C TYR T 309 -40.42 62.65 34.66
N ARG T 310 -41.36 62.81 33.72
CA ARG T 310 -41.04 63.27 32.38
C ARG T 310 -40.25 64.58 32.38
N ARG T 311 -40.63 65.54 33.24
CA ARG T 311 -39.97 66.83 33.21
C ARG T 311 -38.65 66.84 33.96
N ALA T 312 -38.61 66.22 35.15
CA ALA T 312 -37.38 66.21 35.95
C ALA T 312 -36.18 65.78 35.10
N ILE T 313 -36.42 64.97 34.08
CA ILE T 313 -35.34 64.46 33.24
C ILE T 313 -34.72 65.60 32.44
N GLU T 314 -35.56 66.39 31.75
CA GLU T 314 -35.06 67.58 31.06
C GLU T 314 -34.12 68.38 31.94
N LEU T 315 -34.41 68.44 33.25
CA LEU T 315 -33.57 69.19 34.16
C LEU T 315 -32.22 68.49 34.36
N GLN T 316 -32.25 67.21 34.72
CA GLN T 316 -31.01 66.48 34.96
C GLN T 316 -30.04 66.69 33.80
N ALA T 317 -30.56 66.69 32.57
CA ALA T 317 -29.73 67.01 31.42
C ALA T 317 -29.23 68.46 31.48
N ARG T 318 -30.17 69.40 31.66
CA ARG T 318 -29.79 70.81 31.74
C ARG T 318 -28.83 71.09 32.88
N LEU T 319 -29.08 70.49 34.05
CA LEU T 319 -28.14 70.65 35.17
C LEU T 319 -26.74 70.21 34.78
N LEU T 320 -26.62 69.11 34.03
CA LEU T 320 -25.30 68.60 33.68
C LEU T 320 -24.58 69.57 32.75
N ALA T 321 -25.27 70.12 31.76
CA ALA T 321 -24.65 71.14 30.92
C ALA T 321 -24.07 72.26 31.77
N ARG T 322 -24.85 72.73 32.75
CA ARG T 322 -24.35 73.79 33.65
C ARG T 322 -23.24 73.27 34.54
N HIS T 323 -23.28 71.99 34.93
CA HIS T 323 -22.10 71.41 35.58
C HIS T 323 -20.88 71.57 34.70
N LEU T 324 -21.10 71.60 33.38
CA LEU T 324 -20.06 71.65 32.36
C LEU T 324 -19.84 73.06 31.85
N GLN T 325 -20.91 73.84 31.74
CA GLN T 325 -20.87 75.20 31.23
C GLN T 325 -20.73 76.23 32.35
N GLU T 326 -21.38 75.99 33.48
CA GLU T 326 -21.35 76.90 34.61
C GLU T 326 -20.65 76.34 35.84
N GLY T 327 -20.29 75.07 35.84
CA GLY T 327 -19.54 74.47 36.94
C GLY T 327 -20.32 74.03 38.16
N VAL T 328 -21.63 73.84 38.04
CA VAL T 328 -22.46 73.42 39.17
C VAL T 328 -22.22 71.94 39.45
N VAL T 329 -22.66 71.46 40.62
CA VAL T 329 -22.63 70.04 40.93
C VAL T 329 -23.77 69.32 40.22
N TYR T 330 -23.59 68.02 40.00
CA TYR T 330 -24.64 67.16 39.45
C TYR T 330 -25.06 66.18 40.54
N GLU T 331 -26.04 66.57 41.34
CA GLU T 331 -26.61 65.69 42.36
C GLU T 331 -27.75 64.89 41.75
N PRO T 332 -27.57 63.58 41.54
CA PRO T 332 -28.62 62.82 40.83
C PRO T 332 -29.92 62.73 41.61
N LEU T 333 -30.93 62.10 41.01
CA LEU T 333 -32.26 62.03 41.56
C LEU T 333 -32.46 60.78 42.42
N VAL T 334 -33.05 60.97 43.60
CA VAL T 334 -33.34 59.88 44.52
C VAL T 334 -34.80 60.03 44.94
N ILE T 335 -35.54 58.93 44.94
CA ILE T 335 -36.98 58.90 45.18
C ILE T 335 -37.67 60.25 44.99
N MET U 12 -38.29 54.71 -33.10
CA MET U 12 -39.35 55.07 -34.03
C MET U 12 -40.72 54.70 -33.51
N LEU U 13 -40.78 54.24 -32.25
CA LEU U 13 -42.06 53.98 -31.60
C LEU U 13 -42.62 55.31 -31.15
N TYR U 14 -43.59 55.84 -31.89
CA TYR U 14 -44.17 57.15 -31.57
C TYR U 14 -45.37 56.91 -30.66
N LEU U 15 -45.27 57.39 -29.43
CA LEU U 15 -46.33 57.34 -28.44
C LEU U 15 -46.98 58.70 -28.36
N ILE U 16 -48.31 58.71 -28.24
CA ILE U 16 -49.08 59.95 -28.33
C ILE U 16 -50.10 60.01 -27.22
N ILE U 17 -50.44 61.24 -26.84
CA ILE U 17 -51.38 61.52 -25.76
C ILE U 17 -52.33 62.60 -26.25
N TYR U 18 -53.57 62.54 -25.77
CA TYR U 18 -54.51 63.62 -25.96
C TYR U 18 -55.48 63.63 -24.80
N ASP U 19 -55.68 64.81 -24.20
CA ASP U 19 -56.71 64.99 -23.17
C ASP U 19 -57.34 66.35 -23.45
N VAL U 20 -58.57 66.32 -23.94
CA VAL U 20 -59.17 67.46 -24.64
C VAL U 20 -60.56 67.70 -24.06
N PRO U 21 -61.04 68.95 -24.05
CA PRO U 21 -62.26 69.26 -23.28
C PRO U 21 -63.53 68.57 -23.71
N ALA U 22 -64.61 68.84 -22.97
CA ALA U 22 -65.90 68.20 -23.18
C ALA U 22 -66.85 69.03 -24.04
N THR U 23 -66.35 69.99 -24.79
CA THR U 23 -67.19 70.71 -25.74
C THR U 23 -67.42 69.82 -26.95
N LYS U 24 -68.68 69.74 -27.41
CA LYS U 24 -68.98 68.95 -28.59
C LYS U 24 -68.26 69.44 -29.84
N ALA U 25 -67.66 70.63 -29.79
CA ALA U 25 -66.84 71.13 -30.87
C ALA U 25 -65.39 70.63 -30.79
N GLY U 26 -65.00 70.07 -29.65
CA GLY U 26 -63.69 69.48 -29.50
C GLY U 26 -63.83 67.98 -29.32
N ASN U 27 -64.92 67.56 -28.68
CA ASN U 27 -65.23 66.13 -28.64
C ASN U 27 -65.30 65.54 -30.04
N LYS U 28 -65.86 66.30 -30.99
CA LYS U 28 -65.74 65.91 -32.38
C LYS U 28 -64.27 65.75 -32.77
N ARG U 29 -63.47 66.77 -32.46
CA ARG U 29 -62.04 66.72 -32.76
C ARG U 29 -61.38 65.57 -32.01
N ARG U 30 -61.82 65.32 -30.77
CA ARG U 30 -61.35 64.15 -30.04
C ARG U 30 -61.80 62.86 -30.71
N THR U 31 -63.11 62.67 -30.86
CA THR U 31 -63.62 61.40 -31.36
C THR U 31 -63.18 61.17 -32.80
N ARG U 32 -63.01 62.25 -33.57
CA ARG U 32 -62.40 62.11 -34.89
C ARG U 32 -60.94 61.69 -34.76
N LEU U 33 -60.27 62.13 -33.70
CA LEU U 33 -58.87 61.78 -33.50
C LEU U 33 -58.72 60.31 -33.15
N PHE U 34 -59.65 59.76 -32.35
CA PHE U 34 -59.62 58.33 -32.09
C PHE U 34 -59.75 57.53 -33.37
N ASP U 35 -60.70 57.91 -34.23
CA ASP U 35 -60.83 57.26 -35.53
C ASP U 35 -59.56 57.38 -36.35
N LEU U 36 -58.72 58.38 -36.06
CA LEU U 36 -57.46 58.54 -36.78
C LEU U 36 -56.42 57.56 -36.24
N LEU U 37 -56.10 57.69 -34.95
CA LEU U 37 -55.00 56.92 -34.37
C LEU U 37 -55.25 55.42 -34.50
N SER U 38 -56.51 55.00 -34.49
CA SER U 38 -56.83 53.63 -34.84
C SER U 38 -56.33 53.28 -36.24
N GLY U 39 -56.06 54.29 -37.08
CA GLY U 39 -55.55 54.07 -38.41
C GLY U 39 -54.04 54.01 -38.53
N TYR U 40 -53.31 54.63 -37.61
CA TYR U 40 -51.85 54.62 -37.65
C TYR U 40 -51.21 53.74 -36.59
N GLY U 41 -51.93 53.36 -35.53
CA GLY U 41 -51.32 52.60 -34.48
C GLY U 41 -52.33 51.93 -33.58
N LYS U 42 -51.83 51.44 -32.46
CA LYS U 42 -52.60 50.63 -31.52
C LYS U 42 -53.04 51.46 -30.33
N TRP U 43 -54.07 50.96 -29.64
CA TRP U 43 -54.65 51.62 -28.49
C TRP U 43 -54.18 50.91 -27.22
N ARG U 44 -53.79 51.69 -26.21
CA ARG U 44 -53.42 51.14 -24.91
C ARG U 44 -54.29 51.69 -23.79
N GLN U 45 -54.51 53.00 -23.75
CA GLN U 45 -55.39 53.61 -22.77
C GLN U 45 -56.25 54.66 -23.48
N PHE U 46 -57.26 55.14 -22.77
CA PHE U 46 -58.26 56.01 -23.39
C PHE U 46 -57.60 57.17 -24.14
N SER U 47 -56.64 57.82 -23.50
CA SER U 47 -55.93 58.95 -24.10
C SER U 47 -54.55 58.57 -24.59
N VAL U 48 -54.39 57.33 -25.06
CA VAL U 48 -53.08 56.74 -25.31
C VAL U 48 -53.15 55.88 -26.56
N PHE U 49 -52.16 56.02 -27.43
CA PHE U 49 -51.97 55.12 -28.55
C PHE U 49 -50.50 54.77 -28.72
N GLU U 50 -50.23 53.57 -29.22
CA GLU U 50 -48.89 53.13 -29.58
C GLU U 50 -48.80 53.03 -31.10
N CYS U 51 -47.99 53.88 -31.70
CA CYS U 51 -47.84 53.94 -33.15
C CYS U 51 -46.37 53.66 -33.46
N PHE U 52 -46.05 52.42 -33.84
CA PHE U 52 -44.73 52.13 -34.37
C PHE U 52 -44.79 52.21 -35.89
N LEU U 53 -43.87 52.98 -36.47
CA LEU U 53 -43.95 53.30 -37.88
C LEU U 53 -42.71 54.06 -38.29
N SER U 54 -42.59 54.28 -39.60
CA SER U 54 -41.44 54.98 -40.16
C SER U 54 -41.76 56.47 -40.23
N VAL U 55 -40.94 57.22 -40.94
CA VAL U 55 -41.05 58.67 -40.97
C VAL U 55 -42.06 59.13 -42.01
N LYS U 56 -41.92 58.67 -43.26
CA LYS U 56 -42.85 59.06 -44.30
C LYS U 56 -44.29 58.90 -43.84
N GLN U 57 -44.56 57.87 -43.05
CA GLN U 57 -45.88 57.69 -42.44
C GLN U 57 -46.18 58.74 -41.39
N PHE U 58 -45.16 59.40 -40.85
CA PHE U 58 -45.36 60.40 -39.82
C PHE U 58 -45.90 61.70 -40.41
N ALA U 59 -45.19 62.27 -41.38
CA ALA U 59 -45.65 63.51 -42.00
C ALA U 59 -47.04 63.34 -42.59
N LYS U 60 -47.38 62.14 -43.06
CA LYS U 60 -48.75 61.84 -43.43
C LYS U 60 -49.71 62.05 -42.26
N LEU U 61 -49.18 61.99 -41.03
CA LEU U 61 -49.97 62.19 -39.82
C LEU U 61 -49.78 63.59 -39.24
N GLN U 62 -48.54 63.98 -38.94
CA GLN U 62 -48.28 65.31 -38.40
C GLN U 62 -48.98 66.38 -39.23
N THR U 63 -48.91 66.27 -40.56
CA THR U 63 -49.61 67.20 -41.42
C THR U 63 -51.12 67.09 -41.25
N ALA U 64 -51.60 66.01 -40.64
CA ALA U 64 -53.03 65.86 -40.35
C ALA U 64 -53.40 66.55 -39.04
N MET U 65 -52.43 66.75 -38.16
CA MET U 65 -52.67 67.39 -36.87
C MET U 65 -52.56 68.92 -36.97
N GLU U 66 -51.42 69.41 -37.46
CA GLU U 66 -51.24 70.84 -37.70
C GLU U 66 -52.37 71.43 -38.53
N LYS U 67 -53.08 70.60 -39.29
CA LYS U 67 -54.18 71.02 -40.12
C LYS U 67 -55.53 70.92 -39.40
N LEU U 68 -55.53 70.53 -38.12
CA LEU U 68 -56.78 70.15 -37.46
C LEU U 68 -57.03 70.68 -36.07
N ILE U 69 -56.05 71.24 -35.36
CA ILE U 69 -56.18 71.42 -33.92
C ILE U 69 -56.43 72.88 -33.57
N LYS U 70 -57.13 73.10 -32.46
CA LYS U 70 -57.24 74.38 -31.79
C LYS U 70 -56.34 74.27 -30.56
N LEU U 71 -55.07 74.62 -30.71
CA LEU U 71 -54.11 74.48 -29.62
C LEU U 71 -54.29 75.52 -28.53
N ASP U 72 -55.05 76.59 -28.79
CA ASP U 72 -55.37 77.56 -27.74
C ASP U 72 -56.27 76.96 -26.67
N GLU U 73 -56.86 75.78 -26.93
CA GLU U 73 -57.78 75.15 -26.00
C GLU U 73 -57.52 73.65 -25.87
N ASP U 74 -56.50 73.11 -26.52
CA ASP U 74 -56.22 71.69 -26.57
C ASP U 74 -54.91 71.37 -25.87
N ALA U 75 -54.66 70.07 -25.71
CA ALA U 75 -53.51 69.58 -24.96
C ALA U 75 -53.07 68.25 -25.55
N VAL U 76 -51.82 68.20 -25.99
CA VAL U 76 -51.23 66.98 -26.55
C VAL U 76 -49.75 66.97 -26.28
N CYS U 77 -49.19 65.78 -26.11
CA CYS U 77 -47.75 65.59 -25.97
C CYS U 77 -47.36 64.33 -26.74
N ILE U 78 -46.09 64.28 -27.14
CA ILE U 78 -45.59 63.20 -27.98
C ILE U 78 -44.24 62.75 -27.43
N TYR U 79 -43.96 61.45 -27.55
CA TYR U 79 -42.73 60.86 -27.04
C TYR U 79 -42.14 59.93 -28.09
N VAL U 80 -40.81 59.94 -28.19
CA VAL U 80 -40.09 59.19 -29.21
C VAL U 80 -39.31 58.09 -28.49
N LEU U 81 -39.56 56.84 -28.89
CA LEU U 81 -39.10 55.68 -28.16
C LEU U 81 -38.29 54.79 -29.08
N ASP U 82 -37.01 54.60 -28.75
CA ASP U 82 -36.14 53.69 -29.48
C ASP U 82 -36.23 52.30 -28.86
N GLU U 83 -35.87 51.29 -29.66
CA GLU U 83 -36.00 49.92 -29.19
C GLU U 83 -35.26 49.73 -27.88
N ASN U 84 -33.97 50.10 -27.86
CA ASN U 84 -33.14 49.85 -26.67
C ASN U 84 -33.60 50.65 -25.46
N THR U 85 -34.43 51.68 -25.64
CA THR U 85 -35.10 52.32 -24.53
C THR U 85 -36.50 51.74 -24.30
N VAL U 86 -37.02 50.96 -25.26
CA VAL U 86 -38.30 50.29 -25.07
C VAL U 86 -38.13 49.08 -24.17
N GLN U 87 -37.07 48.30 -24.42
CA GLN U 87 -36.81 47.09 -23.65
C GLN U 87 -36.96 47.33 -22.15
N ARG U 88 -36.72 48.56 -21.73
CA ARG U 88 -36.71 48.96 -20.32
C ARG U 88 -38.09 49.37 -19.83
N THR U 89 -39.08 49.42 -20.73
CA THR U 89 -40.45 49.71 -20.34
C THR U 89 -40.99 48.60 -19.44
N ILE U 90 -41.98 48.95 -18.62
CA ILE U 90 -42.49 48.04 -17.59
C ILE U 90 -44.01 48.21 -17.48
N THR U 91 -44.71 47.09 -17.27
CA THR U 91 -46.15 47.08 -17.14
C THR U 91 -46.56 46.11 -16.04
N TYR U 92 -47.81 46.25 -15.58
CA TYR U 92 -48.34 45.35 -14.55
C TYR U 92 -49.66 44.70 -14.91
N GLY U 93 -50.58 45.46 -15.53
CA GLY U 93 -51.90 44.92 -15.80
C GLY U 93 -52.14 44.71 -17.28
N THR U 94 -51.22 45.18 -18.10
CA THR U 94 -51.29 45.08 -19.54
C THR U 94 -49.99 44.51 -20.08
N PRO U 95 -49.99 43.97 -21.30
CA PRO U 95 -48.76 43.48 -21.91
C PRO U 95 -47.85 44.60 -22.42
N GLN U 96 -46.61 44.20 -22.72
CA GLN U 96 -45.60 45.12 -23.26
C GLN U 96 -45.83 45.21 -24.77
N PRO U 97 -45.37 46.29 -25.41
CA PRO U 97 -45.74 46.51 -26.81
C PRO U 97 -45.13 45.54 -27.81
N GLU U 98 -45.74 45.53 -29.00
CA GLU U 98 -45.30 44.76 -30.15
C GLU U 98 -45.87 45.39 -31.41
N LYS U 99 -45.29 45.01 -32.56
CA LYS U 99 -45.73 45.53 -33.86
C LYS U 99 -45.51 44.46 -34.92
N PRO U 100 -46.32 43.39 -34.89
CA PRO U 100 -46.15 42.28 -35.84
C PRO U 100 -46.99 42.33 -37.10
N GLY U 101 -46.86 41.27 -37.90
CA GLY U 101 -47.91 40.96 -38.87
C GLY U 101 -49.13 40.42 -38.16
N SER U 102 -50.31 40.85 -38.63
CA SER U 102 -51.56 40.52 -37.96
C SER U 102 -52.30 39.42 -38.70
N ILE U 103 -52.84 38.47 -37.94
CA ILE U 103 -53.62 37.36 -38.47
C ILE U 103 -54.87 37.20 -37.62
N ILE U 104 -55.96 36.79 -38.27
CA ILE U 104 -57.18 36.42 -37.55
C ILE U 104 -57.89 35.33 -38.35
N MET V 12 -33.01 58.79 -17.02
CA MET V 12 -33.59 58.52 -15.72
C MET V 12 -34.97 59.16 -15.56
N LEU V 13 -35.63 59.44 -16.68
CA LEU V 13 -36.91 60.16 -16.67
C LEU V 13 -38.05 59.15 -16.76
N TYR V 14 -38.70 58.91 -15.63
CA TYR V 14 -39.75 57.91 -15.52
C TYR V 14 -41.11 58.54 -15.81
N LEU V 15 -41.72 58.13 -16.92
CA LEU V 15 -43.07 58.54 -17.26
C LEU V 15 -44.03 57.37 -17.05
N ILE V 16 -45.20 57.66 -16.48
CA ILE V 16 -46.13 56.62 -16.07
C ILE V 16 -47.56 57.04 -16.39
N ILE V 17 -48.44 56.04 -16.48
CA ILE V 17 -49.83 56.20 -16.86
C ILE V 17 -50.69 55.42 -15.87
N TYR V 18 -51.95 55.84 -15.75
CA TYR V 18 -52.94 55.04 -15.02
C TYR V 18 -54.30 55.16 -15.67
N ASP V 19 -54.96 54.02 -15.83
CA ASP V 19 -56.34 53.98 -16.33
C ASP V 19 -57.12 52.95 -15.52
N VAL V 20 -58.00 53.42 -14.65
CA VAL V 20 -58.55 52.57 -13.59
C VAL V 20 -60.06 52.74 -13.46
N PRO V 21 -60.79 51.67 -13.11
CA PRO V 21 -62.26 51.72 -13.07
C PRO V 21 -62.91 52.61 -12.00
N ALA V 22 -64.24 52.63 -12.01
CA ALA V 22 -65.05 53.45 -11.13
C ALA V 22 -65.54 52.72 -9.89
N THR V 23 -64.87 51.64 -9.48
CA THR V 23 -65.24 50.95 -8.25
C THR V 23 -64.80 51.77 -7.04
N LYS V 24 -65.66 51.84 -6.02
CA LYS V 24 -65.28 52.54 -4.80
C LYS V 24 -64.03 51.92 -4.17
N ALA V 25 -63.67 50.70 -4.58
CA ALA V 25 -62.43 50.08 -4.14
C ALA V 25 -61.26 50.39 -5.05
N GLY V 26 -61.51 50.89 -6.25
CA GLY V 26 -60.44 51.28 -7.16
C GLY V 26 -60.43 52.78 -7.38
N ASN V 27 -61.62 53.39 -7.35
CA ASN V 27 -61.70 54.85 -7.37
C ASN V 27 -60.85 55.45 -6.26
N LYS V 28 -60.87 54.82 -5.09
CA LYS V 28 -59.93 55.17 -4.03
C LYS V 28 -58.49 54.99 -4.49
N ARG V 29 -58.20 53.84 -5.11
CA ARG V 29 -56.82 53.57 -5.53
C ARG V 29 -56.32 54.64 -6.49
N ARG V 30 -57.20 55.16 -7.36
CA ARG V 30 -56.82 56.27 -8.21
C ARG V 30 -56.50 57.51 -7.38
N THR V 31 -57.47 57.94 -6.57
CA THR V 31 -57.33 59.21 -5.86
C THR V 31 -56.19 59.16 -4.85
N ARG V 32 -55.92 58.00 -4.26
CA ARG V 32 -54.76 57.88 -3.39
C ARG V 32 -53.47 57.94 -4.19
N LEU V 33 -53.47 57.37 -5.40
CA LEU V 33 -52.25 57.36 -6.21
C LEU V 33 -51.94 58.75 -6.75
N PHE V 34 -52.97 59.50 -7.14
CA PHE V 34 -52.76 60.89 -7.53
C PHE V 34 -52.15 61.68 -6.37
N ASP V 35 -52.64 61.45 -5.15
CA ASP V 35 -52.01 62.05 -3.99
C ASP V 35 -50.55 61.66 -3.86
N LEU V 36 -50.17 60.51 -4.44
CA LEU V 36 -48.79 60.03 -4.38
C LEU V 36 -47.90 60.72 -5.41
N LEU V 37 -48.25 60.57 -6.69
CA LEU V 37 -47.35 60.97 -7.77
C LEU V 37 -46.98 62.44 -7.71
N SER V 38 -47.90 63.30 -7.26
CA SER V 38 -47.52 64.68 -6.97
C SER V 38 -46.39 64.75 -5.97
N GLY V 39 -46.14 63.67 -5.21
CA GLY V 39 -45.05 63.62 -4.27
C GLY V 39 -43.75 63.16 -4.89
N TYR V 40 -43.84 62.41 -5.99
CA TYR V 40 -42.65 61.95 -6.70
C TYR V 40 -42.41 62.67 -8.01
N GLY V 41 -43.41 63.32 -8.59
CA GLY V 41 -43.21 63.96 -9.87
C GLY V 41 -44.29 64.97 -10.21
N LYS V 42 -44.26 65.40 -11.47
CA LYS V 42 -45.10 66.46 -12.00
C LYS V 42 -46.25 65.88 -12.82
N TRP V 43 -47.28 66.71 -13.01
CA TRP V 43 -48.49 66.32 -13.71
C TRP V 43 -48.52 66.90 -15.13
N ARG V 44 -48.90 66.07 -16.10
CA ARG V 44 -49.12 66.54 -17.46
C ARG V 44 -50.53 66.31 -17.97
N GLN V 45 -51.07 65.09 -17.78
CA GLN V 45 -52.43 64.79 -18.22
C GLN V 45 -53.16 63.95 -17.18
N PHE V 46 -54.47 63.80 -17.42
CA PHE V 46 -55.38 63.22 -16.42
C PHE V 46 -54.85 61.91 -15.88
N SER V 47 -54.46 61.01 -16.76
CA SER V 47 -53.94 59.70 -16.38
C SER V 47 -52.42 59.65 -16.46
N VAL V 48 -51.77 60.79 -16.20
CA VAL V 48 -50.39 60.97 -16.62
C VAL V 48 -49.62 61.78 -15.59
N PHE V 49 -48.41 61.32 -15.28
CA PHE V 49 -47.38 62.11 -14.61
C PHE V 49 -46.07 61.84 -15.32
N GLU V 50 -45.24 62.87 -15.42
CA GLU V 50 -43.88 62.73 -15.95
C GLU V 50 -42.95 62.96 -14.77
N CYS V 51 -42.22 61.90 -14.39
CA CYS V 51 -41.42 61.89 -13.17
C CYS V 51 -39.96 61.70 -13.52
N PHE V 52 -39.18 62.78 -13.49
CA PHE V 52 -37.73 62.67 -13.56
C PHE V 52 -37.18 62.60 -12.14
N LEU V 53 -36.35 61.61 -11.88
CA LEU V 53 -35.91 61.31 -10.52
C LEU V 53 -34.81 60.26 -10.61
N SER V 54 -34.23 59.94 -9.45
CA SER V 54 -33.10 59.04 -9.39
C SER V 54 -33.59 57.59 -9.28
N VAL V 55 -32.66 56.68 -8.99
CA VAL V 55 -32.95 55.25 -9.03
C VAL V 55 -33.55 54.81 -7.69
N LYS V 56 -32.80 55.02 -6.61
CA LYS V 56 -33.31 54.67 -5.29
C LYS V 56 -34.66 55.31 -5.04
N GLN V 57 -34.89 56.51 -5.60
CA GLN V 57 -36.18 57.16 -5.47
C GLN V 57 -37.28 56.34 -6.14
N PHE V 58 -36.91 55.45 -7.06
CA PHE V 58 -37.88 54.60 -7.73
C PHE V 58 -38.31 53.46 -6.82
N ALA V 59 -37.35 52.69 -6.31
CA ALA V 59 -37.69 51.55 -5.47
C ALA V 59 -38.50 51.98 -4.25
N LYS V 60 -38.27 53.18 -3.72
CA LYS V 60 -39.18 53.73 -2.72
C LYS V 60 -40.59 53.84 -3.26
N LEU V 61 -40.75 53.88 -4.59
CA LEU V 61 -42.03 53.95 -5.27
C LEU V 61 -42.47 52.58 -5.77
N GLN V 62 -41.61 51.91 -6.53
CA GLN V 62 -41.94 50.56 -7.02
C GLN V 62 -42.50 49.71 -5.89
N THR V 63 -41.84 49.73 -4.73
CA THR V 63 -42.34 49.00 -3.58
C THR V 63 -43.68 49.53 -3.08
N ALA V 64 -44.10 50.72 -3.52
CA ALA V 64 -45.37 51.27 -3.08
C ALA V 64 -46.55 50.81 -3.92
N MET V 65 -46.36 50.53 -5.21
CA MET V 65 -47.45 50.12 -6.07
C MET V 65 -47.61 48.60 -6.09
N GLU V 66 -46.52 47.87 -6.35
CA GLU V 66 -46.53 46.42 -6.24
C GLU V 66 -47.09 45.95 -4.90
N LYS V 67 -47.11 46.82 -3.90
CA LYS V 67 -47.53 46.53 -2.54
C LYS V 67 -49.01 46.78 -2.29
N LEU V 68 -49.77 47.25 -3.29
CA LEU V 68 -51.14 47.69 -3.05
C LEU V 68 -52.16 47.26 -4.09
N ILE V 69 -51.76 46.71 -5.24
CA ILE V 69 -52.64 46.67 -6.41
C ILE V 69 -53.25 45.29 -6.59
N LYS V 70 -54.45 45.29 -7.19
CA LYS V 70 -55.12 44.11 -7.71
C LYS V 70 -54.99 44.15 -9.23
N LEU V 71 -54.03 43.41 -9.77
CA LEU V 71 -53.77 43.44 -11.20
C LEU V 71 -54.89 42.80 -12.01
N ASP V 72 -55.79 42.06 -11.36
CA ASP V 72 -56.97 41.53 -12.03
C ASP V 72 -57.97 42.60 -12.42
N GLU V 73 -57.81 43.83 -11.90
CA GLU V 73 -58.76 44.90 -12.15
C GLU V 73 -58.07 46.22 -12.45
N ASP V 74 -56.75 46.29 -12.44
CA ASP V 74 -56.00 47.53 -12.62
C ASP V 74 -55.12 47.42 -13.85
N ALA V 75 -54.62 48.58 -14.31
CA ALA V 75 -53.86 48.65 -15.55
C ALA V 75 -52.92 49.84 -15.54
N VAL V 76 -51.62 49.58 -15.73
CA VAL V 76 -50.63 50.64 -15.80
C VAL V 76 -49.47 50.20 -16.69
N CYS V 77 -48.80 51.18 -17.30
CA CYS V 77 -47.59 50.95 -18.07
C CYS V 77 -46.58 52.03 -17.70
N ILE V 78 -45.31 51.73 -17.92
CA ILE V 78 -44.21 52.55 -17.45
C ILE V 78 -43.22 52.75 -18.57
N TYR V 79 -42.57 53.92 -18.58
CA TYR V 79 -41.66 54.30 -19.64
C TYR V 79 -40.37 54.89 -19.08
N VAL V 80 -39.26 54.51 -19.68
CA VAL V 80 -37.92 54.91 -19.22
C VAL V 80 -37.28 55.74 -20.32
N LEU V 81 -37.01 57.01 -20.01
CA LEU V 81 -36.57 57.98 -21.02
C LEU V 81 -35.34 58.71 -20.54
N ASP V 82 -34.23 58.55 -21.26
CA ASP V 82 -33.02 59.29 -20.99
C ASP V 82 -32.98 60.56 -21.85
N GLU V 83 -32.11 61.49 -21.46
CA GLU V 83 -32.13 62.84 -22.04
C GLU V 83 -32.15 62.83 -23.56
N ASN V 84 -31.18 62.15 -24.19
CA ASN V 84 -31.10 62.20 -25.64
C ASN V 84 -32.34 61.61 -26.32
N THR V 85 -33.13 60.84 -25.58
CA THR V 85 -34.44 60.40 -26.06
C THR V 85 -35.57 61.31 -25.62
N VAL V 86 -35.32 62.17 -24.62
CA VAL V 86 -36.35 63.07 -24.13
C VAL V 86 -36.52 64.27 -25.03
N GLN V 87 -35.40 64.86 -25.49
CA GLN V 87 -35.49 66.07 -26.29
C GLN V 87 -36.51 65.95 -27.42
N ARG V 88 -36.68 64.76 -27.98
CA ARG V 88 -37.57 64.57 -29.12
C ARG V 88 -38.95 64.16 -28.63
N THR V 89 -39.65 65.15 -28.05
CA THR V 89 -40.99 64.98 -27.51
C THR V 89 -41.89 66.13 -27.97
N ILE V 90 -41.89 66.37 -29.28
CA ILE V 90 -42.57 67.53 -29.85
C ILE V 90 -43.95 67.67 -29.23
N THR V 91 -44.36 68.92 -29.00
CA THR V 91 -45.64 69.21 -28.38
C THR V 91 -46.31 70.35 -29.12
N TYR V 92 -47.63 70.49 -28.90
CA TYR V 92 -48.39 71.54 -29.56
C TYR V 92 -49.22 72.37 -28.59
N GLY V 93 -49.83 71.77 -27.57
CA GLY V 93 -50.70 72.51 -26.69
C GLY V 93 -50.14 72.64 -25.28
N THR V 94 -49.04 71.95 -25.02
CA THR V 94 -48.35 71.98 -23.75
C THR V 94 -46.88 72.29 -23.99
N PRO V 95 -46.17 72.78 -22.98
CA PRO V 95 -44.71 72.93 -23.11
C PRO V 95 -44.03 71.59 -22.97
N GLN V 96 -42.76 71.54 -23.37
CA GLN V 96 -42.02 70.29 -23.26
C GLN V 96 -41.45 70.16 -21.85
N PRO V 97 -41.09 68.95 -21.44
CA PRO V 97 -40.68 68.75 -20.05
C PRO V 97 -39.35 69.41 -19.69
N GLU V 98 -39.23 69.73 -18.41
CA GLU V 98 -38.01 70.26 -17.79
C GLU V 98 -38.22 70.09 -16.30
N LYS V 99 -37.14 70.12 -15.52
CA LYS V 99 -37.25 69.93 -14.07
C LYS V 99 -36.16 70.68 -13.33
N PRO V 100 -36.40 71.96 -13.04
CA PRO V 100 -35.41 72.76 -12.31
C PRO V 100 -35.61 72.70 -10.80
N GLY V 101 -34.79 73.44 -10.07
CA GLY V 101 -35.16 73.77 -8.70
C GLY V 101 -36.33 74.74 -8.69
N SER V 102 -37.18 74.60 -7.69
CA SER V 102 -38.45 75.31 -7.65
C SER V 102 -38.33 76.58 -6.81
N ILE V 103 -38.98 77.64 -7.27
CA ILE V 103 -38.94 78.95 -6.63
C ILE V 103 -40.34 79.50 -6.49
N ILE V 104 -40.55 80.26 -5.41
CA ILE V 104 -41.79 81.00 -5.20
C ILE V 104 -41.46 82.30 -4.47
N SER Y 13 -9.47 -13.89 95.13
CA SER Y 13 -8.06 -13.93 94.78
C SER Y 13 -7.16 -13.66 95.99
N THR Y 14 -7.76 -13.33 97.13
CA THR Y 14 -7.01 -13.00 98.33
C THR Y 14 -7.45 -13.91 99.47
N LEU Y 15 -6.59 -14.03 100.48
CA LEU Y 15 -6.79 -14.95 101.58
C LEU Y 15 -6.90 -14.22 102.91
N TYR Y 16 -7.83 -14.67 103.75
CA TYR Y 16 -8.07 -14.10 105.07
C TYR Y 16 -8.06 -15.23 106.09
N LEU Y 17 -7.54 -14.94 107.29
CA LEU Y 17 -7.46 -15.92 108.36
C LEU Y 17 -7.73 -15.25 109.71
N THR Y 18 -8.60 -15.86 110.52
CA THR Y 18 -9.02 -15.28 111.78
C THR Y 18 -8.48 -15.95 113.04
N GLN Y 19 -8.26 -17.27 113.04
CA GLN Y 19 -8.08 -17.98 114.30
C GLN Y 19 -6.61 -18.06 114.70
N PRO Y 20 -6.24 -17.63 115.93
CA PRO Y 20 -4.84 -17.76 116.36
C PRO Y 20 -4.47 -19.14 116.87
N ASP Y 21 -5.29 -20.15 116.58
CA ASP Y 21 -5.01 -21.51 116.98
C ASP Y 21 -4.78 -22.40 115.76
N ALA Y 22 -4.60 -21.79 114.59
CA ALA Y 22 -4.45 -22.50 113.33
C ALA Y 22 -2.98 -22.42 112.92
N VAL Y 23 -2.39 -23.55 112.57
CA VAL Y 23 -1.03 -23.60 112.08
C VAL Y 23 -1.13 -23.91 110.59
N LEU Y 24 -0.34 -23.21 109.79
CA LEU Y 24 -0.32 -23.40 108.35
C LEU Y 24 0.97 -24.07 107.95
N SER Y 25 0.85 -25.18 107.23
CA SER Y 25 2.00 -25.91 106.72
C SER Y 25 1.94 -25.97 105.20
N LYS Y 26 3.07 -26.33 104.62
CA LYS Y 26 3.22 -26.45 103.18
C LYS Y 26 3.32 -27.91 102.78
N LYS Y 27 2.67 -28.26 101.68
CA LYS Y 27 2.76 -29.58 101.06
C LYS Y 27 3.56 -29.41 99.77
N HIS Y 28 3.88 -30.53 99.13
CA HIS Y 28 4.80 -30.51 97.98
C HIS Y 28 4.72 -29.21 97.19
N GLU Y 29 3.51 -28.74 96.90
CA GLU Y 29 3.35 -27.39 96.34
C GLU Y 29 2.12 -26.68 96.86
N ALA Y 30 1.46 -27.18 97.92
CA ALA Y 30 0.18 -26.63 98.34
C ALA Y 30 0.11 -26.63 99.86
N PHE Y 31 -0.84 -25.85 100.37
CA PHE Y 31 -0.92 -25.57 101.80
C PHE Y 31 -1.96 -26.44 102.50
N HIS Y 32 -1.74 -26.63 103.80
CA HIS Y 32 -2.68 -27.31 104.69
C HIS Y 32 -2.81 -26.50 105.97
N VAL Y 33 -4.00 -25.99 106.22
CA VAL Y 33 -4.33 -25.29 107.47
C VAL Y 33 -4.88 -26.33 108.44
N ALA Y 34 -4.57 -26.17 109.72
CA ALA Y 34 -4.96 -27.14 110.74
C ALA Y 34 -5.83 -26.45 111.78
N LEU Y 35 -7.14 -26.66 111.68
CA LEU Y 35 -8.11 -26.08 112.60
C LEU Y 35 -8.46 -27.13 113.65
N LYS Y 36 -8.32 -26.77 114.93
CA LYS Y 36 -8.52 -27.71 116.02
C LYS Y 36 -9.89 -27.49 116.63
N GLN Y 37 -10.91 -27.95 115.91
CA GLN Y 37 -12.27 -27.95 116.44
C GLN Y 37 -12.44 -29.21 117.29
N GLU Y 38 -12.82 -29.03 118.56
CA GLU Y 38 -12.64 -30.11 119.51
C GLU Y 38 -13.63 -31.24 119.26
N ASP Y 39 -13.45 -31.95 118.15
CA ASP Y 39 -14.04 -33.25 117.90
C ASP Y 39 -12.97 -34.21 117.39
N GLY Y 40 -11.77 -34.08 117.97
CA GLY Y 40 -10.57 -34.67 117.43
C GLY Y 40 -9.42 -33.71 117.61
N SER Y 41 -9.76 -32.44 117.92
CA SER Y 41 -8.79 -31.40 118.27
C SER Y 41 -7.78 -31.11 117.16
N TRP Y 42 -8.15 -31.40 115.91
CA TRP Y 42 -7.32 -31.07 114.74
C TRP Y 42 -8.13 -31.36 113.49
N LYS Y 43 -8.07 -30.45 112.51
CA LYS Y 43 -8.82 -30.64 111.27
C LYS Y 43 -8.09 -29.93 110.12
N LYS Y 44 -7.29 -30.69 109.40
CA LYS Y 44 -6.53 -30.20 108.24
C LYS Y 44 -7.43 -29.96 107.02
N GLN Y 45 -7.62 -28.70 106.67
CA GLN Y 45 -8.43 -28.31 105.52
C GLN Y 45 -7.51 -27.92 104.38
N PRO Y 46 -7.49 -28.63 103.26
CA PRO Y 46 -6.52 -28.29 102.20
C PRO Y 46 -6.77 -26.92 101.60
N ILE Y 47 -5.69 -26.38 101.03
CA ILE Y 47 -5.69 -25.03 100.46
C ILE Y 47 -4.87 -24.99 99.18
N PRO Y 48 -5.31 -24.27 98.15
CA PRO Y 48 -4.45 -24.10 96.97
C PRO Y 48 -3.54 -22.89 97.09
N ALA Y 49 -2.44 -22.98 96.37
CA ALA Y 49 -1.50 -21.90 96.13
C ALA Y 49 -1.64 -21.51 94.66
N GLN Y 50 -0.73 -20.65 94.20
CA GLN Y 50 -0.61 -20.38 92.77
C GLN Y 50 -1.80 -19.65 92.17
N THR Y 51 -2.88 -19.47 92.94
CA THR Y 51 -3.98 -18.61 92.53
C THR Y 51 -3.97 -17.28 93.26
N LEU Y 52 -3.24 -17.21 94.37
CA LEU Y 52 -3.32 -16.09 95.28
C LEU Y 52 -2.31 -15.01 94.89
N GLU Y 53 -2.66 -13.76 95.25
CA GLU Y 53 -1.77 -12.64 95.10
C GLU Y 53 -1.68 -11.83 96.39
N ASP Y 54 -2.36 -12.26 97.46
CA ASP Y 54 -2.35 -11.51 98.71
C ASP Y 54 -2.87 -12.40 99.83
N ILE Y 55 -2.37 -12.16 101.04
CA ILE Y 55 -2.75 -12.91 102.22
C ILE Y 55 -3.03 -11.92 103.36
N VAL Y 56 -3.94 -12.31 104.26
CA VAL Y 56 -4.33 -11.47 105.38
C VAL Y 56 -4.43 -12.32 106.64
N LEU Y 57 -3.74 -11.89 107.69
CA LEU Y 57 -3.80 -12.52 109.01
C LEU Y 57 -4.37 -11.53 110.00
N LEU Y 58 -5.43 -11.94 110.71
CA LEU Y 58 -6.15 -11.08 111.64
C LEU Y 58 -5.72 -11.33 113.08
N GLY Y 59 -5.77 -12.59 113.51
CA GLY Y 59 -5.31 -12.91 114.83
C GLY Y 59 -3.80 -12.94 114.81
N TYR Y 60 -3.21 -13.84 115.57
CA TYR Y 60 -1.76 -14.03 115.61
C TYR Y 60 -1.45 -15.51 115.45
N PRO Y 61 -1.83 -16.09 114.31
CA PRO Y 61 -1.67 -17.53 114.11
C PRO Y 61 -0.22 -17.94 113.89
N SER Y 62 0.04 -19.22 114.15
CA SER Y 62 1.36 -19.80 113.95
C SER Y 62 1.58 -20.13 112.49
N ILE Y 63 2.83 -20.01 112.06
CA ILE Y 63 3.19 -20.30 110.68
C ILE Y 63 4.51 -21.06 110.65
N THR Y 64 4.59 -22.02 109.75
CA THR Y 64 5.87 -22.64 109.43
C THR Y 64 6.69 -21.66 108.60
N GLY Y 65 7.93 -21.41 109.02
CA GLY Y 65 8.82 -20.63 108.19
C GLY Y 65 9.03 -21.30 106.84
N GLU Y 66 9.00 -22.63 106.82
CA GLU Y 66 9.13 -23.40 105.59
C GLU Y 66 8.06 -23.06 104.56
N ALA Y 67 6.94 -22.48 104.98
CA ALA Y 67 5.87 -22.15 104.04
C ALA Y 67 6.11 -20.82 103.32
N LEU Y 68 6.59 -19.81 104.04
CA LEU Y 68 6.83 -18.50 103.43
C LEU Y 68 7.81 -18.62 102.28
N GLY Y 69 8.91 -19.32 102.49
CA GLY Y 69 9.88 -19.52 101.43
C GLY Y 69 9.24 -20.11 100.19
N TYR Y 70 8.07 -20.71 100.33
CA TYR Y 70 7.28 -21.08 99.16
C TYR Y 70 6.33 -19.96 98.75
N ALA Y 71 5.88 -19.14 99.71
CA ALA Y 71 4.99 -18.03 99.37
C ALA Y 71 5.76 -16.89 98.71
N LEU Y 72 6.99 -16.66 99.14
CA LEU Y 72 7.78 -15.54 98.64
C LEU Y 72 8.56 -15.90 97.38
N GLU Y 73 8.61 -17.19 97.02
CA GLU Y 73 9.01 -17.62 95.69
C GLU Y 73 7.91 -17.46 94.65
N LEU Y 74 6.76 -16.92 95.06
CA LEU Y 74 5.58 -16.84 94.21
C LEU Y 74 5.02 -15.43 94.09
N GLY Y 75 5.53 -14.49 94.88
CA GLY Y 75 5.04 -13.13 94.84
C GLY Y 75 3.90 -12.95 95.82
N LEU Y 76 3.99 -13.59 96.98
CA LEU Y 76 2.90 -13.56 97.95
C LEU Y 76 3.28 -12.74 99.17
N PRO Y 77 2.79 -11.50 99.28
CA PRO Y 77 3.00 -10.74 100.51
C PRO Y 77 2.24 -11.37 101.66
N VAL Y 78 2.74 -11.16 102.87
CA VAL Y 78 2.08 -11.66 104.07
C VAL Y 78 1.83 -10.47 104.99
N HIS Y 79 0.57 -10.27 105.35
CA HIS Y 79 0.13 -9.13 106.13
C HIS Y 79 -0.37 -9.62 107.48
N TYR Y 80 -0.09 -8.82 108.51
CA TYR Y 80 -0.42 -9.15 109.88
C TYR Y 80 -1.35 -8.09 110.44
N LEU Y 81 -2.41 -8.52 111.13
CA LEU Y 81 -3.37 -7.58 111.70
C LEU Y 81 -3.74 -8.04 113.10
N THR Y 82 -4.65 -7.29 113.72
CA THR Y 82 -5.19 -7.58 115.04
C THR Y 82 -6.68 -7.85 114.93
N GLN Y 83 -7.22 -8.52 115.96
CA GLN Y 83 -8.66 -8.73 116.03
C GLN Y 83 -9.40 -7.42 115.79
N PHE Y 84 -8.80 -6.30 116.18
CA PHE Y 84 -9.38 -4.98 115.98
C PHE Y 84 -9.18 -4.47 114.56
N GLY Y 85 -8.17 -4.98 113.86
CA GLY Y 85 -7.86 -4.56 112.51
C GLY Y 85 -6.67 -3.63 112.41
N LYS Y 86 -6.02 -3.34 113.54
CA LYS Y 86 -4.89 -2.42 113.53
C LYS Y 86 -3.71 -3.07 112.81
N TYR Y 87 -3.05 -2.28 111.97
CA TYR Y 87 -1.92 -2.77 111.20
C TYR Y 87 -0.67 -2.79 112.07
N VAL Y 88 0.09 -3.87 111.95
CA VAL Y 88 1.31 -4.05 112.73
C VAL Y 88 2.54 -4.14 111.84
N GLY Y 89 2.46 -4.88 110.75
CA GLY Y 89 3.61 -5.05 109.88
C GLY Y 89 3.27 -6.05 108.79
N SER Y 90 4.21 -6.17 107.85
CA SER Y 90 4.05 -7.10 106.74
C SER Y 90 5.40 -7.60 106.27
N ALA Y 91 5.42 -8.83 105.78
CA ALA Y 91 6.62 -9.48 105.26
C ALA Y 91 6.50 -9.54 103.75
N LEU Y 92 7.48 -8.96 103.06
CA LEU Y 92 7.39 -8.77 101.62
C LEU Y 92 8.35 -9.66 100.84
N PRO Y 93 8.00 -9.98 99.59
CA PRO Y 93 8.85 -10.83 98.74
C PRO Y 93 10.03 -10.06 98.16
N SER Y 94 10.74 -10.65 97.21
CA SER Y 94 11.91 -10.01 96.63
C SER Y 94 11.60 -8.57 96.20
N GLU Y 95 12.54 -7.68 96.53
CA GLU Y 95 12.36 -6.24 96.41
C GLU Y 95 12.79 -5.77 95.03
N SER Y 96 11.99 -4.87 94.45
CA SER Y 96 12.36 -4.29 93.17
C SER Y 96 13.78 -3.73 93.26
N ARG Y 97 14.48 -3.74 92.12
CA ARG Y 97 15.86 -3.32 92.04
C ARG Y 97 16.02 -2.03 91.22
N ASN Y 98 15.02 -1.15 91.28
CA ASN Y 98 15.05 0.11 90.54
C ASN Y 98 15.53 1.20 91.52
N GLY Y 99 16.85 1.29 91.64
CA GLY Y 99 17.43 2.32 92.48
C GLY Y 99 17.25 3.72 91.93
N GLN Y 100 17.52 3.90 90.63
CA GLN Y 100 17.34 5.21 90.02
C GLN Y 100 16.00 5.82 90.38
N LEU Y 101 14.97 5.00 90.50
CA LEU Y 101 13.66 5.48 90.90
C LEU Y 101 13.69 6.12 92.29
N ARG Y 102 14.10 5.35 93.29
CA ARG Y 102 14.03 5.81 94.68
C ARG Y 102 14.82 7.09 94.93
N LEU Y 103 15.81 7.39 94.09
CA LEU Y 103 16.51 8.66 94.24
C LEU Y 103 15.58 9.83 93.91
N ALA Y 104 14.94 9.78 92.73
CA ALA Y 104 13.97 10.83 92.38
C ALA Y 104 12.88 10.92 93.43
N GLN Y 105 12.41 9.77 93.93
CA GLN Y 105 11.51 9.77 95.08
C GLN Y 105 12.07 10.65 96.20
N PHE Y 106 13.39 10.71 96.32
CA PHE Y 106 14.07 11.56 97.29
C PHE Y 106 14.49 12.90 96.70
N ARG Y 107 15.14 12.90 95.52
CA ARG Y 107 15.50 14.16 94.88
C ARG Y 107 14.32 15.13 94.86
N ALA Y 108 13.10 14.62 94.88
CA ALA Y 108 11.89 15.45 94.95
C ALA Y 108 11.50 15.82 96.37
N HIS Y 109 11.84 15.00 97.36
CA HIS Y 109 11.46 15.30 98.74
C HIS Y 109 12.20 16.51 99.31
N GLU Y 110 13.42 16.77 98.85
CA GLU Y 110 14.19 17.91 99.34
C GLU Y 110 14.00 19.16 98.49
N ASP Y 111 13.30 19.05 97.37
CA ASP Y 111 12.88 20.22 96.60
C ASP Y 111 11.41 20.48 96.91
N PRO Y 112 11.08 21.31 97.90
CA PRO Y 112 9.68 21.42 98.32
C PRO Y 112 8.77 21.87 97.19
N ILE Y 113 9.29 22.65 96.25
CA ILE Y 113 8.48 23.07 95.10
C ILE Y 113 8.03 21.85 94.32
N GLN Y 114 8.90 20.85 94.18
CA GLN Y 114 8.50 19.59 93.57
C GLN Y 114 7.57 18.83 94.50
N ARG Y 115 7.95 18.69 95.76
CA ARG Y 115 7.06 18.11 96.76
C ARG Y 115 5.72 18.84 96.78
N LEU Y 116 5.76 20.17 96.60
CA LEU Y 116 4.54 20.97 96.67
C LEU Y 116 3.60 20.68 95.51
N ASP Y 117 4.08 20.82 94.27
CA ASP Y 117 3.23 20.62 93.11
C ASP Y 117 2.57 19.24 93.10
N ILE Y 118 3.04 18.31 93.95
CA ILE Y 118 2.46 16.98 94.06
C ILE Y 118 1.38 16.92 95.13
N VAL Y 119 1.70 17.37 96.36
CA VAL Y 119 0.75 17.25 97.45
C VAL Y 119 -0.58 17.88 97.07
N LYS Y 120 -0.53 18.95 96.28
CA LYS Y 120 -1.77 19.55 95.78
C LYS Y 120 -2.63 18.53 95.05
N ALA Y 121 -1.99 17.50 94.46
CA ALA Y 121 -2.73 16.49 93.70
C ALA Y 121 -3.41 15.47 94.61
N PHE Y 122 -2.67 14.90 95.57
CA PHE Y 122 -3.27 13.94 96.48
C PHE Y 122 -4.55 14.49 97.09
N VAL Y 123 -4.51 15.75 97.52
CA VAL Y 123 -5.64 16.36 98.18
C VAL Y 123 -6.74 16.68 97.17
N LYS Y 124 -6.37 17.32 96.06
CA LYS Y 124 -7.29 17.49 94.95
C LYS Y 124 -7.92 16.16 94.56
N GLY Y 125 -7.12 15.09 94.56
CA GLY Y 125 -7.61 13.77 94.24
C GLY Y 125 -8.35 13.07 95.35
N LYS Y 126 -8.34 13.66 96.55
CA LYS Y 126 -9.04 13.13 97.71
C LYS Y 126 -10.38 13.80 97.95
N VAL Y 127 -10.40 15.13 97.95
CA VAL Y 127 -11.57 15.88 98.35
C VAL Y 127 -12.67 15.82 97.29
N HIS Y 128 -12.30 15.94 96.01
CA HIS Y 128 -13.30 15.84 94.95
C HIS Y 128 -14.06 14.52 95.08
N ASN Y 129 -13.38 13.46 95.49
CA ASN Y 129 -14.05 12.20 95.75
C ASN Y 129 -15.01 12.30 96.92
N GLN Y 130 -14.72 13.17 97.88
CA GLN Y 130 -15.59 13.33 99.03
C GLN Y 130 -16.85 14.11 98.67
N TYR Y 131 -16.69 15.32 98.12
CA TYR Y 131 -17.85 16.08 97.66
C TYR Y 131 -18.67 15.24 96.68
N ASN Y 132 -17.99 14.56 95.77
CA ASN Y 132 -18.66 13.65 94.85
C ASN Y 132 -19.17 12.40 95.55
N LEU Y 133 -18.75 12.14 96.79
CA LEU Y 133 -19.34 11.07 97.59
C LEU Y 133 -20.62 11.53 98.29
N LEU Y 134 -20.57 12.68 98.96
CA LEU Y 134 -21.75 13.16 99.67
C LEU Y 134 -22.90 13.40 98.69
N TYR Y 135 -22.58 13.80 97.47
CA TYR Y 135 -23.56 13.81 96.39
C TYR Y 135 -23.89 12.40 95.94
N ARG Y 136 -22.91 11.50 96.02
CA ARG Y 136 -23.15 10.07 95.79
C ARG Y 136 -24.09 9.50 96.83
N ARG Y 137 -23.87 9.83 98.11
CA ARG Y 137 -24.76 9.35 99.17
C ARG Y 137 -26.04 10.17 99.27
N GLY Y 138 -26.04 11.39 98.72
CA GLY Y 138 -27.19 12.26 98.76
C GLY Y 138 -27.04 13.28 99.88
N GLN Y 139 -26.39 14.39 99.58
CA GLN Y 139 -26.15 15.46 100.53
C GLN Y 139 -25.32 16.50 99.79
N VAL Y 140 -25.21 17.68 100.39
CA VAL Y 140 -24.51 18.79 99.75
C VAL Y 140 -23.87 19.67 100.82
N PRO Y 143 -20.33 22.04 100.54
CA PRO Y 143 -19.38 22.79 101.37
C PRO Y 143 -17.94 22.56 100.94
N LEU Y 144 -17.71 21.48 100.19
CA LEU Y 144 -16.39 21.16 99.67
C LEU Y 144 -16.24 21.53 98.19
N LYS Y 145 -17.33 21.99 97.56
CA LYS Y 145 -17.24 22.44 96.18
C LYS Y 145 -16.10 23.43 96.00
N GLY Y 146 -16.04 24.45 96.86
CA GLY Y 146 -14.96 25.42 96.87
C GLY Y 146 -13.70 24.96 97.55
N ARG Y 147 -13.86 24.23 98.67
CA ARG Y 147 -12.73 23.78 99.47
C ARG Y 147 -11.85 22.75 98.76
N GLY Y 148 -12.12 22.51 97.47
CA GLY Y 148 -11.20 21.73 96.68
C GLY Y 148 -10.40 22.65 95.79
N LYS Y 149 -10.98 23.82 95.49
CA LYS Y 149 -10.32 24.78 94.63
C LYS Y 149 -9.50 25.79 95.42
N LEU Y 150 -9.78 25.96 96.70
CA LEU Y 150 -8.90 26.71 97.60
C LEU Y 150 -7.72 25.82 97.99
N VAL Y 151 -7.11 25.17 97.01
CA VAL Y 151 -5.98 24.27 97.26
C VAL Y 151 -4.88 24.72 96.29
N MET Y 152 -5.23 24.75 95.01
CA MET Y 152 -4.34 25.30 93.99
C MET Y 152 -3.99 26.75 94.30
N ARG Y 153 -4.84 27.46 95.05
CA ARG Y 153 -4.57 28.81 95.49
C ARG Y 153 -3.70 28.86 96.75
N GLN Y 154 -2.91 27.84 97.02
CA GLN Y 154 -2.02 27.86 98.17
C GLN Y 154 -0.57 27.89 97.70
N GLN Y 155 0.31 28.24 98.63
CA GLN Y 155 1.70 28.51 98.28
C GLN Y 155 2.70 27.88 99.24
N THR Y 156 2.28 27.08 100.19
CA THR Y 156 3.22 26.39 101.06
C THR Y 156 2.55 25.12 101.56
N LEU Y 157 3.31 24.35 102.33
CA LEU Y 157 2.84 23.09 102.89
C LEU Y 157 2.11 23.29 104.22
N GLU Y 158 2.72 23.98 105.18
CA GLU Y 158 2.09 24.16 106.48
C GLU Y 158 0.70 24.74 106.34
N GLN Y 159 0.51 25.64 105.37
CA GLN Y 159 -0.83 26.13 105.06
C GLN Y 159 -1.77 24.99 104.68
N VAL Y 160 -1.23 23.93 104.08
CA VAL Y 160 -2.05 22.90 103.46
C VAL Y 160 -2.39 21.78 104.43
N ARG Y 161 -1.40 21.27 105.16
CA ARG Y 161 -1.65 20.15 106.06
C ARG Y 161 -2.78 20.48 107.03
N GLY Y 162 -2.89 21.74 107.44
CA GLY Y 162 -4.04 22.17 108.20
C GLY Y 162 -5.33 22.11 107.42
N ILE Y 163 -5.26 22.16 106.08
CA ILE Y 163 -6.47 22.19 105.27
C ILE Y 163 -7.15 20.83 105.30
N GLU Y 164 -6.39 19.76 105.12
CA GLU Y 164 -6.94 18.42 105.18
C GLU Y 164 -7.64 18.18 106.52
N GLY Y 165 -7.03 18.63 107.62
CA GLY Y 165 -7.64 18.44 108.92
C GLY Y 165 -9.00 19.11 109.05
N LEU Y 166 -9.16 20.29 108.43
CA LEU Y 166 -10.46 20.95 108.45
C LEU Y 166 -11.47 20.15 107.63
N ALA Y 167 -11.15 19.88 106.36
CA ALA Y 167 -12.07 19.11 105.53
C ALA Y 167 -12.38 17.78 106.17
N ALA Y 168 -11.39 17.19 106.87
CA ALA Y 168 -11.64 15.94 107.59
C ALA Y 168 -12.67 16.13 108.69
N ARG Y 169 -12.47 17.15 109.53
CA ARG Y 169 -13.47 17.47 110.55
C ARG Y 169 -14.78 17.89 109.91
N GLU Y 170 -14.71 18.63 108.80
CA GLU Y 170 -15.92 18.96 108.04
C GLU Y 170 -16.54 17.72 107.41
N TYR Y 171 -15.72 16.69 107.16
CA TYR Y 171 -16.20 15.48 106.52
C TYR Y 171 -16.85 14.53 107.51
N PHE Y 172 -16.34 14.46 108.74
CA PHE Y 172 -16.89 13.52 109.71
C PHE Y 172 -18.08 14.07 110.49
N ALA Y 173 -18.12 15.38 110.74
CA ALA Y 173 -19.27 15.96 111.43
C ALA Y 173 -20.51 16.01 110.54
N SER Y 174 -20.35 15.84 109.24
CA SER Y 174 -21.46 15.85 108.30
C SER Y 174 -22.05 14.47 108.05
N TRP Y 175 -21.81 13.51 108.94
CA TRP Y 175 -22.22 12.12 108.69
C TRP Y 175 -23.55 11.76 109.35
N GLN Y 176 -23.73 12.09 110.63
CA GLN Y 176 -24.99 11.74 111.31
C GLN Y 176 -26.20 12.08 110.45
N GLU Y 177 -26.16 13.21 109.75
CA GLU Y 177 -27.28 13.56 108.88
C GLU Y 177 -27.52 12.47 107.83
N MET Y 178 -26.46 11.76 107.41
CA MET Y 178 -26.61 10.71 106.41
C MET Y 178 -26.88 9.33 107.02
N LEU Y 179 -26.45 9.10 108.27
CA LEU Y 179 -26.65 7.79 108.88
C LEU Y 179 -28.06 7.64 109.44
N GLY Y 180 -28.43 8.52 110.36
CA GLY Y 180 -29.67 8.40 111.10
C GLY Y 180 -29.42 8.53 112.58
N HIS Y 181 -30.32 7.95 113.39
CA HIS Y 181 -30.29 8.09 114.83
C HIS Y 181 -29.69 6.90 115.56
N GLU Y 182 -29.61 5.73 114.91
CA GLU Y 182 -29.12 4.56 115.63
C GLU Y 182 -27.69 4.74 116.10
N TRP Y 183 -26.87 5.46 115.35
CA TRP Y 183 -25.49 5.69 115.72
C TRP Y 183 -25.27 7.19 115.92
N THR Y 184 -24.17 7.51 116.59
CA THR Y 184 -23.81 8.87 116.89
C THR Y 184 -22.35 9.10 116.55
N PHE Y 185 -22.05 10.25 115.98
CA PHE Y 185 -20.68 10.63 115.72
C PHE Y 185 -20.53 12.09 116.10
N THR Y 186 -19.79 12.32 117.17
CA THR Y 186 -19.39 13.64 117.66
C THR Y 186 -17.91 13.88 117.45
N GLY Y 187 -17.10 12.84 117.63
CA GLY Y 187 -15.66 12.93 117.52
C GLY Y 187 -15.12 11.55 117.21
N ARG Y 188 -13.80 11.50 117.04
CA ARG Y 188 -13.14 10.27 116.63
C ARG Y 188 -11.66 10.38 116.91
N PHE Y 189 -11.12 9.34 117.52
CA PHE Y 189 -9.73 9.25 117.96
C PHE Y 189 -9.06 8.19 117.11
N ARG Y 190 -7.95 8.53 116.46
CA ARG Y 190 -7.38 7.61 115.49
C ARG Y 190 -7.10 6.24 116.09
N ARG Y 191 -6.11 6.15 116.97
CA ARG Y 191 -5.79 4.86 117.57
C ARG Y 191 -6.87 4.34 118.52
N PRO Y 192 -7.38 5.12 119.48
CA PRO Y 192 -8.39 4.56 120.41
C PRO Y 192 -9.75 4.42 119.74
N PRO Y 193 -10.49 3.32 120.00
CA PRO Y 193 -11.86 3.18 119.47
C PRO Y 193 -12.94 3.64 120.45
N THR Y 194 -12.95 4.93 120.78
CA THR Y 194 -13.98 5.42 121.70
C THR Y 194 -15.38 5.26 121.12
N ASP Y 195 -15.51 5.25 119.79
CA ASP Y 195 -16.75 5.01 119.07
C ASP Y 195 -16.63 3.75 118.22
N PRO Y 196 -17.74 3.04 117.97
CA PRO Y 196 -17.63 1.84 117.11
C PRO Y 196 -17.03 2.17 115.76
N VAL Y 197 -17.57 3.18 115.07
CA VAL Y 197 -17.02 3.58 113.77
C VAL Y 197 -15.56 3.95 113.93
N ASN Y 198 -15.25 4.70 114.99
CA ASN Y 198 -13.86 5.02 115.32
C ASN Y 198 -12.99 3.78 115.29
N ALA Y 199 -13.56 2.61 115.63
CA ALA Y 199 -12.82 1.37 115.51
C ALA Y 199 -12.74 0.87 114.06
N LEU Y 200 -13.82 1.06 113.29
CA LEU Y 200 -13.85 0.56 111.92
C LEU Y 200 -12.84 1.26 111.03
N LEU Y 201 -12.59 2.54 111.26
CA LEU Y 201 -11.61 3.24 110.45
C LEU Y 201 -10.21 2.71 110.73
N SER Y 202 -9.84 2.61 112.01
CA SER Y 202 -8.62 1.89 112.37
C SER Y 202 -8.62 0.47 111.81
N PHE Y 203 -9.80 -0.13 111.63
CA PHE Y 203 -9.90 -1.44 111.00
C PHE Y 203 -9.69 -1.34 109.50
N GLY Y 204 -10.52 -0.56 108.83
CA GLY Y 204 -10.39 -0.43 107.38
C GLY Y 204 -9.12 0.27 106.97
N TYR Y 205 -8.83 1.43 107.58
CA TYR Y 205 -7.58 2.11 107.28
C TYR Y 205 -6.37 1.24 107.54
N GLY Y 206 -6.47 0.30 108.48
CA GLY Y 206 -5.35 -0.55 108.79
C GLY Y 206 -5.17 -1.68 107.80
N LEU Y 207 -6.27 -2.39 107.51
CA LEU Y 207 -6.23 -3.42 106.47
C LEU Y 207 -6.25 -2.81 105.08
N LEU Y 208 -6.43 -1.50 104.94
CA LEU Y 208 -6.29 -0.87 103.64
C LEU Y 208 -4.83 -0.76 103.25
N ARG Y 209 -3.95 -0.52 104.22
CA ARG Y 209 -2.52 -0.52 103.98
C ARG Y 209 -2.07 -1.82 103.30
N THR Y 210 -2.80 -2.92 103.51
CA THR Y 210 -2.34 -4.22 103.04
C THR Y 210 -2.17 -4.24 101.52
N GLN Y 211 -3.20 -3.81 100.79
CA GLN Y 211 -3.10 -3.82 99.33
C GLN Y 211 -2.19 -2.71 98.83
N VAL Y 212 -2.05 -1.64 99.61
CA VAL Y 212 -1.17 -0.54 99.24
C VAL Y 212 0.28 -0.86 99.56
N THR Y 213 0.53 -1.38 100.77
CA THR Y 213 1.89 -1.72 101.19
C THR Y 213 2.60 -2.62 100.19
N ALA Y 214 1.85 -3.32 99.34
CA ALA Y 214 2.42 -4.16 98.29
C ALA Y 214 2.68 -3.39 96.99
N ALA Y 215 1.72 -2.55 96.57
CA ALA Y 215 1.86 -1.85 95.29
C ALA Y 215 3.19 -1.11 95.22
N VAL Y 216 3.64 -0.56 96.35
CA VAL Y 216 4.94 0.10 96.37
C VAL Y 216 6.03 -0.92 96.12
N HIS Y 217 5.93 -2.08 96.76
CA HIS Y 217 6.89 -3.15 96.53
C HIS Y 217 6.88 -3.60 95.08
N ILE Y 218 5.77 -3.38 94.38
CA ILE Y 218 5.69 -3.67 92.96
C ILE Y 218 6.34 -2.57 92.15
N ALA Y 219 6.05 -1.31 92.50
CA ALA Y 219 6.64 -0.17 91.81
C ALA Y 219 8.08 0.11 92.24
N GLY Y 220 8.60 -0.62 93.23
CA GLY Y 220 9.94 -0.38 93.72
C GLY Y 220 10.08 0.83 94.61
N LEU Y 221 8.98 1.38 95.10
CA LEU Y 221 9.02 2.59 95.91
C LEU Y 221 9.51 2.27 97.32
N ASP Y 222 10.13 3.27 97.95
CA ASP Y 222 10.46 3.20 99.36
C ASP Y 222 9.32 3.82 100.15
N PRO Y 223 8.51 3.04 100.86
CA PRO Y 223 7.37 3.64 101.57
C PRO Y 223 7.78 4.66 102.60
N TYR Y 224 9.00 4.56 103.15
CA TYR Y 224 9.42 5.44 104.24
C TYR Y 224 9.70 6.86 103.79
N ILE Y 225 9.56 7.16 102.50
CA ILE Y 225 9.72 8.51 101.96
C ILE Y 225 8.39 8.96 101.38
N GLY Y 226 7.80 10.01 101.95
CA GLY Y 226 6.56 10.56 101.44
C GLY Y 226 6.73 12.01 101.06
N PHE Y 227 5.63 12.59 100.61
CA PHE Y 227 5.57 13.97 100.14
C PHE Y 227 4.62 14.83 100.94
N LEU Y 228 3.56 14.25 101.48
CA LEU Y 228 2.64 14.94 102.38
C LEU Y 228 3.07 14.72 103.83
N HIS Y 229 3.09 13.46 104.27
CA HIS Y 229 3.54 13.11 105.61
C HIS Y 229 5.06 13.15 105.63
N GLU Y 230 5.65 14.15 106.28
CA GLU Y 230 7.10 14.12 106.41
C GLU Y 230 7.46 12.83 107.15
N THR Y 231 8.41 12.07 106.62
CA THR Y 231 8.69 10.73 107.12
C THR Y 231 9.47 10.75 108.42
N THR Y 232 9.52 11.90 109.09
CA THR Y 232 10.19 12.00 110.38
C THR Y 232 9.28 11.55 111.53
N ARG Y 233 8.67 10.37 111.38
CA ARG Y 233 7.92 9.73 112.46
C ARG Y 233 8.15 8.22 112.46
N GLY Y 234 9.10 7.74 111.67
CA GLY Y 234 9.24 6.31 111.49
C GLY Y 234 8.02 5.66 110.89
N GLN Y 235 7.17 6.43 110.23
CA GLN Y 235 5.99 5.92 109.55
C GLN Y 235 6.15 6.05 108.05
N PRO Y 236 5.84 5.01 107.28
CA PRO Y 236 6.00 5.13 105.83
C PRO Y 236 5.04 6.13 105.22
N ALA Y 237 5.57 7.25 104.78
CA ALA Y 237 4.73 8.34 104.30
C ALA Y 237 4.35 8.18 102.84
N MET Y 238 5.20 7.53 102.04
CA MET Y 238 4.84 7.31 100.65
C MET Y 238 3.54 6.52 100.53
N ILE Y 239 3.24 5.68 101.52
CA ILE Y 239 1.94 5.01 101.55
C ILE Y 239 0.85 5.96 102.03
N LEU Y 240 1.01 6.48 103.25
CA LEU Y 240 -0.05 7.28 103.84
C LEU Y 240 -0.32 8.54 103.04
N ASP Y 241 0.73 9.14 102.45
CA ASP Y 241 0.50 10.24 101.51
C ASP Y 241 -0.43 9.77 100.40
N LEU Y 242 -0.25 8.52 99.97
CA LEU Y 242 -1.08 7.93 98.94
C LEU Y 242 -2.37 7.34 99.50
N MET Y 243 -2.28 6.68 100.66
CA MET Y 243 -3.44 5.98 101.21
C MET Y 243 -4.65 6.89 101.33
N GLU Y 244 -4.43 8.20 101.41
CA GLU Y 244 -5.54 9.14 101.54
C GLU Y 244 -6.44 9.09 100.32
N GLU Y 245 -5.86 8.96 99.13
CA GLU Y 245 -6.67 8.95 97.92
C GLU Y 245 -7.70 7.82 97.91
N PHE Y 246 -7.45 6.77 98.69
CA PHE Y 246 -8.33 5.62 98.76
C PHE Y 246 -9.01 5.46 100.10
N ARG Y 247 -8.47 6.08 101.15
CA ARG Y 247 -9.08 6.00 102.47
C ARG Y 247 -10.54 6.43 102.42
N ALA Y 248 -10.87 7.39 101.55
CA ALA Y 248 -12.18 8.01 101.48
C ALA Y 248 -13.16 7.29 100.55
N LEU Y 249 -12.69 6.35 99.72
CA LEU Y 249 -13.50 5.84 98.63
C LEU Y 249 -13.91 4.38 98.76
N VAL Y 250 -13.10 3.57 99.42
CA VAL Y 250 -13.33 2.14 99.53
C VAL Y 250 -13.59 1.73 100.98
N ALA Y 251 -12.75 2.19 101.90
CA ALA Y 251 -12.95 1.88 103.31
C ALA Y 251 -14.07 2.72 103.91
N ASP Y 252 -14.27 3.94 103.43
CA ASP Y 252 -15.35 4.79 103.91
C ASP Y 252 -16.66 4.53 103.17
N SER Y 253 -16.60 4.12 101.91
CA SER Y 253 -17.80 3.76 101.17
C SER Y 253 -18.29 2.36 101.52
N VAL Y 254 -17.37 1.44 101.84
CA VAL Y 254 -17.78 0.08 102.17
C VAL Y 254 -18.65 0.05 103.42
N VAL Y 255 -18.23 0.78 104.46
CA VAL Y 255 -19.00 0.78 105.70
C VAL Y 255 -20.41 1.30 105.44
N LEU Y 256 -20.53 2.39 104.69
CA LEU Y 256 -21.85 2.98 104.46
C LEU Y 256 -22.74 2.11 103.60
N THR Y 257 -22.19 1.15 102.84
CA THR Y 257 -23.02 0.20 102.11
C THR Y 257 -23.39 -1.01 102.96
N VAL Y 258 -22.63 -1.30 104.03
CA VAL Y 258 -22.97 -2.44 104.89
C VAL Y 258 -23.89 -1.97 106.00
N LEU Y 259 -23.85 -0.68 106.35
CA LEU Y 259 -24.79 -0.12 107.30
C LEU Y 259 -26.15 0.07 106.66
N LYS Y 260 -26.29 -0.44 105.44
CA LYS Y 260 -27.58 -0.58 104.77
C LYS Y 260 -28.01 -2.04 104.94
N GLN Y 261 -28.61 -2.32 106.10
CA GLN Y 261 -29.20 -3.60 106.49
C GLN Y 261 -28.23 -4.64 107.02
N ARG Y 262 -26.93 -4.36 107.09
CA ARG Y 262 -25.94 -5.37 107.46
C ARG Y 262 -25.11 -4.85 108.64
N GLU Y 263 -24.89 -5.71 109.63
CA GLU Y 263 -24.08 -5.31 110.79
C GLU Y 263 -24.53 -3.94 111.26
N ILE Y 264 -25.71 -3.88 111.87
CA ILE Y 264 -26.33 -2.62 112.26
C ILE Y 264 -26.18 -2.38 113.75
N GLN Y 265 -26.38 -3.41 114.55
CA GLN Y 265 -26.27 -3.38 116.00
C GLN Y 265 -26.29 -4.86 116.38
N ARG Y 266 -26.44 -5.15 117.67
CA ARG Y 266 -26.48 -6.51 118.18
C ARG Y 266 -25.06 -7.08 118.20
N GLN Y 267 -24.12 -6.41 117.54
CA GLN Y 267 -22.74 -6.78 117.33
C GLN Y 267 -21.86 -5.74 118.02
N ASP Y 268 -20.56 -5.77 117.71
CA ASP Y 268 -19.62 -4.76 118.20
C ASP Y 268 -19.61 -4.75 119.73
N PHE Y 269 -19.16 -5.87 120.29
CA PHE Y 269 -19.11 -6.04 121.74
C PHE Y 269 -18.38 -4.86 122.38
N THR Y 270 -18.90 -4.42 123.52
CA THR Y 270 -18.41 -3.24 124.23
C THR Y 270 -17.30 -3.51 125.25
N GLU Y 271 -16.97 -4.77 125.54
CA GLU Y 271 -16.08 -5.05 126.66
C GLU Y 271 -14.78 -4.28 126.53
N SER Y 272 -14.05 -4.18 127.65
CA SER Y 272 -12.87 -3.33 127.76
C SER Y 272 -13.23 -1.86 127.46
N LEU Y 273 -13.98 -1.30 128.40
CA LEU Y 273 -14.54 0.05 128.28
C LEU Y 273 -13.59 0.97 127.52
N GLY Y 274 -14.10 1.62 126.48
CA GLY Y 274 -13.27 2.28 125.50
C GLY Y 274 -12.78 1.38 124.38
N ALA Y 275 -13.15 0.10 124.39
CA ALA Y 275 -12.78 -0.85 123.35
C ALA Y 275 -14.05 -1.45 122.77
N PHE Y 276 -14.22 -1.30 121.46
CA PHE Y 276 -15.36 -1.85 120.73
C PHE Y 276 -14.85 -2.82 119.68
N ARG Y 277 -14.61 -4.06 120.09
CA ARG Y 277 -14.22 -5.11 119.16
C ARG Y 277 -15.47 -5.66 118.49
N LEU Y 278 -15.28 -6.42 117.43
CA LEU Y 278 -16.39 -7.07 116.75
C LEU Y 278 -16.56 -8.50 117.26
N THR Y 279 -17.70 -9.09 116.92
CA THR Y 279 -17.88 -10.51 117.16
C THR Y 279 -17.36 -11.29 115.96
N ASP Y 280 -16.87 -12.49 116.21
CA ASP Y 280 -16.54 -13.39 115.12
C ASP Y 280 -17.85 -13.73 114.39
N SER Y 281 -17.73 -14.04 113.11
CA SER Y 281 -18.82 -14.31 112.18
C SER Y 281 -19.47 -12.99 111.75
N ALA Y 282 -19.18 -11.88 112.43
CA ALA Y 282 -19.44 -10.53 111.93
C ALA Y 282 -18.18 -9.95 111.29
N THR Y 283 -17.02 -10.20 111.92
CA THR Y 283 -15.75 -9.91 111.27
C THR Y 283 -15.68 -10.64 109.94
N LYS Y 284 -16.19 -11.87 109.90
CA LYS Y 284 -16.18 -12.67 108.68
C LYS Y 284 -17.18 -12.14 107.66
N THR Y 285 -18.22 -11.43 108.11
CA THR Y 285 -19.16 -10.82 107.18
C THR Y 285 -18.65 -9.47 106.67
N PHE Y 286 -17.94 -8.73 107.51
CA PHE Y 286 -17.38 -7.45 107.09
C PHE Y 286 -16.50 -7.61 105.85
N LEU Y 287 -15.67 -8.65 105.84
CA LEU Y 287 -14.66 -8.80 104.80
C LEU Y 287 -15.30 -9.11 103.45
N GLY Y 288 -16.46 -9.76 103.44
CA GLY Y 288 -17.14 -10.01 102.19
C GLY Y 288 -17.31 -8.75 101.37
N ALA Y 289 -17.63 -7.63 102.03
CA ALA Y 289 -17.78 -6.37 101.32
C ALA Y 289 -16.45 -5.79 100.86
N PHE Y 290 -15.35 -6.10 101.54
CA PHE Y 290 -14.07 -5.56 101.10
C PHE Y 290 -13.74 -6.10 99.71
N ASP Y 291 -13.97 -7.39 99.49
CA ASP Y 291 -13.82 -7.95 98.15
C ASP Y 291 -14.93 -7.47 97.22
N ARG Y 292 -16.12 -7.14 97.74
CA ARG Y 292 -17.15 -6.56 96.88
C ARG Y 292 -16.61 -5.32 96.18
N LYS Y 293 -16.03 -4.40 96.94
CA LYS Y 293 -15.41 -3.24 96.31
C LYS Y 293 -14.28 -3.68 95.40
N LEU Y 294 -13.45 -4.61 95.88
CA LEU Y 294 -12.35 -5.14 95.07
C LEU Y 294 -12.83 -6.19 94.07
N SER Y 295 -14.16 -6.37 93.96
CA SER Y 295 -14.77 -7.21 92.93
C SER Y 295 -15.68 -6.35 92.05
N SER Y 296 -15.42 -5.05 92.01
CA SER Y 296 -16.28 -4.08 91.36
C SER Y 296 -15.44 -3.19 90.45
N GLU Y 297 -15.62 -3.33 89.15
CA GLU Y 297 -14.91 -2.49 88.19
C GLU Y 297 -15.47 -1.07 88.24
N PHE Y 298 -14.92 -0.19 87.40
CA PHE Y 298 -15.51 1.11 87.19
C PHE Y 298 -14.99 1.69 85.88
N LYS Y 299 -15.74 2.68 85.38
CA LYS Y 299 -15.40 3.32 84.12
C LYS Y 299 -14.05 4.03 84.14
N HIS Y 300 -13.68 4.67 85.25
CA HIS Y 300 -12.41 5.39 85.21
C HIS Y 300 -12.49 6.51 84.16
N PRO Y 301 -13.13 7.65 84.48
CA PRO Y 301 -13.58 8.60 83.45
C PRO Y 301 -12.73 8.70 82.19
N ILE Y 302 -11.40 8.73 82.33
CA ILE Y 302 -10.56 8.83 81.12
C ILE Y 302 -10.52 7.50 80.39
N PHE Y 303 -10.53 6.38 81.11
CA PHE Y 303 -10.54 5.07 80.45
C PHE Y 303 -11.95 4.59 80.16
N ASN Y 304 -12.87 4.90 81.08
CA ASN Y 304 -14.32 4.71 80.94
C ASN Y 304 -14.82 3.27 80.97
N TYR Y 305 -13.97 2.24 80.87
CA TYR Y 305 -14.49 0.90 81.07
C TYR Y 305 -13.44 -0.18 81.34
N LYS Y 306 -13.00 -0.33 82.60
CA LYS Y 306 -12.13 -1.41 83.06
C LYS Y 306 -11.54 -1.11 84.44
N CYS Y 307 -10.53 -1.89 84.85
CA CYS Y 307 -9.70 -1.59 86.02
C CYS Y 307 -10.41 -1.64 87.36
N THR Y 308 -10.57 -2.84 87.91
CA THR Y 308 -11.08 -3.01 89.26
C THR Y 308 -10.39 -2.08 90.23
N TYR Y 309 -11.00 -1.85 91.40
CA TYR Y 309 -10.36 -1.03 92.43
C TYR Y 309 -9.00 -1.61 92.82
N ARG Y 310 -8.93 -2.93 93.08
CA ARG Y 310 -7.68 -3.53 93.53
C ARG Y 310 -6.51 -3.16 92.63
N ARG Y 311 -6.74 -3.13 91.31
CA ARG Y 311 -5.63 -2.83 90.39
C ARG Y 311 -5.35 -1.34 90.32
N ALA Y 312 -6.38 -0.49 90.38
CA ALA Y 312 -6.16 0.94 90.28
C ALA Y 312 -5.04 1.41 91.21
N ILE Y 313 -4.87 0.75 92.36
CA ILE Y 313 -3.81 1.13 93.27
C ILE Y 313 -2.44 0.78 92.69
N GLU Y 314 -2.27 -0.49 92.30
CA GLU Y 314 -1.09 -0.90 91.56
C GLU Y 314 -0.80 0.05 90.41
N LEU Y 315 -1.85 0.58 89.78
CA LEU Y 315 -1.69 1.49 88.66
C LEU Y 315 -1.16 2.84 89.10
N GLN Y 316 -1.84 3.49 90.05
CA GLN Y 316 -1.43 4.82 90.49
C GLN Y 316 0.06 4.85 90.85
N ALA Y 317 0.55 3.79 91.50
CA ALA Y 317 1.98 3.71 91.80
C ALA Y 317 2.78 3.68 90.50
N ARG Y 318 2.44 2.77 89.59
CA ARG Y 318 3.10 2.75 88.29
C ARG Y 318 2.94 4.09 87.59
N LEU Y 319 1.75 4.68 87.67
CA LEU Y 319 1.55 6.03 87.18
C LEU Y 319 2.49 7.02 87.86
N LEU Y 320 2.65 6.90 89.19
CA LEU Y 320 3.46 7.87 89.91
C LEU Y 320 4.94 7.73 89.58
N ALA Y 321 5.45 6.50 89.55
CA ALA Y 321 6.84 6.29 89.18
C ALA Y 321 7.16 7.00 87.87
N ARG Y 322 6.27 6.86 86.89
CA ARG Y 322 6.49 7.48 85.59
C ARG Y 322 6.46 9.00 85.68
N HIS Y 323 5.65 9.57 86.58
CA HIS Y 323 5.73 11.01 86.81
C HIS Y 323 7.13 11.44 87.21
N LEU Y 324 7.91 10.54 87.81
CA LEU Y 324 9.21 10.88 88.37
C LEU Y 324 10.37 10.59 87.44
N GLN Y 325 10.34 9.45 86.74
CA GLN Y 325 11.38 9.08 85.79
C GLN Y 325 11.02 9.42 84.35
N GLU Y 326 9.73 9.35 83.98
CA GLU Y 326 9.31 9.67 82.63
C GLU Y 326 8.61 11.02 82.56
N GLY Y 327 8.29 11.61 83.70
CA GLY Y 327 7.75 12.95 83.75
C GLY Y 327 6.28 13.09 83.41
N VAL Y 328 5.50 12.02 83.48
CA VAL Y 328 4.09 12.10 83.12
C VAL Y 328 3.35 12.89 84.20
N VAL Y 329 2.14 13.30 83.91
CA VAL Y 329 1.29 13.91 84.91
C VAL Y 329 0.78 12.82 85.84
N TYR Y 330 0.50 13.19 87.08
CA TYR Y 330 -0.13 12.29 88.04
C TYR Y 330 -1.52 12.85 88.33
N GLU Y 331 -2.50 12.45 87.52
CA GLU Y 331 -3.88 12.83 87.76
C GLU Y 331 -4.50 11.81 88.70
N PRO Y 332 -4.75 12.16 89.96
CA PRO Y 332 -5.23 11.15 90.92
C PRO Y 332 -6.61 10.64 90.54
N LEU Y 333 -7.14 9.72 91.33
CA LEU Y 333 -8.41 9.08 91.02
C LEU Y 333 -9.54 9.95 91.57
N VAL Y 334 -10.51 10.25 90.70
CA VAL Y 334 -11.61 11.15 91.01
C VAL Y 334 -12.92 10.52 90.59
N ILE Y 335 -13.96 10.68 91.41
CA ILE Y 335 -15.25 10.04 91.21
C ILE Y 335 -16.34 11.10 91.11
N ARG Y 336 -17.44 10.72 90.47
CA ARG Y 336 -18.69 11.48 90.50
C ARG Y 336 -19.87 10.53 90.66
N MET Z 12 22.23 -3.49 124.52
CA MET Z 12 22.76 -3.82 123.21
C MET Z 12 22.78 -5.33 122.98
N SER Z 13 21.75 -5.84 122.33
CA SER Z 13 21.71 -7.26 121.95
C SER Z 13 20.58 -7.46 120.96
N THR Z 14 20.46 -8.70 120.50
CA THR Z 14 19.47 -9.13 119.50
C THR Z 14 19.37 -10.64 119.63
N LEU Z 15 18.34 -11.22 119.02
CA LEU Z 15 18.06 -12.64 119.20
C LEU Z 15 18.36 -13.39 117.92
N TYR Z 16 19.03 -14.53 118.07
CA TYR Z 16 19.49 -15.36 116.97
C TYR Z 16 19.06 -16.79 117.22
N LEU Z 17 18.77 -17.51 116.14
CA LEU Z 17 18.45 -18.92 116.23
C LEU Z 17 19.02 -19.68 115.05
N THR Z 18 19.78 -20.73 115.37
CA THR Z 18 20.39 -21.61 114.38
C THR Z 18 19.65 -22.94 114.32
N GLN Z 19 19.05 -23.33 115.44
CA GLN Z 19 18.48 -24.65 115.61
C GLN Z 19 17.03 -24.62 115.15
N PRO Z 20 16.64 -25.43 114.17
CA PRO Z 20 15.24 -25.45 113.73
C PRO Z 20 14.35 -26.30 114.63
N ASP Z 21 14.82 -26.57 115.85
CA ASP Z 21 14.07 -27.35 116.83
C ASP Z 21 13.62 -26.51 118.00
N ALA Z 22 13.67 -25.18 117.87
CA ALA Z 22 13.35 -24.24 118.93
C ALA Z 22 12.03 -23.55 118.63
N VAL Z 23 11.16 -23.48 119.63
CA VAL Z 23 9.87 -22.78 119.52
C VAL Z 23 9.90 -21.57 120.44
N LEU Z 24 9.33 -20.46 119.98
CA LEU Z 24 9.22 -19.24 120.77
C LEU Z 24 7.78 -19.05 121.21
N SER Z 25 7.59 -18.95 122.51
CA SER Z 25 6.30 -18.67 123.13
C SER Z 25 6.43 -17.41 123.97
N LYS Z 26 5.28 -16.86 124.36
CA LYS Z 26 5.23 -15.68 125.22
C LYS Z 26 4.77 -16.08 126.62
N LYS Z 27 5.41 -15.52 127.64
CA LYS Z 27 4.99 -15.72 129.02
C LYS Z 27 4.51 -14.41 129.61
N HIS Z 28 3.25 -14.10 129.29
CA HIS Z 28 2.42 -13.00 129.75
C HIS Z 28 2.85 -11.60 129.31
N GLU Z 29 4.13 -11.37 129.04
CA GLU Z 29 4.56 -10.16 128.36
C GLU Z 29 5.91 -10.34 127.68
N ALA Z 30 6.45 -11.55 127.70
CA ALA Z 30 7.82 -11.79 127.27
C ALA Z 30 7.91 -13.18 126.67
N PHE Z 31 9.05 -13.47 126.03
CA PHE Z 31 9.20 -14.67 125.23
C PHE Z 31 9.80 -15.82 126.04
N HIS Z 32 9.51 -17.03 125.58
CA HIS Z 32 10.09 -18.25 126.14
C HIS Z 32 10.56 -19.13 124.99
N VAL Z 33 11.86 -19.37 124.93
CA VAL Z 33 12.44 -20.28 123.94
C VAL Z 33 12.51 -21.67 124.52
N ALA Z 34 12.15 -22.66 123.71
CA ALA Z 34 12.20 -24.06 124.11
C ALA Z 34 13.00 -24.76 123.02
N LEU Z 35 14.26 -25.04 123.30
CA LEU Z 35 15.14 -25.71 122.35
C LEU Z 35 15.12 -27.19 122.67
N LYS Z 36 15.22 -28.02 121.62
CA LYS Z 36 15.13 -29.44 121.88
C LYS Z 36 16.52 -29.98 122.20
N GLN Z 37 17.55 -29.44 121.58
CA GLN Z 37 18.91 -29.74 121.99
C GLN Z 37 19.16 -31.24 122.05
N GLU Z 38 19.40 -31.85 120.89
CA GLU Z 38 19.52 -33.30 120.75
C GLU Z 38 19.99 -33.98 122.02
N ASP Z 39 19.42 -35.14 122.33
CA ASP Z 39 19.61 -35.77 123.62
C ASP Z 39 18.87 -35.03 124.74
N GLY Z 40 17.57 -34.82 124.51
CA GLY Z 40 16.72 -34.17 125.50
C GLY Z 40 15.95 -32.99 124.96
N SER Z 41 15.60 -32.05 125.82
CA SER Z 41 14.98 -30.78 125.43
C SER Z 41 15.70 -29.61 126.11
N TRP Z 42 17.02 -29.73 126.24
CA TRP Z 42 17.87 -28.74 126.91
C TRP Z 42 17.56 -27.30 126.47
N LYS Z 43 17.79 -26.37 127.41
CA LYS Z 43 17.70 -24.91 127.21
C LYS Z 43 16.28 -24.44 126.87
N LYS Z 44 15.42 -24.49 127.89
CA LYS Z 44 14.11 -23.85 127.84
C LYS Z 44 14.24 -22.36 128.20
N GLN Z 45 15.41 -21.77 127.95
CA GLN Z 45 15.69 -20.43 128.45
C GLN Z 45 14.72 -19.34 128.02
N PRO Z 46 13.97 -18.76 128.97
CA PRO Z 46 13.10 -17.63 128.63
C PRO Z 46 13.93 -16.37 128.43
N ILE Z 47 13.36 -15.41 127.70
CA ILE Z 47 14.08 -14.16 127.46
C ILE Z 47 13.11 -12.98 127.49
N PRO Z 48 13.49 -11.88 128.13
CA PRO Z 48 12.67 -10.66 128.11
C PRO Z 48 13.00 -9.75 126.93
N ALA Z 49 12.17 -8.72 126.79
CA ALA Z 49 12.39 -7.66 125.83
C ALA Z 49 13.16 -6.53 126.52
N GLN Z 50 13.13 -5.33 125.95
CA GLN Z 50 13.74 -4.10 126.43
C GLN Z 50 15.23 -4.04 126.09
N THR Z 51 15.83 -5.12 125.62
CA THR Z 51 17.14 -5.06 125.00
C THR Z 51 17.07 -5.26 123.49
N LEU Z 52 15.96 -5.81 123.00
CA LEU Z 52 15.87 -6.24 121.61
C LEU Z 52 15.35 -5.12 120.74
N GLU Z 53 15.87 -5.05 119.51
CA GLU Z 53 15.31 -4.21 118.48
C GLU Z 53 15.28 -4.95 117.15
N ASP Z 54 15.67 -6.23 117.15
CA ASP Z 54 15.78 -7.04 115.94
C ASP Z 54 15.79 -8.49 116.37
N ILE Z 55 15.28 -9.35 115.49
CA ILE Z 55 15.27 -10.78 115.71
C ILE Z 55 15.79 -11.43 114.44
N VAL Z 56 16.44 -12.58 114.60
CA VAL Z 56 17.04 -13.31 113.49
C VAL Z 56 16.68 -14.77 113.65
N LEU Z 57 16.06 -15.33 112.62
CA LEU Z 57 15.75 -16.75 112.56
C LEU Z 57 16.55 -17.30 111.39
N LEU Z 58 17.36 -18.32 111.65
CA LEU Z 58 18.32 -18.80 110.67
C LEU Z 58 17.82 -20.07 109.98
N GLY Z 59 17.42 -21.08 110.73
CA GLY Z 59 16.87 -22.27 110.11
C GLY Z 59 15.43 -22.04 109.73
N TYR Z 60 14.55 -22.98 110.09
CA TYR Z 60 13.11 -22.83 109.88
C TYR Z 60 12.37 -23.24 111.14
N PRO Z 61 12.62 -22.56 112.26
CA PRO Z 61 11.95 -22.94 113.52
C PRO Z 61 10.49 -22.54 113.51
N SER Z 62 9.73 -23.21 114.38
CA SER Z 62 8.34 -22.86 114.58
C SER Z 62 8.24 -21.69 115.56
N ILE Z 63 7.25 -20.83 115.33
CA ILE Z 63 7.01 -19.68 116.19
C ILE Z 63 5.51 -19.53 116.36
N THR Z 64 5.08 -19.15 117.55
CA THR Z 64 3.70 -18.75 117.76
C THR Z 64 3.48 -17.39 117.10
N GLY Z 65 2.42 -17.29 116.30
CA GLY Z 65 2.05 -16.00 115.76
C GLY Z 65 1.83 -14.99 116.87
N GLU Z 66 1.35 -15.45 118.03
CA GLU Z 66 1.16 -14.57 119.18
C GLU Z 66 2.44 -13.85 119.56
N ALA Z 67 3.60 -14.34 119.10
CA ALA Z 67 4.84 -13.64 119.39
C ALA Z 67 5.05 -12.48 118.43
N LEU Z 68 4.78 -12.69 117.14
CA LEU Z 68 4.90 -11.62 116.17
C LEU Z 68 3.90 -10.51 116.49
N GLY Z 69 2.63 -10.87 116.64
CA GLY Z 69 1.63 -9.90 117.02
C GLY Z 69 1.92 -9.25 118.34
N TYR Z 70 2.76 -9.87 119.16
CA TYR Z 70 3.29 -9.20 120.33
C TYR Z 70 4.58 -8.48 120.03
N ALA Z 71 5.36 -9.00 119.07
CA ALA Z 71 6.63 -8.40 118.67
C ALA Z 71 6.43 -7.17 117.78
N LEU Z 72 5.42 -7.19 116.92
CA LEU Z 72 5.21 -6.13 115.95
C LEU Z 72 4.39 -4.97 116.49
N GLU Z 73 3.84 -5.10 117.70
CA GLU Z 73 3.22 -3.97 118.39
C GLU Z 73 4.26 -3.02 118.99
N LEU Z 74 5.56 -3.30 118.83
CA LEU Z 74 6.61 -2.49 119.42
C LEU Z 74 7.72 -2.13 118.45
N GLY Z 75 7.73 -2.67 117.23
CA GLY Z 75 8.74 -2.32 116.25
C GLY Z 75 9.99 -3.18 116.13
N LEU Z 76 9.84 -4.51 116.21
CA LEU Z 76 10.98 -5.41 116.15
C LEU Z 76 10.95 -6.17 114.83
N PRO Z 77 11.81 -5.86 113.86
CA PRO Z 77 11.83 -6.64 112.63
C PRO Z 77 12.17 -8.09 112.91
N VAL Z 78 11.61 -8.98 112.09
CA VAL Z 78 11.83 -10.42 112.20
C VAL Z 78 12.31 -10.94 110.86
N HIS Z 79 13.45 -11.62 110.87
CA HIS Z 79 14.09 -12.10 109.66
C HIS Z 79 14.10 -13.61 109.64
N TYR Z 80 13.91 -14.17 108.45
CA TYR Z 80 13.94 -15.61 108.21
C TYR Z 80 15.09 -15.84 107.25
N LEU Z 81 15.90 -16.85 107.52
CA LEU Z 81 17.06 -17.15 106.71
C LEU Z 81 17.11 -18.66 106.52
N THR Z 82 18.19 -19.15 105.94
CA THR Z 82 18.40 -20.58 105.79
C THR Z 82 19.49 -21.03 106.74
N GLN Z 83 19.50 -22.34 107.03
CA GLN Z 83 20.52 -22.89 107.92
C GLN Z 83 21.91 -22.41 107.54
N PHE Z 84 22.14 -22.14 106.25
CA PHE Z 84 23.41 -21.60 105.79
C PHE Z 84 23.52 -20.10 105.99
N GLY Z 85 22.40 -19.40 106.10
CA GLY Z 85 22.38 -17.94 106.23
C GLY Z 85 21.87 -17.21 105.01
N LYS Z 86 21.41 -17.92 103.98
CA LYS Z 86 20.85 -17.29 102.79
C LYS Z 86 19.54 -16.59 103.15
N TYR Z 87 19.35 -15.40 102.59
CA TYR Z 87 18.17 -14.62 102.90
C TYR Z 87 16.96 -15.09 102.11
N VAL Z 88 15.82 -15.19 102.80
CA VAL Z 88 14.56 -15.61 102.20
C VAL Z 88 13.49 -14.54 102.33
N GLY Z 89 13.40 -13.90 103.49
CA GLY Z 89 12.40 -12.87 103.71
C GLY Z 89 12.45 -12.40 105.15
N SER Z 90 11.70 -11.33 105.41
CA SER Z 90 11.61 -10.77 106.74
C SER Z 90 10.24 -10.12 106.90
N ALA Z 91 9.74 -10.10 108.12
CA ALA Z 91 8.46 -9.51 108.46
C ALA Z 91 8.73 -8.20 109.20
N LEU Z 92 8.27 -7.09 108.63
CA LEU Z 92 8.63 -5.79 109.16
C LEU Z 92 7.42 -5.12 109.80
N PRO Z 93 7.62 -4.33 110.85
CA PRO Z 93 6.47 -3.68 111.50
C PRO Z 93 6.09 -2.37 110.81
N SER Z 94 5.05 -1.74 111.35
CA SER Z 94 4.64 -0.42 110.89
C SER Z 94 5.70 0.62 111.22
N GLU Z 95 5.94 0.84 112.51
CA GLU Z 95 6.73 1.98 112.99
C GLU Z 95 8.20 1.60 113.07
N SER Z 96 8.85 1.64 111.90
CA SER Z 96 10.29 1.48 111.80
C SER Z 96 10.89 2.83 111.47
N ARG Z 97 12.14 3.04 111.90
CA ARG Z 97 12.81 4.32 111.74
C ARG Z 97 13.89 4.23 110.67
N ASN Z 98 13.63 3.48 109.61
CA ASN Z 98 14.60 3.27 108.56
C ASN Z 98 14.47 4.30 107.44
N GLY Z 99 13.50 5.21 107.55
CA GLY Z 99 13.45 6.31 106.60
C GLY Z 99 14.61 7.27 106.79
N GLN Z 100 14.83 7.70 108.03
CA GLN Z 100 15.99 8.53 108.33
C GLN Z 100 17.26 7.89 107.80
N LEU Z 101 17.34 6.56 107.88
CA LEU Z 101 18.47 5.82 107.32
C LEU Z 101 18.56 6.04 105.82
N ARG Z 102 17.48 5.71 105.10
CA ARG Z 102 17.51 5.81 103.64
C ARG Z 102 17.82 7.22 103.18
N LEU Z 103 17.49 8.22 103.98
CA LEU Z 103 17.78 9.60 103.62
C LEU Z 103 19.28 9.86 103.67
N ALA Z 104 19.93 9.57 104.80
CA ALA Z 104 21.38 9.68 104.86
C ALA Z 104 22.03 8.77 103.84
N GLN Z 105 21.49 7.55 103.68
CA GLN Z 105 21.92 6.67 102.59
C GLN Z 105 21.87 7.37 101.24
N PHE Z 106 20.92 8.27 101.04
CA PHE Z 106 20.84 9.01 99.78
C PHE Z 106 21.63 10.31 99.85
N ARG Z 107 21.36 11.12 100.88
CA ARG Z 107 22.08 12.38 101.09
C ARG Z 107 23.59 12.20 100.97
N ALA Z 108 24.09 11.00 101.25
CA ALA Z 108 25.51 10.71 101.06
C ALA Z 108 25.82 10.30 99.63
N HIS Z 109 24.84 9.74 98.90
CA HIS Z 109 25.09 9.34 97.52
C HIS Z 109 25.27 10.56 96.62
N GLU Z 110 24.57 11.65 96.91
CA GLU Z 110 24.73 12.89 96.16
C GLU Z 110 25.67 13.87 96.85
N ASP Z 111 26.09 13.58 98.08
CA ASP Z 111 27.14 14.33 98.74
C ASP Z 111 28.42 13.51 98.61
N PRO Z 112 29.20 13.71 97.54
CA PRO Z 112 30.32 12.79 97.28
C PRO Z 112 31.35 12.76 98.38
N ILE Z 113 31.50 13.85 99.14
CA ILE Z 113 32.47 13.89 100.21
C ILE Z 113 32.20 12.78 101.23
N GLN Z 114 30.92 12.53 101.53
CA GLN Z 114 30.57 11.40 102.37
C GLN Z 114 30.78 10.10 101.61
N ARG Z 115 30.29 10.06 100.37
CA ARG Z 115 30.55 8.94 99.48
C ARG Z 115 32.03 8.63 99.40
N LEU Z 116 32.87 9.68 99.33
CA LEU Z 116 34.31 9.50 99.22
C LEU Z 116 34.90 9.00 100.54
N ASP Z 117 34.73 9.77 101.61
CA ASP Z 117 35.27 9.39 102.92
C ASP Z 117 34.76 8.03 103.37
N ILE Z 118 33.73 7.51 102.70
CA ILE Z 118 33.20 6.18 102.98
C ILE Z 118 33.90 5.14 102.11
N VAL Z 119 33.92 5.37 100.80
CA VAL Z 119 34.53 4.40 99.88
C VAL Z 119 35.98 4.15 100.27
N LYS Z 120 36.67 5.18 100.76
CA LYS Z 120 38.04 5.01 101.22
C LYS Z 120 38.13 3.92 102.29
N ALA Z 121 37.05 3.71 103.05
CA ALA Z 121 37.06 2.71 104.10
C ALA Z 121 36.91 1.30 103.53
N PHE Z 122 35.94 1.09 102.65
CA PHE Z 122 35.73 -0.23 102.07
C PHE Z 122 37.02 -0.78 101.46
N VAL Z 123 37.75 0.05 100.72
CA VAL Z 123 38.96 -0.42 100.06
C VAL Z 123 40.09 -0.56 101.08
N LYS Z 124 40.30 0.46 101.90
CA LYS Z 124 41.23 0.34 103.02
C LYS Z 124 40.94 -0.92 103.83
N GLY Z 125 39.66 -1.25 103.99
CA GLY Z 125 39.27 -2.47 104.67
C GLY Z 125 39.40 -3.72 103.83
N LYS Z 126 39.69 -3.54 102.54
CA LYS Z 126 39.92 -4.62 101.58
C LYS Z 126 41.40 -4.87 101.37
N VAL Z 127 42.16 -3.80 101.13
CA VAL Z 127 43.56 -3.93 100.79
C VAL Z 127 44.39 -4.35 102.00
N HIS Z 128 44.12 -3.74 103.16
CA HIS Z 128 44.81 -4.17 104.38
C HIS Z 128 44.60 -5.66 104.63
N ASN Z 129 43.44 -6.20 104.27
CA ASN Z 129 43.25 -7.65 104.36
C ASN Z 129 44.19 -8.40 103.43
N GLN Z 130 44.58 -7.78 102.30
CA GLN Z 130 45.45 -8.46 101.35
C GLN Z 130 46.89 -8.54 101.84
N TYR Z 131 47.50 -7.39 102.18
CA TYR Z 131 48.83 -7.43 102.78
C TYR Z 131 48.82 -8.28 104.05
N ASN Z 132 47.79 -8.11 104.88
CA ASN Z 132 47.64 -8.93 106.08
C ASN Z 132 47.34 -10.38 105.74
N LEU Z 133 46.96 -10.67 104.50
CA LEU Z 133 46.84 -12.04 104.01
C LEU Z 133 48.17 -12.59 103.54
N LEU Z 134 48.87 -11.85 102.67
CA LEU Z 134 50.14 -12.33 102.14
C LEU Z 134 51.17 -12.52 103.24
N TYR Z 135 51.09 -11.72 104.30
CA TYR Z 135 51.87 -12.01 105.49
C TYR Z 135 51.27 -13.17 106.26
N ARG Z 136 49.94 -13.33 106.22
CA ARG Z 136 49.31 -14.52 106.78
C ARG Z 136 49.73 -15.77 106.00
N ARG Z 137 49.49 -15.77 104.70
CA ARG Z 137 50.03 -16.78 103.78
C ARG Z 137 51.35 -16.16 103.32
N GLY Z 138 52.42 -16.35 104.11
CA GLY Z 138 53.66 -15.65 103.84
C GLY Z 138 54.06 -15.61 102.38
N GLN Z 139 53.94 -14.42 101.77
CA GLN Z 139 54.25 -14.31 100.35
C GLN Z 139 55.12 -13.13 99.92
N VAL Z 140 54.86 -11.92 100.41
CA VAL Z 140 55.59 -10.78 99.88
C VAL Z 140 56.91 -10.64 100.63
N ASP Z 141 56.82 -10.32 101.92
CA ASP Z 141 58.01 -10.03 102.68
C ASP Z 141 57.70 -9.80 104.16
N ASN Z 142 58.70 -9.36 104.89
CA ASN Z 142 58.62 -8.95 106.30
C ASN Z 142 57.69 -7.75 106.39
N PRO Z 143 57.45 -7.15 107.60
CA PRO Z 143 56.26 -6.31 107.82
C PRO Z 143 55.76 -5.49 106.64
N LEU Z 144 54.42 -5.50 106.50
CA LEU Z 144 53.72 -5.07 105.29
C LEU Z 144 53.34 -3.61 105.08
N LYS Z 145 52.33 -3.12 105.79
CA LYS Z 145 51.82 -1.74 105.74
C LYS Z 145 51.95 -1.08 104.37
N GLY Z 146 51.43 -1.72 103.32
CA GLY Z 146 51.53 -1.20 101.96
C GLY Z 146 50.25 -0.62 101.41
N ARG Z 147 50.41 0.46 100.65
CA ARG Z 147 49.34 1.14 99.90
C ARG Z 147 48.01 1.14 100.65
N GLY Z 148 48.11 1.47 101.94
CA GLY Z 148 46.97 1.81 102.78
C GLY Z 148 47.49 2.89 103.69
N LYS Z 149 46.71 3.96 103.89
CA LYS Z 149 47.19 5.28 104.26
C LYS Z 149 47.69 6.00 103.01
N LEU Z 150 47.93 5.27 101.92
CA LEU Z 150 48.12 5.92 100.63
C LEU Z 150 46.80 6.45 100.08
N VAL Z 151 45.69 5.87 100.51
CA VAL Z 151 44.38 6.16 99.93
C VAL Z 151 43.73 7.35 100.61
N MET Z 152 43.67 7.34 101.93
CA MET Z 152 43.13 8.47 102.66
C MET Z 152 43.80 9.77 102.22
N ARG Z 153 45.03 9.69 101.70
CA ARG Z 153 45.73 10.84 101.17
C ARG Z 153 45.33 11.17 99.73
N GLN Z 154 44.17 10.70 99.27
CA GLN Z 154 43.65 11.06 97.95
C GLN Z 154 42.31 11.77 98.13
N GLN Z 155 41.84 12.39 97.04
CA GLN Z 155 40.64 13.22 97.11
C GLN Z 155 39.67 13.02 95.95
N THR Z 156 39.77 11.93 95.20
CA THR Z 156 38.82 11.72 94.12
C THR Z 156 38.55 10.23 93.93
N LEU Z 157 37.61 9.94 93.03
CA LEU Z 157 37.23 8.58 92.66
C LEU Z 157 38.13 8.04 91.56
N GLU Z 158 38.26 8.78 90.46
CA GLU Z 158 39.08 8.34 89.34
C GLU Z 158 40.49 8.01 89.81
N GLN Z 159 41.01 8.78 90.77
CA GLN Z 159 42.27 8.43 91.40
C GLN Z 159 42.20 7.06 92.06
N VAL Z 160 41.01 6.67 92.54
CA VAL Z 160 40.87 5.49 93.39
C VAL Z 160 40.55 4.23 92.57
N ARG Z 161 39.57 4.31 91.66
CA ARG Z 161 39.16 3.11 90.94
C ARG Z 161 40.34 2.47 90.20
N GLY Z 162 41.26 3.28 89.71
CA GLY Z 162 42.49 2.73 89.16
C GLY Z 162 43.34 2.02 90.19
N ILE Z 163 43.17 2.38 91.47
CA ILE Z 163 44.01 1.80 92.52
C ILE Z 163 43.60 0.36 92.79
N GLU Z 164 42.29 0.13 92.99
CA GLU Z 164 41.82 -1.23 93.20
C GLU Z 164 42.23 -2.13 92.05
N GLY Z 165 42.07 -1.65 90.82
CA GLY Z 165 42.49 -2.43 89.67
C GLY Z 165 43.99 -2.71 89.67
N LEU Z 166 44.79 -1.74 90.12
CA LEU Z 166 46.23 -1.97 90.21
C LEU Z 166 46.55 -2.97 91.32
N ALA Z 167 46.10 -2.69 92.55
CA ALA Z 167 46.41 -3.59 93.66
C ALA Z 167 45.87 -5.00 93.38
N ALA Z 168 44.70 -5.10 92.78
CA ALA Z 168 44.14 -6.41 92.46
C ALA Z 168 45.00 -7.14 91.42
N ARG Z 169 45.36 -6.45 90.34
CA ARG Z 169 46.21 -7.07 89.32
C ARG Z 169 47.57 -7.45 89.89
N GLU Z 170 48.15 -6.58 90.72
CA GLU Z 170 49.37 -6.93 91.45
C GLU Z 170 49.09 -7.97 92.51
N TYR Z 171 47.84 -8.07 92.97
CA TYR Z 171 47.44 -9.04 93.98
C TYR Z 171 47.20 -10.40 93.37
N PHE Z 172 46.68 -10.45 92.14
CA PHE Z 172 46.37 -11.73 91.51
C PHE Z 172 47.59 -12.32 90.79
N ALA Z 173 48.55 -11.50 90.38
CA ALA Z 173 49.77 -11.99 89.75
C ALA Z 173 50.72 -12.68 90.72
N SER Z 174 50.51 -12.52 92.04
CA SER Z 174 51.36 -13.13 93.06
C SER Z 174 50.89 -14.50 93.51
N TRP Z 175 50.07 -15.19 92.72
CA TRP Z 175 49.41 -16.41 93.15
C TRP Z 175 50.12 -17.69 92.72
N GLN Z 176 50.44 -17.84 91.43
CA GLN Z 176 51.10 -19.06 90.98
C GLN Z 176 52.28 -19.41 91.89
N GLU Z 177 53.08 -18.42 92.24
CA GLU Z 177 54.17 -18.64 93.18
C GLU Z 177 53.63 -19.07 94.54
N MET Z 178 52.40 -18.66 94.87
CA MET Z 178 51.81 -18.97 96.17
C MET Z 178 51.04 -20.29 96.18
N LEU Z 179 50.50 -20.73 95.05
CA LEU Z 179 49.77 -22.00 94.98
C LEU Z 179 50.72 -23.17 94.75
N GLY Z 180 51.52 -23.12 93.68
CA GLY Z 180 52.38 -24.20 93.25
C GLY Z 180 52.22 -24.47 91.78
N HIS Z 181 52.57 -25.70 91.38
CA HIS Z 181 52.59 -26.07 89.97
C HIS Z 181 51.37 -26.86 89.53
N GLU Z 182 50.66 -27.50 90.46
CA GLU Z 182 49.53 -28.33 90.07
C GLU Z 182 48.41 -27.51 89.44
N TRP Z 183 48.28 -26.24 89.85
CA TRP Z 183 47.21 -25.39 89.37
C TRP Z 183 47.79 -24.22 88.58
N THR Z 184 46.90 -23.54 87.87
CA THR Z 184 47.27 -22.43 86.99
C THR Z 184 46.40 -21.23 87.29
N PHE Z 185 47.02 -20.06 87.41
CA PHE Z 185 46.30 -18.82 87.59
C PHE Z 185 47.08 -17.70 86.91
N THR Z 186 46.46 -17.04 85.95
CA THR Z 186 47.06 -15.87 85.33
C THR Z 186 46.39 -14.57 85.77
N GLY Z 187 45.07 -14.55 85.88
CA GLY Z 187 44.34 -13.37 86.29
C GLY Z 187 42.95 -13.78 86.73
N ARG Z 188 42.18 -12.79 87.18
CA ARG Z 188 40.82 -13.03 87.61
C ARG Z 188 39.90 -13.00 86.39
N PHE Z 189 39.12 -14.06 86.22
CA PHE Z 189 38.20 -14.18 85.11
C PHE Z 189 36.78 -14.32 85.68
N ARG Z 190 35.92 -13.35 85.40
CA ARG Z 190 34.52 -13.43 85.80
C ARG Z 190 33.85 -14.47 84.88
N ARG Z 191 32.52 -14.54 84.92
CA ARG Z 191 31.85 -15.52 84.06
C ARG Z 191 32.21 -15.29 82.60
N PRO Z 192 32.25 -16.35 81.78
CA PRO Z 192 32.38 -17.73 82.32
C PRO Z 192 33.80 -17.94 82.80
N PRO Z 193 34.01 -18.82 83.78
CA PRO Z 193 35.37 -19.05 84.27
C PRO Z 193 36.16 -19.93 83.30
N THR Z 194 37.29 -19.41 82.83
CA THR Z 194 38.17 -20.16 81.94
C THR Z 194 39.16 -21.02 82.71
N ASP Z 195 39.42 -20.70 83.96
CA ASP Z 195 40.24 -21.46 84.88
C ASP Z 195 39.36 -22.05 85.99
N PRO Z 196 39.70 -23.23 86.50
CA PRO Z 196 38.90 -23.76 87.61
C PRO Z 196 38.86 -22.78 88.77
N VAL Z 197 40.03 -22.25 89.15
CA VAL Z 197 40.14 -21.41 90.33
C VAL Z 197 39.21 -20.21 90.23
N ASN Z 198 39.31 -19.46 89.13
CA ASN Z 198 38.43 -18.29 88.93
C ASN Z 198 36.97 -18.64 89.09
N ALA Z 199 36.60 -19.90 88.83
CA ALA Z 199 35.21 -20.30 89.05
C ALA Z 199 34.88 -20.37 90.53
N LEU Z 200 35.83 -20.82 91.36
CA LEU Z 200 35.59 -20.89 92.79
C LEU Z 200 35.41 -19.51 93.40
N LEU Z 201 36.16 -18.53 92.90
CA LEU Z 201 36.00 -17.16 93.37
C LEU Z 201 34.68 -16.59 92.91
N SER Z 202 34.40 -16.71 91.61
CA SER Z 202 33.08 -16.38 91.10
C SER Z 202 31.99 -17.15 91.84
N PHE Z 203 32.31 -18.36 92.31
CA PHE Z 203 31.38 -19.12 93.14
C PHE Z 203 31.38 -18.61 94.58
N GLY Z 204 32.58 -18.53 95.19
CA GLY Z 204 32.67 -18.11 96.57
C GLY Z 204 32.18 -16.69 96.77
N TYR Z 205 32.61 -15.78 95.89
CA TYR Z 205 32.07 -14.43 95.94
C TYR Z 205 30.55 -14.45 95.89
N GLY Z 206 29.98 -15.52 95.34
CA GLY Z 206 28.56 -15.70 95.33
C GLY Z 206 28.09 -16.16 96.70
N LEU Z 207 28.82 -17.10 97.30
CA LEU Z 207 28.43 -17.57 98.62
C LEU Z 207 28.64 -16.51 99.68
N LEU Z 208 29.41 -15.47 99.36
CA LEU Z 208 29.50 -14.31 100.23
C LEU Z 208 28.31 -13.38 100.02
N ARG Z 209 27.82 -13.25 98.79
CA ARG Z 209 26.65 -12.42 98.53
C ARG Z 209 25.48 -12.79 99.42
N THR Z 210 25.30 -14.07 99.71
CA THR Z 210 24.13 -14.50 100.47
C THR Z 210 24.17 -13.96 101.89
N GLN Z 211 25.31 -14.13 102.56
CA GLN Z 211 25.41 -13.70 103.94
C GLN Z 211 25.37 -12.18 104.04
N VAL Z 212 25.79 -11.50 102.98
CA VAL Z 212 25.70 -10.04 102.95
C VAL Z 212 24.30 -9.58 102.62
N THR Z 213 23.70 -10.18 101.60
CA THR Z 213 22.35 -9.80 101.16
C THR Z 213 21.34 -9.82 102.30
N ALA Z 214 21.62 -10.53 103.39
CA ALA Z 214 20.71 -10.55 104.53
C ALA Z 214 20.94 -9.37 105.47
N ALA Z 215 22.20 -9.10 105.81
CA ALA Z 215 22.50 -8.03 106.75
C ALA Z 215 21.90 -6.71 106.29
N VAL Z 216 21.89 -6.49 104.97
CA VAL Z 216 21.35 -5.24 104.43
C VAL Z 216 19.85 -5.17 104.71
N HIS Z 217 19.13 -6.26 104.44
CA HIS Z 217 17.71 -6.31 104.75
C HIS Z 217 17.47 -6.20 106.24
N ILE Z 218 18.47 -6.52 107.06
CA ILE Z 218 18.39 -6.32 108.50
C ILE Z 218 18.56 -4.84 108.82
N ALA Z 219 19.49 -4.18 108.13
CA ALA Z 219 19.69 -2.76 108.33
C ALA Z 219 18.58 -1.91 107.74
N GLY Z 220 17.65 -2.51 107.01
CA GLY Z 220 16.60 -1.74 106.37
C GLY Z 220 17.08 -0.95 105.19
N LEU Z 221 18.30 -1.21 104.74
CA LEU Z 221 18.94 -0.51 103.65
C LEU Z 221 18.41 -0.97 102.30
N ASP Z 222 18.54 -0.08 101.31
CA ASP Z 222 18.26 -0.43 99.93
C ASP Z 222 19.54 -0.98 99.32
N PRO Z 223 19.66 -2.30 99.11
CA PRO Z 223 20.94 -2.83 98.61
C PRO Z 223 21.31 -2.28 97.25
N TYR Z 224 20.32 -1.96 96.43
CA TYR Z 224 20.53 -1.53 95.05
C TYR Z 224 20.99 -0.08 94.96
N ILE Z 225 21.17 0.58 96.09
CA ILE Z 225 21.70 1.93 96.16
C ILE Z 225 23.04 1.85 96.89
N GLY Z 226 24.11 2.11 96.15
CA GLY Z 226 25.45 2.09 96.72
C GLY Z 226 26.19 3.38 96.54
N PHE Z 227 27.45 3.39 96.94
CA PHE Z 227 28.30 4.56 96.87
C PHE Z 227 29.51 4.38 95.97
N LEU Z 228 30.06 3.17 95.87
CA LEU Z 228 31.14 2.88 94.93
C LEU Z 228 30.63 2.28 93.63
N HIS Z 229 29.94 1.14 93.71
CA HIS Z 229 29.42 0.48 92.51
C HIS Z 229 28.26 1.31 91.98
N GLU Z 230 28.48 1.96 90.85
CA GLU Z 230 27.48 2.84 90.28
C GLU Z 230 26.17 2.11 90.04
N THR Z 231 25.08 2.73 90.47
CA THR Z 231 23.77 2.09 90.49
C THR Z 231 23.20 2.04 89.08
N THR Z 232 22.92 0.82 88.61
CA THR Z 232 22.27 0.57 87.33
C THR Z 232 22.04 -0.93 87.24
N ARG Z 233 21.29 -1.35 86.24
CA ARG Z 233 21.08 -2.75 85.93
C ARG Z 233 20.51 -3.52 87.12
N GLY Z 234 19.99 -2.84 88.12
CA GLY Z 234 19.57 -3.57 89.31
C GLY Z 234 20.73 -4.22 90.05
N GLN Z 235 21.87 -3.52 90.17
CA GLN Z 235 23.00 -4.15 90.84
C GLN Z 235 23.08 -3.68 92.29
N PRO Z 236 23.17 -4.62 93.24
CA PRO Z 236 23.25 -4.22 94.66
C PRO Z 236 24.59 -3.60 95.01
N ALA Z 237 24.70 -2.28 94.93
CA ALA Z 237 25.99 -1.65 95.17
C ALA Z 237 26.22 -1.47 96.66
N MET Z 238 25.15 -1.24 97.42
CA MET Z 238 25.29 -1.22 98.88
C MET Z 238 25.77 -2.57 99.39
N ILE Z 239 25.49 -3.65 98.65
CA ILE Z 239 26.07 -4.96 98.97
C ILE Z 239 27.51 -5.01 98.49
N LEU Z 240 27.73 -4.76 97.20
CA LEU Z 240 29.03 -4.94 96.60
C LEU Z 240 30.08 -4.07 97.28
N ASP Z 241 29.69 -2.89 97.76
CA ASP Z 241 30.60 -2.09 98.56
C ASP Z 241 31.15 -2.90 99.74
N LEU Z 242 30.30 -3.76 100.32
CA LEU Z 242 30.74 -4.56 101.46
C LEU Z 242 31.50 -5.81 101.04
N MET Z 243 31.07 -6.48 99.97
CA MET Z 243 31.75 -7.71 99.59
C MET Z 243 33.25 -7.48 99.39
N GLU Z 244 33.62 -6.25 99.04
CA GLU Z 244 35.02 -5.97 98.71
C GLU Z 244 35.93 -6.20 99.91
N GLU Z 245 35.57 -5.66 101.07
CA GLU Z 245 36.41 -5.81 102.25
C GLU Z 245 36.50 -7.27 102.71
N PHE Z 246 35.60 -8.15 102.23
CA PHE Z 246 35.58 -9.55 102.65
C PHE Z 246 36.01 -10.52 101.57
N ARG Z 247 35.99 -10.10 100.29
CA ARG Z 247 36.38 -11.00 99.22
C ARG Z 247 37.78 -11.58 99.43
N ALA Z 248 38.68 -10.77 99.97
CA ALA Z 248 40.09 -11.16 100.03
C ALA Z 248 40.38 -12.02 101.25
N LEU Z 249 39.44 -12.09 102.19
CA LEU Z 249 39.68 -12.72 103.48
C LEU Z 249 38.85 -13.97 103.73
N VAL Z 250 37.69 -14.10 103.08
CA VAL Z 250 36.78 -15.20 103.32
C VAL Z 250 36.66 -16.12 102.10
N ALA Z 251 36.36 -15.56 100.94
CA ALA Z 251 36.28 -16.38 99.74
C ALA Z 251 37.66 -16.75 99.22
N ASP Z 252 38.64 -15.87 99.42
CA ASP Z 252 40.00 -16.12 98.99
C ASP Z 252 40.80 -16.91 100.02
N SER Z 253 40.47 -16.81 101.31
CA SER Z 253 41.16 -17.62 102.30
C SER Z 253 40.67 -19.06 102.32
N VAL Z 254 39.39 -19.29 102.04
CA VAL Z 254 38.87 -20.65 102.01
C VAL Z 254 39.54 -21.44 100.88
N VAL Z 255 39.65 -20.83 99.71
CA VAL Z 255 40.21 -21.53 98.55
C VAL Z 255 41.62 -22.02 98.85
N LEU Z 256 42.48 -21.13 99.34
CA LEU Z 256 43.84 -21.50 99.69
C LEU Z 256 43.89 -22.40 100.93
N THR Z 257 42.78 -22.47 101.67
CA THR Z 257 42.67 -23.34 102.82
C THR Z 257 42.36 -24.78 102.42
N VAL Z 258 41.75 -24.99 101.25
CA VAL Z 258 41.42 -26.33 100.79
C VAL Z 258 42.43 -26.80 99.76
N LEU Z 259 43.07 -25.87 99.05
CA LEU Z 259 43.96 -26.25 97.96
C LEU Z 259 45.35 -26.70 98.39
N LYS Z 260 45.64 -26.75 99.68
CA LYS Z 260 46.82 -27.49 100.15
C LYS Z 260 46.42 -28.75 100.90
N GLN Z 261 45.15 -29.16 100.77
CA GLN Z 261 44.60 -30.36 101.40
C GLN Z 261 43.58 -31.08 100.55
N ARG Z 262 42.91 -30.39 99.63
CA ARG Z 262 41.65 -30.86 99.04
C ARG Z 262 41.62 -30.71 97.52
N GLU Z 263 40.39 -30.63 97.00
CA GLU Z 263 40.01 -30.64 95.60
C GLU Z 263 41.08 -30.29 94.58
N ILE Z 264 41.16 -31.14 93.55
CA ILE Z 264 42.12 -31.05 92.47
C ILE Z 264 41.36 -31.27 91.16
N GLN Z 265 42.09 -31.26 90.04
CA GLN Z 265 41.48 -31.46 88.72
C GLN Z 265 40.53 -32.64 88.68
N ARG Z 266 40.70 -33.62 89.57
CA ARG Z 266 39.84 -34.80 89.59
C ARG Z 266 38.35 -34.47 89.69
N GLN Z 267 38.02 -33.23 90.09
CA GLN Z 267 36.63 -32.85 90.36
C GLN Z 267 36.06 -31.86 89.36
N ASP Z 268 36.71 -30.71 89.22
CA ASP Z 268 36.25 -29.69 88.28
C ASP Z 268 36.16 -30.22 86.86
N PHE Z 269 34.97 -30.14 86.28
CA PHE Z 269 34.73 -30.57 84.91
C PHE Z 269 35.86 -30.14 84.00
N THR Z 270 36.19 -30.98 83.03
CA THR Z 270 37.19 -30.60 82.05
C THR Z 270 36.51 -29.71 81.01
N GLU Z 271 37.30 -29.07 80.16
CA GLU Z 271 36.72 -28.03 79.33
C GLU Z 271 35.58 -28.63 78.54
N SER Z 272 34.34 -28.37 78.97
CA SER Z 272 33.16 -29.00 78.38
C SER Z 272 32.72 -28.22 77.16
N LEU Z 273 32.26 -26.99 77.39
CA LEU Z 273 32.14 -25.96 76.36
C LEU Z 273 32.74 -24.67 76.86
N GLY Z 274 33.76 -24.79 77.71
CA GLY Z 274 34.59 -23.66 78.09
C GLY Z 274 34.74 -23.49 79.58
N ALA Z 275 33.69 -23.82 80.32
CA ALA Z 275 33.71 -23.67 81.76
C ALA Z 275 34.70 -24.66 82.39
N PHE Z 276 34.97 -24.44 83.67
CA PHE Z 276 35.47 -25.48 84.57
C PHE Z 276 34.46 -25.45 85.71
N ARG Z 277 33.34 -26.15 85.53
CA ARG Z 277 32.35 -26.24 86.58
C ARG Z 277 32.76 -27.30 87.59
N LEU Z 278 32.04 -27.33 88.71
CA LEU Z 278 32.34 -28.25 89.79
C LEU Z 278 31.50 -29.51 89.67
N THR Z 279 31.88 -30.51 90.47
CA THR Z 279 31.11 -31.73 90.63
C THR Z 279 30.05 -31.51 91.71
N ASP Z 280 28.92 -32.21 91.57
CA ASP Z 280 27.88 -32.12 92.58
C ASP Z 280 28.33 -32.67 93.93
N SER Z 281 29.42 -33.43 93.97
CA SER Z 281 29.95 -33.99 95.20
C SER Z 281 31.04 -33.11 95.81
N ALA Z 282 31.58 -32.16 95.04
CA ALA Z 282 32.48 -31.15 95.55
C ALA Z 282 31.75 -29.89 96.00
N THR Z 283 30.65 -29.55 95.33
CA THR Z 283 29.84 -28.43 95.79
C THR Z 283 29.48 -28.58 97.25
N LYS Z 284 29.14 -29.80 97.67
CA LYS Z 284 28.76 -30.06 99.06
C LYS Z 284 29.95 -30.08 100.01
N THR Z 285 31.15 -30.39 99.52
CA THR Z 285 32.34 -30.41 100.37
C THR Z 285 32.94 -29.01 100.56
N PHE Z 286 32.84 -28.16 99.54
CA PHE Z 286 33.36 -26.80 99.63
C PHE Z 286 32.85 -26.12 100.89
N LEU Z 287 31.56 -26.31 101.20
CA LEU Z 287 30.93 -25.60 102.30
C LEU Z 287 31.42 -26.08 103.66
N GLY Z 288 31.76 -27.37 103.77
CA GLY Z 288 32.22 -27.88 105.05
C GLY Z 288 33.34 -27.04 105.64
N ALA Z 289 34.31 -26.66 104.82
CA ALA Z 289 35.33 -25.73 105.26
C ALA Z 289 34.80 -24.30 105.28
N PHE Z 290 33.81 -24.00 104.43
CA PHE Z 290 33.30 -22.63 104.33
C PHE Z 290 32.57 -22.21 105.60
N ASP Z 291 31.64 -23.04 106.08
CA ASP Z 291 30.93 -22.70 107.31
C ASP Z 291 31.82 -22.82 108.54
N ARG Z 292 32.83 -23.70 108.49
CA ARG Z 292 33.84 -23.72 109.55
C ARG Z 292 34.49 -22.35 109.69
N LYS Z 293 34.78 -21.70 108.56
CA LYS Z 293 35.32 -20.35 108.64
C LYS Z 293 34.37 -19.46 109.41
N LEU Z 294 33.06 -19.64 109.20
CA LEU Z 294 32.05 -18.85 109.90
C LEU Z 294 31.84 -19.41 111.31
N SER Z 295 32.95 -19.68 112.03
CA SER Z 295 32.91 -20.12 113.41
C SER Z 295 34.09 -19.56 114.21
N SER Z 296 34.64 -18.43 113.77
CA SER Z 296 35.91 -17.89 114.23
C SER Z 296 35.80 -16.40 114.52
N GLU Z 297 36.89 -15.66 114.34
CA GLU Z 297 36.93 -14.21 114.55
C GLU Z 297 36.86 -13.81 116.02
N PHE Z 298 37.94 -14.12 116.74
CA PHE Z 298 38.16 -13.65 118.09
C PHE Z 298 38.39 -12.16 118.18
N LYS Z 299 38.31 -11.43 117.06
CA LYS Z 299 38.54 -9.98 117.05
C LYS Z 299 39.80 -9.67 117.87
N HIS Z 300 40.92 -10.17 117.33
CA HIS Z 300 42.25 -10.05 117.92
C HIS Z 300 42.46 -8.72 118.64
N PRO Z 301 42.02 -7.60 118.08
CA PRO Z 301 41.91 -6.39 118.92
C PRO Z 301 40.87 -6.62 120.00
N ILE Z 302 41.30 -6.56 121.26
CA ILE Z 302 40.58 -7.11 122.40
C ILE Z 302 39.10 -6.74 122.37
N PHE Z 303 38.76 -5.75 121.55
CA PHE Z 303 37.47 -5.06 121.56
C PHE Z 303 36.26 -5.97 121.75
N ASN Z 304 36.28 -7.19 121.20
CA ASN Z 304 35.19 -8.13 121.47
C ASN Z 304 35.52 -9.55 121.01
N TYR Z 305 35.62 -10.47 121.97
CA TYR Z 305 35.86 -11.88 121.66
C TYR Z 305 34.73 -12.48 120.84
N LYS Z 306 33.53 -12.49 121.41
CA LYS Z 306 32.39 -13.21 120.87
C LYS Z 306 31.84 -12.65 119.57
N CYS Z 307 32.35 -13.15 118.45
CA CYS Z 307 31.77 -12.84 117.15
C CYS Z 307 32.29 -13.74 116.04
N THR Z 308 31.41 -14.47 115.36
CA THR Z 308 31.78 -15.18 114.14
C THR Z 308 31.80 -14.24 112.94
N TYR Z 309 32.46 -14.68 111.86
CA TYR Z 309 32.44 -13.94 110.60
C TYR Z 309 31.00 -13.75 110.12
N ARG Z 310 30.23 -14.85 110.13
CA ARG Z 310 28.85 -14.82 109.66
C ARG Z 310 28.09 -13.66 110.29
N ARG Z 311 28.28 -13.45 111.58
CA ARG Z 311 27.59 -12.38 112.30
C ARG Z 311 28.28 -11.04 112.11
N ALA Z 312 29.63 -11.05 112.08
CA ALA Z 312 30.39 -9.82 111.95
C ALA Z 312 29.86 -8.91 110.85
N ILE Z 313 29.27 -9.49 109.81
CA ILE Z 313 28.74 -8.70 108.71
C ILE Z 313 27.53 -7.89 109.17
N GLU Z 314 26.57 -8.56 109.81
CA GLU Z 314 25.42 -7.89 110.41
C GLU Z 314 25.85 -6.66 111.18
N LEU Z 315 27.00 -6.73 111.85
CA LEU Z 315 27.50 -5.59 112.60
C LEU Z 315 27.97 -4.51 111.65
N GLN Z 316 28.86 -4.85 110.73
CA GLN Z 316 29.35 -3.88 109.75
C GLN Z 316 28.19 -3.18 109.06
N ALA Z 317 27.13 -3.92 108.75
CA ALA Z 317 25.93 -3.30 108.20
C ALA Z 317 25.31 -2.35 109.21
N ARG Z 318 25.04 -2.85 110.42
CA ARG Z 318 24.52 -1.99 111.48
C ARG Z 318 25.49 -0.85 111.78
N LEU Z 319 26.79 -1.15 111.76
CA LEU Z 319 27.80 -0.10 111.92
C LEU Z 319 27.58 1.01 110.92
N LEU Z 320 27.24 0.67 109.68
CA LEU Z 320 27.07 1.68 108.64
C LEU Z 320 25.82 2.52 108.87
N ALA Z 321 24.70 1.90 109.22
CA ALA Z 321 23.48 2.67 109.49
C ALA Z 321 23.75 3.76 110.51
N ARG Z 322 24.45 3.41 111.59
CA ARG Z 322 24.77 4.40 112.62
C ARG Z 322 25.72 5.46 112.09
N HIS Z 323 26.61 5.10 111.17
CA HIS Z 323 27.40 6.12 110.49
C HIS Z 323 26.52 7.15 109.81
N LEU Z 324 25.33 6.73 109.38
CA LEU Z 324 24.41 7.54 108.61
C LEU Z 324 23.29 8.13 109.45
N GLN Z 325 22.84 7.41 110.49
CA GLN Z 325 21.79 7.90 111.35
C GLN Z 325 22.35 8.72 112.50
N GLU Z 326 23.49 8.30 113.03
CA GLU Z 326 24.12 8.88 114.19
C GLU Z 326 25.43 9.58 113.89
N GLY Z 327 25.92 9.49 112.65
CA GLY Z 327 27.15 10.18 112.28
C GLY Z 327 28.41 9.47 112.74
N VAL Z 328 28.31 8.18 113.05
CA VAL Z 328 29.43 7.40 113.56
C VAL Z 328 30.42 7.12 112.43
N VAL Z 329 31.61 6.67 112.79
CA VAL Z 329 32.61 6.22 111.84
C VAL Z 329 32.27 4.82 111.34
N TYR Z 330 32.74 4.49 110.14
CA TYR Z 330 32.72 3.12 109.63
C TYR Z 330 34.19 2.70 109.54
N GLU Z 331 34.72 2.17 110.64
CA GLU Z 331 36.07 1.64 110.66
C GLU Z 331 35.99 0.18 110.24
N PRO Z 332 36.44 -0.19 109.04
CA PRO Z 332 36.19 -1.56 108.56
C PRO Z 332 36.88 -2.62 109.40
N LEU Z 333 36.57 -3.86 109.07
CA LEU Z 333 37.10 -5.04 109.74
C LEU Z 333 38.34 -5.51 108.99
N VAL Z 334 39.43 -5.74 109.70
CA VAL Z 334 40.69 -6.13 109.10
C VAL Z 334 41.30 -7.31 109.85
N ILE Z 335 41.82 -8.27 109.09
CA ILE Z 335 42.38 -9.52 109.63
C ILE Z 335 41.78 -9.92 110.96
N MET AA 12 -24.30 -39.52 59.84
CA MET AA 12 -24.75 -39.52 61.23
C MET AA 12 -24.50 -40.87 61.91
N SER AA 13 -23.23 -41.22 62.10
CA SER AA 13 -22.83 -42.28 63.01
C SER AA 13 -23.49 -43.62 62.66
N THR AA 14 -23.08 -44.15 61.50
CA THR AA 14 -23.63 -45.40 60.98
C THR AA 14 -22.86 -46.61 61.53
N LEU AA 15 -23.52 -47.77 61.48
CA LEU AA 15 -23.00 -49.02 62.01
C LEU AA 15 -22.84 -50.06 60.91
N TYR AA 16 -21.70 -50.75 60.91
CA TYR AA 16 -21.40 -51.80 59.94
C TYR AA 16 -20.89 -53.04 60.65
N LEU AA 17 -21.15 -54.20 60.05
CA LEU AA 17 -20.64 -55.47 60.58
C LEU AA 17 -20.20 -56.39 59.47
N THR AA 18 -18.98 -56.91 59.61
CA THR AA 18 -18.35 -57.81 58.66
C THR AA 18 -18.27 -59.24 59.15
N GLN AA 19 -18.21 -59.45 60.47
CA GLN AA 19 -17.87 -60.75 61.01
C GLN AA 19 -19.12 -61.61 61.08
N PRO AA 20 -19.14 -62.79 60.44
CA PRO AA 20 -20.35 -63.62 60.49
C PRO AA 20 -20.53 -64.45 61.75
N ASP AA 21 -19.76 -64.14 62.80
CA ASP AA 21 -19.86 -64.85 64.07
C ASP AA 21 -20.26 -63.94 65.23
N ALA AA 22 -20.83 -62.78 64.95
CA ALA AA 22 -21.08 -61.77 65.97
C ALA AA 22 -22.55 -61.81 66.40
N VAL AA 23 -22.76 -61.83 67.72
CA VAL AA 23 -24.08 -61.85 68.32
C VAL AA 23 -24.34 -60.51 69.00
N LEU AA 24 -25.55 -59.99 68.83
CA LEU AA 24 -25.97 -58.74 69.45
C LEU AA 24 -26.99 -59.01 70.55
N SER AA 25 -26.71 -58.53 71.75
CA SER AA 25 -27.62 -58.61 72.87
C SER AA 25 -27.88 -57.19 73.39
N LYS AA 26 -28.92 -57.06 74.20
CA LYS AA 26 -29.28 -55.79 74.83
C LYS AA 26 -28.99 -55.86 76.32
N LYS AA 27 -28.36 -54.81 76.87
CA LYS AA 27 -28.19 -54.71 78.31
C LYS AA 27 -28.93 -53.47 78.83
N HIS AA 28 -30.24 -53.63 79.02
CA HIS AA 28 -31.13 -52.67 79.66
C HIS AA 28 -31.25 -51.32 78.97
N GLU AA 29 -30.27 -50.93 78.15
CA GLU AA 29 -30.47 -49.81 77.24
C GLU AA 29 -29.50 -49.84 76.05
N ALA AA 30 -28.65 -50.86 75.95
CA ALA AA 30 -27.55 -50.81 75.00
C ALA AA 30 -27.13 -52.20 74.54
N PHE AA 31 -26.30 -52.21 73.50
CA PHE AA 31 -25.87 -53.42 72.80
C PHE AA 31 -24.52 -53.93 73.29
N HIS AA 32 -24.30 -55.24 73.14
CA HIS AA 32 -23.02 -55.89 73.43
C HIS AA 32 -22.69 -56.87 72.32
N VAL AA 33 -21.56 -56.64 71.63
CA VAL AA 33 -21.06 -57.50 70.56
C VAL AA 33 -20.11 -58.56 71.12
N ALA AA 34 -20.19 -59.77 70.59
CA ALA AA 34 -19.37 -60.91 71.04
C ALA AA 34 -18.61 -61.52 69.87
N LEU AA 35 -17.30 -61.24 69.79
CA LEU AA 35 -16.44 -61.72 68.72
C LEU AA 35 -15.57 -62.93 69.05
N LYS AA 36 -14.84 -62.89 70.16
CA LYS AA 36 -13.75 -63.83 70.43
C LYS AA 36 -13.99 -65.26 69.98
N GLN AA 37 -15.21 -65.78 70.16
CA GLN AA 37 -15.55 -67.12 69.68
C GLN AA 37 -14.67 -68.17 70.35
N GLU AA 38 -14.86 -68.30 71.65
CA GLU AA 38 -14.28 -69.38 72.46
C GLU AA 38 -12.76 -69.33 72.50
N ASP AA 39 -12.16 -68.19 72.17
CA ASP AA 39 -10.78 -67.90 72.54
C ASP AA 39 -10.72 -67.06 73.81
N GLY AA 40 -11.80 -67.04 74.57
CA GLY AA 40 -11.95 -66.24 75.77
C GLY AA 40 -13.40 -66.23 76.20
N SER AA 41 -13.95 -65.06 76.51
CA SER AA 41 -15.35 -64.91 76.84
C SER AA 41 -16.15 -64.26 75.71
N TRP AA 42 -15.71 -64.48 74.46
CA TRP AA 42 -16.32 -63.95 73.25
C TRP AA 42 -15.96 -62.48 73.05
N LYS AA 43 -15.11 -61.89 73.88
CA LYS AA 43 -14.73 -60.48 73.76
C LYS AA 43 -15.98 -59.64 73.53
N LYS AA 44 -16.82 -59.61 74.56
CA LYS AA 44 -18.10 -58.92 74.51
C LYS AA 44 -17.89 -57.40 74.51
N GLN AA 45 -18.10 -56.78 73.34
CA GLN AA 45 -17.82 -55.36 73.12
C GLN AA 45 -19.08 -54.51 73.13
N PRO AA 46 -19.22 -53.55 74.03
CA PRO AA 46 -20.44 -52.72 74.07
C PRO AA 46 -20.53 -51.73 72.92
N ILE AA 47 -21.76 -51.32 72.63
CA ILE AA 47 -22.06 -50.35 71.56
C ILE AA 47 -23.24 -49.47 71.97
N PRO AA 48 -23.24 -48.18 71.63
CA PRO AA 48 -24.44 -47.37 71.87
C PRO AA 48 -25.45 -47.49 70.73
N ALA AA 49 -26.71 -47.32 71.08
CA ALA AA 49 -27.82 -47.31 70.12
C ALA AA 49 -28.50 -45.97 69.95
N GLN AA 50 -28.78 -45.28 71.06
CA GLN AA 50 -29.48 -43.99 71.06
C GLN AA 50 -28.83 -42.92 70.21
N THR AA 51 -27.65 -43.16 69.65
CA THR AA 51 -27.02 -42.23 68.72
C THR AA 51 -27.19 -42.63 67.25
N LEU AA 52 -27.63 -43.85 66.97
CA LEU AA 52 -27.56 -44.43 65.64
C LEU AA 52 -28.78 -44.07 64.79
N GLU AA 53 -28.58 -44.14 63.46
CA GLU AA 53 -29.65 -43.96 62.50
C GLU AA 53 -29.72 -45.05 61.44
N ASP AA 54 -28.83 -46.04 61.45
CA ASP AA 54 -28.85 -47.07 60.42
C ASP AA 54 -27.92 -48.22 60.79
N ILE AA 55 -28.26 -49.42 60.31
CA ILE AA 55 -27.45 -50.62 60.52
C ILE AA 55 -27.34 -51.40 59.22
N VAL AA 56 -26.19 -52.08 59.05
CA VAL AA 56 -25.90 -52.89 57.86
C VAL AA 56 -25.24 -54.19 58.29
N LEU AA 57 -25.82 -55.32 57.87
CA LEU AA 57 -25.27 -56.64 58.16
C LEU AA 57 -24.90 -57.40 56.89
N LEU AA 58 -23.65 -57.86 56.82
CA LEU AA 58 -23.12 -58.51 55.63
C LEU AA 58 -22.96 -60.02 55.77
N GLY AA 59 -22.23 -60.47 56.78
CA GLY AA 59 -21.97 -61.88 56.96
C GLY AA 59 -23.12 -62.66 57.55
N TYR AA 60 -24.33 -62.14 57.43
CA TYR AA 60 -25.51 -62.81 57.97
C TYR AA 60 -25.21 -63.17 59.42
N PRO AA 61 -24.84 -62.18 60.24
CA PRO AA 61 -24.50 -62.49 61.64
C PRO AA 61 -25.75 -62.78 62.44
N SER AA 62 -25.54 -63.47 63.57
CA SER AA 62 -26.64 -63.79 64.46
C SER AA 62 -26.98 -62.58 65.32
N ILE AA 63 -28.27 -62.44 65.62
CA ILE AA 63 -28.78 -61.30 66.37
C ILE AA 63 -29.79 -61.79 67.41
N THR AA 64 -29.78 -61.14 68.58
CA THR AA 64 -30.86 -61.32 69.52
C THR AA 64 -32.10 -60.61 69.01
N GLY AA 65 -33.21 -61.34 68.91
CA GLY AA 65 -34.48 -60.70 68.60
C GLY AA 65 -34.91 -59.74 69.69
N GLU AA 66 -34.65 -60.11 70.96
CA GLU AA 66 -34.97 -59.22 72.07
C GLU AA 66 -34.25 -57.88 71.95
N ALA AA 67 -33.13 -57.84 71.24
CA ALA AA 67 -32.44 -56.58 70.98
C ALA AA 67 -33.06 -55.89 69.78
N LEU AA 68 -33.44 -56.68 68.78
CA LEU AA 68 -34.05 -56.15 67.57
C LEU AA 68 -35.34 -55.39 67.89
N GLY AA 69 -36.22 -56.00 68.68
CA GLY AA 69 -37.44 -55.34 69.08
C GLY AA 69 -37.23 -54.02 69.77
N TYR AA 70 -36.01 -53.75 70.23
CA TYR AA 70 -35.66 -52.45 70.77
C TYR AA 70 -35.21 -51.47 69.71
N ALA AA 71 -34.70 -51.97 68.58
CA ALA AA 71 -34.23 -51.08 67.52
C ALA AA 71 -35.40 -50.42 66.80
N LEU AA 72 -36.52 -51.11 66.66
CA LEU AA 72 -37.66 -50.54 65.94
C LEU AA 72 -38.52 -49.68 66.84
N GLU AA 73 -38.28 -49.71 68.15
CA GLU AA 73 -38.78 -48.72 69.09
C GLU AA 73 -38.00 -47.42 69.04
N LEU AA 74 -37.01 -47.31 68.13
CA LEU AA 74 -36.11 -46.18 68.07
C LEU AA 74 -36.03 -45.54 66.70
N GLY AA 75 -36.55 -46.20 65.66
CA GLY AA 75 -36.49 -45.66 64.31
C GLY AA 75 -35.20 -46.06 63.60
N LEU AA 76 -34.74 -47.28 63.85
CA LEU AA 76 -33.45 -47.73 63.33
C LEU AA 76 -33.62 -48.84 62.30
N PRO AA 77 -33.39 -48.57 61.02
CA PRO AA 77 -33.48 -49.63 60.02
C PRO AA 77 -32.41 -50.69 60.19
N VAL AA 78 -32.73 -51.90 59.73
CA VAL AA 78 -31.80 -53.03 59.74
C VAL AA 78 -31.71 -53.57 58.33
N HIS AA 79 -30.50 -53.58 57.77
CA HIS AA 79 -30.26 -53.99 56.39
C HIS AA 79 -29.40 -55.24 56.36
N TYR AA 80 -29.67 -56.10 55.38
CA TYR AA 80 -28.97 -57.37 55.25
C TYR AA 80 -28.26 -57.46 53.91
N LEU AA 81 -27.00 -57.90 53.94
CA LEU AA 81 -26.20 -58.06 52.74
C LEU AA 81 -25.39 -59.35 52.85
N THR AA 82 -24.54 -59.57 51.84
CA THR AA 82 -23.60 -60.68 51.78
C THR AA 82 -22.18 -60.16 51.78
N GLN AA 83 -21.23 -61.06 52.08
CA GLN AA 83 -19.82 -60.68 52.04
C GLN AA 83 -19.47 -59.93 50.75
N PHE AA 84 -20.12 -60.28 49.65
CA PHE AA 84 -19.86 -59.64 48.36
C PHE AA 84 -20.53 -58.28 48.23
N GLY AA 85 -21.59 -58.02 48.99
CA GLY AA 85 -22.27 -56.74 48.96
C GLY AA 85 -23.61 -56.73 48.25
N LYS AA 86 -24.09 -57.87 47.77
CA LYS AA 86 -25.39 -57.90 47.12
C LYS AA 86 -26.47 -57.65 48.16
N TYR AA 87 -27.48 -56.86 47.76
CA TYR AA 87 -28.57 -56.58 48.67
C TYR AA 87 -29.53 -57.77 48.64
N VAL AA 88 -29.99 -58.17 49.82
CA VAL AA 88 -30.92 -59.28 49.98
C VAL AA 88 -32.23 -58.84 50.60
N GLY AA 89 -32.16 -57.97 51.62
CA GLY AA 89 -33.36 -57.52 52.28
C GLY AA 89 -33.01 -56.64 53.46
N SER AA 90 -34.05 -56.03 54.02
CA SER AA 90 -33.90 -55.17 55.18
C SER AA 90 -35.19 -55.23 55.99
N ALA AA 91 -35.04 -55.08 57.30
CA ALA AA 91 -36.17 -55.11 58.24
C ALA AA 91 -36.42 -53.69 58.71
N LEU AA 92 -37.63 -53.19 58.49
CA LEU AA 92 -37.91 -51.78 58.68
C LEU AA 92 -38.83 -51.51 59.87
N PRO AA 93 -38.69 -50.31 60.47
CA PRO AA 93 -39.50 -49.94 61.65
C PRO AA 93 -40.89 -49.44 61.29
N SER AA 94 -41.59 -48.89 62.28
CA SER AA 94 -42.94 -48.38 62.08
C SER AA 94 -43.02 -47.50 60.84
N GLU AA 95 -44.12 -47.66 60.11
CA GLU AA 95 -44.28 -47.12 58.77
C GLU AA 95 -44.92 -45.73 58.80
N SER AA 96 -45.31 -45.24 57.62
CA SER AA 96 -46.01 -43.98 57.48
C SER AA 96 -47.48 -44.29 57.22
N ARG AA 97 -48.35 -43.39 57.64
CA ARG AA 97 -49.78 -43.66 57.61
C ARG AA 97 -50.53 -42.83 56.57
N ASN AA 98 -49.88 -42.43 55.49
CA ASN AA 98 -50.57 -41.65 54.47
C ASN AA 98 -50.94 -42.52 53.28
N GLY AA 99 -52.20 -42.93 53.22
CA GLY AA 99 -52.71 -43.60 52.03
C GLY AA 99 -52.79 -42.65 50.86
N GLN AA 100 -53.31 -41.44 51.11
CA GLN AA 100 -53.43 -40.44 50.05
C GLN AA 100 -52.15 -40.32 49.23
N LEU AA 101 -50.99 -40.43 49.88
CA LEU AA 101 -49.73 -40.40 49.15
C LEU AA 101 -49.63 -41.57 48.20
N ARG AA 102 -49.65 -42.78 48.75
CA ARG AA 102 -49.45 -44.00 47.98
C ARG AA 102 -50.50 -44.15 46.89
N LEU AA 103 -51.68 -43.56 47.09
CA LEU AA 103 -52.70 -43.59 46.06
C LEU AA 103 -52.27 -42.76 44.86
N ALA AA 104 -51.89 -41.50 45.08
CA ALA AA 104 -51.38 -40.67 43.99
C ALA AA 104 -50.15 -41.30 43.36
N GLN AA 105 -49.26 -41.86 44.19
CA GLN AA 105 -48.14 -42.65 43.68
C GLN AA 105 -48.62 -43.67 42.66
N PHE AA 106 -49.82 -44.21 42.87
CA PHE AA 106 -50.43 -45.17 41.94
C PHE AA 106 -51.36 -44.48 40.94
N ARG AA 107 -52.27 -43.62 41.41
CA ARG AA 107 -53.13 -42.88 40.49
C ARG AA 107 -52.32 -42.26 39.36
N ALA AA 108 -51.05 -41.96 39.62
CA ALA AA 108 -50.14 -41.43 38.61
C ALA AA 108 -49.44 -42.51 37.80
N HIS AA 109 -49.27 -43.71 38.36
CA HIS AA 109 -48.59 -44.78 37.64
C HIS AA 109 -49.39 -45.24 36.41
N GLU AA 110 -50.71 -45.16 36.48
CA GLU AA 110 -51.57 -45.60 35.39
C GLU AA 110 -51.94 -44.50 34.41
N ASP AA 111 -51.56 -43.25 34.68
CA ASP AA 111 -51.69 -42.21 33.66
C ASP AA 111 -50.31 -41.98 33.06
N PRO AA 112 -49.93 -42.69 31.99
CA PRO AA 112 -48.54 -42.59 31.50
C PRO AA 112 -48.15 -41.19 31.09
N ILE AA 113 -49.10 -40.36 30.67
CA ILE AA 113 -48.76 -38.99 30.31
C ILE AA 113 -48.06 -38.31 31.47
N GLN AA 114 -48.52 -38.59 32.69
CA GLN AA 114 -47.84 -38.10 33.88
C GLN AA 114 -46.55 -38.85 34.13
N ARG AA 115 -46.60 -40.19 34.04
CA ARG AA 115 -45.42 -41.04 34.21
C ARG AA 115 -44.25 -40.55 33.36
N LEU AA 116 -44.52 -40.15 32.11
CA LEU AA 116 -43.45 -39.70 31.24
C LEU AA 116 -42.88 -38.38 31.72
N ASP AA 117 -43.73 -37.39 31.95
CA ASP AA 117 -43.28 -36.08 32.39
C ASP AA 117 -42.39 -36.19 33.63
N ILE AA 118 -42.44 -37.34 34.31
CA ILE AA 118 -41.57 -37.58 35.46
C ILE AA 118 -40.30 -38.30 35.06
N VAL AA 119 -40.41 -39.46 34.40
CA VAL AA 119 -39.22 -40.25 34.08
C VAL AA 119 -38.25 -39.41 33.27
N LYS AA 120 -38.75 -38.55 32.39
CA LYS AA 120 -37.87 -37.64 31.66
C LYS AA 120 -37.04 -36.80 32.63
N ALA AA 121 -37.57 -36.57 33.84
CA ALA AA 121 -36.83 -35.80 34.84
C ALA AA 121 -35.73 -36.64 35.49
N PHE AA 122 -36.06 -37.88 35.90
CA PHE AA 122 -35.04 -38.75 36.48
C PHE AA 122 -33.82 -38.84 35.59
N VAL AA 123 -34.05 -38.98 34.28
CA VAL AA 123 -32.95 -39.20 33.34
C VAL AA 123 -32.18 -37.91 33.11
N LYS AA 124 -32.88 -36.82 32.82
CA LYS AA 124 -32.23 -35.52 32.70
C LYS AA 124 -31.35 -35.24 33.91
N GLY AA 125 -31.83 -35.61 35.11
CA GLY AA 125 -31.04 -35.45 36.31
C GLY AA 125 -29.99 -36.51 36.51
N LYS AA 126 -29.99 -37.54 35.67
CA LYS AA 126 -29.02 -38.63 35.74
C LYS AA 126 -27.90 -38.51 34.71
N VAL AA 127 -28.23 -38.30 33.44
CA VAL AA 127 -27.19 -38.30 32.41
C VAL AA 127 -26.37 -37.02 32.47
N HIS AA 128 -27.03 -35.86 32.62
CA HIS AA 128 -26.28 -34.63 32.90
C HIS AA 128 -25.42 -34.83 34.13
N ASN AA 129 -25.90 -35.66 35.08
CA ASN AA 129 -25.09 -36.04 36.23
C ASN AA 129 -23.89 -36.86 35.78
N GLN AA 130 -24.01 -37.60 34.69
CA GLN AA 130 -22.90 -38.40 34.17
C GLN AA 130 -21.87 -37.57 33.44
N TYR AA 131 -22.30 -36.82 32.41
CA TYR AA 131 -21.36 -35.98 31.67
C TYR AA 131 -20.65 -35.01 32.60
N ASN AA 132 -21.37 -34.40 33.53
CA ASN AA 132 -20.73 -33.51 34.50
C ASN AA 132 -19.83 -34.27 35.47
N LEU AA 133 -19.90 -35.60 35.49
CA LEU AA 133 -18.94 -36.39 36.24
C LEU AA 133 -17.64 -36.55 35.46
N LEU AA 134 -17.76 -36.95 34.19
CA LEU AA 134 -16.58 -37.17 33.37
C LEU AA 134 -15.74 -35.90 33.23
N TYR AA 135 -16.39 -34.73 33.28
CA TYR AA 135 -15.65 -33.48 33.31
C TYR AA 135 -14.95 -33.27 34.65
N ARG AA 136 -15.51 -33.82 35.74
CA ARG AA 136 -14.77 -33.86 36.99
C ARG AA 136 -13.48 -34.67 36.82
N ARG AA 137 -13.58 -35.79 36.10
CA ARG AA 137 -12.47 -36.70 35.88
C ARG AA 137 -11.52 -36.20 34.80
N GLY AA 138 -12.07 -35.55 33.78
CA GLY AA 138 -11.35 -35.02 32.64
C GLY AA 138 -11.48 -35.94 31.45
N GLN AA 139 -12.62 -35.76 30.78
CA GLN AA 139 -12.98 -36.44 29.53
C GLN AA 139 -13.98 -35.48 28.88
N VAL AA 140 -13.48 -34.49 28.13
CA VAL AA 140 -14.36 -33.37 27.79
C VAL AA 140 -15.52 -33.79 26.87
N ASP AA 141 -15.29 -34.72 25.97
CA ASP AA 141 -16.35 -35.20 25.09
C ASP AA 141 -17.02 -36.42 25.70
N ASN AA 142 -17.43 -37.38 24.86
CA ASN AA 142 -18.26 -38.49 25.28
C ASN AA 142 -19.68 -37.92 25.36
N PRO AA 143 -20.22 -37.53 24.19
CA PRO AA 143 -21.23 -36.46 24.13
C PRO AA 143 -22.61 -36.83 24.64
N LEU AA 144 -22.71 -37.08 25.93
CA LEU AA 144 -24.04 -37.34 26.46
C LEU AA 144 -24.85 -36.05 26.46
N LYS AA 145 -24.18 -34.93 26.68
CA LYS AA 145 -24.80 -33.60 26.53
C LYS AA 145 -25.85 -33.65 25.43
N GLY AA 146 -25.47 -34.19 24.25
CA GLY AA 146 -26.42 -34.40 23.18
C GLY AA 146 -27.45 -35.46 23.52
N ARG AA 147 -27.02 -36.51 24.23
CA ARG AA 147 -27.90 -37.60 24.68
C ARG AA 147 -28.83 -37.18 25.77
N GLY AA 148 -28.90 -35.89 26.10
CA GLY AA 148 -29.90 -35.43 27.04
C GLY AA 148 -31.04 -34.73 26.33
N LYS AA 149 -30.74 -33.87 25.35
CA LYS AA 149 -31.82 -33.16 24.70
C LYS AA 149 -32.62 -34.09 23.80
N LEU AA 150 -32.05 -35.23 23.41
CA LEU AA 150 -32.78 -36.31 22.78
C LEU AA 150 -33.79 -36.96 23.72
N VAL AA 151 -33.77 -36.64 25.01
CA VAL AA 151 -34.66 -37.30 25.95
C VAL AA 151 -36.05 -36.69 25.90
N MET AA 152 -36.13 -35.37 26.07
CA MET AA 152 -37.43 -34.71 25.94
C MET AA 152 -38.03 -34.98 24.56
N ARG AA 153 -37.17 -35.15 23.55
CA ARG AA 153 -37.66 -35.41 22.19
C ARG AA 153 -38.32 -36.75 22.07
N GLN AA 154 -38.51 -37.47 23.16
CA GLN AA 154 -39.22 -38.74 23.12
C GLN AA 154 -40.53 -38.59 23.87
N GLN AA 155 -41.47 -39.46 23.54
CA GLN AA 155 -42.83 -39.34 24.07
C GLN AA 155 -43.43 -40.68 24.45
N THR AA 156 -42.60 -41.68 24.69
CA THR AA 156 -43.06 -42.98 25.16
C THR AA 156 -42.02 -43.49 26.14
N LEU AA 157 -42.33 -44.61 26.78
CA LEU AA 157 -41.40 -45.21 27.74
C LEU AA 157 -40.40 -46.09 27.03
N GLU AA 158 -40.87 -47.04 26.23
CA GLU AA 158 -39.98 -47.95 25.52
C GLU AA 158 -38.95 -47.20 24.68
N GLN AA 159 -39.32 -46.05 24.12
CA GLN AA 159 -38.33 -45.21 23.45
C GLN AA 159 -37.18 -44.85 24.38
N VAL AA 160 -37.45 -44.76 25.68
CA VAL AA 160 -36.47 -44.22 26.63
C VAL AA 160 -35.59 -45.32 27.21
N ARG AA 161 -36.17 -46.45 27.62
CA ARG AA 161 -35.36 -47.49 28.27
C ARG AA 161 -34.22 -47.92 27.37
N GLY AA 162 -34.45 -47.97 26.05
CA GLY AA 162 -33.35 -48.20 25.14
C GLY AA 162 -32.33 -47.07 25.16
N ILE AA 163 -32.78 -45.86 25.49
CA ILE AA 163 -31.89 -44.69 25.47
C ILE AA 163 -30.98 -44.67 26.70
N GLU AA 164 -31.55 -44.84 27.90
CA GLU AA 164 -30.72 -44.86 29.10
C GLU AA 164 -29.69 -45.97 29.03
N GLY AA 165 -30.08 -47.16 28.58
CA GLY AA 165 -29.13 -48.24 28.42
C GLY AA 165 -28.02 -47.89 27.45
N LEU AA 166 -28.34 -47.08 26.44
CA LEU AA 166 -27.32 -46.62 25.50
C LEU AA 166 -26.32 -45.71 26.20
N ALA AA 167 -26.81 -44.65 26.87
CA ALA AA 167 -25.91 -43.72 27.53
C ALA AA 167 -25.02 -44.42 28.55
N ALA AA 168 -25.55 -45.43 29.24
CA ALA AA 168 -24.75 -46.19 30.19
C ALA AA 168 -23.61 -46.90 29.48
N ARG AA 169 -23.93 -47.58 28.37
CA ARG AA 169 -22.88 -48.22 27.57
C ARG AA 169 -21.90 -47.18 27.03
N GLU AA 170 -22.42 -46.03 26.58
CA GLU AA 170 -21.57 -44.91 26.19
C GLU AA 170 -20.82 -44.34 27.38
N TYR AA 171 -21.37 -44.52 28.58
CA TYR AA 171 -20.76 -44.07 29.83
C TYR AA 171 -19.67 -45.05 30.26
N PHE AA 172 -19.87 -46.33 29.98
CA PHE AA 172 -18.92 -47.39 30.31
C PHE AA 172 -17.86 -47.58 29.24
N ALA AA 173 -18.13 -47.21 27.99
CA ALA AA 173 -17.09 -47.30 26.97
C ALA AA 173 -16.02 -46.23 27.17
N SER AA 174 -16.33 -45.19 27.95
CA SER AA 174 -15.39 -44.14 28.32
C SER AA 174 -14.69 -44.44 29.64
N TRP AA 175 -14.68 -45.71 30.04
CA TRP AA 175 -14.27 -46.13 31.37
C TRP AA 175 -12.81 -46.57 31.45
N GLN AA 176 -12.40 -47.48 30.57
CA GLN AA 176 -11.01 -47.91 30.53
C GLN AA 176 -10.06 -46.73 30.39
N GLU AA 177 -10.39 -45.79 29.49
CA GLU AA 177 -9.55 -44.62 29.28
C GLU AA 177 -9.44 -43.78 30.54
N MET AA 178 -10.46 -43.81 31.39
CA MET AA 178 -10.46 -43.06 32.64
C MET AA 178 -9.82 -43.86 33.76
N LEU AA 179 -9.77 -45.19 33.63
CA LEU AA 179 -9.16 -46.04 34.64
C LEU AA 179 -7.65 -46.10 34.46
N GLY AA 180 -7.20 -46.56 33.30
CA GLY AA 180 -5.81 -46.80 33.03
C GLY AA 180 -5.59 -48.22 32.54
N HIS AA 181 -4.38 -48.71 32.75
CA HIS AA 181 -3.96 -50.02 32.28
C HIS AA 181 -3.97 -51.07 33.38
N GLU AA 182 -3.96 -50.64 34.65
CA GLU AA 182 -3.88 -51.59 35.76
C GLU AA 182 -5.11 -52.50 35.84
N TRP AA 183 -6.29 -51.99 35.45
CA TRP AA 183 -7.54 -52.71 35.54
C TRP AA 183 -8.13 -52.88 34.14
N THR AA 184 -9.18 -53.69 34.07
CA THR AA 184 -9.87 -53.97 32.81
C THR AA 184 -11.35 -53.71 32.97
N PHE AA 185 -11.91 -52.95 32.04
CA PHE AA 185 -13.35 -52.75 31.99
C PHE AA 185 -13.77 -52.51 30.55
N THR AA 186 -14.60 -53.39 30.00
CA THR AA 186 -15.23 -53.18 28.72
C THR AA 186 -16.70 -52.84 28.86
N GLY AA 187 -17.40 -53.49 29.78
CA GLY AA 187 -18.80 -53.23 30.05
C GLY AA 187 -19.17 -53.77 31.40
N ARG AA 188 -20.40 -53.49 31.81
CA ARG AA 188 -20.94 -53.93 33.09
C ARG AA 188 -22.01 -54.98 32.89
N PHE AA 189 -22.05 -55.92 33.83
CA PHE AA 189 -22.95 -57.06 33.79
C PHE AA 189 -23.92 -57.06 34.97
N ARG AA 190 -25.21 -57.28 34.68
CA ARG AA 190 -26.15 -57.66 35.74
C ARG AA 190 -25.75 -58.99 36.34
N ARG AA 191 -24.74 -59.64 35.75
CA ARG AA 191 -24.15 -60.92 36.12
C ARG AA 191 -23.65 -60.87 37.56
N PRO AA 192 -23.16 -61.98 38.08
CA PRO AA 192 -22.23 -61.89 39.20
C PRO AA 192 -20.96 -61.22 38.72
N PRO AA 193 -19.98 -61.08 39.57
CA PRO AA 193 -18.80 -60.36 39.07
C PRO AA 193 -17.86 -61.16 38.17
N THR AA 194 -18.20 -61.19 36.88
CA THR AA 194 -17.29 -61.78 35.90
C THR AA 194 -16.03 -60.94 35.80
N ASP AA 195 -16.14 -59.66 36.18
CA ASP AA 195 -15.13 -58.63 36.33
C ASP AA 195 -15.02 -58.26 37.80
N PRO AA 196 -13.82 -57.98 38.30
CA PRO AA 196 -13.71 -57.56 39.71
C PRO AA 196 -14.50 -56.29 39.98
N VAL AA 197 -14.32 -55.28 39.12
CA VAL AA 197 -14.94 -53.98 39.34
C VAL AA 197 -16.45 -54.12 39.45
N ASN AA 198 -17.07 -54.85 38.52
CA ASN AA 198 -18.50 -55.08 38.61
C ASN AA 198 -18.90 -55.62 39.98
N ALA AA 199 -17.99 -56.32 40.66
CA ALA AA 199 -18.27 -56.76 42.02
C ALA AA 199 -18.26 -55.56 42.97
N LEU AA 200 -17.30 -54.66 42.76
CA LEU AA 200 -17.20 -53.47 43.59
C LEU AA 200 -18.40 -52.56 43.39
N LEU AA 201 -18.89 -52.47 42.15
CA LEU AA 201 -20.09 -51.69 41.86
C LEU AA 201 -21.32 -52.39 42.40
N SER AA 202 -21.47 -53.68 42.10
CA SER AA 202 -22.51 -54.48 42.75
C SER AA 202 -22.45 -54.37 44.26
N PHE AA 203 -21.27 -54.07 44.81
CA PHE AA 203 -21.15 -53.80 46.24
C PHE AA 203 -21.73 -52.43 46.57
N GLY AA 204 -21.22 -51.39 45.91
CA GLY AA 204 -21.71 -50.05 46.19
C GLY AA 204 -23.14 -49.84 45.72
N TYR AA 205 -23.41 -50.18 44.46
CA TYR AA 205 -24.79 -50.09 43.96
C TYR AA 205 -25.75 -50.93 44.78
N GLY AA 206 -25.25 -52.00 45.42
CA GLY AA 206 -26.11 -52.83 46.24
C GLY AA 206 -26.39 -52.24 47.60
N LEU AA 207 -25.33 -51.77 48.28
CA LEU AA 207 -25.49 -51.12 49.57
C LEU AA 207 -26.05 -49.71 49.44
N LEU AA 208 -26.34 -49.23 48.23
CA LEU AA 208 -27.03 -47.95 48.11
C LEU AA 208 -28.50 -48.10 48.47
N ARG AA 209 -29.12 -49.25 48.15
CA ARG AA 209 -30.50 -49.49 48.57
C ARG AA 209 -30.69 -49.27 50.06
N THR AA 210 -29.66 -49.51 50.87
CA THR AA 210 -29.85 -49.43 52.32
C THR AA 210 -30.26 -48.02 52.71
N GLN AA 211 -29.53 -47.01 52.23
CA GLN AA 211 -29.86 -45.63 52.55
C GLN AA 211 -31.09 -45.16 51.78
N VAL AA 212 -31.36 -45.75 50.62
CA VAL AA 212 -32.56 -45.40 49.86
C VAL AA 212 -33.79 -46.11 50.40
N THR AA 213 -33.67 -47.43 50.65
CA THR AA 213 -34.80 -48.20 51.16
C THR AA 213 -35.38 -47.61 52.44
N ALA AA 214 -34.61 -46.80 53.16
CA ALA AA 214 -35.12 -46.14 54.37
C ALA AA 214 -35.82 -44.83 54.04
N ALA AA 215 -35.21 -44.00 53.19
CA ALA AA 215 -35.80 -42.70 52.88
C ALA AA 215 -37.23 -42.84 52.38
N VAL AA 216 -37.50 -43.87 51.59
CA VAL AA 216 -38.84 -44.08 51.07
C VAL AA 216 -39.79 -44.41 52.22
N HIS AA 217 -39.37 -45.29 53.13
CA HIS AA 217 -40.19 -45.63 54.28
C HIS AA 217 -40.43 -44.44 55.19
N ILE AA 218 -39.54 -43.44 55.14
CA ILE AA 218 -39.78 -42.19 55.86
C ILE AA 218 -40.79 -41.34 55.12
N ALA AA 219 -40.66 -41.27 53.80
CA ALA AA 219 -41.58 -40.52 52.95
C ALA AA 219 -42.93 -41.23 52.78
N GLY AA 220 -43.07 -42.44 53.30
CA GLY AA 220 -44.31 -43.18 53.16
C GLY AA 220 -44.56 -43.79 51.80
N LEU AA 221 -43.53 -43.85 50.95
CA LEU AA 221 -43.70 -44.35 49.61
C LEU AA 221 -43.82 -45.88 49.59
N ASP AA 222 -44.49 -46.38 48.57
CA ASP AA 222 -44.54 -47.82 48.30
C ASP AA 222 -43.37 -48.16 47.39
N PRO AA 223 -42.32 -48.83 47.88
CA PRO AA 223 -41.17 -49.07 47.01
C PRO AA 223 -41.50 -49.90 45.79
N TYR AA 224 -42.49 -50.79 45.88
CA TYR AA 224 -42.81 -51.69 44.78
C TYR AA 224 -43.57 -51.02 43.66
N ILE AA 225 -43.86 -49.73 43.76
CA ILE AA 225 -44.56 -48.99 42.72
C ILE AA 225 -43.63 -47.91 42.20
N GLY AA 226 -43.16 -48.08 40.97
CA GLY AA 226 -42.25 -47.14 40.37
C GLY AA 226 -42.73 -46.58 39.04
N PHE AA 227 -41.87 -45.82 38.39
CA PHE AA 227 -42.20 -45.19 37.11
C PHE AA 227 -41.34 -45.70 35.97
N LEU AA 228 -40.10 -46.12 36.23
CA LEU AA 228 -39.27 -46.74 35.19
C LEU AA 228 -39.39 -48.26 35.22
N HIS AA 229 -38.98 -48.88 36.32
CA HIS AA 229 -39.04 -50.32 36.46
C HIS AA 229 -40.49 -50.70 36.72
N GLU AA 230 -41.18 -51.18 35.70
CA GLU AA 230 -42.56 -51.58 35.89
C GLU AA 230 -42.60 -52.69 36.94
N THR AA 231 -43.45 -52.51 37.94
CA THR AA 231 -43.45 -53.43 39.08
C THR AA 231 -44.16 -54.71 38.63
N THR AA 232 -43.45 -55.46 37.79
CA THR AA 232 -43.94 -56.75 37.33
C THR AA 232 -42.87 -57.82 37.38
N ARG AA 233 -41.68 -57.52 37.91
CA ARG AA 233 -40.63 -58.51 38.16
C ARG AA 233 -40.50 -58.82 39.64
N GLY AA 234 -41.45 -58.34 40.46
CA GLY AA 234 -41.32 -58.45 41.89
C GLY AA 234 -40.12 -57.74 42.46
N GLN AA 235 -39.65 -56.71 41.78
CA GLN AA 235 -38.54 -55.89 42.18
C GLN AA 235 -39.04 -54.50 42.56
N PRO AA 236 -38.59 -53.91 43.67
CA PRO AA 236 -39.09 -52.57 44.01
C PRO AA 236 -38.70 -51.62 42.91
N ALA AA 237 -39.47 -50.55 42.77
CA ALA AA 237 -39.24 -49.66 41.63
C ALA AA 237 -39.05 -48.21 42.05
N MET AA 238 -39.73 -47.76 43.12
CA MET AA 238 -39.44 -46.44 43.64
C MET AA 238 -38.00 -46.34 44.10
N ILE AA 239 -37.40 -47.47 44.47
CA ILE AA 239 -35.99 -47.48 44.85
C ILE AA 239 -35.12 -47.40 43.61
N LEU AA 240 -35.24 -48.37 42.70
CA LEU AA 240 -34.35 -48.40 41.55
C LEU AA 240 -34.59 -47.18 40.65
N ASP AA 241 -35.85 -46.79 40.49
CA ASP AA 241 -36.17 -45.54 39.81
C ASP AA 241 -35.51 -44.36 40.51
N LEU AA 242 -35.47 -44.40 41.84
CA LEU AA 242 -34.82 -43.33 42.62
C LEU AA 242 -33.33 -43.56 42.72
N MET AA 243 -32.92 -44.80 42.98
CA MET AA 243 -31.51 -45.14 43.13
C MET AA 243 -30.73 -44.78 41.88
N GLU AA 244 -31.42 -44.66 40.75
CA GLU AA 244 -30.76 -44.40 39.47
C GLU AA 244 -30.05 -43.04 39.48
N GLU AA 245 -30.71 -42.02 40.03
CA GLU AA 245 -30.13 -40.68 40.04
C GLU AA 245 -28.81 -40.62 40.81
N PHE AA 246 -28.54 -41.63 41.64
CA PHE AA 246 -27.39 -41.62 42.53
C PHE AA 246 -26.32 -42.65 42.18
N ARG AA 247 -26.63 -43.64 41.35
CA ARG AA 247 -25.66 -44.67 41.04
C ARG AA 247 -24.36 -44.09 40.48
N ALA AA 248 -24.44 -43.01 39.71
CA ALA AA 248 -23.27 -42.55 38.97
C ALA AA 248 -22.38 -41.60 39.75
N LEU AA 249 -22.86 -41.02 40.85
CA LEU AA 249 -22.14 -39.96 41.52
C LEU AA 249 -21.68 -40.30 42.94
N VAL AA 250 -22.31 -41.25 43.61
CA VAL AA 250 -21.95 -41.60 44.98
C VAL AA 250 -21.27 -42.96 45.05
N ALA AA 251 -21.92 -44.00 44.51
CA ALA AA 251 -21.29 -45.30 44.46
C ALA AA 251 -20.31 -45.41 43.30
N ASP AA 252 -20.60 -44.69 42.20
CA ASP AA 252 -19.76 -44.71 41.03
C ASP AA 252 -18.63 -43.69 41.10
N SER AA 253 -18.82 -42.58 41.81
CA SER AA 253 -17.75 -41.62 42.03
C SER AA 253 -16.80 -42.07 43.14
N VAL AA 254 -17.31 -42.82 44.11
CA VAL AA 254 -16.48 -43.29 45.22
C VAL AA 254 -15.36 -44.18 44.71
N VAL AA 255 -15.68 -45.13 43.82
CA VAL AA 255 -14.69 -46.09 43.37
C VAL AA 255 -13.49 -45.39 42.75
N LEU AA 256 -13.76 -44.44 41.85
CA LEU AA 256 -12.68 -43.72 41.19
C LEU AA 256 -11.92 -42.83 42.17
N THR AA 257 -12.50 -42.57 43.33
CA THR AA 257 -11.83 -41.85 44.41
C THR AA 257 -10.92 -42.76 45.22
N VAL AA 258 -11.16 -44.07 45.19
CA VAL AA 258 -10.32 -45.01 45.94
C VAL AA 258 -9.32 -45.70 45.02
N LEU AA 259 -9.66 -45.87 43.74
CA LEU AA 259 -8.76 -46.52 42.80
C LEU AA 259 -7.75 -45.57 42.16
N LYS AA 260 -7.70 -44.31 42.59
CA LYS AA 260 -6.59 -43.44 42.27
C LYS AA 260 -5.63 -43.29 43.44
N GLN AA 261 -5.98 -43.84 44.60
CA GLN AA 261 -5.14 -43.79 45.78
C GLN AA 261 -4.93 -45.14 46.44
N ARG AA 262 -5.93 -46.02 46.41
CA ARG AA 262 -5.91 -47.22 47.24
C ARG AA 262 -6.28 -48.47 46.46
N GLU AA 263 -6.02 -49.61 47.11
CA GLU AA 263 -6.32 -50.94 46.60
C GLU AA 263 -6.15 -51.05 45.09
N ILE AA 264 -4.96 -50.75 44.61
CA ILE AA 264 -4.71 -50.83 43.18
C ILE AA 264 -4.82 -52.27 42.71
N GLN AA 265 -4.41 -53.21 43.55
CA GLN AA 265 -4.46 -54.64 43.25
C GLN AA 265 -4.15 -55.36 44.55
N ARG AA 266 -3.91 -56.68 44.46
CA ARG AA 266 -3.46 -57.54 45.55
C ARG AA 266 -4.50 -57.71 46.65
N GLN AA 267 -5.58 -56.93 46.62
CA GLN AA 267 -6.58 -56.95 47.67
C GLN AA 267 -7.91 -57.53 47.16
N ASP AA 268 -7.85 -58.36 46.13
CA ASP AA 268 -9.01 -59.05 45.60
C ASP AA 268 -8.73 -60.55 45.55
N PHE AA 269 -9.79 -61.34 45.42
CA PHE AA 269 -9.67 -62.78 45.37
C PHE AA 269 -10.68 -63.36 44.38
N THR AA 270 -10.24 -64.37 43.64
CA THR AA 270 -11.06 -65.06 42.65
C THR AA 270 -11.29 -66.50 43.12
N GLU AA 271 -12.53 -66.97 43.06
CA GLU AA 271 -12.75 -68.33 43.53
C GLU AA 271 -14.14 -68.83 43.17
N SER AA 272 -14.22 -70.09 42.75
CA SER AA 272 -15.43 -70.88 42.59
C SER AA 272 -16.26 -70.45 41.39
N LEU AA 273 -15.93 -69.31 40.81
CA LEU AA 273 -16.53 -68.90 39.54
C LEU AA 273 -15.54 -68.13 38.69
N GLY AA 274 -14.29 -68.01 39.11
CA GLY AA 274 -13.54 -66.80 38.85
C GLY AA 274 -13.96 -65.87 39.96
N ALA AA 275 -15.19 -65.37 39.89
CA ALA AA 275 -15.90 -64.84 41.05
C ALA AA 275 -15.00 -63.94 41.90
N PHE AA 276 -14.66 -62.79 41.31
CA PHE AA 276 -13.71 -61.89 41.95
C PHE AA 276 -14.32 -61.32 43.23
N ARG AA 277 -14.11 -62.03 44.33
CA ARG AA 277 -14.53 -61.58 45.64
C ARG AA 277 -13.54 -60.57 46.20
N LEU AA 278 -13.95 -59.90 47.28
CA LEU AA 278 -13.07 -58.94 47.93
C LEU AA 278 -12.34 -59.60 49.10
N THR AA 279 -11.27 -58.96 49.54
CA THR AA 279 -10.57 -59.37 50.75
C THR AA 279 -11.13 -58.66 51.98
N ASP AA 280 -11.14 -59.37 53.11
CA ASP AA 280 -11.43 -58.70 54.36
C ASP AA 280 -10.29 -57.74 54.70
N SER AA 281 -10.58 -56.75 55.53
CA SER AA 281 -9.62 -55.72 55.91
C SER AA 281 -9.43 -54.74 54.76
N ALA AA 282 -9.90 -55.11 53.57
CA ALA AA 282 -10.10 -54.20 52.45
C ALA AA 282 -11.54 -53.71 52.40
N THR AA 283 -12.48 -54.60 52.72
CA THR AA 283 -13.87 -54.20 52.88
C THR AA 283 -13.98 -53.07 53.91
N LYS AA 284 -13.20 -53.16 54.98
CA LYS AA 284 -13.28 -52.17 56.05
C LYS AA 284 -12.74 -50.83 55.62
N THR AA 285 -11.89 -50.79 54.60
CA THR AA 285 -11.43 -49.51 54.05
C THR AA 285 -12.43 -48.92 53.07
N PHE AA 286 -13.12 -49.77 52.30
CA PHE AA 286 -14.09 -49.29 51.32
C PHE AA 286 -15.14 -48.40 51.97
N LEU AA 287 -15.69 -48.83 53.11
CA LEU AA 287 -16.79 -48.09 53.72
C LEU AA 287 -16.30 -46.77 54.31
N GLY AA 288 -15.04 -46.73 54.76
CA GLY AA 288 -14.49 -45.47 55.22
C GLY AA 288 -14.69 -44.38 54.19
N ALA AA 289 -14.52 -44.73 52.90
CA ALA AA 289 -14.83 -43.80 51.84
C ALA AA 289 -16.33 -43.62 51.67
N PHE AA 290 -17.12 -44.66 51.95
CA PHE AA 290 -18.56 -44.53 51.77
C PHE AA 290 -19.15 -43.57 52.80
N ASP AA 291 -18.78 -43.73 54.07
CA ASP AA 291 -19.24 -42.77 55.07
C ASP AA 291 -18.54 -41.43 54.90
N ARG AA 292 -17.30 -41.43 54.41
CA ARG AA 292 -16.65 -40.17 54.05
C ARG AA 292 -17.46 -39.45 52.97
N LYS AA 293 -17.86 -40.19 51.93
CA LYS AA 293 -18.65 -39.61 50.86
C LYS AA 293 -19.96 -39.03 51.39
N LEU AA 294 -20.58 -39.72 52.35
CA LEU AA 294 -21.86 -39.29 52.87
C LEU AA 294 -21.78 -38.09 53.79
N SER AA 295 -20.63 -37.86 54.42
CA SER AA 295 -20.44 -36.69 55.27
C SER AA 295 -19.98 -35.47 54.48
N SER AA 296 -20.28 -35.43 53.18
CA SER AA 296 -19.85 -34.38 52.27
C SER AA 296 -20.89 -33.27 52.24
N GLU AA 297 -20.47 -32.08 51.77
CA GLU AA 297 -21.32 -30.90 51.83
C GLU AA 297 -21.94 -30.49 50.50
N PHE AA 298 -21.12 -30.20 49.49
CA PHE AA 298 -21.50 -29.94 48.09
C PHE AA 298 -22.48 -28.79 47.91
N LYS AA 299 -22.90 -28.14 49.00
CA LYS AA 299 -23.69 -26.92 48.95
C LYS AA 299 -25.04 -27.01 48.23
N HIS AA 300 -25.43 -28.18 47.76
CA HIS AA 300 -26.77 -28.33 47.16
C HIS AA 300 -26.98 -27.38 45.98
N PRO AA 301 -26.41 -27.65 44.81
CA PRO AA 301 -26.39 -26.62 43.76
C PRO AA 301 -27.76 -26.27 43.20
N ILE AA 302 -28.70 -25.94 44.08
CA ILE AA 302 -29.95 -25.28 43.68
C ILE AA 302 -30.07 -24.03 44.54
N PHE AA 303 -30.03 -24.22 45.85
CA PHE AA 303 -29.90 -23.16 46.84
C PHE AA 303 -28.55 -23.35 47.54
N ASN AA 304 -28.30 -22.54 48.57
CA ASN AA 304 -27.11 -22.70 49.39
C ASN AA 304 -27.36 -23.61 50.60
N TYR AA 305 -28.32 -24.53 50.48
CA TYR AA 305 -28.62 -25.49 51.54
C TYR AA 305 -27.38 -26.02 52.23
N LYS AA 306 -26.44 -26.56 51.46
CA LYS AA 306 -25.23 -27.15 52.02
C LYS AA 306 -25.58 -28.41 52.83
N CYS AA 307 -26.52 -29.18 52.32
CA CYS AA 307 -26.88 -30.48 52.91
C CYS AA 307 -25.89 -31.55 52.48
N THR AA 308 -25.79 -32.61 53.29
CA THR AA 308 -25.01 -33.78 52.95
C THR AA 308 -25.73 -34.65 51.91
N TYR AA 309 -24.95 -35.54 51.28
CA TYR AA 309 -25.54 -36.52 50.37
C TYR AA 309 -26.55 -37.41 51.08
N ARG AA 310 -26.17 -37.97 52.24
CA ARG AA 310 -27.04 -38.89 52.97
C ARG AA 310 -28.44 -38.31 53.13
N ARG AA 311 -28.54 -37.01 53.42
CA ARG AA 311 -29.84 -36.40 53.63
C ARG AA 311 -30.53 -36.08 52.31
N ALA AA 312 -29.75 -35.69 51.30
CA ALA AA 312 -30.34 -35.36 50.00
C ALA AA 312 -31.34 -36.42 49.54
N ILE AA 313 -31.10 -37.69 49.89
CA ILE AA 313 -31.99 -38.77 49.47
C ILE AA 313 -33.32 -38.67 50.20
N GLU AA 314 -33.28 -38.66 51.54
CA GLU AA 314 -34.49 -38.45 52.32
C GLU AA 314 -35.27 -37.25 51.81
N LEU AA 315 -34.57 -36.22 51.35
CA LEU AA 315 -35.22 -35.01 50.87
C LEU AA 315 -35.93 -35.23 49.53
N GLN AA 316 -35.20 -35.72 48.53
CA GLN AA 316 -35.80 -35.93 47.21
C GLN AA 316 -37.12 -36.69 47.31
N ALA AA 317 -37.19 -37.68 48.21
CA ALA AA 317 -38.44 -38.39 48.44
C ALA AA 317 -39.51 -37.44 48.97
N ARG AA 318 -39.21 -36.72 50.05
CA ARG AA 318 -40.17 -35.74 50.56
C ARG AA 318 -40.50 -34.71 49.50
N LEU AA 319 -39.49 -34.26 48.76
CA LEU AA 319 -39.75 -33.41 47.61
C LEU AA 319 -40.70 -34.10 46.64
N LEU AA 320 -40.50 -35.40 46.43
CA LEU AA 320 -41.35 -36.14 45.50
C LEU AA 320 -42.77 -36.26 46.03
N ALA AA 321 -42.93 -36.55 47.32
CA ALA AA 321 -44.25 -36.59 47.92
C ALA AA 321 -45.01 -35.30 47.65
N ARG AA 322 -44.32 -34.17 47.83
CA ARG AA 322 -44.96 -32.88 47.58
C ARG AA 322 -45.27 -32.70 46.10
N HIS AA 323 -44.43 -33.23 45.21
CA HIS AA 323 -44.76 -33.22 43.79
C HIS AA 323 -46.08 -33.91 43.50
N LEU AA 324 -46.46 -34.89 44.32
CA LEU AA 324 -47.63 -35.72 44.07
C LEU AA 324 -48.87 -35.22 44.79
N GLN AA 325 -48.70 -34.71 46.01
CA GLN AA 325 -49.82 -34.18 46.79
C GLN AA 325 -49.97 -32.69 46.62
N GLU AA 326 -48.85 -31.98 46.50
CA GLU AA 326 -48.85 -30.53 46.43
C GLU AA 326 -48.51 -30.00 45.05
N GLY AA 327 -48.15 -30.87 44.11
CA GLY AA 327 -47.92 -30.42 42.76
C GLY AA 327 -46.61 -29.71 42.58
N VAL AA 328 -45.66 -29.92 43.53
CA VAL AA 328 -44.39 -29.22 43.47
C VAL AA 328 -43.57 -29.78 42.31
N VAL AA 329 -42.53 -29.05 41.95
CA VAL AA 329 -41.58 -29.55 40.95
C VAL AA 329 -40.66 -30.56 41.61
N TYR AA 330 -40.15 -31.50 40.83
CA TYR AA 330 -39.13 -32.44 41.26
C TYR AA 330 -37.88 -32.17 40.43
N GLU AA 331 -37.04 -31.24 40.89
CA GLU AA 331 -35.79 -30.99 40.21
C GLU AA 331 -34.70 -31.89 40.76
N PRO AA 332 -34.29 -32.94 40.03
CA PRO AA 332 -33.28 -33.87 40.57
C PRO AA 332 -31.94 -33.19 40.72
N LEU AA 333 -30.94 -33.90 41.24
CA LEU AA 333 -29.65 -33.32 41.52
C LEU AA 333 -28.70 -33.44 40.33
N VAL AA 334 -28.14 -32.31 39.92
CA VAL AA 334 -27.15 -32.24 38.86
C VAL AA 334 -26.08 -31.26 39.31
N ILE AA 335 -24.82 -31.62 39.10
CA ILE AA 335 -23.69 -30.83 39.57
C ILE AA 335 -22.68 -30.74 38.44
N ARG AA 336 -21.87 -29.69 38.44
CA ARG AA 336 -20.88 -29.47 37.39
C ARG AA 336 -19.62 -28.81 37.96
N MET BA 12 -46.13 -75.15 50.10
CA MET BA 12 -47.26 -74.30 50.46
C MET BA 12 -47.25 -73.93 51.93
N SER BA 13 -46.98 -74.90 52.80
CA SER BA 13 -46.96 -74.65 54.23
C SER BA 13 -46.00 -73.51 54.56
N THR BA 14 -46.24 -72.89 55.72
CA THR BA 14 -45.45 -71.77 56.23
C THR BA 14 -44.95 -72.17 57.63
N LEU BA 15 -44.01 -71.41 58.16
CA LEU BA 15 -43.32 -71.79 59.38
C LEU BA 15 -43.71 -70.90 60.55
N TYR BA 16 -43.91 -71.54 61.70
CA TYR BA 16 -44.32 -70.90 62.94
C TYR BA 16 -43.39 -71.32 64.07
N LEU BA 17 -43.15 -70.39 65.00
CA LEU BA 17 -42.34 -70.68 66.17
C LEU BA 17 -42.93 -69.96 67.37
N THR BA 18 -43.20 -70.71 68.44
CA THR BA 18 -43.82 -70.15 69.64
C THR BA 18 -42.86 -70.02 70.81
N GLN BA 19 -41.89 -70.90 70.94
CA GLN BA 19 -41.09 -71.00 72.15
C GLN BA 19 -39.85 -70.11 72.04
N PRO BA 20 -39.58 -69.24 73.02
CA PRO BA 20 -38.32 -68.47 72.98
C PRO BA 20 -37.15 -69.32 73.46
N ASP BA 21 -37.36 -70.64 73.47
CA ASP BA 21 -36.36 -71.61 73.87
C ASP BA 21 -35.91 -72.46 72.69
N ALA BA 22 -36.24 -72.04 71.47
CA ALA BA 22 -35.99 -72.77 70.25
C ALA BA 22 -34.87 -72.10 69.45
N VAL BA 23 -33.96 -72.91 68.92
CA VAL BA 23 -32.88 -72.42 68.08
C VAL BA 23 -33.18 -72.86 66.64
N LEU BA 24 -33.03 -71.93 65.70
CA LEU BA 24 -33.18 -72.22 64.28
C LEU BA 24 -31.82 -72.10 63.64
N SER BA 25 -31.34 -73.18 63.04
CA SER BA 25 -30.06 -73.22 62.36
C SER BA 25 -30.23 -73.72 60.94
N LYS BA 26 -29.17 -73.56 60.14
CA LYS BA 26 -29.08 -74.12 58.81
C LYS BA 26 -28.10 -75.29 58.87
N LYS BA 27 -28.51 -76.44 58.38
CA LYS BA 27 -27.65 -77.61 58.30
C LYS BA 27 -27.51 -78.09 56.86
N HIS BA 28 -26.29 -78.00 56.33
CA HIS BA 28 -25.95 -78.51 55.00
C HIS BA 28 -27.08 -78.30 54.00
N GLU BA 29 -27.37 -77.03 53.75
CA GLU BA 29 -28.29 -76.55 52.70
C GLU BA 29 -29.75 -76.68 53.13
N ALA BA 30 -30.02 -77.01 54.38
CA ALA BA 30 -31.37 -77.31 54.83
C ALA BA 30 -31.50 -76.84 56.27
N PHE BA 31 -32.73 -76.79 56.76
CA PHE BA 31 -33.01 -76.17 58.04
C PHE BA 31 -32.97 -77.18 59.17
N HIS BA 32 -32.65 -76.67 60.37
CA HIS BA 32 -32.65 -77.46 61.60
C HIS BA 32 -33.30 -76.61 62.69
N VAL BA 33 -34.47 -77.04 63.17
CA VAL BA 33 -35.12 -76.43 64.32
C VAL BA 33 -34.69 -77.21 65.55
N ALA BA 34 -34.38 -76.50 66.64
CA ALA BA 34 -33.91 -77.14 67.86
C ALA BA 34 -34.79 -76.69 69.02
N LEU BA 35 -35.72 -77.54 69.40
CA LEU BA 35 -36.62 -77.27 70.51
C LEU BA 35 -36.15 -77.99 71.78
N LYS BA 36 -36.79 -77.62 72.88
CA LYS BA 36 -36.50 -78.13 74.21
C LYS BA 36 -37.63 -77.62 75.09
N GLN BA 37 -38.08 -78.45 76.03
CA GLN BA 37 -39.20 -78.00 76.85
C GLN BA 37 -39.25 -78.81 78.15
N GLU BA 38 -40.28 -78.52 78.94
CA GLU BA 38 -40.47 -79.14 80.24
C GLU BA 38 -40.32 -80.65 80.15
N ASP BA 39 -39.41 -81.20 80.97
CA ASP BA 39 -39.11 -82.62 80.96
C ASP BA 39 -38.54 -83.04 79.60
N GLY BA 40 -37.49 -82.37 79.20
CA GLY BA 40 -36.87 -82.67 77.93
C GLY BA 40 -35.60 -81.89 77.71
N SER BA 41 -35.16 -81.89 76.46
CA SER BA 41 -33.95 -81.21 76.03
C SER BA 41 -34.11 -80.91 74.54
N TRP BA 42 -32.99 -80.60 73.88
CA TRP BA 42 -32.99 -80.36 72.44
C TRP BA 42 -33.86 -81.38 71.71
N LYS BA 43 -34.86 -80.88 70.99
CA LYS BA 43 -35.84 -81.70 70.29
C LYS BA 43 -35.66 -81.45 68.80
N LYS BA 44 -34.43 -81.68 68.33
CA LYS BA 44 -34.06 -81.43 66.94
C LYS BA 44 -35.04 -82.04 65.95
N GLN BA 45 -35.19 -81.35 64.82
CA GLN BA 45 -36.01 -81.78 63.69
C GLN BA 45 -35.52 -81.07 62.44
N PRO BA 46 -34.95 -81.78 61.47
CA PRO BA 46 -34.52 -81.11 60.25
C PRO BA 46 -35.72 -80.69 59.41
N ILE BA 47 -35.51 -79.67 58.59
CA ILE BA 47 -36.61 -79.17 57.76
C ILE BA 47 -36.08 -78.79 56.39
N PRO BA 48 -36.79 -79.10 55.31
CA PRO BA 48 -36.39 -78.64 53.98
C PRO BA 48 -36.97 -77.27 53.66
N ALA BA 49 -36.39 -76.66 52.63
CA ALA BA 49 -36.85 -75.41 52.05
C ALA BA 49 -37.72 -75.73 50.83
N GLN BA 50 -37.87 -74.76 49.93
CA GLN BA 50 -38.53 -74.92 48.63
C GLN BA 50 -40.02 -75.20 48.73
N THR BA 51 -40.54 -75.40 49.93
CA THR BA 51 -41.97 -75.49 50.13
C THR BA 51 -42.56 -74.24 50.75
N LEU BA 52 -41.71 -73.40 51.36
CA LEU BA 52 -42.16 -72.30 52.19
C LEU BA 52 -42.37 -71.04 51.36
N GLU BA 53 -43.26 -70.18 51.86
CA GLU BA 53 -43.44 -68.85 51.32
C GLU BA 53 -43.45 -67.79 52.41
N ASP BA 54 -43.31 -68.19 53.68
CA ASP BA 54 -43.35 -67.28 54.81
C ASP BA 54 -42.86 -68.01 56.06
N ILE BA 55 -42.29 -67.25 56.98
CA ILE BA 55 -41.87 -67.75 58.28
C ILE BA 55 -42.43 -66.79 59.32
N VAL BA 56 -42.74 -67.33 60.50
CA VAL BA 56 -43.34 -66.55 61.57
C VAL BA 56 -42.64 -66.93 62.87
N LEU BA 57 -42.15 -65.91 63.58
CA LEU BA 57 -41.54 -66.08 64.90
C LEU BA 57 -42.45 -65.38 65.89
N LEU BA 58 -42.86 -66.10 66.93
CA LEU BA 58 -43.90 -65.62 67.83
C LEU BA 58 -43.32 -64.97 69.07
N GLY BA 59 -42.51 -65.69 69.82
CA GLY BA 59 -41.87 -65.12 70.98
C GLY BA 59 -40.67 -64.29 70.57
N TYR BA 60 -39.54 -64.53 71.23
CA TYR BA 60 -38.26 -63.91 70.85
C TYR BA 60 -37.17 -64.97 70.87
N PRO BA 61 -37.30 -66.02 70.06
CA PRO BA 61 -36.29 -67.09 70.07
C PRO BA 61 -35.00 -66.62 69.44
N SER BA 62 -33.94 -67.36 69.74
CA SER BA 62 -32.65 -67.09 69.10
C SER BA 62 -32.66 -67.69 67.71
N ILE BA 63 -31.96 -67.04 66.80
CA ILE BA 63 -31.92 -67.45 65.41
C ILE BA 63 -30.49 -67.37 64.89
N THR BA 64 -30.14 -68.31 64.03
CA THR BA 64 -28.89 -68.26 63.30
C THR BA 64 -28.96 -67.18 62.23
N GLY BA 65 -27.97 -66.29 62.23
CA GLY BA 65 -27.87 -65.32 61.14
C GLY BA 65 -27.66 -66.01 59.79
N GLU BA 66 -26.91 -67.10 59.79
CA GLU BA 66 -26.70 -67.89 58.57
C GLU BA 66 -28.02 -68.36 57.98
N ALA BA 67 -29.09 -68.38 58.77
CA ALA BA 67 -30.39 -68.83 58.27
C ALA BA 67 -31.12 -67.73 57.50
N LEU BA 68 -31.07 -66.50 58.00
CA LEU BA 68 -31.77 -65.40 57.32
C LEU BA 68 -31.25 -65.22 55.91
N GLY BA 69 -29.93 -65.12 55.76
CA GLY BA 69 -29.34 -65.02 54.44
C GLY BA 69 -29.68 -66.17 53.53
N TYR BA 70 -30.13 -67.29 54.08
CA TYR BA 70 -30.63 -68.39 53.26
C TYR BA 70 -32.10 -68.20 52.94
N ALA BA 71 -32.85 -67.55 53.83
CA ALA BA 71 -34.24 -67.21 53.55
C ALA BA 71 -34.32 -65.99 52.64
N LEU BA 72 -33.43 -65.01 52.85
CA LEU BA 72 -33.48 -63.76 52.11
C LEU BA 72 -32.68 -63.79 50.81
N GLU BA 73 -31.79 -64.78 50.64
CA GLU BA 73 -31.28 -65.12 49.32
C GLU BA 73 -32.27 -65.97 48.54
N LEU BA 74 -33.44 -66.24 49.13
CA LEU BA 74 -34.40 -67.18 48.61
C LEU BA 74 -35.80 -66.60 48.49
N GLY BA 75 -36.06 -65.44 49.08
CA GLY BA 75 -37.35 -64.80 49.01
C GLY BA 75 -38.33 -65.20 50.10
N LEU BA 76 -37.84 -65.45 51.32
CA LEU BA 76 -38.69 -65.87 52.42
C LEU BA 76 -38.73 -64.80 53.50
N PRO BA 77 -39.84 -64.07 53.66
CA PRO BA 77 -39.92 -63.10 54.74
C PRO BA 77 -39.82 -63.75 56.11
N VAL BA 78 -39.29 -62.99 57.06
CA VAL BA 78 -39.17 -63.43 58.45
C VAL BA 78 -39.83 -62.36 59.32
N HIS BA 79 -40.82 -62.76 60.11
CA HIS BA 79 -41.63 -61.85 60.90
C HIS BA 79 -41.38 -62.10 62.38
N TYR BA 80 -41.39 -61.02 63.15
CA TYR BA 80 -41.16 -61.06 64.59
C TYR BA 80 -42.38 -60.52 65.31
N LEU BA 81 -42.82 -61.24 66.34
CA LEU BA 81 -43.98 -60.87 67.13
C LEU BA 81 -43.67 -61.19 68.60
N THR BA 82 -44.69 -61.10 69.44
CA THR BA 82 -44.63 -61.54 70.83
C THR BA 82 -45.50 -62.78 70.94
N GLN BA 83 -45.25 -63.58 71.99
CA GLN BA 83 -46.04 -64.78 72.18
C GLN BA 83 -47.53 -64.52 72.03
N PHE BA 84 -47.96 -63.30 72.37
CA PHE BA 84 -49.37 -62.92 72.29
C PHE BA 84 -49.82 -62.59 70.88
N GLY BA 85 -48.89 -62.23 69.98
CA GLY BA 85 -49.22 -61.88 68.62
C GLY BA 85 -49.10 -60.42 68.25
N LYS BA 86 -48.65 -59.56 69.16
CA LYS BA 86 -48.43 -58.16 68.82
C LYS BA 86 -47.26 -58.04 67.85
N TYR BA 87 -47.42 -57.21 66.82
CA TYR BA 87 -46.40 -57.06 65.80
C TYR BA 87 -45.33 -56.04 66.21
N VAL BA 88 -44.08 -56.39 65.95
CA VAL BA 88 -42.93 -55.55 66.26
C VAL BA 88 -42.15 -55.17 65.02
N GLY BA 89 -41.98 -56.11 64.10
CA GLY BA 89 -41.23 -55.84 62.88
C GLY BA 89 -41.13 -57.11 62.05
N SER BA 90 -40.64 -56.94 60.83
CA SER BA 90 -40.51 -58.04 59.90
C SER BA 90 -39.33 -57.79 58.98
N ALA BA 91 -38.70 -58.87 58.53
CA ALA BA 91 -37.53 -58.81 57.67
C ALA BA 91 -37.94 -59.17 56.26
N LEU BA 92 -37.74 -58.25 55.33
CA LEU BA 92 -38.23 -58.41 53.98
C LEU BA 92 -37.05 -58.57 53.02
N PRO BA 93 -37.18 -59.38 51.97
CA PRO BA 93 -36.06 -59.54 51.03
C PRO BA 93 -36.05 -58.50 49.92
N SER BA 94 -35.03 -58.60 49.06
CA SER BA 94 -34.99 -57.78 47.85
C SER BA 94 -36.16 -58.14 46.94
N GLU BA 95 -36.26 -59.42 46.59
CA GLU BA 95 -37.20 -59.92 45.61
C GLU BA 95 -38.50 -60.25 46.31
N SER BA 96 -39.62 -59.84 45.72
CA SER BA 96 -40.91 -60.16 46.29
C SER BA 96 -41.99 -59.84 45.28
N ARG BA 97 -43.11 -60.55 45.40
CA ARG BA 97 -44.23 -60.45 44.46
C ARG BA 97 -45.36 -59.65 45.09
N ASN BA 98 -45.01 -58.61 45.84
CA ASN BA 98 -45.95 -57.78 46.57
C ASN BA 98 -46.39 -56.53 45.81
N GLY BA 99 -45.75 -56.20 44.69
CA GLY BA 99 -46.20 -55.05 43.93
C GLY BA 99 -47.55 -55.27 43.28
N GLN BA 100 -47.72 -56.37 42.57
CA GLN BA 100 -49.02 -56.70 41.99
C GLN BA 100 -50.11 -56.64 43.05
N LEU BA 101 -49.78 -57.06 44.27
CA LEU BA 101 -50.75 -57.00 45.37
C LEU BA 101 -51.17 -55.56 45.63
N ARG BA 102 -50.22 -54.68 45.92
CA ARG BA 102 -50.57 -53.30 46.22
C ARG BA 102 -51.31 -52.66 45.05
N LEU BA 103 -51.06 -53.14 43.84
CA LEU BA 103 -51.77 -52.64 42.68
C LEU BA 103 -53.23 -53.06 42.74
N ALA BA 104 -53.48 -54.37 42.85
CA ALA BA 104 -54.87 -54.83 43.01
C ALA BA 104 -55.49 -54.25 44.28
N GLN BA 105 -54.73 -54.22 45.37
CA GLN BA 105 -55.21 -53.55 46.58
C GLN BA 105 -55.67 -52.12 46.29
N PHE BA 106 -55.00 -51.45 45.36
CA PHE BA 106 -55.40 -50.10 44.97
C PHE BA 106 -56.35 -50.12 43.77
N ARG BA 107 -55.96 -50.84 42.71
CA ARG BA 107 -56.82 -51.00 41.54
C ARG BA 107 -58.23 -51.41 41.93
N ALA BA 108 -58.38 -52.09 43.07
CA ALA BA 108 -59.69 -52.49 43.55
C ALA BA 108 -60.37 -51.39 44.37
N HIS BA 109 -59.59 -50.54 45.04
CA HIS BA 109 -60.20 -49.47 45.82
C HIS BA 109 -60.87 -48.45 44.92
N GLU BA 110 -60.34 -48.27 43.71
CA GLU BA 110 -60.91 -47.39 42.71
C GLU BA 110 -61.83 -48.12 41.72
N ASP BA 111 -61.91 -49.45 41.81
CA ASP BA 111 -62.91 -50.21 41.07
C ASP BA 111 -64.04 -50.53 42.03
N PRO BA 112 -65.06 -49.68 42.13
CA PRO BA 112 -66.06 -49.89 43.20
C PRO BA 112 -66.75 -51.23 43.13
N ILE BA 113 -66.87 -51.82 41.94
CA ILE BA 113 -67.49 -53.13 41.81
C ILE BA 113 -66.73 -54.16 42.65
N GLN BA 114 -65.40 -54.07 42.65
CA GLN BA 114 -64.61 -54.93 43.50
C GLN BA 114 -64.72 -54.49 44.95
N ARG BA 115 -64.56 -53.20 45.20
CA ARG BA 115 -64.80 -52.67 46.54
C ARG BA 115 -66.18 -53.07 47.05
N LEU BA 116 -67.19 -53.00 46.17
CA LEU BA 116 -68.55 -53.35 46.58
C LEU BA 116 -68.69 -54.86 46.79
N ASP BA 117 -68.42 -55.63 45.74
CA ASP BA 117 -68.55 -57.08 45.83
C ASP BA 117 -67.71 -57.69 46.93
N ILE BA 118 -66.76 -56.93 47.49
CA ILE BA 118 -65.95 -57.38 48.60
C ILE BA 118 -66.54 -56.98 49.94
N VAL BA 119 -66.90 -55.70 50.09
CA VAL BA 119 -67.36 -55.19 51.38
C VAL BA 119 -68.53 -56.02 51.90
N LYS BA 120 -69.40 -56.47 51.01
CA LYS BA 120 -70.53 -57.30 51.41
C LYS BA 120 -70.06 -58.53 52.20
N ALA BA 121 -68.83 -58.99 51.96
CA ALA BA 121 -68.32 -60.16 52.66
C ALA BA 121 -67.95 -59.81 54.10
N PHE BA 122 -67.21 -58.72 54.30
CA PHE BA 122 -66.88 -58.31 55.67
C PHE BA 122 -68.13 -58.25 56.52
N VAL BA 123 -69.21 -57.72 55.96
CA VAL BA 123 -70.45 -57.58 56.70
C VAL BA 123 -71.14 -58.92 56.85
N LYS BA 124 -71.30 -59.64 55.73
CA LYS BA 124 -71.79 -61.02 55.75
C LYS BA 124 -71.02 -61.87 56.74
N GLY BA 125 -69.70 -61.67 56.82
CA GLY BA 125 -68.88 -62.42 57.75
C GLY BA 125 -68.94 -61.96 59.19
N LYS BA 126 -69.57 -60.81 59.43
CA LYS BA 126 -69.77 -60.28 60.78
C LYS BA 126 -71.16 -60.58 61.30
N VAL BA 127 -72.19 -60.31 60.50
CA VAL BA 127 -73.56 -60.38 60.97
C VAL BA 127 -73.96 -61.81 61.22
N HIS BA 128 -73.61 -62.72 60.30
CA HIS BA 128 -73.86 -64.14 60.56
C HIS BA 128 -73.18 -64.61 61.85
N ASN BA 129 -71.98 -64.10 62.13
CA ASN BA 129 -71.29 -64.50 63.36
C ASN BA 129 -72.03 -64.03 64.60
N GLN BA 130 -72.66 -62.85 64.55
CA GLN BA 130 -73.42 -62.39 65.70
C GLN BA 130 -74.76 -63.11 65.78
N TYR BA 131 -75.50 -63.19 64.66
CA TYR BA 131 -76.70 -64.03 64.67
C TYR BA 131 -76.33 -65.43 65.15
N ASN BA 132 -75.23 -65.98 64.63
CA ASN BA 132 -74.72 -67.26 65.11
C ASN BA 132 -74.13 -67.16 66.51
N LEU BA 133 -73.91 -65.96 67.03
CA LEU BA 133 -73.52 -65.80 68.43
C LEU BA 133 -74.75 -65.89 69.32
N LEU BA 134 -75.80 -65.13 68.99
CA LEU BA 134 -77.03 -65.20 69.76
C LEU BA 134 -77.67 -66.57 69.66
N TYR BA 135 -77.49 -67.27 68.53
CA TYR BA 135 -77.91 -68.66 68.43
C TYR BA 135 -77.01 -69.57 69.26
N ARG BA 136 -75.73 -69.21 69.38
CA ARG BA 136 -74.85 -69.91 70.32
C ARG BA 136 -75.34 -69.71 71.75
N ARG BA 137 -75.62 -68.46 72.13
CA ARG BA 137 -76.13 -68.19 73.46
C ARG BA 137 -77.65 -68.34 73.58
N GLY BA 138 -78.32 -68.82 72.54
CA GLY BA 138 -79.76 -69.04 72.62
C GLY BA 138 -80.54 -67.81 73.05
N GLN BA 139 -80.73 -66.83 72.18
CA GLN BA 139 -81.46 -65.64 72.58
C GLN BA 139 -82.63 -65.31 71.67
N VAL BA 140 -82.44 -65.31 70.35
CA VAL BA 140 -83.56 -65.01 69.46
C VAL BA 140 -84.31 -66.30 69.14
N ASP BA 141 -83.67 -67.46 69.36
CA ASP BA 141 -84.30 -68.77 69.34
C ASP BA 141 -84.72 -69.17 67.93
N ASN BA 142 -84.48 -68.33 66.93
CA ASN BA 142 -84.98 -68.50 65.57
C ASN BA 142 -84.02 -69.36 64.75
N PRO BA 143 -84.54 -70.22 63.87
CA PRO BA 143 -83.70 -70.72 62.77
C PRO BA 143 -83.01 -69.60 62.01
N LEU BA 144 -83.64 -68.43 61.98
CA LEU BA 144 -82.99 -67.13 61.88
C LEU BA 144 -82.51 -66.62 60.54
N LYS BA 145 -82.14 -67.48 59.60
CA LYS BA 145 -81.78 -67.04 58.25
C LYS BA 145 -80.71 -65.94 58.20
N GLY BA 146 -80.37 -65.36 59.35
CA GLY BA 146 -79.34 -64.33 59.46
C GLY BA 146 -79.59 -63.02 58.73
N ARG BA 147 -80.63 -62.98 57.91
CA ARG BA 147 -81.02 -61.85 57.07
C ARG BA 147 -79.98 -61.65 55.97
N GLY BA 148 -78.75 -62.08 56.23
CA GLY BA 148 -77.83 -62.52 55.20
C GLY BA 148 -78.01 -61.89 53.84
N LYS BA 149 -78.55 -62.75 52.98
CA LYS BA 149 -78.82 -62.52 51.58
C LYS BA 149 -79.26 -61.11 51.22
N LEU BA 150 -79.74 -60.36 52.22
CA LEU BA 150 -80.05 -58.95 51.98
C LEU BA 150 -78.82 -58.19 51.54
N VAL BA 151 -77.73 -58.28 52.31
CA VAL BA 151 -76.54 -57.51 51.99
C VAL BA 151 -76.07 -57.81 50.58
N MET BA 152 -75.90 -59.09 50.26
CA MET BA 152 -75.42 -59.45 48.93
C MET BA 152 -76.29 -58.86 47.81
N ARG BA 153 -77.59 -58.73 48.04
CA ARG BA 153 -78.47 -58.09 47.05
C ARG BA 153 -78.69 -56.61 47.36
N GLN BA 154 -77.59 -55.86 47.32
CA GLN BA 154 -77.59 -54.41 47.39
C GLN BA 154 -76.94 -53.87 46.13
N GLN BA 155 -77.08 -52.56 45.88
CA GLN BA 155 -76.56 -51.98 44.65
C GLN BA 155 -75.78 -50.69 44.86
N THR BA 156 -75.45 -50.34 46.09
CA THR BA 156 -74.57 -49.21 46.36
C THR BA 156 -73.89 -49.44 47.71
N LEU BA 157 -73.01 -48.51 48.08
CA LEU BA 157 -72.31 -48.60 49.35
C LEU BA 157 -73.15 -48.01 50.48
N GLU BA 158 -73.65 -46.79 50.29
CA GLU BA 158 -74.43 -46.13 51.32
C GLU BA 158 -75.60 -46.98 51.80
N GLN BA 159 -76.20 -47.77 50.90
CA GLN BA 159 -77.22 -48.72 51.32
C GLN BA 159 -76.71 -49.66 52.40
N VAL BA 160 -75.42 -49.97 52.37
CA VAL BA 160 -74.84 -50.99 53.25
C VAL BA 160 -74.30 -50.38 54.54
N ARG BA 161 -73.52 -49.31 54.41
CA ARG BA 161 -72.86 -48.71 55.57
C ARG BA 161 -73.87 -48.26 56.62
N GLY BA 162 -75.04 -47.79 56.20
CA GLY BA 162 -76.11 -47.51 57.15
C GLY BA 162 -76.64 -48.73 57.86
N ILE BA 163 -76.44 -49.92 57.29
CA ILE BA 163 -77.03 -51.13 57.82
C ILE BA 163 -76.35 -51.57 59.11
N GLU BA 164 -75.02 -51.52 59.16
CA GLU BA 164 -74.31 -51.93 60.37
C GLU BA 164 -74.85 -51.19 61.60
N GLY BA 165 -75.12 -49.90 61.46
CA GLY BA 165 -75.69 -49.16 62.57
C GLY BA 165 -77.02 -49.72 63.03
N LEU BA 166 -77.82 -50.23 62.09
CA LEU BA 166 -79.07 -50.89 62.46
C LEU BA 166 -78.79 -52.19 63.21
N ALA BA 167 -78.04 -53.10 62.59
CA ALA BA 167 -77.74 -54.38 63.21
C ALA BA 167 -76.99 -54.19 64.52
N ALA BA 168 -76.09 -53.20 64.59
CA ALA BA 168 -75.33 -52.98 65.81
C ALA BA 168 -76.26 -52.60 66.96
N ARG BA 169 -77.15 -51.64 66.74
CA ARG BA 169 -78.13 -51.29 67.77
C ARG BA 169 -79.05 -52.48 68.05
N GLU BA 170 -79.44 -53.20 67.00
CA GLU BA 170 -80.19 -54.44 67.17
C GLU BA 170 -79.32 -55.54 67.78
N TYR BA 171 -78.00 -55.45 67.62
CA TYR BA 171 -77.09 -56.47 68.15
C TYR BA 171 -76.80 -56.24 69.63
N PHE BA 172 -76.64 -54.98 70.05
CA PHE BA 172 -76.34 -54.68 71.44
C PHE BA 172 -77.60 -54.54 72.29
N ALA BA 173 -78.73 -54.16 71.70
CA ALA BA 173 -79.95 -54.05 72.49
C ALA BA 173 -80.49 -55.40 72.90
N SER BA 174 -80.02 -56.49 72.28
CA SER BA 174 -80.42 -57.82 72.69
C SER BA 174 -79.48 -58.39 73.75
N TRP BA 175 -78.62 -57.55 74.33
CA TRP BA 175 -77.69 -57.93 75.37
C TRP BA 175 -78.24 -57.58 76.74
N GLN BA 176 -78.81 -56.38 76.85
CA GLN BA 176 -79.48 -55.95 78.07
C GLN BA 176 -80.37 -57.08 78.58
N GLU BA 177 -81.14 -57.70 77.68
CA GLU BA 177 -81.90 -58.89 78.04
C GLU BA 177 -80.98 -60.08 78.31
N MET BA 178 -79.83 -60.12 77.66
CA MET BA 178 -78.94 -61.28 77.67
C MET BA 178 -77.97 -61.31 78.84
N LEU BA 179 -77.65 -60.16 79.42
CA LEU BA 179 -76.72 -60.13 80.55
C LEU BA 179 -77.43 -60.45 81.85
N GLY BA 180 -78.46 -59.68 82.17
CA GLY BA 180 -79.14 -59.79 83.45
C GLY BA 180 -79.24 -58.44 84.11
N HIS BA 181 -79.35 -58.43 85.43
CA HIS BA 181 -79.55 -57.19 86.17
C HIS BA 181 -78.27 -56.67 86.80
N GLU BA 182 -77.25 -57.52 86.97
CA GLU BA 182 -76.03 -57.08 87.65
C GLU BA 182 -75.33 -56.00 86.85
N TRP BA 183 -75.41 -56.05 85.52
CA TRP BA 183 -74.77 -55.07 84.65
C TRP BA 183 -75.82 -54.36 83.83
N THR BA 184 -75.44 -53.23 83.24
CA THR BA 184 -76.35 -52.42 82.45
C THR BA 184 -75.71 -52.09 81.11
N PHE BA 185 -76.48 -52.23 80.03
CA PHE BA 185 -76.00 -51.88 78.69
C PHE BA 185 -77.18 -51.42 77.86
N THR BA 186 -77.11 -50.18 77.36
CA THR BA 186 -78.13 -49.66 76.44
C THR BA 186 -77.67 -49.58 75.00
N GLY BA 187 -76.42 -49.17 74.73
CA GLY BA 187 -75.92 -49.07 73.38
C GLY BA 187 -74.40 -49.06 73.41
N ARG BA 188 -73.80 -49.02 72.23
CA ARG BA 188 -72.34 -49.03 72.17
C ARG BA 188 -71.82 -47.62 72.38
N PHE BA 189 -70.95 -47.47 73.38
CA PHE BA 189 -70.35 -46.21 73.77
C PHE BA 189 -68.84 -46.39 73.69
N ARG BA 190 -68.25 -46.17 72.52
CA ARG BA 190 -66.80 -46.26 72.39
C ARG BA 190 -66.20 -45.12 73.22
N ARG BA 191 -64.89 -44.95 73.13
CA ARG BA 191 -64.16 -43.91 73.87
C ARG BA 191 -64.95 -42.61 73.91
N PRO BA 192 -65.31 -42.11 75.11
CA PRO BA 192 -65.27 -42.71 76.45
C PRO BA 192 -66.41 -43.70 76.70
N PRO BA 193 -66.18 -44.74 77.48
CA PRO BA 193 -67.28 -45.65 77.80
C PRO BA 193 -68.22 -45.12 78.88
N THR BA 194 -67.66 -44.84 80.07
CA THR BA 194 -68.39 -44.36 81.24
C THR BA 194 -69.25 -45.49 81.82
N ASP BA 195 -69.42 -46.56 81.05
CA ASP BA 195 -70.04 -47.84 81.36
C ASP BA 195 -68.95 -48.91 81.35
N PRO BA 196 -68.93 -49.86 82.28
CA PRO BA 196 -67.85 -50.85 82.24
C PRO BA 196 -67.78 -51.63 80.94
N VAL BA 197 -68.88 -52.23 80.50
CA VAL BA 197 -68.84 -53.11 79.33
C VAL BA 197 -68.28 -52.36 78.12
N ASN BA 198 -68.82 -51.18 77.84
CA ASN BA 198 -68.32 -50.38 76.72
C ASN BA 198 -66.80 -50.21 76.77
N ALA BA 199 -66.23 -50.22 77.97
CA ALA BA 199 -64.77 -50.15 78.09
C ALA BA 199 -64.12 -51.47 77.69
N LEU BA 200 -64.75 -52.60 78.03
CA LEU BA 200 -64.17 -53.89 77.70
C LEU BA 200 -64.14 -54.12 76.20
N LEU BA 201 -65.15 -53.63 75.47
CA LEU BA 201 -65.17 -53.77 74.02
C LEU BA 201 -64.12 -52.87 73.37
N SER BA 202 -64.12 -51.58 73.71
CA SER BA 202 -63.04 -50.71 73.27
C SER BA 202 -61.69 -51.30 73.64
N PHE BA 203 -61.64 -52.04 74.76
CA PHE BA 203 -60.44 -52.77 75.13
C PHE BA 203 -60.30 -54.03 74.29
N GLY BA 204 -61.33 -54.89 74.28
CA GLY BA 204 -61.22 -56.14 73.56
C GLY BA 204 -61.05 -55.97 72.06
N TYR BA 205 -61.90 -55.12 71.46
CA TYR BA 205 -61.68 -54.79 70.05
C TYR BA 205 -60.28 -54.23 69.83
N GLY BA 206 -59.67 -53.67 70.88
CA GLY BA 206 -58.34 -53.10 70.79
C GLY BA 206 -57.23 -54.14 70.75
N LEU BA 207 -57.32 -55.17 71.60
CA LEU BA 207 -56.30 -56.21 71.53
C LEU BA 207 -56.44 -57.04 70.28
N LEU BA 208 -57.54 -56.88 69.53
CA LEU BA 208 -57.71 -57.51 68.23
C LEU BA 208 -56.91 -56.76 67.17
N ARG BA 209 -56.82 -55.44 67.29
CA ARG BA 209 -56.00 -54.64 66.40
C ARG BA 209 -54.56 -55.16 66.36
N THR BA 210 -54.08 -55.71 67.47
CA THR BA 210 -52.68 -56.14 67.55
C THR BA 210 -52.41 -57.33 66.62
N GLN BA 211 -53.23 -58.37 66.69
CA GLN BA 211 -52.98 -59.55 65.87
C GLN BA 211 -53.31 -59.29 64.41
N VAL BA 212 -54.23 -58.37 64.14
CA VAL BA 212 -54.53 -57.98 62.77
C VAL BA 212 -53.41 -57.06 62.27
N THR BA 213 -52.96 -56.15 63.14
CA THR BA 213 -51.83 -55.29 62.81
C THR BA 213 -50.63 -56.11 62.34
N ALA BA 214 -50.58 -57.40 62.67
CA ALA BA 214 -49.52 -58.29 62.23
C ALA BA 214 -49.83 -58.96 60.89
N ALA BA 215 -51.04 -59.52 60.76
CA ALA BA 215 -51.37 -60.29 59.56
C ALA BA 215 -51.18 -59.46 58.29
N VAL BA 216 -51.53 -58.16 58.34
CA VAL BA 216 -51.42 -57.34 57.14
C VAL BA 216 -49.95 -57.19 56.73
N HIS BA 217 -49.08 -56.90 57.69
CA HIS BA 217 -47.66 -56.80 57.39
C HIS BA 217 -47.08 -58.13 56.92
N ILE BA 218 -47.75 -59.24 57.22
CA ILE BA 218 -47.35 -60.52 56.67
C ILE BA 218 -47.75 -60.60 55.21
N ALA BA 219 -48.96 -60.14 54.89
CA ALA BA 219 -49.44 -60.11 53.51
C ALA BA 219 -48.83 -58.96 52.71
N GLY BA 220 -48.08 -58.07 53.36
CA GLY BA 220 -47.49 -56.93 52.69
C GLY BA 220 -48.45 -55.84 52.29
N LEU BA 221 -49.69 -55.89 52.78
CA LEU BA 221 -50.70 -54.91 52.45
C LEU BA 221 -50.49 -53.62 53.22
N ASP BA 222 -51.05 -52.52 52.68
CA ASP BA 222 -51.06 -51.25 53.37
C ASP BA 222 -52.29 -51.21 54.27
N PRO BA 223 -52.14 -51.29 55.60
CA PRO BA 223 -53.34 -51.29 56.45
C PRO BA 223 -54.15 -50.02 56.30
N TYR BA 224 -53.49 -48.91 55.99
CA TYR BA 224 -54.10 -47.60 55.92
C TYR BA 224 -54.90 -47.39 54.65
N ILE BA 225 -54.94 -48.39 53.77
CA ILE BA 225 -55.76 -48.36 52.56
C ILE BA 225 -56.80 -49.47 52.71
N GLY BA 226 -58.05 -49.07 52.85
CA GLY BA 226 -59.12 -50.03 53.00
C GLY BA 226 -60.19 -49.86 51.94
N PHE BA 227 -61.26 -50.62 52.07
CA PHE BA 227 -62.38 -50.60 51.14
C PHE BA 227 -63.68 -50.15 51.77
N LEU BA 228 -63.87 -50.40 53.07
CA LEU BA 228 -65.01 -49.89 53.81
C LEU BA 228 -64.67 -48.60 54.56
N HIS BA 229 -63.68 -48.66 55.45
CA HIS BA 229 -63.27 -47.51 56.25
C HIS BA 229 -62.47 -46.53 55.38
N GLU BA 230 -63.06 -45.38 55.06
CA GLU BA 230 -62.34 -44.40 54.25
C GLU BA 230 -61.05 -43.97 54.93
N THR BA 231 -59.96 -43.99 54.17
CA THR BA 231 -58.60 -43.84 54.68
C THR BA 231 -58.25 -42.39 54.99
N THR BA 232 -58.33 -42.01 56.26
CA THR BA 232 -57.87 -40.71 56.73
C THR BA 232 -57.04 -40.88 58.00
N ARG BA 233 -56.47 -39.77 58.45
CA ARG BA 233 -55.78 -39.71 59.73
C ARG BA 233 -54.74 -40.81 59.88
N GLY BA 234 -54.36 -41.45 58.80
CA GLY BA 234 -53.57 -42.65 58.98
C GLY BA 234 -54.38 -43.73 59.66
N GLN BA 235 -55.66 -43.84 59.34
CA GLN BA 235 -56.50 -44.85 59.95
C GLN BA 235 -56.27 -46.17 59.22
N PRO BA 236 -55.92 -47.26 59.94
CA PRO BA 236 -55.63 -48.53 59.26
C PRO BA 236 -56.87 -49.19 58.67
N ALA BA 237 -57.49 -48.56 57.67
CA ALA BA 237 -58.77 -49.02 57.18
C ALA BA 237 -58.71 -50.48 56.70
N MET BA 238 -57.59 -50.89 56.13
CA MET BA 238 -57.48 -52.28 55.69
C MET BA 238 -57.57 -53.26 56.86
N ILE BA 239 -57.18 -52.82 58.07
CA ILE BA 239 -57.38 -53.64 59.25
C ILE BA 239 -58.84 -53.60 59.71
N LEU BA 240 -59.38 -52.40 59.89
CA LEU BA 240 -60.70 -52.27 60.48
C LEU BA 240 -61.75 -53.01 59.66
N ASP BA 241 -61.59 -53.04 58.33
CA ASP BA 241 -62.50 -53.82 57.50
C ASP BA 241 -62.56 -55.27 57.97
N LEU BA 242 -61.43 -55.83 58.42
CA LEU BA 242 -61.41 -57.20 58.88
C LEU BA 242 -61.91 -57.35 60.31
N MET BA 243 -61.54 -56.40 61.19
CA MET BA 243 -61.91 -56.54 62.59
C MET BA 243 -63.42 -56.71 62.74
N GLU BA 244 -64.21 -56.23 61.78
CA GLU BA 244 -65.65 -56.29 61.90
C GLU BA 244 -66.14 -57.74 61.95
N GLU BA 245 -65.66 -58.58 61.02
CA GLU BA 245 -66.08 -59.98 61.01
C GLU BA 245 -65.61 -60.73 62.26
N PHE BA 246 -64.64 -60.18 62.99
CA PHE BA 246 -64.11 -60.83 64.19
C PHE BA 246 -64.52 -60.14 65.49
N ARG BA 247 -64.98 -58.88 65.41
CA ARG BA 247 -65.44 -58.20 66.62
C ARG BA 247 -66.53 -58.99 67.32
N ALA BA 248 -67.39 -59.67 66.56
CA ALA BA 248 -68.59 -60.29 67.09
C ALA BA 248 -68.35 -61.69 67.65
N LEU BA 249 -67.23 -62.33 67.33
CA LEU BA 249 -67.01 -63.73 67.68
C LEU BA 249 -65.90 -63.94 68.69
N VAL BA 250 -64.94 -63.02 68.77
CA VAL BA 250 -63.79 -63.15 69.66
C VAL BA 250 -63.84 -62.13 70.79
N ALA BA 251 -64.03 -60.85 70.44
CA ALA BA 251 -64.12 -59.84 71.49
C ALA BA 251 -65.47 -59.85 72.19
N ASP BA 252 -66.54 -60.20 71.47
CA ASP BA 252 -67.86 -60.26 72.09
C ASP BA 252 -68.14 -61.61 72.76
N SER BA 253 -67.53 -62.69 72.25
CA SER BA 253 -67.69 -63.99 72.90
C SER BA 253 -66.79 -64.15 74.12
N VAL BA 254 -65.60 -63.55 74.11
CA VAL BA 254 -64.71 -63.69 75.26
C VAL BA 254 -65.33 -63.03 76.48
N VAL BA 255 -65.80 -61.79 76.32
CA VAL BA 255 -66.36 -61.06 77.46
C VAL BA 255 -67.57 -61.79 78.03
N LEU BA 256 -68.52 -62.16 77.16
CA LEU BA 256 -69.72 -62.86 77.61
C LEU BA 256 -69.42 -64.28 78.08
N THR BA 257 -68.23 -64.80 77.79
CA THR BA 257 -67.83 -66.11 78.29
C THR BA 257 -67.32 -66.05 79.72
N VAL BA 258 -66.80 -64.91 80.14
CA VAL BA 258 -66.24 -64.77 81.49
C VAL BA 258 -67.16 -64.03 82.46
N LEU BA 259 -68.05 -63.17 81.97
CA LEU BA 259 -68.94 -62.43 82.85
C LEU BA 259 -70.14 -63.25 83.31
N LYS BA 260 -70.17 -64.54 83.00
CA LYS BA 260 -71.10 -65.45 83.63
C LYS BA 260 -70.42 -66.29 84.70
N GLN BA 261 -69.17 -65.97 85.04
CA GLN BA 261 -68.46 -66.71 86.07
C GLN BA 261 -67.84 -65.89 87.18
N ARG BA 262 -66.92 -64.97 86.82
CA ARG BA 262 -66.05 -64.40 87.83
C ARG BA 262 -65.96 -62.88 87.96
N GLU BA 263 -65.76 -62.16 86.86
CA GLU BA 263 -65.53 -60.72 86.95
C GLU BA 263 -66.77 -59.98 87.44
N ILE BA 264 -66.55 -59.01 88.32
CA ILE BA 264 -67.61 -58.23 88.95
C ILE BA 264 -67.18 -56.76 88.93
N GLN BA 265 -68.14 -55.87 89.18
CA GLN BA 265 -67.84 -54.45 89.26
C GLN BA 265 -66.73 -54.15 90.26
N ARG BA 266 -66.46 -55.07 91.20
CA ARG BA 266 -65.34 -54.88 92.12
C ARG BA 266 -64.01 -54.88 91.39
N GLN BA 267 -63.99 -55.34 90.14
CA GLN BA 267 -62.77 -55.45 89.34
C GLN BA 267 -62.73 -54.39 88.25
N ASP BA 268 -63.87 -53.79 87.96
CA ASP BA 268 -63.97 -52.61 87.11
C ASP BA 268 -63.89 -51.41 88.04
N PHE BA 269 -62.91 -50.53 87.83
CA PHE BA 269 -62.78 -49.39 88.72
C PHE BA 269 -63.92 -48.41 88.42
N THR BA 270 -64.46 -47.80 89.48
CA THR BA 270 -65.58 -46.89 89.31
C THR BA 270 -65.07 -45.51 88.90
N GLU BA 271 -66.01 -44.64 88.53
CA GLU BA 271 -65.62 -43.32 88.06
C GLU BA 271 -64.64 -42.69 89.05
N SER BA 272 -63.39 -42.54 88.61
CA SER BA 272 -62.43 -41.78 89.41
C SER BA 272 -62.73 -40.30 89.30
N LEU BA 273 -62.63 -39.77 88.08
CA LEU BA 273 -63.34 -38.56 87.67
C LEU BA 273 -64.27 -38.88 86.51
N GLY BA 274 -63.76 -39.45 85.42
CA GLY BA 274 -64.58 -39.96 84.35
C GLY BA 274 -64.31 -41.39 83.93
N ALA BA 275 -63.08 -41.85 84.15
CA ALA BA 275 -62.57 -43.02 83.47
C ALA BA 275 -63.14 -44.31 84.05
N PHE BA 276 -63.18 -45.36 83.19
CA PHE BA 276 -63.42 -46.73 83.64
C PHE BA 276 -62.33 -47.63 83.05
N ARG BA 277 -61.19 -47.62 83.71
CA ARG BA 277 -60.10 -48.55 83.48
C ARG BA 277 -60.29 -49.75 84.41
N LEU BA 278 -59.49 -50.78 84.19
CA LEU BA 278 -59.53 -51.96 85.05
C LEU BA 278 -58.47 -51.85 86.15
N THR BA 279 -58.56 -52.76 87.12
CA THR BA 279 -57.49 -52.93 88.08
C THR BA 279 -56.43 -53.85 87.46
N ASP BA 280 -55.18 -53.64 87.87
CA ASP BA 280 -54.08 -54.41 87.28
C ASP BA 280 -54.16 -55.90 87.54
N SER BA 281 -54.99 -56.36 88.49
CA SER BA 281 -55.12 -57.78 88.75
C SER BA 281 -56.29 -58.40 88.00
N ALA BA 282 -57.19 -57.59 87.45
CA ALA BA 282 -58.23 -58.06 86.54
C ALA BA 282 -57.82 -57.99 85.08
N THR BA 283 -57.03 -56.98 84.70
CA THR BA 283 -56.50 -56.91 83.34
C THR BA 283 -55.77 -58.19 82.97
N LYS BA 284 -55.04 -58.77 83.92
CA LYS BA 284 -54.26 -59.97 83.65
C LYS BA 284 -55.13 -61.21 83.49
N THR BA 285 -56.35 -61.19 84.02
CA THR BA 285 -57.28 -62.29 83.84
C THR BA 285 -57.97 -62.22 82.48
N PHE BA 286 -58.13 -61.01 81.93
CA PHE BA 286 -58.74 -60.84 80.62
C PHE BA 286 -58.11 -61.81 79.63
N LEU BA 287 -56.78 -61.93 79.68
CA LEU BA 287 -56.05 -62.74 78.71
C LEU BA 287 -56.24 -64.23 78.94
N GLY BA 288 -56.42 -64.66 80.20
CA GLY BA 288 -56.50 -66.08 80.47
C GLY BA 288 -57.50 -66.82 79.60
N ALA BA 289 -58.71 -66.28 79.48
CA ALA BA 289 -59.66 -66.83 78.53
C ALA BA 289 -59.36 -66.37 77.11
N PHE BA 290 -58.74 -65.20 76.97
CA PHE BA 290 -58.51 -64.64 75.64
C PHE BA 290 -57.53 -65.49 74.83
N ASP BA 291 -56.35 -65.76 75.40
CA ASP BA 291 -55.40 -66.64 74.71
C ASP BA 291 -55.89 -68.07 74.72
N ARG BA 292 -56.67 -68.44 75.73
CA ARG BA 292 -57.36 -69.73 75.73
C ARG BA 292 -58.23 -69.86 74.48
N LYS BA 293 -58.99 -68.81 74.17
CA LYS BA 293 -59.83 -68.83 72.97
C LYS BA 293 -59.01 -68.97 71.71
N LEU BA 294 -57.87 -68.28 71.62
CA LEU BA 294 -57.06 -68.31 70.41
C LEU BA 294 -56.31 -69.62 70.24
N SER BA 295 -56.62 -70.63 71.05
CA SER BA 295 -55.98 -71.94 70.93
C SER BA 295 -56.97 -73.04 70.60
N SER BA 296 -58.09 -72.71 69.95
CA SER BA 296 -59.11 -73.72 69.72
C SER BA 296 -59.97 -73.36 68.52
N GLU BA 297 -60.47 -74.39 67.83
CA GLU BA 297 -61.51 -74.28 66.79
C GLU BA 297 -61.65 -75.64 66.11
N PHE BA 298 -62.70 -75.83 65.29
CA PHE BA 298 -62.70 -77.02 64.43
C PHE BA 298 -62.32 -76.63 63.00
N LYS BA 299 -63.30 -76.08 62.27
CA LYS BA 299 -63.10 -75.46 60.95
C LYS BA 299 -64.45 -75.25 60.26
N HIS BA 300 -64.44 -74.58 59.12
CA HIS BA 300 -65.63 -74.41 58.27
C HIS BA 300 -65.38 -73.32 57.23
N PHE BA 303 -65.54 -76.77 55.57
CA PHE BA 303 -64.63 -77.90 55.39
C PHE BA 303 -63.82 -78.15 56.66
N ASN BA 304 -63.86 -79.39 57.14
CA ASN BA 304 -63.09 -79.78 58.33
C ASN BA 304 -61.60 -79.53 58.12
N TYR BA 305 -61.01 -78.72 58.99
CA TYR BA 305 -59.57 -78.45 58.93
C TYR BA 305 -59.05 -77.74 60.16
N LYS BA 306 -58.02 -78.30 60.79
CA LYS BA 306 -57.43 -77.70 61.99
C LYS BA 306 -57.09 -76.24 61.74
N CYS BA 307 -57.56 -75.36 62.63
CA CYS BA 307 -57.22 -73.94 62.57
C CYS BA 307 -57.44 -73.30 63.93
N THR BA 308 -56.42 -72.64 64.47
CA THR BA 308 -56.66 -71.81 65.63
C THR BA 308 -57.43 -70.55 65.21
N TYR BA 309 -58.07 -69.90 66.18
CA TYR BA 309 -58.63 -68.58 65.88
C TYR BA 309 -57.48 -67.66 65.46
N ARG BA 310 -56.40 -67.68 66.24
CA ARG BA 310 -55.22 -66.88 65.93
C ARG BA 310 -54.73 -67.10 64.51
N ARG BA 311 -54.71 -68.36 64.06
CA ARG BA 311 -54.17 -68.65 62.73
C ARG BA 311 -55.19 -68.41 61.63
N ALA BA 312 -56.45 -68.79 61.86
CA ALA BA 312 -57.49 -68.60 60.85
C ALA BA 312 -57.47 -67.19 60.28
N ILE BA 313 -57.04 -66.22 61.08
CA ILE BA 313 -57.01 -64.83 60.66
C ILE BA 313 -55.98 -64.63 59.56
N GLU BA 314 -54.76 -65.10 59.79
CA GLU BA 314 -53.70 -65.07 58.78
C GLU BA 314 -54.24 -65.52 57.42
N LEU BA 315 -55.16 -66.49 57.43
CA LEU BA 315 -55.72 -66.97 56.17
C LEU BA 315 -56.61 -65.93 55.53
N GLN BA 316 -57.60 -65.43 56.28
CA GLN BA 316 -58.51 -64.42 55.74
C GLN BA 316 -57.71 -63.28 55.10
N ALA BA 317 -56.60 -62.90 55.72
CA ALA BA 317 -55.73 -61.89 55.13
C ALA BA 317 -55.09 -62.41 53.83
N ARG BA 318 -54.44 -63.58 53.89
CA ARG BA 318 -53.80 -64.13 52.70
C ARG BA 318 -54.80 -64.41 51.58
N LEU BA 319 -55.96 -64.98 51.92
CA LEU BA 319 -56.99 -65.19 50.92
C LEU BA 319 -57.34 -63.90 50.20
N LEU BA 320 -57.38 -62.79 50.94
CA LEU BA 320 -57.73 -61.52 50.31
C LEU BA 320 -56.68 -61.10 49.29
N ALA BA 321 -55.40 -61.23 49.65
CA ALA BA 321 -54.34 -60.95 48.68
C ALA BA 321 -54.55 -61.76 47.41
N ARG BA 322 -54.83 -63.06 47.56
CA ARG BA 322 -55.08 -63.92 46.40
C ARG BA 322 -56.39 -63.54 45.71
N HIS BA 323 -57.38 -63.08 46.46
CA HIS BA 323 -58.55 -62.49 45.82
C HIS BA 323 -58.15 -61.33 44.92
N LEU BA 324 -57.06 -60.66 45.26
CA LEU BA 324 -56.56 -59.47 44.61
C LEU BA 324 -55.44 -59.77 43.63
N GLN BA 325 -54.59 -60.73 43.98
CA GLN BA 325 -53.44 -61.14 43.19
C GLN BA 325 -53.77 -62.30 42.26
N GLU BA 326 -54.61 -63.23 42.73
CA GLU BA 326 -54.98 -64.42 41.99
C GLU BA 326 -56.44 -64.45 41.57
N GLY BA 327 -57.26 -63.50 42.04
CA GLY BA 327 -58.65 -63.42 41.63
C GLY BA 327 -59.61 -64.37 42.31
N VAL BA 328 -59.25 -64.92 43.46
CA VAL BA 328 -60.11 -65.86 44.17
C VAL BA 328 -61.24 -65.10 44.85
N VAL BA 329 -62.27 -65.82 45.30
CA VAL BA 329 -63.33 -65.23 46.12
C VAL BA 329 -62.84 -65.05 47.55
N TYR BA 330 -63.46 -64.11 48.25
CA TYR BA 330 -63.24 -63.93 49.68
C TYR BA 330 -64.54 -64.30 50.41
N GLU BA 331 -64.69 -65.57 50.73
CA GLU BA 331 -65.84 -66.04 51.51
C GLU BA 331 -65.50 -65.94 52.99
N PRO BA 332 -66.08 -65.00 53.73
CA PRO BA 332 -65.66 -64.80 55.12
C PRO BA 332 -65.96 -65.96 56.05
N LEU BA 333 -65.53 -65.83 57.29
CA LEU BA 333 -65.61 -66.89 58.29
C LEU BA 333 -66.90 -66.83 59.10
N VAL BA 334 -67.54 -67.98 59.28
CA VAL BA 334 -68.75 -68.12 60.08
C VAL BA 334 -68.57 -69.31 61.02
N ILE BA 335 -68.96 -69.11 62.28
CA ILE BA 335 -68.74 -70.07 63.36
C ILE BA 335 -67.69 -71.13 63.05
N MET CA 12 -10.84 -20.27 80.57
CA MET CA 12 -9.63 -20.42 81.36
C MET CA 12 -9.88 -21.33 82.57
N LEU CA 13 -11.06 -21.94 82.61
CA LEU CA 13 -11.38 -22.93 83.65
C LEU CA 13 -10.80 -24.26 83.20
N TYR CA 14 -9.66 -24.64 83.76
CA TYR CA 14 -8.98 -25.88 83.36
C TYR CA 14 -9.47 -27.00 84.27
N LEU CA 15 -10.17 -27.96 83.67
CA LEU CA 15 -10.64 -29.16 84.34
C LEU CA 15 -9.74 -30.33 83.96
N ILE CA 16 -9.43 -31.18 84.94
CA ILE CA 16 -8.43 -32.22 84.76
C ILE CA 16 -8.93 -33.54 85.33
N ILE CA 17 -8.40 -34.63 84.77
CA ILE CA 17 -8.77 -35.98 85.14
C ILE CA 17 -7.50 -36.81 85.30
N TYR CA 18 -7.56 -37.79 86.19
CA TYR CA 18 -6.53 -38.81 86.27
C TYR CA 18 -7.17 -40.09 86.79
N ASP CA 19 -6.92 -41.20 86.12
CA ASP CA 19 -7.32 -42.51 86.59
C ASP CA 19 -6.16 -43.45 86.28
N VAL CA 20 -5.43 -43.84 87.32
CA VAL CA 20 -4.08 -44.39 87.18
C VAL CA 20 -3.98 -45.67 87.99
N PRO CA 21 -3.15 -46.63 87.56
CA PRO CA 21 -3.22 -47.98 88.15
C PRO CA 21 -2.91 -48.08 89.64
N ALA CA 22 -3.01 -49.30 90.15
CA ALA CA 22 -2.84 -49.58 91.57
C ALA CA 22 -1.42 -50.02 91.92
N THR CA 23 -0.44 -49.73 91.07
CA THR CA 23 0.95 -49.99 91.44
C THR CA 23 1.40 -48.90 92.40
N LYS CA 24 2.05 -49.30 93.50
CA LYS CA 24 2.56 -48.33 94.46
C LYS CA 24 3.62 -47.41 93.87
N ALA CA 25 4.12 -47.71 92.67
CA ALA CA 25 5.04 -46.82 91.97
C ALA CA 25 4.32 -45.76 91.15
N GLY CA 26 3.02 -45.92 90.95
CA GLY CA 26 2.20 -44.92 90.28
C GLY CA 26 1.24 -44.34 91.28
N ASN CA 27 0.84 -45.17 92.26
CA ASN CA 27 0.07 -44.69 93.38
C ASN CA 27 0.76 -43.52 94.06
N LYS CA 28 2.09 -43.58 94.19
CA LYS CA 28 2.84 -42.41 94.61
C LYS CA 28 2.58 -41.24 93.66
N ARG CA 29 2.75 -41.49 92.37
CA ARG CA 29 2.53 -40.43 91.38
C ARG CA 29 1.09 -39.94 91.43
N ARG CA 30 0.14 -40.84 91.69
CA ARG CA 30 -1.24 -40.43 91.91
C ARG CA 30 -1.36 -39.59 93.19
N THR CA 31 -0.96 -40.17 94.33
CA THR CA 31 -1.15 -39.48 95.60
C THR CA 31 -0.31 -38.22 95.68
N ARG CA 32 0.86 -38.20 95.02
CA ARG CA 32 1.61 -36.96 94.89
C ARG CA 32 0.85 -35.96 94.03
N LEU CA 33 0.11 -36.46 93.04
CA LEU CA 33 -0.64 -35.58 92.16
C LEU CA 33 -1.81 -34.92 92.90
N PHE CA 34 -2.47 -35.66 93.80
CA PHE CA 34 -3.51 -35.06 94.62
C PHE CA 34 -2.97 -33.90 95.44
N ASP CA 35 -1.82 -34.10 96.10
CA ASP CA 35 -1.17 -33.01 96.82
C ASP CA 35 -0.83 -31.85 95.91
N LEU CA 36 -0.67 -32.10 94.61
CA LEU CA 36 -0.37 -31.03 93.66
C LEU CA 36 -1.63 -30.24 93.33
N LEU CA 37 -2.63 -30.92 92.77
CA LEU CA 37 -3.83 -30.25 92.29
C LEU CA 37 -4.51 -29.48 93.40
N SER CA 38 -4.40 -29.97 94.65
CA SER CA 38 -4.84 -29.17 95.79
C SER CA 38 -4.12 -27.83 95.83
N GLY CA 39 -2.98 -27.71 95.15
CA GLY CA 39 -2.24 -26.46 95.08
C GLY CA 39 -2.62 -25.52 93.97
N TYR CA 40 -3.18 -26.04 92.87
CA TYR CA 40 -3.58 -25.21 91.75
C TYR CA 40 -5.08 -25.04 91.61
N GLY CA 41 -5.88 -25.90 92.20
CA GLY CA 41 -7.32 -25.81 92.03
C GLY CA 41 -8.08 -26.59 93.07
N LYS CA 42 -9.37 -26.75 92.83
CA LYS CA 42 -10.29 -27.36 93.78
C LYS CA 42 -10.60 -28.79 93.37
N TRP CA 43 -11.10 -29.55 94.35
CA TRP CA 43 -11.45 -30.95 94.19
C TRP CA 43 -12.97 -31.05 94.08
N ARG CA 44 -13.43 -31.85 93.11
CA ARG CA 44 -14.85 -32.14 92.96
C ARG CA 44 -15.14 -33.63 93.08
N GLN CA 45 -14.37 -34.48 92.44
CA GLN CA 45 -14.51 -35.92 92.55
C GLN CA 45 -13.12 -36.54 92.69
N PHE CA 46 -13.10 -37.81 93.04
CA PHE CA 46 -11.85 -38.50 93.36
C PHE CA 46 -10.82 -38.29 92.27
N SER CA 47 -11.21 -38.50 91.02
CA SER CA 47 -10.32 -38.35 89.87
C SER CA 47 -10.54 -37.03 89.15
N VAL CA 48 -10.90 -35.97 89.88
CA VAL CA 48 -11.40 -34.74 89.28
C VAL CA 48 -10.89 -33.56 90.09
N PHE CA 49 -10.40 -32.53 89.39
CA PHE CA 49 -10.13 -31.24 89.99
C PHE CA 49 -10.60 -30.13 89.06
N GLU CA 50 -11.05 -29.03 89.65
CA GLU CA 50 -11.42 -27.83 88.92
C GLU CA 50 -10.41 -26.73 89.21
N CYS CA 51 -9.68 -26.31 88.19
CA CYS CA 51 -8.62 -25.31 88.33
C CYS CA 51 -8.99 -24.11 87.45
N PHE CA 52 -9.51 -23.04 88.04
CA PHE CA 52 -9.67 -21.79 87.31
C PHE CA 52 -8.45 -20.92 87.57
N LEU CA 53 -7.81 -20.46 86.50
CA LEU CA 53 -6.52 -19.80 86.65
C LEU CA 53 -6.07 -19.28 85.30
N SER CA 54 -4.96 -18.55 85.32
CA SER CA 54 -4.38 -17.93 84.14
C SER CA 54 -3.39 -18.88 83.47
N VAL CA 55 -2.62 -18.36 82.52
CA VAL CA 55 -1.73 -19.18 81.71
C VAL CA 55 -0.38 -19.37 82.39
N LYS CA 56 0.27 -18.27 82.79
CA LYS CA 56 1.57 -18.39 83.44
C LYS CA 56 1.54 -19.44 84.54
N GLN CA 57 0.41 -19.54 85.24
CA GLN CA 57 0.21 -20.58 86.24
C GLN CA 57 0.10 -21.96 85.61
N PHE CA 58 -0.23 -22.03 84.32
CA PHE CA 58 -0.38 -23.31 83.64
C PHE CA 58 0.97 -23.94 83.34
N ALA CA 59 1.84 -23.22 82.62
CA ALA CA 59 3.15 -23.77 82.31
C ALA CA 59 3.91 -24.12 83.57
N LYS CA 60 3.68 -23.37 84.66
CA LYS CA 60 4.17 -23.78 85.96
C LYS CA 60 3.63 -25.13 86.36
N LEU CA 61 2.50 -25.54 85.77
CA LEU CA 61 1.87 -26.83 86.05
C LEU CA 61 2.16 -27.86 84.97
N GLN CA 62 1.81 -27.55 83.71
CA GLN CA 62 2.07 -28.49 82.62
C GLN CA 62 3.50 -28.99 82.64
N THR CA 63 4.46 -28.08 82.83
CA THR CA 63 5.87 -28.47 82.92
C THR CA 63 6.12 -29.34 84.14
N ALA CA 64 5.18 -29.37 85.10
CA ALA CA 64 5.28 -30.24 86.25
C ALA CA 64 4.81 -31.65 85.91
N MET CA 65 3.99 -31.78 84.86
CA MET CA 65 3.45 -33.06 84.43
C MET CA 65 4.40 -33.76 83.46
N GLU CA 66 4.76 -33.08 82.37
CA GLU CA 66 5.74 -33.61 81.42
C GLU CA 66 7.04 -34.04 82.09
N LYS CA 67 7.33 -33.49 83.27
CA LYS CA 67 8.55 -33.83 84.01
C LYS CA 67 8.33 -34.98 84.99
N LEU CA 68 7.13 -35.56 85.03
CA LEU CA 68 6.79 -36.46 86.12
C LEU CA 68 6.09 -37.76 85.74
N ILE CA 69 5.59 -37.92 84.52
CA ILE CA 69 4.63 -38.98 84.22
C ILE CA 69 5.27 -40.09 83.42
N LYS CA 70 4.74 -41.31 83.61
CA LYS CA 70 5.01 -42.45 82.73
C LYS CA 70 3.72 -42.63 81.93
N LEU CA 71 3.64 -41.96 80.78
CA LEU CA 71 2.42 -42.02 79.97
C LEU CA 71 2.23 -43.34 79.25
N ASP CA 72 3.27 -44.20 79.20
CA ASP CA 72 3.12 -45.53 78.64
C ASP CA 72 2.22 -46.41 79.50
N GLU CA 73 1.92 -45.98 80.73
CA GLU CA 73 1.12 -46.76 81.67
C GLU CA 73 0.09 -45.91 82.40
N ASP CA 74 -0.05 -44.64 82.08
CA ASP CA 74 -0.90 -43.70 82.78
C ASP CA 74 -2.02 -43.22 81.87
N ALA CA 75 -2.96 -42.48 82.47
CA ALA CA 75 -4.16 -42.04 81.78
C ALA CA 75 -4.59 -40.69 82.33
N VAL CA 76 -4.67 -39.70 81.45
CA VAL CA 76 -5.13 -38.36 81.82
C VAL CA 76 -5.79 -37.72 80.62
N CYS CA 77 -6.78 -36.88 80.88
CA CYS CA 77 -7.43 -36.07 79.86
C CYS CA 77 -7.69 -34.71 80.46
N ILE CA 78 -7.79 -33.70 79.60
CA ILE CA 78 -7.92 -32.31 80.04
C ILE CA 78 -9.00 -31.63 79.22
N TYR CA 79 -9.72 -30.71 79.86
CA TYR CA 79 -10.80 -29.98 79.18
C TYR CA 79 -10.68 -28.51 79.53
N VAL CA 80 -10.96 -27.66 78.53
CA VAL CA 80 -10.81 -26.22 78.65
C VAL CA 80 -12.20 -25.62 78.59
N LEU CA 81 -12.57 -24.88 79.64
CA LEU CA 81 -13.94 -24.44 79.86
C LEU CA 81 -13.95 -22.93 79.99
N ASP CA 82 -14.63 -22.26 79.07
CA ASP CA 82 -14.80 -20.81 79.14
C ASP CA 82 -16.09 -20.48 79.89
N GLU CA 83 -16.16 -19.24 80.40
CA GLU CA 83 -17.27 -18.85 81.24
C GLU CA 83 -18.61 -19.10 80.56
N ASN CA 84 -18.77 -18.56 79.35
CA ASN CA 84 -20.06 -18.66 78.66
C ASN CA 84 -20.42 -20.09 78.29
N THR CA 85 -19.46 -21.02 78.32
CA THR CA 85 -19.78 -22.44 78.24
C THR CA 85 -19.92 -23.06 79.62
N VAL CA 86 -19.47 -22.37 80.67
CA VAL CA 86 -19.65 -22.87 82.03
C VAL CA 86 -21.08 -22.66 82.49
N GLN CA 87 -21.64 -21.48 82.18
CA GLN CA 87 -23.01 -21.15 82.56
C GLN CA 87 -23.96 -22.30 82.23
N ARG CA 88 -23.62 -23.11 81.23
CA ARG CA 88 -24.45 -24.17 80.71
C ARG CA 88 -24.22 -25.50 81.42
N THR CA 89 -23.21 -25.57 82.29
CA THR CA 89 -22.96 -26.76 83.08
C THR CA 89 -24.15 -27.05 83.99
N ILE CA 90 -24.27 -28.31 84.41
CA ILE CA 90 -25.43 -28.76 85.17
C ILE CA 90 -24.97 -29.78 86.21
N THR CA 91 -25.57 -29.71 87.39
CA THR CA 91 -25.25 -30.61 88.49
C THR CA 91 -26.53 -31.05 89.18
N TYR CA 92 -26.43 -32.11 89.95
CA TYR CA 92 -27.57 -32.62 90.71
C TYR CA 92 -27.27 -32.82 92.19
N GLY CA 93 -26.10 -33.33 92.53
CA GLY CA 93 -25.77 -33.66 93.90
C GLY CA 93 -24.68 -32.80 94.50
N THR CA 94 -24.07 -31.95 93.68
CA THR CA 94 -22.96 -31.10 94.09
C THR CA 94 -23.25 -29.63 93.80
N PRO CA 95 -22.52 -28.72 94.45
CA PRO CA 95 -22.69 -27.29 94.17
C PRO CA 95 -22.08 -26.89 92.84
N GLN CA 96 -22.42 -25.68 92.41
CA GLN CA 96 -21.98 -25.15 91.13
C GLN CA 96 -20.58 -24.55 91.21
N PRO CA 97 -19.89 -24.40 90.08
CA PRO CA 97 -18.51 -23.92 90.13
C PRO CA 97 -18.41 -22.47 90.54
N GLU CA 98 -17.27 -22.12 91.14
CA GLU CA 98 -16.95 -20.75 91.53
C GLU CA 98 -15.45 -20.65 91.75
N LYS CA 99 -14.95 -19.41 91.78
CA LYS CA 99 -13.52 -19.14 91.99
C LYS CA 99 -13.38 -17.82 92.74
N PRO CA 100 -13.73 -17.81 94.03
CA PRO CA 100 -13.67 -16.56 94.80
C PRO CA 100 -12.39 -16.34 95.59
N GLY CA 101 -12.31 -15.21 96.28
CA GLY CA 101 -11.40 -15.10 97.41
C GLY CA 101 -11.95 -15.87 98.60
N SER CA 102 -11.05 -16.49 99.36
CA SER CA 102 -11.43 -17.42 100.41
C SER CA 102 -11.33 -16.78 101.79
N ILE CA 103 -12.33 -17.06 102.63
CA ILE CA 103 -12.37 -16.60 104.01
C ILE CA 103 -12.80 -17.74 104.91
N ILE CA 104 -12.26 -17.76 106.13
CA ILE CA 104 -12.69 -18.69 107.16
C ILE CA 104 -12.54 -18.05 108.54
N MET DA 12 -22.40 -29.47 71.11
CA MET DA 12 -23.36 -30.45 71.59
C MET DA 12 -22.68 -31.68 72.18
N LEU DA 13 -21.48 -31.49 72.73
CA LEU DA 13 -20.69 -32.59 73.27
C LEU DA 13 -20.89 -32.66 74.78
N TYR DA 14 -21.69 -33.62 75.20
CA TYR DA 14 -22.08 -33.77 76.60
C TYR DA 14 -21.11 -34.71 77.31
N LEU DA 15 -20.32 -34.17 78.24
CA LEU DA 15 -19.46 -34.96 79.10
C LEU DA 15 -20.02 -34.98 80.52
N ILE DA 16 -19.99 -36.15 81.15
CA ILE DA 16 -20.63 -36.34 82.46
C ILE DA 16 -19.76 -37.21 83.34
N ILE DA 17 -20.03 -37.11 84.65
CA ILE DA 17 -19.25 -37.80 85.69
C ILE DA 17 -20.22 -38.47 86.65
N TYR DA 18 -19.73 -39.50 87.33
CA TYR DA 18 -20.46 -40.09 88.45
C TYR DA 18 -19.48 -40.55 89.52
N ASP DA 19 -19.79 -40.24 90.77
CA ASP DA 19 -19.00 -40.66 91.92
C ASP DA 19 -19.97 -41.10 93.01
N VAL DA 20 -20.08 -42.41 93.23
CA VAL DA 20 -21.21 -42.96 93.99
C VAL DA 20 -20.76 -44.00 95.00
N PRO DA 21 -21.46 -44.09 96.16
CA PRO DA 21 -21.03 -44.99 97.24
C PRO DA 21 -21.12 -46.49 96.99
N ALA DA 22 -20.71 -47.27 98.00
CA ALA DA 22 -20.67 -48.72 97.96
C ALA DA 22 -21.89 -49.38 98.60
N THR DA 23 -23.00 -48.66 98.71
CA THR DA 23 -24.23 -49.26 99.23
C THR DA 23 -24.86 -50.18 98.20
N LYS DA 24 -25.37 -51.33 98.67
CA LYS DA 24 -26.07 -52.23 97.77
C LYS DA 24 -27.27 -51.54 97.11
N ALA DA 25 -27.70 -50.40 97.64
CA ALA DA 25 -28.75 -49.60 97.01
C ALA DA 25 -28.21 -48.58 96.04
N GLY DA 26 -26.91 -48.28 96.08
CA GLY DA 26 -26.32 -47.34 95.14
C GLY DA 26 -25.33 -47.95 94.18
N ASN DA 27 -24.61 -48.98 94.63
CA ASN DA 27 -23.74 -49.72 93.71
C ASN DA 27 -24.53 -50.23 92.52
N LYS DA 28 -25.77 -50.68 92.76
CA LYS DA 28 -26.66 -51.00 91.66
C LYS DA 28 -26.86 -49.79 90.74
N ARG DA 29 -27.12 -48.63 91.33
CA ARG DA 29 -27.35 -47.43 90.52
C ARG DA 29 -26.14 -47.12 89.64
N ARG DA 30 -24.93 -47.36 90.15
CA ARG DA 30 -23.74 -47.24 89.32
C ARG DA 30 -23.78 -48.25 88.17
N THR DA 31 -23.89 -49.53 88.53
CA THR DA 31 -23.78 -50.58 87.52
C THR DA 31 -24.91 -50.49 86.49
N ARG DA 32 -26.09 -50.04 86.91
CA ARG DA 32 -27.15 -49.79 85.95
C ARG DA 32 -26.83 -48.56 85.09
N LEU DA 33 -26.22 -47.54 85.67
CA LEU DA 33 -25.91 -46.33 84.91
C LEU DA 33 -24.78 -46.58 83.92
N PHE DA 34 -23.78 -47.36 84.31
CA PHE DA 34 -22.75 -47.76 83.35
C PHE DA 34 -23.39 -48.53 82.19
N ASP DA 35 -24.32 -49.43 82.50
CA ASP DA 35 -25.08 -50.10 81.45
C ASP DA 35 -25.80 -49.11 80.55
N LEU DA 36 -26.09 -47.92 81.06
CA LEU DA 36 -26.76 -46.88 80.29
C LEU DA 36 -25.81 -46.13 79.37
N LEU DA 37 -24.80 -45.47 79.96
CA LEU DA 37 -23.98 -44.52 79.22
C LEU DA 37 -23.29 -45.14 78.02
N SER DA 38 -22.91 -46.42 78.10
CA SER DA 38 -22.47 -47.11 76.90
C SER DA 38 -23.55 -47.10 75.83
N GLY DA 39 -24.80 -46.84 76.21
CA GLY DA 39 -25.89 -46.76 75.26
C GLY DA 39 -26.06 -45.38 74.67
N TYR DA 40 -25.61 -44.34 75.39
CA TYR DA 40 -25.69 -42.97 74.90
C TYR DA 40 -24.34 -42.40 74.50
N GLY DA 41 -23.23 -42.98 74.95
CA GLY DA 41 -21.94 -42.42 74.62
C GLY DA 41 -20.80 -43.38 74.87
N LYS DA 42 -19.60 -42.83 74.78
CA LYS DA 42 -18.34 -43.58 74.86
C LYS DA 42 -17.70 -43.42 76.23
N TRP DA 43 -16.80 -44.33 76.55
CA TRP DA 43 -16.13 -44.38 77.84
C TRP DA 43 -14.71 -43.83 77.77
N ARG DA 44 -14.34 -43.01 78.76
CA ARG DA 44 -12.97 -42.53 78.90
C ARG DA 44 -12.34 -42.91 80.22
N GLN DA 45 -13.05 -42.72 81.34
CA GLN DA 45 -12.53 -43.08 82.65
C GLN DA 45 -13.60 -43.72 83.51
N PHE DA 46 -13.15 -44.28 84.65
CA PHE DA 46 -14.00 -45.10 85.50
C PHE DA 46 -15.32 -44.41 85.82
N SER DA 47 -15.25 -43.15 86.23
CA SER DA 47 -16.43 -42.36 86.57
C SER DA 47 -16.79 -41.40 85.46
N VAL DA 48 -16.55 -41.79 84.21
CA VAL DA 48 -16.49 -40.85 83.10
C VAL DA 48 -17.06 -41.45 81.83
N PHE DA 49 -17.88 -40.66 81.13
CA PHE DA 49 -18.22 -40.89 79.74
C PHE DA 49 -18.20 -39.55 79.02
N GLU DA 50 -17.77 -39.56 77.77
CA GLU DA 50 -17.83 -38.38 76.91
C GLU DA 50 -18.86 -38.71 75.84
N CYS DA 51 -19.97 -37.98 75.84
CA CYS DA 51 -21.12 -38.28 75.02
C CYS DA 51 -21.37 -37.14 74.04
N PHE DA 52 -20.99 -37.32 72.78
CA PHE DA 52 -21.39 -36.40 71.74
C PHE DA 52 -22.68 -36.92 71.13
N LEU DA 53 -23.69 -36.06 71.04
CA LEU DA 53 -25.04 -36.48 70.70
C LEU DA 53 -25.89 -35.24 70.51
N SER DA 54 -27.13 -35.44 70.09
CA SER DA 54 -28.02 -34.34 69.78
C SER DA 54 -28.78 -33.90 71.04
N VAL DA 55 -29.77 -33.04 70.85
CA VAL DA 55 -30.48 -32.41 71.96
C VAL DA 55 -31.63 -33.31 72.40
N LYS DA 56 -32.55 -33.59 71.47
CA LYS DA 56 -33.67 -34.49 71.77
C LYS DA 56 -33.16 -35.80 72.36
N GLN DA 57 -31.98 -36.25 71.92
CA GLN DA 57 -31.37 -37.45 72.48
C GLN DA 57 -31.01 -37.25 73.95
N PHE DA 58 -30.87 -35.99 74.38
CA PHE DA 58 -30.55 -35.70 75.77
C PHE DA 58 -31.77 -35.89 76.66
N ALA DA 59 -32.88 -35.23 76.32
CA ALA DA 59 -34.08 -35.35 77.14
C ALA DA 59 -34.53 -36.81 77.26
N LYS DA 60 -34.29 -37.62 76.22
CA LYS DA 60 -34.48 -39.06 76.38
C LYS DA 60 -33.59 -39.62 77.48
N LEU DA 61 -32.52 -38.89 77.82
CA LEU DA 61 -31.58 -39.24 78.87
C LEU DA 61 -31.87 -38.48 80.16
N GLN DA 62 -31.94 -37.15 80.07
CA GLN DA 62 -32.24 -36.32 81.24
C GLN DA 62 -33.43 -36.87 82.01
N THR DA 63 -34.51 -37.21 81.30
CA THR DA 63 -35.68 -37.76 81.96
C THR DA 63 -35.42 -39.13 82.58
N ALA DA 64 -34.31 -39.79 82.24
CA ALA DA 64 -34.01 -41.09 82.83
C ALA DA 64 -33.23 -41.01 84.15
N MET DA 65 -32.44 -39.96 84.36
CA MET DA 65 -31.65 -39.85 85.57
C MET DA 65 -32.42 -39.14 86.69
N GLU DA 66 -32.94 -37.94 86.41
CA GLU DA 66 -33.81 -37.26 87.35
C GLU DA 66 -34.95 -38.15 87.84
N LYS DA 67 -35.24 -39.23 87.10
CA LYS DA 67 -36.33 -40.15 87.37
C LYS DA 67 -35.95 -41.31 88.27
N LEU DA 68 -34.69 -41.39 88.72
CA LEU DA 68 -34.22 -42.57 89.43
C LEU DA 68 -33.33 -42.31 90.65
N ILE DA 69 -32.89 -41.07 90.90
CA ILE DA 69 -31.75 -40.82 91.78
C ILE DA 69 -32.21 -40.35 93.15
N LYS DA 70 -31.39 -40.66 94.16
CA LYS DA 70 -31.47 -40.10 95.51
C LYS DA 70 -30.34 -39.08 95.66
N LEU DA 71 -30.68 -37.79 95.50
CA LEU DA 71 -29.65 -36.76 95.54
C LEU DA 71 -29.05 -36.58 96.93
N ASP DA 72 -29.70 -37.12 97.97
CA ASP DA 72 -29.15 -37.10 99.31
C ASP DA 72 -27.93 -38.01 99.47
N GLU DA 73 -27.69 -38.88 98.49
CA GLU DA 73 -26.62 -39.86 98.58
C GLU DA 73 -25.81 -39.98 97.30
N ASP DA 74 -26.17 -39.26 96.24
CA ASP DA 74 -25.53 -39.36 94.94
C ASP DA 74 -24.93 -38.01 94.56
N ALA DA 75 -24.06 -38.03 93.55
CA ALA DA 75 -23.32 -36.83 93.16
C ALA DA 75 -22.92 -36.92 91.70
N VAL DA 76 -23.32 -35.92 90.91
CA VAL DA 76 -22.96 -35.86 89.50
C VAL DA 76 -22.89 -34.41 89.05
N CYS DA 77 -22.06 -34.17 88.02
CA CYS DA 77 -21.95 -32.88 87.36
C CYS DA 77 -21.91 -33.11 85.87
N ILE DA 78 -22.26 -32.07 85.11
CA ILE DA 78 -22.47 -32.17 83.67
C ILE DA 78 -21.73 -31.03 82.99
N TYR DA 79 -21.24 -31.30 81.78
CA TYR DA 79 -20.45 -30.32 81.03
C TYR DA 79 -20.92 -30.24 79.59
N VAL DA 80 -20.99 -29.02 79.07
CA VAL DA 80 -21.49 -28.74 77.74
C VAL DA 80 -20.36 -28.16 76.91
N LEU DA 81 -19.95 -28.86 75.85
CA LEU DA 81 -18.75 -28.55 75.11
C LEU DA 81 -19.05 -28.51 73.61
N ASP DA 82 -18.88 -27.34 73.00
CA ASP DA 82 -18.99 -27.22 71.55
C ASP DA 82 -17.60 -27.38 70.92
N GLU DA 83 -17.61 -27.66 69.61
CA GLU DA 83 -16.39 -28.07 68.92
C GLU DA 83 -15.21 -27.14 69.19
N ASN DA 84 -15.37 -25.84 68.94
CA ASN DA 84 -14.23 -24.94 69.07
C ASN DA 84 -13.70 -24.88 70.51
N THR DA 85 -14.49 -25.33 71.48
CA THR DA 85 -14.02 -25.51 72.85
C THR DA 85 -13.53 -26.93 73.10
N VAL DA 86 -13.88 -27.88 72.22
CA VAL DA 86 -13.47 -29.26 72.39
C VAL DA 86 -12.03 -29.47 71.94
N GLN DA 87 -11.65 -28.87 70.81
CA GLN DA 87 -10.32 -29.12 70.26
C GLN DA 87 -9.22 -28.97 71.29
N ARG DA 88 -9.36 -28.03 72.23
CA ARG DA 88 -8.32 -27.75 73.21
C ARG DA 88 -8.60 -28.54 74.49
N THR DA 89 -8.36 -29.84 74.38
CA THR DA 89 -8.48 -30.83 75.44
C THR DA 89 -7.21 -31.65 75.51
N ILE DA 90 -6.07 -30.94 75.56
CA ILE DA 90 -4.76 -31.57 75.45
C ILE DA 90 -4.69 -32.80 76.33
N THR DA 91 -4.03 -33.85 75.84
CA THR DA 91 -3.94 -35.11 76.55
C THR DA 91 -2.53 -35.67 76.46
N TYR DA 92 -2.24 -36.63 77.35
CA TYR DA 92 -0.93 -37.29 77.40
C TYR DA 92 -1.02 -38.80 77.33
N GLY DA 93 -2.00 -39.41 77.98
CA GLY DA 93 -2.06 -40.86 78.02
C GLY DA 93 -3.21 -41.46 77.24
N THR DA 94 -4.10 -40.62 76.75
CA THR DA 94 -5.25 -41.03 75.95
C THR DA 94 -5.29 -40.22 74.67
N PRO DA 95 -5.98 -40.71 73.65
CA PRO DA 95 -6.21 -39.89 72.45
C PRO DA 95 -7.30 -38.86 72.71
N GLN DA 96 -7.38 -37.88 71.82
CA GLN DA 96 -8.40 -36.87 72.00
C GLN DA 96 -9.72 -37.32 71.38
N PRO DA 97 -10.83 -36.73 71.78
CA PRO DA 97 -12.14 -37.24 71.33
C PRO DA 97 -12.40 -37.05 69.85
N GLU DA 98 -13.24 -37.93 69.32
CA GLU DA 98 -13.76 -37.91 67.96
C GLU DA 98 -14.97 -38.82 67.95
N LYS DA 99 -15.82 -38.70 66.95
CA LYS DA 99 -17.05 -39.50 66.89
C LYS DA 99 -17.47 -39.81 65.46
N PRO DA 100 -16.89 -40.86 64.87
CA PRO DA 100 -17.24 -41.23 63.50
C PRO DA 100 -18.41 -42.21 63.44
N GLY DA 101 -18.76 -42.63 62.23
CA GLY DA 101 -19.53 -43.86 62.08
C GLY DA 101 -18.66 -45.05 62.41
N SER DA 102 -19.28 -46.07 62.99
CA SER DA 102 -18.53 -47.21 63.53
C SER DA 102 -18.49 -48.34 62.51
N ILE DA 103 -17.32 -48.98 62.42
CA ILE DA 103 -17.06 -50.04 61.46
C ILE DA 103 -16.42 -51.23 62.15
N ILE DA 104 -16.71 -52.42 61.64
CA ILE DA 104 -16.04 -53.64 62.05
C ILE DA 104 -15.93 -54.56 60.84
N SER GA 13 -43.37 -5.90 60.02
CA SER GA 13 -43.53 -6.97 59.05
C SER GA 13 -44.93 -6.98 58.44
N THR GA 14 -45.89 -6.38 59.12
CA THR GA 14 -47.28 -6.37 58.68
C THR GA 14 -47.76 -4.93 58.52
N LEU GA 15 -48.79 -4.76 57.69
CA LEU GA 15 -49.31 -3.44 57.34
C LEU GA 15 -50.76 -3.29 57.76
N TYR GA 16 -51.10 -2.11 58.27
CA TYR GA 16 -52.43 -1.75 58.71
C TYR GA 16 -52.80 -0.42 58.06
N LEU GA 17 -54.07 -0.24 57.70
CA LEU GA 17 -54.51 0.99 57.06
C LEU GA 17 -55.91 1.38 57.55
N THR GA 18 -56.07 2.65 57.93
CA THR GA 18 -57.30 3.14 58.52
C THR GA 18 -58.14 4.05 57.62
N GLN GA 19 -57.53 4.82 56.73
CA GLN GA 19 -58.24 5.94 56.10
C GLN GA 19 -58.97 5.50 54.84
N PRO GA 20 -60.30 5.77 54.75
CA PRO GA 20 -61.03 5.40 53.52
C PRO GA 20 -60.89 6.39 52.37
N ASP GA 21 -59.91 7.29 52.43
CA ASP GA 21 -59.72 8.27 51.37
C ASP GA 21 -58.35 8.15 50.68
N ALA GA 22 -57.65 7.06 50.87
CA ALA GA 22 -56.30 6.88 50.36
C ALA GA 22 -56.31 5.93 49.18
N VAL GA 23 -55.60 6.28 48.11
CA VAL GA 23 -55.48 5.43 46.93
C VAL GA 23 -54.07 4.86 46.94
N LEU GA 24 -53.98 3.57 46.67
CA LEU GA 24 -52.70 2.86 46.61
C LEU GA 24 -52.42 2.51 45.16
N SER GA 25 -51.24 2.88 44.68
CA SER GA 25 -50.82 2.56 43.34
C SER GA 25 -49.57 1.69 43.40
N LYS GA 26 -49.26 1.06 42.28
CA LYS GA 26 -48.08 0.22 42.18
C LYS GA 26 -47.01 0.96 41.39
N LYS GA 27 -45.79 0.92 41.89
CA LYS GA 27 -44.64 1.42 41.16
C LYS GA 27 -43.80 0.19 40.82
N HIS GA 28 -42.79 0.38 39.97
CA HIS GA 28 -42.10 -0.73 39.33
C HIS GA 28 -42.04 -1.99 40.19
N GLU GA 29 -41.69 -1.85 41.46
CA GLU GA 29 -41.79 -2.99 42.39
C GLU GA 29 -42.22 -2.60 43.79
N ALA GA 30 -42.69 -1.37 44.02
CA ALA GA 30 -42.95 -0.90 45.36
C ALA GA 30 -44.20 -0.05 45.37
N PHE GA 31 -44.72 0.16 46.57
CA PHE GA 31 -46.01 0.82 46.75
C PHE GA 31 -45.81 2.30 47.07
N HIS GA 32 -46.81 3.09 46.68
CA HIS GA 32 -46.90 4.49 47.08
C HIS GA 32 -48.34 4.72 47.51
N VAL GA 33 -48.54 5.00 48.78
CA VAL GA 33 -49.86 5.36 49.30
C VAL GA 33 -49.95 6.87 49.21
N ALA GA 34 -51.13 7.37 48.86
CA ALA GA 34 -51.32 8.79 48.59
C ALA GA 34 -52.38 9.34 49.52
N LEU GA 35 -51.94 10.08 50.55
CA LEU GA 35 -52.84 10.68 51.53
C LEU GA 35 -53.14 12.11 51.11
N LYS GA 36 -54.42 12.46 51.13
CA LYS GA 36 -54.87 13.77 50.65
C LYS GA 36 -55.11 14.67 51.85
N GLN GA 37 -54.01 15.21 52.38
CA GLN GA 37 -54.08 16.18 53.47
C GLN GA 37 -54.24 17.56 52.86
N GLU GA 38 -55.20 18.33 53.37
CA GLU GA 38 -55.62 19.56 52.72
C GLU GA 38 -54.58 20.68 52.93
N ASP GA 39 -53.40 20.43 52.37
CA ASP GA 39 -52.34 21.41 52.20
C ASP GA 39 -51.77 21.29 50.80
N GLY GA 40 -52.65 21.04 49.84
CA GLY GA 40 -52.27 20.58 48.52
C GLY GA 40 -53.16 19.43 48.12
N SER GA 41 -53.80 18.82 49.12
CA SER GA 41 -54.83 17.80 48.92
C SER GA 41 -54.27 16.49 48.38
N TRP GA 42 -52.99 16.21 48.63
CA TRP GA 42 -52.38 14.94 48.25
C TRP GA 42 -50.98 14.87 48.86
N LYS GA 43 -50.63 13.69 49.39
CA LYS GA 43 -49.32 13.49 50.04
C LYS GA 43 -48.90 12.02 49.86
N LYS GA 44 -48.14 11.78 48.80
CA LYS GA 44 -47.64 10.45 48.44
C LYS GA 44 -46.55 9.94 49.38
N GLN GA 45 -46.89 8.93 50.20
CA GLN GA 45 -45.94 8.34 51.15
C GLN GA 45 -45.48 6.97 50.62
N PRO GA 46 -44.20 6.78 50.33
CA PRO GA 46 -43.77 5.47 49.83
C PRO GA 46 -43.84 4.37 50.88
N ILE GA 47 -43.95 3.13 50.38
CA ILE GA 47 -44.06 1.93 51.20
C ILE GA 47 -43.25 0.84 50.51
N PRO GA 48 -42.52 -0.01 51.23
CA PRO GA 48 -41.84 -1.12 50.56
C PRO GA 48 -42.71 -2.36 50.43
N ALA GA 49 -42.31 -3.20 49.49
CA ALA GA 49 -42.84 -4.53 49.26
C ALA GA 49 -41.81 -5.53 49.78
N GLN GA 50 -42.04 -6.80 49.48
CA GLN GA 50 -41.01 -7.80 49.67
C GLN GA 50 -40.60 -8.05 51.12
N THR GA 51 -41.10 -7.23 52.04
CA THR GA 51 -40.93 -7.49 53.46
C THR GA 51 -42.19 -8.03 54.12
N LEU GA 52 -43.33 -7.84 53.46
CA LEU GA 52 -44.62 -8.05 54.06
C LEU GA 52 -45.08 -9.49 53.90
N GLU GA 53 -45.89 -9.93 54.85
CA GLU GA 53 -46.57 -11.21 54.77
C GLU GA 53 -48.05 -11.07 55.09
N ASP GA 54 -48.53 -9.85 55.32
CA ASP GA 54 -49.93 -9.65 55.68
C ASP GA 54 -50.28 -8.18 55.54
N ILE GA 55 -51.54 -7.92 55.18
CA ILE GA 55 -52.07 -6.56 55.07
C ILE GA 55 -53.44 -6.53 55.74
N VAL GA 56 -53.80 -5.37 56.29
CA VAL GA 56 -55.07 -5.18 56.98
C VAL GA 56 -55.65 -3.84 56.56
N LEU GA 57 -56.90 -3.87 56.09
CA LEU GA 57 -57.63 -2.67 55.69
C LEU GA 57 -58.85 -2.50 56.58
N LEU GA 58 -58.97 -1.31 57.18
CA LEU GA 58 -59.97 -1.00 58.19
C LEU GA 58 -61.17 -0.25 57.62
N GLY GA 59 -60.92 0.87 56.95
CA GLY GA 59 -61.98 1.62 56.31
C GLY GA 59 -62.32 0.91 55.03
N TYR GA 60 -62.81 1.66 54.05
CA TYR GA 60 -63.13 1.14 52.73
C TYR GA 60 -62.34 1.94 51.69
N PRO GA 61 -61.01 1.93 51.78
CA PRO GA 61 -60.17 2.72 50.88
C PRO GA 61 -60.06 2.17 49.47
N SER GA 62 -59.59 3.04 48.58
CA SER GA 62 -59.37 2.73 47.18
C SER GA 62 -58.10 1.93 46.95
N ILE GA 63 -58.13 1.08 45.93
CA ILE GA 63 -56.99 0.25 45.55
C ILE GA 63 -56.85 0.27 44.03
N THR GA 64 -55.61 0.32 43.56
CA THR GA 64 -55.33 0.04 42.16
C THR GA 64 -55.41 -1.46 41.93
N GLY GA 65 -56.21 -1.87 40.94
CA GLY GA 65 -56.23 -3.28 40.58
C GLY GA 65 -54.89 -3.78 40.10
N GLU GA 66 -54.14 -2.92 39.39
CA GLU GA 66 -52.81 -3.27 38.92
C GLU GA 66 -51.87 -3.66 40.05
N ALA GA 67 -52.18 -3.29 41.30
CA ALA GA 67 -51.30 -3.60 42.41
C ALA GA 67 -51.48 -5.02 42.94
N LEU GA 68 -52.74 -5.49 43.04
CA LEU GA 68 -52.98 -6.84 43.57
C LEU GA 68 -52.28 -7.89 42.71
N GLY GA 69 -52.40 -7.77 41.40
CA GLY GA 69 -51.71 -8.67 40.51
C GLY GA 69 -50.22 -8.69 40.81
N TYR GA 70 -49.73 -7.66 41.51
CA TYR GA 70 -48.37 -7.68 42.02
C TYR GA 70 -48.25 -8.23 43.44
N ALA GA 71 -49.27 -8.04 44.29
CA ALA GA 71 -49.17 -8.51 45.67
C ALA GA 71 -49.33 -10.02 45.78
N LEU GA 72 -50.21 -10.59 44.97
CA LEU GA 72 -50.50 -12.03 45.05
C LEU GA 72 -49.52 -12.83 44.22
N GLU GA 73 -48.67 -12.16 43.44
CA GLU GA 73 -47.46 -12.76 42.91
C GLU GA 73 -46.38 -12.88 43.99
N LEU GA 74 -46.69 -12.48 45.22
CA LEU GA 74 -45.73 -12.40 46.29
C LEU GA 74 -46.17 -13.11 47.57
N GLY GA 75 -47.43 -13.52 47.66
CA GLY GA 75 -47.92 -14.20 48.84
C GLY GA 75 -48.45 -13.24 49.88
N LEU GA 76 -49.14 -12.19 49.43
CA LEU GA 76 -49.60 -11.14 50.34
C LEU GA 76 -51.11 -11.20 50.50
N PRO GA 77 -51.61 -11.71 51.62
CA PRO GA 77 -53.06 -11.67 51.85
C PRO GA 77 -53.54 -10.24 51.99
N VAL GA 78 -54.79 -10.02 51.61
CA VAL GA 78 -55.42 -8.71 51.75
C VAL GA 78 -56.72 -8.92 52.52
N HIS GA 79 -56.85 -8.24 53.64
CA HIS GA 79 -57.96 -8.39 54.56
C HIS GA 79 -58.75 -7.11 54.62
N TYR GA 80 -60.07 -7.23 54.75
CA TYR GA 80 -60.96 -6.09 54.74
C TYR GA 80 -61.72 -6.05 56.06
N LEU GA 81 -61.78 -4.87 56.66
CA LEU GA 81 -62.46 -4.69 57.93
C LEU GA 81 -63.24 -3.37 57.90
N THR GA 82 -63.86 -3.05 59.03
CA THR GA 82 -64.60 -1.81 59.24
C THR GA 82 -63.92 -1.00 60.34
N GLN GA 83 -64.25 0.30 60.38
CA GLN GA 83 -63.77 1.13 61.47
C GLN GA 83 -63.98 0.45 62.81
N PHE GA 84 -65.03 -0.36 62.93
CA PHE GA 84 -65.31 -1.09 64.15
C PHE GA 84 -64.49 -2.36 64.28
N GLY GA 85 -64.05 -2.94 63.16
CA GLY GA 85 -63.20 -4.12 63.18
C GLY GA 85 -63.88 -5.43 62.87
N LYS GA 86 -65.17 -5.43 62.59
CA LYS GA 86 -65.88 -6.66 62.28
C LYS GA 86 -65.38 -7.24 60.96
N TYR GA 87 -65.19 -8.56 60.92
CA TYR GA 87 -64.63 -9.17 59.74
C TYR GA 87 -65.70 -9.35 58.66
N VAL GA 88 -65.30 -9.01 57.43
CA VAL GA 88 -66.19 -9.10 56.27
C VAL GA 88 -65.65 -10.04 55.20
N GLY GA 89 -64.36 -9.97 54.91
CA GLY GA 89 -63.81 -10.81 53.84
C GLY GA 89 -62.34 -10.51 53.59
N SER GA 90 -61.75 -11.35 52.74
CA SER GA 90 -60.35 -11.22 52.37
C SER GA 90 -60.11 -11.73 50.96
N ALA GA 91 -59.09 -11.17 50.31
CA ALA GA 91 -58.68 -11.53 48.95
C ALA GA 91 -57.38 -12.33 49.06
N LEU GA 92 -57.39 -13.57 48.55
CA LEU GA 92 -56.29 -14.49 48.83
C LEU GA 92 -55.42 -14.78 47.61
N PRO GA 93 -54.14 -15.13 47.85
CA PRO GA 93 -53.20 -15.42 46.76
C PRO GA 93 -53.33 -16.83 46.19
N SER GA 94 -52.36 -17.22 45.37
CA SER GA 94 -52.37 -18.54 44.74
C SER GA 94 -52.67 -19.64 45.75
N GLU GA 95 -53.60 -20.52 45.37
CA GLU GA 95 -54.19 -21.49 46.27
C GLU GA 95 -53.43 -22.81 46.29
N SER GA 96 -53.29 -23.37 47.50
CA SER GA 96 -52.68 -24.69 47.63
C SER GA 96 -53.39 -25.68 46.72
N ARG GA 97 -52.63 -26.65 46.22
CA ARG GA 97 -53.15 -27.63 45.27
C ARG GA 97 -53.15 -29.05 45.81
N ASN GA 98 -53.32 -29.23 47.12
CA ASN GA 98 -53.37 -30.58 47.69
C ASN GA 98 -54.84 -30.95 47.86
N GLY GA 99 -55.40 -31.57 46.82
CA GLY GA 99 -56.76 -32.06 46.91
C GLY GA 99 -56.90 -33.21 47.90
N GLN GA 100 -55.98 -34.17 47.84
CA GLN GA 100 -56.03 -35.32 48.73
C GLN GA 100 -56.27 -34.90 50.18
N LEU GA 101 -55.65 -33.80 50.61
CA LEU GA 101 -55.85 -33.32 51.97
C LEU GA 101 -57.31 -32.92 52.22
N ARG GA 102 -57.82 -31.98 51.42
CA ARG GA 102 -59.15 -31.41 51.67
C ARG GA 102 -60.24 -32.47 51.72
N LEU GA 103 -60.02 -33.64 51.11
CA LEU GA 103 -60.99 -34.73 51.23
C LEU GA 103 -61.01 -35.27 52.66
N ALA GA 104 -59.83 -35.58 53.23
CA ALA GA 104 -59.79 -36.04 54.61
C ALA GA 104 -60.45 -35.03 55.54
N GLN GA 105 -60.21 -33.74 55.31
CA GLN GA 105 -60.97 -32.70 56.01
C GLN GA 105 -62.46 -32.96 55.94
N PHE GA 106 -62.92 -33.55 54.83
CA PHE GA 106 -64.32 -33.91 54.64
C PHE GA 106 -64.62 -35.34 55.09
N ARG GA 107 -63.80 -36.31 54.66
CA ARG GA 107 -63.98 -37.68 55.12
C ARG GA 107 -64.16 -37.76 56.64
N ALA GA 108 -63.58 -36.80 57.38
CA ALA GA 108 -63.73 -36.73 58.83
C ALA GA 108 -64.96 -35.95 59.26
N HIS GA 109 -65.41 -34.99 58.46
CA HIS GA 109 -66.58 -34.20 58.84
C HIS GA 109 -67.85 -35.04 58.85
N GLU GA 110 -67.94 -36.06 57.99
CA GLU GA 110 -69.11 -36.93 57.94
C GLU GA 110 -68.96 -38.20 58.76
N ASP GA 111 -67.79 -38.45 59.34
CA ASP GA 111 -67.66 -39.54 60.30
C ASP GA 111 -67.67 -38.88 61.68
N PRO GA 112 -68.84 -38.75 62.32
CA PRO GA 112 -68.89 -37.95 63.55
C PRO GA 112 -67.97 -38.50 64.62
N ILE GA 113 -67.75 -39.81 64.64
CA ILE GA 113 -66.80 -40.39 65.58
C ILE GA 113 -65.42 -39.81 65.35
N GLN GA 114 -65.07 -39.61 64.08
CA GLN GA 114 -63.82 -38.92 63.76
C GLN GA 114 -63.94 -37.43 64.09
N ARG GA 115 -65.02 -36.80 63.64
CA ARG GA 115 -65.30 -35.41 64.01
C ARG GA 115 -65.31 -35.23 65.52
N LEU GA 116 -65.83 -36.23 66.25
CA LEU GA 116 -65.97 -36.11 67.70
C LEU GA 116 -64.62 -36.06 68.41
N ASP GA 117 -63.78 -37.08 68.19
CA ASP GA 117 -62.48 -37.13 68.85
C ASP GA 117 -61.64 -35.90 68.56
N ILE GA 118 -62.06 -35.07 67.61
CA ILE GA 118 -61.37 -33.84 67.27
C ILE GA 118 -61.90 -32.67 68.11
N VAL GA 119 -63.22 -32.49 68.13
CA VAL GA 119 -63.80 -31.36 68.85
C VAL GA 119 -63.38 -31.38 70.32
N LYS GA 120 -63.25 -32.57 70.90
CA LYS GA 120 -62.83 -32.67 72.29
C LYS GA 120 -61.48 -32.01 72.53
N ALA GA 121 -60.60 -31.99 71.53
CA ALA GA 121 -59.28 -31.40 71.71
C ALA GA 121 -59.35 -29.88 71.67
N PHE GA 122 -60.06 -29.31 70.69
CA PHE GA 122 -60.20 -27.86 70.62
C PHE GA 122 -60.65 -27.30 71.96
N VAL GA 123 -61.58 -28.00 72.61
CA VAL GA 123 -62.14 -27.50 73.87
C VAL GA 123 -61.12 -27.65 74.99
N LYS GA 124 -60.52 -28.84 75.12
CA LYS GA 124 -59.41 -28.99 76.04
C LYS GA 124 -58.35 -27.91 75.77
N GLY GA 125 -58.15 -27.57 74.50
CA GLY GA 125 -57.19 -26.55 74.13
C GLY GA 125 -57.66 -25.13 74.32
N LYS GA 126 -58.94 -24.93 74.61
CA LYS GA 126 -59.45 -23.60 74.89
C LYS GA 126 -59.60 -23.36 76.39
N VAL GA 127 -60.24 -24.30 77.10
CA VAL GA 127 -60.56 -24.09 78.50
C VAL GA 127 -59.31 -24.13 79.36
N HIS GA 128 -58.40 -25.07 79.10
CA HIS GA 128 -57.14 -25.07 79.82
C HIS GA 128 -56.43 -23.73 79.66
N ASN GA 129 -56.56 -23.10 78.49
CA ASN GA 129 -56.04 -21.74 78.33
C ASN GA 129 -56.82 -20.75 79.18
N GLN GA 130 -58.10 -21.03 79.42
CA GLN GA 130 -58.98 -20.16 80.19
C GLN GA 130 -58.68 -20.29 81.68
N TYR GA 131 -58.75 -21.52 82.20
CA TYR GA 131 -58.42 -21.74 83.60
C TYR GA 131 -57.00 -21.27 83.92
N ASN GA 132 -56.05 -21.59 83.05
CA ASN GA 132 -54.68 -21.12 83.22
C ASN GA 132 -54.53 -19.63 82.93
N LEU GA 133 -55.56 -19.00 82.35
CA LEU GA 133 -55.56 -17.55 82.18
C LEU GA 133 -55.98 -16.84 83.47
N LEU GA 134 -57.09 -17.26 84.05
CA LEU GA 134 -57.55 -16.60 85.27
C LEU GA 134 -56.55 -16.76 86.41
N TYR GA 135 -55.81 -17.88 86.41
CA TYR GA 135 -54.67 -18.03 87.31
C TYR GA 135 -53.50 -17.17 86.84
N ARG GA 136 -53.39 -16.93 85.53
CA ARG GA 136 -52.43 -15.97 85.01
C ARG GA 136 -52.70 -14.58 85.54
N ARG GA 137 -53.96 -14.15 85.51
CA ARG GA 137 -54.33 -12.85 86.09
C ARG GA 137 -54.60 -12.93 87.59
N GLY GA 138 -54.71 -14.14 88.15
CA GLY GA 138 -54.96 -14.32 89.58
C GLY GA 138 -56.41 -14.58 89.90
N GLN GA 139 -56.80 -15.86 89.91
CA GLN GA 139 -58.18 -16.25 90.18
C GLN GA 139 -58.26 -17.78 90.04
N VAL GA 140 -59.38 -18.32 90.49
CA VAL GA 140 -59.57 -19.77 90.53
C VAL GA 140 -61.05 -20.09 90.57
N PRO GA 143 -63.44 -22.30 88.76
CA PRO GA 143 -64.65 -22.98 88.25
C PRO GA 143 -64.42 -23.87 87.05
N LEU GA 144 -63.22 -23.84 86.47
CA LEU GA 144 -62.91 -24.65 85.30
C LEU GA 144 -61.94 -25.79 85.61
N LYS GA 145 -61.49 -25.94 86.85
CA LYS GA 145 -60.63 -27.07 87.17
C LYS GA 145 -61.33 -28.39 86.92
N GLY GA 146 -62.66 -28.40 87.00
CA GLY GA 146 -63.43 -29.60 86.76
C GLY GA 146 -64.21 -29.56 85.46
N ARG GA 147 -64.41 -28.37 84.90
CA ARG GA 147 -65.15 -28.20 83.66
C ARG GA 147 -64.28 -28.28 82.41
N GLY GA 148 -63.00 -28.65 82.55
CA GLY GA 148 -62.21 -28.89 81.37
C GLY GA 148 -62.10 -30.38 81.12
N LYS GA 149 -61.98 -31.15 82.20
CA LYS GA 149 -61.89 -32.59 82.06
C LYS GA 149 -63.27 -33.22 81.91
N LEU GA 150 -64.32 -32.52 82.33
CA LEU GA 150 -65.69 -32.92 82.03
C LEU GA 150 -66.05 -32.61 80.58
N VAL GA 151 -65.19 -33.02 79.66
CA VAL GA 151 -65.41 -32.84 78.23
C VAL GA 151 -65.15 -34.22 77.65
N MET GA 152 -63.98 -34.77 77.97
CA MET GA 152 -63.63 -36.14 77.60
C MET GA 152 -64.65 -37.13 78.12
N ARG GA 153 -65.40 -36.78 79.18
CA ARG GA 153 -66.48 -37.61 79.68
C ARG GA 153 -67.78 -37.42 78.91
N GLN GA 154 -67.70 -36.99 77.65
CA GLN GA 154 -68.87 -36.85 76.80
C GLN GA 154 -68.79 -37.84 75.65
N GLN GA 155 -69.93 -38.02 74.99
CA GLN GA 155 -70.04 -39.02 73.94
C GLN GA 155 -70.75 -38.50 72.71
N THR GA 156 -70.97 -37.19 72.61
CA THR GA 156 -71.60 -36.61 71.44
C THR GA 156 -71.20 -35.14 71.33
N LEU GA 157 -71.66 -34.50 70.26
CA LEU GA 157 -71.42 -33.10 70.00
C LEU GA 157 -72.45 -32.18 70.65
N GLU GA 158 -73.73 -32.42 70.39
CA GLU GA 158 -74.78 -31.54 70.90
C GLU GA 158 -74.71 -31.40 72.41
N GLN GA 159 -74.39 -32.48 73.12
CA GLN GA 159 -74.15 -32.37 74.56
C GLN GA 159 -73.03 -31.39 74.85
N VAL GA 160 -72.07 -31.26 73.93
CA VAL GA 160 -70.84 -30.53 74.18
C VAL GA 160 -70.97 -29.06 73.79
N ARG GA 161 -71.57 -28.76 72.64
CA ARG GA 161 -71.68 -27.37 72.21
C ARG GA 161 -72.34 -26.53 73.29
N GLY GA 162 -73.29 -27.11 74.02
CA GLY GA 162 -73.83 -26.42 75.17
C GLY GA 162 -72.81 -26.21 76.27
N ILE GA 163 -71.78 -27.05 76.31
CA ILE GA 163 -70.77 -26.94 77.38
C ILE GA 163 -69.94 -25.69 77.16
N GLU GA 164 -69.50 -25.48 75.92
CA GLU GA 164 -68.77 -24.26 75.58
C GLU GA 164 -69.58 -23.03 75.95
N GLY GA 165 -70.89 -23.05 75.68
CA GLY GA 165 -71.73 -21.93 76.05
C GLY GA 165 -71.79 -21.68 77.54
N LEU GA 166 -71.78 -22.74 78.34
CA LEU GA 166 -71.76 -22.57 79.79
C LEU GA 166 -70.42 -21.98 80.25
N ALA GA 167 -69.32 -22.64 79.90
CA ALA GA 167 -68.02 -22.15 80.32
C ALA GA 167 -67.76 -20.73 79.82
N ALA GA 168 -68.24 -20.42 78.61
CA ALA GA 168 -68.09 -19.07 78.08
C ALA GA 168 -68.85 -18.06 78.92
N ARG GA 169 -70.12 -18.35 79.22
CA ARG GA 169 -70.89 -17.48 80.11
C ARG GA 169 -70.26 -17.45 81.50
N GLU GA 170 -69.74 -18.59 81.97
CA GLU GA 170 -68.94 -18.60 83.18
C GLU GA 170 -67.62 -17.88 82.99
N TYR GA 171 -67.15 -17.76 81.74
CA TYR GA 171 -65.89 -17.09 81.45
C TYR GA 171 -66.05 -15.58 81.42
N PHE GA 172 -67.17 -15.09 80.90
CA PHE GA 172 -67.37 -13.64 80.83
C PHE GA 172 -67.94 -13.05 82.10
N ALA GA 173 -68.79 -13.78 82.82
CA ALA GA 173 -69.33 -13.30 84.08
C ALA GA 173 -68.30 -13.36 85.21
N SER GA 174 -67.22 -14.11 85.02
CA SER GA 174 -66.16 -14.23 86.01
C SER GA 174 -65.08 -13.17 85.84
N TRP GA 175 -65.38 -12.09 85.12
CA TRP GA 175 -64.39 -11.07 84.79
C TRP GA 175 -64.42 -9.86 85.71
N GLN GA 176 -65.61 -9.32 85.98
CA GLN GA 176 -65.75 -8.12 86.81
C GLN GA 176 -64.88 -8.19 88.06
N GLU GA 177 -64.80 -9.37 88.69
CA GLU GA 177 -63.93 -9.49 89.85
C GLU GA 177 -62.48 -9.20 89.49
N MET GA 178 -62.07 -9.45 88.25
CA MET GA 178 -60.69 -9.20 87.85
C MET GA 178 -60.45 -7.81 87.28
N LEU GA 179 -61.48 -7.15 86.73
CA LEU GA 179 -61.29 -5.84 86.14
C LEU GA 179 -61.30 -4.73 87.19
N GLY GA 180 -62.40 -4.62 87.94
CA GLY GA 180 -62.59 -3.50 88.83
C GLY GA 180 -63.93 -2.85 88.64
N HIS GA 181 -64.02 -1.56 89.00
CA HIS GA 181 -65.28 -0.84 89.01
C HIS GA 181 -65.50 0.05 87.80
N GLU GA 182 -64.45 0.40 87.07
CA GLU GA 182 -64.60 1.39 86.00
C GLU GA 182 -65.54 0.92 84.90
N TRP GA 183 -65.56 -0.38 84.60
CA TRP GA 183 -66.40 -0.92 83.54
C TRP GA 183 -67.36 -1.96 84.12
N THR GA 184 -68.35 -2.32 83.30
CA THR GA 184 -69.36 -3.29 83.66
C THR GA 184 -69.52 -4.30 82.53
N PHE GA 185 -69.66 -5.57 82.90
CA PHE GA 185 -69.95 -6.62 81.92
C PHE GA 185 -70.93 -7.57 82.59
N THR GA 186 -72.17 -7.57 82.07
CA THR GA 186 -73.22 -8.47 82.51
C THR GA 186 -73.61 -9.52 81.47
N GLY GA 187 -73.62 -9.15 80.19
CA GLY GA 187 -74.04 -10.05 79.14
C GLY GA 187 -73.41 -9.61 77.84
N ARG GA 188 -73.65 -10.38 76.79
CA ARG GA 188 -72.96 -10.09 75.54
C ARG GA 188 -73.52 -10.82 74.31
N PHE GA 189 -73.72 -10.05 73.23
CA PHE GA 189 -74.18 -10.56 71.95
C PHE GA 189 -73.07 -10.31 70.95
N ARG GA 190 -72.95 -11.19 69.96
CA ARG GA 190 -71.85 -11.08 69.01
C ARG GA 190 -71.88 -9.82 68.15
N ARG GA 191 -72.86 -9.70 67.25
CA ARG GA 191 -72.90 -8.52 66.39
C ARG GA 191 -73.08 -7.20 67.16
N PRO GA 192 -74.10 -7.04 68.00
CA PRO GA 192 -74.42 -5.69 68.51
C PRO GA 192 -73.40 -5.21 69.52
N PRO GA 193 -72.82 -4.02 69.32
CA PRO GA 193 -71.91 -3.45 70.33
C PRO GA 193 -72.66 -2.69 71.42
N THR GA 194 -73.47 -3.40 72.22
CA THR GA 194 -74.21 -2.73 73.28
C THR GA 194 -73.29 -2.30 74.42
N ASP GA 195 -72.16 -3.00 74.59
CA ASP GA 195 -71.12 -2.66 75.55
C ASP GA 195 -69.83 -2.32 74.80
N PRO GA 196 -68.99 -1.43 75.33
CA PRO GA 196 -67.75 -1.13 74.61
C PRO GA 196 -66.93 -2.38 74.35
N VAL GA 197 -66.67 -3.19 75.37
CA VAL GA 197 -65.87 -4.39 75.18
C VAL GA 197 -66.52 -5.28 74.12
N ASN GA 198 -67.84 -5.48 74.25
CA ASN GA 198 -68.59 -6.23 73.25
C ASN GA 198 -68.28 -5.73 71.84
N ALA GA 199 -67.99 -4.43 71.69
CA ALA GA 199 -67.56 -3.92 70.39
C ALA GA 199 -66.11 -4.32 70.10
N LEU GA 200 -65.25 -4.31 71.13
CA LEU GA 200 -63.86 -4.68 70.94
C LEU GA 200 -63.72 -6.16 70.57
N LEU GA 201 -64.63 -7.00 71.06
CA LEU GA 201 -64.57 -8.41 70.71
C LEU GA 201 -64.85 -8.59 69.22
N SER GA 202 -65.94 -7.98 68.73
CA SER GA 202 -66.14 -7.89 67.29
C SER GA 202 -64.93 -7.28 66.59
N PHE GA 203 -64.19 -6.42 67.29
CA PHE GA 203 -62.94 -5.89 66.75
C PHE GA 203 -61.84 -6.94 66.81
N GLY GA 204 -61.56 -7.46 68.01
CA GLY GA 204 -60.50 -8.45 68.14
C GLY GA 204 -60.86 -9.76 67.45
N TYR GA 205 -62.06 -10.28 67.73
CA TYR GA 205 -62.52 -11.48 67.03
C TYR GA 205 -62.57 -11.27 65.52
N GLY GA 206 -62.73 -10.03 65.07
CA GLY GA 206 -62.80 -9.76 63.64
C GLY GA 206 -61.46 -9.77 62.95
N LEU GA 207 -60.49 -9.06 63.52
CA LEU GA 207 -59.14 -9.06 62.97
C LEU GA 207 -58.37 -10.34 63.31
N LEU GA 208 -58.95 -11.27 64.08
CA LEU GA 208 -58.25 -12.54 64.29
C LEU GA 208 -58.39 -13.45 63.07
N ARG GA 209 -59.53 -13.41 62.38
CA ARG GA 209 -59.70 -14.19 61.16
C ARG GA 209 -58.57 -13.93 60.17
N THR GA 210 -57.98 -12.73 60.19
CA THR GA 210 -56.96 -12.40 59.20
C THR GA 210 -55.76 -13.34 59.32
N GLN GA 211 -55.26 -13.52 60.53
CA GLN GA 211 -54.08 -14.36 60.72
C GLN GA 211 -54.41 -15.85 60.58
N VAL GA 212 -55.65 -16.24 60.86
CA VAL GA 212 -56.04 -17.63 60.66
C VAL GA 212 -56.39 -17.90 59.20
N THR GA 213 -57.21 -17.03 58.61
CA THR GA 213 -57.57 -17.17 57.19
C THR GA 213 -56.35 -17.24 56.30
N ALA GA 214 -55.19 -16.79 56.77
CA ALA GA 214 -53.96 -16.89 56.00
C ALA GA 214 -53.33 -18.26 56.16
N ALA GA 215 -53.24 -18.75 57.40
CA ALA GA 215 -52.60 -20.03 57.66
C ALA GA 215 -53.24 -21.15 56.85
N VAL GA 216 -54.58 -21.14 56.72
CA VAL GA 216 -55.26 -22.20 55.99
C VAL GA 216 -54.91 -22.14 54.51
N HIS GA 217 -54.95 -20.94 53.92
CA HIS GA 217 -54.60 -20.83 52.51
C HIS GA 217 -53.17 -21.27 52.26
N ILE GA 218 -52.32 -21.21 53.29
CA ILE GA 218 -50.99 -21.79 53.20
C ILE GA 218 -51.07 -23.31 53.36
N ALA GA 219 -51.87 -23.76 54.33
CA ALA GA 219 -52.10 -25.19 54.54
C ALA GA 219 -53.04 -25.81 53.53
N GLY GA 220 -53.68 -25.00 52.69
CA GLY GA 220 -54.59 -25.52 51.68
C GLY GA 220 -55.93 -26.01 52.19
N LEU GA 221 -56.30 -25.68 53.41
CA LEU GA 221 -57.54 -26.20 53.97
C LEU GA 221 -58.75 -25.49 53.38
N ASP GA 222 -59.89 -26.19 53.42
CA ASP GA 222 -61.17 -25.63 53.01
C ASP GA 222 -61.81 -24.96 54.23
N PRO GA 223 -61.88 -23.63 54.29
CA PRO GA 223 -62.43 -23.00 55.51
C PRO GA 223 -63.87 -23.37 55.77
N TYR GA 224 -64.64 -23.70 54.74
CA TYR GA 224 -66.07 -23.94 54.83
C TYR GA 224 -66.42 -25.27 55.44
N ILE GA 225 -65.43 -26.08 55.80
CA ILE GA 225 -65.62 -27.38 56.43
C ILE GA 225 -65.03 -27.32 57.83
N GLY GA 226 -65.88 -27.49 58.85
CA GLY GA 226 -65.43 -27.46 60.22
C GLY GA 226 -65.71 -28.76 60.95
N PHE GA 227 -65.36 -28.76 62.22
CA PHE GA 227 -65.51 -29.92 63.09
C PHE GA 227 -66.39 -29.62 64.29
N LEU GA 228 -66.38 -28.40 64.79
CA LEU GA 228 -67.33 -27.94 65.80
C LEU GA 228 -68.50 -27.20 65.17
N HIS GA 229 -68.22 -26.11 64.46
CA HIS GA 229 -69.26 -25.31 63.81
C HIS GA 229 -69.72 -25.98 62.52
N GLU GA 230 -70.92 -26.55 62.53
CA GLU GA 230 -71.48 -27.13 61.32
C GLU GA 230 -71.63 -26.05 60.25
N THR GA 231 -71.21 -26.36 59.03
CA THR GA 231 -71.16 -25.37 57.95
C THR GA 231 -72.53 -25.05 57.36
N THR GA 232 -73.61 -25.46 58.03
CA THR GA 232 -74.97 -25.12 57.59
C THR GA 232 -75.38 -23.77 58.16
N ARG GA 233 -74.50 -22.77 58.02
CA ARG GA 233 -74.81 -21.40 58.38
C ARG GA 233 -74.18 -20.40 57.41
N GLY GA 234 -73.63 -20.87 56.29
CA GLY GA 234 -72.92 -19.98 55.39
C GLY GA 234 -71.71 -19.32 56.02
N GLN GA 235 -71.02 -20.01 56.92
CA GLN GA 235 -69.86 -19.44 57.59
C GLN GA 235 -68.72 -20.45 57.64
N PRO GA 236 -67.48 -20.03 57.28
CA PRO GA 236 -66.36 -20.98 57.31
C PRO GA 236 -66.03 -21.45 58.72
N ALA GA 237 -66.31 -22.72 58.97
CA ALA GA 237 -66.19 -23.29 60.31
C ALA GA 237 -64.80 -23.78 60.63
N MET GA 238 -64.04 -24.23 59.63
CA MET GA 238 -62.66 -24.62 59.88
C MET GA 238 -61.86 -23.48 60.49
N ILE GA 239 -62.27 -22.23 60.24
CA ILE GA 239 -61.64 -21.10 60.90
C ILE GA 239 -62.09 -21.02 62.35
N LEU GA 240 -63.40 -20.90 62.56
CA LEU GA 240 -63.92 -20.68 63.90
C LEU GA 240 -63.62 -21.87 64.80
N ASP GA 241 -63.68 -23.09 64.26
CA ASP GA 241 -63.24 -24.25 65.03
C ASP GA 241 -61.82 -24.04 65.53
N LEU GA 242 -60.99 -23.41 64.70
CA LEU GA 242 -59.62 -23.10 65.07
C LEU GA 242 -59.53 -21.79 65.85
N MET GA 243 -60.26 -20.77 65.41
CA MET GA 243 -60.13 -19.45 66.02
C MET GA 243 -60.41 -19.49 67.52
N GLU GA 244 -61.20 -20.47 67.97
CA GLU GA 244 -61.51 -20.56 69.38
C GLU GA 244 -60.26 -20.83 70.21
N GLU GA 245 -59.38 -21.72 69.72
CA GLU GA 245 -58.18 -22.06 70.47
C GLU GA 245 -57.27 -20.85 70.71
N PHE GA 246 -57.42 -19.82 69.89
CA PHE GA 246 -56.61 -18.61 69.98
C PHE GA 246 -57.43 -17.41 70.41
N ARG GA 247 -58.76 -17.49 70.27
CA ARG GA 247 -59.65 -16.42 70.70
C ARG GA 247 -59.44 -16.06 72.15
N ALA GA 248 -59.08 -17.02 72.99
CA ALA GA 248 -58.99 -16.83 74.43
C ALA GA 248 -57.65 -16.29 74.89
N LEU GA 249 -56.64 -16.29 74.02
CA LEU GA 249 -55.26 -16.00 74.43
C LEU GA 249 -54.69 -14.72 73.89
N VAL GA 250 -55.17 -14.23 72.75
CA VAL GA 250 -54.62 -13.07 72.08
C VAL GA 250 -55.61 -11.90 72.08
N ALA GA 251 -56.84 -12.14 71.67
CA ALA GA 251 -57.85 -11.09 71.68
C ALA GA 251 -58.34 -10.80 73.09
N ASP GA 252 -58.34 -11.81 73.96
CA ASP GA 252 -58.75 -11.63 75.34
C ASP GA 252 -57.60 -11.16 76.24
N SER GA 253 -56.36 -11.55 75.91
CA SER GA 253 -55.21 -11.08 76.67
C SER GA 253 -54.79 -9.67 76.27
N VAL GA 254 -55.03 -9.27 75.02
CA VAL GA 254 -54.60 -7.96 74.56
C VAL GA 254 -55.27 -6.86 75.38
N VAL GA 255 -56.59 -6.95 75.56
CA VAL GA 255 -57.31 -5.93 76.31
C VAL GA 255 -56.84 -5.89 77.76
N LEU GA 256 -56.71 -7.06 78.39
CA LEU GA 256 -56.43 -7.09 79.82
C LEU GA 256 -55.04 -6.55 80.16
N THR GA 257 -54.12 -6.52 79.20
CA THR GA 257 -52.81 -5.90 79.43
C THR GA 257 -52.77 -4.41 79.10
N VAL GA 258 -53.69 -3.92 78.26
CA VAL GA 258 -53.67 -2.52 77.84
C VAL GA 258 -54.61 -1.69 78.71
N LEU GA 259 -55.64 -2.32 79.26
CA LEU GA 259 -56.51 -1.62 80.20
C LEU GA 259 -55.85 -1.53 81.57
N LYS GA 260 -54.56 -1.86 81.61
CA LYS GA 260 -53.69 -1.58 82.75
C LYS GA 260 -52.97 -0.28 82.38
N GLN GA 261 -53.70 0.82 82.53
CA GLN GA 261 -53.32 2.22 82.31
C GLN GA 261 -53.45 2.77 80.89
N ARG GA 262 -53.93 2.01 79.91
CA ARG GA 262 -54.00 2.50 78.53
C ARG GA 262 -55.41 2.34 77.99
N GLU GA 263 -55.85 3.31 77.17
CA GLU GA 263 -57.16 3.24 76.55
C GLU GA 263 -58.19 2.79 77.57
N ILE GA 264 -58.53 3.66 78.50
CA ILE GA 264 -59.41 3.33 79.62
C ILE GA 264 -60.80 3.94 79.43
N GLN GA 265 -60.87 5.25 79.20
CA GLN GA 265 -62.12 5.97 79.00
C GLN GA 265 -61.71 7.25 78.29
N ARG GA 266 -62.59 8.25 78.26
CA ARG GA 266 -62.35 9.53 77.61
C ARG GA 266 -62.48 9.34 76.11
N GLN GA 267 -62.48 8.08 75.65
CA GLN GA 267 -62.50 7.62 74.27
C GLN GA 267 -63.78 6.83 74.09
N ASP GA 268 -63.89 6.05 73.02
CA ASP GA 268 -65.03 5.15 72.84
C ASP GA 268 -66.34 5.92 72.77
N PHE GA 269 -66.48 6.69 71.68
CA PHE GA 269 -67.68 7.49 71.53
C PHE GA 269 -68.93 6.62 71.55
N THR GA 270 -69.95 7.10 72.24
CA THR GA 270 -71.23 6.41 72.40
C THR GA 270 -72.26 6.75 71.34
N GLU GA 271 -71.93 7.56 70.33
CA GLU GA 271 -72.94 8.02 69.37
C GLU GA 271 -73.69 6.83 68.78
N SER GA 272 -74.84 7.08 68.16
CA SER GA 272 -75.60 6.03 67.49
C SER GA 272 -76.01 4.93 68.48
N LEU GA 273 -76.98 5.29 69.32
CA LEU GA 273 -77.42 4.45 70.44
C LEU GA 273 -77.29 2.96 70.13
N GLY GA 274 -76.63 2.23 71.02
CA GLY GA 274 -76.22 0.87 70.75
C GLY GA 274 -74.90 0.73 70.05
N ALA GA 275 -74.13 1.82 69.92
CA ALA GA 275 -72.86 1.81 69.21
C ALA GA 275 -71.77 2.39 70.10
N PHE GA 276 -70.64 1.69 70.16
CA PHE GA 276 -69.44 2.15 70.87
C PHE GA 276 -68.25 2.01 69.92
N ARG GA 277 -68.06 3.01 69.06
CA ARG GA 277 -66.89 3.04 68.20
C ARG GA 277 -65.74 3.66 68.98
N LEU GA 278 -64.53 3.49 68.48
CA LEU GA 278 -63.38 4.13 69.08
C LEU GA 278 -63.04 5.42 68.34
N THR GA 279 -62.18 6.21 68.95
CA THR GA 279 -61.60 7.40 68.35
C THR GA 279 -60.38 7.05 67.52
N ASP GA 280 -60.10 7.89 66.52
CA ASP GA 280 -58.83 7.79 65.84
C ASP GA 280 -57.73 8.06 66.87
N SER GA 281 -56.58 7.42 66.68
CA SER GA 281 -55.44 7.42 67.60
C SER GA 281 -55.69 6.41 68.72
N ALA GA 282 -56.92 5.89 68.87
CA ALA GA 282 -57.17 4.72 69.69
C ALA GA 282 -57.14 3.47 68.83
N THR GA 283 -57.70 3.56 67.62
CA THR GA 283 -57.51 2.49 66.63
C THR GA 283 -56.02 2.32 66.36
N LYS GA 284 -55.28 3.42 66.28
CA LYS GA 284 -53.86 3.40 66.03
C LYS GA 284 -53.06 2.95 67.25
N THR GA 285 -53.59 3.16 68.45
CA THR GA 285 -52.93 2.72 69.68
C THR GA 285 -53.21 1.26 70.03
N PHE GA 286 -54.45 0.81 69.82
CA PHE GA 286 -54.80 -0.58 70.12
C PHE GA 286 -53.93 -1.57 69.36
N LEU GA 287 -53.70 -1.31 68.07
CA LEU GA 287 -53.08 -2.29 67.20
C LEU GA 287 -51.61 -2.50 67.53
N GLY GA 288 -50.92 -1.46 67.99
CA GLY GA 288 -49.55 -1.63 68.42
C GLY GA 288 -49.42 -2.74 69.45
N ALA GA 289 -50.41 -2.85 70.34
CA ALA GA 289 -50.42 -3.92 71.33
C ALA GA 289 -50.69 -5.27 70.66
N PHE GA 290 -51.39 -5.28 69.53
CA PHE GA 290 -51.65 -6.54 68.85
C PHE GA 290 -50.34 -7.14 68.35
N ASP GA 291 -49.47 -6.30 67.80
CA ASP GA 291 -48.15 -6.75 67.36
C ASP GA 291 -47.24 -7.11 68.53
N ARG GA 292 -47.46 -6.52 69.72
CA ARG GA 292 -46.67 -6.94 70.88
C ARG GA 292 -46.78 -8.44 71.10
N LYS GA 293 -48.02 -8.94 71.15
CA LYS GA 293 -48.22 -10.39 71.30
C LYS GA 293 -47.63 -11.11 70.11
N LEU GA 294 -47.83 -10.57 68.91
CA LEU GA 294 -47.30 -11.16 67.68
C LEU GA 294 -45.82 -10.88 67.49
N SER GA 295 -45.19 -10.22 68.47
CA SER GA 295 -43.75 -9.98 68.50
C SER GA 295 -43.18 -10.61 69.76
N SER GA 296 -43.84 -11.66 70.26
CA SER GA 296 -43.57 -12.22 71.57
C SER GA 296 -43.33 -13.71 71.42
N GLU GA 297 -42.08 -14.13 71.56
CA GLU GA 297 -41.74 -15.53 71.48
C GLU GA 297 -42.29 -16.25 72.71
N PHE GA 298 -42.09 -17.57 72.77
CA PHE GA 298 -42.44 -18.26 74.00
C PHE GA 298 -41.81 -19.64 74.05
N LYS GA 299 -41.82 -20.19 75.26
CA LYS GA 299 -41.29 -21.51 75.53
C LYS GA 299 -41.95 -22.61 74.70
N HIS GA 300 -43.27 -22.54 74.48
CA HIS GA 300 -43.88 -23.59 73.67
C HIS GA 300 -43.67 -24.94 74.34
N PRO GA 301 -44.44 -25.27 75.39
CA PRO GA 301 -44.04 -26.32 76.34
C PRO GA 301 -43.30 -27.52 75.74
N ILE GA 302 -43.67 -27.95 74.54
CA ILE GA 302 -42.99 -29.11 73.96
C ILE GA 302 -41.66 -28.72 73.32
N PHE GA 303 -41.60 -27.54 72.67
CA PHE GA 303 -40.35 -27.13 72.03
C PHE GA 303 -39.41 -26.44 73.02
N ASN GA 304 -39.98 -25.77 74.02
CA ASN GA 304 -39.34 -25.11 75.16
C ASN GA 304 -38.60 -23.82 74.83
N TYR GA 305 -38.34 -23.49 73.57
CA TYR GA 305 -37.72 -22.18 73.33
C TYR GA 305 -37.76 -21.68 71.88
N LYS GA 306 -38.87 -21.05 71.43
CA LYS GA 306 -38.97 -20.45 70.09
C LYS GA 306 -40.41 -20.10 69.71
N CYS GA 307 -40.62 -19.75 68.43
CA CYS GA 307 -41.94 -19.67 67.81
C CYS GA 307 -42.91 -18.62 68.33
N THR GA 308 -42.79 -17.39 67.84
CA THR GA 308 -43.76 -16.34 68.15
C THR GA 308 -45.19 -16.84 67.93
N TYR GA 309 -46.16 -16.12 68.50
CA TYR GA 309 -47.57 -16.49 68.33
C TYR GA 309 -47.97 -16.56 66.86
N ARG GA 310 -47.61 -15.54 66.07
CA ARG GA 310 -48.03 -15.49 64.67
C ARG GA 310 -47.73 -16.81 63.96
N ARG GA 311 -46.61 -17.45 64.29
CA ARG GA 311 -46.25 -18.69 63.60
C ARG GA 311 -47.03 -19.89 64.12
N ALA GA 312 -47.30 -19.94 65.43
CA ALA GA 312 -48.03 -21.07 65.99
C ALA GA 312 -49.30 -21.36 65.19
N ILE GA 313 -49.93 -20.31 64.63
CA ILE GA 313 -51.13 -20.52 63.83
C ILE GA 313 -50.77 -21.16 62.49
N GLU GA 314 -49.81 -20.57 61.77
CA GLU GA 314 -49.25 -21.25 60.61
C GLU GA 314 -48.92 -22.70 60.97
N LEU GA 315 -48.47 -22.91 62.21
CA LEU GA 315 -48.11 -24.24 62.69
C LEU GA 315 -49.33 -25.12 62.94
N GLN GA 316 -50.25 -24.65 63.78
CA GLN GA 316 -51.41 -25.47 64.14
C GLN GA 316 -52.15 -26.03 62.92
N ALA GA 317 -52.27 -25.22 61.87
CA ALA GA 317 -52.86 -25.73 60.63
C ALA GA 317 -52.04 -26.89 60.09
N ARG GA 318 -50.72 -26.67 59.94
CA ARG GA 318 -49.84 -27.73 59.49
C ARG GA 318 -49.89 -28.94 60.42
N LEU GA 319 -49.92 -28.71 61.74
CA LEU GA 319 -50.09 -29.83 62.65
C LEU GA 319 -51.33 -30.62 62.31
N LEU GA 320 -52.43 -29.91 62.01
CA LEU GA 320 -53.68 -30.60 61.69
C LEU GA 320 -53.59 -31.31 60.34
N ALA GA 321 -53.00 -30.66 59.34
CA ALA GA 321 -52.85 -31.30 58.03
C ALA GA 321 -52.21 -32.66 58.15
N ARG GA 322 -51.13 -32.76 58.93
CA ARG GA 322 -50.47 -34.05 59.11
C ARG GA 322 -51.36 -35.01 59.89
N HIS GA 323 -52.15 -34.50 60.84
CA HIS GA 323 -53.08 -35.36 61.57
C HIS GA 323 -54.04 -36.10 60.66
N LEU GA 324 -54.33 -35.54 59.48
CA LEU GA 324 -55.37 -36.14 58.64
C LEU GA 324 -54.79 -37.09 57.59
N GLN GA 325 -53.67 -36.72 56.97
CA GLN GA 325 -53.01 -37.58 56.00
C GLN GA 325 -51.85 -38.37 56.60
N GLU GA 326 -51.16 -37.82 57.60
CA GLU GA 326 -50.02 -38.50 58.20
C GLU GA 326 -50.35 -39.13 59.55
N GLY GA 327 -51.52 -38.82 60.11
CA GLY GA 327 -51.98 -39.47 61.32
C GLY GA 327 -51.36 -38.96 62.60
N VAL GA 328 -50.78 -37.78 62.61
CA VAL GA 328 -50.14 -37.29 63.83
C VAL GA 328 -51.21 -36.91 64.84
N VAL GA 329 -50.82 -36.75 66.08
CA VAL GA 329 -51.72 -36.23 67.10
C VAL GA 329 -51.85 -34.73 66.93
N TYR GA 330 -52.98 -34.19 67.35
CA TYR GA 330 -53.19 -32.75 67.39
C TYR GA 330 -53.33 -32.40 68.87
N GLU GA 331 -52.19 -32.13 69.52
CA GLU GA 331 -52.19 -31.67 70.89
C GLU GA 331 -52.33 -30.16 70.87
N PRO GA 332 -53.49 -29.59 71.21
CA PRO GA 332 -53.66 -28.14 71.06
C PRO GA 332 -52.68 -27.40 71.97
N LEU GA 333 -52.70 -26.08 71.91
CA LEU GA 333 -51.73 -25.28 72.65
C LEU GA 333 -52.26 -25.07 74.06
N VAL GA 334 -51.39 -25.29 75.04
CA VAL GA 334 -51.75 -25.26 76.45
C VAL GA 334 -50.78 -24.35 77.18
N ILE GA 335 -51.30 -23.53 78.09
CA ILE GA 335 -50.53 -22.51 78.79
C ILE GA 335 -50.63 -22.71 80.29
N ARG GA 336 -49.56 -22.32 80.99
CA ARG GA 336 -49.53 -22.32 82.44
C ARG GA 336 -48.78 -21.08 82.95
N MET HA 12 -80.46 -12.32 41.27
CA MET HA 12 -80.57 -13.03 40.00
C MET HA 12 -79.81 -12.34 38.88
N SER HA 13 -78.57 -11.92 39.15
CA SER HA 13 -77.70 -11.39 38.11
C SER HA 13 -76.30 -11.23 38.67
N THR HA 14 -75.40 -10.75 37.82
CA THR HA 14 -74.00 -10.53 38.15
C THR HA 14 -73.51 -9.39 37.27
N LEU HA 15 -72.37 -8.81 37.63
CA LEU HA 15 -71.86 -7.62 36.96
C LEU HA 15 -70.57 -7.90 36.21
N TYR HA 16 -70.47 -7.32 35.01
CA TYR HA 16 -69.34 -7.51 34.11
C TYR HA 16 -68.81 -6.16 33.65
N LEU HA 17 -67.48 -6.10 33.48
CA LEU HA 17 -66.81 -4.89 33.00
C LEU HA 17 -65.65 -5.27 32.10
N THR HA 18 -65.58 -4.64 30.93
CA THR HA 18 -64.53 -4.91 29.95
C THR HA 18 -63.49 -3.81 29.91
N GLN HA 19 -63.90 -2.58 30.15
CA GLN HA 19 -63.09 -1.38 29.95
C GLN HA 19 -62.35 -1.04 31.23
N PRO HA 20 -61.03 -0.82 31.18
CA PRO HA 20 -60.29 -0.48 32.41
C PRO HA 20 -60.44 0.98 32.81
N ASP HA 21 -61.48 1.64 32.31
CA ASP HA 21 -61.71 3.06 32.57
C ASP HA 21 -62.98 3.33 33.39
N ALA HA 22 -63.53 2.32 34.06
CA ALA HA 22 -64.79 2.45 34.78
C ALA HA 22 -64.54 2.49 36.29
N VAL HA 23 -65.15 3.48 36.95
CA VAL HA 23 -65.07 3.62 38.40
C VAL HA 23 -66.45 3.37 39.00
N LEU HA 24 -66.47 2.71 40.15
CA LEU HA 24 -67.69 2.39 40.88
C LEU HA 24 -67.77 3.24 42.15
N SER HA 25 -68.88 3.96 42.31
CA SER HA 25 -69.15 4.78 43.48
C SER HA 25 -70.46 4.31 44.12
N LYS HA 26 -70.71 4.77 45.34
CA LYS HA 26 -71.96 4.49 46.05
C LYS HA 26 -72.81 5.75 46.11
N LYS HA 27 -74.10 5.60 45.82
CA LYS HA 27 -75.06 6.70 45.97
C LYS HA 27 -76.11 6.32 47.01
N HIS HA 28 -75.73 6.51 48.28
CA HIS HA 28 -76.49 6.37 49.50
C HIS HA 28 -76.91 4.96 49.89
N GLU HA 29 -77.10 4.07 48.92
CA GLU HA 29 -77.28 2.65 49.20
C GLU HA 29 -76.93 1.78 48.01
N ALA HA 30 -76.43 2.39 46.93
CA ALA HA 30 -76.37 1.70 45.66
C ALA HA 30 -75.16 2.16 44.85
N PHE HA 31 -74.92 1.43 43.77
CA PHE HA 31 -73.71 1.56 42.97
C PHE HA 31 -73.94 2.55 41.83
N HIS HA 32 -72.85 3.18 41.39
CA HIS HA 32 -72.87 4.08 40.25
C HIS HA 32 -71.70 3.76 39.33
N VAL HA 33 -72.01 3.37 38.10
CA VAL HA 33 -70.99 3.08 37.10
C VAL HA 33 -70.68 4.34 36.33
N ALA HA 34 -69.40 4.57 36.06
CA ALA HA 34 -68.93 5.73 35.31
C ALA HA 34 -68.07 5.19 34.17
N LEU HA 35 -68.62 5.12 32.98
CA LEU HA 35 -67.91 4.62 31.82
C LEU HA 35 -67.33 5.81 31.07
N LYS HA 36 -66.12 5.66 30.54
CA LYS HA 36 -65.51 6.80 29.88
C LYS HA 36 -65.93 6.82 28.42
N GLN HA 37 -65.97 5.64 27.79
CA GLN HA 37 -66.57 5.56 26.46
C GLN HA 37 -65.94 6.56 25.51
N GLU HA 38 -64.73 6.26 25.03
CA GLU HA 38 -63.98 7.14 24.15
C GLU HA 38 -64.94 7.96 23.29
N ASP HA 39 -64.62 9.24 23.08
CA ASP HA 39 -65.56 10.26 22.66
C ASP HA 39 -66.48 10.68 23.81
N GLY HA 40 -65.88 11.05 24.93
CA GLY HA 40 -66.58 11.69 26.02
C GLY HA 40 -66.50 10.87 27.30
N SER HA 41 -67.55 11.01 28.13
CA SER HA 41 -67.76 10.25 29.36
C SER HA 41 -69.08 9.50 29.31
N TRP HA 42 -69.47 9.08 28.11
CA TRP HA 42 -70.72 8.39 27.83
C TRP HA 42 -71.01 7.27 28.83
N LYS HA 43 -72.32 7.05 29.08
CA LYS HA 43 -72.88 5.96 29.88
C LYS HA 43 -72.44 5.97 31.35
N LYS HA 44 -72.98 6.95 32.09
CA LYS HA 44 -72.82 7.04 33.54
C LYS HA 44 -73.84 6.20 34.31
N GLN HA 45 -74.32 5.10 33.74
CA GLN HA 45 -75.42 4.34 34.30
C GLN HA 45 -75.24 3.77 35.71
N PRO HA 46 -76.00 4.26 36.69
CA PRO HA 46 -75.95 3.66 38.03
C PRO HA 46 -76.70 2.33 38.04
N ILE HA 47 -76.39 1.50 39.02
CA ILE HA 47 -77.03 0.18 39.09
C ILE HA 47 -77.36 -0.17 40.54
N PRO HA 48 -78.53 -0.75 40.80
CA PRO HA 48 -78.90 -1.17 42.15
C PRO HA 48 -78.43 -2.58 42.51
N ALA HA 49 -78.65 -2.92 43.78
CA ALA HA 49 -78.43 -4.25 44.32
C ALA HA 49 -79.76 -5.00 44.30
N GLN HA 50 -79.84 -6.11 45.04
CA GLN HA 50 -81.01 -6.96 45.23
C GLN HA 50 -81.26 -7.89 44.05
N THR HA 51 -80.58 -7.71 42.92
CA THR HA 51 -80.57 -8.73 41.87
C THR HA 51 -79.24 -9.44 41.74
N LEU HA 52 -78.16 -8.83 42.22
CA LEU HA 52 -76.81 -9.34 42.01
C LEU HA 52 -76.39 -10.25 43.16
N GLU HA 53 -75.55 -11.23 42.85
CA GLU HA 53 -74.92 -12.03 43.88
C GLU HA 53 -73.43 -12.23 43.62
N ASP HA 54 -72.87 -11.59 42.60
CA ASP HA 54 -71.48 -11.78 42.22
C ASP HA 54 -71.06 -10.59 41.37
N ILE HA 55 -69.77 -10.28 41.42
CA ILE HA 55 -69.19 -9.16 40.69
C ILE HA 55 -67.97 -9.65 39.94
N VAL HA 56 -67.74 -9.06 38.77
CA VAL HA 56 -66.63 -9.45 37.91
C VAL HA 56 -65.95 -8.20 37.37
N LEU HA 57 -64.65 -8.09 37.59
CA LEU HA 57 -63.83 -7.01 37.02
C LEU HA 57 -62.84 -7.69 36.08
N LEU HA 58 -62.83 -7.25 34.83
CA LEU HA 58 -62.06 -7.94 33.79
C LEU HA 58 -60.73 -7.25 33.50
N GLY HA 59 -60.75 -5.97 33.18
CA GLY HA 59 -59.50 -5.26 32.93
C GLY HA 59 -58.89 -4.89 34.27
N TYR HA 60 -58.47 -3.64 34.41
CA TYR HA 60 -57.99 -3.13 35.69
C TYR HA 60 -58.59 -1.75 35.96
N PRO HA 61 -59.92 -1.67 36.04
CA PRO HA 61 -60.55 -0.36 36.30
C PRO HA 61 -60.33 0.03 37.75
N SER HA 62 -60.49 1.33 38.01
CA SER HA 62 -60.43 1.82 39.37
C SER HA 62 -61.79 1.61 40.04
N ILE HA 63 -61.76 1.32 41.33
CA ILE HA 63 -62.98 1.12 42.10
C ILE HA 63 -62.81 1.79 43.46
N THR HA 64 -63.90 2.38 43.95
CA THR HA 64 -63.93 2.90 45.31
C THR HA 64 -64.01 1.74 46.29
N GLY HA 65 -63.14 1.76 47.31
CA GLY HA 65 -63.27 0.82 48.40
C GLY HA 65 -64.61 0.96 49.09
N GLU HA 66 -65.18 2.16 49.09
CA GLU HA 66 -66.47 2.42 49.72
C GLU HA 66 -67.54 1.46 49.24
N ALA HA 67 -67.36 0.85 48.08
CA ALA HA 67 -68.30 -0.15 47.56
C ALA HA 67 -68.02 -1.54 48.10
N LEU HA 68 -66.74 -1.92 48.16
CA LEU HA 68 -66.39 -3.26 48.62
C LEU HA 68 -66.84 -3.48 50.06
N GLY HA 69 -66.47 -2.56 50.95
CA GLY HA 69 -66.93 -2.64 52.32
C GLY HA 69 -68.45 -2.61 52.43
N TYR HA 70 -69.13 -2.14 51.41
CA TYR HA 70 -70.57 -2.24 51.33
C TYR HA 70 -71.02 -3.54 50.67
N ALA HA 71 -70.19 -4.09 49.77
CA ALA HA 71 -70.51 -5.34 49.10
C ALA HA 71 -70.26 -6.54 50.01
N LEU HA 72 -69.24 -6.47 50.86
CA LEU HA 72 -68.85 -7.58 51.72
C LEU HA 72 -69.59 -7.61 53.04
N GLU HA 73 -70.39 -6.59 53.34
CA GLU HA 73 -71.31 -6.67 54.48
C GLU HA 73 -72.51 -7.57 54.20
N LEU HA 74 -72.62 -8.12 52.99
CA LEU HA 74 -73.75 -8.94 52.58
C LEU HA 74 -73.33 -10.23 51.89
N GLY HA 75 -72.04 -10.44 51.62
CA GLY HA 75 -71.58 -11.65 50.96
C GLY HA 75 -71.34 -11.63 49.46
N LEU HA 76 -70.71 -10.56 48.95
CA LEU HA 76 -70.47 -10.43 47.51
C LEU HA 76 -68.99 -10.54 47.16
N PRO HA 77 -68.53 -11.65 46.60
CA PRO HA 77 -67.15 -11.71 46.11
C PRO HA 77 -66.92 -10.77 44.93
N VAL HA 78 -65.68 -10.29 44.81
CA VAL HA 78 -65.26 -9.44 43.70
C VAL HA 78 -64.02 -10.04 43.07
N HIS HA 79 -64.05 -10.25 41.76
CA HIS HA 79 -62.99 -10.94 41.04
C HIS HA 79 -62.26 -9.97 40.11
N TYR HA 80 -60.94 -10.16 40.02
CA TYR HA 80 -60.08 -9.32 39.19
C TYR HA 80 -59.40 -10.19 38.14
N LEU HA 81 -59.38 -9.72 36.91
CA LEU HA 81 -58.79 -10.44 35.79
C LEU HA 81 -58.01 -9.43 34.95
N THR HA 82 -57.60 -9.85 33.76
CA THR HA 82 -56.94 -8.95 32.81
C THR HA 82 -57.90 -8.68 31.68
N GLN HA 83 -57.67 -7.57 30.96
CA GLN HA 83 -58.51 -7.27 29.80
C GLN HA 83 -58.66 -8.50 28.92
N PHE HA 84 -57.67 -9.39 28.95
CA PHE HA 84 -57.70 -10.64 28.20
C PHE HA 84 -58.55 -11.71 28.88
N GLY HA 85 -58.73 -11.62 30.20
CA GLY HA 85 -59.48 -12.61 30.94
C GLY HA 85 -58.67 -13.54 31.80
N LYS HA 86 -57.35 -13.37 31.89
CA LYS HA 86 -56.54 -14.19 32.78
C LYS HA 86 -56.84 -13.85 34.23
N TYR HA 87 -56.94 -14.89 35.07
CA TYR HA 87 -57.26 -14.69 36.47
C TYR HA 87 -56.04 -14.33 37.30
N VAL HA 88 -56.21 -13.33 38.19
CA VAL HA 88 -55.17 -12.89 39.10
C VAL HA 88 -55.60 -13.02 40.56
N GLY HA 89 -56.84 -12.69 40.87
CA GLY HA 89 -57.30 -12.77 42.25
C GLY HA 89 -58.74 -12.30 42.38
N SER HA 90 -59.29 -12.54 43.57
CA SER HA 90 -60.66 -12.18 43.88
C SER HA 90 -60.79 -11.90 45.38
N ALA HA 91 -61.74 -11.05 45.72
CA ALA HA 91 -61.99 -10.65 47.10
C ALA HA 91 -63.25 -11.33 47.61
N LEU HA 92 -63.11 -12.12 48.68
CA LEU HA 92 -64.23 -12.95 49.12
C LEU HA 92 -64.77 -12.48 50.47
N PRO HA 93 -66.09 -12.60 50.67
CA PRO HA 93 -66.68 -12.23 51.96
C PRO HA 93 -66.60 -13.35 52.98
N SER HA 94 -67.22 -13.15 54.14
CA SER HA 94 -67.33 -14.19 55.15
C SER HA 94 -68.55 -15.09 54.91
N GLU HA 95 -69.72 -14.48 54.71
CA GLU HA 95 -70.98 -15.20 54.70
C GLU HA 95 -71.27 -15.68 53.28
N SER HA 96 -70.55 -16.74 52.91
CA SER HA 96 -70.72 -17.41 51.64
C SER HA 96 -71.40 -18.76 51.83
N ARG HA 97 -72.08 -19.21 50.80
CA ARG HA 97 -72.83 -20.47 50.82
C ARG HA 97 -72.09 -21.53 50.01
N ASN HA 98 -70.76 -21.47 50.02
CA ASN HA 98 -69.94 -22.39 49.26
C ASN HA 98 -69.50 -23.59 50.06
N GLY HA 99 -69.86 -23.67 51.35
CA GLY HA 99 -69.63 -24.89 52.08
C GLY HA 99 -70.52 -26.00 51.57
N GLN HA 100 -71.83 -25.74 51.47
CA GLN HA 100 -72.74 -26.69 50.86
C GLN HA 100 -72.23 -27.14 49.51
N LEU HA 101 -71.68 -26.19 48.74
CA LEU HA 101 -71.10 -26.49 47.44
C LEU HA 101 -69.93 -27.47 47.58
N ARG HA 102 -68.92 -27.08 48.35
CA ARG HA 102 -67.74 -27.93 48.51
C ARG HA 102 -68.11 -29.29 49.09
N LEU HA 103 -69.22 -29.34 49.84
CA LEU HA 103 -69.67 -30.61 50.39
C LEU HA 103 -70.18 -31.53 49.28
N ALA HA 104 -71.14 -31.05 48.48
CA ALA HA 104 -71.61 -31.84 47.35
C ALA HA 104 -70.48 -32.13 46.37
N GLN HA 105 -69.62 -31.15 46.10
CA GLN HA 105 -68.42 -31.38 45.30
C GLN HA 105 -67.65 -32.58 45.79
N PHE HA 106 -67.65 -32.84 47.10
CA PHE HA 106 -66.97 -34.01 47.63
C PHE HA 106 -67.92 -35.21 47.73
N ARG HA 107 -69.09 -35.01 48.35
CA ARG HA 107 -70.08 -36.10 48.41
C ARG HA 107 -70.33 -36.71 47.04
N ALA HA 108 -70.11 -35.94 45.97
CA ALA HA 108 -70.21 -36.46 44.61
C ALA HA 108 -68.93 -37.14 44.15
N HIS HA 109 -67.79 -36.75 44.70
CA HIS HA 109 -66.53 -37.36 44.29
C HIS HA 109 -66.45 -38.81 44.76
N GLU HA 110 -67.03 -39.12 45.92
CA GLU HA 110 -67.09 -40.47 46.45
C GLU HA 110 -68.42 -41.15 46.16
N ASP HA 111 -69.39 -40.43 45.60
CA ASP HA 111 -70.59 -41.07 45.09
C ASP HA 111 -70.42 -41.19 43.58
N PRO HA 112 -69.86 -42.29 43.07
CA PRO HA 112 -69.56 -42.36 41.63
C PRO HA 112 -70.79 -42.19 40.79
N ILE HA 113 -71.98 -42.50 41.34
CA ILE HA 113 -73.22 -42.32 40.60
C ILE HA 113 -73.36 -40.88 40.14
N GLN HA 114 -73.02 -39.94 41.03
CA GLN HA 114 -72.97 -38.53 40.65
C GLN HA 114 -71.78 -38.28 39.74
N ARG HA 115 -70.62 -38.78 40.14
CA ARG HA 115 -69.43 -38.74 39.30
C ARG HA 115 -69.69 -39.32 37.92
N LEU HA 116 -70.40 -40.45 37.86
CA LEU HA 116 -70.63 -41.11 36.58
C LEU HA 116 -71.64 -40.35 35.73
N ASP HA 117 -72.85 -40.15 36.26
CA ASP HA 117 -73.88 -39.42 35.51
C ASP HA 117 -73.41 -38.04 35.11
N ILE HA 118 -72.32 -37.57 35.71
CA ILE HA 118 -71.71 -36.28 35.37
C ILE HA 118 -70.66 -36.44 34.29
N VAL HA 119 -69.70 -37.35 34.48
CA VAL HA 119 -68.64 -37.53 33.49
C VAL HA 119 -69.23 -37.87 32.13
N LYS HA 120 -70.32 -38.65 32.11
CA LYS HA 120 -70.97 -38.97 30.85
C LYS HA 120 -71.36 -37.70 30.10
N ALA HA 121 -71.62 -36.61 30.83
CA ALA HA 121 -71.99 -35.35 30.20
C ALA HA 121 -70.76 -34.66 29.62
N PHE HA 122 -69.67 -34.61 30.38
CA PHE HA 122 -68.45 -33.99 29.90
C PHE HA 122 -68.03 -34.52 28.53
N VAL HA 123 -68.07 -35.85 28.36
CA VAL HA 123 -67.67 -36.44 27.09
C VAL HA 123 -68.76 -36.25 26.04
N LYS HA 124 -70.02 -36.50 26.43
CA LYS HA 124 -71.15 -36.19 25.56
C LYS HA 124 -71.06 -34.78 25.00
N GLY HA 125 -70.59 -33.83 25.81
CA GLY HA 125 -70.44 -32.45 25.36
C GLY HA 125 -69.20 -32.17 24.54
N LYS HA 126 -68.30 -33.14 24.41
CA LYS HA 126 -67.08 -32.99 23.63
C LYS HA 126 -67.21 -33.57 22.23
N VAL HA 127 -67.70 -34.81 22.13
CA VAL HA 127 -67.70 -35.52 20.86
C VAL HA 127 -68.75 -34.94 19.91
N HIS HA 128 -69.95 -34.65 20.41
CA HIS HA 128 -70.96 -34.03 19.55
C HIS HA 128 -70.44 -32.72 18.96
N ASN HA 129 -69.66 -31.96 19.72
CA ASN HA 129 -69.03 -30.76 19.17
C ASN HA 129 -68.01 -31.12 18.11
N GLN HA 130 -67.37 -32.28 18.24
CA GLN HA 130 -66.39 -32.70 17.24
C GLN HA 130 -67.11 -33.12 15.96
N TYR HA 131 -68.07 -34.04 16.08
CA TYR HA 131 -68.90 -34.37 14.93
C TYR HA 131 -69.58 -33.12 14.39
N ASN HA 132 -70.12 -32.27 15.28
CA ASN HA 132 -70.72 -31.01 14.86
C ASN HA 132 -69.68 -30.02 14.37
N LEU HA 133 -68.40 -30.26 14.65
CA LEU HA 133 -67.33 -29.47 14.05
C LEU HA 133 -67.00 -29.98 12.66
N LEU HA 134 -66.75 -31.28 12.55
CA LEU HA 134 -66.41 -31.86 11.26
C LEU HA 134 -67.54 -31.68 10.27
N TYR HA 135 -68.79 -31.64 10.75
CA TYR HA 135 -69.88 -31.19 9.90
C TYR HA 135 -69.83 -29.68 9.70
N ARG HA 136 -69.39 -28.92 10.73
CA ARG HA 136 -69.14 -27.50 10.53
C ARG HA 136 -68.00 -27.30 9.52
N ARG HA 137 -66.88 -27.97 9.75
CA ARG HA 137 -65.81 -28.09 8.77
C ARG HA 137 -66.17 -29.29 7.91
N GLY HA 138 -67.18 -29.11 7.05
CA GLY HA 138 -67.85 -30.25 6.45
C GLY HA 138 -66.84 -31.29 6.04
N GLN HA 139 -66.75 -32.34 6.87
CA GLN HA 139 -65.75 -33.37 6.66
C GLN HA 139 -66.27 -34.79 6.79
N VAL HA 140 -67.10 -35.06 7.81
CA VAL HA 140 -67.52 -36.44 8.07
C VAL HA 140 -68.47 -36.89 6.97
N ASP HA 141 -69.64 -36.27 6.91
CA ASP HA 141 -70.69 -36.71 6.00
C ASP HA 141 -71.92 -35.82 6.13
N ASN HA 142 -72.97 -36.13 5.38
CA ASN HA 142 -74.30 -35.59 5.63
C ASN HA 142 -74.69 -36.03 7.04
N PRO HA 143 -75.85 -35.58 7.60
CA PRO HA 143 -76.00 -35.55 9.06
C PRO HA 143 -75.33 -36.66 9.86
N LEU HA 144 -74.66 -36.22 10.94
CA LEU HA 144 -73.74 -37.01 11.73
C LEU HA 144 -74.18 -37.91 12.89
N LYS HA 145 -74.48 -37.30 14.05
CA LYS HA 145 -74.92 -37.89 15.30
C LYS HA 145 -74.33 -39.27 15.58
N GLY HA 146 -73.00 -39.34 15.62
CA GLY HA 146 -72.30 -40.58 15.93
C GLY HA 146 -71.78 -40.61 17.35
N ARG HA 147 -71.81 -41.79 17.94
CA ARG HA 147 -71.29 -42.07 19.29
C ARG HA 147 -71.66 -40.96 20.27
N GLY HA 148 -72.95 -40.66 20.30
CA GLY HA 148 -73.55 -39.94 21.39
C GLY HA 148 -74.80 -40.71 21.74
N LYS HA 149 -75.13 -40.73 23.03
CA LYS HA 149 -76.20 -41.58 23.55
C LYS HA 149 -75.65 -43.00 23.68
N LEU HA 150 -74.52 -43.28 23.03
CA LEU HA 150 -73.76 -44.49 23.35
C LEU HA 150 -73.16 -44.42 24.74
N VAL HA 151 -73.02 -43.20 25.27
CA VAL HA 151 -72.36 -42.96 26.54
C VAL HA 151 -73.33 -43.08 27.70
N MET HA 152 -74.45 -42.36 27.61
CA MET HA 152 -75.48 -42.49 28.64
C MET HA 152 -75.88 -43.95 28.80
N ARG HA 153 -75.70 -44.75 27.74
CA ARG HA 153 -75.96 -46.18 27.78
C ARG HA 153 -74.80 -46.97 28.35
N GLN HA 154 -73.80 -46.34 28.96
CA GLN HA 154 -72.70 -47.06 29.58
C GLN HA 154 -72.80 -46.90 31.10
N GLN HA 155 -72.06 -47.74 31.81
CA GLN HA 155 -72.22 -47.81 33.25
C GLN HA 155 -70.91 -47.90 34.02
N THR HA 156 -69.78 -47.57 33.40
CA THR HA 156 -68.51 -47.52 34.13
C THR HA 156 -67.62 -46.45 33.51
N LEU HA 157 -66.47 -46.24 34.14
CA LEU HA 157 -65.45 -45.30 33.69
C LEU HA 157 -64.49 -45.93 32.70
N GLU HA 158 -63.91 -47.08 33.06
CA GLU HA 158 -62.97 -47.74 32.14
C GLU HA 158 -63.60 -47.92 30.78
N GLN HA 159 -64.91 -48.17 30.74
CA GLN HA 159 -65.63 -48.16 29.47
C GLN HA 159 -65.48 -46.81 28.77
N VAL HA 160 -65.34 -45.74 29.55
CA VAL HA 160 -65.42 -44.37 29.02
C VAL HA 160 -64.04 -43.82 28.67
N ARG HA 161 -63.06 -43.93 29.57
CA ARG HA 161 -61.76 -43.32 29.31
C ARG HA 161 -61.15 -43.86 28.02
N GLY HA 162 -61.38 -45.14 27.72
CA GLY HA 162 -60.99 -45.65 26.42
C GLY HA 162 -61.72 -44.99 25.27
N ILE HA 163 -62.91 -44.44 25.53
CA ILE HA 163 -63.68 -43.82 24.46
C ILE HA 163 -63.04 -42.49 24.06
N GLU HA 164 -62.66 -41.68 25.05
CA GLU HA 164 -61.99 -40.43 24.75
C GLU HA 164 -60.74 -40.65 23.91
N GLY HA 165 -59.89 -41.59 24.34
CA GLY HA 165 -58.70 -41.89 23.56
C GLY HA 165 -59.03 -42.51 22.21
N LEU HA 166 -60.05 -43.37 22.18
CA LEU HA 166 -60.48 -43.95 20.91
C LEU HA 166 -61.07 -42.88 20.02
N ALA HA 167 -62.07 -42.14 20.52
CA ALA HA 167 -62.66 -41.08 19.73
C ALA HA 167 -61.59 -40.06 19.34
N ALA HA 168 -60.65 -39.78 20.24
CA ALA HA 168 -59.56 -38.86 19.94
C ALA HA 168 -58.63 -39.41 18.87
N ARG HA 169 -58.20 -40.66 19.03
CA ARG HA 169 -57.32 -41.27 18.03
C ARG HA 169 -57.99 -41.33 16.66
N GLU HA 170 -59.29 -41.63 16.64
CA GLU HA 170 -60.05 -41.53 15.40
C GLU HA 170 -60.25 -40.09 14.97
N TYR HA 171 -60.22 -39.17 15.94
CA TYR HA 171 -60.46 -37.74 15.68
C TYR HA 171 -59.21 -37.02 15.19
N PHE HA 172 -58.03 -37.40 15.68
CA PHE HA 172 -56.80 -36.71 15.32
C PHE HA 172 -56.18 -37.21 14.02
N ALA HA 173 -56.46 -38.45 13.63
CA ALA HA 173 -55.94 -38.98 12.37
C ALA HA 173 -56.60 -38.37 11.13
N SER HA 174 -57.72 -37.65 11.30
CA SER HA 174 -58.44 -37.04 10.20
C SER HA 174 -57.99 -35.62 9.87
N TRP HA 175 -56.80 -35.22 10.30
CA TRP HA 175 -56.36 -33.83 10.18
C TRP HA 175 -55.46 -33.58 8.97
N GLN HA 176 -54.43 -34.39 8.76
CA GLN HA 176 -53.61 -34.24 7.56
C GLN HA 176 -54.51 -34.19 6.33
N GLU HA 177 -55.49 -35.09 6.27
CA GLU HA 177 -56.47 -35.07 5.20
C GLU HA 177 -57.28 -33.78 5.23
N MET HA 178 -57.43 -33.18 6.41
CA MET HA 178 -58.21 -31.96 6.56
C MET HA 178 -57.37 -30.70 6.36
N LEU HA 179 -56.05 -30.77 6.61
CA LEU HA 179 -55.20 -29.61 6.40
C LEU HA 179 -54.74 -29.50 4.94
N GLY HA 180 -54.06 -30.55 4.46
CA GLY HA 180 -53.38 -30.50 3.18
C GLY HA 180 -51.95 -31.00 3.34
N HIS HA 181 -51.04 -30.54 2.48
CA HIS HA 181 -49.68 -31.06 2.49
C HIS HA 181 -48.67 -30.15 3.19
N GLU HA 182 -48.99 -28.88 3.37
CA GLU HA 182 -48.00 -27.94 3.89
C GLU HA 182 -47.54 -28.30 5.29
N TRP HA 183 -48.41 -28.91 6.09
CA TRP HA 183 -48.07 -29.30 7.46
C TRP HA 183 -48.18 -30.81 7.61
N THR HA 184 -47.62 -31.32 8.70
CA THR HA 184 -47.56 -32.75 8.96
C THR HA 184 -48.10 -33.03 10.35
N PHE HA 185 -48.93 -34.07 10.44
CA PHE HA 185 -49.52 -34.49 11.71
C PHE HA 185 -49.70 -36.00 11.70
N THR HA 186 -49.09 -36.68 12.67
CA THR HA 186 -49.30 -38.11 12.85
C THR HA 186 -50.20 -38.44 14.03
N GLY HA 187 -50.02 -37.75 15.16
CA GLY HA 187 -50.85 -37.97 16.32
C GLY HA 187 -50.72 -36.80 17.27
N ARG HA 188 -51.51 -36.84 18.35
CA ARG HA 188 -51.45 -35.77 19.34
C ARG HA 188 -50.25 -36.01 20.24
N PHE HA 189 -49.38 -35.00 20.35
CA PHE HA 189 -48.16 -35.10 21.13
C PHE HA 189 -48.14 -34.01 22.21
N ARG HA 190 -48.12 -34.44 23.48
CA ARG HA 190 -47.96 -33.51 24.60
C ARG HA 190 -46.52 -33.00 24.57
N ARG HA 191 -46.11 -32.28 25.62
CA ARG HA 191 -44.73 -31.79 25.63
C ARG HA 191 -43.75 -32.95 25.54
N PRO HA 192 -42.61 -32.77 24.86
CA PRO HA 192 -42.41 -31.66 23.91
C PRO HA 192 -43.17 -31.93 22.62
N PRO HA 193 -43.55 -30.88 21.89
CA PRO HA 193 -44.26 -31.11 20.62
C PRO HA 193 -43.29 -31.52 19.53
N THR HA 194 -43.49 -32.73 18.99
CA THR HA 194 -42.67 -33.19 17.88
C THR HA 194 -43.15 -32.64 16.55
N ASP HA 195 -44.40 -32.21 16.47
CA ASP HA 195 -44.99 -31.51 15.35
C ASP HA 195 -45.32 -30.08 15.77
N PRO HA 196 -45.21 -29.10 14.88
CA PRO HA 196 -45.59 -27.74 15.27
C PRO HA 196 -47.02 -27.69 15.80
N VAL HA 197 -47.95 -28.32 15.09
CA VAL HA 197 -49.37 -28.23 15.42
C VAL HA 197 -49.61 -28.67 16.86
N ASN HA 198 -49.10 -29.85 17.23
CA ASN HA 198 -49.25 -30.33 18.60
C ASN HA 198 -48.80 -29.31 19.63
N ALA HA 199 -47.86 -28.43 19.26
CA ALA HA 199 -47.45 -27.37 20.17
C ALA HA 199 -48.55 -26.32 20.31
N LEU HA 200 -49.23 -26.01 19.21
CA LEU HA 200 -50.27 -24.98 19.25
C LEU HA 200 -51.45 -25.42 20.11
N LEU HA 201 -51.81 -26.70 20.05
CA LEU HA 201 -52.86 -27.20 20.92
C LEU HA 201 -52.38 -27.28 22.35
N SER HA 202 -51.21 -27.88 22.56
CA SER HA 202 -50.58 -27.85 23.87
C SER HA 202 -50.47 -26.42 24.39
N PHE HA 203 -50.29 -25.45 23.49
CA PHE HA 203 -50.35 -24.05 23.86
C PHE HA 203 -51.79 -23.59 24.00
N GLY HA 204 -52.60 -23.82 22.97
CA GLY HA 204 -53.98 -23.37 22.99
C GLY HA 204 -54.77 -24.01 24.11
N TYR HA 205 -54.61 -25.33 24.29
CA TYR HA 205 -55.25 -25.97 25.44
C TYR HA 205 -54.86 -25.26 26.72
N GLY HA 206 -53.69 -24.61 26.73
CA GLY HA 206 -53.21 -23.86 27.85
C GLY HA 206 -53.90 -22.52 27.95
N LEU HA 207 -54.08 -21.85 26.82
CA LEU HA 207 -54.78 -20.57 26.83
C LEU HA 207 -56.26 -20.74 27.12
N LEU HA 208 -56.76 -21.98 27.08
CA LEU HA 208 -58.09 -22.27 27.59
C LEU HA 208 -58.07 -22.37 29.11
N ARG HA 209 -56.98 -22.92 29.66
CA ARG HA 209 -56.84 -22.99 31.11
C ARG HA 209 -57.07 -21.62 31.75
N THR HA 210 -56.68 -20.55 31.08
CA THR HA 210 -56.78 -19.23 31.68
C THR HA 210 -58.23 -18.82 31.90
N GLN HA 211 -59.04 -18.91 30.84
CA GLN HA 211 -60.43 -18.50 30.95
C GLN HA 211 -61.22 -19.49 31.80
N VAL HA 212 -60.76 -20.74 31.83
CA VAL HA 212 -61.36 -21.73 32.71
C VAL HA 212 -60.83 -21.54 34.14
N THR HA 213 -59.52 -21.36 34.27
CA THR HA 213 -58.92 -21.11 35.57
C THR HA 213 -59.57 -19.93 36.28
N ALA HA 214 -60.24 -19.05 35.53
CA ALA HA 214 -60.95 -17.94 36.12
C ALA HA 214 -62.36 -18.34 36.55
N ALA HA 215 -63.09 -19.02 35.65
CA ALA HA 215 -64.48 -19.39 35.93
C ALA HA 215 -64.59 -20.25 37.17
N VAL HA 216 -63.63 -21.15 37.39
CA VAL HA 216 -63.72 -22.08 38.52
C VAL HA 216 -63.65 -21.33 39.85
N HIS HA 217 -62.69 -20.43 39.98
CA HIS HA 217 -62.55 -19.66 41.22
C HIS HA 217 -63.74 -18.77 41.48
N ILE HA 218 -64.55 -18.47 40.46
CA ILE HA 218 -65.72 -17.63 40.65
C ILE HA 218 -66.83 -18.39 41.37
N ALA HA 219 -67.07 -19.64 40.98
CA ALA HA 219 -68.04 -20.46 41.68
C ALA HA 219 -67.52 -20.98 43.01
N GLY HA 220 -66.26 -20.70 43.34
CA GLY HA 220 -65.68 -21.21 44.57
C GLY HA 220 -65.28 -22.66 44.53
N LEU HA 221 -65.18 -23.25 43.34
CA LEU HA 221 -64.85 -24.67 43.25
C LEU HA 221 -63.37 -24.89 43.56
N ASP HA 222 -63.05 -26.10 44.02
CA ASP HA 222 -61.67 -26.51 44.19
C ASP HA 222 -61.21 -27.11 42.87
N PRO HA 223 -60.38 -26.43 42.08
CA PRO HA 223 -60.00 -27.00 40.77
C PRO HA 223 -59.28 -28.32 40.90
N TYR HA 224 -58.54 -28.51 41.98
CA TYR HA 224 -57.70 -29.67 42.20
C TYR HA 224 -58.48 -30.89 42.62
N ILE HA 225 -59.80 -30.78 42.76
CA ILE HA 225 -60.69 -31.90 43.03
C ILE HA 225 -61.62 -32.04 41.83
N GLY HA 226 -61.46 -33.12 41.09
CA GLY HA 226 -62.27 -33.39 39.93
C GLY HA 226 -62.97 -34.72 40.00
N PHE HA 227 -63.63 -35.11 38.91
CA PHE HA 227 -64.36 -36.36 38.85
C PHE HA 227 -63.83 -37.33 37.81
N LEU HA 228 -63.29 -36.84 36.70
CA LEU HA 228 -62.62 -37.69 35.72
C LEU HA 228 -61.11 -37.71 35.95
N HIS HA 229 -60.48 -36.55 35.93
CA HIS HA 229 -59.03 -36.45 36.13
C HIS HA 229 -58.74 -36.74 37.60
N GLU HA 230 -58.18 -37.91 37.87
CA GLU HA 230 -57.88 -38.31 39.24
C GLU HA 230 -56.97 -37.28 39.91
N THR HA 231 -57.33 -36.89 41.12
CA THR HA 231 -56.67 -35.79 41.80
C THR HA 231 -55.31 -36.28 42.31
N THR HA 232 -54.26 -35.62 41.84
CA THR HA 232 -52.89 -35.88 42.26
C THR HA 232 -52.00 -34.81 41.63
N ARG HA 233 -50.76 -34.75 42.08
CA ARG HA 233 -49.76 -33.86 41.52
C ARG HA 233 -50.20 -32.41 41.53
N GLY HA 234 -51.22 -32.08 42.33
CA GLY HA 234 -51.73 -30.72 42.28
C GLY HA 234 -52.33 -30.36 40.94
N GLN HA 235 -53.06 -31.29 40.35
CA GLN HA 235 -53.61 -31.00 39.03
C GLN HA 235 -55.02 -30.45 39.16
N PRO HA 236 -55.33 -29.33 38.50
CA PRO HA 236 -56.69 -28.77 38.58
C PRO HA 236 -57.67 -29.67 37.84
N ALA HA 237 -58.30 -30.59 38.56
CA ALA HA 237 -59.14 -31.58 37.89
C ALA HA 237 -60.54 -31.05 37.66
N MET HA 238 -61.05 -30.19 38.55
CA MET HA 238 -62.31 -29.53 38.28
C MET HA 238 -62.20 -28.67 37.02
N ILE HA 239 -61.00 -28.22 36.67
CA ILE HA 239 -60.78 -27.50 35.43
C ILE HA 239 -60.76 -28.46 34.24
N LEU HA 240 -59.89 -29.47 34.30
CA LEU HA 240 -59.66 -30.32 33.14
C LEU HA 240 -60.93 -31.02 32.68
N ASP HA 241 -61.82 -31.37 33.61
CA ASP HA 241 -63.11 -31.89 33.20
C ASP HA 241 -63.82 -30.93 32.26
N LEU HA 242 -63.66 -29.62 32.49
CA LEU HA 242 -64.31 -28.62 31.66
C LEU HA 242 -63.52 -28.32 30.39
N MET HA 243 -62.19 -28.27 30.46
CA MET HA 243 -61.43 -27.88 29.28
C MET HA 243 -61.76 -28.77 28.08
N GLU HA 244 -62.15 -30.02 28.33
CA GLU HA 244 -62.38 -30.96 27.23
C GLU HA 244 -63.57 -30.56 26.38
N GLU HA 245 -64.69 -30.18 27.00
CA GLU HA 245 -65.88 -29.82 26.24
C GLU HA 245 -65.67 -28.60 25.37
N PHE HA 246 -64.61 -27.82 25.62
CA PHE HA 246 -64.29 -26.63 24.85
C PHE HA 246 -63.06 -26.83 23.99
N ARG HA 247 -62.25 -27.83 24.32
CA ARG HA 247 -61.00 -28.10 23.61
C ARG HA 247 -61.23 -28.28 22.11
N ALA HA 248 -62.36 -28.85 21.72
CA ALA HA 248 -62.64 -29.22 20.35
C ALA HA 248 -63.22 -28.08 19.53
N LEU HA 249 -63.64 -27.00 20.18
CA LEU HA 249 -64.38 -25.93 19.51
C LEU HA 249 -63.63 -24.61 19.45
N VAL HA 250 -62.71 -24.36 20.37
CA VAL HA 250 -62.04 -23.07 20.48
C VAL HA 250 -60.57 -23.17 20.11
N ALA HA 251 -59.84 -24.11 20.73
CA ALA HA 251 -58.43 -24.26 20.39
C ALA HA 251 -58.25 -25.04 19.09
N ASP HA 252 -59.17 -25.97 18.78
CA ASP HA 252 -59.06 -26.74 17.55
C ASP HA 252 -59.67 -26.02 16.36
N SER HA 253 -60.66 -25.15 16.59
CA SER HA 253 -61.23 -24.39 15.50
C SER HA 253 -60.34 -23.21 15.08
N VAL HA 254 -59.62 -22.62 16.04
CA VAL HA 254 -58.77 -21.47 15.73
C VAL HA 254 -57.63 -21.88 14.81
N VAL HA 255 -56.96 -22.99 15.11
CA VAL HA 255 -55.79 -23.38 14.33
C VAL HA 255 -56.16 -23.50 12.86
N LEU HA 256 -57.27 -24.21 12.58
CA LEU HA 256 -57.74 -24.38 11.22
C LEU HA 256 -58.26 -23.09 10.62
N THR HA 257 -58.54 -22.09 11.47
CA THR HA 257 -58.98 -20.78 11.01
C THR HA 257 -57.83 -19.91 10.55
N VAL HA 258 -56.62 -20.19 11.03
CA VAL HA 258 -55.44 -19.42 10.69
C VAL HA 258 -54.62 -20.14 9.62
N LEU HA 259 -54.73 -21.46 9.58
CA LEU HA 259 -53.90 -22.24 8.67
C LEU HA 259 -54.42 -22.34 7.24
N LYS HA 260 -55.50 -21.68 6.89
CA LYS HA 260 -55.84 -21.45 5.49
C LYS HA 260 -55.66 -19.99 5.10
N GLN HA 261 -55.04 -19.20 5.97
CA GLN HA 261 -54.80 -17.78 5.72
C GLN HA 261 -53.51 -17.25 6.34
N ARG HA 262 -53.07 -17.89 7.42
CA ARG HA 262 -52.10 -17.31 8.34
C ARG HA 262 -50.92 -18.24 8.60
N GLU HA 263 -50.21 -17.96 9.71
CA GLU HA 263 -48.94 -18.56 10.11
C GLU HA 263 -48.63 -19.91 9.48
N ILE HA 264 -47.41 -20.01 8.96
CA ILE HA 264 -46.91 -21.16 8.22
C ILE HA 264 -45.50 -21.44 8.74
N GLN HA 265 -44.86 -22.47 8.19
CA GLN HA 265 -43.51 -22.84 8.59
C GLN HA 265 -42.55 -21.65 8.67
N ARG HA 266 -42.88 -20.53 8.00
CA ARG HA 266 -42.00 -19.37 8.06
C ARG HA 266 -41.64 -18.95 9.48
N GLN HA 267 -42.40 -19.37 10.49
CA GLN HA 267 -42.24 -18.87 11.84
C GLN HA 267 -41.75 -19.90 12.86
N ASP HA 268 -42.50 -20.99 13.03
CA ASP HA 268 -42.15 -22.03 13.99
C ASP HA 268 -40.69 -22.44 13.91
N PHE HA 269 -40.01 -22.37 15.06
CA PHE HA 269 -38.60 -22.71 15.15
C PHE HA 269 -38.26 -23.91 14.28
N THR HA 270 -37.10 -23.86 13.64
CA THR HA 270 -36.48 -25.11 13.22
C THR HA 270 -36.18 -25.90 14.48
N GLU HA 271 -36.25 -27.23 14.38
CA GLU HA 271 -36.15 -27.97 15.64
C GLU HA 271 -34.85 -27.56 16.31
N SER HA 272 -34.97 -26.74 17.36
CA SER HA 272 -33.79 -26.20 18.01
C SER HA 272 -33.06 -27.28 18.77
N LEU HA 273 -33.75 -27.87 19.75
CA LEU HA 273 -33.30 -29.09 20.41
C LEU HA 273 -34.46 -30.07 20.53
N GLY HA 274 -35.43 -29.95 19.63
CA GLY HA 274 -36.54 -30.89 19.55
C GLY HA 274 -37.89 -30.22 19.45
N ALA HA 275 -38.02 -29.05 20.07
CA ALA HA 275 -39.28 -28.35 20.07
C ALA HA 275 -39.61 -27.80 18.68
N PHE HA 276 -40.88 -27.45 18.50
CA PHE HA 276 -41.31 -26.52 17.46
C PHE HA 276 -41.98 -25.36 18.19
N ARG HA 277 -41.16 -24.43 18.67
CA ARG HA 277 -41.73 -23.25 19.30
C ARG HA 277 -42.08 -22.22 18.23
N LEU HA 278 -42.78 -21.17 18.66
CA LEU HA 278 -43.25 -20.11 17.79
C LEU HA 278 -42.29 -18.93 17.76
N THR HA 279 -42.58 -18.01 16.86
CA THR HA 279 -41.89 -16.72 16.78
C THR HA 279 -42.49 -15.76 17.81
N ASP HA 280 -41.66 -14.84 18.31
CA ASP HA 280 -42.17 -13.83 19.22
C ASP HA 280 -43.20 -12.94 18.54
N SER HA 281 -43.10 -12.79 17.22
CA SER HA 281 -44.06 -12.03 16.43
C SER HA 281 -45.21 -12.89 15.92
N ALA HA 282 -45.10 -14.22 16.06
CA ALA HA 282 -46.21 -15.12 15.79
C ALA HA 282 -47.08 -15.34 17.02
N THR HA 283 -46.47 -15.40 18.20
CA THR HA 283 -47.27 -15.44 19.42
C THR HA 283 -48.25 -14.28 19.46
N LYS HA 284 -47.82 -13.10 19.02
CA LYS HA 284 -48.66 -11.92 19.01
C LYS HA 284 -49.74 -11.97 17.92
N THR HA 285 -49.50 -12.73 16.84
CA THR HA 285 -50.48 -12.88 15.77
C THR HA 285 -51.54 -13.91 16.09
N PHE HA 286 -51.18 -14.96 16.83
CA PHE HA 286 -52.12 -16.02 17.18
C PHE HA 286 -53.37 -15.44 17.82
N LEU HA 287 -53.20 -14.49 18.73
CA LEU HA 287 -54.33 -13.97 19.52
C LEU HA 287 -55.28 -13.13 18.69
N GLY HA 288 -54.78 -12.47 17.64
CA GLY HA 288 -55.65 -11.60 16.85
C GLY HA 288 -56.94 -12.28 16.44
N ALA HA 289 -56.84 -13.52 15.95
CA ALA HA 289 -58.03 -14.31 15.68
C ALA HA 289 -58.62 -14.92 16.95
N PHE HA 290 -57.77 -15.16 17.97
CA PHE HA 290 -58.23 -15.86 19.15
C PHE HA 290 -59.26 -15.06 19.94
N ASP HA 291 -58.96 -13.79 20.23
CA ASP HA 291 -59.93 -12.97 20.97
C ASP HA 291 -61.14 -12.65 20.12
N ARG HA 292 -60.99 -12.60 18.80
CA ARG HA 292 -62.15 -12.49 17.92
C ARG HA 292 -63.13 -13.62 18.18
N LYS HA 293 -62.62 -14.84 18.34
CA LYS HA 293 -63.50 -15.98 18.58
C LYS HA 293 -64.33 -15.77 19.85
N LEU HA 294 -63.73 -15.21 20.90
CA LEU HA 294 -64.46 -15.00 22.15
C LEU HA 294 -65.35 -13.75 22.06
N SER HA 295 -66.11 -13.62 20.96
CA SER HA 295 -67.05 -12.53 20.80
C SER HA 295 -68.31 -12.98 20.06
N SER HA 296 -68.64 -14.27 20.12
CA SER HA 296 -69.66 -14.89 19.27
C SER HA 296 -70.54 -15.83 20.09
N GLU HA 297 -71.05 -16.88 19.45
CA GLU HA 297 -71.93 -17.85 20.10
C GLU HA 297 -73.33 -17.29 20.37
N PHE HA 298 -74.07 -17.11 19.29
CA PHE HA 298 -75.48 -16.77 19.30
C PHE HA 298 -76.35 -17.84 19.91
N LYS HA 299 -75.77 -18.88 20.50
CA LYS HA 299 -76.52 -19.94 21.14
C LYS HA 299 -77.65 -20.39 20.23
N HIS HA 300 -77.22 -20.98 19.13
CA HIS HA 300 -78.09 -21.47 18.06
C HIS HA 300 -79.38 -22.08 18.58
N PRO HA 301 -79.37 -22.78 19.72
CA PRO HA 301 -80.63 -23.03 20.43
C PRO HA 301 -81.14 -21.72 21.02
N ILE HA 302 -82.34 -21.30 20.59
CA ILE HA 302 -82.86 -19.96 20.82
C ILE HA 302 -82.70 -19.52 22.28
N PHE HA 303 -82.47 -20.48 23.16
CA PHE HA 303 -82.57 -20.32 24.60
C PHE HA 303 -81.97 -19.03 25.18
N ASN HA 304 -80.88 -18.52 24.61
CA ASN HA 304 -80.34 -17.23 25.05
C ASN HA 304 -79.36 -16.71 24.02
N TYR HA 305 -79.73 -15.60 23.36
CA TYR HA 305 -78.84 -14.99 22.38
C TYR HA 305 -77.57 -14.45 23.04
N LYS HA 306 -77.73 -13.67 24.11
CA LYS HA 306 -76.62 -12.97 24.73
C LYS HA 306 -75.63 -13.88 25.45
N CYS HA 307 -74.59 -14.32 24.75
CA CYS HA 307 -73.48 -14.99 25.41
C CYS HA 307 -72.27 -15.17 24.51
N THR HA 308 -71.12 -14.60 24.89
CA THR HA 308 -69.87 -14.92 24.21
C THR HA 308 -69.31 -16.23 24.77
N TYR HA 309 -68.36 -16.82 24.04
CA TYR HA 309 -67.68 -18.01 24.53
C TYR HA 309 -66.97 -17.72 25.86
N ARG HA 310 -66.24 -16.60 25.91
CA ARG HA 310 -65.49 -16.23 27.10
C ARG HA 310 -66.37 -16.29 28.34
N ARG HA 311 -67.61 -15.81 28.24
CA ARG HA 311 -68.51 -15.81 29.38
C ARG HA 311 -69.19 -17.16 29.56
N ALA HA 312 -69.55 -17.82 28.45
CA ALA HA 312 -70.25 -19.09 28.51
C ALA HA 312 -69.65 -20.05 29.52
N ILE HA 313 -68.33 -19.94 29.75
CA ILE HA 313 -67.66 -20.84 30.68
C ILE HA 313 -68.12 -20.57 32.11
N GLU HA 314 -68.06 -19.30 32.53
CA GLU HA 314 -68.59 -18.90 33.83
C GLU HA 314 -69.96 -19.52 34.08
N LEU HA 315 -70.77 -19.64 33.04
CA LEU HA 315 -72.10 -20.19 33.19
C LEU HA 315 -72.03 -21.69 33.49
N GLN HA 316 -71.33 -22.45 32.64
CA GLN HA 316 -71.25 -23.90 32.82
C GLN HA 316 -70.81 -24.25 34.24
N ALA HA 317 -69.84 -23.52 34.78
CA ALA HA 317 -69.44 -23.74 36.17
C ALA HA 317 -70.59 -23.38 37.11
N ARG HA 318 -71.13 -22.16 36.97
CA ARG HA 318 -72.28 -21.77 37.78
C ARG HA 318 -73.44 -22.73 37.55
N LEU HA 319 -73.66 -23.13 36.30
CA LEU HA 319 -74.64 -24.18 36.02
C LEU HA 319 -74.33 -25.43 36.84
N LEU HA 320 -73.05 -25.79 36.92
CA LEU HA 320 -72.67 -26.98 37.67
C LEU HA 320 -72.86 -26.77 39.17
N ALA HA 321 -72.47 -25.59 39.67
CA ALA HA 321 -72.69 -25.30 41.09
C ALA HA 321 -74.14 -25.56 41.48
N ARG HA 322 -75.07 -25.09 40.65
CA ARG HA 322 -76.49 -25.33 40.94
C ARG HA 322 -76.82 -26.81 40.85
N HIS HA 323 -76.15 -27.53 39.94
CA HIS HA 323 -76.26 -28.99 39.93
C HIS HA 323 -75.89 -29.57 41.28
N LEU HA 324 -75.04 -28.88 42.03
CA LEU HA 324 -74.48 -29.38 43.28
C LEU HA 324 -75.19 -28.85 44.52
N GLN HA 325 -75.63 -27.58 44.51
CA GLN HA 325 -76.35 -27.02 45.65
C GLN HA 325 -77.86 -27.16 45.49
N GLU HA 326 -78.33 -27.04 44.26
CA GLU HA 326 -79.75 -26.99 43.95
C GLU HA 326 -80.26 -28.27 43.31
N GLY HA 327 -79.38 -29.21 42.98
CA GLY HA 327 -79.82 -30.46 42.39
C GLY HA 327 -80.12 -30.33 40.92
N VAL HA 328 -79.59 -29.29 40.28
CA VAL HA 328 -79.89 -29.04 38.88
C VAL HA 328 -79.21 -30.06 37.98
N VAL HA 329 -79.67 -30.12 36.75
CA VAL HA 329 -79.03 -30.89 35.70
C VAL HA 329 -77.82 -30.12 35.17
N TYR HA 330 -76.85 -30.83 34.63
CA TYR HA 330 -75.76 -30.22 33.90
C TYR HA 330 -75.93 -30.65 32.45
N GLU HA 331 -76.69 -29.88 31.68
CA GLU HA 331 -76.84 -30.12 30.25
C GLU HA 331 -75.69 -29.39 29.58
N PRO HA 332 -74.67 -30.08 29.09
CA PRO HA 332 -73.47 -29.37 28.62
C PRO HA 332 -73.76 -28.52 27.39
N LEU HA 333 -72.74 -27.74 27.02
CA LEU HA 333 -72.83 -26.83 25.89
C LEU HA 333 -72.28 -27.51 24.65
N VAL HA 334 -73.06 -27.49 23.57
CA VAL HA 334 -72.65 -28.09 22.30
C VAL HA 334 -73.01 -27.13 21.18
N ILE HA 335 -72.08 -26.97 20.24
CA ILE HA 335 -72.19 -26.03 19.12
C ILE HA 335 -73.01 -24.80 19.50
N MET IA 12 1.90 -1.44 59.94
CA MET IA 12 0.83 -0.55 60.39
C MET IA 12 0.81 0.77 59.64
N SER IA 13 0.27 0.77 58.41
CA SER IA 13 -0.13 2.01 57.74
C SER IA 13 1.05 2.96 57.59
N THR IA 14 1.96 2.61 56.69
CA THR IA 14 3.18 3.40 56.50
C THR IA 14 3.21 4.03 55.12
N LEU IA 15 3.97 5.12 55.02
CA LEU IA 15 4.06 5.92 53.81
C LEU IA 15 5.50 5.94 53.29
N TYR IA 16 5.63 5.82 51.97
CA TYR IA 16 6.91 5.85 51.28
C TYR IA 16 6.79 6.83 50.12
N LEU IA 17 7.90 7.51 49.80
CA LEU IA 17 7.89 8.45 48.69
C LEU IA 17 9.18 8.33 47.89
N THR IA 18 9.01 8.16 46.58
CA THR IA 18 10.10 7.97 45.63
C THR IA 18 10.34 9.17 44.74
N GLN IA 19 9.32 9.96 44.46
CA GLN IA 19 9.38 10.93 43.38
C GLN IA 19 10.03 12.21 43.88
N PRO IA 20 11.11 12.69 43.23
CA PRO IA 20 11.77 13.91 43.73
C PRO IA 20 11.08 15.21 43.34
N ASP IA 21 9.85 15.14 42.87
CA ASP IA 21 9.06 16.33 42.51
C ASP IA 21 7.77 16.44 43.31
N ALA IA 22 7.67 15.75 44.44
CA ALA IA 22 6.42 15.64 45.18
C ALA IA 22 6.41 16.62 46.35
N VAL IA 23 5.33 17.37 46.47
CA VAL IA 23 5.15 18.35 47.54
C VAL IA 23 4.04 17.91 48.48
N LEU IA 24 4.30 18.07 49.78
CA LEU IA 24 3.31 17.79 50.81
C LEU IA 24 2.89 19.10 51.47
N SER IA 25 1.60 19.40 51.44
CA SER IA 25 1.01 20.52 52.15
C SER IA 25 -0.09 19.98 53.03
N LYS IA 26 -0.56 20.81 53.97
CA LYS IA 26 -1.65 20.44 54.86
C LYS IA 26 -2.91 21.22 54.50
N LYS IA 27 -4.04 20.52 54.48
CA LYS IA 27 -5.34 21.18 54.30
C LYS IA 27 -6.18 20.99 55.57
N HIS IA 28 -5.90 21.82 56.56
CA HIS IA 28 -6.68 21.95 57.79
C HIS IA 28 -6.77 20.71 58.66
N GLU IA 29 -6.50 19.51 58.12
CA GLU IA 29 -6.30 18.35 58.96
C GLU IA 29 -5.50 17.25 58.28
N ALA IA 30 -5.09 17.47 57.03
CA ALA IA 30 -4.58 16.36 56.22
C ALA IA 30 -3.64 16.86 55.13
N PHE IA 31 -2.98 15.90 54.49
CA PHE IA 31 -1.92 16.13 53.51
C PHE IA 31 -2.47 16.11 52.08
N HIS IA 32 -1.77 16.80 51.18
CA HIS IA 32 -2.06 16.78 49.75
C HIS IA 32 -0.75 16.64 48.98
N VAL IA 33 -0.62 15.57 48.19
CA VAL IA 33 0.55 15.32 47.35
C VAL IA 33 0.32 15.91 45.97
N ALA IA 34 1.37 16.49 45.37
CA ALA IA 34 1.32 17.17 44.08
C ALA IA 34 2.37 16.54 43.15
N LEU IA 35 1.91 15.72 42.21
CA LEU IA 35 2.80 14.95 41.33
C LEU IA 35 3.01 15.50 39.93
N LYS IA 36 1.92 15.64 39.15
CA LYS IA 36 2.00 15.66 37.69
C LYS IA 36 3.14 16.46 37.06
N GLN IA 37 3.60 17.51 37.73
CA GLN IA 37 4.72 18.31 37.23
C GLN IA 37 4.34 19.01 35.93
N GLU IA 38 3.34 19.88 36.04
CA GLU IA 38 3.03 20.88 35.01
C GLU IA 38 2.60 20.24 33.69
N ASP IA 39 2.01 19.05 33.76
CA ASP IA 39 1.23 18.50 32.65
C ASP IA 39 -0.26 18.56 32.98
N GLY IA 40 -0.64 19.52 33.83
CA GLY IA 40 -1.97 19.65 34.37
C GLY IA 40 -1.93 20.62 35.53
N SER IA 41 -2.48 20.22 36.69
CA SER IA 41 -2.39 21.01 37.91
C SER IA 41 -1.62 20.26 38.99
N TRP IA 42 -0.71 19.37 38.57
CA TRP IA 42 0.17 18.57 39.43
C TRP IA 42 -0.50 17.34 40.04
N LYS IA 43 -1.73 17.00 39.66
CA LYS IA 43 -2.41 15.83 40.20
C LYS IA 43 -2.26 15.80 41.73
N LYS IA 44 -2.89 16.79 42.36
CA LYS IA 44 -2.83 16.96 43.82
C LYS IA 44 -3.65 15.88 44.51
N GLN IA 45 -2.96 14.90 45.12
CA GLN IA 45 -3.57 13.71 45.70
C GLN IA 45 -3.63 13.75 47.22
N PRO IA 46 -4.81 13.64 47.83
CA PRO IA 46 -4.93 13.68 49.30
C PRO IA 46 -4.39 12.46 50.01
N ILE IA 47 -4.04 12.66 51.29
CA ILE IA 47 -3.54 11.60 52.17
C ILE IA 47 -4.02 11.80 53.61
N PRO IA 48 -4.40 10.75 54.34
CA PRO IA 48 -4.60 10.90 55.79
C PRO IA 48 -3.29 10.68 56.54
N ALA IA 49 -3.25 11.19 57.77
CA ALA IA 49 -2.09 10.98 58.62
C ALA IA 49 -2.45 10.56 60.04
N GLN IA 50 -3.64 10.92 60.49
CA GLN IA 50 -4.12 10.50 61.81
C GLN IA 50 -4.14 8.98 61.97
N THR IA 51 -3.86 8.22 60.91
CA THR IA 51 -3.70 6.77 60.97
C THR IA 51 -2.25 6.32 60.96
N LEU IA 52 -1.31 7.20 60.62
CA LEU IA 52 0.06 6.80 60.31
C LEU IA 52 0.94 6.68 61.55
N GLU IA 53 2.01 5.89 61.39
CA GLU IA 53 3.04 5.77 62.41
C GLU IA 53 4.47 5.94 61.89
N ASP IA 54 4.66 6.17 60.59
CA ASP IA 54 6.01 6.29 60.05
C ASP IA 54 5.95 6.81 58.61
N ILE IA 55 7.00 7.53 58.21
CA ILE IA 55 7.12 8.07 56.86
C ILE IA 55 8.54 7.84 56.32
N VAL IA 56 8.65 7.68 55.00
CA VAL IA 56 9.92 7.40 54.33
C VAL IA 56 10.04 8.23 53.05
N LEU IA 57 11.11 9.01 52.92
CA LEU IA 57 11.39 9.82 51.73
C LEU IA 57 12.74 9.45 51.11
N LEU IA 58 12.72 9.13 49.81
CA LEU IA 58 13.91 8.64 49.12
C LEU IA 58 14.55 9.64 48.15
N GLY IA 59 13.81 10.14 47.18
CA GLY IA 59 14.38 11.02 46.17
C GLY IA 59 14.57 12.46 46.59
N TYR IA 60 14.74 12.70 47.88
CA TYR IA 60 14.97 14.05 48.37
C TYR IA 60 13.79 14.92 47.91
N PRO IA 61 12.57 14.55 48.26
CA PRO IA 61 11.40 15.33 47.83
C PRO IA 61 11.21 16.61 48.64
N SER IA 62 10.44 17.53 48.06
CA SER IA 62 10.08 18.78 48.71
C SER IA 62 8.93 18.59 49.68
N ILE IA 63 8.95 19.36 50.77
CA ILE IA 63 7.94 19.27 51.81
C ILE IA 63 7.58 20.66 52.31
N THR IA 64 6.31 20.86 52.65
CA THR IA 64 5.88 22.04 53.38
C THR IA 64 6.35 21.93 54.82
N GLY IA 65 7.06 22.96 55.31
CA GLY IA 65 7.40 23.00 56.72
C GLY IA 65 6.18 23.10 57.60
N GLU IA 66 5.18 23.89 57.19
CA GLU IA 66 3.93 24.00 57.95
C GLU IA 66 3.24 22.65 58.07
N ALA IA 67 3.53 21.73 57.15
CA ALA IA 67 2.97 20.38 57.22
C ALA IA 67 3.79 19.52 58.16
N LEU IA 68 5.11 19.74 58.15
CA LEU IA 68 6.01 18.96 59.00
C LEU IA 68 5.63 19.10 60.46
N GLY IA 69 5.44 20.33 60.93
CA GLY IA 69 5.02 20.60 62.30
C GLY IA 69 3.73 19.93 62.70
N TYR IA 70 2.94 19.44 61.74
CA TYR IA 70 1.74 18.70 62.06
C TYR IA 70 2.01 17.22 62.29
N ALA IA 71 3.07 16.67 61.70
CA ALA IA 71 3.38 15.27 61.89
C ALA IA 71 3.91 14.98 63.28
N LEU IA 72 4.65 15.90 63.87
CA LEU IA 72 5.27 15.67 65.16
C LEU IA 72 4.35 15.96 66.33
N GLU IA 73 3.19 16.57 66.07
CA GLU IA 73 2.10 16.61 67.03
C GLU IA 73 1.35 15.29 67.12
N LEU IA 74 1.80 14.27 66.37
CA LEU IA 74 1.07 13.04 66.20
C LEU IA 74 1.88 11.80 66.52
N GLY IA 75 3.18 11.93 66.71
CA GLY IA 75 4.04 10.79 67.00
C GLY IA 75 4.56 10.16 65.72
N LEU IA 76 4.87 11.00 64.72
CA LEU IA 76 5.31 10.50 63.42
C LEU IA 76 6.76 10.82 63.15
N PRO IA 77 7.68 9.86 63.27
CA PRO IA 77 9.05 10.12 62.83
C PRO IA 77 9.07 10.30 61.33
N VAL IA 78 10.06 11.06 60.85
CA VAL IA 78 10.22 11.31 59.42
C VAL IA 78 11.63 10.89 59.04
N HIS IA 79 11.72 10.00 58.05
CA HIS IA 79 12.99 9.39 57.65
C HIS IA 79 13.35 9.81 56.24
N TYR IA 80 14.66 9.97 56.02
CA TYR IA 80 15.20 10.45 54.76
C TYR IA 80 16.16 9.43 54.16
N LEU IA 81 16.02 9.19 52.86
CA LEU IA 81 16.90 8.27 52.14
C LEU IA 81 17.23 8.87 50.78
N THR IA 82 17.98 8.09 49.99
CA THR IA 82 18.34 8.41 48.62
C THR IA 82 17.74 7.37 47.68
N GLN IA 83 17.71 7.69 46.39
CA GLN IA 83 17.21 6.74 45.39
C GLN IA 83 17.77 5.35 45.62
N PHE IA 84 19.00 5.26 46.11
CA PHE IA 84 19.65 3.98 46.35
C PHE IA 84 19.22 3.32 47.64
N GLY IA 85 18.72 4.10 48.61
CA GLY IA 85 18.31 3.57 49.88
C GLY IA 85 19.28 3.85 51.00
N LYS IA 86 20.36 4.58 50.72
CA LYS IA 86 21.32 4.89 51.76
C LYS IA 86 20.70 5.84 52.78
N TYR IA 87 20.99 5.59 54.05
CA TYR IA 87 20.43 6.41 55.11
C TYR IA 87 21.21 7.71 55.22
N VAL IA 88 20.48 8.81 55.38
CA VAL IA 88 21.08 10.14 55.51
C VAL IA 88 20.74 10.78 56.84
N GLY IA 89 19.50 10.67 57.29
CA GLY IA 89 19.10 11.31 58.52
C GLY IA 89 17.61 11.14 58.76
N SER IA 90 17.18 11.58 59.93
CA SER IA 90 15.78 11.50 60.31
C SER IA 90 15.44 12.66 61.23
N ALA IA 91 14.21 13.13 61.13
CA ALA IA 91 13.68 14.22 61.94
C ALA IA 91 12.73 13.62 62.96
N LEU IA 92 13.02 13.82 64.24
CA LEU IA 92 12.30 13.11 65.28
C LEU IA 92 11.38 14.05 66.05
N PRO IA 93 10.29 13.52 66.60
CA PRO IA 93 9.34 14.35 67.35
C PRO IA 93 9.79 14.60 68.78
N SER IA 94 8.91 15.21 69.58
CA SER IA 94 9.22 15.44 70.98
C SER IA 94 9.62 14.12 71.63
N GLU IA 95 10.72 14.15 72.38
CA GLU IA 95 11.39 12.95 72.84
C GLU IA 95 10.83 12.49 74.19
N SER IA 96 11.57 11.61 74.87
CA SER IA 96 11.21 11.10 76.18
C SER IA 96 12.05 11.79 77.24
N ARG IA 97 11.52 11.84 78.46
CA ARG IA 97 12.11 12.64 79.53
C ARG IA 97 12.76 11.82 80.64
N ASN IA 98 13.29 10.64 80.34
CA ASN IA 98 13.92 9.83 81.37
C ASN IA 98 15.44 9.94 81.28
N GLY IA 99 16.00 10.85 82.07
CA GLY IA 99 17.45 10.96 82.18
C GLY IA 99 18.07 9.78 82.89
N GLN IA 100 17.47 9.38 84.03
CA GLN IA 100 17.97 8.23 84.77
C GLN IA 100 18.24 7.05 83.85
N LEU IA 101 17.40 6.88 82.83
CA LEU IA 101 17.65 5.85 81.82
C LEU IA 101 18.97 6.12 81.11
N ARG IA 102 19.08 7.28 80.48
CA ARG IA 102 20.25 7.63 79.70
C ARG IA 102 21.51 7.65 80.55
N LEU IA 103 21.37 7.88 81.85
CA LEU IA 103 22.53 7.80 82.74
C LEU IA 103 23.02 6.36 82.87
N ALA IA 104 22.10 5.45 83.22
CA ALA IA 104 22.47 4.03 83.31
C ALA IA 104 23.03 3.54 81.98
N GLN IA 105 22.42 3.95 80.87
CA GLN IA 105 23.00 3.70 79.55
C GLN IA 105 24.46 4.12 79.51
N PHE IA 106 24.82 5.19 80.22
CA PHE IA 106 26.21 5.63 80.32
C PHE IA 106 26.91 5.06 81.55
N ARG IA 107 26.28 5.19 82.73
CA ARG IA 107 26.85 4.58 83.93
C ARG IA 107 27.24 3.13 83.66
N ALA IA 108 26.54 2.48 82.72
CA ALA IA 108 26.86 1.13 82.28
C ALA IA 108 27.86 1.08 81.14
N HIS IA 109 27.95 2.14 80.34
CA HIS IA 109 28.85 2.13 79.19
C HIS IA 109 30.32 2.14 79.60
N GLU IA 110 30.65 2.73 80.74
CA GLU IA 110 32.03 2.81 81.19
C GLU IA 110 32.46 1.66 82.09
N ASP IA 111 31.55 0.77 82.45
CA ASP IA 111 31.94 -0.45 83.14
C ASP IA 111 31.98 -1.58 82.12
N PRO IA 112 33.12 -1.85 81.48
CA PRO IA 112 33.11 -2.84 80.39
C PRO IA 112 32.63 -4.19 80.88
N ILE IA 113 32.83 -4.46 82.17
CA ILE IA 113 32.39 -5.71 82.77
C ILE IA 113 30.90 -5.90 82.57
N GLN IA 114 30.13 -4.82 82.72
CA GLN IA 114 28.71 -4.82 82.44
C GLN IA 114 28.43 -4.79 80.95
N ARG IA 115 29.14 -3.91 80.24
CA ARG IA 115 29.05 -3.83 78.78
C ARG IA 115 29.20 -5.20 78.13
N LEU IA 116 30.10 -6.03 78.66
CA LEU IA 116 30.32 -7.35 78.06
C LEU IA 116 29.14 -8.27 78.29
N ASP IA 117 28.68 -8.39 79.55
CA ASP IA 117 27.56 -9.29 79.83
C ASP IA 117 26.36 -8.99 78.96
N ILE IA 118 26.36 -7.83 78.30
CA ILE IA 118 25.30 -7.46 77.36
C ILE IA 118 25.65 -7.83 75.93
N VAL IA 119 26.80 -7.34 75.44
CA VAL IA 119 27.14 -7.55 74.03
C VAL IA 119 27.20 -9.04 73.72
N LYS IA 120 27.68 -9.85 74.67
CA LYS IA 120 27.65 -11.29 74.46
C LYS IA 120 26.22 -11.76 74.19
N ALA IA 121 25.23 -11.02 74.70
CA ALA IA 121 23.84 -11.36 74.46
C ALA IA 121 23.42 -10.96 73.05
N PHE IA 122 23.76 -9.73 72.64
CA PHE IA 122 23.45 -9.31 71.28
C PHE IA 122 23.96 -10.32 70.26
N VAL IA 123 25.19 -10.78 70.45
CA VAL IA 123 25.84 -11.67 69.49
C VAL IA 123 25.30 -13.10 69.59
N LYS IA 124 25.26 -13.66 70.81
CA LYS IA 124 24.62 -14.96 71.00
C LYS IA 124 23.23 -14.97 70.39
N GLY IA 125 22.50 -13.87 70.54
CA GLY IA 125 21.17 -13.73 69.95
C GLY IA 125 21.18 -13.39 68.49
N LYS IA 126 22.36 -13.11 67.92
CA LYS IA 126 22.52 -12.76 66.53
C LYS IA 126 22.93 -13.95 65.66
N VAL IA 127 23.96 -14.69 66.07
CA VAL IA 127 24.45 -15.77 65.23
C VAL IA 127 23.47 -16.94 65.25
N HIS IA 128 22.94 -17.28 66.43
CA HIS IA 128 21.88 -18.27 66.48
C HIS IA 128 20.74 -17.83 65.57
N ASN IA 129 20.53 -16.51 65.47
CA ASN IA 129 19.58 -16.01 64.48
C ASN IA 129 20.09 -16.26 63.06
N GLN IA 130 21.41 -16.26 62.87
CA GLN IA 130 21.99 -16.54 61.55
C GLN IA 130 21.98 -18.04 61.23
N TYR IA 131 22.62 -18.84 62.07
CA TYR IA 131 22.66 -20.28 61.84
C TYR IA 131 21.26 -20.87 61.76
N ASN IA 132 20.37 -20.46 62.65
CA ASN IA 132 19.00 -20.94 62.60
C ASN IA 132 18.26 -20.41 61.39
N LEU IA 133 18.82 -19.43 60.68
CA LEU IA 133 18.28 -19.01 59.40
C LEU IA 133 18.72 -19.94 58.27
N LEU IA 134 20.02 -20.21 58.18
CA LEU IA 134 20.52 -21.06 57.10
C LEU IA 134 19.89 -22.44 57.13
N TYR IA 135 19.50 -22.90 58.31
CA TYR IA 135 18.72 -24.14 58.39
C TYR IA 135 17.31 -23.94 57.84
N ARG IA 136 16.75 -22.73 57.98
CA ARG IA 136 15.49 -22.43 57.28
C ARG IA 136 15.68 -22.51 55.78
N ARG IA 137 16.79 -21.96 55.27
CA ARG IA 137 17.08 -21.94 53.86
C ARG IA 137 17.68 -23.25 53.36
N GLY IA 138 18.04 -24.17 54.24
CA GLY IA 138 18.68 -25.41 53.83
C GLY IA 138 20.19 -25.42 53.66
N GLN IA 139 20.89 -25.44 54.80
CA GLN IA 139 22.35 -25.50 54.82
C GLN IA 139 22.79 -26.51 55.87
N VAL IA 140 23.83 -27.27 55.54
CA VAL IA 140 24.28 -28.38 56.38
C VAL IA 140 24.94 -27.91 57.66
N ASP IA 141 26.10 -27.27 57.54
CA ASP IA 141 26.90 -26.92 58.71
C ASP IA 141 27.05 -25.43 58.87
N ASN IA 142 27.67 -24.74 57.89
CA ASN IA 142 27.97 -23.31 58.01
C ASN IA 142 28.34 -23.02 59.46
N PRO IA 143 29.54 -23.40 59.86
CA PRO IA 143 29.78 -23.69 61.29
C PRO IA 143 29.71 -22.46 62.18
N LEU IA 144 28.49 -22.07 62.54
CA LEU IA 144 28.28 -20.95 63.44
C LEU IA 144 27.92 -21.41 64.85
N LYS IA 145 27.09 -22.45 64.96
CA LYS IA 145 26.76 -23.05 66.25
C LYS IA 145 27.98 -23.12 67.16
N GLY IA 146 29.09 -23.62 66.62
CA GLY IA 146 30.31 -23.68 67.40
C GLY IA 146 30.83 -22.29 67.74
N ARG IA 147 30.69 -21.35 66.80
CA ARG IA 147 31.10 -19.98 67.05
C ARG IA 147 30.14 -19.23 67.96
N GLY IA 148 29.13 -19.90 68.50
CA GLY IA 148 28.30 -19.30 69.51
C GLY IA 148 28.80 -19.72 70.87
N LYS IA 149 28.95 -21.02 71.10
CA LYS IA 149 29.45 -21.45 72.40
C LYS IA 149 30.86 -20.93 72.63
N LEU IA 150 31.58 -20.64 71.54
CA LEU IA 150 32.86 -19.95 71.55
C LEU IA 150 32.76 -18.49 72.00
N VAL IA 151 31.55 -17.92 72.07
CA VAL IA 151 31.41 -16.52 72.42
C VAL IA 151 31.44 -16.33 73.93
N MET IA 152 30.60 -17.07 74.65
CA MET IA 152 30.60 -16.98 76.10
C MET IA 152 32.00 -17.24 76.64
N ARG IA 153 32.83 -18.00 75.93
CA ARG IA 153 34.18 -18.28 76.38
C ARG IA 153 35.11 -17.10 76.20
N GLN IA 154 34.57 -15.90 76.06
CA GLN IA 154 35.39 -14.71 75.97
C GLN IA 154 35.10 -13.80 77.17
N GLN IA 155 36.04 -12.89 77.43
CA GLN IA 155 35.93 -12.00 78.57
C GLN IA 155 36.37 -10.58 78.24
N THR IA 156 36.41 -10.23 76.96
CA THR IA 156 36.75 -8.87 76.55
C THR IA 156 35.96 -8.52 75.30
N LEU IA 157 36.09 -7.28 74.88
CA LEU IA 157 35.40 -6.78 73.69
C LEU IA 157 36.20 -7.07 72.43
N GLU IA 158 37.48 -6.68 72.42
CA GLU IA 158 38.32 -6.89 71.25
C GLU IA 158 38.34 -8.35 70.82
N GLN IA 159 38.29 -9.27 71.79
CA GLN IA 159 38.16 -10.68 71.46
C GLN IA 159 36.90 -10.95 70.65
N VAL IA 160 35.85 -10.16 70.84
CA VAL IA 160 34.54 -10.42 70.25
C VAL IA 160 34.39 -9.74 68.90
N ARG IA 161 34.80 -8.48 68.78
CA ARG IA 161 34.59 -7.76 67.54
C ARG IA 161 35.18 -8.50 66.34
N GLY IA 162 36.32 -9.18 66.54
CA GLY IA 162 36.83 -10.03 65.48
C GLY IA 162 35.96 -11.22 65.17
N ILE IA 163 35.17 -11.68 66.14
CA ILE IA 163 34.36 -12.89 65.95
C ILE IA 163 33.12 -12.61 65.11
N GLU IA 164 32.37 -11.55 65.43
CA GLU IA 164 31.19 -11.25 64.62
C GLU IA 164 31.58 -11.08 63.15
N GLY IA 165 32.67 -10.36 62.90
CA GLY IA 165 33.16 -10.25 61.53
C GLY IA 165 33.52 -11.60 60.96
N LEU IA 166 33.99 -12.51 61.82
CA LEU IA 166 34.27 -13.87 61.38
C LEU IA 166 32.99 -14.60 61.01
N ALA IA 167 32.03 -14.65 61.93
CA ALA IA 167 30.78 -15.36 61.65
C ALA IA 167 30.10 -14.79 60.42
N ALA IA 168 30.18 -13.48 60.23
CA ALA IA 168 29.60 -12.86 59.05
C ALA IA 168 30.31 -13.34 57.78
N ARG IA 169 31.65 -13.34 57.81
CA ARG IA 169 32.41 -13.85 56.67
C ARG IA 169 32.13 -15.33 56.44
N GLU IA 170 31.98 -16.12 57.50
CA GLU IA 170 31.50 -17.48 57.34
C GLU IA 170 30.05 -17.49 56.86
N TYR IA 171 29.33 -16.41 57.13
CA TYR IA 171 27.92 -16.27 56.77
C TYR IA 171 27.76 -15.82 55.32
N PHE IA 172 28.65 -14.97 54.83
CA PHE IA 172 28.53 -14.46 53.46
C PHE IA 172 29.20 -15.36 52.41
N ALA IA 173 30.22 -16.12 52.78
CA ALA IA 173 30.79 -17.05 51.80
C ALA IA 173 29.87 -18.25 51.56
N SER IA 174 28.89 -18.46 52.43
CA SER IA 174 27.90 -19.51 52.30
C SER IA 174 26.68 -19.04 51.52
N TRP IA 175 26.83 -17.97 50.75
CA TRP IA 175 25.76 -17.27 50.09
C TRP IA 175 25.57 -17.71 48.64
N GLN IA 176 26.64 -17.74 47.87
CA GLN IA 176 26.58 -18.16 46.48
C GLN IA 176 25.93 -19.52 46.31
N GLU IA 177 26.34 -20.50 47.14
CA GLU IA 177 25.74 -21.83 47.06
C GLU IA 177 24.26 -21.78 47.39
N MET IA 178 23.84 -20.82 48.20
CA MET IA 178 22.44 -20.68 48.57
C MET IA 178 21.67 -19.88 47.55
N LEU IA 179 22.35 -19.03 46.78
CA LEU IA 179 21.71 -18.24 45.73
C LEU IA 179 21.54 -19.09 44.48
N GLY IA 180 22.65 -19.61 43.97
CA GLY IA 180 22.67 -20.34 42.71
C GLY IA 180 23.70 -19.78 41.78
N HIS IA 181 23.48 -19.98 40.48
CA HIS IA 181 24.39 -19.56 39.44
C HIS IA 181 23.96 -18.26 38.79
N GLU IA 182 22.68 -17.87 38.97
CA GLU IA 182 22.16 -16.69 38.31
C GLU IA 182 22.87 -15.43 38.75
N TRP IA 183 23.31 -15.38 40.02
CA TRP IA 183 23.98 -14.23 40.59
C TRP IA 183 25.37 -14.63 41.05
N THR IA 184 26.18 -13.63 41.38
CA THR IA 184 27.53 -13.86 41.89
C THR IA 184 27.69 -13.04 43.17
N PHE IA 185 28.20 -13.70 44.21
CA PHE IA 185 28.51 -13.03 45.46
C PHE IA 185 29.71 -13.72 46.09
N THR IA 186 30.79 -12.98 46.29
CA THR IA 186 31.94 -13.49 47.03
C THR IA 186 32.04 -12.90 48.41
N GLY IA 187 31.78 -11.59 48.56
CA GLY IA 187 31.85 -10.94 49.85
C GLY IA 187 31.12 -9.61 49.81
N ARG IA 188 31.09 -8.95 50.96
CA ARG IA 188 30.47 -7.64 51.11
C ARG IA 188 31.57 -6.61 51.30
N PHE IA 189 31.39 -5.46 50.67
CA PHE IA 189 32.39 -4.39 50.65
C PHE IA 189 31.90 -3.18 51.45
N ARG IA 190 32.76 -2.67 52.33
CA ARG IA 190 32.43 -1.44 53.04
C ARG IA 190 32.23 -0.30 52.05
N ARG IA 191 32.91 -0.37 50.90
CA ARG IA 191 32.83 0.54 49.78
C ARG IA 191 31.42 0.57 49.20
N PRO IA 192 31.16 1.36 48.15
CA PRO IA 192 29.83 1.36 47.55
C PRO IA 192 29.54 0.03 46.89
N PRO IA 193 28.43 -0.08 46.18
CA PRO IA 193 28.09 -1.41 45.64
C PRO IA 193 28.85 -1.85 44.39
N THR IA 194 30.06 -2.38 44.62
CA THR IA 194 30.78 -3.08 43.57
C THR IA 194 29.97 -4.27 43.09
N ASP IA 195 29.06 -4.76 43.93
CA ASP IA 195 28.10 -5.81 43.69
C ASP IA 195 26.69 -5.23 43.70
N PRO IA 196 25.80 -5.68 42.80
CA PRO IA 196 24.42 -5.16 42.86
C PRO IA 196 23.75 -5.47 44.18
N VAL IA 197 23.83 -6.73 44.60
CA VAL IA 197 23.13 -7.17 45.81
C VAL IA 197 23.59 -6.35 47.00
N ASN IA 198 24.91 -6.19 47.16
CA ASN IA 198 25.43 -5.33 48.20
C ASN IA 198 24.78 -3.95 48.15
N ALA IA 199 24.38 -3.51 46.95
CA ALA IA 199 23.59 -2.28 46.84
C ALA IA 199 22.19 -2.53 47.37
N LEU IA 200 21.65 -3.71 47.07
CA LEU IA 200 20.32 -4.07 47.56
C LEU IA 200 20.32 -4.21 49.07
N LEU IA 201 21.43 -4.69 49.63
CA LEU IA 201 21.55 -4.79 51.09
C LEU IA 201 21.68 -3.41 51.72
N SER IA 202 22.56 -2.56 51.16
CA SER IA 202 22.61 -1.16 51.57
C SER IA 202 21.22 -0.52 51.54
N PHE IA 203 20.32 -1.05 50.70
CA PHE IA 203 18.95 -0.56 50.69
C PHE IA 203 18.21 -1.01 51.93
N GLY IA 204 18.12 -2.32 52.16
CA GLY IA 204 17.40 -2.80 53.33
C GLY IA 204 18.11 -2.46 54.62
N TYR IA 205 19.41 -2.78 54.71
CA TYR IA 205 20.18 -2.38 55.88
C TYR IA 205 20.21 -0.87 56.05
N GLY IA 206 20.05 -0.11 54.96
CA GLY IA 206 20.04 1.33 55.05
C GLY IA 206 18.73 1.88 55.54
N LEU IA 207 17.62 1.39 54.97
CA LEU IA 207 16.30 1.78 55.43
C LEU IA 207 15.92 1.13 56.75
N LEU IA 208 16.75 0.23 57.29
CA LEU IA 208 16.41 -0.42 58.54
C LEU IA 208 16.54 0.52 59.73
N ARG IA 209 17.50 1.43 59.72
CA ARG IA 209 17.60 2.42 60.78
C ARG IA 209 16.29 3.13 61.04
N THR IA 210 15.40 3.19 60.05
CA THR IA 210 14.17 3.97 60.20
C THR IA 210 13.35 3.51 61.39
N GLN IA 211 13.05 2.21 61.47
CA GLN IA 211 12.26 1.70 62.57
C GLN IA 211 13.07 1.57 63.86
N VAL IA 212 14.39 1.40 63.75
CA VAL IA 212 15.24 1.32 64.92
C VAL IA 212 15.52 2.70 65.49
N THR IA 213 15.91 3.64 64.62
CA THR IA 213 16.16 5.01 65.06
C THR IA 213 14.95 5.61 65.76
N ALA IA 214 13.76 5.03 65.57
CA ALA IA 214 12.55 5.47 66.24
C ALA IA 214 12.35 4.81 67.60
N ALA IA 215 12.53 3.49 67.68
CA ALA IA 215 12.25 2.78 68.92
C ALA IA 215 13.03 3.37 70.10
N VAL IA 216 14.28 3.77 69.87
CA VAL IA 216 15.06 4.37 70.95
C VAL IA 216 14.43 5.69 71.36
N HIS IA 217 14.04 6.50 70.37
CA HIS IA 217 13.37 7.76 70.65
C HIS IA 217 12.06 7.53 71.39
N ILE IA 218 11.47 6.34 71.24
CA ILE IA 218 10.30 5.97 72.03
C ILE IA 218 10.72 5.58 73.43
N ALA IA 219 11.76 4.76 73.53
CA ALA IA 219 12.30 4.34 74.83
C ALA IA 219 13.11 5.44 75.49
N GLY IA 220 13.37 6.55 74.80
CA GLY IA 220 14.15 7.63 75.34
C GLY IA 220 15.65 7.39 75.40
N LEU IA 221 16.14 6.38 74.71
CA LEU IA 221 17.56 6.06 74.78
C LEU IA 221 18.38 7.05 73.96
N ASP IA 222 19.64 7.19 74.35
CA ASP IA 222 20.60 8.02 73.62
C ASP IA 222 21.27 7.18 72.54
N PRO IA 223 20.96 7.38 71.26
CA PRO IA 223 21.53 6.51 70.23
C PRO IA 223 23.05 6.56 70.11
N TYR IA 224 23.68 7.70 70.42
CA TYR IA 224 25.11 7.84 70.19
C TYR IA 224 25.96 7.12 71.23
N ILE IA 225 25.34 6.46 72.21
CA ILE IA 225 26.05 5.70 73.21
C ILE IA 225 25.68 4.24 73.02
N GLY IA 226 26.65 3.44 72.59
CA GLY IA 226 26.42 2.03 72.38
C GLY IA 226 27.36 1.17 73.18
N PHE IA 227 27.31 -0.13 72.95
CA PHE IA 227 28.13 -1.10 73.65
C PHE IA 227 29.12 -1.80 72.73
N LEU IA 228 28.76 -1.99 71.45
CA LEU IA 228 29.69 -2.50 70.45
C LEU IA 228 30.33 -1.37 69.64
N HIS IA 229 29.52 -0.59 68.93
CA HIS IA 229 30.02 0.48 68.08
C HIS IA 229 30.43 1.63 68.97
N GLU IA 230 31.67 1.58 69.44
CA GLU IA 230 32.17 2.65 70.29
C GLU IA 230 32.12 3.95 69.49
N THR IA 231 31.45 4.95 70.06
CA THR IA 231 31.10 6.18 69.35
C THR IA 231 32.30 7.13 69.29
N THR IA 232 33.21 6.85 68.37
CA THR IA 232 34.34 7.73 68.08
C THR IA 232 34.49 7.97 66.58
N ARG IA 233 33.48 7.62 65.80
CA ARG IA 233 33.43 7.90 64.36
C ARG IA 233 32.25 8.81 64.02
N GLY IA 234 31.62 9.40 65.03
CA GLY IA 234 30.40 10.15 64.83
C GLY IA 234 29.25 9.31 64.33
N GLN IA 235 29.25 8.02 64.66
CA GLN IA 235 28.20 7.10 64.28
C GLN IA 235 27.39 6.68 65.49
N PRO IA 236 26.06 6.68 65.42
CA PRO IA 236 25.27 6.22 66.57
C PRO IA 236 25.56 4.75 66.81
N ALA IA 237 25.24 4.28 68.00
CA ALA IA 237 25.63 2.91 68.29
C ALA IA 237 24.50 2.05 68.87
N MET IA 238 23.62 2.62 69.69
CA MET IA 238 22.46 1.84 70.14
C MET IA 238 21.60 1.41 68.97
N ILE IA 239 21.65 2.15 67.86
CA ILE IA 239 20.96 1.72 66.66
C ILE IA 239 21.70 0.54 66.04
N LEU IA 240 22.98 0.76 65.71
CA LEU IA 240 23.75 -0.29 65.06
C LEU IA 240 23.94 -1.49 65.99
N ASP IA 241 24.19 -1.22 67.28
CA ASP IA 241 24.24 -2.28 68.26
C ASP IA 241 22.94 -3.08 68.26
N LEU IA 242 21.81 -2.39 68.10
CA LEU IA 242 20.54 -3.07 67.99
C LEU IA 242 20.27 -3.53 66.56
N MET IA 243 20.58 -2.65 65.59
CA MET IA 243 20.30 -2.96 64.19
C MET IA 243 20.97 -4.26 63.78
N GLU IA 244 22.06 -4.62 64.45
CA GLU IA 244 22.79 -5.83 64.10
C GLU IA 244 21.95 -7.07 64.33
N GLU IA 245 21.22 -7.11 65.44
CA GLU IA 245 20.40 -8.28 65.76
C GLU IA 245 19.33 -8.54 64.71
N PHE IA 246 18.98 -7.53 63.92
CA PHE IA 246 17.89 -7.62 62.95
C PHE IA 246 18.37 -7.59 61.51
N ARG IA 247 19.61 -7.16 61.26
CA ARG IA 247 20.12 -7.13 59.90
C ARG IA 247 19.98 -8.48 59.22
N ALA IA 248 20.16 -9.57 59.98
CA ALA IA 248 20.29 -10.88 59.37
C ALA IA 248 18.98 -11.60 59.11
N LEU IA 249 17.88 -11.19 59.72
CA LEU IA 249 16.65 -11.97 59.64
C LEU IA 249 15.50 -11.28 58.92
N VAL IA 250 15.50 -9.95 58.83
CA VAL IA 250 14.42 -9.22 58.15
C VAL IA 250 14.93 -8.60 56.85
N ALA IA 251 15.97 -7.78 56.92
CA ALA IA 251 16.51 -7.22 55.69
C ALA IA 251 17.36 -8.24 54.95
N ASP IA 252 18.00 -9.14 55.68
CA ASP IA 252 18.81 -10.17 55.05
C ASP IA 252 17.96 -11.36 54.63
N SER IA 253 16.87 -11.63 55.34
CA SER IA 253 15.93 -12.66 54.94
C SER IA 253 14.98 -12.18 53.85
N VAL IA 254 14.69 -10.88 53.79
CA VAL IA 254 13.77 -10.37 52.77
C VAL IA 254 14.32 -10.65 51.37
N VAL IA 255 15.60 -10.40 51.15
CA VAL IA 255 16.16 -10.56 49.82
C VAL IA 255 15.91 -11.97 49.31
N LEU IA 256 16.21 -12.96 50.15
CA LEU IA 256 16.01 -14.36 49.78
C LEU IA 256 14.53 -14.69 49.62
N THR IA 257 13.65 -13.84 50.14
CA THR IA 257 12.22 -14.01 49.97
C THR IA 257 11.72 -13.50 48.63
N VAL IA 258 12.44 -12.58 48.00
CA VAL IA 258 12.04 -12.07 46.69
C VAL IA 258 12.90 -12.64 45.57
N LEU IA 259 14.13 -13.04 45.89
CA LEU IA 259 15.02 -13.59 44.87
C LEU IA 259 14.76 -15.07 44.56
N LYS IA 260 13.71 -15.65 45.15
CA LYS IA 260 13.19 -16.93 44.70
C LYS IA 260 11.90 -16.77 43.90
N GLN IA 261 11.34 -15.56 43.86
CA GLN IA 261 10.09 -15.34 43.14
C GLN IA 261 10.14 -14.16 42.17
N ARG IA 262 10.83 -13.08 42.53
CA ARG IA 262 10.67 -11.82 41.84
C ARG IA 262 12.01 -11.19 41.46
N GLU IA 263 11.91 -10.13 40.65
CA GLU IA 263 13.04 -9.34 40.21
C GLU IA 263 14.30 -10.18 40.02
N ILE IA 264 14.15 -11.32 39.34
CA ILE IA 264 15.29 -12.21 39.12
C ILE IA 264 16.43 -11.47 38.45
N GLN IA 265 16.10 -10.62 37.49
CA GLN IA 265 17.06 -9.81 36.74
C GLN IA 265 16.26 -8.78 35.96
N ARG IA 266 16.92 -8.09 35.02
CA ARG IA 266 16.32 -7.14 34.11
C ARG IA 266 15.80 -5.90 34.83
N GLN IA 267 15.77 -5.94 36.16
CA GLN IA 267 15.23 -4.83 36.95
C GLN IA 267 16.32 -4.10 37.72
N ASP IA 268 17.57 -4.24 37.28
CA ASP IA 268 18.71 -3.51 37.81
C ASP IA 268 19.39 -2.76 36.69
N PHE IA 269 20.14 -1.72 37.04
CA PHE IA 269 20.85 -0.94 36.05
C PHE IA 269 22.20 -0.51 36.61
N THR IA 270 23.24 -0.69 35.80
CA THR IA 270 24.59 -0.25 36.14
C THR IA 270 24.82 1.14 35.58
N GLU IA 271 25.31 2.06 36.40
CA GLU IA 271 25.56 3.38 35.83
C GLU IA 271 26.39 4.23 36.77
N SER IA 272 27.33 4.98 36.18
CA SER IA 272 28.07 6.07 36.80
C SER IA 272 29.13 5.59 37.78
N LEU IA 273 29.09 4.30 38.14
CA LEU IA 273 30.18 3.73 38.91
C LEU IA 273 30.41 2.27 38.56
N GLY IA 274 29.74 1.74 37.54
CA GLY IA 274 29.36 0.35 37.56
C GLY IA 274 28.11 0.32 38.41
N ALA IA 275 28.29 0.52 39.73
CA ALA IA 275 27.26 1.04 40.61
C ALA IA 275 25.89 0.48 40.27
N PHE IA 276 25.72 -0.82 40.45
CA PHE IA 276 24.48 -1.44 40.03
C PHE IA 276 23.35 -0.93 40.91
N ARG IA 277 22.75 0.17 40.48
CA ARG IA 277 21.60 0.76 41.15
C ARG IA 277 20.33 0.03 40.76
N LEU IA 278 19.24 0.33 41.45
CA LEU IA 278 17.98 -0.33 41.19
C LEU IA 278 17.12 0.47 40.22
N THR IA 279 16.14 -0.23 39.65
CA THR IA 279 15.12 0.36 38.80
C THR IA 279 13.89 0.78 39.59
N ASP IA 280 13.23 1.84 39.12
CA ASP IA 280 11.93 2.20 39.68
C ASP IA 280 10.90 1.13 39.30
N SER IA 281 9.81 1.09 40.06
CA SER IA 281 8.73 0.11 39.85
C SER IA 281 9.17 -1.27 40.33
N ALA IA 282 10.47 -1.43 40.57
CA ALA IA 282 11.00 -2.58 41.30
C ALA IA 282 11.13 -2.25 42.77
N THR IA 283 11.50 -1.00 43.06
CA THR IA 283 11.45 -0.51 44.43
C THR IA 283 10.05 -0.66 45.00
N LYS IA 284 9.04 -0.34 44.19
CA LYS IA 284 7.66 -0.39 44.66
C LYS IA 284 7.24 -1.81 44.95
N THR IA 285 7.88 -2.79 44.33
CA THR IA 285 7.67 -4.17 44.72
C THR IA 285 8.51 -4.52 45.94
N PHE IA 286 9.71 -3.95 46.05
CA PHE IA 286 10.57 -4.21 47.19
C PHE IA 286 9.89 -3.84 48.51
N LEU IA 287 9.32 -2.63 48.58
CA LEU IA 287 8.81 -2.13 49.85
C LEU IA 287 7.53 -2.84 50.26
N GLY IA 288 6.70 -3.21 49.29
CA GLY IA 288 5.50 -3.97 49.60
C GLY IA 288 5.82 -5.21 50.41
N ALA IA 289 6.90 -5.89 50.06
CA ALA IA 289 7.34 -7.04 50.84
C ALA IA 289 7.89 -6.61 52.19
N PHE IA 290 8.44 -5.40 52.28
CA PHE IA 290 8.99 -4.96 53.56
C PHE IA 290 7.89 -4.82 54.60
N ASP IA 291 6.79 -4.16 54.23
CA ASP IA 291 5.66 -4.07 55.17
C ASP IA 291 4.97 -5.43 55.32
N ARG IA 292 5.00 -6.26 54.28
CA ARG IA 292 4.54 -7.64 54.44
C ARG IA 292 5.34 -8.33 55.53
N LYS IA 293 6.68 -8.17 55.47
CA LYS IA 293 7.54 -8.72 56.52
C LYS IA 293 7.20 -8.13 57.87
N LEU IA 294 6.91 -6.83 57.90
CA LEU IA 294 6.60 -6.16 59.16
C LEU IA 294 5.21 -6.51 59.66
N SER IA 295 4.30 -6.88 58.76
CA SER IA 295 2.97 -7.31 59.16
C SER IA 295 2.93 -8.79 59.51
N SER IA 296 4.06 -9.35 59.91
CA SER IA 296 4.21 -10.76 60.23
C SER IA 296 3.91 -10.97 61.70
N GLU IA 297 3.56 -12.19 62.07
CA GLU IA 297 3.21 -12.52 63.44
C GLU IA 297 4.31 -13.25 64.20
N PHE IA 298 4.84 -14.33 63.63
CA PHE IA 298 6.01 -15.05 64.11
C PHE IA 298 5.88 -15.57 65.54
N LYS IA 299 4.74 -15.31 66.17
CA LYS IA 299 4.37 -15.90 67.46
C LYS IA 299 5.34 -15.65 68.62
N HIS IA 300 6.40 -14.87 68.42
CA HIS IA 300 7.27 -14.52 69.54
C HIS IA 300 7.82 -15.74 70.29
N PRO IA 301 8.79 -16.47 69.76
CA PRO IA 301 9.19 -17.73 70.40
C PRO IA 301 9.86 -17.59 71.76
N ILE IA 302 9.20 -16.89 72.69
CA ILE IA 302 9.53 -16.98 74.11
C ILE IA 302 8.25 -17.37 74.85
N PHE IA 303 7.26 -16.50 74.76
CA PHE IA 303 5.88 -16.73 75.17
C PHE IA 303 5.05 -16.77 73.88
N ASN IA 304 3.73 -16.79 74.01
CA ASN IA 304 2.86 -16.74 72.84
C ASN IA 304 2.33 -15.34 72.58
N TYR IA 305 3.17 -14.31 72.78
CA TYR IA 305 2.79 -12.93 72.52
C TYR IA 305 2.04 -12.78 71.20
N LYS IA 306 2.65 -13.22 70.10
CA LYS IA 306 2.10 -13.06 68.77
C LYS IA 306 2.18 -11.61 68.30
N CYS IA 307 3.24 -10.92 68.71
CA CYS IA 307 3.56 -9.57 68.25
C CYS IA 307 4.20 -9.60 66.87
N THR IA 308 4.05 -8.50 66.13
CA THR IA 308 4.72 -8.32 64.85
C THR IA 308 6.19 -7.90 65.00
N TYR IA 309 6.93 -8.03 63.90
CA TYR IA 309 8.31 -7.54 63.86
C TYR IA 309 8.38 -6.05 64.17
N ARG IA 310 7.55 -5.27 63.47
CA ARG IA 310 7.56 -3.82 63.63
C ARG IA 310 7.55 -3.44 65.11
N ARG IA 311 6.76 -4.15 65.90
CA ARG IA 311 6.67 -3.87 67.33
C ARG IA 311 7.84 -4.50 68.10
N ALA IA 312 8.27 -5.70 67.69
CA ALA IA 312 9.33 -6.40 68.41
C ALA IA 312 10.52 -5.51 68.73
N ILE IA 313 10.84 -4.56 67.84
CA ILE IA 313 11.97 -3.67 68.10
C ILE IA 313 11.63 -2.70 69.22
N GLU IA 314 10.48 -2.02 69.10
CA GLU IA 314 9.99 -1.18 70.19
C GLU IA 314 10.07 -1.92 71.52
N LEU IA 315 9.86 -3.24 71.50
CA LEU IA 315 9.90 -4.03 72.73
C LEU IA 315 11.33 -4.20 73.24
N GLN IA 316 12.21 -4.73 72.39
CA GLN IA 316 13.59 -4.98 72.82
C GLN IA 316 14.21 -3.73 73.43
N ALA IA 317 13.94 -2.56 72.86
CA ALA IA 317 14.40 -1.32 73.45
C ALA IA 317 13.77 -1.10 74.82
N ARG IA 318 12.45 -1.15 74.90
CA ARG IA 318 11.79 -1.00 76.19
C ARG IA 318 12.27 -2.07 77.17
N LEU IA 319 12.40 -3.31 76.69
CA LEU IA 319 13.00 -4.35 77.52
C LEU IA 319 14.38 -3.94 77.98
N LEU IA 320 15.14 -3.27 77.10
CA LEU IA 320 16.50 -2.88 77.45
C LEU IA 320 16.49 -1.88 78.60
N ALA IA 321 15.58 -0.91 78.56
CA ALA IA 321 15.45 0.02 79.67
C ALA IA 321 15.28 -0.72 80.98
N ARG IA 322 14.43 -1.74 80.99
CA ARG IA 322 14.20 -2.52 82.20
C ARG IA 322 15.44 -3.30 82.62
N HIS IA 323 16.21 -3.79 81.63
CA HIS IA 323 17.51 -4.39 81.96
C HIS IA 323 18.41 -3.41 82.71
N LEU IA 324 18.25 -2.11 82.46
CA LEU IA 324 19.14 -1.08 82.98
C LEU IA 324 18.62 -0.46 84.26
N GLN IA 325 17.31 -0.23 84.35
CA GLN IA 325 16.68 0.35 85.52
C GLN IA 325 16.12 -0.70 86.45
N GLU IA 326 15.61 -1.80 85.89
CA GLU IA 326 14.98 -2.86 86.66
C GLU IA 326 15.84 -4.10 86.74
N GLY IA 327 16.94 -4.16 86.00
CA GLY IA 327 17.84 -5.29 86.11
C GLY IA 327 17.33 -6.53 85.44
N VAL IA 328 16.38 -6.40 84.52
CA VAL IA 328 15.74 -7.55 83.90
C VAL IA 328 16.73 -8.19 82.94
N VAL IA 329 16.43 -9.41 82.52
CA VAL IA 329 17.22 -10.10 81.51
C VAL IA 329 16.87 -9.53 80.13
N TYR IA 330 17.84 -9.58 79.22
CA TYR IA 330 17.65 -9.17 77.84
C TYR IA 330 17.85 -10.37 76.91
N GLU IA 331 16.78 -11.11 76.64
CA GLU IA 331 16.86 -12.21 75.68
C GLU IA 331 16.55 -11.67 74.28
N PRO IA 332 17.54 -11.51 73.41
CA PRO IA 332 17.29 -10.97 72.07
C PRO IA 332 16.42 -11.91 71.25
N LEU IA 333 16.11 -11.56 70.01
CA LEU IA 333 15.21 -12.37 69.20
C LEU IA 333 16.01 -13.45 68.48
N VAL IA 334 15.58 -14.69 68.67
CA VAL IA 334 16.22 -15.88 68.10
C VAL IA 334 15.13 -16.79 67.57
N ILE IA 335 15.34 -17.36 66.39
CA ILE IA 335 14.33 -18.17 65.73
C ILE IA 335 14.98 -19.42 65.15
N ARG IA 336 14.39 -20.58 65.44
CA ARG IA 336 14.86 -21.85 64.87
C ARG IA 336 13.71 -22.54 64.15
N MET JA 12 33.13 27.89 59.84
CA MET JA 12 32.54 28.71 60.90
C MET JA 12 31.06 29.04 60.68
N SER JA 13 30.81 30.02 59.80
CA SER JA 13 29.50 30.64 59.72
C SER JA 13 28.40 29.59 59.67
N THR JA 14 27.25 29.96 60.24
CA THR JA 14 26.06 29.12 60.29
C THR JA 14 24.93 29.92 59.65
N LEU JA 15 23.85 29.24 59.29
CA LEU JA 15 22.80 29.88 58.51
C LEU JA 15 21.50 30.03 59.29
N TYR JA 16 20.88 31.19 59.11
CA TYR JA 16 19.64 31.57 59.77
C TYR JA 16 18.64 32.04 58.71
N LEU JA 17 17.37 31.77 58.95
CA LEU JA 17 16.31 32.26 58.06
C LEU JA 17 15.09 32.64 58.89
N THR JA 18 14.60 33.85 58.66
CA THR JA 18 13.51 34.43 59.45
C THR JA 18 12.18 34.52 58.71
N GLN JA 19 12.20 34.77 57.42
CA GLN JA 19 11.01 35.16 56.69
C GLN JA 19 10.28 33.96 56.12
N PRO JA 20 8.96 33.83 56.34
CA PRO JA 20 8.21 32.71 55.74
C PRO JA 20 7.91 32.97 54.27
N ASP JA 21 8.64 33.93 53.69
CA ASP JA 21 8.56 34.26 52.28
C ASP JA 21 9.86 33.91 51.57
N ALA JA 22 10.69 33.10 52.22
CA ALA JA 22 12.02 32.75 51.75
C ALA JA 22 12.01 31.33 51.22
N VAL JA 23 12.62 31.13 50.04
CA VAL JA 23 12.77 29.81 49.45
C VAL JA 23 14.25 29.46 49.50
N LEU JA 24 14.55 28.24 49.93
CA LEU JA 24 15.92 27.75 49.97
C LEU JA 24 16.05 26.66 48.91
N SER JA 25 16.96 26.86 47.97
CA SER JA 25 17.22 25.91 46.91
C SER JA 25 18.69 25.55 46.84
N LYS JA 26 18.98 24.50 46.08
CA LYS JA 26 20.34 24.10 45.74
C LYS JA 26 20.54 24.42 44.26
N LYS JA 27 21.58 25.17 43.95
CA LYS JA 27 21.95 25.47 42.56
C LYS JA 27 23.38 25.04 42.29
N HIS JA 28 23.54 24.08 41.38
CA HIS JA 28 24.84 23.60 40.96
C HIS JA 28 25.88 23.50 42.08
N GLU JA 29 25.63 22.58 43.01
CA GLU JA 29 26.58 22.17 44.04
C GLU JA 29 26.68 23.16 45.18
N ALA JA 30 25.81 24.16 45.22
CA ALA JA 30 25.90 25.24 46.20
C ALA JA 30 24.48 25.70 46.49
N PHE JA 31 24.34 26.50 47.55
CA PHE JA 31 23.03 26.88 48.05
C PHE JA 31 22.56 28.20 47.45
N HIS JA 32 21.24 28.35 47.38
CA HIS JA 32 20.61 29.58 46.90
C HIS JA 32 19.44 29.94 47.80
N VAL JA 33 19.55 31.08 48.48
CA VAL JA 33 18.47 31.62 49.30
C VAL JA 33 17.68 32.61 48.45
N ALA JA 34 16.35 32.58 48.58
CA ALA JA 34 15.48 33.46 47.81
C ALA JA 34 14.57 34.23 48.76
N LEU JA 35 14.97 35.45 49.10
CA LEU JA 35 14.20 36.31 49.98
C LEU JA 35 13.44 37.37 49.18
N LYS JA 36 12.27 37.72 49.68
CA LYS JA 36 11.37 38.67 49.05
C LYS JA 36 10.65 39.38 50.18
N GLN JA 37 10.40 40.68 50.01
CA GLN JA 37 9.76 41.43 51.08
C GLN JA 37 9.05 42.65 50.51
N GLU JA 38 8.39 43.38 51.40
CA GLU JA 38 7.58 44.53 51.03
C GLU JA 38 8.40 45.54 50.24
N ASP JA 39 7.81 46.03 49.15
CA ASP JA 39 8.50 46.93 48.21
C ASP JA 39 9.74 46.26 47.64
N GLY JA 40 9.55 45.07 47.08
CA GLY JA 40 10.65 44.36 46.48
C GLY JA 40 10.17 43.09 45.83
N SER JA 41 11.13 42.20 45.54
CA SER JA 41 10.84 40.93 44.91
C SER JA 41 11.93 39.95 45.30
N TRP JA 42 12.02 38.83 44.59
CA TRP JA 42 13.06 37.85 44.81
C TRP JA 42 14.41 38.54 44.97
N LYS JA 43 15.08 38.28 46.08
CA LYS JA 43 16.34 38.94 46.44
C LYS JA 43 17.42 37.89 46.63
N LYS JA 44 17.74 37.18 45.55
CA LYS JA 44 18.70 36.09 45.60
C LYS JA 44 20.03 36.49 46.23
N GLN JA 45 20.67 35.48 46.84
CA GLN JA 45 22.01 35.55 47.41
C GLN JA 45 22.56 34.12 47.39
N PRO JA 46 23.58 33.83 46.58
CA PRO JA 46 24.12 32.47 46.54
C PRO JA 46 24.89 32.14 47.81
N ILE JA 47 24.99 30.85 48.11
CA ILE JA 47 25.66 30.42 49.33
C ILE JA 47 26.47 29.15 49.12
N PRO JA 48 27.70 29.09 49.64
CA PRO JA 48 28.48 27.85 49.63
C PRO JA 48 28.27 27.01 50.89
N ALA JA 49 28.77 25.77 50.83
CA ALA JA 49 28.79 24.86 51.95
C ALA JA 49 30.17 24.85 52.60
N GLN JA 50 30.42 23.83 53.44
CA GLN JA 50 31.69 23.49 54.07
C GLN JA 50 32.15 24.43 55.18
N THR JA 51 31.46 25.54 55.40
CA THR JA 51 31.73 26.37 56.55
C THR JA 51 30.70 26.14 57.65
N LEU JA 52 29.59 25.50 57.29
CA LEU JA 52 28.41 25.41 58.14
C LEU JA 52 28.50 24.19 59.04
N GLU JA 53 27.84 24.30 60.19
CA GLU JA 53 27.63 23.17 61.08
C GLU JA 53 26.17 23.08 61.49
N ASP JA 54 25.31 23.97 60.99
CA ASP JA 54 23.92 24.07 61.39
C ASP JA 54 23.17 24.95 60.40
N ILE JA 55 21.87 24.71 60.31
CA ILE JA 55 20.96 25.57 59.56
C ILE JA 55 19.81 25.86 60.53
N VAL JA 56 19.24 27.05 60.41
CA VAL JA 56 18.20 27.51 61.31
C VAL JA 56 17.09 28.14 60.50
N LEU JA 57 15.87 27.65 60.69
CA LEU JA 57 14.67 28.16 60.06
C LEU JA 57 13.79 28.72 61.17
N LEU JA 58 13.41 29.99 61.05
CA LEU JA 58 12.67 30.65 62.12
C LEU JA 58 11.18 30.66 61.83
N GLY JA 59 10.78 31.20 60.70
CA GLY JA 59 9.36 31.21 60.37
C GLY JA 59 8.97 29.84 59.87
N TYR JA 60 8.22 29.80 58.76
CA TYR JA 60 7.88 28.54 58.11
C TYR JA 60 8.10 28.67 56.60
N PRO JA 61 9.35 28.91 56.18
CA PRO JA 61 9.60 29.08 54.75
C PRO JA 61 9.47 27.74 54.04
N SER JA 62 9.25 27.83 52.73
CA SER JA 62 9.26 26.63 51.92
C SER JA 62 10.70 26.29 51.60
N ILE JA 63 10.99 25.00 51.51
CA ILE JA 63 12.34 24.55 51.26
C ILE JA 63 12.34 23.43 50.22
N THR JA 64 13.35 23.46 49.35
CA THR JA 64 13.60 22.39 48.42
C THR JA 64 14.17 21.17 49.13
N GLY JA 65 13.56 20.01 48.90
CA GLY JA 65 14.12 18.77 49.39
C GLY JA 65 15.51 18.49 48.84
N GLU JA 66 15.77 18.92 47.61
CA GLU JA 66 17.08 18.74 47.00
C GLU JA 66 18.20 19.32 47.85
N ALA JA 67 17.88 20.22 48.78
CA ALA JA 67 18.89 20.80 49.66
C ALA JA 67 19.19 19.87 50.84
N LEU JA 68 18.16 19.23 51.40
CA LEU JA 68 18.38 18.35 52.54
C LEU JA 68 19.37 17.24 52.20
N GLY JA 69 19.14 16.54 51.09
CA GLY JA 69 20.07 15.52 50.65
C GLY JA 69 21.47 16.05 50.40
N TYR JA 70 21.62 17.36 50.21
CA TYR JA 70 22.94 17.97 50.12
C TYR JA 70 23.48 18.34 51.49
N ALA JA 71 22.59 18.67 52.42
CA ALA JA 71 23.00 18.95 53.79
C ALA JA 71 23.24 17.66 54.58
N LEU JA 72 22.40 16.64 54.36
CA LEU JA 72 22.47 15.41 55.14
C LEU JA 72 23.42 14.38 54.56
N GLU JA 73 23.85 14.55 53.31
CA GLU JA 73 25.02 13.86 52.81
C GLU JA 73 26.30 14.53 53.27
N LEU JA 74 26.18 15.58 54.09
CA LEU JA 74 27.30 16.44 54.46
C LEU JA 74 27.45 16.62 55.96
N GLY JA 75 26.47 16.22 56.76
CA GLY JA 75 26.54 16.36 58.20
C GLY JA 75 26.04 17.66 58.77
N LEU JA 76 24.99 18.24 58.17
CA LEU JA 76 24.45 19.51 58.61
C LEU JA 76 23.05 19.33 59.17
N PRO JA 77 22.85 19.40 60.49
CA PRO JA 77 21.48 19.35 61.03
C PRO JA 77 20.66 20.54 60.57
N VAL JA 78 19.35 20.33 60.47
CA VAL JA 78 18.41 21.37 60.09
C VAL JA 78 17.31 21.44 61.15
N HIS JA 79 17.12 22.62 61.73
CA HIS JA 79 16.18 22.83 62.82
C HIS JA 79 15.04 23.72 62.36
N TYR JA 80 13.83 23.44 62.84
CA TYR JA 80 12.62 24.16 62.47
C TYR JA 80 11.99 24.80 63.69
N LEU JA 81 11.63 26.07 63.56
CA LEU JA 81 11.03 26.84 64.65
C LEU JA 81 9.93 27.72 64.08
N THR JA 82 9.40 28.60 64.94
CA THR JA 82 8.43 29.61 64.54
C THR JA 82 9.11 30.97 64.62
N GLN JA 83 8.53 31.96 63.92
CA GLN JA 83 9.11 33.30 63.92
C GLN JA 83 9.47 33.75 65.33
N PHE JA 84 8.73 33.29 66.33
CA PHE JA 84 8.98 33.66 67.72
C PHE JA 84 10.16 32.92 68.33
N GLY JA 85 10.52 31.75 67.78
CA GLY JA 85 11.62 30.96 68.31
C GLY JA 85 11.22 29.70 69.04
N LYS JA 86 9.93 29.36 69.09
CA LYS JA 86 9.50 28.15 69.75
C LYS JA 86 9.93 26.92 68.96
N TYR JA 87 10.43 25.91 69.67
CA TYR JA 87 10.90 24.70 69.02
C TYR JA 87 9.75 23.73 68.74
N VAL JA 88 9.76 23.15 67.54
CA VAL JA 88 8.77 22.17 67.12
C VAL JA 88 9.43 20.84 66.76
N GLY JA 89 10.55 20.91 66.06
CA GLY JA 89 11.27 19.71 65.65
C GLY JA 89 12.47 20.11 64.81
N SER JA 90 13.32 19.12 64.56
CA SER JA 90 14.54 19.33 63.80
C SER JA 90 14.93 18.04 63.11
N ALA JA 91 15.63 18.18 61.98
CA ALA JA 91 16.02 17.03 61.16
C ALA JA 91 17.50 16.74 61.35
N LEU JA 92 17.80 15.50 61.80
CA LEU JA 92 19.14 15.10 62.18
C LEU JA 92 19.72 14.09 61.20
N PRO JA 93 21.03 14.13 60.92
CA PRO JA 93 21.60 13.14 60.01
C PRO JA 93 22.01 11.84 60.70
N SER JA 94 22.54 10.91 59.91
CA SER JA 94 23.17 9.71 60.47
C SER JA 94 24.37 10.09 61.31
N GLU JA 95 25.34 10.75 60.68
CA GLU JA 95 26.63 11.03 61.28
C GLU JA 95 26.56 12.34 62.05
N SER JA 96 27.14 12.34 63.24
CA SER JA 96 27.17 13.54 64.05
C SER JA 96 28.24 13.38 65.12
N ARG JA 97 28.75 14.51 65.60
CA ARG JA 97 29.80 14.55 66.60
C ARG JA 97 29.22 14.87 67.97
N ASN JA 98 27.99 14.40 68.21
CA ASN JA 98 27.27 14.63 69.45
C ASN JA 98 27.42 13.50 70.44
N GLY JA 99 27.98 12.35 70.02
CA GLY JA 99 28.24 11.30 70.97
C GLY JA 99 29.31 11.70 71.97
N GLN JA 100 30.43 12.20 71.46
CA GLN JA 100 31.46 12.76 72.35
C GLN JA 100 30.83 13.79 73.29
N LEU JA 101 29.91 14.59 72.75
CA LEU JA 101 29.23 15.62 73.53
C LEU JA 101 28.42 15.04 74.68
N ARG JA 102 27.45 14.17 74.35
CA ARG JA 102 26.58 13.64 75.39
C ARG JA 102 27.38 12.93 76.48
N LEU JA 103 28.56 12.42 76.13
CA LEU JA 103 29.40 11.78 77.14
C LEU JA 103 29.95 12.81 78.12
N ALA JA 104 30.62 13.85 77.61
CA ALA JA 104 31.07 14.90 78.52
C ALA JA 104 29.91 15.50 79.29
N GLN JA 105 28.78 15.72 78.61
CA GLN JA 105 27.55 16.09 79.31
C GLN JA 105 27.25 15.12 80.45
N PHE JA 106 27.61 13.84 80.28
CA PHE JA 106 27.41 12.86 81.34
C PHE JA 106 28.66 12.69 82.19
N ARG JA 107 29.82 12.47 81.55
CA ARG JA 107 31.08 12.39 82.27
C ARG JA 107 31.25 13.54 83.24
N ALA JA 108 30.64 14.68 82.95
CA ALA JA 108 30.70 15.84 83.82
C ALA JA 108 29.64 15.82 84.92
N HIS JA 109 28.50 15.17 84.71
CA HIS JA 109 27.46 15.19 85.74
C HIS JA 109 27.87 14.38 86.96
N GLU JA 110 28.66 13.32 86.78
CA GLU JA 110 29.17 12.53 87.89
C GLU JA 110 30.58 12.94 88.30
N ASP JA 111 31.21 13.87 87.58
CA ASP JA 111 32.44 14.50 88.01
C ASP JA 111 32.09 15.87 88.57
N PRO JA 112 31.84 15.98 89.87
CA PRO JA 112 31.34 17.27 90.41
C PRO JA 112 32.29 18.42 90.12
N ILE JA 113 33.58 18.12 89.96
CA ILE JA 113 34.56 19.17 89.66
C ILE JA 113 34.20 19.89 88.37
N GLN JA 114 33.74 19.14 87.36
CA GLN JA 114 33.25 19.77 86.14
C GLN JA 114 31.90 20.42 86.40
N ARG JA 115 31.00 19.68 87.03
CA ARG JA 115 29.71 20.24 87.44
C ARG JA 115 29.89 21.50 88.27
N LEU JA 116 30.85 21.50 89.19
CA LEU JA 116 31.05 22.64 90.07
C LEU JA 116 31.61 23.84 89.30
N ASP JA 117 32.76 23.67 88.65
CA ASP JA 117 33.34 24.77 87.88
C ASP JA 117 32.38 25.28 86.83
N ILE JA 118 31.33 24.53 86.55
CA ILE JA 118 30.27 24.92 85.63
C ILE JA 118 29.15 25.64 86.36
N VAL JA 119 28.62 25.02 87.42
CA VAL JA 119 27.51 25.61 88.16
C VAL JA 119 27.87 26.99 88.67
N LYS JA 120 29.14 27.18 89.06
CA LYS JA 120 29.59 28.48 89.53
C LYS JA 120 29.33 29.59 88.52
N ALA JA 121 29.31 29.25 87.23
CA ALA JA 121 29.10 30.27 86.21
C ALA JA 121 27.64 30.69 86.12
N PHE JA 122 26.72 29.73 86.13
CA PHE JA 122 25.30 30.06 86.04
C PHE JA 122 24.88 31.09 87.06
N VAL JA 123 25.32 30.94 88.32
CA VAL JA 123 24.94 31.89 89.35
C VAL JA 123 25.74 33.17 89.20
N LYS JA 124 27.05 33.04 89.04
CA LYS JA 124 27.90 34.18 88.73
C LYS JA 124 27.36 34.97 87.54
N GLY JA 125 26.84 34.28 86.54
CA GLY JA 125 26.24 34.95 85.39
C GLY JA 125 24.84 35.46 85.62
N LYS JA 126 24.24 35.09 86.76
CA LYS JA 126 22.91 35.54 87.15
C LYS JA 126 22.99 36.73 88.11
N VAL JA 127 23.86 36.64 89.11
CA VAL JA 127 23.89 37.66 90.16
C VAL JA 127 24.48 38.96 89.62
N HIS JA 128 25.58 38.87 88.86
CA HIS JA 128 26.12 40.08 88.25
C HIS JA 128 25.10 40.75 87.33
N ASN JA 129 24.32 39.96 86.58
CA ASN JA 129 23.32 40.57 85.72
C ASN JA 129 22.22 41.26 86.51
N GLN JA 130 21.86 40.74 87.68
CA GLN JA 130 20.85 41.42 88.49
C GLN JA 130 21.46 42.62 89.20
N TYR JA 131 22.58 42.43 89.90
CA TYR JA 131 23.26 43.60 90.45
C TYR JA 131 23.58 44.61 89.35
N ASN JA 132 24.08 44.13 88.19
CA ASN JA 132 24.27 45.03 87.06
C ASN JA 132 22.93 45.44 86.44
N LEU JA 133 21.84 44.76 86.82
CA LEU JA 133 20.50 45.21 86.48
C LEU JA 133 20.01 46.26 87.44
N LEU JA 134 20.12 45.95 88.74
CA LEU JA 134 19.67 46.88 89.75
C LEU JA 134 20.47 48.17 89.70
N TYR JA 135 21.74 48.08 89.28
CA TYR JA 135 22.52 49.27 89.02
C TYR JA 135 22.06 49.96 87.74
N ARG JA 136 21.53 49.20 86.76
CA ARG JA 136 20.94 49.84 85.58
C ARG JA 136 19.91 50.87 86.03
N ARG JA 137 19.03 50.47 86.95
CA ARG JA 137 18.00 51.32 87.53
C ARG JA 137 18.36 51.78 88.93
N GLY JA 138 19.65 51.75 89.24
CA GLY JA 138 20.23 52.17 90.49
C GLY JA 138 19.54 51.77 91.79
N GLN JA 139 19.50 50.49 92.17
CA GLN JA 139 19.01 50.25 93.53
C GLN JA 139 20.15 50.44 94.52
N VAL JA 140 21.26 49.75 94.32
CA VAL JA 140 22.33 49.82 95.28
C VAL JA 140 23.16 51.07 94.98
N ASP JA 141 23.16 51.49 93.71
CA ASP JA 141 23.87 52.66 93.20
C ASP JA 141 25.36 52.48 93.38
N ASN JA 142 25.70 51.45 94.14
CA ASN JA 142 27.09 51.22 94.50
C ASN JA 142 27.86 50.87 93.23
N PRO JA 143 29.14 51.20 93.16
CA PRO JA 143 30.03 50.52 92.20
C PRO JA 143 29.93 49.00 92.39
N LEU JA 144 29.41 48.63 93.56
CA LEU JA 144 28.61 47.42 93.78
C LEU JA 144 29.27 46.07 93.96
N LYS JA 145 30.42 45.85 93.34
CA LYS JA 145 31.16 44.60 93.55
C LYS JA 145 30.37 43.32 93.28
N GLY JA 146 29.04 43.40 93.17
CA GLY JA 146 28.19 42.26 92.87
C GLY JA 146 28.43 41.01 93.69
N ARG JA 147 29.32 41.09 94.68
CA ARG JA 147 29.74 40.01 95.57
C ARG JA 147 30.53 38.95 94.80
N GLY JA 148 30.34 38.89 93.48
CA GLY JA 148 31.21 38.20 92.55
C GLY JA 148 31.99 36.99 93.01
N LYS JA 149 33.31 37.16 92.95
CA LYS JA 149 34.31 36.15 93.26
C LYS JA 149 33.99 35.30 94.46
N LEU JA 150 33.10 35.79 95.33
CA LEU JA 150 32.59 34.99 96.44
C LEU JA 150 32.20 33.60 95.99
N VAL JA 151 31.34 33.53 94.97
CA VAL JA 151 30.84 32.24 94.52
C VAL JA 151 31.98 31.38 93.99
N MET JA 152 32.79 31.95 93.09
CA MET JA 152 33.86 31.18 92.48
C MET JA 152 34.78 30.53 93.51
N ARG JA 153 35.00 31.18 94.65
CA ARG JA 153 35.81 30.58 95.72
C ARG JA 153 34.93 29.94 96.79
N GLN JA 154 34.20 28.92 96.36
CA GLN JA 154 33.41 28.03 97.18
C GLN JA 154 33.99 26.63 97.05
N GLN JA 155 33.52 25.70 97.89
CA GLN JA 155 34.08 24.35 97.87
C GLN JA 155 33.03 23.25 97.86
N THR JA 156 31.76 23.57 97.67
CA THR JA 156 30.75 22.53 97.52
C THR JA 156 29.52 23.13 96.84
N LEU JA 157 28.51 22.29 96.64
CA LEU JA 157 27.25 22.71 96.05
C LEU JA 157 26.32 23.32 97.09
N GLU JA 158 26.10 22.60 98.20
CA GLU JA 158 25.19 23.08 99.23
C GLU JA 158 25.56 24.48 99.70
N GLN JA 159 26.86 24.78 99.75
CA GLN JA 159 27.28 26.15 100.02
C GLN JA 159 26.72 27.11 98.98
N VAL JA 160 26.54 26.64 97.75
CA VAL JA 160 26.18 27.51 96.63
C VAL JA 160 24.67 27.57 96.44
N ARG JA 161 24.02 26.41 96.42
CA ARG JA 161 22.59 26.36 96.16
C ARG JA 161 21.82 27.22 97.17
N GLY JA 162 22.30 27.30 98.40
CA GLY JA 162 21.76 28.24 99.37
C GLY JA 162 21.98 29.68 98.99
N ILE JA 163 22.96 29.97 98.14
CA ILE JA 163 23.31 31.35 97.83
C ILE JA 163 22.24 31.99 96.96
N GLU JA 164 21.81 31.30 95.90
CA GLU JA 164 20.76 31.84 95.04
C GLU JA 164 19.52 32.19 95.84
N GLY JA 165 19.12 31.33 96.77
CA GLY JA 165 17.97 31.61 97.60
C GLY JA 165 18.12 32.89 98.41
N LEU JA 166 19.34 33.18 98.86
CA LEU JA 166 19.59 34.42 99.58
C LEU JA 166 19.45 35.63 98.67
N ALA JA 167 20.23 35.67 97.60
CA ALA JA 167 20.23 36.82 96.70
C ALA JA 167 18.86 37.09 96.11
N ALA JA 168 18.08 36.04 95.84
CA ALA JA 168 16.77 36.25 95.23
C ALA JA 168 15.86 37.08 96.14
N ARG JA 169 15.75 36.72 97.41
CA ARG JA 169 14.94 37.53 98.33
C ARG JA 169 15.52 38.93 98.45
N GLU JA 170 16.85 39.04 98.49
CA GLU JA 170 17.49 40.35 98.44
C GLU JA 170 17.30 41.01 97.09
N TYR JA 171 17.08 40.21 96.04
CA TYR JA 171 16.82 40.74 94.71
C TYR JA 171 15.36 41.15 94.58
N PHE JA 172 14.47 40.37 95.18
CA PHE JA 172 13.04 40.61 95.13
C PHE JA 172 12.57 41.55 96.23
N ALA JA 173 13.29 41.62 97.35
CA ALA JA 173 12.89 42.55 98.41
C ALA JA 173 13.13 44.00 98.04
N SER JA 174 13.95 44.26 97.01
CA SER JA 174 14.16 45.62 96.54
C SER JA 174 13.22 46.00 95.41
N TRP JA 175 12.17 45.21 95.18
CA TRP JA 175 11.23 45.44 94.09
C TRP JA 175 9.96 46.13 94.57
N GLN JA 176 9.40 45.70 95.70
CA GLN JA 176 8.24 46.39 96.25
C GLN JA 176 8.48 47.89 96.20
N GLU JA 177 9.67 48.30 96.63
CA GLU JA 177 10.13 49.67 96.54
C GLU JA 177 10.37 50.12 95.10
N MET JA 178 10.73 49.19 94.22
CA MET JA 178 11.17 49.56 92.89
C MET JA 178 10.02 49.83 91.95
N LEU JA 179 8.85 49.27 92.26
CA LEU JA 179 7.65 49.50 91.47
C LEU JA 179 7.03 50.83 91.86
N GLY JA 180 6.73 50.98 93.14
CA GLY JA 180 5.96 52.10 93.64
C GLY JA 180 4.83 51.52 94.44
N HIS JA 181 3.73 52.23 94.57
CA HIS JA 181 2.59 51.77 95.37
C HIS JA 181 1.48 51.18 94.51
N GLU JA 182 1.51 51.43 93.19
CA GLU JA 182 0.43 50.98 92.32
C GLU JA 182 0.31 49.47 92.30
N TRP JA 183 1.43 48.75 92.40
CA TRP JA 183 1.45 47.30 92.37
C TRP JA 183 2.01 46.79 93.69
N THR JA 184 1.88 45.48 93.91
CA THR JA 184 2.35 44.87 95.15
C THR JA 184 3.26 43.70 94.82
N PHE JA 185 4.44 43.71 95.42
CA PHE JA 185 5.37 42.58 95.32
C PHE JA 185 6.23 42.58 96.58
N THR JA 186 6.14 41.51 97.37
CA THR JA 186 7.01 41.32 98.52
C THR JA 186 8.08 40.27 98.28
N GLY JA 187 7.74 39.18 97.59
CA GLY JA 187 8.69 38.13 97.29
C GLY JA 187 8.21 37.33 96.10
N ARG JA 188 9.07 36.41 95.64
CA ARG JA 188 8.74 35.61 94.47
C ARG JA 188 7.78 34.51 94.87
N PHE JA 189 6.61 34.48 94.22
CA PHE JA 189 5.56 33.50 94.48
C PHE JA 189 5.28 32.79 93.16
N ARG JA 190 5.89 31.63 92.92
CA ARG JA 190 5.60 30.89 91.71
C ARG JA 190 4.16 30.36 91.81
N ARG JA 191 3.76 29.53 90.85
CA ARG JA 191 2.40 29.01 90.77
C ARG JA 191 1.95 28.43 92.11
N PRO JA 192 0.81 28.88 92.66
CA PRO JA 192 0.02 30.02 92.19
C PRO JA 192 0.66 31.35 92.56
N PRO JA 193 0.50 32.37 91.72
CA PRO JA 193 1.07 33.68 92.08
C PRO JA 193 0.21 34.43 93.10
N THR JA 194 -1.07 34.59 92.81
CA THR JA 194 -2.05 35.27 93.67
C THR JA 194 -1.80 36.77 93.69
N ASP JA 195 -0.65 37.18 93.21
CA ASP JA 195 -0.19 38.53 92.98
C ASP JA 195 -0.08 38.72 91.48
N PRO JA 196 -0.48 39.87 90.93
CA PRO JA 196 -0.33 40.01 89.47
C PRO JA 196 1.10 39.82 89.03
N VAL JA 197 2.03 40.55 89.65
CA VAL JA 197 3.42 40.50 89.20
C VAL JA 197 3.96 39.08 89.28
N ASN JA 198 3.79 38.43 90.44
CA ASN JA 198 4.24 37.04 90.59
C ASN JA 198 3.73 36.16 89.46
N ALA JA 199 2.57 36.48 88.90
CA ALA JA 199 2.04 35.72 87.78
C ALA JA 199 2.81 36.00 86.50
N LEU JA 200 3.21 37.25 86.29
CA LEU JA 200 3.91 37.60 85.06
C LEU JA 200 5.26 36.91 84.97
N LEU JA 201 5.94 36.73 86.10
CA LEU JA 201 7.23 36.07 86.09
C LEU JA 201 7.09 34.58 85.76
N SER JA 202 6.20 33.88 86.47
CA SER JA 202 5.87 32.52 86.09
C SER JA 202 5.46 32.43 84.63
N PHE JA 203 4.87 33.50 84.09
CA PHE JA 203 4.57 33.57 82.67
C PHE JA 203 5.83 33.87 81.87
N GLY JA 204 6.51 34.98 82.19
CA GLY JA 204 7.70 35.38 81.44
C GLY JA 204 8.82 34.37 81.55
N TYR JA 205 9.09 33.91 82.78
CA TYR JA 205 10.06 32.84 82.96
C TYR JA 205 9.71 31.63 82.10
N GLY JA 206 8.44 31.48 81.75
CA GLY JA 206 7.99 30.40 80.90
C GLY JA 206 8.34 30.66 79.44
N LEU JA 207 8.13 31.90 78.97
CA LEU JA 207 8.48 32.22 77.59
C LEU JA 207 9.99 32.30 77.39
N LEU JA 208 10.77 32.31 78.46
CA LEU JA 208 12.22 32.15 78.31
C LEU JA 208 12.56 30.70 78.05
N ARG JA 209 11.80 29.79 78.65
CA ARG JA 209 11.95 28.37 78.37
C ARG JA 209 11.90 28.07 76.88
N THR JA 210 11.10 28.84 76.13
CA THR JA 210 10.87 28.51 74.73
C THR JA 210 12.15 28.63 73.91
N GLN JA 211 12.84 29.77 74.02
CA GLN JA 211 14.03 29.95 73.20
C GLN JA 211 15.20 29.11 73.69
N VAL JA 212 15.22 28.79 74.98
CA VAL JA 212 16.25 27.90 75.47
C VAL JA 212 15.89 26.46 75.12
N THR JA 213 14.63 26.09 75.32
CA THR JA 213 14.16 24.77 74.94
C THR JA 213 14.45 24.48 73.48
N ALA JA 214 14.64 25.51 72.67
CA ALA JA 214 15.03 25.35 71.27
C ALA JA 214 16.53 25.26 71.11
N ALA JA 215 17.26 26.18 71.75
CA ALA JA 215 18.71 26.23 71.63
C ALA JA 215 19.36 24.92 72.03
N VAL JA 216 18.79 24.22 73.02
CA VAL JA 216 19.40 22.99 73.51
C VAL JA 216 19.41 21.92 72.42
N HIS JA 217 18.27 21.72 71.74
CA HIS JA 217 18.19 20.73 70.68
C HIS JA 217 19.13 21.05 69.53
N ILE JA 218 19.57 22.32 69.42
CA ILE JA 218 20.52 22.69 68.39
C ILE JA 218 21.90 22.16 68.73
N ALA JA 219 22.29 22.23 70.00
CA ALA JA 219 23.54 21.65 70.45
C ALA JA 219 23.47 20.14 70.57
N GLY JA 220 22.30 19.55 70.36
CA GLY JA 220 22.13 18.12 70.51
C GLY JA 220 22.10 17.64 71.93
N LEU JA 221 21.98 18.55 72.89
CA LEU JA 221 22.01 18.20 74.30
C LEU JA 221 20.70 17.58 74.74
N ASP JA 222 20.79 16.81 75.82
CA ASP JA 222 19.61 16.27 76.48
C ASP JA 222 19.11 17.32 77.47
N PRO JA 223 18.01 18.01 77.19
CA PRO JA 223 17.58 19.06 78.13
C PRO JA 223 17.29 18.50 79.51
N TYR JA 224 16.87 17.24 79.56
CA TYR JA 224 16.43 16.57 80.77
C TYR JA 224 17.58 16.15 81.66
N ILE JA 225 18.82 16.40 81.23
CA ILE JA 225 20.01 16.17 82.03
C ILE JA 225 20.70 17.51 82.25
N GLY JA 226 20.74 17.96 83.49
CA GLY JA 226 21.39 19.22 83.82
C GLY JA 226 22.47 19.03 84.86
N PHE JA 227 23.04 20.13 85.35
CA PHE JA 227 24.13 20.09 86.31
C PHE JA 227 23.77 20.70 87.67
N LEU JA 228 22.88 21.70 87.70
CA LEU JA 228 22.40 22.24 88.97
C LEU JA 228 21.11 21.57 89.41
N HIS JA 229 20.07 21.66 88.59
CA HIS JA 229 18.77 21.08 88.92
C HIS JA 229 18.85 19.57 88.75
N GLU JA 230 18.89 18.83 89.86
CA GLU JA 230 18.95 17.38 89.79
C GLU JA 230 17.72 16.86 89.04
N THR JA 231 17.97 15.97 88.08
CA THR JA 231 16.96 15.57 87.10
C THR JA 231 15.93 14.63 87.69
N THR JA 232 14.70 15.12 87.83
CA THR JA 232 13.55 14.31 88.20
C THR JA 232 12.38 14.69 87.31
N ARG JA 233 11.28 13.96 87.43
CA ARG JA 233 10.02 14.30 86.78
C ARG JA 233 10.18 14.57 85.28
N GLY JA 234 11.29 14.17 84.67
CA GLY JA 234 11.48 14.63 83.31
C GLY JA 234 11.67 16.13 83.25
N GLN JA 235 12.47 16.68 84.17
CA GLN JA 235 12.64 18.13 84.23
C GLN JA 235 13.84 18.53 83.39
N PRO JA 236 13.68 19.48 82.47
CA PRO JA 236 14.81 19.85 81.59
C PRO JA 236 15.93 20.62 82.28
N ALA JA 237 16.59 19.99 83.26
CA ALA JA 237 17.60 20.69 84.03
C ALA JA 237 18.65 21.33 83.14
N MET JA 238 18.97 20.73 82.00
CA MET JA 238 19.91 21.35 81.08
C MET JA 238 19.39 22.69 80.57
N ILE JA 239 18.08 22.87 80.54
CA ILE JA 239 17.52 24.18 80.22
C ILE JA 239 17.61 25.11 81.43
N LEU JA 240 17.06 24.65 82.56
CA LEU JA 240 16.91 25.52 83.71
C LEU JA 240 18.24 26.08 84.17
N ASP JA 241 19.32 25.30 84.06
CA ASP JA 241 20.63 25.85 84.35
C ASP JA 241 20.89 27.09 83.52
N LEU JA 242 20.46 27.09 82.25
CA LEU JA 242 20.67 28.24 81.38
C LEU JA 242 19.67 29.34 81.68
N MET JA 243 18.41 28.98 81.96
CA MET JA 243 17.42 30.00 82.23
C MET JA 243 17.87 30.92 83.37
N GLU JA 244 18.74 30.43 84.25
CA GLU JA 244 19.14 31.21 85.41
C GLU JA 244 19.89 32.48 85.00
N GLU JA 245 20.89 32.34 84.13
CA GLU JA 245 21.67 33.50 83.71
C GLU JA 245 20.85 34.51 82.92
N PHE JA 246 19.67 34.14 82.42
CA PHE JA 246 18.83 35.03 81.64
C PHE JA 246 17.55 35.47 82.35
N ARG JA 247 17.12 34.76 83.41
CA ARG JA 247 15.90 35.13 84.10
C ARG JA 247 15.94 36.58 84.57
N ALA JA 248 17.11 37.07 84.98
CA ALA JA 248 17.21 38.38 85.58
C ALA JA 248 17.39 39.50 84.55
N LEU JA 249 17.65 39.16 83.29
CA LEU JA 249 18.07 40.13 82.31
C LEU JA 249 17.07 40.38 81.18
N VAL JA 250 16.19 39.44 80.88
CA VAL JA 250 15.26 39.57 79.77
C VAL JA 250 13.83 39.74 80.25
N ALA JA 251 13.37 38.82 81.10
CA ALA JA 251 12.01 38.92 81.62
C ALA JA 251 11.91 39.94 82.74
N ASP JA 252 12.98 40.13 83.52
CA ASP JA 252 12.94 41.07 84.63
C ASP JA 252 13.19 42.50 84.20
N SER JA 253 13.95 42.70 83.12
CA SER JA 253 14.03 44.04 82.55
C SER JA 253 12.78 44.38 81.78
N VAL JA 254 12.16 43.36 81.17
CA VAL JA 254 10.95 43.58 80.39
C VAL JA 254 9.82 44.06 81.28
N VAL JA 255 9.57 43.37 82.40
CA VAL JA 255 8.47 43.76 83.27
C VAL JA 255 8.67 45.19 83.75
N LEU JA 256 9.87 45.49 84.22
CA LEU JA 256 10.19 46.84 84.68
C LEU JA 256 10.23 47.83 83.54
N THR JA 257 10.36 47.34 82.31
CA THR JA 257 10.33 48.21 81.14
C THR JA 257 8.91 48.53 80.71
N VAL JA 258 7.93 47.68 81.07
CA VAL JA 258 6.54 47.89 80.67
C VAL JA 258 5.67 48.43 81.79
N LEU JA 259 5.99 48.11 83.04
CA LEU JA 259 5.21 48.61 84.17
C LEU JA 259 5.59 50.04 84.55
N LYS JA 260 6.41 50.68 83.73
CA LYS JA 260 6.66 52.11 83.84
C LYS JA 260 5.87 52.92 82.82
N GLN JA 261 5.17 52.27 81.89
CA GLN JA 261 4.46 52.97 80.84
C GLN JA 261 2.97 52.69 80.75
N ARG JA 262 2.58 51.43 80.52
CA ARG JA 262 1.28 51.14 79.96
C ARG JA 262 0.39 50.19 80.75
N GLU JA 263 0.90 49.04 81.16
CA GLU JA 263 0.04 48.06 81.81
C GLU JA 263 -0.34 48.52 83.22
N ILE JA 264 -1.59 48.29 83.57
CA ILE JA 264 -2.17 48.67 84.85
C ILE JA 264 -3.03 47.49 85.28
N GLN JA 265 -3.37 47.46 86.58
CA GLN JA 265 -4.21 46.40 87.10
C GLN JA 265 -5.44 46.16 86.22
N ARG JA 266 -5.85 47.16 85.43
CA ARG JA 266 -6.96 47.00 84.51
C ARG JA 266 -6.70 45.93 83.45
N GLN JA 267 -5.45 45.49 83.28
CA GLN JA 267 -5.09 44.54 82.25
C GLN JA 267 -4.76 43.17 82.82
N ASP JA 268 -4.71 43.05 84.14
CA ASP JA 268 -4.57 41.80 84.87
C ASP JA 268 -5.93 41.47 85.47
N PHE JA 269 -6.46 40.29 85.18
CA PHE JA 269 -7.77 39.95 85.72
C PHE JA 269 -7.67 39.68 87.21
N THR JA 270 -8.71 40.09 87.94
CA THR JA 270 -8.74 39.93 89.38
C THR JA 270 -8.94 38.46 89.74
N GLU JA 271 -8.90 38.16 91.04
CA GLU JA 271 -9.21 36.81 91.48
C GLU JA 271 -10.50 36.37 90.81
N SER JA 272 -10.42 35.41 89.90
CA SER JA 272 -11.63 34.78 89.39
C SER JA 272 -12.21 33.85 90.45
N LEU JA 273 -11.45 32.81 90.78
CA LEU JA 273 -11.47 32.22 92.11
C LEU JA 273 -10.09 32.35 92.75
N GLY JA 274 -9.04 31.87 92.08
CA GLY JA 274 -7.68 32.14 92.46
C GLY JA 274 -6.81 32.70 91.36
N ALA JA 275 -7.19 32.41 90.12
CA ALA JA 275 -6.29 32.62 88.99
C ALA JA 275 -5.96 34.09 88.79
N PHE JA 276 -4.73 34.36 88.37
CA PHE JA 276 -4.31 35.68 87.90
C PHE JA 276 -3.64 35.49 86.54
N ARG JA 277 -4.46 35.33 85.51
CA ARG JA 277 -4.03 35.31 84.13
C ARG JA 277 -4.28 36.69 83.51
N LEU JA 278 -3.78 36.88 82.30
CA LEU JA 278 -4.00 38.13 81.60
C LEU JA 278 -5.22 38.04 80.68
N THR JA 279 -5.60 39.20 80.16
CA THR JA 279 -6.59 39.27 79.09
C THR JA 279 -5.89 39.03 77.76
N ASP JA 280 -6.63 38.49 76.79
CA ASP JA 280 -6.05 38.29 75.47
C ASP JA 280 -5.63 39.60 74.82
N SER JA 281 -5.96 40.74 75.41
CA SER JA 281 -5.52 42.03 74.90
C SER JA 281 -4.26 42.53 75.59
N ALA JA 282 -3.92 41.95 76.74
CA ALA JA 282 -2.64 42.16 77.41
C ALA JA 282 -1.61 41.10 77.08
N THR JA 283 -2.04 39.84 76.92
CA THR JA 283 -1.12 38.79 76.47
C THR JA 283 -0.45 39.21 75.17
N LYS JA 284 -1.21 39.83 74.27
CA LYS JA 284 -0.69 40.26 72.97
C LYS JA 284 0.21 41.49 73.08
N THR JA 285 0.05 42.29 74.12
CA THR JA 285 0.91 43.46 74.33
C THR JA 285 2.24 43.09 74.97
N PHE JA 286 2.24 42.07 75.82
CA PHE JA 286 3.47 41.62 76.48
C PHE JA 286 4.57 41.38 75.46
N LEU JA 287 4.23 40.72 74.35
CA LEU JA 287 5.24 40.28 73.39
C LEU JA 287 5.82 41.41 72.55
N GLY JA 288 5.03 42.44 72.25
CA GLY JA 288 5.53 43.51 71.40
C GLY JA 288 6.86 44.08 71.87
N ALA JA 289 6.94 44.39 73.17
CA ALA JA 289 8.22 44.79 73.75
C ALA JA 289 9.11 43.57 73.99
N PHE JA 290 8.50 42.39 74.18
CA PHE JA 290 9.30 41.21 74.45
C PHE JA 290 10.16 40.85 73.26
N ASP JA 291 9.55 40.76 72.07
CA ASP JA 291 10.32 40.53 70.85
C ASP JA 291 11.17 41.73 70.51
N ARG JA 292 10.72 42.92 70.90
CA ARG JA 292 11.54 44.11 70.79
C ARG JA 292 12.88 43.93 71.50
N LYS JA 293 12.83 43.45 72.75
CA LYS JA 293 14.06 43.25 73.51
C LYS JA 293 14.95 42.21 72.86
N LEU JA 294 14.37 41.12 72.34
CA LEU JA 294 15.17 40.04 71.76
C LEU JA 294 15.79 40.40 70.43
N SER JA 295 15.77 41.67 70.00
CA SER JA 295 16.37 42.06 68.74
C SER JA 295 17.52 43.05 68.88
N SER JA 296 18.21 43.05 70.02
CA SER JA 296 19.25 44.07 70.20
C SER JA 296 20.18 43.74 71.36
N GLU JA 297 21.42 44.20 71.24
CA GLU JA 297 22.48 44.14 72.26
C GLU JA 297 23.74 44.71 71.59
N PHE JA 298 24.79 44.92 72.38
CA PHE JA 298 26.07 45.25 71.75
C PHE JA 298 26.98 44.03 71.68
N LYS JA 299 27.62 43.69 72.82
CA LYS JA 299 28.39 42.46 72.98
C LYS JA 299 29.24 42.50 74.24
N HIS JA 300 29.90 41.37 74.53
CA HIS JA 300 30.90 41.23 75.60
C HIS JA 300 30.81 39.83 76.20
N PHE JA 303 34.84 41.77 73.79
CA PHE JA 303 35.01 41.95 72.35
C PHE JA 303 33.74 42.50 71.70
N ASN JA 304 33.88 43.66 71.07
CA ASN JA 304 32.79 44.28 70.33
C ASN JA 304 32.26 43.34 69.26
N TYR JA 305 30.98 42.96 69.36
CA TYR JA 305 30.40 42.07 68.36
C TYR JA 305 28.88 42.08 68.43
N LYS JA 306 28.22 42.58 67.39
CA LYS JA 306 26.77 42.61 67.35
C LYS JA 306 26.19 41.28 67.81
N CYS JA 307 25.06 41.33 68.53
CA CYS JA 307 24.36 40.12 68.93
C CYS JA 307 22.95 40.44 69.39
N THR JA 308 21.96 39.76 68.85
CA THR JA 308 20.65 39.83 69.48
C THR JA 308 20.67 39.04 70.79
N TYR JA 309 19.75 39.34 71.70
CA TYR JA 309 19.59 38.48 72.86
C TYR JA 309 19.19 37.08 72.42
N ARG JA 310 18.19 37.02 71.54
CA ARG JA 310 17.69 35.74 71.02
C ARG JA 310 18.81 34.84 70.54
N ARG JA 311 19.80 35.42 69.84
CA ARG JA 311 20.86 34.61 69.27
C ARG JA 311 21.90 34.23 70.31
N ALA JA 312 22.24 35.17 71.21
CA ALA JA 312 23.23 34.90 72.25
C ALA JA 312 22.96 33.60 72.99
N ILE JA 313 21.68 33.23 73.11
CA ILE JA 313 21.34 32.01 73.84
C ILE JA 313 21.84 30.78 73.09
N GLU JA 314 21.51 30.69 71.80
CA GLU JA 314 22.04 29.61 70.98
C GLU JA 314 23.54 29.44 71.17
N LEU JA 315 24.27 30.55 71.33
CA LEU JA 315 25.72 30.47 71.50
C LEU JA 315 26.10 29.90 72.85
N GLN JA 316 25.58 30.49 73.94
CA GLN JA 316 25.94 30.02 75.27
C GLN JA 316 25.87 28.51 75.35
N ALA JA 317 24.82 27.92 74.76
CA ALA JA 317 24.75 26.47 74.65
C ALA JA 317 25.89 25.95 73.78
N ARG JA 318 26.07 26.52 72.59
CA ARG JA 318 27.17 26.10 71.72
C ARG JA 318 28.51 26.25 72.43
N LEU JA 319 28.71 27.37 73.12
CA LEU JA 319 29.90 27.53 73.95
C LEU JA 319 29.99 26.41 74.98
N LEU JA 320 28.85 26.06 75.58
CA LEU JA 320 28.85 25.04 76.62
C LEU JA 320 29.25 23.69 76.06
N ALA JA 321 28.73 23.33 74.87
CA ALA JA 321 29.15 22.11 74.22
C ALA JA 321 30.66 22.06 74.06
N ARG JA 322 31.26 23.18 73.63
CA ARG JA 322 32.70 23.23 73.44
C ARG JA 322 33.46 23.13 74.75
N HIS JA 323 32.89 23.67 75.84
CA HIS JA 323 33.46 23.40 77.17
C HIS JA 323 33.53 21.91 77.44
N LEU JA 324 32.62 21.14 76.85
CA LEU JA 324 32.45 19.72 77.10
C LEU JA 324 33.14 18.84 76.07
N GLN JA 325 33.11 19.27 74.81
CA GLN JA 325 33.66 18.54 73.68
C GLN JA 325 35.09 18.94 73.39
N GLU JA 326 35.40 20.23 73.56
CA GLU JA 326 36.72 20.77 73.28
C GLU JA 326 37.47 21.21 74.54
N GLY JA 327 36.82 21.20 75.70
CA GLY JA 327 37.47 21.57 76.94
C GLY JA 327 37.57 23.06 77.18
N VAL JA 328 36.75 23.85 76.50
CA VAL JA 328 36.78 25.31 76.58
C VAL JA 328 36.16 25.81 77.88
N VAL JA 329 36.39 27.09 78.17
CA VAL JA 329 35.73 27.77 79.27
C VAL JA 329 34.31 28.14 78.89
N TYR JA 330 33.44 28.27 79.89
CA TYR JA 330 32.09 28.82 79.72
C TYR JA 330 32.04 30.10 80.56
N GLU JA 331 32.45 31.22 79.96
CA GLU JA 331 32.36 32.51 80.63
C GLU JA 331 31.00 33.12 80.34
N PRO JA 332 30.08 33.17 81.31
CA PRO JA 332 28.71 33.59 81.02
C PRO JA 332 28.53 35.04 80.57
N LEU JA 333 27.27 35.37 80.27
CA LEU JA 333 26.87 36.64 79.69
C LEU JA 333 26.55 37.66 80.78
N VAL JA 334 27.08 38.88 80.63
CA VAL JA 334 26.86 39.95 81.59
C VAL JA 334 26.45 41.21 80.82
N ILE JA 335 25.44 41.90 81.34
CA ILE JA 335 24.88 43.10 80.71
C ILE JA 335 25.09 43.15 79.20
N MET KA 12 -28.63 -9.61 58.60
CA MET KA 12 -29.73 -9.52 57.65
C MET KA 12 -30.00 -8.08 57.21
N LEU KA 13 -29.27 -7.12 57.79
CA LEU KA 13 -29.49 -5.71 57.52
C LEU KA 13 -28.64 -5.28 56.33
N TYR KA 14 -29.28 -5.15 55.17
CA TYR KA 14 -28.59 -4.82 53.93
C TYR KA 14 -28.63 -3.31 53.71
N LEU KA 15 -27.44 -2.69 53.77
CA LEU KA 15 -27.24 -1.27 53.50
C LEU KA 15 -26.63 -1.14 52.11
N ILE KA 16 -27.08 -0.12 51.37
CA ILE KA 16 -26.76 -0.02 49.96
C ILE KA 16 -26.33 1.39 49.59
N ILE KA 17 -25.52 1.48 48.53
CA ILE KA 17 -24.97 2.75 48.06
C ILE KA 17 -25.09 2.81 46.53
N TYR KA 18 -25.28 4.02 46.02
CA TYR KA 18 -25.07 4.27 44.59
C TYR KA 18 -24.72 5.74 44.40
N ASP KA 19 -23.71 5.99 43.58
CA ASP KA 19 -23.37 7.34 43.13
C ASP KA 19 -23.10 7.22 41.64
N VAL KA 20 -24.02 7.78 40.84
CA VAL KA 20 -24.15 7.42 39.43
C VAL KA 20 -24.17 8.71 38.62
N PRO KA 21 -23.63 8.70 37.39
CA PRO KA 21 -23.50 9.96 36.64
C PRO KA 21 -24.84 10.59 36.29
N ALA KA 22 -24.77 11.77 35.66
CA ALA KA 22 -25.96 12.52 35.27
C ALA KA 22 -26.36 12.24 33.83
N THR KA 23 -25.92 11.13 33.26
CA THR KA 23 -26.34 10.77 31.91
C THR KA 23 -27.78 10.28 31.96
N LYS KA 24 -28.61 10.80 31.03
CA LYS KA 24 -30.00 10.39 30.96
C LYS KA 24 -30.17 8.92 30.64
N ALA KA 25 -29.11 8.24 30.20
CA ALA KA 25 -29.13 6.80 30.00
C ALA KA 25 -28.76 6.04 31.27
N GLY KA 26 -28.21 6.72 32.28
CA GLY KA 26 -27.89 6.11 33.55
C GLY KA 26 -28.76 6.66 34.66
N ASN KA 27 -29.15 7.93 34.53
CA ASN KA 27 -30.12 8.50 35.46
C ASN KA 27 -31.39 7.65 35.53
N LYS KA 28 -31.81 7.08 34.39
CA LYS KA 28 -32.88 6.08 34.40
C LYS KA 28 -32.52 4.93 35.34
N ARG KA 29 -31.31 4.38 35.19
CA ARG KA 29 -30.89 3.28 36.06
C ARG KA 29 -30.88 3.73 37.51
N ARG KA 30 -30.47 4.98 37.76
CA ARG KA 30 -30.59 5.56 39.09
C ARG KA 30 -32.03 5.73 39.51
N THR KA 31 -32.82 6.48 38.71
CA THR KA 31 -34.17 6.83 39.11
C THR KA 31 -35.09 5.62 39.20
N ARG KA 32 -34.89 4.62 38.34
CA ARG KA 32 -35.64 3.37 38.46
C ARG KA 32 -35.21 2.60 39.70
N LEU KA 33 -33.94 2.72 40.08
CA LEU KA 33 -33.43 2.00 41.25
C LEU KA 33 -33.99 2.56 42.55
N PHE KA 34 -34.17 3.89 42.63
CA PHE KA 34 -34.81 4.46 43.80
C PHE KA 34 -36.21 3.89 44.01
N ASP KA 35 -37.00 3.83 42.93
CA ASP KA 35 -38.32 3.22 43.01
C ASP KA 35 -38.27 1.77 43.45
N LEU KA 36 -37.13 1.10 43.25
CA LEU KA 36 -36.98 -0.28 43.66
C LEU KA 36 -36.72 -0.38 45.16
N LEU KA 37 -35.62 0.22 45.61
CA LEU KA 37 -35.17 0.04 46.98
C LEU KA 37 -36.22 0.51 47.98
N SER KA 38 -36.99 1.54 47.62
CA SER KA 38 -38.17 1.87 48.43
C SER KA 38 -39.10 0.68 48.55
N GLY KA 39 -38.95 -0.33 47.69
CA GLY KA 39 -39.74 -1.54 47.75
C GLY KA 39 -39.20 -2.61 48.66
N TYR KA 40 -37.89 -2.63 48.91
CA TYR KA 40 -37.28 -3.62 49.80
C TYR KA 40 -36.85 -3.07 51.14
N GLY KA 41 -36.70 -1.77 51.29
CA GLY KA 41 -36.19 -1.23 52.53
C GLY KA 41 -36.45 0.25 52.67
N LYS KA 42 -35.75 0.84 53.64
CA LYS KA 42 -35.94 2.24 54.03
C LYS KA 42 -34.88 3.13 53.40
N TRP KA 43 -35.20 4.41 53.32
CA TRP KA 43 -34.31 5.44 52.79
C TRP KA 43 -33.78 6.28 53.95
N ARG KA 44 -32.49 6.56 53.93
CA ARG KA 44 -31.89 7.47 54.91
C ARG KA 44 -31.20 8.67 54.29
N GLN KA 45 -30.42 8.46 53.22
CA GLN KA 45 -29.75 9.54 52.53
C GLN KA 45 -29.92 9.35 51.02
N PHE KA 46 -29.53 10.39 50.27
CA PHE KA 46 -29.80 10.41 48.83
C PHE KA 46 -29.35 9.12 48.17
N SER KA 47 -28.13 8.68 48.46
CA SER KA 47 -27.55 7.47 47.90
C SER KA 47 -27.56 6.31 48.89
N VAL KA 48 -28.58 6.22 49.75
CA VAL KA 48 -28.57 5.32 50.89
C VAL KA 48 -29.95 4.73 51.09
N PHE KA 49 -30.00 3.41 51.31
CA PHE KA 49 -31.20 2.73 51.77
C PHE KA 49 -30.81 1.74 52.85
N GLU KA 50 -31.71 1.55 53.82
CA GLU KA 50 -31.55 0.54 54.86
C GLU KA 50 -32.58 -0.56 54.61
N CYS KA 51 -32.11 -1.75 54.27
CA CYS KA 51 -32.96 -2.88 53.90
C CYS KA 51 -32.68 -4.01 54.89
N PHE KA 52 -33.56 -4.17 55.88
CA PHE KA 52 -33.49 -5.35 56.74
C PHE KA 52 -34.43 -6.43 56.23
N LEU KA 53 -33.90 -7.64 56.08
CA LEU KA 53 -34.66 -8.73 55.46
C LEU KA 53 -33.82 -10.00 55.54
N SER KA 54 -34.45 -11.10 55.15
CA SER KA 54 -33.82 -12.41 55.17
C SER KA 54 -33.15 -12.65 53.82
N VAL KA 55 -32.75 -13.89 53.55
CA VAL KA 55 -31.97 -14.17 52.34
C VAL KA 55 -32.88 -14.35 51.14
N LYS KA 56 -33.91 -15.20 51.28
CA LYS KA 56 -34.82 -15.45 50.16
C LYS KA 56 -35.25 -14.14 49.52
N GLN KA 57 -35.49 -13.12 50.33
CA GLN KA 57 -35.82 -11.78 49.82
C GLN KA 57 -34.62 -11.08 49.18
N PHE KA 58 -33.41 -11.52 49.51
CA PHE KA 58 -32.21 -10.87 48.97
C PHE KA 58 -31.95 -11.24 47.52
N ALA KA 59 -31.82 -12.54 47.24
CA ALA KA 59 -31.54 -12.97 45.87
C ALA KA 59 -32.62 -12.48 44.91
N LYS KA 60 -33.86 -12.33 45.39
CA LYS KA 60 -34.88 -11.68 44.59
C LYS KA 60 -34.48 -10.26 44.20
N LEU KA 61 -33.55 -9.65 44.93
CA LEU KA 61 -33.08 -8.30 44.66
C LEU KA 61 -31.76 -8.29 43.90
N GLN KA 62 -30.74 -8.94 44.45
CA GLN KA 62 -29.44 -9.02 43.79
C GLN KA 62 -29.60 -9.42 42.33
N THR KA 63 -30.46 -10.40 42.06
CA THR KA 63 -30.70 -10.85 40.70
C THR KA 63 -31.30 -9.76 39.82
N ALA KA 64 -31.80 -8.66 40.42
CA ALA KA 64 -32.33 -7.55 39.63
C ALA KA 64 -31.24 -6.57 39.20
N MET KA 65 -30.12 -6.53 39.92
CA MET KA 65 -29.04 -5.61 39.58
C MET KA 65 -28.05 -6.23 38.59
N GLU KA 66 -27.52 -7.42 38.91
CA GLU KA 66 -26.69 -8.15 37.96
C GLU KA 66 -27.39 -8.29 36.61
N LYS KA 67 -28.72 -8.18 36.62
CA LYS KA 67 -29.54 -8.21 35.42
C LYS KA 67 -29.78 -6.82 34.87
N LEU KA 68 -29.22 -5.79 35.52
CA LEU KA 68 -29.57 -4.40 35.24
C LEU KA 68 -28.41 -3.42 35.15
N ILE KA 69 -27.21 -3.77 35.58
CA ILE KA 69 -26.19 -2.76 35.80
C ILE KA 69 -25.20 -2.75 34.64
N LYS KA 70 -24.70 -1.56 34.33
CA LYS KA 70 -23.53 -1.40 33.46
C LYS KA 70 -22.41 -0.96 34.40
N LEU KA 71 -21.71 -1.96 34.95
CA LEU KA 71 -20.63 -1.74 35.90
C LEU KA 71 -19.38 -1.18 35.25
N ASP KA 72 -19.32 -1.18 33.92
CA ASP KA 72 -18.21 -0.58 33.19
C ASP KA 72 -18.13 0.93 33.40
N GLU KA 73 -19.19 1.55 33.92
CA GLU KA 73 -19.21 2.98 34.18
C GLU KA 73 -19.86 3.31 35.51
N ASP KA 74 -20.28 2.32 36.29
CA ASP KA 74 -21.03 2.52 37.52
C ASP KA 74 -20.24 2.06 38.74
N ALA KA 75 -20.75 2.40 39.91
CA ALA KA 75 -20.05 2.16 41.17
C ALA KA 75 -21.06 1.95 42.27
N VAL KA 76 -20.98 0.80 42.95
CA VAL KA 76 -21.86 0.50 44.07
C VAL KA 76 -21.10 -0.37 45.07
N CYS KA 77 -21.44 -0.23 46.34
CA CYS KA 77 -20.91 -1.07 47.40
C CYS KA 77 -22.04 -1.39 48.36
N ILE KA 78 -21.87 -2.51 49.08
CA ILE KA 78 -22.91 -3.03 49.97
C ILE KA 78 -22.27 -3.44 51.29
N TYR KA 79 -23.03 -3.28 52.37
CA TYR KA 79 -22.54 -3.60 53.71
C TYR KA 79 -23.59 -4.40 54.46
N VAL KA 80 -23.12 -5.38 55.23
CA VAL KA 80 -23.96 -6.35 55.92
C VAL KA 80 -23.85 -6.09 57.42
N LEU KA 81 -24.97 -5.88 58.07
CA LEU KA 81 -24.99 -5.43 59.46
C LEU KA 81 -25.80 -6.43 60.29
N ASP KA 82 -25.12 -7.05 61.24
CA ASP KA 82 -25.75 -7.95 62.20
C ASP KA 82 -26.20 -7.16 63.43
N GLU KA 83 -27.14 -7.75 64.17
CA GLU KA 83 -27.76 -7.02 65.28
C GLU KA 83 -26.71 -6.45 66.23
N ASN KA 84 -25.82 -7.30 66.75
CA ASN KA 84 -24.84 -6.87 67.73
C ASN KA 84 -23.81 -5.90 67.18
N THR KA 85 -23.64 -5.81 65.86
CA THR KA 85 -22.82 -4.75 65.28
C THR KA 85 -23.63 -3.51 64.94
N VAL KA 86 -24.95 -3.64 64.87
CA VAL KA 86 -25.81 -2.48 64.67
C VAL KA 86 -25.98 -1.71 65.97
N GLN KA 87 -26.19 -2.45 67.07
CA GLN KA 87 -26.40 -1.84 68.38
C GLN KA 87 -25.41 -0.72 68.65
N ARG KA 88 -24.21 -0.84 68.09
CA ARG KA 88 -23.12 0.10 68.31
C ARG KA 88 -23.10 1.22 67.28
N THR KA 89 -24.06 1.23 66.35
CA THR KA 89 -24.16 2.29 65.37
C THR KA 89 -24.64 3.58 66.03
N ILE KA 90 -24.28 4.71 65.42
CA ILE KA 90 -24.49 6.02 66.03
C ILE KA 90 -24.92 7.04 64.99
N THR KA 91 -25.83 7.94 65.39
CA THR KA 91 -26.34 9.00 64.51
C THR KA 91 -26.46 10.29 65.32
N TYR KA 92 -26.56 11.41 64.60
CA TYR KA 92 -26.75 12.71 65.24
C TYR KA 92 -27.95 13.49 64.70
N GLY KA 93 -28.17 13.47 63.38
CA GLY KA 93 -29.19 14.31 62.78
C GLY KA 93 -30.39 13.54 62.28
N THR KA 94 -30.31 12.22 62.33
CA THR KA 94 -31.38 11.33 61.91
C THR KA 94 -31.70 10.39 63.06
N PRO KA 95 -32.88 9.78 63.05
CA PRO KA 95 -33.22 8.79 64.07
C PRO KA 95 -32.48 7.48 63.83
N GLN KA 96 -32.55 6.62 64.83
CA GLN KA 96 -31.85 5.35 64.79
C GLN KA 96 -32.63 4.33 63.96
N PRO KA 97 -31.95 3.30 63.46
CA PRO KA 97 -32.63 2.34 62.56
C PRO KA 97 -33.67 1.51 63.29
N GLU KA 98 -34.64 1.04 62.51
CA GLU KA 98 -35.68 0.14 63.01
C GLU KA 98 -36.29 -0.57 61.81
N LYS KA 99 -37.00 -1.66 62.11
CA LYS KA 99 -37.66 -2.48 61.09
C LYS KA 99 -38.94 -3.02 61.70
N PRO KA 100 -39.93 -2.15 61.91
CA PRO KA 100 -41.16 -2.59 62.56
C PRO KA 100 -42.27 -3.04 61.64
N GLY KA 101 -43.38 -3.47 62.23
CA GLY KA 101 -44.65 -3.49 61.52
C GLY KA 101 -45.19 -2.07 61.39
N SER KA 102 -45.82 -1.80 60.26
CA SER KA 102 -46.25 -0.44 59.94
C SER KA 102 -47.73 -0.25 60.23
N ILE KA 103 -48.07 0.90 60.81
CA ILE KA 103 -49.43 1.28 61.11
C ILE KA 103 -49.63 2.71 60.64
N ILE KA 104 -50.82 3.01 60.11
CA ILE KA 104 -51.18 4.38 59.77
C ILE KA 104 -52.68 4.57 59.87
N MET LA 12 -13.17 -3.01 63.81
CA MET LA 12 -12.86 -1.62 64.10
C MET LA 12 -12.82 -0.76 62.83
N LEU LA 13 -13.67 -1.08 61.86
CA LEU LA 13 -13.74 -0.32 60.61
C LEU LA 13 -14.93 0.62 60.71
N TYR LA 14 -14.63 1.90 60.92
CA TYR LA 14 -15.65 2.93 61.13
C TYR LA 14 -16.06 3.51 59.79
N LEU LA 15 -17.29 3.23 59.38
CA LEU LA 15 -17.87 3.78 58.17
C LEU LA 15 -18.88 4.86 58.55
N ILE LA 16 -18.82 5.99 57.83
CA ILE LA 16 -19.59 7.17 58.20
C ILE LA 16 -20.13 7.85 56.96
N ILE LA 17 -21.17 8.66 57.16
CA ILE LA 17 -21.93 9.31 56.10
C ILE LA 17 -22.11 10.79 56.44
N TYR LA 18 -22.33 11.60 55.40
CA TYR LA 18 -22.80 12.96 55.60
C TYR LA 18 -23.74 13.33 54.46
N ASP LA 19 -24.89 13.90 54.81
CA ASP LA 19 -25.84 14.42 53.82
C ASP LA 19 -26.39 15.73 54.34
N VAL LA 20 -25.93 16.84 53.76
CA VAL LA 20 -26.11 18.16 54.36
C VAL LA 20 -26.51 19.16 53.30
N PRO LA 21 -27.33 20.15 53.69
CA PRO LA 21 -27.86 21.11 52.70
C PRO LA 21 -26.82 21.98 52.01
N ALA LA 22 -27.29 22.84 51.11
CA ALA LA 22 -26.46 23.76 50.35
C ALA LA 22 -26.34 25.12 51.03
N THR LA 23 -26.56 25.18 52.33
CA THR LA 23 -26.41 26.43 53.07
C THR LA 23 -24.94 26.81 53.18
N LYS LA 24 -24.65 28.09 52.94
CA LYS LA 24 -23.26 28.54 53.07
C LYS LA 24 -22.72 28.34 54.48
N ALA LA 25 -23.60 28.10 55.46
CA ALA LA 25 -23.17 27.75 56.81
C ALA LA 25 -23.04 26.25 57.02
N GLY LA 26 -23.63 25.44 56.15
CA GLY LA 26 -23.47 24.00 56.22
C GLY LA 26 -22.73 23.49 55.00
N ASN LA 27 -22.95 24.15 53.86
CA ASN LA 27 -22.13 23.90 52.69
C ASN LA 27 -20.65 24.06 53.04
N LYS LA 28 -20.33 25.07 53.85
CA LYS LA 28 -19.01 25.14 54.45
C LYS LA 28 -18.72 23.91 55.31
N ARG LA 29 -19.68 23.53 56.17
CA ARG LA 29 -19.47 22.38 57.04
C ARG LA 29 -19.18 21.12 56.24
N ARG LA 30 -19.82 20.97 55.08
CA ARG LA 30 -19.53 19.82 54.22
C ARG LA 30 -18.08 19.83 53.77
N THR LA 31 -17.65 20.94 53.14
CA THR LA 31 -16.32 20.95 52.53
C THR LA 31 -15.21 20.81 53.56
N ARG LA 32 -15.42 21.32 54.78
CA ARG LA 32 -14.43 21.10 55.84
C ARG LA 32 -14.39 19.64 56.29
N LEU LA 33 -15.54 18.98 56.31
CA LEU LA 33 -15.56 17.57 56.74
C LEU LA 33 -14.89 16.69 55.71
N PHE LA 34 -15.09 16.98 54.42
CA PHE LA 34 -14.34 16.29 53.39
C PHE LA 34 -12.84 16.51 53.60
N ASP LA 35 -12.45 17.76 53.86
CA ASP LA 35 -11.07 18.05 54.23
C ASP LA 35 -10.66 17.34 55.51
N LEU LA 36 -11.62 17.02 56.37
CA LEU LA 36 -11.32 16.32 57.62
C LEU LA 36 -11.15 14.82 57.40
N LEU LA 37 -12.22 14.16 56.96
CA LEU LA 37 -12.23 12.70 56.91
C LEU LA 37 -11.16 12.14 56.00
N SER LA 38 -10.84 12.85 54.91
CA SER LA 38 -9.68 12.47 54.11
C SER LA 38 -8.42 12.42 54.96
N GLY LA 39 -8.44 13.05 56.14
CA GLY LA 39 -7.33 13.01 57.06
C GLY LA 39 -7.37 11.82 57.99
N TYR LA 40 -8.57 11.28 58.22
CA TYR LA 40 -8.75 10.12 59.09
C TYR LA 40 -9.06 8.83 58.33
N GLY LA 41 -9.50 8.91 57.08
CA GLY LA 41 -9.85 7.70 56.36
C GLY LA 41 -9.94 7.94 54.87
N LYS LA 42 -10.45 6.92 54.17
CA LYS LA 42 -10.50 6.89 52.72
C LYS LA 42 -11.92 7.17 52.20
N TRP LA 43 -11.98 7.55 50.93
CA TRP LA 43 -13.24 7.93 50.28
C TRP LA 43 -13.76 6.85 49.35
N ARG LA 44 -15.08 6.62 49.40
CA ARG LA 44 -15.75 5.75 48.44
C ARG LA 44 -16.85 6.44 47.67
N GLN LA 45 -17.74 7.19 48.33
CA GLN LA 45 -18.83 7.86 47.64
C GLN LA 45 -19.05 9.27 48.17
N PHE LA 46 -19.90 10.02 47.45
CA PHE LA 46 -20.04 11.46 47.70
C PHE LA 46 -20.28 11.77 49.16
N SER LA 47 -21.25 11.10 49.77
CA SER LA 47 -21.63 11.33 51.15
C SER LA 47 -21.08 10.26 52.08
N VAL LA 48 -19.93 9.68 51.72
CA VAL LA 48 -19.48 8.46 52.38
C VAL LA 48 -17.96 8.44 52.44
N PHE LA 49 -17.45 8.05 53.62
CA PHE LA 49 -16.07 7.68 53.82
C PHE LA 49 -16.07 6.39 54.62
N GLU LA 50 -15.13 5.50 54.32
CA GLU LA 50 -14.92 4.28 55.07
C GLU LA 50 -13.59 4.42 55.80
N CYS LA 51 -13.64 4.47 57.12
CA CYS LA 51 -12.49 4.78 57.96
C CYS LA 51 -12.19 3.57 58.84
N PHE LA 52 -11.14 2.82 58.50
CA PHE LA 52 -10.62 1.76 59.35
C PHE LA 52 -9.55 2.36 60.24
N LEU LA 53 -9.68 2.17 61.55
CA LEU LA 53 -8.87 2.92 62.51
C LEU LA 53 -9.10 2.38 63.91
N SER LA 54 -8.34 2.93 64.85
CA SER LA 54 -8.34 2.49 66.24
C SER LA 54 -9.38 3.27 67.06
N VAL LA 55 -9.32 3.11 68.39
CA VAL LA 55 -10.31 3.69 69.29
C VAL LA 55 -9.92 5.11 69.66
N LYS LA 56 -8.73 5.28 70.26
CA LYS LA 56 -8.26 6.61 70.61
C LYS LA 56 -8.27 7.52 69.39
N GLN LA 57 -8.00 6.96 68.20
CA GLN LA 57 -8.09 7.74 66.98
C GLN LA 57 -9.52 8.19 66.70
N PHE LA 58 -10.50 7.50 67.29
CA PHE LA 58 -11.90 7.86 67.11
C PHE LA 58 -12.25 9.08 67.94
N ALA LA 59 -12.01 9.01 69.26
CA ALA LA 59 -12.33 10.14 70.12
C ALA LA 59 -11.62 11.41 69.67
N LYS LA 60 -10.41 11.28 69.12
CA LYS LA 60 -9.79 12.43 68.47
C LYS LA 60 -10.64 12.96 67.32
N LEU LA 61 -11.51 12.11 66.76
CA LEU LA 61 -12.43 12.48 65.71
C LEU LA 61 -13.83 12.74 66.26
N GLN LA 62 -14.39 11.75 66.97
CA GLN LA 62 -15.70 11.91 67.58
C GLN LA 62 -15.81 13.24 68.32
N THR LA 63 -14.78 13.57 69.10
CA THR LA 63 -14.77 14.84 69.82
C THR LA 63 -14.69 16.05 68.89
N ALA LA 64 -14.35 15.84 67.62
CA ALA LA 64 -14.27 16.96 66.68
C ALA LA 64 -15.60 17.28 66.01
N MET LA 65 -16.50 16.31 65.86
CA MET LA 65 -17.78 16.53 65.19
C MET LA 65 -18.87 16.99 66.15
N GLU LA 66 -19.03 16.29 67.28
CA GLU LA 66 -19.94 16.75 68.32
C GLU LA 66 -19.71 18.22 68.66
N LYS LA 67 -18.53 18.73 68.32
CA LYS LA 67 -18.06 20.07 68.64
C LYS LA 67 -18.37 21.11 67.56
N LEU LA 68 -19.01 20.73 66.44
CA LEU LA 68 -19.12 21.64 65.32
C LEU LA 68 -20.47 21.68 64.61
N ILE LA 69 -21.40 20.77 64.88
CA ILE LA 69 -22.53 20.54 63.99
C ILE LA 69 -23.79 21.21 64.50
N LYS LA 70 -24.68 21.55 63.58
CA LYS LA 70 -26.04 21.99 63.88
C LYS LA 70 -26.97 20.82 63.59
N LEU LA 71 -27.30 20.07 64.64
CA LEU LA 71 -28.09 18.86 64.49
C LEU LA 71 -29.54 19.15 64.10
N ASP LA 72 -29.98 20.40 64.26
CA ASP LA 72 -31.30 20.81 63.79
C ASP LA 72 -31.40 20.91 62.28
N GLU LA 73 -30.26 20.88 61.58
CA GLU LA 73 -30.24 21.09 60.14
C GLU LA 73 -29.34 20.12 59.41
N ASP LA 74 -28.65 19.23 60.11
CA ASP LA 74 -27.69 18.31 59.54
C ASP LA 74 -28.17 16.87 59.76
N ALA LA 75 -27.52 15.93 59.09
CA ALA LA 75 -27.95 14.53 59.14
C ALA LA 75 -26.74 13.64 58.92
N VAL LA 76 -26.46 12.78 59.90
CA VAL LA 76 -25.35 11.84 59.80
C VAL LA 76 -25.66 10.60 60.64
N CYS LA 77 -25.11 9.47 60.19
CA CYS LA 77 -25.19 8.21 60.91
C CYS LA 77 -23.84 7.51 60.84
N ILE LA 78 -23.63 6.56 61.76
CA ILE LA 78 -22.34 5.91 61.94
C ILE LA 78 -22.57 4.40 62.00
N TYR LA 79 -21.61 3.65 61.47
CA TYR LA 79 -21.73 2.19 61.41
C TYR LA 79 -20.45 1.53 61.89
N VAL LA 80 -20.63 0.40 62.59
CA VAL LA 80 -19.54 -0.33 63.22
C VAL LA 80 -19.40 -1.65 62.49
N LEU LA 81 -18.23 -1.88 61.90
CA LEU LA 81 -18.02 -3.01 60.97
C LEU LA 81 -16.82 -3.81 61.45
N ASP LA 82 -17.06 -5.06 61.85
CA ASP LA 82 -16.00 -5.97 62.22
C ASP LA 82 -15.58 -6.81 61.03
N GLU LA 83 -14.37 -7.38 61.11
CA GLU LA 83 -13.80 -8.11 59.98
C GLU LA 83 -14.78 -9.17 59.49
N ASN LA 84 -15.24 -10.04 60.39
CA ASN LA 84 -16.15 -11.10 60.01
C ASN LA 84 -17.46 -10.53 59.47
N THR LA 85 -17.73 -9.26 59.73
CA THR LA 85 -18.82 -8.52 59.12
C THR LA 85 -18.39 -7.78 57.86
N VAL LA 86 -17.08 -7.59 57.67
CA VAL LA 86 -16.58 -6.88 56.50
C VAL LA 86 -16.52 -7.76 55.27
N GLN LA 87 -16.04 -9.01 55.40
CA GLN LA 87 -15.81 -9.84 54.21
C GLN LA 87 -17.00 -9.83 53.26
N ARG LA 88 -18.22 -9.79 53.80
CA ARG LA 88 -19.43 -9.90 52.99
C ARG LA 88 -19.96 -8.49 52.69
N THR LA 89 -19.17 -7.78 51.89
CA THR LA 89 -19.49 -6.43 51.40
C THR LA 89 -19.40 -6.44 49.88
N ILE LA 90 -20.02 -7.45 49.26
CA ILE LA 90 -19.86 -7.65 47.82
C ILE LA 90 -20.22 -6.37 47.07
N THR LA 91 -19.48 -6.13 45.99
CA THR LA 91 -19.64 -4.97 45.14
C THR LA 91 -19.53 -5.42 43.69
N TYR LA 92 -19.90 -4.53 42.78
CA TYR LA 92 -19.88 -4.85 41.35
C TYR LA 92 -19.05 -3.89 40.52
N GLY LA 93 -19.06 -2.59 40.84
CA GLY LA 93 -18.37 -1.61 40.03
C GLY LA 93 -17.15 -1.02 40.70
N THR LA 94 -16.94 -1.35 41.97
CA THR LA 94 -15.82 -0.88 42.76
C THR LA 94 -15.10 -2.06 43.38
N PRO LA 95 -13.85 -1.89 43.80
CA PRO LA 95 -13.17 -2.96 44.56
C PRO LA 95 -13.65 -3.01 46.00
N GLN LA 96 -13.35 -4.13 46.65
CA GLN LA 96 -13.79 -4.24 48.05
C GLN LA 96 -12.77 -3.61 48.98
N PRO LA 97 -13.18 -3.27 50.20
CA PRO LA 97 -12.28 -2.53 51.09
C PRO LA 97 -11.10 -3.36 51.60
N GLU LA 98 -10.01 -2.65 51.90
CA GLU LA 98 -8.79 -3.17 52.51
C GLU LA 98 -8.02 -1.94 52.97
N LYS LA 99 -7.02 -2.14 53.83
CA LYS LA 99 -6.26 -1.01 54.39
C LYS LA 99 -4.80 -1.36 54.64
N PRO LA 100 -3.96 -1.32 53.60
CA PRO LA 100 -2.54 -1.62 53.77
C PRO LA 100 -1.68 -0.39 54.06
N GLY LA 101 -0.37 -0.62 54.18
CA GLY LA 101 0.59 0.48 54.08
C GLY LA 101 0.72 0.98 52.66
N SER LA 102 1.00 2.28 52.55
CA SER LA 102 0.99 2.98 51.26
C SER LA 102 2.38 3.09 50.68
N ILE LA 103 2.47 2.96 49.35
CA ILE LA 103 3.73 3.03 48.62
C ILE LA 103 3.56 3.95 47.42
N ILE LA 104 4.62 4.67 47.09
CA ILE LA 104 4.70 5.45 45.87
C ILE LA 104 6.15 5.47 45.39
N SER OA 13 57.19 -54.72 -23.32
CA SER OA 13 57.79 -53.68 -22.51
C SER OA 13 58.44 -54.21 -21.24
N THR OA 14 58.41 -55.53 -21.04
CA THR OA 14 58.93 -56.14 -19.82
C THR OA 14 59.98 -57.18 -20.14
N LEU OA 15 60.85 -57.45 -19.18
CA LEU OA 15 61.94 -58.40 -19.37
C LEU OA 15 61.81 -59.54 -18.37
N TYR OA 16 62.02 -60.76 -18.85
CA TYR OA 16 61.99 -61.96 -18.04
C TYR OA 16 63.29 -62.71 -18.32
N LEU OA 17 63.82 -63.37 -17.28
CA LEU OA 17 65.09 -64.07 -17.42
C LEU OA 17 65.03 -65.39 -16.67
N THR OA 18 65.43 -66.47 -17.36
CA THR OA 18 65.31 -67.83 -16.85
C THR OA 18 66.62 -68.49 -16.45
N GLN OA 19 67.74 -68.18 -17.09
CA GLN OA 19 68.94 -69.03 -16.95
C GLN OA 19 69.78 -68.55 -15.79
N PRO OA 20 70.08 -69.43 -14.79
CA PRO OA 20 70.92 -69.01 -13.67
C PRO OA 20 72.41 -69.03 -13.94
N ASP OA 21 72.83 -69.10 -15.20
CA ASP OA 21 74.24 -69.04 -15.55
C ASP OA 21 74.53 -67.83 -16.42
N ALA OA 22 73.60 -66.88 -16.49
CA ALA OA 22 73.72 -65.71 -17.34
C ALA OA 22 74.06 -64.52 -16.47
N VAL OA 23 75.07 -63.75 -16.88
CA VAL OA 23 75.49 -62.55 -16.19
C VAL OA 23 75.09 -61.38 -17.05
N LEU OA 24 74.57 -60.33 -16.42
CA LEU OA 24 74.18 -59.11 -17.11
C LEU OA 24 75.19 -58.03 -16.76
N SER OA 25 75.75 -57.40 -17.78
CA SER OA 25 76.73 -56.34 -17.61
C SER OA 25 76.19 -55.06 -18.24
N LYS OA 26 76.83 -53.95 -17.91
CA LYS OA 26 76.43 -52.63 -18.37
C LYS OA 26 77.39 -52.10 -19.42
N LYS OA 27 76.82 -51.50 -20.46
CA LYS OA 27 77.56 -50.74 -21.47
C LYS OA 27 77.15 -49.28 -21.29
N HIS OA 28 77.75 -48.41 -22.11
CA HIS OA 28 77.52 -46.97 -21.97
C HIS OA 28 76.11 -46.59 -21.54
N GLU OA 29 75.08 -47.13 -22.21
CA GLU OA 29 73.71 -46.95 -21.75
C GLU OA 29 72.84 -48.18 -21.94
N ALA OA 30 73.41 -49.35 -22.23
CA ALA OA 30 72.62 -50.51 -22.58
C ALA OA 30 73.25 -51.75 -21.98
N PHE OA 31 72.47 -52.81 -21.94
CA PHE OA 31 72.85 -54.03 -21.25
C PHE OA 31 73.41 -55.05 -22.23
N HIS OA 32 74.25 -55.93 -21.71
CA HIS OA 32 74.76 -57.07 -22.46
C HIS OA 32 74.63 -58.28 -21.53
N VAL OA 33 73.79 -59.21 -21.90
CA VAL OA 33 73.57 -60.47 -21.20
C VAL OA 33 74.52 -61.49 -21.82
N ALA OA 34 75.01 -62.41 -21.00
CA ALA OA 34 76.02 -63.38 -21.43
C ALA OA 34 75.47 -64.79 -21.27
N LEU OA 35 75.07 -65.39 -22.41
CA LEU OA 35 74.55 -66.75 -22.43
C LEU OA 35 75.69 -67.67 -22.82
N LYS OA 36 76.02 -68.63 -21.96
CA LYS OA 36 77.14 -69.53 -22.19
C LYS OA 36 76.65 -70.85 -22.76
N GLN OA 37 76.27 -70.79 -24.04
CA GLN OA 37 75.91 -72.00 -24.77
C GLN OA 37 77.18 -72.61 -25.33
N GLU OA 38 77.42 -73.87 -25.01
CA GLU OA 38 78.76 -74.42 -25.18
C GLU OA 38 79.09 -74.62 -26.65
N ASP OA 39 79.33 -73.51 -27.35
CA ASP OA 39 79.93 -73.48 -28.68
C ASP OA 39 81.01 -72.41 -28.70
N GLY OA 40 81.73 -72.28 -27.58
CA GLY OA 40 82.61 -71.17 -27.32
C GLY OA 40 82.45 -70.74 -25.87
N SER OA 41 81.36 -71.20 -25.25
CA SER OA 41 81.11 -71.04 -23.82
C SER OA 41 80.77 -69.59 -23.43
N TRP OA 42 80.24 -68.79 -24.36
CA TRP OA 42 79.79 -67.44 -24.05
C TRP OA 42 79.10 -66.85 -25.28
N LYS OA 43 78.03 -66.08 -25.06
CA LYS OA 43 77.28 -65.46 -26.14
C LYS OA 43 76.60 -64.20 -25.61
N LYS OA 44 77.24 -63.05 -25.84
CA LYS OA 44 76.72 -61.75 -25.42
C LYS OA 44 75.55 -61.30 -26.29
N GLN OA 45 74.34 -61.34 -25.72
CA GLN OA 45 73.12 -60.93 -26.45
C GLN OA 45 72.71 -59.55 -25.95
N PRO OA 46 72.72 -58.52 -26.80
CA PRO OA 46 72.37 -57.18 -26.33
C PRO OA 46 70.90 -57.02 -25.94
N ILE OA 47 70.67 -56.00 -25.11
CA ILE OA 47 69.36 -55.66 -24.56
C ILE OA 47 69.26 -54.13 -24.57
N PRO OA 48 68.11 -53.55 -24.90
CA PRO OA 48 68.00 -52.10 -24.75
C PRO OA 48 67.52 -51.71 -23.35
N ALA OA 49 67.87 -50.48 -22.99
CA ALA OA 49 67.38 -49.82 -21.79
C ALA OA 49 66.42 -48.73 -22.24
N GLN OA 50 65.97 -47.92 -21.29
CA GLN OA 50 65.24 -46.71 -21.62
C GLN OA 50 63.86 -46.98 -22.21
N THR OA 51 63.55 -48.23 -22.51
CA THR OA 51 62.21 -48.63 -22.93
C THR OA 51 61.45 -49.35 -21.83
N LEU OA 52 62.17 -49.89 -20.86
CA LEU OA 52 61.63 -50.84 -19.92
C LEU OA 52 61.06 -50.13 -18.70
N GLU OA 53 60.10 -50.80 -18.07
CA GLU OA 53 59.56 -50.34 -16.80
C GLU OA 53 59.54 -51.46 -15.75
N ASP OA 54 60.04 -52.65 -16.07
CA ASP OA 54 59.99 -53.75 -15.11
C ASP OA 54 60.91 -54.87 -15.56
N ILE OA 55 61.46 -55.58 -14.57
CA ILE OA 55 62.32 -56.74 -14.80
C ILE OA 55 61.89 -57.86 -13.87
N VAL OA 56 62.08 -59.10 -14.33
CA VAL OA 56 61.73 -60.30 -13.58
C VAL OA 56 62.85 -61.32 -13.73
N LEU OA 57 63.37 -61.81 -12.62
CA LEU OA 57 64.43 -62.81 -12.59
C LEU OA 57 63.91 -64.08 -11.94
N LEU OA 58 64.09 -65.21 -12.64
CA LEU OA 58 63.50 -66.49 -12.28
C LEU OA 58 64.47 -67.39 -11.52
N GLY OA 59 65.64 -67.66 -12.08
CA GLY OA 59 66.61 -68.45 -11.37
C GLY OA 59 67.30 -67.56 -10.35
N TYR OA 60 68.60 -67.72 -10.21
CA TYR OA 60 69.41 -66.86 -9.34
C TYR OA 60 70.64 -66.42 -10.12
N PRO OA 61 70.43 -65.74 -11.25
CA PRO OA 61 71.56 -65.32 -12.10
C PRO OA 61 72.36 -64.18 -11.50
N SER OA 62 73.57 -64.04 -12.05
CA SER OA 62 74.52 -63.02 -11.65
C SER OA 62 74.20 -61.65 -12.23
N ILE OA 63 74.59 -60.61 -11.49
CA ILE OA 63 74.35 -59.23 -11.90
C ILE OA 63 75.59 -58.39 -11.64
N THR OA 64 75.87 -57.47 -12.56
CA THR OA 64 76.84 -56.41 -12.30
C THR OA 64 76.18 -55.37 -11.40
N GLY OA 65 76.83 -55.04 -10.27
CA GLY OA 65 76.34 -53.96 -9.44
C GLY OA 65 76.34 -52.63 -10.18
N GLU OA 66 77.35 -52.42 -11.03
CA GLU OA 66 77.44 -51.20 -11.82
C GLU OA 66 76.21 -50.98 -12.72
N ALA OA 67 75.43 -52.03 -12.97
CA ALA OA 67 74.26 -51.90 -13.84
C ALA OA 67 73.04 -51.36 -13.10
N LEU OA 68 72.84 -51.77 -11.85
CA LEU OA 68 71.67 -51.34 -11.10
C LEU OA 68 71.61 -49.82 -11.00
N GLY OA 69 72.74 -49.19 -10.67
CA GLY OA 69 72.79 -47.74 -10.60
C GLY OA 69 72.31 -47.08 -11.87
N TYR OA 70 72.26 -47.84 -12.97
CA TYR OA 70 71.62 -47.34 -14.18
C TYR OA 70 70.14 -47.66 -14.23
N ALA OA 71 69.72 -48.76 -13.59
CA ALA OA 71 68.30 -49.11 -13.59
C ALA OA 71 67.52 -48.22 -12.65
N LEU OA 72 68.11 -47.86 -11.52
CA LEU OA 72 67.42 -47.07 -10.51
C LEU OA 72 67.56 -45.57 -10.74
N GLU OA 73 68.44 -45.17 -11.65
CA GLU OA 73 68.41 -43.81 -12.19
C GLU OA 73 67.33 -43.66 -13.25
N LEU OA 74 66.58 -44.72 -13.54
CA LEU OA 74 65.61 -44.73 -14.62
C LEU OA 74 64.24 -45.23 -14.20
N GLY OA 75 64.10 -45.78 -12.99
CA GLY OA 75 62.81 -46.24 -12.52
C GLY OA 75 62.52 -47.69 -12.83
N LEU OA 76 63.52 -48.55 -12.73
CA LEU OA 76 63.35 -49.96 -13.10
C LEU OA 76 63.40 -50.85 -11.87
N PRO OA 77 62.27 -51.36 -11.41
CA PRO OA 77 62.30 -52.33 -10.32
C PRO OA 77 62.98 -53.60 -10.74
N VAL OA 78 63.58 -54.30 -9.78
CA VAL OA 78 64.21 -55.58 -10.03
C VAL OA 78 63.62 -56.58 -9.07
N HIS OA 79 63.04 -57.63 -9.60
CA HIS OA 79 62.32 -58.64 -8.84
C HIS OA 79 63.04 -59.97 -8.98
N TYR OA 80 63.05 -60.74 -7.90
CA TYR OA 80 63.77 -62.00 -7.85
C TYR OA 80 62.79 -63.13 -7.59
N LEU OA 81 62.94 -64.22 -8.35
CA LEU OA 81 62.04 -65.35 -8.21
C LEU OA 81 62.85 -66.64 -8.22
N THR OA 82 62.14 -67.76 -8.16
CA THR OA 82 62.69 -69.09 -8.20
C THR OA 82 62.22 -69.81 -9.46
N GLN OA 83 62.93 -70.90 -9.80
CA GLN OA 83 62.45 -71.77 -10.87
C GLN OA 83 60.98 -72.06 -10.69
N PHE OA 84 60.53 -72.13 -9.43
CA PHE OA 84 59.14 -72.40 -9.10
C PHE OA 84 58.26 -71.17 -9.21
N GLY OA 85 58.84 -69.98 -9.10
CA GLY OA 85 58.08 -68.75 -9.19
C GLY OA 85 57.77 -68.13 -7.85
N LYS OA 86 58.27 -68.72 -6.77
CA LYS OA 86 57.99 -68.19 -5.43
C LYS OA 86 58.65 -66.84 -5.26
N TYR OA 87 57.90 -65.90 -4.70
CA TYR OA 87 58.41 -64.55 -4.52
C TYR OA 87 59.25 -64.49 -3.25
N VAL OA 88 60.41 -63.84 -3.35
CA VAL OA 88 61.34 -63.72 -2.24
C VAL OA 88 61.58 -62.26 -1.87
N GLY OA 89 61.74 -61.38 -2.85
CA GLY OA 89 62.01 -59.99 -2.57
C GLY OA 89 62.25 -59.23 -3.86
N SER OA 90 62.38 -57.92 -3.71
CA SER OA 90 62.62 -57.04 -4.85
C SER OA 90 63.45 -55.85 -4.41
N ALA OA 91 64.24 -55.33 -5.34
CA ALA OA 91 65.12 -54.19 -5.11
C ALA OA 91 64.49 -52.97 -5.78
N LEU OA 92 64.21 -51.94 -4.99
CA LEU OA 92 63.39 -50.84 -5.49
C LEU OA 92 64.16 -49.54 -5.64
N PRO OA 93 63.72 -48.70 -6.60
CA PRO OA 93 64.38 -47.40 -6.85
C PRO OA 93 63.96 -46.30 -5.90
N SER OA 94 64.36 -45.06 -6.22
CA SER OA 94 64.06 -43.88 -5.42
C SER OA 94 62.63 -43.91 -4.88
N GLU OA 95 62.52 -43.71 -3.57
CA GLU OA 95 61.27 -43.89 -2.83
C GLU OA 95 60.48 -42.59 -2.75
N SER OA 96 59.15 -42.72 -2.91
CA SER OA 96 58.28 -41.56 -2.73
C SER OA 96 58.54 -40.92 -1.38
N ARG OA 97 58.35 -39.61 -1.32
CA ARG OA 97 58.64 -38.83 -0.13
C ARG OA 97 57.37 -38.26 0.53
N ASN OA 98 56.25 -38.97 0.41
CA ASN OA 98 54.98 -38.54 0.99
C ASN OA 98 54.75 -39.29 2.29
N GLY OA 99 55.26 -38.74 3.39
CA GLY OA 99 54.99 -39.31 4.70
C GLY OA 99 53.55 -39.12 5.14
N GLN OA 100 53.03 -37.90 4.98
CA GLN OA 100 51.65 -37.57 5.34
C GLN OA 100 50.70 -38.66 4.85
N LEU OA 101 51.01 -39.20 3.67
CA LEU OA 101 50.25 -40.35 3.17
C LEU OA 101 50.41 -41.55 4.08
N ARG OA 102 51.66 -41.98 4.29
CA ARG OA 102 51.93 -43.18 5.07
C ARG OA 102 51.41 -43.09 6.49
N LEU OA 103 51.23 -41.87 7.02
CA LEU OA 103 50.57 -41.73 8.32
C LEU OA 103 49.11 -42.13 8.21
N ALA OA 104 48.39 -41.57 7.24
CA ALA OA 104 46.99 -41.94 7.01
C ALA OA 104 46.86 -43.44 6.81
N GLN OA 105 47.78 -44.02 6.03
CA GLN OA 105 47.89 -45.47 5.94
C GLN OA 105 47.97 -46.08 7.33
N PHE OA 106 48.59 -45.37 8.29
CA PHE OA 106 48.68 -45.83 9.67
C PHE OA 106 47.54 -45.28 10.54
N ARG OA 107 47.31 -43.96 10.49
CA ARG OA 107 46.15 -43.41 11.20
C ARG OA 107 44.89 -44.22 10.89
N ALA OA 108 44.86 -44.89 9.74
CA ALA OA 108 43.76 -45.77 9.36
C ALA OA 108 43.90 -47.17 9.92
N HIS OA 109 45.13 -47.65 10.15
CA HIS OA 109 45.29 -49.00 10.69
C HIS OA 109 44.84 -49.09 12.14
N GLU OA 110 44.96 -48.01 12.91
CA GLU OA 110 44.58 -48.02 14.32
C GLU OA 110 43.15 -47.58 14.57
N ASP OA 111 42.45 -47.09 13.56
CA ASP OA 111 41.02 -46.86 13.69
C ASP OA 111 40.33 -48.02 12.98
N PRO OA 112 40.00 -49.10 13.69
CA PRO OA 112 39.51 -50.30 12.98
C PRO OA 112 38.27 -50.01 12.17
N ILE OA 113 37.44 -49.07 12.63
CA ILE OA 113 36.26 -48.68 11.87
C ILE OA 113 36.67 -48.12 10.52
N GLN OA 114 37.76 -47.37 10.48
CA GLN OA 114 38.29 -46.91 9.19
C GLN OA 114 38.89 -48.08 8.43
N ARG OA 115 39.76 -48.84 9.08
CA ARG OA 115 40.24 -50.08 8.53
C ARG OA 115 39.10 -51.00 8.15
N LEU OA 116 38.08 -51.06 9.00
CA LEU OA 116 36.97 -51.97 8.77
C LEU OA 116 36.20 -51.53 7.52
N ASP OA 117 35.94 -50.23 7.39
CA ASP OA 117 35.23 -49.75 6.22
C ASP OA 117 36.02 -49.93 4.93
N ILE OA 118 37.32 -50.14 5.00
CA ILE OA 118 38.10 -50.36 3.78
C ILE OA 118 37.97 -51.80 3.35
N VAL OA 119 38.15 -52.72 4.30
CA VAL OA 119 38.22 -54.14 3.98
C VAL OA 119 36.98 -54.62 3.23
N LYS OA 120 35.80 -54.24 3.71
CA LYS OA 120 34.58 -54.74 3.07
C LYS OA 120 34.59 -54.51 1.57
N ALA OA 121 35.32 -53.49 1.11
CA ALA OA 121 35.40 -53.21 -0.30
C ALA OA 121 36.29 -54.21 -1.03
N PHE OA 122 37.49 -54.47 -0.48
CA PHE OA 122 38.38 -55.45 -1.10
C PHE OA 122 37.65 -56.77 -1.33
N VAL OA 123 36.83 -57.20 -0.37
CA VAL OA 123 36.15 -58.49 -0.51
C VAL OA 123 35.04 -58.39 -1.54
N LYS OA 124 34.18 -57.37 -1.43
CA LYS OA 124 33.24 -57.11 -2.51
C LYS OA 124 33.95 -57.05 -3.85
N GLY OA 125 35.15 -56.44 -3.86
CA GLY OA 125 35.93 -56.35 -5.08
C GLY OA 125 36.66 -57.61 -5.46
N LYS OA 126 36.68 -58.62 -4.60
CA LYS OA 126 37.30 -59.90 -4.92
C LYS OA 126 36.30 -60.97 -5.33
N VAL OA 127 35.25 -61.16 -4.53
CA VAL OA 127 34.33 -62.28 -4.74
C VAL OA 127 33.45 -62.05 -5.97
N HIS OA 128 32.93 -60.84 -6.14
CA HIS OA 128 32.16 -60.56 -7.35
C HIS OA 128 32.95 -60.92 -8.59
N ASN OA 129 34.27 -60.73 -8.56
CA ASN OA 129 35.10 -61.19 -9.67
C ASN OA 129 35.07 -62.71 -9.77
N GLN OA 130 34.87 -63.41 -8.65
CA GLN OA 130 34.81 -64.86 -8.69
C GLN OA 130 33.50 -65.33 -9.30
N TYR OA 131 32.37 -64.91 -8.71
CA TYR OA 131 31.08 -65.28 -9.28
C TYR OA 131 30.98 -64.83 -10.72
N ASN OA 132 31.45 -63.63 -11.02
CA ASN OA 132 31.50 -63.16 -12.39
C ASN OA 132 32.57 -63.86 -13.21
N LEU OA 133 33.48 -64.61 -12.55
CA LEU OA 133 34.40 -65.48 -13.28
C LEU OA 133 33.76 -66.83 -13.59
N LEU OA 134 33.16 -67.48 -12.60
CA LEU OA 134 32.56 -68.79 -12.84
C LEU OA 134 31.44 -68.69 -13.85
N TYR OA 135 30.71 -67.57 -13.87
CA TYR OA 135 29.77 -67.31 -14.95
C TYR OA 135 30.51 -66.94 -16.23
N ARG OA 136 31.68 -66.31 -16.09
CA ARG OA 136 32.55 -66.06 -17.23
C ARG OA 136 33.04 -67.36 -17.84
N ARG OA 137 33.49 -68.31 -17.01
CA ARG OA 137 33.90 -69.62 -17.51
C ARG OA 137 32.73 -70.57 -17.70
N GLY OA 138 31.55 -70.24 -17.19
CA GLY OA 138 30.37 -71.07 -17.31
C GLY OA 138 30.09 -71.91 -16.08
N GLN OA 139 29.35 -71.34 -15.13
CA GLN OA 139 28.97 -72.02 -13.89
C GLN OA 139 28.21 -71.01 -13.02
N VAL OA 140 27.63 -71.53 -11.94
CA VAL OA 140 26.81 -70.71 -11.06
C VAL OA 140 26.90 -71.24 -9.64
N PRO OA 143 27.09 -70.17 -5.88
CA PRO OA 143 27.31 -70.24 -4.43
C PRO OA 143 27.86 -68.96 -3.84
N LEU OA 144 28.18 -67.99 -4.70
CA LEU OA 144 28.72 -66.71 -4.26
C LEU OA 144 27.74 -65.55 -4.36
N LYS OA 145 26.64 -65.71 -5.11
CA LYS OA 145 25.65 -64.65 -5.22
C LYS OA 145 25.32 -64.05 -3.84
N GLY OA 146 24.86 -64.88 -2.91
CA GLY OA 146 24.57 -64.43 -1.56
C GLY OA 146 25.77 -64.12 -0.71
N ARG OA 147 26.92 -64.73 -1.01
CA ARG OA 147 28.14 -64.54 -0.23
C ARG OA 147 28.97 -63.34 -0.66
N GLY OA 148 28.43 -62.50 -1.54
CA GLY OA 148 29.09 -61.24 -1.82
C GLY OA 148 28.40 -60.15 -1.03
N LYS OA 149 27.12 -60.37 -0.73
CA LYS OA 149 26.33 -59.40 0.02
C LYS OA 149 26.25 -59.76 1.49
N LEU OA 150 26.50 -61.01 1.85
CA LEU OA 150 26.73 -61.39 3.23
C LEU OA 150 28.15 -60.98 3.62
N VAL OA 151 28.51 -59.73 3.31
CA VAL OA 151 29.84 -59.20 3.60
C VAL OA 151 29.60 -57.90 4.34
N MET OA 152 28.85 -57.00 3.69
CA MET OA 152 28.40 -55.80 4.38
C MET OA 152 27.59 -56.19 5.61
N ARG OA 153 26.95 -57.35 5.56
CA ARG OA 153 26.09 -57.80 6.64
C ARG OA 153 26.91 -58.33 7.84
N GLN OA 154 28.18 -57.98 7.87
CA GLN OA 154 29.03 -58.32 9.00
C GLN OA 154 29.47 -57.04 9.69
N GLN OA 155 30.02 -57.22 10.90
CA GLN OA 155 30.23 -56.11 11.82
C GLN OA 155 31.58 -56.10 12.51
N THR OA 156 32.51 -56.93 12.07
CA THR OA 156 33.86 -56.93 12.64
C THR OA 156 34.83 -57.50 11.61
N LEU OA 157 36.10 -57.57 11.99
CA LEU OA 157 37.12 -58.11 11.11
C LEU OA 157 37.23 -59.62 11.20
N GLU OA 158 37.45 -60.15 12.41
CA GLU OA 158 37.64 -61.59 12.58
C GLU OA 158 36.49 -62.38 11.98
N GLN OA 159 35.27 -61.86 12.09
CA GLN OA 159 34.14 -62.51 11.45
C GLN OA 159 34.34 -62.65 9.95
N VAL OA 160 35.09 -61.73 9.34
CA VAL OA 160 35.19 -61.65 7.88
C VAL OA 160 36.34 -62.49 7.35
N ARG OA 161 37.51 -62.41 7.99
CA ARG OA 161 38.65 -63.19 7.50
C ARG OA 161 38.29 -64.67 7.41
N GLY OA 162 37.47 -65.15 8.35
CA GLY OA 162 36.95 -66.50 8.22
C GLY OA 162 36.04 -66.69 7.03
N ILE OA 163 35.38 -65.61 6.59
CA ILE OA 163 34.44 -65.72 5.47
C ILE OA 163 35.20 -65.95 4.17
N GLU OA 164 36.26 -65.16 3.96
CA GLU OA 164 37.09 -65.33 2.78
C GLU OA 164 37.60 -66.77 2.67
N GLY OA 165 38.02 -67.35 3.80
CA GLY OA 165 38.47 -68.72 3.76
C GLY OA 165 37.39 -69.68 3.30
N LEU OA 166 36.14 -69.40 3.68
CA LEU OA 166 35.02 -70.20 3.19
C LEU OA 166 34.79 -69.96 1.70
N ALA OA 167 34.64 -68.70 1.30
CA ALA OA 167 34.37 -68.40 -0.11
C ALA OA 167 35.45 -68.95 -1.02
N ALA OA 168 36.71 -68.91 -0.58
CA ALA OA 168 37.79 -69.47 -1.39
C ALA OA 168 37.63 -70.98 -1.54
N ARG OA 169 37.36 -71.67 -0.42
CA ARG OA 169 37.13 -73.11 -0.48
C ARG OA 169 35.92 -73.42 -1.36
N GLU OA 170 34.89 -72.59 -1.30
CA GLU OA 170 33.79 -72.68 -2.26
C GLU OA 170 34.24 -72.27 -3.66
N TYR OA 171 35.31 -71.48 -3.75
CA TYR OA 171 35.84 -71.05 -5.04
C TYR OA 171 36.71 -72.12 -5.67
N PHE OA 172 37.50 -72.85 -4.87
CA PHE OA 172 38.37 -73.88 -5.44
C PHE OA 172 37.68 -75.23 -5.58
N ALA OA 173 36.76 -75.58 -4.68
CA ALA OA 173 36.05 -76.84 -4.82
C ALA OA 173 35.04 -76.80 -5.96
N SER OA 174 34.71 -75.60 -6.46
CA SER OA 174 33.81 -75.43 -7.58
C SER OA 174 34.52 -75.42 -8.91
N TRP OA 175 35.76 -75.92 -8.97
CA TRP OA 175 36.58 -75.86 -10.17
C TRP OA 175 36.56 -77.15 -10.98
N GLN OA 176 36.72 -78.30 -10.33
CA GLN OA 176 36.73 -79.59 -11.03
C GLN OA 176 35.62 -79.66 -12.07
N GLU OA 177 34.44 -79.16 -11.72
CA GLU OA 177 33.35 -79.14 -12.68
C GLU OA 177 33.71 -78.33 -13.92
N MET OA 178 34.58 -77.32 -13.77
CA MET OA 178 34.95 -76.48 -14.91
C MET OA 178 36.21 -76.95 -15.66
N LEU OA 179 37.09 -77.71 -15.01
CA LEU OA 179 38.32 -78.14 -15.70
C LEU OA 179 38.07 -79.34 -16.60
N GLY OA 180 37.58 -80.43 -16.04
CA GLY OA 180 37.42 -81.68 -16.74
C GLY OA 180 38.03 -82.81 -15.94
N HIS OA 181 38.39 -83.88 -16.64
CA HIS OA 181 38.84 -85.11 -16.01
C HIS OA 181 40.36 -85.30 -16.03
N GLU OA 182 41.07 -84.63 -16.95
CA GLU OA 182 42.50 -84.83 -17.03
C GLU OA 182 43.22 -84.34 -15.77
N TRP OA 183 42.68 -83.29 -15.13
CA TRP OA 183 43.28 -82.73 -13.93
C TRP OA 183 42.34 -82.87 -12.75
N THR OA 184 42.91 -82.70 -11.55
CA THR OA 184 42.17 -82.83 -10.30
C THR OA 184 42.59 -81.75 -9.32
N PHE OA 185 41.63 -81.26 -8.54
CA PHE OA 185 41.92 -80.34 -7.44
C PHE OA 185 41.06 -80.75 -6.26
N THR OA 186 41.72 -81.20 -5.19
CA THR OA 186 41.09 -81.49 -3.90
C THR OA 186 41.47 -80.49 -2.82
N GLY OA 187 42.73 -80.03 -2.81
CA GLY OA 187 43.19 -79.06 -1.82
C GLY OA 187 44.46 -78.39 -2.31
N ARG OA 188 44.94 -77.42 -1.54
CA ARG OA 188 46.19 -76.78 -1.92
C ARG OA 188 46.65 -75.84 -0.85
N PHE OA 189 47.96 -75.84 -0.58
CA PHE OA 189 48.60 -74.86 0.28
C PHE OA 189 49.61 -74.06 -0.55
N ARG OA 190 50.00 -72.90 -0.04
CA ARG OA 190 51.00 -72.11 -0.74
C ARG OA 190 52.33 -72.86 -0.80
N ARG OA 191 52.92 -73.15 0.37
CA ARG OA 191 54.22 -73.80 0.43
C ARG OA 191 54.25 -75.16 -0.28
N PRO OA 192 53.65 -76.25 0.22
CA PRO OA 192 53.79 -77.53 -0.50
C PRO OA 192 52.93 -77.56 -1.75
N PRO OA 193 53.54 -77.71 -2.93
CA PRO OA 193 52.77 -77.76 -4.19
C PRO OA 193 52.38 -79.18 -4.52
N THR OA 194 51.89 -79.91 -3.55
CA THR OA 194 51.55 -81.32 -3.75
C THR OA 194 50.79 -81.55 -5.05
N ASP OA 195 50.15 -80.51 -5.59
CA ASP OA 195 49.51 -80.51 -6.90
C ASP OA 195 50.20 -79.52 -7.83
N PRO OA 196 50.22 -79.80 -9.14
CA PRO OA 196 50.88 -78.86 -10.07
C PRO OA 196 50.31 -77.46 -9.97
N VAL OA 197 48.98 -77.33 -10.06
CA VAL OA 197 48.36 -76.01 -10.01
C VAL OA 197 48.78 -75.30 -8.73
N ASN OA 198 48.74 -76.02 -7.60
CA ASN OA 198 49.23 -75.48 -6.36
C ASN OA 198 50.62 -74.87 -6.52
N ALA OA 199 51.42 -75.41 -7.45
CA ALA OA 199 52.72 -74.81 -7.77
C ALA OA 199 52.56 -73.57 -8.65
N LEU OA 200 51.64 -73.61 -9.62
CA LEU OA 200 51.46 -72.49 -10.53
C LEU OA 200 50.97 -71.25 -9.78
N LEU OA 201 50.17 -71.43 -8.75
CA LEU OA 201 49.74 -70.30 -7.95
C LEU OA 201 50.93 -69.73 -7.20
N SER OA 202 51.68 -70.59 -6.51
CA SER OA 202 52.97 -70.17 -5.97
C SER OA 202 53.82 -69.54 -7.06
N PHE OA 203 53.65 -69.98 -8.32
CA PHE OA 203 54.31 -69.32 -9.43
C PHE OA 203 53.60 -68.00 -9.76
N GLY OA 204 52.31 -68.08 -10.08
CA GLY OA 204 51.58 -66.88 -10.46
C GLY OA 204 51.37 -65.93 -9.29
N TYR OA 205 50.88 -66.45 -8.17
CA TYR OA 205 50.70 -65.59 -7.00
C TYR OA 205 51.99 -64.96 -6.54
N GLY OA 206 53.13 -65.61 -6.79
CA GLY OA 206 54.38 -65.05 -6.35
C GLY OA 206 54.86 -63.94 -7.27
N LEU OA 207 54.83 -64.20 -8.57
CA LEU OA 207 55.20 -63.18 -9.54
C LEU OA 207 54.13 -62.10 -9.69
N LEU OA 208 52.99 -62.21 -9.01
CA LEU OA 208 52.05 -61.11 -9.03
C LEU OA 208 52.53 -59.96 -8.14
N ARG OA 209 53.18 -60.30 -7.03
CA ARG OA 209 53.78 -59.27 -6.18
C ARG OA 209 54.71 -58.36 -6.96
N THR OA 210 55.31 -58.85 -8.04
CA THR OA 210 56.30 -58.04 -8.76
C THR OA 210 55.67 -56.76 -9.29
N GLN OA 211 54.55 -56.90 -10.00
CA GLN OA 211 53.87 -55.72 -10.53
C GLN OA 211 53.14 -54.95 -9.44
N VAL OA 212 52.73 -55.63 -8.38
CA VAL OA 212 52.04 -54.98 -7.27
C VAL OA 212 53.04 -54.29 -6.35
N THR OA 213 54.10 -54.99 -5.96
CA THR OA 213 55.13 -54.41 -5.11
C THR OA 213 55.71 -53.14 -5.72
N ALA OA 214 55.52 -52.94 -7.03
CA ALA OA 214 56.02 -51.73 -7.70
C ALA OA 214 55.04 -50.57 -7.58
N ALA OA 215 53.75 -50.81 -7.82
CA ALA OA 215 52.79 -49.72 -7.79
C ALA OA 215 52.82 -48.97 -6.47
N VAL OA 216 53.01 -49.69 -5.37
CA VAL OA 216 53.03 -49.05 -4.06
C VAL OA 216 54.22 -48.11 -3.94
N HIS OA 217 55.40 -48.56 -4.38
CA HIS OA 217 56.58 -47.71 -4.32
C HIS OA 217 56.40 -46.44 -5.14
N ILE OA 218 55.52 -46.50 -6.15
CA ILE OA 218 55.17 -45.30 -6.92
C ILE OA 218 54.17 -44.46 -6.14
N ALA OA 219 53.18 -45.10 -5.53
CA ALA OA 219 52.20 -44.40 -4.71
C ALA OA 219 52.76 -43.96 -3.37
N GLY OA 220 53.99 -44.38 -3.04
CA GLY OA 220 54.58 -44.03 -1.76
C GLY OA 220 54.05 -44.80 -0.58
N LEU OA 221 53.31 -45.89 -0.82
CA LEU OA 221 52.70 -46.63 0.26
C LEU OA 221 53.71 -47.49 1.00
N ASP OA 222 53.40 -47.77 2.26
CA ASP OA 222 54.18 -48.70 3.07
C ASP OA 222 53.60 -50.09 2.88
N PRO OA 223 54.27 -51.00 2.16
CA PRO OA 223 53.68 -52.33 1.95
C PRO OA 223 53.44 -53.09 3.25
N TYR OA 224 54.23 -52.81 4.28
CA TYR OA 224 54.16 -53.57 5.53
C TYR OA 224 52.95 -53.22 6.38
N ILE OA 225 52.13 -52.24 5.97
CA ILE OA 225 50.95 -51.84 6.72
C ILE OA 225 49.73 -52.12 5.86
N GLY OA 226 48.90 -53.06 6.31
CA GLY OA 226 47.70 -53.42 5.59
C GLY OA 226 46.44 -53.25 6.41
N PHE OA 227 45.32 -53.69 5.84
CA PHE OA 227 44.01 -53.57 6.44
C PHE OA 227 43.35 -54.89 6.73
N LEU OA 228 43.61 -55.91 5.92
CA LEU OA 228 43.13 -57.26 6.15
C LEU OA 228 44.18 -58.11 6.87
N HIS OA 229 45.34 -58.29 6.24
CA HIS OA 229 46.42 -59.08 6.84
C HIS OA 229 47.13 -58.26 7.91
N GLU OA 230 46.91 -58.59 9.18
CA GLU OA 230 47.66 -57.88 10.23
C GLU OA 230 49.15 -58.12 10.04
N THR OA 231 49.95 -57.05 10.12
CA THR OA 231 51.36 -57.11 9.78
C THR OA 231 52.20 -57.77 10.87
N THR OA 232 51.57 -58.48 11.80
CA THR OA 232 52.31 -59.22 12.83
C THR OA 232 52.67 -60.62 12.34
N ARG OA 233 53.22 -60.68 11.13
CA ARG OA 233 53.78 -61.91 10.58
C ARG OA 233 55.02 -61.63 9.74
N GLY OA 234 55.54 -60.40 9.78
CA GLY OA 234 56.64 -60.04 8.91
C GLY OA 234 56.29 -60.12 7.44
N GLN OA 235 55.05 -59.81 7.08
CA GLN OA 235 54.62 -59.88 5.68
C GLN OA 235 53.85 -58.63 5.27
N PRO OA 236 54.17 -58.05 4.10
CA PRO OA 236 53.50 -56.82 3.68
C PRO OA 236 52.02 -56.99 3.40
N ALA OA 237 51.19 -56.43 4.25
CA ALA OA 237 49.76 -56.61 4.12
C ALA OA 237 49.16 -55.59 3.17
N MET OA 238 49.77 -54.41 3.07
CA MET OA 238 49.29 -53.44 2.09
C MET OA 238 49.35 -54.02 0.69
N ILE OA 239 50.26 -54.96 0.44
CA ILE OA 239 50.25 -55.69 -0.83
C ILE OA 239 49.19 -56.78 -0.80
N LEU OA 240 49.31 -57.71 0.15
CA LEU OA 240 48.45 -58.89 0.13
C LEU OA 240 46.99 -58.51 0.30
N ASP OA 241 46.71 -57.50 1.13
CA ASP OA 241 45.35 -56.96 1.17
C ASP OA 241 44.92 -56.51 -0.22
N LEU OA 242 45.86 -55.95 -0.98
CA LEU OA 242 45.58 -55.51 -2.34
C LEU OA 242 45.72 -56.64 -3.34
N MET OA 243 46.74 -57.49 -3.18
CA MET OA 243 47.00 -58.54 -4.17
C MET OA 243 45.78 -59.40 -4.43
N GLU OA 244 44.86 -59.46 -3.46
CA GLU OA 244 43.67 -60.30 -3.62
C GLU OA 244 42.81 -59.80 -4.78
N GLU OA 245 42.66 -58.49 -4.93
CA GLU OA 245 41.79 -57.96 -5.98
C GLU OA 245 42.21 -58.40 -7.36
N PHE OA 246 43.48 -58.78 -7.54
CA PHE OA 246 44.02 -59.20 -8.82
C PHE OA 246 44.42 -60.66 -8.84
N ARG OA 247 44.59 -61.27 -7.67
CA ARG OA 247 44.90 -62.69 -7.59
C ARG OA 247 43.88 -63.53 -8.34
N ALA OA 248 42.62 -63.10 -8.31
CA ALA OA 248 41.50 -63.88 -8.82
C ALA OA 248 41.22 -63.64 -10.31
N LEU OA 249 41.80 -62.60 -10.92
CA LEU OA 249 41.42 -62.18 -12.26
C LEU OA 249 42.48 -62.42 -13.31
N VAL OA 250 43.76 -62.43 -12.94
CA VAL OA 250 44.85 -62.54 -13.89
C VAL OA 250 45.61 -63.85 -13.72
N ALA OA 251 45.99 -64.19 -12.48
CA ALA OA 251 46.72 -65.43 -12.26
C ALA OA 251 45.83 -66.66 -12.32
N ASP OA 252 44.56 -66.54 -11.93
CA ASP OA 252 43.64 -67.68 -12.01
C ASP OA 252 42.99 -67.81 -13.38
N SER OA 253 42.80 -66.69 -14.09
CA SER OA 253 42.25 -66.73 -15.44
C SER OA 253 43.32 -67.11 -16.47
N VAL OA 254 44.58 -66.77 -16.22
CA VAL OA 254 45.62 -67.07 -17.20
C VAL OA 254 45.74 -68.57 -17.42
N VAL OA 255 45.80 -69.34 -16.33
CA VAL OA 255 45.90 -70.79 -16.45
C VAL OA 255 44.69 -71.34 -17.20
N LEU OA 256 43.51 -70.88 -16.81
CA LEU OA 256 42.28 -71.39 -17.40
C LEU OA 256 42.13 -71.03 -18.86
N THR OA 257 42.84 -70.01 -19.35
CA THR OA 257 42.86 -69.71 -20.78
C THR OA 257 43.96 -70.44 -21.53
N VAL OA 258 45.04 -70.85 -20.82
CA VAL OA 258 46.15 -71.52 -21.49
C VAL OA 258 46.00 -73.04 -21.37
N LEU OA 259 45.32 -73.50 -20.32
CA LEU OA 259 45.06 -74.94 -20.19
C LEU OA 259 43.95 -75.35 -21.15
N LYS OA 260 43.60 -74.42 -22.05
CA LYS OA 260 42.77 -74.69 -23.22
C LYS OA 260 43.73 -74.83 -24.40
N GLN OA 261 44.38 -75.99 -24.46
CA GLN OA 261 45.31 -76.43 -25.50
C GLN OA 261 46.72 -75.85 -25.44
N ARG OA 262 47.11 -75.24 -24.32
CA ARG OA 262 48.51 -74.88 -24.09
C ARG OA 262 48.94 -75.44 -22.74
N GLU OA 263 50.19 -75.91 -22.66
CA GLU OA 263 50.70 -76.40 -21.38
C GLU OA 263 49.68 -77.31 -20.72
N ILE OA 264 49.56 -78.53 -21.22
CA ILE OA 264 48.54 -79.47 -20.77
C ILE OA 264 49.12 -80.52 -19.84
N GLN OA 265 50.13 -81.22 -20.27
CA GLN OA 265 50.81 -82.29 -19.54
C GLN OA 265 52.08 -82.52 -20.34
N ARG OA 266 52.77 -83.64 -20.09
CA ARG OA 266 54.01 -83.99 -20.78
C ARG OA 266 55.13 -83.14 -20.21
N GLN OA 267 54.80 -82.12 -19.44
CA GLN OA 267 55.66 -81.13 -18.80
C GLN OA 267 55.50 -81.34 -17.31
N ASP OA 268 55.96 -80.37 -16.51
CA ASP OA 268 55.73 -80.42 -15.06
C ASP OA 268 56.35 -81.67 -14.45
N PHE OA 269 57.68 -81.70 -14.45
CA PHE OA 269 58.39 -82.86 -13.93
C PHE OA 269 58.06 -83.06 -12.45
N THR OA 270 57.91 -84.33 -12.06
CA THR OA 270 57.50 -84.74 -10.73
C THR OA 270 58.64 -84.92 -9.73
N GLU OA 271 59.89 -84.65 -10.10
CA GLU OA 271 60.99 -84.94 -9.20
C GLU OA 271 60.79 -84.23 -7.85
N SER OA 272 61.58 -84.65 -6.86
CA SER OA 272 61.59 -84.01 -5.54
C SER OA 272 60.19 -84.03 -4.91
N LEU OA 273 59.74 -85.25 -4.59
CA LEU OA 273 58.43 -85.43 -3.97
C LEU OA 273 58.15 -84.33 -2.97
N GLY OA 274 56.94 -83.78 -3.07
CA GLY OA 274 56.68 -82.47 -2.53
C GLY OA 274 57.01 -81.37 -3.51
N ALA OA 275 57.36 -81.72 -4.74
CA ALA OA 275 57.68 -80.74 -5.78
C ALA OA 275 57.05 -81.18 -7.08
N PHE OA 276 56.38 -80.24 -7.76
CA PHE OA 276 55.92 -80.40 -9.13
C PHE OA 276 56.37 -79.13 -9.87
N ARG OA 277 57.62 -79.13 -10.30
CA ARG OA 277 58.20 -78.02 -11.06
C ARG OA 277 57.85 -78.16 -12.54
N LEU OA 278 58.11 -77.10 -13.29
CA LEU OA 278 57.87 -77.11 -14.72
C LEU OA 278 59.13 -77.46 -15.50
N THR OA 279 58.92 -77.74 -16.78
CA THR OA 279 59.99 -77.84 -17.77
C THR OA 279 60.25 -76.46 -18.37
N ASP OA 280 61.48 -76.24 -18.81
CA ASP OA 280 61.73 -75.04 -19.59
C ASP OA 280 60.94 -75.14 -20.90
N SER OA 281 60.79 -73.99 -21.56
CA SER OA 281 60.01 -73.86 -22.78
C SER OA 281 58.52 -73.87 -22.45
N ALA OA 282 58.18 -74.28 -21.23
CA ALA OA 282 56.87 -74.05 -20.64
C ALA OA 282 56.88 -72.84 -19.72
N THR OA 283 57.93 -72.72 -18.91
CA THR OA 283 58.13 -71.49 -18.15
C THR OA 283 58.24 -70.30 -19.10
N LYS OA 284 58.98 -70.47 -20.20
CA LYS OA 284 59.17 -69.36 -21.13
C LYS OA 284 57.90 -69.09 -21.92
N THR OA 285 57.06 -70.10 -22.12
CA THR OA 285 55.76 -69.90 -22.74
C THR OA 285 54.71 -69.48 -21.72
N PHE OA 286 54.83 -69.98 -20.49
CA PHE OA 286 53.90 -69.58 -19.43
C PHE OA 286 53.88 -68.07 -19.30
N LEU OA 287 55.07 -67.46 -19.30
CA LEU OA 287 55.15 -66.02 -19.10
C LEU OA 287 54.50 -65.33 -20.27
N GLY OA 288 54.55 -65.97 -21.44
CA GLY OA 288 53.82 -65.46 -22.59
C GLY OA 288 52.36 -65.25 -22.29
N ALA OA 289 51.76 -66.18 -21.56
CA ALA OA 289 50.38 -65.99 -21.14
C ALA OA 289 50.27 -64.88 -20.12
N PHE OA 290 51.28 -64.76 -19.27
CA PHE OA 290 51.26 -63.70 -18.28
C PHE OA 290 51.41 -62.36 -18.95
N ASP OA 291 52.39 -62.25 -19.84
CA ASP OA 291 52.58 -60.99 -20.55
C ASP OA 291 51.44 -60.73 -21.53
N ARG OA 292 50.83 -61.77 -22.06
CA ARG OA 292 49.63 -61.56 -22.87
C ARG OA 292 48.55 -60.83 -22.09
N LYS OA 293 48.33 -61.23 -20.83
CA LYS OA 293 47.28 -60.63 -20.03
C LYS OA 293 47.45 -59.14 -19.91
N LEU OA 294 48.68 -58.67 -19.77
CA LEU OA 294 48.91 -57.26 -19.50
C LEU OA 294 48.61 -56.42 -20.72
N SER OA 295 48.93 -56.90 -21.90
CA SER OA 295 48.60 -56.16 -23.12
C SER OA 295 47.19 -56.49 -23.59
N SER OA 296 46.23 -56.50 -22.64
CA SER OA 296 44.84 -56.87 -22.89
C SER OA 296 44.01 -55.74 -22.28
N GLU OA 297 43.48 -54.87 -23.13
CA GLU OA 297 42.69 -53.75 -22.65
C GLU OA 297 41.35 -54.25 -22.10
N PHE OA 298 40.56 -53.32 -21.58
CA PHE OA 298 39.18 -53.61 -21.22
C PHE OA 298 38.43 -52.31 -21.03
N LYS OA 299 37.11 -52.41 -20.91
CA LYS OA 299 36.25 -51.24 -20.84
C LYS OA 299 36.21 -50.57 -19.47
N HIS OA 300 36.49 -51.26 -18.37
CA HIS OA 300 36.50 -50.54 -17.10
C HIS OA 300 35.14 -49.91 -16.83
N PRO OA 301 34.14 -50.68 -16.37
CA PRO OA 301 32.74 -50.26 -16.46
C PRO OA 301 32.47 -48.76 -16.29
N ILE OA 302 33.19 -48.09 -15.39
CA ILE OA 302 32.91 -46.68 -15.17
C ILE OA 302 33.57 -45.80 -16.23
N PHE OA 303 34.75 -46.19 -16.72
CA PHE OA 303 35.44 -45.42 -17.74
C PHE OA 303 35.06 -45.85 -19.15
N ASN OA 304 34.72 -47.12 -19.31
CA ASN OA 304 34.15 -47.71 -20.53
C ASN OA 304 35.10 -47.97 -21.70
N TYR OA 305 36.31 -47.38 -21.74
CA TYR OA 305 37.21 -47.81 -22.81
C TYR OA 305 38.66 -47.35 -22.68
N LYS OA 306 39.51 -48.14 -21.99
CA LYS OA 306 40.95 -47.89 -21.87
C LYS OA 306 41.57 -48.78 -20.79
N CYS OA 307 42.82 -48.49 -20.41
CA CYS OA 307 43.44 -49.04 -19.21
C CYS OA 307 43.67 -50.56 -19.16
N THR OA 308 44.77 -51.00 -19.78
CA THR OA 308 45.21 -52.38 -19.66
C THR OA 308 45.30 -52.80 -18.19
N TYR OA 309 45.38 -54.11 -17.94
CA TYR OA 309 45.45 -54.63 -16.58
C TYR OA 309 46.64 -54.06 -15.81
N ARG OA 310 47.84 -54.08 -16.39
CA ARG OA 310 49.03 -53.63 -15.65
C ARG OA 310 48.83 -52.26 -15.03
N ARG OA 311 48.19 -51.35 -15.75
CA ARG OA 311 48.04 -49.99 -15.24
C ARG OA 311 46.93 -49.89 -14.21
N ALA OA 312 45.83 -50.64 -14.39
CA ALA OA 312 44.76 -50.60 -13.40
C ALA OA 312 45.31 -50.76 -11.99
N ILE OA 313 46.40 -51.51 -11.83
CA ILE OA 313 47.01 -51.69 -10.52
C ILE OA 313 47.68 -50.40 -10.07
N GLU OA 314 48.58 -49.85 -10.88
CA GLU OA 314 49.12 -48.53 -10.61
C GLU OA 314 47.99 -47.56 -10.28
N LEU OA 315 46.85 -47.73 -10.94
CA LEU OA 315 45.69 -46.88 -10.69
C LEU OA 315 45.07 -47.18 -9.33
N GLN OA 316 44.72 -48.45 -9.08
CA GLN OA 316 44.09 -48.81 -7.82
C GLN OA 316 44.89 -48.30 -6.62
N ALA OA 317 46.22 -48.41 -6.68
CA ALA OA 317 47.05 -47.88 -5.60
C ALA OA 317 46.91 -46.37 -5.48
N ARG OA 318 47.13 -45.65 -6.60
CA ARG OA 318 46.97 -44.21 -6.57
C ARG OA 318 45.56 -43.81 -6.14
N LEU OA 319 44.56 -44.55 -6.62
CA LEU OA 319 43.20 -44.33 -6.14
C LEU OA 319 43.14 -44.44 -4.63
N LEU OA 320 43.84 -45.43 -4.06
CA LEU OA 320 43.78 -45.63 -2.62
C LEU OA 320 44.43 -44.46 -1.88
N ALA OA 321 45.60 -44.01 -2.35
CA ALA OA 321 46.22 -42.84 -1.74
C ALA OA 321 45.22 -41.69 -1.67
N ARG OA 322 44.49 -41.47 -2.77
CA ARG OA 322 43.51 -40.40 -2.79
C ARG OA 322 42.36 -40.69 -1.83
N HIS OA 323 41.98 -41.97 -1.68
CA HIS OA 323 41.00 -42.32 -0.67
C HIS OA 323 41.46 -41.90 0.72
N LEU OA 324 42.76 -41.83 0.96
CA LEU OA 324 43.29 -41.60 2.30
C LEU OA 324 43.59 -40.14 2.59
N GLN OA 325 44.17 -39.43 1.63
CA GLN OA 325 44.43 -38.00 1.77
C GLN OA 325 43.36 -37.15 1.12
N GLU OA 326 42.72 -37.62 0.05
CA GLU OA 326 41.70 -36.85 -0.65
C GLU OA 326 40.28 -37.33 -0.36
N GLY OA 327 40.13 -38.48 0.29
CA GLY OA 327 38.82 -38.92 0.74
C GLY OA 327 37.91 -39.49 -0.30
N VAL OA 328 38.43 -39.91 -1.46
CA VAL OA 328 37.58 -40.41 -2.53
C VAL OA 328 37.07 -41.79 -2.16
N VAL OA 329 36.08 -42.28 -2.92
CA VAL OA 329 35.63 -43.64 -2.76
C VAL OA 329 36.67 -44.57 -3.38
N TYR OA 330 36.73 -45.79 -2.87
CA TYR OA 330 37.57 -46.84 -3.44
C TYR OA 330 36.63 -47.89 -4.02
N GLU OA 331 36.27 -47.71 -5.28
CA GLU OA 331 35.44 -48.69 -5.98
C GLU OA 331 36.39 -49.73 -6.56
N PRO OA 332 36.45 -50.94 -6.00
CA PRO OA 332 37.45 -51.91 -6.47
C PRO OA 332 37.19 -52.29 -7.91
N LEU OA 333 38.03 -53.16 -8.46
CA LEU OA 333 37.91 -53.55 -9.86
C LEU OA 333 36.89 -54.68 -9.91
N VAL OA 334 35.89 -54.53 -10.78
CA VAL OA 334 34.77 -55.46 -10.86
C VAL OA 334 34.52 -55.82 -12.31
N ILE OA 335 34.25 -57.10 -12.56
CA ILE OA 335 34.10 -57.63 -13.90
C ILE OA 335 32.80 -58.40 -14.02
N ARG OA 336 32.28 -58.45 -15.24
CA ARG OA 336 31.13 -59.28 -15.58
C ARG OA 336 31.40 -60.04 -16.88
N MET PA 12 74.28 -62.20 15.44
CA MET PA 12 74.77 -60.94 15.98
C MET PA 12 76.05 -60.47 15.28
N SER PA 13 75.99 -60.35 13.96
CA SER PA 13 77.05 -59.72 13.19
C SER PA 13 76.48 -59.35 11.83
N THR PA 14 77.34 -58.80 10.97
CA THR PA 14 76.95 -58.34 9.65
C THR PA 14 78.19 -58.30 8.77
N LEU PA 15 77.96 -58.22 7.46
CA LEU PA 15 79.04 -58.27 6.49
C LEU PA 15 79.16 -56.93 5.77
N TYR PA 16 80.41 -56.50 5.58
CA TYR PA 16 80.76 -55.24 4.95
C TYR PA 16 81.77 -55.53 3.85
N LEU PA 17 81.70 -54.76 2.77
CA LEU PA 17 82.66 -54.94 1.69
C LEU PA 17 83.03 -53.58 1.11
N THR PA 18 84.33 -53.32 1.06
CA THR PA 18 84.89 -52.08 0.57
C THR PA 18 85.54 -52.22 -0.79
N GLN PA 19 86.09 -53.39 -1.07
CA GLN PA 19 86.92 -53.61 -2.24
C GLN PA 19 86.06 -54.07 -3.41
N PRO PA 20 86.14 -53.40 -4.57
CA PRO PA 20 85.34 -53.86 -5.72
C PRO PA 20 85.97 -55.04 -6.42
N ASP PA 21 86.88 -55.71 -5.72
CA ASP PA 21 87.56 -56.91 -6.21
C ASP PA 21 87.15 -58.14 -5.41
N ALA PA 22 86.04 -58.05 -4.69
CA ALA PA 22 85.54 -59.09 -3.80
C ALA PA 22 84.35 -59.78 -4.44
N VAL PA 23 84.37 -61.11 -4.46
CA VAL PA 23 83.29 -61.90 -5.03
C VAL PA 23 82.75 -62.89 -4.01
N LEU PA 24 81.43 -63.08 -4.00
CA LEU PA 24 80.76 -64.01 -3.10
C LEU PA 24 80.25 -65.23 -3.85
N SER PA 25 80.66 -66.41 -3.38
CA SER PA 25 80.18 -67.68 -3.87
C SER PA 25 79.58 -68.47 -2.71
N LYS PA 26 78.83 -69.52 -3.03
CA LYS PA 26 78.27 -70.42 -2.03
C LYS PA 26 79.00 -71.74 -2.06
N LYS PA 27 79.35 -72.27 -0.88
CA LYS PA 27 79.98 -73.59 -0.79
C LYS PA 27 79.06 -74.56 -0.05
N HIS PA 28 78.09 -75.07 -0.81
CA HIS PA 28 77.11 -76.10 -0.46
C HIS PA 28 76.13 -75.73 0.65
N GLU PA 29 76.51 -74.82 1.55
CA GLU PA 29 75.57 -74.25 2.50
C GLU PA 29 75.98 -72.88 2.99
N ALA PA 30 77.08 -72.32 2.50
CA ALA PA 30 77.68 -71.15 3.10
C ALA PA 30 78.41 -70.35 2.02
N PHE PA 31 78.86 -69.16 2.41
CA PHE PA 31 79.45 -68.20 1.50
C PHE PA 31 80.95 -68.40 1.44
N HIS PA 32 81.55 -68.00 0.32
CA HIS PA 32 83.00 -67.99 0.16
C HIS PA 32 83.38 -66.64 -0.42
N VAL PA 33 84.11 -65.85 0.35
CA VAL PA 33 84.56 -64.53 -0.08
C VAL PA 33 85.92 -64.65 -0.74
N ALA PA 34 86.08 -63.95 -1.86
CA ALA PA 34 87.33 -63.95 -2.62
C ALA PA 34 87.73 -62.50 -2.89
N LEU PA 35 88.69 -62.00 -2.12
CA LEU PA 35 89.21 -60.67 -2.29
C LEU PA 35 90.46 -60.75 -3.15
N LYS PA 36 90.71 -59.72 -3.96
CA LYS PA 36 91.87 -59.83 -4.82
C LYS PA 36 93.11 -59.31 -4.10
N GLN PA 37 92.97 -58.23 -3.35
CA GLN PA 37 94.05 -57.85 -2.46
C GLN PA 37 95.36 -57.63 -3.21
N GLU PA 38 95.49 -56.45 -3.83
CA GLU PA 38 96.69 -56.05 -4.56
C GLU PA 38 97.94 -56.76 -4.04
N ASP PA 39 98.78 -57.22 -4.97
CA ASP PA 39 99.83 -58.20 -4.68
C ASP PA 39 99.24 -59.58 -4.40
N GLY PA 40 98.48 -60.12 -5.36
CA GLY PA 40 98.01 -61.49 -5.26
C GLY PA 40 96.50 -61.60 -5.23
N SER PA 41 95.99 -62.71 -4.69
CA SER PA 41 94.57 -62.93 -4.44
C SER PA 41 94.34 -63.24 -2.95
N TRP PA 42 95.08 -62.52 -2.10
CA TRP PA 42 95.04 -62.70 -0.64
C TRP PA 42 93.62 -62.82 -0.06
N LYS PA 43 93.54 -63.63 1.00
CA LYS PA 43 92.34 -63.81 1.84
C LYS PA 43 91.14 -64.36 1.08
N LYS PA 44 91.25 -65.65 0.72
CA LYS PA 44 90.09 -66.40 0.26
C LYS PA 44 89.25 -66.83 1.47
N GLN PA 45 88.92 -65.92 2.37
CA GLN PA 45 88.27 -66.32 3.63
C GLN PA 45 86.80 -66.72 3.50
N PRO PA 46 86.44 -67.98 3.75
CA PRO PA 46 85.03 -68.37 3.69
C PRO PA 46 84.28 -67.84 4.91
N ILE PA 47 82.97 -67.71 4.76
CA ILE PA 47 82.15 -67.22 5.87
C ILE PA 47 80.83 -67.97 5.93
N PRO PA 48 80.39 -68.38 7.13
CA PRO PA 48 79.05 -68.98 7.27
C PRO PA 48 77.98 -67.95 7.54
N ALA PA 49 76.76 -68.44 7.70
CA ALA PA 49 75.62 -67.64 8.14
C ALA PA 49 75.50 -67.83 9.66
N GLN PA 50 74.35 -67.50 10.22
CA GLN PA 50 73.95 -67.68 11.61
C GLN PA 50 74.50 -66.59 12.53
N THR PA 51 75.40 -65.73 12.06
CA THR PA 51 75.74 -64.52 12.79
C THR PA 51 75.21 -63.27 12.11
N LEU PA 52 74.86 -63.38 10.82
CA LEU PA 52 74.50 -62.23 10.01
C LEU PA 52 72.99 -62.02 10.03
N GLU PA 53 72.60 -60.76 9.91
CA GLU PA 53 71.22 -60.41 9.61
C GLU PA 53 71.16 -59.33 8.54
N ASP PA 54 72.30 -58.94 7.98
CA ASP PA 54 72.40 -57.86 7.03
C ASP PA 54 73.72 -57.99 6.28
N ILE PA 55 73.74 -57.51 5.05
CA ILE PA 55 74.92 -57.51 4.21
C ILE PA 55 75.09 -56.11 3.65
N VAL PA 56 76.34 -55.72 3.43
CA VAL PA 56 76.65 -54.39 2.93
C VAL PA 56 77.70 -54.52 1.85
N LEU PA 57 77.39 -53.99 0.67
CA LEU PA 57 78.33 -53.91 -0.44
C LEU PA 57 78.55 -52.43 -0.67
N LEU PA 58 79.79 -51.99 -0.57
CA LEU PA 58 80.11 -50.56 -0.57
C LEU PA 58 80.59 -50.11 -1.93
N GLY PA 59 81.60 -50.77 -2.50
CA GLY PA 59 82.04 -50.43 -3.83
C GLY PA 59 81.08 -51.02 -4.83
N TYR PA 60 81.58 -51.72 -5.85
CA TYR PA 60 80.73 -52.42 -6.80
C TYR PA 60 81.31 -53.81 -7.10
N PRO PA 61 81.41 -54.66 -6.08
CA PRO PA 61 81.95 -56.00 -6.32
C PRO PA 61 80.95 -56.86 -7.06
N SER PA 62 81.47 -57.91 -7.71
CA SER PA 62 80.61 -58.87 -8.38
C SER PA 62 80.08 -59.87 -7.35
N ILE PA 63 78.84 -60.32 -7.57
CA ILE PA 63 78.21 -61.28 -6.68
C ILE PA 63 77.45 -62.31 -7.50
N THR PA 64 77.49 -63.55 -7.04
CA THR PA 64 76.65 -64.59 -7.61
C THR PA 64 75.20 -64.38 -7.21
N GLY PA 65 74.29 -64.46 -8.19
CA GLY PA 65 72.88 -64.43 -7.87
C GLY PA 65 72.49 -65.55 -6.92
N GLU PA 66 73.18 -66.68 -7.01
CA GLU PA 66 72.93 -67.79 -6.10
C GLU PA 66 73.08 -67.37 -4.64
N ALA PA 67 73.78 -66.27 -4.37
CA ALA PA 67 73.91 -65.83 -2.98
C ALA PA 67 72.66 -65.09 -2.54
N LEU PA 68 72.15 -64.21 -3.41
CA LEU PA 68 70.91 -63.51 -3.09
C LEU PA 68 69.76 -64.49 -2.97
N GLY PA 69 69.58 -65.33 -4.00
CA GLY PA 69 68.60 -66.38 -3.93
C GLY PA 69 68.85 -67.35 -2.80
N TYR PA 70 70.08 -67.40 -2.31
CA TYR PA 70 70.38 -68.10 -1.08
C TYR PA 70 70.30 -67.18 0.13
N ALA PA 71 70.53 -65.87 -0.10
CA ALA PA 71 70.41 -64.82 0.93
C ALA PA 71 68.96 -64.37 1.14
N LEU PA 72 68.12 -64.38 0.09
CA LEU PA 72 66.76 -63.86 0.18
C LEU PA 72 65.69 -64.90 0.52
N GLU PA 73 66.03 -66.19 0.57
CA GLU PA 73 65.13 -67.18 1.13
C GLU PA 73 65.07 -67.14 2.65
N LEU PA 74 65.82 -66.22 3.25
CA LEU PA 74 66.05 -66.13 4.67
C LEU PA 74 66.15 -64.69 5.16
N GLY PA 75 65.44 -63.79 4.49
CA GLY PA 75 65.39 -62.39 4.88
C GLY PA 75 66.69 -61.64 5.04
N LEU PA 76 67.57 -61.65 4.04
CA LEU PA 76 68.82 -60.92 4.17
C LEU PA 76 68.81 -59.74 3.21
N PRO PA 77 68.57 -58.52 3.69
CA PRO PA 77 68.65 -57.37 2.80
C PRO PA 77 70.06 -57.22 2.29
N VAL PA 78 70.18 -56.80 1.04
CA VAL PA 78 71.47 -56.54 0.44
C VAL PA 78 71.45 -55.12 -0.06
N HIS PA 79 72.41 -54.34 0.38
CA HIS PA 79 72.46 -52.92 0.10
C HIS PA 79 73.67 -52.65 -0.80
N TYR PA 80 73.48 -51.75 -1.75
CA TYR PA 80 74.51 -51.40 -2.72
C TYR PA 80 74.79 -49.93 -2.53
N LEU PA 81 76.07 -49.59 -2.48
CA LEU PA 81 76.51 -48.24 -2.21
C LEU PA 81 77.64 -47.92 -3.18
N THR PA 82 78.29 -46.79 -2.95
CA THR PA 82 79.46 -46.40 -3.72
C THR PA 82 80.68 -46.51 -2.83
N GLN PA 83 81.86 -46.65 -3.44
CA GLN PA 83 83.09 -46.72 -2.66
C GLN PA 83 83.13 -45.59 -1.62
N PHE PA 84 82.46 -44.48 -1.92
CA PHE PA 84 82.36 -43.35 -0.99
C PHE PA 84 81.34 -43.58 0.12
N GLY PA 85 80.36 -44.46 -0.10
CA GLY PA 85 79.30 -44.71 0.86
C GLY PA 85 77.96 -44.14 0.46
N LYS PA 86 77.85 -43.52 -0.71
CA LYS PA 86 76.59 -42.99 -1.19
C LYS PA 86 75.63 -44.12 -1.53
N TYR PA 87 74.36 -43.93 -1.18
CA TYR PA 87 73.36 -44.97 -1.39
C TYR PA 87 72.83 -44.94 -2.82
N VAL PA 88 72.71 -46.14 -3.41
CA VAL PA 88 72.18 -46.32 -4.75
C VAL PA 88 70.92 -47.18 -4.76
N GLY PA 89 70.91 -48.26 -3.97
CA GLY PA 89 69.76 -49.12 -3.90
C GLY PA 89 70.06 -50.31 -3.01
N SER PA 90 69.00 -51.05 -2.70
CA SER PA 90 69.11 -52.23 -1.85
C SER PA 90 68.02 -53.21 -2.21
N ALA PA 91 68.31 -54.49 -2.02
CA ALA PA 91 67.40 -55.57 -2.36
C ALA PA 91 66.81 -56.16 -1.09
N LEU PA 92 65.48 -56.11 -0.96
CA LEU PA 92 64.85 -56.54 0.28
C LEU PA 92 64.03 -57.81 0.05
N PRO PA 93 63.98 -58.68 1.04
CA PRO PA 93 63.20 -59.92 0.89
C PRO PA 93 61.73 -59.78 1.25
N SER PA 94 60.98 -60.89 1.13
CA SER PA 94 59.59 -60.90 1.55
C SER PA 94 59.45 -60.76 3.06
N GLU PA 95 59.98 -61.74 3.80
CA GLU PA 95 59.69 -61.86 5.22
C GLU PA 95 60.70 -61.07 6.03
N SER PA 96 60.42 -59.77 6.14
CA SER PA 96 61.15 -58.86 6.98
C SER PA 96 60.28 -58.52 8.18
N ARG PA 97 60.92 -58.18 9.30
CA ARG PA 97 60.20 -57.83 10.51
C ARG PA 97 60.19 -56.33 10.70
N ASN PA 98 60.16 -55.60 9.59
CA ASN PA 98 60.18 -54.15 9.57
C ASN PA 98 58.77 -53.57 9.54
N GLY PA 99 57.74 -54.41 9.50
CA GLY PA 99 56.40 -53.90 9.68
C GLY PA 99 56.20 -53.42 11.11
N GLN PA 100 56.53 -54.29 12.07
CA GLN PA 100 56.53 -53.88 13.48
C GLN PA 100 57.40 -52.64 13.67
N LEU PA 101 58.50 -52.55 12.93
CA LEU PA 101 59.37 -51.38 12.99
C LEU PA 101 58.63 -50.11 12.58
N ARG PA 102 58.09 -50.10 11.36
CA ARG PA 102 57.44 -48.90 10.84
C ARG PA 102 56.29 -48.46 11.72
N LEU PA 103 55.69 -49.39 12.47
CA LEU PA 103 54.60 -49.03 13.36
C LEU PA 103 55.09 -48.17 14.52
N ALA PA 104 56.10 -48.63 15.25
CA ALA PA 104 56.64 -47.81 16.33
C ALA PA 104 57.12 -46.47 15.79
N GLN PA 105 57.84 -46.49 14.67
CA GLN PA 105 58.24 -45.25 14.02
C GLN PA 105 57.07 -44.29 13.82
N PHE PA 106 55.87 -44.82 13.58
CA PHE PA 106 54.69 -43.97 13.44
C PHE PA 106 54.01 -43.79 14.78
N ARG PA 107 53.74 -44.92 15.46
CA ARG PA 107 53.26 -44.85 16.83
C ARG PA 107 54.14 -43.88 17.59
N ALA PA 108 55.45 -44.02 17.39
CA ALA PA 108 56.40 -43.08 17.96
C ALA PA 108 56.13 -41.67 17.46
N HIS PA 109 55.85 -41.53 16.16
CA HIS PA 109 55.63 -40.19 15.63
C HIS PA 109 54.33 -39.61 16.14
N GLU PA 110 53.35 -40.46 16.40
CA GLU PA 110 52.06 -39.96 16.85
C GLU PA 110 52.10 -39.52 18.31
N ASP PA 111 52.43 -40.43 19.21
CA ASP PA 111 52.53 -40.08 20.63
C ASP PA 111 53.78 -39.26 20.93
N PRO PA 112 53.62 -38.04 21.48
CA PRO PA 112 54.78 -37.15 21.66
C PRO PA 112 55.82 -37.62 22.65
N ILE PA 113 55.39 -38.24 23.74
CA ILE PA 113 56.31 -38.56 24.83
C ILE PA 113 57.49 -39.37 24.31
N GLN PA 114 57.23 -40.26 23.35
CA GLN PA 114 58.34 -40.93 22.68
C GLN PA 114 59.07 -39.93 21.80
N ARG PA 115 58.32 -39.16 21.01
CA ARG PA 115 58.90 -38.06 20.26
C ARG PA 115 59.70 -37.15 21.17
N LEU PA 116 59.18 -36.89 22.37
CA LEU PA 116 59.87 -36.00 23.31
C LEU PA 116 61.13 -36.66 23.85
N ASP PA 117 60.98 -37.80 24.52
CA ASP PA 117 62.11 -38.52 25.09
C ASP PA 117 63.14 -38.89 24.03
N ILE PA 118 62.78 -38.82 22.76
CA ILE PA 118 63.69 -39.11 21.65
C ILE PA 118 64.37 -37.84 21.17
N VAL PA 119 63.61 -36.79 20.87
CA VAL PA 119 64.20 -35.55 20.37
C VAL PA 119 65.22 -35.01 21.36
N LYS PA 120 64.95 -35.19 22.66
CA LYS PA 120 65.89 -34.74 23.69
C LYS PA 120 67.29 -35.29 23.50
N ALA PA 121 67.40 -36.49 22.92
CA ALA PA 121 68.70 -37.12 22.74
C ALA PA 121 69.46 -36.52 21.56
N PHE PA 122 68.79 -36.32 20.43
CA PHE PA 122 69.44 -35.78 19.25
C PHE PA 122 70.17 -34.47 19.54
N VAL PA 123 69.53 -33.56 20.27
CA VAL PA 123 70.17 -32.29 20.59
C VAL PA 123 71.22 -32.49 21.67
N LYS PA 124 70.86 -33.22 22.73
CA LYS PA 124 71.81 -33.64 23.75
C LYS PA 124 73.05 -34.24 23.11
N GLY PA 125 72.90 -35.00 22.03
CA GLY PA 125 74.03 -35.59 21.33
C GLY PA 125 74.78 -34.65 20.41
N LYS PA 126 74.25 -33.45 20.17
CA LYS PA 126 74.89 -32.46 19.33
C LYS PA 126 75.66 -31.44 20.15
N VAL PA 127 75.02 -30.89 21.18
CA VAL PA 127 75.62 -29.81 21.94
C VAL PA 127 76.79 -30.32 22.79
N HIS PA 128 76.62 -31.47 23.44
CA HIS PA 128 77.75 -32.06 24.15
C HIS PA 128 78.93 -32.27 23.21
N ASN PA 129 78.67 -32.64 21.96
CA ASN PA 129 79.74 -32.72 20.98
C ASN PA 129 80.32 -31.34 20.65
N GLN PA 130 79.50 -30.30 20.75
CA GLN PA 130 79.98 -28.96 20.44
C GLN PA 130 80.96 -28.48 21.52
N TYR PA 131 80.51 -28.49 22.77
CA TYR PA 131 81.41 -28.19 23.87
C TYR PA 131 82.58 -29.16 23.89
N ASN PA 132 82.33 -30.44 23.70
CA ASN PA 132 83.41 -31.40 23.60
C ASN PA 132 84.24 -31.18 22.34
N LEU PA 133 83.73 -30.38 21.41
CA LEU PA 133 84.53 -29.90 20.30
C LEU PA 133 85.35 -28.68 20.71
N LEU PA 134 84.67 -27.68 21.30
CA LEU PA 134 85.36 -26.48 21.74
C LEU PA 134 86.38 -26.81 22.81
N TYR PA 135 86.13 -27.85 23.59
CA TYR PA 135 87.18 -28.39 24.47
C TYR PA 135 88.21 -29.17 23.66
N ARG PA 136 87.77 -29.87 22.60
CA ARG PA 136 88.72 -30.46 21.65
C ARG PA 136 89.51 -29.37 20.93
N ARG PA 137 88.79 -28.44 20.31
CA ARG PA 137 89.36 -27.22 19.73
C ARG PA 137 89.32 -26.20 20.86
N GLY PA 138 90.34 -26.20 21.72
CA GLY PA 138 90.30 -25.39 22.92
C GLY PA 138 89.80 -23.99 22.68
N GLN PA 139 88.56 -23.72 23.14
CA GLN PA 139 87.92 -22.43 22.88
C GLN PA 139 87.29 -21.73 24.07
N VAL PA 140 86.49 -22.43 24.85
CA VAL PA 140 85.67 -21.76 25.84
C VAL PA 140 86.44 -21.57 27.14
N ASP PA 141 86.80 -22.68 27.77
CA ASP PA 141 87.34 -22.62 29.12
C ASP PA 141 87.70 -24.02 29.59
N ASN PA 142 88.19 -24.13 30.81
CA ASN PA 142 88.38 -25.39 31.51
C ASN PA 142 86.98 -25.93 31.82
N PRO PA 143 86.83 -27.07 32.53
CA PRO PA 143 85.71 -28.00 32.23
C PRO PA 143 84.43 -27.36 31.68
N LEU PA 144 83.98 -28.00 30.59
CA LEU PA 144 82.90 -27.49 29.75
C LEU PA 144 81.51 -27.83 30.25
N LYS PA 145 81.17 -29.12 30.34
CA LYS PA 145 79.84 -29.56 30.69
C LYS PA 145 78.83 -28.60 30.07
N GLY PA 146 79.06 -28.28 28.80
CA GLY PA 146 78.24 -27.26 28.17
C GLY PA 146 76.78 -27.62 28.03
N ARG PA 147 76.00 -27.05 28.94
CA ARG PA 147 74.55 -27.13 28.97
C ARG PA 147 73.98 -28.42 28.45
N GLY PA 148 74.67 -29.52 28.60
CA GLY PA 148 74.07 -30.81 28.32
C GLY PA 148 73.46 -31.34 29.57
N LYS PA 149 72.46 -32.20 29.41
CA LYS PA 149 71.69 -32.66 30.56
C LYS PA 149 70.80 -31.50 31.04
N LEU PA 150 71.05 -30.28 30.55
CA LEU PA 150 70.09 -29.21 30.80
C LEU PA 150 68.77 -29.49 30.11
N VAL PA 151 68.75 -30.38 29.12
CA VAL PA 151 67.54 -30.59 28.33
C VAL PA 151 66.61 -31.59 29.00
N MET PA 152 67.15 -32.73 29.46
CA MET PA 152 66.31 -33.74 30.10
C MET PA 152 65.35 -33.11 31.11
N ARG PA 153 65.76 -32.00 31.68
CA ARG PA 153 64.91 -31.29 32.60
C ARG PA 153 63.91 -30.39 31.92
N GLN PA 154 63.58 -30.64 30.65
CA GLN PA 154 62.54 -29.89 29.95
C GLN PA 154 61.40 -30.82 29.60
N GLN PA 155 60.27 -30.23 29.22
CA GLN PA 155 59.05 -30.98 29.02
C GLN PA 155 58.26 -30.58 27.78
N THR PA 156 58.87 -29.84 26.84
CA THR PA 156 58.19 -29.51 25.61
C THR PA 156 59.21 -29.34 24.48
N LEU PA 157 58.69 -29.12 23.27
CA LEU PA 157 59.47 -28.86 22.07
C LEU PA 157 59.77 -27.37 21.91
N GLU PA 158 58.73 -26.54 21.96
CA GLU PA 158 58.90 -25.11 21.78
C GLU PA 158 59.97 -24.58 22.73
N GLN PA 159 60.02 -25.12 23.94
CA GLN PA 159 61.13 -24.81 24.83
C GLN PA 159 62.46 -25.20 24.20
N VAL PA 160 62.46 -26.25 23.39
CA VAL PA 160 63.69 -26.87 22.90
C VAL PA 160 64.13 -26.30 21.55
N ARG PA 161 63.23 -26.20 20.57
CA ARG PA 161 63.66 -25.75 19.25
C ARG PA 161 64.33 -24.38 19.33
N GLY PA 162 63.90 -23.52 20.24
CA GLY PA 162 64.63 -22.30 20.50
C GLY PA 162 66.01 -22.56 21.07
N ILE PA 163 66.20 -23.72 21.70
CA ILE PA 163 67.48 -24.02 22.33
C ILE PA 163 68.52 -24.30 21.25
N GLU PA 164 68.16 -25.09 20.24
CA GLU PA 164 69.07 -25.33 19.14
C GLU PA 164 69.52 -24.02 18.52
N GLY PA 165 68.56 -23.12 18.28
CA GLY PA 165 68.92 -21.82 17.73
C GLY PA 165 69.76 -20.98 18.66
N LEU PA 166 69.47 -21.02 19.96
CA LEU PA 166 70.25 -20.23 20.90
C LEU PA 166 71.67 -20.78 21.05
N ALA PA 167 71.80 -22.05 21.44
CA ALA PA 167 73.14 -22.62 21.60
C ALA PA 167 73.91 -22.58 20.28
N ALA PA 168 73.21 -22.84 19.17
CA ALA PA 168 73.87 -22.80 17.85
C ALA PA 168 74.30 -21.38 17.50
N ARG PA 169 73.40 -20.41 17.66
CA ARG PA 169 73.76 -19.03 17.36
C ARG PA 169 74.91 -18.56 18.25
N GLU PA 170 74.91 -18.96 19.52
CA GLU PA 170 76.06 -18.75 20.38
C GLU PA 170 77.24 -19.61 19.95
N TYR PA 171 76.95 -20.71 19.26
CA TYR PA 171 78.00 -21.61 18.77
C TYR PA 171 78.63 -21.10 17.48
N PHE PA 172 77.83 -20.46 16.61
CA PHE PA 172 78.36 -20.01 15.33
C PHE PA 172 79.03 -18.64 15.42
N ALA PA 173 78.65 -17.81 16.39
CA ALA PA 173 79.32 -16.52 16.54
C ALA PA 173 80.75 -16.67 17.04
N SER PA 174 81.12 -17.85 17.52
CA SER PA 174 82.47 -18.13 18.01
C SER PA 174 83.41 -18.67 16.94
N TRP PA 175 83.10 -18.46 15.65
CA TRP PA 175 83.86 -19.08 14.58
C TRP PA 175 84.90 -18.17 13.96
N GLN PA 176 84.52 -16.96 13.51
CA GLN PA 176 85.51 -16.04 12.97
C GLN PA 176 86.71 -15.92 13.90
N GLU PA 177 86.40 -15.78 15.19
CA GLU PA 177 87.42 -15.68 16.21
C GLU PA 177 88.28 -16.95 16.26
N MET PA 178 87.72 -18.08 15.84
CA MET PA 178 88.44 -19.36 15.86
C MET PA 178 89.26 -19.58 14.60
N LEU PA 179 88.91 -18.93 13.48
CA LEU PA 179 89.67 -19.06 12.25
C LEU PA 179 90.90 -18.17 12.26
N GLY PA 180 90.67 -16.86 12.43
CA GLY PA 180 91.69 -15.86 12.24
C GLY PA 180 91.13 -14.77 11.35
N HIS PA 181 91.98 -14.05 10.64
CA HIS PA 181 91.55 -12.89 9.86
C HIS PA 181 91.41 -13.17 8.37
N GLU PA 182 92.01 -14.25 7.86
CA GLU PA 182 91.99 -14.50 6.42
C GLU PA 182 90.58 -14.68 5.87
N TRP PA 183 89.66 -15.17 6.68
CA TRP PA 183 88.30 -15.50 6.22
C TRP PA 183 87.27 -14.62 6.91
N THR PA 184 86.04 -14.65 6.37
CA THR PA 184 84.95 -13.85 6.88
C THR PA 184 83.75 -14.74 7.15
N PHE PA 185 83.15 -14.61 8.33
CA PHE PA 185 81.96 -15.36 8.71
C PHE PA 185 81.16 -14.55 9.73
N THR PA 186 79.90 -14.26 9.42
CA THR PA 186 79.05 -13.59 10.40
C THR PA 186 78.05 -14.55 11.07
N GLY PA 187 77.43 -15.43 10.29
CA GLY PA 187 76.49 -16.39 10.83
C GLY PA 187 76.29 -17.50 9.82
N ARG PA 188 75.53 -18.51 10.21
CA ARG PA 188 75.27 -19.62 9.30
C ARG PA 188 74.23 -19.15 8.27
N PHE PA 189 74.58 -19.28 6.99
CA PHE PA 189 73.72 -18.83 5.90
C PHE PA 189 73.42 -20.02 4.99
N ARG PA 190 72.15 -20.38 4.89
CA ARG PA 190 71.72 -21.45 4.00
C ARG PA 190 71.82 -20.94 2.56
N ARG PA 191 71.23 -21.67 1.61
CA ARG PA 191 71.34 -21.25 0.22
C ARG PA 191 70.82 -19.83 0.02
N PRO PA 192 71.48 -19.03 -0.82
CA PRO PA 192 72.87 -19.24 -1.23
C PRO PA 192 73.79 -18.82 -0.11
N PRO PA 193 75.00 -19.39 -0.05
CA PRO PA 193 75.97 -18.97 0.98
C PRO PA 193 76.57 -17.63 0.60
N THR PA 194 76.39 -16.64 1.47
CA THR PA 194 76.97 -15.32 1.24
C THR PA 194 78.44 -15.25 1.64
N ASP PA 195 78.88 -16.14 2.51
CA ASP PA 195 80.27 -16.32 2.89
C ASP PA 195 80.76 -17.66 2.37
N PRO PA 196 82.03 -17.78 1.98
CA PRO PA 196 82.50 -19.08 1.46
C PRO PA 196 82.24 -20.21 2.43
N VAL PA 197 82.59 -20.02 3.70
CA VAL PA 197 82.47 -21.09 4.69
C VAL PA 197 81.04 -21.62 4.72
N ASN PA 198 80.05 -20.71 4.78
CA ASN PA 198 78.65 -21.13 4.77
C ASN PA 198 78.35 -22.09 3.62
N ALA PA 199 79.07 -21.98 2.51
CA ALA PA 199 78.87 -22.93 1.43
C ALA PA 199 79.44 -24.30 1.80
N LEU PA 200 80.58 -24.31 2.49
CA LEU PA 200 81.20 -25.58 2.85
C LEU PA 200 80.32 -26.35 3.83
N LEU PA 201 79.64 -25.65 4.74
CA LEU PA 201 78.68 -26.30 5.61
C LEU PA 201 77.44 -26.69 4.82
N SER PA 202 76.87 -25.74 4.06
CA SER PA 202 75.81 -26.07 3.13
C SER PA 202 76.25 -27.17 2.17
N PHE PA 203 77.54 -27.21 1.83
CA PHE PA 203 78.10 -28.30 1.03
C PHE PA 203 78.34 -29.53 1.89
N GLY PA 204 79.07 -29.35 2.99
CA GLY PA 204 79.45 -30.47 3.84
C GLY PA 204 78.28 -31.16 4.49
N TYR PA 205 77.33 -30.40 5.04
CA TYR PA 205 76.13 -31.01 5.60
C TYR PA 205 75.49 -31.93 4.57
N GLY PA 206 75.75 -31.70 3.30
CA GLY PA 206 75.25 -32.54 2.25
C GLY PA 206 76.04 -33.83 2.15
N LEU PA 207 77.36 -33.76 2.27
CA LEU PA 207 78.15 -34.99 2.21
C LEU PA 207 77.92 -35.86 3.45
N LEU PA 208 77.32 -35.30 4.50
CA LEU PA 208 76.83 -36.13 5.59
C LEU PA 208 75.47 -36.71 5.24
N ARG PA 209 74.64 -35.95 4.53
CA ARG PA 209 73.36 -36.48 4.06
C ARG PA 209 73.55 -37.79 3.32
N THR PA 210 74.66 -37.94 2.59
CA THR PA 210 74.88 -39.15 1.82
C THR PA 210 75.11 -40.34 2.76
N GLN PA 211 76.04 -40.18 3.69
CA GLN PA 211 76.40 -41.27 4.58
C GLN PA 211 75.26 -41.58 5.54
N VAL PA 212 74.42 -40.60 5.83
CA VAL PA 212 73.25 -40.84 6.64
C VAL PA 212 72.14 -41.45 5.81
N THR PA 213 71.92 -40.91 4.61
CA THR PA 213 70.88 -41.39 3.71
C THR PA 213 70.96 -42.90 3.45
N ALA PA 214 72.11 -43.51 3.69
CA ALA PA 214 72.23 -44.96 3.51
C ALA PA 214 71.78 -45.71 4.76
N ALA PA 215 72.21 -45.26 5.93
CA ALA PA 215 71.89 -45.97 7.17
C ALA PA 215 70.38 -46.14 7.34
N VAL PA 216 69.60 -45.15 6.92
CA VAL PA 216 68.15 -45.23 7.08
C VAL PA 216 67.58 -46.35 6.22
N HIS PA 217 67.99 -46.42 4.95
CA HIS PA 217 67.53 -47.48 4.06
C HIS PA 217 67.94 -48.86 4.54
N ILE PA 218 68.97 -48.96 5.37
CA ILE PA 218 69.38 -50.26 5.89
C ILE PA 218 68.43 -50.72 6.98
N ALA PA 219 68.02 -49.81 7.88
CA ALA PA 219 67.06 -50.15 8.91
C ALA PA 219 65.64 -50.26 8.38
N GLY PA 220 65.42 -49.95 7.10
CA GLY PA 220 64.09 -49.97 6.55
C GLY PA 220 63.24 -48.80 6.95
N LEU PA 221 63.86 -47.77 7.53
CA LEU PA 221 63.12 -46.62 8.01
C LEU PA 221 62.66 -45.73 6.86
N ASP PA 222 61.58 -45.00 7.11
CA ASP PA 222 61.10 -44.00 6.18
C ASP PA 222 61.80 -42.68 6.50
N PRO PA 223 62.74 -42.22 5.68
CA PRO PA 223 63.45 -40.98 6.04
C PRO PA 223 62.52 -39.80 6.15
N TYR PA 224 61.44 -39.81 5.37
CA TYR PA 224 60.52 -38.70 5.27
C TYR PA 224 59.59 -38.60 6.46
N ILE PA 225 59.71 -39.52 7.43
CA ILE PA 225 58.98 -39.46 8.68
C ILE PA 225 60.02 -39.32 9.79
N GLY PA 226 60.02 -38.16 10.43
CA GLY PA 226 60.93 -37.90 11.54
C GLY PA 226 60.14 -37.49 12.76
N PHE PA 227 60.86 -37.07 13.80
CA PHE PA 227 60.23 -36.69 15.05
C PHE PA 227 60.45 -35.24 15.42
N LEU PA 228 61.58 -34.65 15.03
CA LEU PA 228 61.81 -33.23 15.23
C LEU PA 228 61.46 -32.42 13.99
N HIS PA 229 62.10 -32.71 12.86
CA HIS PA 229 61.85 -31.98 11.63
C HIS PA 229 60.47 -32.36 11.12
N GLU PA 230 59.52 -31.44 11.24
CA GLU PA 230 58.14 -31.71 10.85
C GLU PA 230 58.07 -32.18 9.41
N THR PA 231 57.31 -33.25 9.19
CA THR PA 231 57.29 -33.94 7.91
C THR PA 231 56.49 -33.13 6.90
N THR PA 232 57.12 -32.82 5.77
CA THR PA 232 56.49 -32.13 4.66
C THR PA 232 57.52 -32.00 3.54
N ARG PA 233 57.04 -31.62 2.36
CA ARG PA 233 57.89 -31.31 1.22
C ARG PA 233 58.83 -32.46 0.87
N GLY PA 234 58.55 -33.67 1.37
CA GLY PA 234 59.49 -34.75 1.16
C GLY PA 234 60.79 -34.54 1.88
N GLN PA 235 60.75 -34.03 3.10
CA GLN PA 235 62.00 -33.80 3.82
C GLN PA 235 62.37 -35.03 4.62
N PRO PA 236 63.61 -35.53 4.49
CA PRO PA 236 64.01 -36.69 5.27
C PRO PA 236 64.16 -36.33 6.74
N ALA PA 237 63.07 -36.40 7.50
CA ALA PA 237 63.14 -35.93 8.88
C ALA PA 237 63.71 -37.02 9.78
N MET PA 238 63.45 -38.29 9.46
CA MET PA 238 64.12 -39.37 10.19
C MET PA 238 65.62 -39.29 9.98
N ILE PA 239 66.07 -38.71 8.87
CA ILE PA 239 67.49 -38.47 8.64
C ILE PA 239 67.97 -37.27 9.46
N LEU PA 240 67.32 -36.13 9.26
CA LEU PA 240 67.82 -34.87 9.80
C LEU PA 240 67.94 -34.94 11.31
N ASP PA 241 67.07 -35.69 11.98
CA ASP PA 241 67.29 -35.93 13.41
C ASP PA 241 68.69 -36.46 13.65
N LEU PA 242 69.19 -37.30 12.73
CA LEU PA 242 70.52 -37.88 12.89
C LEU PA 242 71.61 -36.93 12.43
N MET PA 243 71.41 -36.20 11.34
CA MET PA 243 72.48 -35.33 10.85
C MET PA 243 72.92 -34.34 11.91
N GLU PA 244 72.03 -33.96 12.82
CA GLU PA 244 72.34 -32.93 13.80
C GLU PA 244 73.45 -33.39 14.74
N GLU PA 245 73.34 -34.61 15.27
CA GLU PA 245 74.35 -35.10 16.20
C GLU PA 245 75.71 -35.28 15.53
N PHE PA 246 75.79 -35.25 14.20
CA PHE PA 246 77.05 -35.40 13.49
C PHE PA 246 77.52 -34.11 12.82
N ARG PA 247 76.63 -33.13 12.62
CA ARG PA 247 77.05 -31.87 12.02
C ARG PA 247 78.20 -31.22 12.78
N ALA PA 248 78.24 -31.39 14.10
CA ALA PA 248 79.19 -30.64 14.92
C ALA PA 248 80.56 -31.29 14.98
N LEU PA 249 80.69 -32.56 14.58
CA LEU PA 249 81.91 -33.31 14.78
C LEU PA 249 82.60 -33.74 13.49
N VAL PA 250 81.88 -33.87 12.38
CA VAL PA 250 82.41 -34.43 11.15
C VAL PA 250 82.57 -33.37 10.07
N ALA PA 251 81.50 -32.63 9.78
CA ALA PA 251 81.61 -31.57 8.78
C ALA PA 251 82.28 -30.33 9.35
N ASP PA 252 82.11 -30.08 10.65
CA ASP PA 252 82.70 -28.91 11.27
C ASP PA 252 84.14 -29.15 11.69
N SER PA 253 84.52 -30.40 11.96
CA SER PA 253 85.92 -30.69 12.24
C SER PA 253 86.73 -30.72 10.95
N VAL PA 254 86.11 -31.16 9.85
CA VAL PA 254 86.83 -31.21 8.58
C VAL PA 254 87.20 -29.82 8.11
N VAL PA 255 86.24 -28.90 8.10
CA VAL PA 255 86.53 -27.55 7.64
C VAL PA 255 87.67 -26.97 8.47
N LEU PA 256 87.53 -27.04 9.79
CA LEU PA 256 88.54 -26.52 10.70
C LEU PA 256 89.81 -27.35 10.66
N THR PA 257 89.75 -28.58 10.12
CA THR PA 257 90.92 -29.42 9.96
C THR PA 257 91.70 -29.09 8.71
N VAL PA 258 90.99 -28.66 7.68
CA VAL PA 258 91.58 -28.29 6.42
C VAL PA 258 91.70 -26.78 6.33
N LEU PA 259 90.92 -26.04 7.10
CA LEU PA 259 91.01 -24.60 6.97
C LEU PA 259 92.17 -24.01 7.73
N LYS PA 260 92.98 -24.81 8.37
CA LYS PA 260 94.19 -24.30 9.01
C LYS PA 260 95.38 -24.41 8.09
N GLN PA 261 95.38 -25.36 7.18
CA GLN PA 261 96.49 -25.58 6.26
C GLN PA 261 96.12 -25.45 4.80
N ARG PA 262 94.96 -25.95 4.42
CA ARG PA 262 94.56 -26.13 3.03
C ARG PA 262 93.73 -24.95 2.53
N GLU PA 263 92.96 -25.21 1.48
CA GLU PA 263 92.15 -24.28 0.71
C GLU PA 263 91.88 -22.94 1.37
N ILE PA 264 92.15 -21.89 0.61
CA ILE PA 264 92.02 -20.51 1.00
C ILE PA 264 91.28 -19.80 -0.13
N GLN PA 265 91.14 -18.48 -0.02
CA GLN PA 265 90.45 -17.72 -1.06
C GLN PA 265 90.98 -18.00 -2.46
N ARG PA 266 92.18 -18.58 -2.60
CA ARG PA 266 92.70 -18.88 -3.92
C ARG PA 266 91.75 -19.74 -4.75
N GLN PA 267 90.82 -20.44 -4.09
CA GLN PA 267 90.00 -21.45 -4.75
C GLN PA 267 88.52 -21.10 -4.80
N ASP PA 268 87.91 -20.78 -3.66
CA ASP PA 268 86.51 -20.37 -3.64
C ASP PA 268 86.26 -19.23 -4.63
N PHE PA 269 85.33 -19.46 -5.55
CA PHE PA 269 84.99 -18.47 -6.56
C PHE PA 269 84.94 -17.06 -5.97
N THR PA 270 85.42 -16.10 -6.74
CA THR PA 270 85.29 -14.70 -6.37
C THR PA 270 83.94 -14.26 -6.88
N GLU PA 271 83.27 -13.38 -6.14
CA GLU PA 271 81.83 -13.28 -6.27
C GLU PA 271 81.43 -13.12 -7.73
N SER PA 272 80.84 -14.17 -8.30
CA SER PA 272 80.46 -14.16 -9.71
C SER PA 272 79.13 -13.45 -9.89
N LEU PA 273 78.08 -13.98 -9.25
CA LEU PA 273 76.81 -13.30 -9.10
C LEU PA 273 76.38 -13.33 -7.64
N GLY PA 274 77.34 -13.37 -6.72
CA GLY PA 274 77.10 -13.32 -5.29
C GLY PA 274 77.51 -14.57 -4.53
N ALA PA 275 77.58 -15.71 -5.20
CA ALA PA 275 77.91 -16.95 -4.53
C ALA PA 275 79.40 -17.02 -4.21
N PHE PA 276 79.76 -18.01 -3.39
CA PHE PA 276 81.14 -18.46 -3.22
C PHE PA 276 81.13 -19.97 -3.49
N ARG PA 277 81.21 -20.35 -4.75
CA ARG PA 277 81.31 -21.77 -5.06
C ARG PA 277 82.76 -22.21 -4.94
N LEU PA 278 82.97 -23.52 -5.03
CA LEU PA 278 84.29 -24.11 -4.91
C LEU PA 278 84.94 -24.27 -6.28
N THR PA 279 86.24 -24.55 -6.28
CA THR PA 279 86.96 -24.92 -7.48
C THR PA 279 86.82 -26.42 -7.70
N ASP PA 280 86.80 -26.83 -8.97
CA ASP PA 280 86.75 -28.26 -9.26
C ASP PA 280 88.02 -28.96 -8.79
N SER PA 281 89.15 -28.25 -8.79
CA SER PA 281 90.40 -28.80 -8.28
C SER PA 281 90.51 -28.64 -6.77
N ALA PA 282 89.65 -27.82 -6.16
CA ALA PA 282 89.51 -27.75 -4.71
C ALA PA 282 88.42 -28.68 -4.18
N THR PA 283 87.33 -28.84 -4.93
CA THR PA 283 86.31 -29.81 -4.56
C THR PA 283 86.91 -31.20 -4.37
N LYS PA 284 87.87 -31.57 -5.23
CA LYS PA 284 88.49 -32.89 -5.17
C LYS PA 284 89.42 -33.06 -3.98
N THR PA 285 89.95 -31.95 -3.44
CA THR PA 285 90.83 -32.01 -2.28
C THR PA 285 90.05 -32.15 -0.98
N PHE PA 286 88.84 -31.58 -0.92
CA PHE PA 286 88.02 -31.66 0.28
C PHE PA 286 87.90 -33.10 0.77
N LEU PA 287 87.64 -34.02 -0.15
CA LEU PA 287 87.31 -35.39 0.24
C LEU PA 287 88.53 -36.16 0.74
N GLY PA 288 89.72 -35.87 0.22
CA GLY PA 288 90.91 -36.60 0.66
C GLY PA 288 91.07 -36.63 2.16
N ALA PA 289 90.89 -35.48 2.81
CA ALA PA 289 90.85 -35.45 4.27
C ALA PA 289 89.52 -35.97 4.80
N PHE PA 290 88.47 -35.86 3.99
CA PHE PA 290 87.13 -36.24 4.45
C PHE PA 290 87.04 -37.74 4.71
N ASP PA 291 87.46 -38.57 3.76
CA ASP PA 291 87.39 -40.02 3.96
C ASP PA 291 88.41 -40.49 4.99
N ARG PA 292 89.52 -39.77 5.15
CA ARG PA 292 90.44 -40.06 6.24
C ARG PA 292 89.70 -40.01 7.58
N LYS PA 293 88.83 -39.01 7.75
CA LYS PA 293 88.06 -38.91 8.97
C LYS PA 293 87.27 -40.19 9.22
N LEU PA 294 86.69 -40.75 8.17
CA LEU PA 294 85.88 -41.95 8.29
C LEU PA 294 86.75 -43.20 8.36
N SER PA 295 87.80 -43.17 9.21
CA SER PA 295 88.64 -44.34 9.46
C SER PA 295 89.17 -44.37 10.89
N SER PA 296 88.45 -43.74 11.82
CA SER PA 296 88.93 -43.46 13.17
C SER PA 296 87.89 -43.83 14.22
N GLU PA 297 87.89 -43.10 15.34
CA GLU PA 297 86.93 -43.31 16.42
C GLU PA 297 87.20 -44.56 17.26
N PHE PA 298 88.24 -44.46 18.08
CA PHE PA 298 88.58 -45.45 19.08
C PHE PA 298 87.48 -45.70 20.11
N LYS PA 299 86.35 -45.02 19.99
CA LYS PA 299 85.27 -45.14 20.98
C LYS PA 299 85.90 -45.04 22.36
N HIS PA 300 86.49 -43.88 22.61
CA HIS PA 300 87.23 -43.53 23.81
C HIS PA 300 86.59 -44.09 25.08
N PRO PA 301 85.26 -44.18 25.17
CA PRO PA 301 84.66 -45.10 26.15
C PRO PA 301 84.84 -46.52 25.67
N ILE PA 302 85.56 -47.33 26.47
CA ILE PA 302 86.18 -48.58 26.05
C ILE PA 302 85.22 -49.48 25.26
N PHE PA 303 83.93 -49.16 25.31
CA PHE PA 303 82.88 -50.12 24.96
C PHE PA 303 83.12 -50.86 23.65
N ASN PA 304 83.73 -50.22 22.65
CA ASN PA 304 84.05 -50.96 21.42
C ASN PA 304 85.05 -50.19 20.57
N TYR PA 305 86.24 -50.77 20.43
CA TYR PA 305 87.28 -50.15 19.61
C TYR PA 305 86.88 -50.08 18.14
N LYS PA 306 86.59 -51.24 17.55
CA LYS PA 306 86.39 -51.33 16.11
C LYS PA 306 85.13 -50.59 15.68
N CYS PA 307 85.29 -49.32 15.35
CA CYS PA 307 84.21 -48.55 14.74
C CYS PA 307 84.73 -47.25 14.14
N THR PA 308 84.53 -47.07 12.84
CA THR PA 308 84.78 -45.79 12.19
C THR PA 308 83.50 -44.94 12.23
N TYR PA 309 83.66 -43.64 12.00
CA TYR PA 309 82.50 -42.76 11.90
C TYR PA 309 81.55 -43.25 10.81
N ARG PA 310 82.09 -43.56 9.63
CA ARG PA 310 81.28 -44.03 8.52
C ARG PA 310 80.35 -45.15 8.97
N ARG PA 311 80.86 -46.08 9.78
CA ARG PA 311 80.07 -47.20 10.26
C ARG PA 311 79.23 -46.80 11.46
N ALA PA 312 79.78 -45.98 12.35
CA ALA PA 312 79.08 -45.58 13.56
C ALA PA 312 77.66 -45.12 13.27
N ILE PA 313 77.44 -44.55 12.09
CA ILE PA 313 76.11 -44.05 11.73
C ILE PA 313 75.15 -45.22 11.56
N GLU PA 314 75.54 -46.22 10.75
CA GLU PA 314 74.75 -47.43 10.61
C GLU PA 314 74.31 -47.97 11.96
N LEU PA 315 75.16 -47.84 12.98
CA LEU PA 315 74.78 -48.33 14.30
C LEU PA 315 73.70 -47.46 14.91
N GLN PA 316 73.96 -46.15 15.01
CA GLN PA 316 72.98 -45.24 15.59
C GLN PA 316 71.63 -45.44 14.94
N ALA PA 317 71.60 -45.65 13.62
CA ALA PA 317 70.36 -45.99 12.94
C ALA PA 317 69.85 -47.34 13.42
N ARG PA 318 70.69 -48.39 13.34
CA ARG PA 318 70.30 -49.69 13.85
C ARG PA 318 69.98 -49.63 15.34
N LEU PA 319 70.80 -48.88 16.08
CA LEU PA 319 70.49 -48.64 17.49
C LEU PA 319 69.11 -48.03 17.64
N LEU PA 320 68.77 -47.10 16.76
CA LEU PA 320 67.47 -46.44 16.84
C LEU PA 320 66.34 -47.42 16.53
N ALA PA 321 66.53 -48.28 15.52
CA ALA PA 321 65.55 -49.31 15.23
C ALA PA 321 65.24 -50.16 16.45
N ARG PA 322 66.29 -50.59 17.16
CA ARG PA 322 66.07 -51.41 18.35
C ARG PA 322 65.36 -50.63 19.45
N HIS PA 323 65.60 -49.33 19.54
CA HIS PA 323 64.78 -48.49 20.41
C HIS PA 323 63.31 -48.63 20.05
N LEU PA 324 63.00 -48.93 18.78
CA LEU PA 324 61.66 -48.98 18.24
C LEU PA 324 61.11 -50.39 18.12
N GLN PA 325 61.94 -51.39 17.79
CA GLN PA 325 61.47 -52.76 17.66
C GLN PA 325 61.56 -53.50 18.98
N GLU PA 326 62.61 -53.23 19.73
CA GLU PA 326 62.88 -53.92 20.98
C GLU PA 326 62.63 -53.03 22.18
N GLY PA 327 62.43 -51.73 21.97
CA GLY PA 327 62.18 -50.80 23.06
C GLY PA 327 63.42 -50.34 23.78
N VAL PA 328 64.58 -50.46 23.15
CA VAL PA 328 65.87 -50.14 23.78
C VAL PA 328 66.05 -48.63 23.92
N VAL PA 329 67.04 -48.23 24.72
CA VAL PA 329 67.44 -46.83 24.83
C VAL PA 329 68.28 -46.43 23.62
N TYR PA 330 68.25 -45.15 23.30
CA TYR PA 330 69.12 -44.56 22.29
C TYR PA 330 70.03 -43.56 23.01
N GLU PA 331 71.18 -44.04 23.49
CA GLU PA 331 72.17 -43.16 24.09
C GLU PA 331 73.06 -42.65 22.96
N PRO PA 332 72.95 -41.39 22.56
CA PRO PA 332 73.66 -40.95 21.35
C PRO PA 332 75.16 -41.03 21.50
N LEU PA 333 75.82 -40.81 20.37
CA LEU PA 333 77.28 -40.89 20.28
C LEU PA 333 77.86 -39.49 20.45
N VAL PA 334 78.85 -39.37 21.34
CA VAL PA 334 79.47 -38.08 21.63
C VAL PA 334 80.99 -38.24 21.64
N ILE PA 335 81.68 -37.27 21.04
CA ILE PA 335 83.13 -37.28 20.89
C ILE PA 335 83.67 -38.68 20.65
N MET QA 12 55.18 -34.06 -63.17
CA MET QA 12 55.77 -34.87 -62.11
C MET QA 12 57.22 -35.17 -62.45
N SER QA 13 58.15 -34.38 -61.91
CA SER QA 13 59.57 -34.66 -62.05
C SER QA 13 60.04 -34.64 -63.52
N THR QA 14 60.18 -33.42 -64.06
CA THR QA 14 60.67 -33.28 -65.44
C THR QA 14 62.17 -33.03 -65.46
N LEU QA 15 62.80 -33.31 -66.61
CA LEU QA 15 64.25 -33.19 -66.77
C LEU QA 15 64.58 -32.14 -67.83
N TYR QA 16 65.57 -31.31 -67.54
CA TYR QA 16 66.02 -30.24 -68.40
C TYR QA 16 67.54 -30.31 -68.53
N LEU QA 17 68.06 -29.88 -69.68
CA LEU QA 17 69.50 -29.89 -69.90
C LEU QA 17 69.95 -28.63 -70.63
N THR QA 18 70.93 -27.96 -70.04
CA THR QA 18 71.50 -26.72 -70.56
C THR QA 18 72.90 -26.90 -71.12
N GLN QA 19 73.66 -27.87 -70.61
CA GLN QA 19 75.08 -27.94 -70.88
C GLN QA 19 75.30 -28.68 -72.19
N PRO QA 20 75.97 -28.08 -73.19
CA PRO QA 20 76.17 -28.79 -74.46
C PRO QA 20 77.31 -29.79 -74.50
N ASP QA 21 77.84 -30.18 -73.35
CA ASP QA 21 78.93 -31.17 -73.30
C ASP QA 21 78.54 -32.40 -72.50
N ALA QA 22 77.25 -32.63 -72.26
CA ALA QA 22 76.78 -33.70 -71.39
C ALA QA 22 76.25 -34.86 -72.21
N VAL QA 23 76.71 -36.07 -71.88
CA VAL QA 23 76.29 -37.31 -72.54
C VAL QA 23 75.50 -38.17 -71.58
N LEU QA 24 74.42 -38.77 -72.09
CA LEU QA 24 73.60 -39.70 -71.32
C LEU QA 24 73.80 -41.11 -71.87
N SER QA 25 74.19 -42.03 -71.00
CA SER QA 25 74.34 -43.45 -71.31
C SER QA 25 73.46 -44.25 -70.37
N LYS QA 26 73.31 -45.53 -70.69
CA LYS QA 26 72.51 -46.45 -69.89
C LYS QA 26 73.39 -47.42 -69.11
N LYS QA 27 73.10 -47.59 -67.83
CA LYS QA 27 73.73 -48.65 -67.04
C LYS QA 27 72.64 -49.60 -66.57
N HIS QA 28 72.22 -50.46 -67.48
CA HIS QA 28 71.29 -51.56 -67.25
C HIS QA 28 69.89 -51.18 -66.77
N GLU QA 29 69.68 -49.98 -66.22
CA GLU QA 29 68.33 -49.49 -66.03
C GLU QA 29 68.19 -47.98 -65.91
N ALA QA 30 69.30 -47.23 -66.01
CA ALA QA 30 69.25 -45.83 -65.65
C ALA QA 30 70.30 -45.02 -66.40
N PHE QA 31 70.19 -43.70 -66.26
CA PHE QA 31 70.99 -42.74 -67.02
C PHE QA 31 72.23 -42.30 -66.25
N HIS QA 32 73.27 -41.92 -66.99
CA HIS QA 32 74.50 -41.37 -66.41
C HIS QA 32 74.95 -40.16 -67.22
N VAL QA 33 75.00 -39.00 -66.58
CA VAL QA 33 75.48 -37.75 -67.19
C VAL QA 33 76.97 -37.57 -66.90
N ALA QA 34 77.72 -37.07 -67.87
CA ALA QA 34 79.17 -36.86 -67.77
C ALA QA 34 79.46 -35.39 -68.08
N LEU QA 35 79.71 -34.60 -67.03
CA LEU QA 35 79.86 -33.14 -67.13
C LEU QA 35 81.30 -32.61 -67.08
N LYS QA 36 82.07 -32.97 -66.05
CA LYS QA 36 83.37 -32.35 -65.77
C LYS QA 36 84.16 -31.95 -67.00
N GLN QA 37 84.11 -32.76 -68.06
CA GLN QA 37 84.74 -32.45 -69.33
C GLN QA 37 86.27 -32.37 -69.17
N GLU QA 38 86.84 -33.49 -68.73
CA GLU QA 38 88.27 -33.77 -68.88
C GLU QA 38 89.16 -32.89 -68.02
N ASP QA 39 88.66 -32.49 -66.84
CA ASP QA 39 89.51 -32.12 -65.72
C ASP QA 39 89.55 -33.23 -64.68
N GLY QA 40 89.26 -34.45 -65.10
CA GLY QA 40 89.05 -35.58 -64.22
C GLY QA 40 88.48 -36.74 -65.00
N SER QA 41 87.37 -37.32 -64.54
CA SER QA 41 86.71 -38.43 -65.22
C SER QA 41 85.34 -38.06 -65.75
N TRP QA 42 85.10 -36.77 -66.01
CA TRP QA 42 83.87 -36.22 -66.57
C TRP QA 42 82.74 -36.10 -65.54
N LYS QA 43 82.97 -36.37 -64.26
CA LYS QA 43 81.94 -36.27 -63.22
C LYS QA 43 80.63 -36.90 -63.70
N LYS QA 44 80.69 -38.23 -63.83
CA LYS QA 44 79.56 -39.02 -64.30
C LYS QA 44 78.47 -39.11 -63.23
N GLN QA 45 77.36 -38.38 -63.45
CA GLN QA 45 76.27 -38.25 -62.49
C GLN QA 45 75.04 -39.06 -62.90
N PRO QA 46 74.61 -40.03 -62.08
CA PRO QA 46 73.44 -40.85 -62.44
C PRO QA 46 72.11 -40.12 -62.35
N ILE QA 47 71.14 -40.65 -63.10
CA ILE QA 47 69.78 -40.11 -63.13
C ILE QA 47 68.76 -41.25 -63.28
N PRO QA 48 67.61 -41.20 -62.61
CA PRO QA 48 66.55 -42.19 -62.88
C PRO QA 48 65.66 -41.77 -64.03
N ALA QA 49 64.99 -42.78 -64.63
CA ALA QA 49 64.03 -42.51 -65.69
C ALA QA 49 62.67 -43.14 -65.45
N GLN QA 50 62.65 -44.26 -64.73
CA GLN QA 50 61.39 -44.94 -64.39
C GLN QA 50 60.41 -44.04 -63.65
N THR QA 51 60.81 -42.83 -63.24
CA THR QA 51 59.91 -41.87 -62.66
C THR QA 51 59.49 -40.74 -63.59
N LEU QA 52 60.19 -40.55 -64.70
CA LEU QA 52 60.06 -39.34 -65.50
C LEU QA 52 58.92 -39.43 -66.51
N GLU QA 53 58.41 -38.25 -66.90
CA GLU QA 53 57.40 -38.17 -67.94
C GLU QA 53 57.69 -37.16 -69.04
N ASP QA 54 58.84 -36.47 -69.02
CA ASP QA 54 59.15 -35.52 -70.07
C ASP QA 54 60.61 -35.08 -69.96
N ILE QA 55 61.20 -34.73 -71.11
CA ILE QA 55 62.57 -34.23 -71.19
C ILE QA 55 62.67 -33.04 -72.14
N VAL QA 56 63.63 -32.15 -71.86
CA VAL QA 56 63.88 -30.95 -72.66
C VAL QA 56 65.39 -30.77 -72.82
N LEU QA 57 65.86 -30.67 -74.06
CA LEU QA 57 67.27 -30.45 -74.38
C LEU QA 57 67.46 -29.15 -75.14
N LEU QA 58 68.35 -28.28 -74.63
CA LEU QA 58 68.54 -26.94 -75.16
C LEU QA 58 69.82 -26.76 -75.97
N GLY QA 59 70.98 -27.03 -75.37
CA GLY QA 59 72.25 -26.79 -76.04
C GLY QA 59 72.69 -27.85 -77.03
N TYR QA 60 71.75 -28.64 -77.53
CA TYR QA 60 72.07 -29.66 -78.51
C TYR QA 60 73.15 -30.58 -77.95
N PRO QA 61 72.93 -31.16 -76.76
CA PRO QA 61 73.93 -32.07 -76.17
C PRO QA 61 73.94 -33.45 -76.82
N SER QA 62 75.01 -34.18 -76.55
CA SER QA 62 75.18 -35.53 -77.03
C SER QA 62 74.38 -36.54 -76.20
N ILE QA 63 73.92 -37.60 -76.87
CA ILE QA 63 73.11 -38.63 -76.25
C ILE QA 63 73.55 -40.00 -76.74
N THR QA 64 73.48 -41.00 -75.87
CA THR QA 64 73.64 -42.39 -76.30
C THR QA 64 72.37 -42.82 -77.02
N GLY QA 65 72.53 -43.32 -78.26
CA GLY QA 65 71.39 -43.91 -78.95
C GLY QA 65 70.87 -45.15 -78.26
N GLU QA 66 71.77 -45.99 -77.74
CA GLU QA 66 71.34 -47.17 -77.00
C GLU QA 66 70.47 -46.80 -75.80
N ALA QA 67 70.60 -45.57 -75.31
CA ALA QA 67 69.79 -45.08 -74.20
C ALA QA 67 68.44 -44.57 -74.68
N LEU QA 68 68.43 -43.93 -75.85
CA LEU QA 68 67.20 -43.34 -76.39
C LEU QA 68 66.09 -44.37 -76.50
N GLY QA 69 66.39 -45.53 -77.07
CA GLY QA 69 65.40 -46.60 -77.20
C GLY QA 69 64.78 -47.06 -75.90
N TYR QA 70 65.38 -46.74 -74.75
CA TYR QA 70 64.77 -47.09 -73.49
C TYR QA 70 63.74 -46.06 -73.03
N ALA QA 71 63.85 -44.81 -73.49
CA ALA QA 71 62.86 -43.81 -73.12
C ALA QA 71 61.52 -44.12 -73.80
N LEU QA 72 61.57 -44.65 -75.02
CA LEU QA 72 60.37 -44.95 -75.77
C LEU QA 72 59.84 -46.33 -75.45
N GLU QA 73 60.62 -47.15 -74.74
CA GLU QA 73 60.12 -48.35 -74.08
C GLU QA 73 59.38 -48.02 -72.78
N LEU QA 74 59.30 -46.73 -72.43
CA LEU QA 74 58.71 -46.29 -71.18
C LEU QA 74 57.70 -45.17 -71.38
N GLY QA 75 57.62 -44.58 -72.58
CA GLY QA 75 56.67 -43.52 -72.86
C GLY QA 75 57.24 -42.15 -72.58
N LEU QA 76 58.52 -41.94 -72.88
CA LEU QA 76 59.17 -40.67 -72.57
C LEU QA 76 59.49 -39.89 -73.84
N PRO QA 77 58.73 -38.84 -74.17
CA PRO QA 77 59.10 -38.00 -75.30
C PRO QA 77 60.40 -37.28 -75.03
N VAL QA 78 61.11 -36.95 -76.09
CA VAL QA 78 62.36 -36.19 -76.00
C VAL QA 78 62.21 -34.95 -76.88
N HIS QA 79 62.38 -33.79 -76.29
CA HIS QA 79 62.16 -32.51 -76.95
C HIS QA 79 63.49 -31.77 -77.07
N TYR QA 80 63.65 -31.05 -78.18
CA TYR QA 80 64.89 -30.38 -78.52
C TYR QA 80 64.68 -28.88 -78.67
N LEU QA 81 65.61 -28.11 -78.09
CA LEU QA 81 65.58 -26.67 -78.19
C LEU QA 81 67.00 -26.17 -78.44
N THR QA 82 67.14 -24.85 -78.49
CA THR QA 82 68.41 -24.16 -78.63
C THR QA 82 68.68 -23.34 -77.38
N GLN QA 83 69.95 -22.93 -77.22
CA GLN QA 83 70.31 -22.08 -76.09
C GLN QA 83 69.29 -20.95 -75.90
N PHE QA 84 68.71 -20.46 -77.00
CA PHE QA 84 67.73 -19.39 -76.95
C PHE QA 84 66.35 -19.84 -76.53
N GLY QA 85 66.03 -21.12 -76.70
CA GLY QA 85 64.72 -21.65 -76.36
C GLY QA 85 63.85 -21.91 -77.56
N LYS QA 86 64.36 -21.71 -78.78
CA LYS QA 86 63.56 -21.96 -79.96
C LYS QA 86 63.29 -23.45 -80.11
N TYR QA 87 62.05 -23.79 -80.47
CA TYR QA 87 61.68 -25.17 -80.66
C TYR QA 87 62.13 -25.59 -82.06
N VAL QA 88 62.72 -26.78 -82.15
CA VAL QA 88 63.19 -27.31 -83.42
C VAL QA 88 62.50 -28.63 -83.77
N GLY QA 89 62.31 -29.50 -82.81
CA GLY QA 89 61.70 -30.79 -83.09
C GLY QA 89 61.70 -31.66 -81.86
N SER QA 90 61.03 -32.81 -81.99
CA SER QA 90 60.95 -33.77 -80.90
C SER QA 90 60.86 -35.17 -81.47
N ALA QA 91 61.40 -36.13 -80.73
CA ALA QA 91 61.40 -37.54 -81.11
C ALA QA 91 60.39 -38.25 -80.24
N LEU QA 92 59.38 -38.87 -80.87
CA LEU QA 92 58.24 -39.35 -80.11
C LEU QA 92 58.15 -40.87 -80.06
N PRO QA 93 57.57 -41.40 -78.97
CA PRO QA 93 57.42 -42.85 -78.78
C PRO QA 93 56.23 -43.45 -79.51
N SER QA 94 55.94 -44.71 -79.20
CA SER QA 94 54.80 -45.41 -79.82
C SER QA 94 53.55 -44.55 -79.76
N GLU QA 95 52.89 -44.44 -80.90
CA GLU QA 95 51.81 -43.49 -81.12
C GLU QA 95 50.47 -44.12 -80.74
N SER QA 96 49.38 -43.49 -81.17
CA SER QA 96 48.04 -44.00 -81.00
C SER QA 96 47.58 -44.59 -82.32
N ARG QA 97 46.68 -45.56 -82.24
CA ARG QA 97 46.26 -46.30 -83.42
C ARG QA 97 44.83 -45.98 -83.82
N ASN QA 98 44.36 -44.79 -83.51
CA ASN QA 98 42.98 -44.42 -83.82
C ASN QA 98 42.97 -43.56 -85.08
N GLY QA 99 42.88 -44.23 -86.24
CA GLY QA 99 42.71 -43.53 -87.49
C GLY QA 99 41.35 -42.86 -87.58
N GLN QA 100 40.30 -43.59 -87.17
CA GLN QA 100 38.95 -43.03 -87.16
C GLN QA 100 38.95 -41.64 -86.58
N LEU QA 101 39.75 -41.43 -85.53
CA LEU QA 101 39.91 -40.11 -84.95
C LEU QA 101 40.49 -39.14 -85.98
N ARG QA 102 41.67 -39.48 -86.49
CA ARG QA 102 42.39 -38.61 -87.42
C ARG QA 102 41.57 -38.34 -88.66
N LEU QA 103 40.64 -39.23 -89.01
CA LEU QA 103 39.72 -38.94 -90.09
C LEU QA 103 38.78 -37.80 -89.70
N ALA QA 104 38.11 -37.93 -88.55
CA ALA QA 104 37.23 -36.87 -88.08
C ALA QA 104 38.00 -35.56 -87.95
N GLN QA 105 39.22 -35.64 -87.41
CA GLN QA 105 40.12 -34.49 -87.45
C GLN QA 105 40.20 -33.93 -88.86
N PHE QA 106 40.14 -34.79 -89.88
CA PHE QA 106 40.11 -34.37 -91.28
C PHE QA 106 38.70 -34.27 -91.84
N ARG QA 107 37.88 -35.31 -91.66
CA ARG QA 107 36.47 -35.22 -92.07
C ARG QA 107 35.86 -33.92 -91.57
N ALA QA 108 36.38 -33.38 -90.46
CA ALA QA 108 35.96 -32.09 -89.93
C ALA QA 108 36.73 -30.90 -90.49
N HIS QA 109 37.97 -31.12 -90.94
CA HIS QA 109 38.77 -30.01 -91.45
C HIS QA 109 38.23 -29.44 -92.76
N GLU QA 110 37.60 -30.27 -93.58
CA GLU QA 110 37.07 -29.82 -94.86
C GLU QA 110 35.61 -29.37 -94.79
N ASP QA 111 34.96 -29.50 -93.65
CA ASP QA 111 33.64 -28.91 -93.46
C ASP QA 111 33.80 -27.61 -92.69
N PRO QA 112 33.97 -26.46 -93.36
CA PRO QA 112 34.28 -25.24 -92.61
C PRO QA 112 33.21 -24.88 -91.61
N ILE QA 113 31.95 -25.22 -91.90
CA ILE QA 113 30.86 -24.93 -90.97
C ILE QA 113 31.15 -25.59 -89.63
N GLN QA 114 31.71 -26.79 -89.66
CA GLN QA 114 32.17 -27.44 -88.44
C GLN QA 114 33.46 -26.77 -87.95
N ARG QA 115 34.40 -26.55 -88.86
CA ARG QA 115 35.64 -25.85 -88.52
C ARG QA 115 35.35 -24.55 -87.78
N LEU QA 116 34.32 -23.83 -88.20
CA LEU QA 116 33.99 -22.55 -87.58
C LEU QA 116 33.45 -22.75 -86.16
N ASP QA 117 32.42 -23.57 -86.00
CA ASP QA 117 31.80 -23.78 -84.69
C ASP QA 117 32.82 -24.18 -83.63
N ILE QA 118 34.02 -24.59 -84.07
CA ILE QA 118 35.08 -24.93 -83.13
C ILE QA 118 36.02 -23.76 -82.88
N VAL QA 119 36.57 -23.19 -83.94
CA VAL QA 119 37.58 -22.14 -83.78
C VAL QA 119 37.03 -20.97 -82.96
N LYS QA 120 35.75 -20.65 -83.15
CA LYS QA 120 35.15 -19.60 -82.33
C LYS QA 120 35.29 -19.92 -80.85
N ALA QA 121 35.35 -21.20 -80.49
CA ALA QA 121 35.51 -21.59 -79.10
C ALA QA 121 36.94 -21.36 -78.63
N PHE QA 122 37.92 -21.79 -79.43
CA PHE QA 122 39.32 -21.54 -79.09
C PHE QA 122 39.53 -20.05 -78.78
N VAL QA 123 38.95 -19.18 -79.62
CA VAL QA 123 39.14 -17.75 -79.44
C VAL QA 123 38.32 -17.23 -78.27
N LYS QA 124 37.04 -17.57 -78.23
CA LYS QA 124 36.24 -17.28 -77.04
C LYS QA 124 36.95 -17.79 -75.79
N GLY QA 125 37.56 -18.97 -75.89
CA GLY QA 125 38.32 -19.52 -74.79
C GLY QA 125 39.71 -18.97 -74.64
N LYS QA 126 40.15 -18.16 -75.60
CA LYS QA 126 41.48 -17.55 -75.56
C LYS QA 126 41.47 -16.09 -75.11
N VAL QA 127 40.63 -15.25 -75.73
CA VAL QA 127 40.69 -13.82 -75.43
C VAL QA 127 40.10 -13.53 -74.06
N HIS QA 128 38.96 -14.15 -73.73
CA HIS QA 128 38.44 -14.05 -72.38
C HIS QA 128 39.52 -14.48 -71.39
N ASN QA 129 40.36 -15.42 -71.77
CA ASN QA 129 41.52 -15.78 -70.96
C ASN QA 129 42.49 -14.61 -70.85
N GLN QA 130 42.57 -13.77 -71.90
CA GLN QA 130 43.45 -12.60 -71.86
C GLN QA 130 42.88 -11.49 -71.01
N TYR QA 131 41.66 -11.04 -71.33
CA TYR QA 131 41.03 -10.00 -70.53
C TYR QA 131 40.93 -10.39 -69.07
N ASN QA 132 40.54 -11.64 -68.81
CA ASN QA 132 40.48 -12.11 -67.43
C ASN QA 132 41.87 -12.24 -66.81
N LEU QA 133 42.93 -12.14 -67.61
CA LEU QA 133 44.28 -12.03 -67.05
C LEU QA 133 44.59 -10.59 -66.65
N LEU QA 134 44.34 -9.64 -67.56
CA LEU QA 134 44.66 -8.25 -67.27
C LEU QA 134 43.92 -7.75 -66.04
N TYR QA 135 42.74 -8.31 -65.77
CA TYR QA 135 42.06 -8.03 -64.52
C TYR QA 135 42.79 -8.68 -63.34
N ARG QA 136 43.46 -9.82 -63.56
CA ARG QA 136 44.35 -10.36 -62.54
C ARG QA 136 45.50 -9.39 -62.26
N ARG QA 137 46.09 -8.84 -63.32
CA ARG QA 137 47.22 -7.92 -63.19
C ARG QA 137 46.81 -6.50 -62.86
N GLY QA 138 45.52 -6.17 -62.90
CA GLY QA 138 45.08 -4.81 -62.68
C GLY QA 138 45.15 -3.86 -63.85
N GLN QA 139 44.19 -4.00 -64.77
CA GLN QA 139 44.07 -3.15 -65.95
C GLN QA 139 42.60 -2.78 -66.10
N VAL QA 140 42.34 -1.48 -66.26
CA VAL QA 140 40.98 -0.96 -66.27
C VAL QA 140 40.12 -1.56 -67.38
N ASP QA 141 40.45 -1.25 -68.64
CA ASP QA 141 39.57 -1.65 -69.73
C ASP QA 141 40.24 -2.62 -70.71
N ASN QA 142 41.30 -2.20 -71.39
CA ASN QA 142 41.89 -2.99 -72.47
C ASN QA 142 40.76 -3.69 -73.22
N PRO QA 143 39.98 -2.96 -74.01
CA PRO QA 143 38.62 -3.41 -74.32
C PRO QA 143 38.58 -4.70 -75.14
N LEU QA 144 38.80 -5.83 -74.47
CA LEU QA 144 38.71 -7.13 -75.13
C LEU QA 144 37.34 -7.76 -74.97
N LYS QA 145 36.75 -7.65 -73.77
CA LYS QA 145 35.39 -8.12 -73.54
C LYS QA 145 34.50 -7.83 -74.75
N GLY QA 146 34.59 -6.60 -75.26
CA GLY QA 146 33.87 -6.26 -76.48
C GLY QA 146 34.41 -7.01 -77.67
N ARG QA 147 35.72 -7.30 -77.66
CA ARG QA 147 36.37 -8.07 -78.71
C ARG QA 147 36.14 -9.57 -78.54
N GLY QA 148 35.32 -9.98 -77.58
CA GLY QA 148 34.93 -11.36 -77.47
C GLY QA 148 33.53 -11.57 -77.99
N LYS QA 149 32.59 -10.72 -77.57
CA LYS QA 149 31.22 -10.88 -78.06
C LYS QA 149 31.15 -10.62 -79.55
N LEU QA 150 32.11 -9.87 -80.09
CA LEU QA 150 32.32 -9.66 -81.51
C LEU QA 150 32.73 -10.93 -82.25
N VAL QA 151 33.04 -12.02 -81.55
CA VAL QA 151 33.57 -13.20 -82.21
C VAL QA 151 32.44 -14.01 -82.84
N MET QA 152 31.43 -14.35 -82.04
CA MET QA 152 30.32 -15.11 -82.58
C MET QA 152 29.66 -14.42 -83.77
N ARG QA 153 29.68 -13.08 -83.83
CA ARG QA 153 29.01 -12.43 -84.94
C ARG QA 153 29.82 -12.44 -86.22
N GLN QA 154 30.78 -13.34 -86.35
CA GLN QA 154 31.46 -13.53 -87.61
C GLN QA 154 31.16 -14.94 -88.06
N GLN QA 155 31.32 -15.18 -89.36
CA GLN QA 155 30.90 -16.45 -89.93
C GLN QA 155 31.91 -17.00 -90.93
N THR QA 156 33.15 -16.56 -90.86
CA THR QA 156 34.19 -17.11 -91.72
C THR QA 156 35.49 -17.13 -90.94
N LEU QA 157 36.50 -17.68 -91.57
CA LEU QA 157 37.82 -17.83 -90.97
C LEU QA 157 38.66 -16.59 -91.17
N GLU QA 158 38.81 -16.12 -92.41
CA GLU QA 158 39.60 -14.92 -92.67
C GLU QA 158 39.11 -13.73 -91.87
N GLN QA 159 37.78 -13.65 -91.66
CA GLN QA 159 37.24 -12.59 -90.81
C GLN QA 159 37.79 -12.65 -89.40
N VAL QA 160 37.97 -13.86 -88.88
CA VAL QA 160 38.28 -14.02 -87.48
C VAL QA 160 39.77 -13.85 -87.26
N ARG QA 161 40.56 -14.44 -88.13
CA ARG QA 161 41.99 -14.46 -87.95
C ARG QA 161 42.61 -13.07 -87.91
N GLY QA 162 42.14 -12.16 -88.74
CA GLY QA 162 42.60 -10.79 -88.59
C GLY QA 162 42.22 -10.21 -87.26
N ILE QA 163 41.17 -10.77 -86.64
CA ILE QA 163 40.67 -10.25 -85.37
C ILE QA 163 41.56 -10.67 -84.21
N GLU QA 164 41.89 -11.97 -84.09
CA GLU QA 164 42.77 -12.39 -83.00
C GLU QA 164 44.07 -11.62 -83.03
N GLY QA 165 44.64 -11.43 -84.23
CA GLY QA 165 45.83 -10.61 -84.36
C GLY QA 165 45.56 -9.20 -83.90
N LEU QA 166 44.34 -8.70 -84.12
CA LEU QA 166 43.98 -7.38 -83.61
C LEU QA 166 43.94 -7.39 -82.09
N ALA QA 167 43.17 -8.30 -81.50
CA ALA QA 167 43.05 -8.36 -80.05
C ALA QA 167 44.42 -8.53 -79.39
N ALA QA 168 45.31 -9.30 -80.03
CA ALA QA 168 46.66 -9.46 -79.49
C ALA QA 168 47.39 -8.12 -79.50
N ARG QA 169 47.29 -7.38 -80.60
CA ARG QA 169 47.88 -6.05 -80.65
C ARG QA 169 47.30 -5.15 -79.58
N GLU QA 170 46.00 -5.27 -79.32
CA GLU QA 170 45.38 -4.61 -78.18
C GLU QA 170 45.88 -5.19 -76.87
N TYR QA 171 46.34 -6.43 -76.89
CA TYR QA 171 46.87 -7.10 -75.70
C TYR QA 171 48.32 -6.72 -75.46
N PHE QA 172 49.10 -6.54 -76.53
CA PHE QA 172 50.51 -6.19 -76.41
C PHE QA 172 50.77 -4.69 -76.31
N ALA QA 173 49.91 -3.84 -76.87
CA ALA QA 173 50.12 -2.41 -76.69
C ALA QA 173 49.79 -1.96 -75.27
N SER QA 174 49.06 -2.80 -74.53
CA SER QA 174 48.71 -2.58 -73.13
C SER QA 174 49.73 -3.19 -72.18
N TRP QA 175 50.95 -3.42 -72.68
CA TRP QA 175 51.97 -4.20 -72.00
C TRP QA 175 52.93 -3.34 -71.20
N GLN QA 176 53.48 -2.29 -71.81
CA GLN QA 176 54.38 -1.38 -71.13
C GLN QA 176 53.81 -0.86 -69.82
N GLU QA 177 52.55 -0.41 -69.84
CA GLU QA 177 51.92 0.11 -68.63
C GLU QA 177 51.84 -0.95 -67.53
N MET QA 178 51.78 -2.22 -67.90
CA MET QA 178 51.67 -3.31 -66.95
C MET QA 178 53.04 -3.76 -66.45
N LEU QA 179 54.10 -3.47 -67.21
CA LEU QA 179 55.46 -3.86 -66.85
C LEU QA 179 56.09 -2.88 -65.88
N GLY QA 180 56.19 -1.61 -66.28
CA GLY QA 180 56.88 -0.57 -65.54
C GLY QA 180 57.85 0.16 -66.44
N HIS QA 181 58.85 0.79 -65.83
CA HIS QA 181 59.79 1.62 -66.57
C HIS QA 181 61.14 0.97 -66.83
N GLU QA 182 61.51 -0.04 -66.04
CA GLU QA 182 62.82 -0.67 -66.23
C GLU QA 182 62.91 -1.36 -67.59
N TRP QA 183 61.79 -1.84 -68.10
CA TRP QA 183 61.74 -2.56 -69.35
C TRP QA 183 60.93 -1.78 -70.37
N THR QA 184 61.06 -2.19 -71.63
CA THR QA 184 60.40 -1.53 -72.73
C THR QA 184 59.68 -2.56 -73.59
N PHE QA 185 58.44 -2.27 -73.96
CA PHE QA 185 57.72 -3.13 -74.88
C PHE QA 185 56.81 -2.29 -75.75
N THR QA 186 57.04 -2.34 -77.06
CA THR QA 186 56.14 -1.77 -78.05
C THR QA 186 55.38 -2.84 -78.79
N GLY QA 187 56.04 -3.94 -79.16
CA GLY QA 187 55.38 -5.03 -79.87
C GLY QA 187 56.19 -6.31 -79.83
N ARG QA 188 55.60 -7.35 -80.39
CA ARG QA 188 56.22 -8.67 -80.53
C ARG QA 188 56.54 -8.85 -82.01
N PHE QA 189 57.71 -9.42 -82.27
CA PHE QA 189 58.29 -9.45 -83.61
C PHE QA 189 58.33 -10.87 -84.18
N ARG QA 190 57.77 -11.03 -85.37
CA ARG QA 190 57.89 -12.31 -86.06
C ARG QA 190 59.36 -12.60 -86.35
N ARG QA 191 60.14 -11.56 -86.63
CA ARG QA 191 61.57 -11.62 -86.83
C ARG QA 191 62.19 -12.13 -85.53
N PRO QA 192 63.50 -12.29 -85.45
CA PRO QA 192 64.10 -12.84 -84.23
C PRO QA 192 63.96 -11.86 -83.09
N PRO QA 193 64.54 -12.16 -81.93
CA PRO QA 193 64.32 -11.25 -80.78
C PRO QA 193 65.14 -9.96 -80.82
N THR QA 194 64.77 -9.07 -81.75
CA THR QA 194 65.32 -7.72 -81.74
C THR QA 194 65.10 -7.06 -80.39
N ASP QA 195 64.12 -7.55 -79.61
CA ASP QA 195 63.77 -7.15 -78.25
C ASP QA 195 64.08 -8.28 -77.27
N PRO QA 196 64.57 -7.97 -76.07
CA PRO QA 196 64.86 -9.06 -75.12
C PRO QA 196 63.65 -9.90 -74.74
N VAL QA 197 62.55 -9.24 -74.33
CA VAL QA 197 61.38 -9.96 -73.85
C VAL QA 197 60.89 -10.93 -74.92
N ASN QA 198 60.76 -10.44 -76.15
CA ASN QA 198 60.40 -11.30 -77.27
C ASN QA 198 61.29 -12.53 -77.33
N ALA QA 199 62.55 -12.41 -76.88
CA ALA QA 199 63.41 -13.59 -76.80
C ALA QA 199 62.97 -14.49 -75.65
N LEU QA 200 62.56 -13.88 -74.53
CA LEU QA 200 62.08 -14.66 -73.41
C LEU QA 200 60.78 -15.37 -73.74
N LEU QA 201 59.92 -14.72 -74.51
CA LEU QA 201 58.67 -15.35 -74.95
C LEU QA 201 58.95 -16.42 -75.98
N SER QA 202 59.75 -16.11 -77.00
CA SER QA 202 60.24 -17.13 -77.91
C SER QA 202 60.85 -18.30 -77.15
N PHE QA 203 61.34 -18.05 -75.94
CA PHE QA 203 61.82 -19.13 -75.09
C PHE QA 203 60.64 -19.92 -74.52
N GLY QA 204 59.73 -19.24 -73.83
CA GLY QA 204 58.59 -19.93 -73.24
C GLY QA 204 57.60 -20.43 -74.27
N TYR QA 205 57.19 -19.56 -75.19
CA TYR QA 205 56.27 -20.01 -76.25
C TYR QA 205 56.86 -21.13 -77.08
N GLY QA 206 58.18 -21.21 -77.18
CA GLY QA 206 58.80 -22.26 -77.96
C GLY QA 206 58.82 -23.59 -77.23
N LEU QA 207 59.22 -23.55 -75.96
CA LEU QA 207 59.19 -24.76 -75.15
C LEU QA 207 57.78 -25.12 -74.71
N LEU QA 208 56.76 -24.33 -75.03
CA LEU QA 208 55.40 -24.75 -74.71
C LEU QA 208 54.96 -25.89 -75.60
N ARG QA 209 55.40 -25.91 -76.86
CA ARG QA 209 55.13 -27.03 -77.74
C ARG QA 209 55.52 -28.35 -77.11
N THR QA 210 56.50 -28.36 -76.20
CA THR QA 210 57.02 -29.62 -75.68
C THR QA 210 55.92 -30.41 -74.98
N GLN QA 211 55.21 -29.77 -74.05
CA GLN QA 211 54.14 -30.46 -73.34
C GLN QA 211 52.89 -30.62 -74.20
N VAL QA 212 52.71 -29.72 -75.17
CA VAL QA 212 51.57 -29.82 -76.07
C VAL QA 212 51.82 -30.85 -77.16
N THR QA 213 52.99 -30.80 -77.79
CA THR QA 213 53.34 -31.79 -78.80
C THR QA 213 53.23 -33.21 -78.26
N ALA QA 214 53.22 -33.37 -76.94
CA ALA QA 214 53.06 -34.67 -76.32
C ALA QA 214 51.60 -35.06 -76.16
N ALA QA 215 50.77 -34.13 -75.66
CA ALA QA 215 49.36 -34.46 -75.42
C ALA QA 215 48.68 -34.98 -76.68
N VAL QA 216 49.01 -34.39 -77.83
CA VAL QA 216 48.40 -34.83 -79.08
C VAL QA 216 48.82 -36.26 -79.38
N HIS QA 217 50.11 -36.56 -79.21
CA HIS QA 217 50.59 -37.91 -79.44
C HIS QA 217 49.93 -38.91 -78.52
N ILE QA 218 49.41 -38.45 -77.39
CA ILE QA 218 48.64 -39.32 -76.49
C ILE QA 218 47.23 -39.52 -77.03
N ALA QA 219 46.59 -38.45 -77.50
CA ALA QA 219 45.27 -38.53 -78.09
C ALA QA 219 45.30 -39.08 -79.51
N GLY QA 220 46.49 -39.30 -80.08
CA GLY QA 220 46.60 -39.80 -81.43
C GLY QA 220 46.31 -38.79 -82.52
N LEU QA 221 46.28 -37.51 -82.19
CA LEU QA 221 45.93 -36.50 -83.18
C LEU QA 221 47.08 -36.28 -84.16
N ASP QA 222 46.71 -35.86 -85.37
CA ASP QA 222 47.68 -35.45 -86.37
C ASP QA 222 47.98 -33.97 -86.17
N PRO QA 223 49.16 -33.61 -85.64
CA PRO QA 223 49.41 -32.18 -85.38
C PRO QA 223 49.34 -31.33 -86.63
N TYR QA 224 49.64 -31.88 -87.79
CA TYR QA 224 49.73 -31.12 -89.03
C TYR QA 224 48.36 -30.75 -89.60
N ILE QA 225 47.26 -31.19 -88.97
CA ILE QA 225 45.92 -30.86 -89.42
C ILE QA 225 45.25 -30.04 -88.33
N GLY QA 226 45.06 -28.75 -88.59
CA GLY QA 226 44.44 -27.87 -87.63
C GLY QA 226 43.23 -27.15 -88.17
N PHE QA 227 42.71 -26.20 -87.39
CA PHE QA 227 41.52 -25.44 -87.77
C PHE QA 227 41.83 -23.98 -88.03
N LEU QA 228 42.85 -23.42 -87.36
CA LEU QA 228 43.31 -22.07 -87.62
C LEU QA 228 44.46 -22.00 -88.62
N HIS QA 229 45.59 -22.60 -88.28
CA HIS QA 229 46.77 -22.57 -89.16
C HIS QA 229 46.54 -23.57 -90.29
N GLU QA 230 46.12 -23.08 -91.45
CA GLU QA 230 45.97 -23.98 -92.58
C GLU QA 230 47.34 -24.53 -92.92
N THR QA 231 47.46 -25.85 -92.98
CA THR QA 231 48.77 -26.49 -93.10
C THR QA 231 49.25 -26.38 -94.54
N THR QA 232 49.74 -25.18 -94.88
CA THR QA 232 50.34 -24.93 -96.19
C THR QA 232 51.67 -24.20 -96.06
N ARG QA 233 52.17 -24.00 -94.85
CA ARG QA 233 53.52 -23.49 -94.60
C ARG QA 233 54.39 -24.59 -93.99
N GLY QA 234 53.91 -25.82 -93.98
CA GLY QA 234 54.58 -26.93 -93.31
C GLY QA 234 54.71 -26.77 -91.82
N GLN QA 235 53.80 -26.04 -91.18
CA GLN QA 235 53.79 -25.89 -89.72
C GLN QA 235 52.58 -26.60 -89.16
N PRO QA 236 52.73 -27.39 -88.08
CA PRO QA 236 51.55 -28.08 -87.53
C PRO QA 236 50.52 -27.08 -87.05
N ALA QA 237 49.30 -27.56 -86.85
CA ALA QA 237 48.22 -26.65 -86.49
C ALA QA 237 47.39 -27.15 -85.31
N MET QA 238 47.22 -28.46 -85.14
CA MET QA 238 46.55 -28.94 -83.94
C MET QA 238 47.32 -28.54 -82.70
N ILE QA 239 48.63 -28.35 -82.83
CA ILE QA 239 49.41 -27.84 -81.72
C ILE QA 239 49.16 -26.35 -81.55
N LEU QA 240 49.46 -25.58 -82.60
CA LEU QA 240 49.37 -24.12 -82.48
C LEU QA 240 47.94 -23.67 -82.25
N ASP QA 241 46.98 -24.31 -82.93
CA ASP QA 241 45.57 -24.05 -82.63
C ASP QA 241 45.28 -24.35 -81.17
N LEU QA 242 45.90 -25.40 -80.63
CA LEU QA 242 45.73 -25.74 -79.22
C LEU QA 242 46.70 -24.93 -78.36
N MET QA 243 47.95 -24.80 -78.81
CA MET QA 243 48.95 -24.06 -78.05
C MET QA 243 48.52 -22.63 -77.80
N GLU QA 244 47.65 -22.10 -78.67
CA GLU QA 244 47.20 -20.73 -78.54
C GLU QA 244 46.44 -20.52 -77.25
N GLU QA 245 45.61 -21.50 -76.88
CA GLU QA 245 44.81 -21.36 -75.66
C GLU QA 245 45.66 -21.19 -74.41
N PHE QA 246 46.93 -21.58 -74.48
CA PHE QA 246 47.82 -21.56 -73.32
C PHE QA 246 48.93 -20.54 -73.42
N ARG QA 247 49.23 -20.03 -74.62
CA ARG QA 247 50.26 -19.02 -74.74
C ARG QA 247 50.03 -17.85 -73.79
N ALA QA 248 48.77 -17.49 -73.56
CA ALA QA 248 48.47 -16.25 -72.87
C ALA QA 248 48.41 -16.36 -71.35
N LEU QA 249 48.30 -17.56 -70.78
CA LEU QA 249 48.08 -17.69 -69.35
C LEU QA 249 49.19 -18.38 -68.59
N VAL QA 250 50.00 -19.22 -69.25
CA VAL QA 250 51.08 -19.94 -68.58
C VAL QA 250 52.44 -19.41 -69.01
N ALA QA 251 52.68 -19.33 -70.31
CA ALA QA 251 53.94 -18.76 -70.76
C ALA QA 251 53.91 -17.23 -70.66
N ASP QA 252 52.73 -16.63 -70.84
CA ASP QA 252 52.60 -15.19 -70.78
C ASP QA 252 52.38 -14.67 -69.36
N SER QA 253 51.75 -15.46 -68.49
CA SER QA 253 51.62 -15.07 -67.09
C SER QA 253 52.89 -15.35 -66.30
N VAL QA 254 53.66 -16.36 -66.70
CA VAL QA 254 54.89 -16.70 -65.98
C VAL QA 254 55.88 -15.54 -66.02
N VAL QA 255 56.07 -14.94 -67.20
CA VAL QA 255 57.04 -13.86 -67.31
C VAL QA 255 56.69 -12.75 -66.32
N LEU QA 256 55.41 -12.38 -66.28
CA LEU QA 256 54.95 -11.35 -65.35
C LEU QA 256 55.03 -11.83 -63.91
N THR QA 257 55.20 -13.14 -63.69
CA THR QA 257 55.36 -13.67 -62.34
C THR QA 257 56.79 -13.56 -61.83
N VAL QA 258 57.78 -13.52 -62.72
CA VAL QA 258 59.17 -13.40 -62.29
C VAL QA 258 59.74 -12.00 -62.49
N LEU QA 259 59.20 -11.24 -63.44
CA LEU QA 259 59.70 -9.89 -63.70
C LEU QA 259 59.16 -8.85 -62.72
N LYS QA 260 58.41 -9.27 -61.71
CA LYS QA 260 58.10 -8.42 -60.58
C LYS QA 260 58.92 -8.80 -59.35
N GLN QA 261 59.65 -9.92 -59.41
CA GLN QA 261 60.49 -10.37 -58.31
C GLN QA 261 61.91 -10.70 -58.71
N ARG QA 262 62.11 -11.25 -59.91
CA ARG QA 262 63.38 -11.85 -60.28
C ARG QA 262 63.86 -11.36 -61.63
N GLU QA 263 65.12 -11.72 -61.94
CA GLU QA 263 65.78 -11.40 -63.20
C GLU QA 263 65.36 -10.05 -63.73
N ILE QA 264 65.59 -9.00 -62.94
CA ILE QA 264 65.20 -7.67 -63.34
C ILE QA 264 65.97 -7.23 -64.58
N GLN QA 265 67.28 -7.48 -64.58
CA GLN QA 265 68.18 -7.12 -65.66
C GLN QA 265 69.49 -7.83 -65.38
N ARG QA 266 70.58 -7.42 -66.05
CA ARG QA 266 71.93 -7.92 -65.77
C ARG QA 266 72.09 -9.39 -66.13
N GLN QA 267 70.98 -10.07 -66.43
CA GLN QA 267 70.99 -11.48 -66.73
C GLN QA 267 70.68 -11.74 -68.20
N ASP QA 268 70.79 -10.72 -69.04
CA ASP QA 268 70.64 -10.82 -70.48
C ASP QA 268 71.94 -10.36 -71.13
N PHE QA 269 72.12 -10.67 -72.41
CA PHE QA 269 73.33 -10.25 -73.10
C PHE QA 269 73.07 -10.03 -74.59
N THR QA 270 73.60 -8.92 -75.10
CA THR QA 270 73.55 -8.59 -76.52
C THR QA 270 74.82 -9.08 -77.21
N GLU QA 271 74.66 -9.65 -78.41
CA GLU QA 271 75.85 -10.12 -79.14
C GLU QA 271 75.53 -10.33 -80.61
N SER QA 272 76.28 -9.66 -81.48
CA SER QA 272 76.42 -9.98 -82.90
C SER QA 272 75.17 -9.66 -83.72
N LEU QA 273 74.08 -9.34 -83.05
CA LEU QA 273 72.88 -8.88 -83.74
C LEU QA 273 72.12 -7.83 -82.93
N GLY QA 274 72.64 -7.40 -81.79
CA GLY QA 274 71.79 -6.92 -80.72
C GLY QA 274 71.31 -8.19 -80.03
N ALA QA 275 70.37 -8.88 -80.65
CA ALA QA 275 70.09 -10.29 -80.39
C ALA QA 275 70.18 -10.61 -78.91
N PHE QA 276 69.28 -10.00 -78.15
CA PHE QA 276 69.36 -10.11 -76.69
C PHE QA 276 69.06 -11.53 -76.25
N ARG QA 277 70.12 -12.34 -76.18
CA ARG QA 277 70.03 -13.70 -75.68
C ARG QA 277 70.02 -13.69 -74.17
N LEU QA 278 69.75 -14.85 -73.57
CA LEU QA 278 69.71 -14.92 -72.12
C LEU QA 278 71.07 -15.36 -71.56
N THR QA 279 71.24 -15.09 -70.26
CA THR QA 279 72.38 -15.56 -69.49
C THR QA 279 72.10 -16.91 -68.85
N ASP QA 280 73.15 -17.71 -68.70
CA ASP QA 280 73.04 -18.94 -67.94
C ASP QA 280 72.82 -18.59 -66.46
N SER QA 281 72.31 -19.57 -65.71
CA SER QA 281 72.00 -19.42 -64.29
C SER QA 281 70.74 -18.58 -64.12
N ALA QA 282 70.29 -17.94 -65.19
CA ALA QA 282 68.97 -17.35 -65.28
C ALA QA 282 67.99 -18.30 -65.96
N THR QA 283 68.44 -19.01 -66.99
CA THR QA 283 67.64 -20.09 -67.57
C THR QA 283 67.31 -21.14 -66.52
N LYS QA 284 68.27 -21.45 -65.64
CA LYS QA 284 68.05 -22.49 -64.65
C LYS QA 284 67.02 -22.06 -63.61
N THR QA 285 66.89 -20.75 -63.40
CA THR QA 285 65.80 -20.21 -62.58
C THR QA 285 64.54 -20.03 -63.41
N PHE QA 286 64.69 -19.66 -64.68
CA PHE QA 286 63.53 -19.50 -65.55
C PHE QA 286 62.73 -20.78 -65.62
N LEU QA 287 63.41 -21.88 -65.95
CA LEU QA 287 62.75 -23.15 -66.13
C LEU QA 287 62.11 -23.52 -64.81
N GLY QA 288 62.74 -23.10 -63.72
CA GLY QA 288 62.15 -23.25 -62.40
C GLY QA 288 60.78 -22.63 -62.29
N ALA QA 289 60.61 -21.44 -62.88
CA ALA QA 289 59.28 -20.83 -62.86
C ALA QA 289 58.32 -21.62 -63.73
N PHE QA 290 58.82 -22.14 -64.85
CA PHE QA 290 57.98 -22.92 -65.73
C PHE QA 290 57.58 -24.22 -65.07
N ASP QA 291 58.57 -24.94 -64.52
CA ASP QA 291 58.27 -26.19 -63.84
C ASP QA 291 57.58 -25.96 -62.50
N ARG QA 292 57.85 -24.83 -61.84
CA ARG QA 292 57.07 -24.49 -60.66
C ARG QA 292 55.60 -24.39 -61.03
N LYS QA 293 55.33 -23.70 -62.14
CA LYS QA 293 53.96 -23.47 -62.58
C LYS QA 293 53.20 -24.77 -62.77
N LEU QA 294 53.83 -25.75 -63.36
CA LEU QA 294 53.14 -26.99 -63.69
C LEU QA 294 52.88 -27.84 -62.48
N SER QA 295 53.11 -27.28 -61.29
CA SER QA 295 52.77 -27.92 -60.03
C SER QA 295 51.60 -27.18 -59.38
N SER QA 296 50.83 -26.47 -60.20
CA SER QA 296 49.72 -25.64 -59.76
C SER QA 296 48.44 -26.46 -59.84
N GLU QA 297 47.43 -26.02 -59.10
CA GLU QA 297 46.16 -26.73 -59.02
C GLU QA 297 45.02 -26.01 -59.70
N PHE QA 298 44.77 -24.75 -59.34
CA PHE QA 298 43.84 -23.83 -60.00
C PHE QA 298 42.40 -24.35 -60.06
N LYS QA 299 42.15 -25.51 -59.49
CA LYS QA 299 40.80 -26.06 -59.30
C LYS QA 299 39.98 -26.32 -60.56
N HIS QA 300 40.55 -26.11 -61.76
CA HIS QA 300 39.81 -26.48 -62.97
C HIS QA 300 38.46 -25.79 -63.10
N PRO QA 301 38.39 -24.52 -63.51
CA PRO QA 301 37.11 -23.80 -63.41
C PRO QA 301 36.02 -24.33 -64.34
N ILE QA 302 35.74 -25.64 -64.27
CA ILE QA 302 34.51 -26.21 -64.81
C ILE QA 302 33.85 -27.03 -63.70
N PHE QA 303 34.56 -28.05 -63.24
CA PHE QA 303 34.24 -28.87 -62.08
C PHE QA 303 35.32 -28.62 -61.03
N ASN QA 304 35.28 -29.37 -59.93
CA ASN QA 304 36.32 -29.31 -58.93
C ASN QA 304 37.40 -30.36 -59.16
N TYR QA 305 37.66 -30.70 -60.43
CA TYR QA 305 38.71 -31.66 -60.78
C TYR QA 305 39.96 -31.50 -59.94
N LYS QA 306 40.46 -30.27 -59.83
CA LYS QA 306 41.72 -30.00 -59.14
C LYS QA 306 42.90 -30.55 -59.94
N CYS QA 307 42.77 -30.52 -61.26
CA CYS QA 307 43.85 -30.90 -62.17
C CYS QA 307 44.90 -29.79 -62.27
N THR QA 308 46.15 -30.21 -62.42
CA THR QA 308 47.26 -29.31 -62.69
C THR QA 308 47.24 -28.80 -64.13
N TYR QA 309 47.98 -27.71 -64.37
CA TYR QA 309 48.10 -27.18 -65.73
C TYR QA 309 48.68 -28.23 -66.68
N ARG QA 310 49.78 -28.87 -66.28
CA ARG QA 310 50.43 -29.84 -67.17
C ARG QA 310 49.41 -30.79 -67.78
N ARG QA 311 48.44 -31.21 -66.98
CA ARG QA 311 47.49 -32.18 -67.46
C ARG QA 311 46.41 -31.53 -68.33
N ALA QA 312 45.97 -30.31 -67.97
CA ALA QA 312 44.87 -29.69 -68.71
C ALA QA 312 45.06 -29.81 -70.20
N ILE QA 313 46.31 -29.81 -70.68
CA ILE QA 313 46.58 -29.97 -72.10
C ILE QA 313 46.32 -31.41 -72.52
N GLU QA 314 46.94 -32.38 -71.84
CA GLU QA 314 46.58 -33.78 -72.05
C GLU QA 314 45.07 -33.93 -72.02
N LEU QA 315 44.42 -33.20 -71.11
CA LEU QA 315 42.98 -33.19 -70.96
C LEU QA 315 42.31 -32.36 -72.04
N GLN QA 316 42.86 -31.18 -72.33
CA GLN QA 316 42.25 -30.35 -73.37
C GLN QA 316 42.09 -31.11 -74.67
N ALA QA 317 43.13 -31.87 -75.05
CA ALA QA 317 43.10 -32.69 -76.26
C ALA QA 317 42.16 -33.88 -76.15
N ARG QA 318 42.36 -34.75 -75.15
CA ARG QA 318 41.52 -35.93 -75.07
C ARG QA 318 40.05 -35.53 -75.11
N LEU QA 319 39.72 -34.42 -74.48
CA LEU QA 319 38.40 -33.83 -74.66
C LEU QA 319 38.11 -33.57 -76.13
N LEU QA 320 39.11 -33.08 -76.88
CA LEU QA 320 38.88 -32.72 -78.27
C LEU QA 320 38.55 -33.95 -79.11
N ALA QA 321 39.30 -35.04 -78.93
CA ALA QA 321 38.98 -36.27 -79.63
C ALA QA 321 37.52 -36.64 -79.39
N ARG QA 322 37.07 -36.52 -78.14
CA ARG QA 322 35.69 -36.87 -77.80
C ARG QA 322 34.70 -35.92 -78.45
N HIS QA 323 35.05 -34.65 -78.56
CA HIS QA 323 34.21 -33.74 -79.34
C HIS QA 323 34.06 -34.25 -80.77
N LEU QA 324 35.03 -35.03 -81.25
CA LEU QA 324 35.06 -35.45 -82.64
C LEU QA 324 34.40 -36.81 -82.82
N GLN QA 325 34.57 -37.71 -81.86
CA GLN QA 325 33.98 -39.04 -81.89
C GLN QA 325 32.68 -39.14 -81.12
N GLU QA 326 32.58 -38.44 -80.00
CA GLU QA 326 31.44 -38.52 -79.12
C GLU QA 326 30.57 -37.27 -79.17
N GLY QA 327 31.04 -36.21 -79.81
CA GLY QA 327 30.22 -35.03 -79.98
C GLY QA 327 30.11 -34.15 -78.76
N VAL QA 328 31.05 -34.28 -77.80
CA VAL QA 328 30.95 -33.51 -76.57
C VAL QA 328 31.20 -32.05 -76.89
N VAL QA 329 30.84 -31.19 -75.94
CA VAL QA 329 31.17 -29.77 -76.06
C VAL QA 329 32.66 -29.61 -75.76
N TYR QA 330 33.27 -28.58 -76.34
CA TYR QA 330 34.65 -28.24 -76.06
C TYR QA 330 34.64 -26.89 -75.34
N GLU QA 331 34.53 -26.93 -74.01
CA GLU QA 331 34.61 -25.72 -73.22
C GLU QA 331 36.06 -25.46 -72.86
N PRO QA 332 36.72 -24.51 -73.54
CA PRO QA 332 38.15 -24.28 -73.28
C PRO QA 332 38.38 -23.72 -71.89
N LEU QA 333 39.65 -23.47 -71.54
CA LEU QA 333 39.97 -22.99 -70.21
C LEU QA 333 39.94 -21.47 -70.19
N VAL QA 334 39.16 -20.93 -69.28
CA VAL QA 334 39.03 -19.49 -69.08
C VAL QA 334 39.06 -19.27 -67.57
N ILE QA 335 39.83 -18.28 -67.13
CA ILE QA 335 40.02 -18.05 -65.69
C ILE QA 335 40.09 -16.57 -65.42
N ARG QA 336 39.54 -16.17 -64.27
CA ARG QA 336 39.31 -14.77 -63.94
C ARG QA 336 39.76 -14.47 -62.51
N MET RA 12 69.29 -34.25 -103.02
CA MET RA 12 68.38 -35.34 -103.34
C MET RA 12 68.69 -36.59 -102.50
N SER RA 13 69.92 -37.08 -102.63
CA SER RA 13 70.34 -38.33 -101.99
C SER RA 13 70.09 -38.26 -100.47
N THR RA 14 70.09 -39.44 -99.85
CA THR RA 14 69.81 -39.60 -98.42
C THR RA 14 70.95 -40.35 -97.75
N LEU RA 15 70.95 -40.35 -96.42
CA LEU RA 15 72.04 -40.92 -95.63
C LEU RA 15 71.60 -42.15 -94.87
N TYR RA 16 72.48 -43.17 -94.86
CA TYR RA 16 72.27 -44.43 -94.18
C TYR RA 16 73.47 -44.73 -93.32
N LEU RA 17 73.24 -45.38 -92.16
CA LEU RA 17 74.35 -45.77 -91.31
C LEU RA 17 74.06 -47.12 -90.65
N THR RA 18 75.02 -48.04 -90.78
CA THR RA 18 74.90 -49.40 -90.27
C THR RA 18 75.79 -49.70 -89.06
N GLN RA 19 76.95 -49.09 -88.97
CA GLN RA 19 77.93 -49.59 -88.01
C GLN RA 19 77.75 -48.91 -86.66
N PRO RA 20 77.61 -49.66 -85.56
CA PRO RA 20 77.54 -49.03 -84.24
C PRO RA 20 78.93 -48.65 -83.75
N ASP RA 21 79.89 -48.66 -84.68
CA ASP RA 21 81.25 -48.23 -84.43
C ASP RA 21 81.58 -46.99 -85.26
N ALA RA 22 80.56 -46.37 -85.85
CA ALA RA 22 80.69 -45.22 -86.72
C ALA RA 22 80.16 -44.00 -85.97
N VAL RA 23 80.91 -42.91 -86.00
CA VAL RA 23 80.51 -41.68 -85.33
C VAL RA 23 80.16 -40.61 -86.36
N LEU RA 24 79.08 -39.88 -86.10
CA LEU RA 24 78.65 -38.76 -86.94
C LEU RA 24 78.95 -37.48 -86.18
N SER RA 25 79.77 -36.62 -86.78
CA SER RA 25 80.11 -35.33 -86.21
C SER RA 25 79.87 -34.23 -87.23
N LYS RA 26 79.88 -32.99 -86.74
CA LYS RA 26 79.82 -31.80 -87.58
C LYS RA 26 81.19 -31.13 -87.52
N LYS RA 27 81.75 -30.81 -88.68
CA LYS RA 27 83.01 -30.07 -88.77
C LYS RA 27 82.80 -28.79 -89.58
N HIS RA 28 82.95 -27.64 -88.93
CA HIS RA 28 82.87 -26.34 -89.59
C HIS RA 28 81.84 -26.25 -90.70
N GLU RA 29 80.56 -26.30 -90.34
CA GLU RA 29 79.42 -26.03 -91.22
C GLU RA 29 79.07 -27.24 -92.08
N ALA RA 30 79.70 -28.39 -91.82
CA ALA RA 30 79.56 -29.55 -92.68
C ALA RA 30 79.66 -30.80 -91.81
N PHE RA 31 79.33 -31.95 -92.40
CA PHE RA 31 79.26 -33.18 -91.65
C PHE RA 31 80.58 -33.92 -91.71
N HIS RA 32 80.83 -34.71 -90.67
CA HIS RA 32 82.01 -35.56 -90.59
C HIS RA 32 81.54 -36.93 -90.09
N VAL RA 33 81.61 -37.92 -90.96
CA VAL RA 33 81.30 -39.30 -90.61
C VAL RA 33 82.60 -39.99 -90.23
N ALA RA 34 82.56 -40.80 -89.18
CA ALA RA 34 83.75 -41.51 -88.73
C ALA RA 34 83.42 -42.99 -88.65
N LEU RA 35 83.78 -43.74 -89.70
CA LEU RA 35 83.56 -45.18 -89.72
C LEU RA 35 84.87 -45.89 -89.39
N LYS RA 36 84.81 -46.81 -88.44
CA LYS RA 36 85.94 -47.63 -88.05
C LYS RA 36 85.43 -49.06 -88.10
N GLN RA 37 86.29 -49.98 -88.49
CA GLN RA 37 85.84 -51.35 -88.63
C GLN RA 37 87.01 -52.32 -88.44
N GLU RA 38 86.69 -53.61 -88.58
CA GLU RA 38 87.66 -54.68 -88.38
C GLU RA 38 88.90 -54.45 -89.23
N ASP RA 39 90.06 -54.64 -88.62
CA ASP RA 39 91.34 -54.48 -89.32
C ASP RA 39 91.49 -53.05 -89.83
N GLY RA 40 91.21 -52.09 -88.96
CA GLY RA 40 91.31 -50.70 -89.35
C GLY RA 40 91.06 -49.78 -88.18
N SER RA 41 90.73 -48.53 -88.51
CA SER RA 41 90.53 -47.49 -87.50
C SER RA 41 89.65 -46.40 -88.13
N TRP RA 42 89.62 -45.22 -87.50
CA TRP RA 42 88.89 -44.06 -87.99
C TRP RA 42 89.06 -43.91 -89.50
N LYS RA 43 87.94 -43.97 -90.22
CA LYS RA 43 87.95 -43.89 -91.68
C LYS RA 43 87.05 -42.73 -92.13
N LYS RA 44 87.43 -41.52 -91.79
CA LYS RA 44 86.62 -40.35 -92.09
C LYS RA 44 86.30 -40.21 -93.58
N GLN RA 45 85.17 -39.55 -93.83
CA GLN RA 45 84.67 -39.17 -95.14
C GLN RA 45 83.85 -37.91 -94.90
N PRO RA 46 84.26 -36.75 -95.39
CA PRO RA 46 83.49 -35.54 -95.12
C PRO RA 46 82.17 -35.56 -95.86
N ILE RA 47 81.20 -34.81 -95.34
CA ILE RA 47 79.88 -34.79 -95.97
C ILE RA 47 79.24 -33.40 -95.94
N PRO RA 48 78.66 -32.97 -97.06
CA PRO RA 48 77.85 -31.76 -97.06
C PRO RA 48 76.38 -32.10 -96.79
N ALA RA 49 75.61 -31.07 -96.48
CA ALA RA 49 74.17 -31.14 -96.30
C ALA RA 49 73.49 -30.69 -97.59
N GLN RA 50 72.23 -30.26 -97.48
CA GLN RA 50 71.45 -29.59 -98.52
C GLN RA 50 71.06 -30.44 -99.72
N THR RA 51 71.57 -31.66 -99.81
CA THR RA 51 71.10 -32.62 -100.80
C THR RA 51 70.14 -33.60 -100.16
N LEU RA 52 70.12 -33.65 -98.84
CA LEU RA 52 69.48 -34.70 -98.08
C LEU RA 52 68.02 -34.35 -97.82
N GLU RA 53 67.21 -35.39 -97.67
CA GLU RA 53 65.84 -35.27 -97.24
C GLU RA 53 65.52 -36.23 -96.11
N ASP RA 54 66.50 -37.01 -95.66
CA ASP RA 54 66.31 -38.02 -94.63
C ASP RA 54 67.68 -38.50 -94.16
N ILE RA 55 67.71 -38.97 -92.92
CA ILE RA 55 68.90 -39.58 -92.34
C ILE RA 55 68.43 -40.90 -91.72
N VAL RA 56 69.28 -41.91 -91.76
CA VAL RA 56 68.92 -43.23 -91.27
C VAL RA 56 70.10 -43.80 -90.49
N LEU RA 57 69.83 -44.19 -89.24
CA LEU RA 57 70.79 -44.86 -88.38
C LEU RA 57 70.26 -46.25 -88.13
N LEU RA 58 71.07 -47.26 -88.42
CA LEU RA 58 70.58 -48.64 -88.36
C LEU RA 58 70.94 -49.32 -87.05
N GLY RA 59 72.21 -49.34 -86.69
CA GLY RA 59 72.59 -49.93 -85.43
C GLY RA 59 72.31 -48.93 -84.32
N TYR RA 60 73.28 -48.69 -83.44
CA TYR RA 60 73.17 -47.67 -82.41
C TYR RA 60 74.47 -46.89 -82.33
N PRO RA 61 74.85 -46.20 -83.41
CA PRO RA 61 76.11 -45.46 -83.40
C PRO RA 61 76.00 -44.23 -82.51
N SER RA 62 77.16 -43.71 -82.12
CA SER RA 62 77.18 -42.48 -81.36
C SER RA 62 76.98 -41.32 -82.33
N ILE RA 63 76.31 -40.27 -81.85
CA ILE RA 63 76.03 -39.12 -82.68
C ILE RA 63 76.29 -37.85 -81.89
N THR RA 64 76.83 -36.85 -82.57
CA THR RA 64 76.97 -35.52 -82.02
C THR RA 64 75.62 -34.82 -81.96
N GLY RA 65 75.30 -34.28 -80.78
CA GLY RA 65 74.12 -33.42 -80.67
C GLY RA 65 74.23 -32.19 -81.55
N GLU RA 66 75.43 -31.67 -81.72
CA GLU RA 66 75.66 -30.53 -82.60
C GLU RA 66 75.19 -30.82 -84.02
N ALA RA 67 75.04 -32.09 -84.39
CA ALA RA 67 74.56 -32.43 -85.72
C ALA RA 67 73.04 -32.34 -85.77
N LEU RA 68 72.37 -32.82 -84.73
CA LEU RA 68 70.92 -32.73 -84.69
C LEU RA 68 70.48 -31.27 -84.72
N GLY RA 69 71.07 -30.44 -83.86
CA GLY RA 69 70.79 -29.02 -83.89
C GLY RA 69 71.14 -28.36 -85.21
N TYR RA 70 72.00 -28.99 -86.01
CA TYR RA 70 72.25 -28.53 -87.37
C TYR RA 70 71.30 -29.17 -88.35
N ALA RA 71 70.90 -30.42 -88.08
CA ALA RA 71 69.93 -31.10 -88.94
C ALA RA 71 68.51 -30.66 -88.63
N LEU RA 72 68.19 -30.44 -87.36
CA LEU RA 72 66.83 -30.10 -86.94
C LEU RA 72 66.55 -28.61 -86.97
N GLU RA 73 67.58 -27.78 -87.09
CA GLU RA 73 67.41 -26.39 -87.50
C GLU RA 73 67.21 -26.29 -89.00
N LEU RA 74 67.19 -27.43 -89.70
CA LEU RA 74 67.21 -27.47 -91.16
C LEU RA 74 66.08 -28.29 -91.76
N GLY RA 75 65.35 -29.06 -90.97
CA GLY RA 75 64.23 -29.84 -91.47
C GLY RA 75 64.57 -31.23 -91.93
N LEU RA 76 65.51 -31.91 -91.29
CA LEU RA 76 65.91 -33.25 -91.68
C LEU RA 76 65.54 -34.23 -90.58
N PRO RA 77 64.52 -35.06 -90.75
CA PRO RA 77 64.21 -36.06 -89.71
C PRO RA 77 65.37 -37.03 -89.54
N VAL RA 78 65.49 -37.55 -88.33
CA VAL RA 78 66.51 -38.53 -87.97
C VAL RA 78 65.80 -39.73 -87.40
N HIS RA 79 66.04 -40.90 -88.00
CA HIS RA 79 65.35 -42.12 -87.62
C HIS RA 79 66.34 -43.10 -87.01
N TYR RA 80 65.88 -43.81 -85.99
CA TYR RA 80 66.71 -44.76 -85.26
C TYR RA 80 66.10 -46.14 -85.40
N LEU RA 81 66.94 -47.12 -85.69
CA LEU RA 81 66.51 -48.49 -85.90
C LEU RA 81 67.54 -49.40 -85.23
N THR RA 82 67.39 -50.70 -85.46
CA THR RA 82 68.36 -51.70 -85.05
C THR RA 82 69.01 -52.26 -86.31
N GLN RA 83 70.18 -52.86 -86.14
CA GLN RA 83 70.87 -53.46 -87.29
C GLN RA 83 69.93 -54.31 -88.13
N PHE RA 84 68.91 -54.90 -87.50
CA PHE RA 84 67.96 -55.76 -88.19
C PHE RA 84 66.93 -54.99 -88.99
N GLY RA 85 66.68 -53.72 -88.66
CA GLY RA 85 65.69 -52.91 -89.34
C GLY RA 85 64.44 -52.62 -88.53
N LYS RA 86 64.39 -53.08 -87.29
CA LYS RA 86 63.25 -52.79 -86.42
C LYS RA 86 63.23 -51.32 -86.03
N TYR RA 87 62.04 -50.73 -86.04
CA TYR RA 87 61.90 -49.32 -85.69
C TYR RA 87 61.85 -49.15 -84.18
N VAL RA 88 62.56 -48.15 -83.69
CA VAL RA 88 62.60 -47.81 -82.28
C VAL RA 88 62.06 -46.41 -82.02
N GLY RA 89 62.41 -45.46 -82.87
CA GLY RA 89 61.94 -44.10 -82.74
C GLY RA 89 62.59 -43.25 -83.81
N SER RA 90 62.07 -42.04 -83.96
CA SER RA 90 62.58 -41.10 -84.94
C SER RA 90 62.36 -39.69 -84.43
N ALA RA 91 63.26 -38.79 -84.84
CA ALA RA 91 63.24 -37.41 -84.39
C ALA RA 91 62.75 -36.50 -85.51
N LEU RA 92 61.67 -35.76 -85.24
CA LEU RA 92 61.04 -34.95 -86.26
C LEU RA 92 61.26 -33.47 -85.96
N PRO RA 93 61.47 -32.63 -86.97
CA PRO RA 93 61.67 -31.20 -86.69
C PRO RA 93 60.37 -30.41 -86.61
N SER RA 94 60.51 -29.09 -86.39
CA SER RA 94 59.36 -28.19 -86.40
C SER RA 94 58.70 -28.20 -87.78
N GLU RA 95 59.46 -27.79 -88.79
CA GLU RA 95 58.91 -27.58 -90.12
C GLU RA 95 58.98 -28.89 -90.89
N SER RA 96 57.90 -29.19 -91.59
CA SER RA 96 57.85 -30.42 -92.38
C SER RA 96 56.78 -30.28 -93.44
N ARG RA 97 56.96 -31.05 -94.51
CA ARG RA 97 56.05 -31.04 -95.64
C ARG RA 97 55.16 -32.27 -95.59
N ASN RA 98 54.82 -32.71 -94.37
CA ASN RA 98 54.01 -33.87 -94.12
C ASN RA 98 52.54 -33.53 -93.92
N GLY RA 99 52.20 -32.26 -93.75
CA GLY RA 99 50.80 -31.91 -93.67
C GLY RA 99 50.12 -32.13 -95.01
N GLN RA 100 50.69 -31.56 -96.08
CA GLN RA 100 50.19 -31.86 -97.42
C GLN RA 100 50.14 -33.36 -97.64
N LEU RA 101 51.14 -34.09 -97.12
CA LEU RA 101 51.18 -35.54 -97.23
C LEU RA 101 50.01 -36.19 -96.53
N ARG RA 102 49.88 -35.96 -95.21
CA ARG RA 102 48.84 -36.64 -94.44
C ARG RA 102 47.45 -36.34 -95.00
N LEU RA 103 47.28 -35.19 -95.65
CA LEU RA 103 46.01 -34.86 -96.26
C LEU RA 103 45.71 -35.77 -97.45
N ALA RA 104 46.65 -35.86 -98.40
CA ALA RA 104 46.46 -36.74 -99.54
C ALA RA 104 46.26 -38.19 -99.07
N GLN RA 105 47.06 -38.62 -98.09
CA GLN RA 105 46.81 -39.92 -97.47
C GLN RA 105 45.37 -40.06 -97.01
N PHE RA 106 44.75 -38.96 -96.57
CA PHE RA 106 43.36 -38.98 -96.14
C PHE RA 106 42.41 -38.61 -97.27
N ARG RA 107 42.67 -37.48 -97.94
CA ARG RA 107 41.87 -37.12 -99.10
C ARG RA 107 41.73 -38.27 -100.07
N ALA RA 108 42.71 -39.18 -100.09
CA ALA RA 108 42.68 -40.35 -100.95
C ALA RA 108 41.90 -41.51 -100.36
N HIS RA 109 41.82 -41.61 -99.03
CA HIS RA 109 41.08 -42.71 -98.43
C HIS RA 109 39.59 -42.56 -98.71
N GLU RA 110 39.11 -41.32 -98.81
CA GLU RA 110 37.71 -41.04 -99.10
C GLU RA 110 37.45 -40.76 -100.57
N ASP RA 111 38.48 -40.72 -101.41
CA ASP RA 111 38.31 -40.65 -102.85
C ASP RA 111 38.51 -42.05 -103.42
N PRO RA 112 37.44 -42.83 -103.59
CA PRO RA 112 37.64 -44.25 -103.94
C PRO RA 112 38.41 -44.46 -105.22
N ILE RA 113 38.30 -43.53 -106.18
CA ILE RA 113 39.05 -43.65 -107.43
C ILE RA 113 40.55 -43.68 -107.16
N GLN RA 114 41.02 -42.86 -106.20
CA GLN RA 114 42.42 -42.93 -105.83
C GLN RA 114 42.70 -44.22 -105.07
N ARG RA 115 41.86 -44.54 -104.08
CA ARG RA 115 41.97 -45.82 -103.40
C ARG RA 115 41.93 -46.96 -104.41
N LEU RA 116 41.07 -46.86 -105.42
CA LEU RA 116 40.97 -47.92 -106.41
C LEU RA 116 42.22 -47.99 -107.28
N ASP RA 117 42.52 -46.89 -107.98
CA ASP RA 117 43.69 -46.85 -108.84
C ASP RA 117 44.98 -47.13 -108.08
N ILE RA 118 44.92 -47.07 -106.75
CA ILE RA 118 46.05 -47.40 -105.89
C ILE RA 118 46.03 -48.86 -105.47
N VAL RA 119 44.89 -49.33 -104.93
CA VAL RA 119 44.81 -50.71 -104.46
C VAL RA 119 45.12 -51.69 -105.59
N LYS RA 120 44.70 -51.36 -106.81
CA LYS RA 120 44.97 -52.25 -107.95
C LYS RA 120 46.45 -52.56 -108.11
N ALA RA 121 47.33 -51.65 -107.70
CA ALA RA 121 48.76 -51.88 -107.84
C ALA RA 121 49.27 -52.85 -106.77
N PHE RA 122 48.83 -52.67 -105.53
CA PHE RA 122 49.27 -53.56 -104.45
C PHE RA 122 49.07 -55.03 -104.81
N VAL RA 123 47.92 -55.36 -105.37
CA VAL RA 123 47.65 -56.75 -105.75
C VAL RA 123 48.41 -57.11 -107.02
N LYS RA 124 48.31 -56.23 -108.03
CA LYS RA 124 49.10 -56.37 -109.24
C LYS RA 124 50.57 -56.64 -108.94
N GLY RA 125 51.11 -55.97 -107.92
CA GLY RA 125 52.50 -56.16 -107.53
C GLY RA 125 52.77 -57.41 -106.71
N LYS RA 126 51.73 -58.11 -106.29
CA LYS RA 126 51.87 -59.32 -105.50
C LYS RA 126 51.78 -60.57 -106.37
N VAL RA 127 50.79 -60.62 -107.27
CA VAL RA 127 50.55 -61.85 -108.01
C VAL RA 127 51.68 -62.10 -109.00
N HIS RA 128 52.14 -61.07 -109.70
CA HIS RA 128 53.26 -61.23 -110.60
C HIS RA 128 54.50 -61.72 -109.86
N ASN RA 129 54.74 -61.24 -108.64
CA ASN RA 129 55.90 -61.73 -107.90
C ASN RA 129 55.75 -63.20 -107.51
N GLN RA 130 54.52 -63.65 -107.20
CA GLN RA 130 54.33 -65.06 -106.89
C GLN RA 130 54.33 -65.90 -108.16
N TYR RA 131 53.54 -65.52 -109.17
CA TYR RA 131 53.68 -66.21 -110.44
C TYR RA 131 55.13 -66.18 -110.91
N ASN RA 132 55.79 -65.03 -110.77
CA ASN RA 132 57.22 -64.97 -111.05
C ASN RA 132 58.05 -65.72 -110.01
N LEU RA 133 57.43 -66.13 -108.90
CA LEU RA 133 58.10 -66.99 -107.93
C LEU RA 133 58.06 -68.44 -108.39
N LEU RA 134 56.89 -68.94 -108.77
CA LEU RA 134 56.81 -70.30 -109.28
C LEU RA 134 57.63 -70.44 -110.56
N TYR RA 135 57.74 -69.37 -111.33
CA TYR RA 135 58.69 -69.32 -112.44
C TYR RA 135 60.12 -69.23 -111.92
N ARG RA 136 60.34 -68.57 -110.77
CA ARG RA 136 61.64 -68.66 -110.11
C ARG RA 136 61.92 -70.08 -109.63
N ARG RA 137 60.96 -70.70 -108.93
CA ARG RA 137 61.14 -72.09 -108.51
C ARG RA 137 60.75 -73.07 -109.59
N GLY RA 138 60.45 -72.59 -110.80
CA GLY RA 138 60.10 -73.46 -111.89
C GLY RA 138 59.01 -74.45 -111.53
N GLN RA 139 57.77 -74.00 -111.41
CA GLN RA 139 56.67 -74.89 -111.10
C GLN RA 139 55.60 -74.86 -112.17
N VAL RA 140 55.12 -73.68 -112.55
CA VAL RA 140 54.01 -73.66 -113.50
C VAL RA 140 54.54 -73.88 -114.91
N ASP RA 141 55.80 -73.55 -115.15
CA ASP RA 141 56.48 -73.82 -116.42
C ASP RA 141 55.87 -73.01 -117.54
N ASN RA 142 54.80 -72.27 -117.29
CA ASN RA 142 54.05 -71.54 -118.29
C ASN RA 142 54.64 -70.15 -118.48
N PRO RA 143 54.76 -69.66 -119.72
CA PRO RA 143 55.08 -68.24 -119.91
C PRO RA 143 54.12 -67.33 -119.15
N LEU RA 144 52.98 -67.89 -118.78
CA LEU RA 144 52.22 -67.55 -117.59
C LEU RA 144 51.36 -66.29 -117.53
N LYS RA 145 51.74 -65.23 -118.24
CA LYS RA 145 50.92 -64.03 -118.30
C LYS RA 145 50.56 -63.44 -116.93
N GLY RA 146 50.81 -64.19 -115.84
CA GLY RA 146 50.53 -63.75 -114.48
C GLY RA 146 49.11 -63.29 -114.19
N ARG RA 147 48.24 -63.37 -115.20
CA ARG RA 147 46.83 -62.96 -115.16
C ARG RA 147 46.71 -61.45 -115.02
N GLY RA 148 47.72 -60.82 -114.41
CA GLY RA 148 47.99 -59.40 -114.48
C GLY RA 148 46.86 -58.42 -114.70
N LYS RA 149 46.95 -57.80 -115.88
CA LYS RA 149 46.09 -56.75 -116.37
C LYS RA 149 44.62 -56.94 -116.05
N LEU RA 150 44.22 -58.18 -115.77
CA LEU RA 150 42.90 -58.47 -115.25
C LEU RA 150 42.49 -57.50 -114.16
N VAL RA 151 43.41 -57.25 -113.22
CA VAL RA 151 43.09 -56.43 -112.07
C VAL RA 151 43.01 -54.96 -112.47
N MET RA 152 44.03 -54.49 -113.20
CA MET RA 152 44.02 -53.09 -113.62
C MET RA 152 42.72 -52.71 -114.31
N ARG RA 153 42.08 -53.66 -115.01
CA ARG RA 153 40.76 -53.41 -115.60
C ARG RA 153 39.65 -53.99 -114.73
N GLN RA 154 39.44 -53.35 -113.59
CA GLN RA 154 38.34 -53.62 -112.68
C GLN RA 154 37.61 -52.32 -112.40
N GLN RA 155 36.43 -52.40 -111.76
CA GLN RA 155 35.65 -51.21 -111.51
C GLN RA 155 35.10 -51.13 -110.09
N THR RA 156 35.53 -51.99 -109.18
CA THR RA 156 35.15 -51.86 -107.77
C THR RA 156 36.16 -52.61 -106.91
N LEU RA 157 35.95 -52.55 -105.60
CA LEU RA 157 36.79 -53.26 -104.65
C LEU RA 157 36.30 -54.68 -104.44
N GLU RA 158 35.00 -54.84 -104.16
CA GLU RA 158 34.44 -56.16 -103.89
C GLU RA 158 34.79 -57.15 -104.98
N GLN RA 159 34.85 -56.69 -106.23
CA GLN RA 159 35.33 -57.54 -107.30
C GLN RA 159 36.76 -58.01 -107.04
N VAL RA 160 37.56 -57.20 -106.36
CA VAL RA 160 39.00 -57.44 -106.22
C VAL RA 160 39.34 -58.17 -104.93
N ARG RA 161 38.80 -57.72 -103.80
CA ARG RA 161 39.21 -58.30 -102.52
C ARG RA 161 38.99 -59.81 -102.47
N GLY RA 162 37.95 -60.30 -103.14
CA GLY RA 162 37.79 -61.73 -103.33
C GLY RA 162 38.86 -62.35 -104.21
N ILE RA 163 39.50 -61.54 -105.07
CA ILE RA 163 40.43 -62.08 -106.06
C ILE RA 163 41.71 -62.57 -105.40
N GLU RA 164 42.29 -61.76 -104.50
CA GLU RA 164 43.48 -62.20 -103.78
C GLU RA 164 43.21 -63.54 -103.10
N GLY RA 165 42.01 -63.71 -102.54
CA GLY RA 165 41.67 -64.97 -101.92
C GLY RA 165 41.72 -66.14 -102.89
N LEU RA 166 41.37 -65.92 -104.16
CA LEU RA 166 41.48 -67.00 -105.14
C LEU RA 166 42.94 -67.33 -105.43
N ALA RA 167 43.70 -66.35 -105.92
CA ALA RA 167 45.08 -66.60 -106.31
C ALA RA 167 45.89 -67.13 -105.14
N ALA RA 168 45.62 -66.63 -103.93
CA ALA RA 168 46.33 -67.11 -102.76
C ALA RA 168 46.06 -68.60 -102.52
N ARG RA 169 44.78 -69.00 -102.54
CA ARG RA 169 44.47 -70.41 -102.40
C ARG RA 169 45.07 -71.22 -103.54
N GLU RA 170 45.01 -70.68 -104.76
CA GLU RA 170 45.70 -71.27 -105.90
C GLU RA 170 47.21 -71.17 -105.73
N TYR RA 171 47.69 -70.20 -104.95
CA TYR RA 171 49.11 -70.04 -104.72
C TYR RA 171 49.63 -70.97 -103.62
N PHE RA 172 48.85 -71.17 -102.57
CA PHE RA 172 49.28 -72.02 -101.46
C PHE RA 172 48.95 -73.48 -101.73
N ALA RA 173 47.91 -73.75 -102.51
CA ALA RA 173 47.64 -75.12 -102.92
C ALA RA 173 48.68 -75.62 -103.89
N SER RA 174 49.50 -74.72 -104.45
CA SER RA 174 50.57 -75.07 -105.36
C SER RA 174 51.90 -75.33 -104.65
N TRP RA 175 51.88 -75.45 -103.32
CA TRP RA 175 53.07 -75.71 -102.53
C TRP RA 175 53.18 -77.18 -102.16
N GLN RA 176 52.07 -77.75 -101.71
CA GLN RA 176 52.01 -79.17 -101.36
C GLN RA 176 52.68 -79.99 -102.44
N GLU RA 177 52.37 -79.70 -103.71
CA GLU RA 177 53.07 -80.31 -104.83
C GLU RA 177 54.53 -79.85 -104.90
N MET RA 178 54.82 -78.65 -104.40
CA MET RA 178 56.11 -78.02 -104.58
C MET RA 178 57.16 -78.45 -103.57
N LEU RA 179 56.74 -78.91 -102.39
CA LEU RA 179 57.71 -79.35 -101.39
C LEU RA 179 58.17 -80.78 -101.62
N GLY RA 180 57.22 -81.71 -101.61
CA GLY RA 180 57.53 -83.12 -101.59
C GLY RA 180 56.76 -83.76 -100.46
N HIS RA 181 57.27 -84.85 -99.90
CA HIS RA 181 56.54 -85.60 -98.88
C HIS RA 181 57.03 -85.33 -97.46
N GLU RA 182 58.24 -84.79 -97.30
CA GLU RA 182 58.80 -84.63 -95.95
C GLU RA 182 57.98 -83.68 -95.08
N TRP RA 183 57.33 -82.69 -95.67
CA TRP RA 183 56.55 -81.71 -94.94
C TRP RA 183 55.09 -81.83 -95.34
N THR RA 184 54.22 -81.17 -94.58
CA THR RA 184 52.80 -81.20 -94.84
C THR RA 184 52.28 -79.78 -94.94
N PHE RA 185 51.60 -79.48 -96.04
CA PHE RA 185 50.95 -78.19 -96.22
C PHE RA 185 49.75 -78.39 -97.13
N THR RA 186 48.56 -78.12 -96.62
CA THR RA 186 47.33 -78.16 -97.40
C THR RA 186 46.77 -76.78 -97.72
N GLY RA 187 46.85 -75.85 -96.78
CA GLY RA 187 46.31 -74.52 -96.95
C GLY RA 187 47.00 -73.59 -95.98
N ARG RA 188 46.60 -72.32 -96.01
CA ARG RA 188 47.21 -71.33 -95.16
C ARG RA 188 46.35 -71.15 -93.92
N PHE RA 189 46.95 -71.37 -92.75
CA PHE RA 189 46.30 -71.26 -91.46
C PHE RA 189 47.08 -70.23 -90.66
N ARG RA 190 46.51 -69.05 -90.46
CA ARG RA 190 47.15 -68.01 -89.65
C ARG RA 190 47.00 -68.46 -88.19
N ARG RA 191 47.22 -67.57 -87.24
CA ARG RA 191 47.13 -67.92 -85.82
C ARG RA 191 45.81 -68.62 -85.52
N PRO RA 192 45.84 -69.84 -84.95
CA PRO RA 192 46.97 -70.77 -84.77
C PRO RA 192 47.33 -71.48 -86.05
N PRO RA 193 48.60 -71.82 -86.25
CA PRO RA 193 48.93 -72.60 -87.46
C PRO RA 193 48.54 -74.06 -87.31
N THR RA 194 49.02 -74.69 -86.24
CA THR RA 194 48.76 -76.09 -85.91
C THR RA 194 49.52 -77.02 -86.86
N ASP RA 195 50.00 -76.46 -87.96
CA ASP RA 195 50.89 -77.04 -88.95
C ASP RA 195 52.20 -76.27 -88.85
N PRO RA 196 53.36 -76.93 -88.92
CA PRO RA 196 54.61 -76.16 -88.78
C PRO RA 196 54.74 -75.04 -89.81
N VAL RA 197 54.55 -75.34 -91.10
CA VAL RA 197 54.77 -74.33 -92.12
C VAL RA 197 53.90 -73.11 -91.88
N ASN RA 198 52.61 -73.34 -91.63
CA ASN RA 198 51.70 -72.23 -91.35
C ASN RA 198 52.23 -71.31 -90.25
N ALA RA 199 53.03 -71.86 -89.33
CA ALA RA 199 53.61 -71.02 -88.28
C ALA RA 199 54.71 -70.13 -88.83
N LEU RA 200 55.52 -70.66 -89.76
CA LEU RA 200 56.62 -69.88 -90.30
C LEU RA 200 56.12 -68.70 -91.11
N LEU RA 201 55.01 -68.87 -91.82
CA LEU RA 201 54.43 -67.75 -92.55
C LEU RA 201 53.82 -66.75 -91.57
N SER RA 202 52.97 -67.23 -90.66
CA SER RA 202 52.51 -66.39 -89.57
C SER RA 202 53.69 -65.79 -88.82
N PHE RA 203 54.82 -66.50 -88.79
CA PHE RA 203 56.05 -65.96 -88.23
C PHE RA 203 56.70 -64.95 -89.18
N GLY RA 204 56.99 -65.40 -90.40
CA GLY RA 204 57.72 -64.55 -91.34
C GLY RA 204 56.94 -63.33 -91.75
N TYR RA 205 55.67 -63.51 -92.10
CA TYR RA 205 54.84 -62.35 -92.43
C TYR RA 205 54.88 -61.31 -91.32
N GLY RA 206 55.16 -61.74 -90.08
CA GLY RA 206 55.28 -60.84 -88.96
C GLY RA 206 56.59 -60.09 -88.94
N LEU RA 207 57.70 -60.79 -89.24
CA LEU RA 207 58.99 -60.12 -89.27
C LEU RA 207 59.15 -59.19 -90.45
N LEU RA 208 58.22 -59.23 -91.40
CA LEU RA 208 58.20 -58.23 -92.46
C LEU RA 208 57.59 -56.93 -91.96
N ARG RA 209 56.62 -57.03 -91.04
CA ARG RA 209 56.05 -55.84 -90.42
C ARG RA 209 57.13 -54.90 -89.91
N THR RA 210 58.26 -55.46 -89.44
CA THR RA 210 59.29 -54.63 -88.83
C THR RA 210 59.94 -53.70 -89.85
N GLN RA 211 60.39 -54.24 -90.98
CA GLN RA 211 61.07 -53.39 -91.96
C GLN RA 211 60.08 -52.47 -92.66
N VAL RA 212 58.81 -52.88 -92.73
CA VAL RA 212 57.78 -52.02 -93.27
C VAL RA 212 57.35 -51.00 -92.23
N THR RA 213 57.10 -51.47 -91.00
CA THR RA 213 56.73 -50.57 -89.91
C THR RA 213 57.75 -49.46 -89.71
N ALA RA 214 58.98 -49.65 -90.18
CA ALA RA 214 60.00 -48.61 -90.10
C ALA RA 214 59.90 -47.66 -91.29
N ALA RA 215 59.77 -48.22 -92.49
CA ALA RA 215 59.72 -47.40 -93.70
C ALA RA 215 58.62 -46.36 -93.62
N VAL RA 216 57.48 -46.72 -93.02
CA VAL RA 216 56.33 -45.81 -92.94
C VAL RA 216 56.67 -44.61 -92.08
N HIS RA 217 57.26 -44.85 -90.90
CA HIS RA 217 57.62 -43.75 -90.00
C HIS RA 217 58.63 -42.80 -90.63
N ILE RA 218 59.33 -43.24 -91.67
CA ILE RA 218 60.27 -42.36 -92.35
C ILE RA 218 59.52 -41.34 -93.20
N ALA RA 219 58.50 -41.79 -93.94
CA ALA RA 219 57.68 -40.87 -94.72
C ALA RA 219 56.67 -40.11 -93.86
N GLY RA 220 56.57 -40.42 -92.56
CA GLY RA 220 55.62 -39.79 -91.69
C GLY RA 220 54.19 -40.25 -91.87
N LEU RA 221 53.98 -41.36 -92.57
CA LEU RA 221 52.63 -41.83 -92.83
C LEU RA 221 52.03 -42.46 -91.58
N ASP RA 222 50.70 -42.44 -91.51
CA ASP RA 222 49.98 -43.09 -90.44
C ASP RA 222 49.73 -44.55 -90.80
N PRO RA 223 50.40 -45.51 -90.16
CA PRO RA 223 50.18 -46.90 -90.55
C PRO RA 223 48.74 -47.33 -90.34
N TYR RA 224 48.09 -46.77 -89.33
CA TYR RA 224 46.74 -47.17 -88.92
C TYR RA 224 45.68 -46.60 -89.84
N ILE RA 225 46.07 -45.83 -90.85
CA ILE RA 225 45.19 -45.37 -91.92
C ILE RA 225 45.73 -46.00 -93.19
N GLY RA 226 44.96 -46.92 -93.79
CA GLY RA 226 45.32 -47.56 -95.02
C GLY RA 226 44.26 -47.36 -96.08
N PHE RA 227 44.47 -48.00 -97.21
CA PHE RA 227 43.56 -47.91 -98.34
C PHE RA 227 42.90 -49.24 -98.70
N LEU RA 228 43.58 -50.36 -98.49
CA LEU RA 228 42.97 -51.67 -98.72
C LEU RA 228 42.40 -52.25 -97.42
N HIS RA 229 43.24 -52.43 -96.40
CA HIS RA 229 42.79 -52.97 -95.12
C HIS RA 229 42.00 -51.90 -94.39
N GLU RA 230 40.68 -52.07 -94.32
CA GLU RA 230 39.84 -51.09 -93.65
C GLU RA 230 40.28 -50.90 -92.21
N THR RA 231 40.45 -49.64 -91.82
CA THR RA 231 41.14 -49.25 -90.58
C THR RA 231 40.26 -49.44 -89.35
N THR RA 232 40.49 -50.55 -88.64
CA THR RA 232 39.86 -50.79 -87.35
C THR RA 232 40.92 -51.30 -86.37
N ARG RA 233 40.49 -51.53 -85.13
CA ARG RA 233 41.32 -52.16 -84.11
C ARG RA 233 42.68 -51.48 -83.97
N GLY RA 234 42.85 -50.28 -84.51
CA GLY RA 234 44.21 -49.76 -84.50
C GLY RA 234 45.13 -50.61 -85.34
N GLN RA 235 44.67 -51.04 -86.51
CA GLN RA 235 45.46 -51.95 -87.33
C GLN RA 235 46.25 -51.17 -88.35
N PRO RA 236 47.56 -51.39 -88.45
CA PRO RA 236 48.39 -50.60 -89.38
C PRO RA 236 48.09 -50.87 -90.84
N ALA RA 237 46.89 -50.50 -91.30
CA ALA RA 237 46.49 -50.84 -92.65
C ALA RA 237 47.45 -50.30 -93.69
N MET RA 238 48.04 -49.12 -93.45
CA MET RA 238 49.03 -48.60 -94.39
C MET RA 238 50.25 -49.50 -94.48
N ILE RA 239 50.55 -50.26 -93.43
CA ILE RA 239 51.63 -51.23 -93.50
C ILE RA 239 51.19 -52.45 -94.32
N LEU RA 240 50.07 -53.04 -93.94
CA LEU RA 240 49.66 -54.30 -94.56
C LEU RA 240 49.49 -54.14 -96.06
N ASP RA 241 49.05 -52.97 -96.53
CA ASP RA 241 49.02 -52.73 -97.97
C ASP RA 241 50.39 -52.97 -98.59
N LEU RA 242 51.45 -52.59 -97.88
CA LEU RA 242 52.80 -52.80 -98.40
C LEU RA 242 53.26 -54.23 -98.19
N MET RA 243 52.93 -54.82 -97.03
CA MET RA 243 53.39 -56.17 -96.75
C MET RA 243 52.94 -57.16 -97.82
N GLU RA 244 51.82 -56.87 -98.50
CA GLU RA 244 51.26 -57.83 -99.45
C GLU RA 244 52.19 -58.03 -100.65
N GLU RA 245 52.69 -56.94 -101.23
CA GLU RA 245 53.56 -57.06 -102.40
C GLU RA 245 54.87 -57.76 -102.08
N PHE RA 246 55.20 -57.93 -100.79
CA PHE RA 246 56.44 -58.58 -100.39
C PHE RA 246 56.25 -59.95 -99.74
N ARG RA 247 55.04 -60.28 -99.28
CA ARG RA 247 54.82 -61.57 -98.63
C ARG RA 247 55.25 -62.73 -99.52
N ALA RA 248 55.02 -62.62 -100.82
CA ALA RA 248 55.25 -63.73 -101.73
C ALA RA 248 56.68 -63.83 -102.21
N LEU RA 249 57.48 -62.78 -102.01
CA LEU RA 249 58.79 -62.67 -102.61
C LEU RA 249 59.94 -62.71 -101.62
N VAL RA 250 59.71 -62.36 -100.36
CA VAL RA 250 60.78 -62.21 -99.37
C VAL RA 250 60.73 -63.31 -98.31
N ALA RA 251 59.58 -63.46 -97.66
CA ALA RA 251 59.46 -64.52 -96.65
C ALA RA 251 59.18 -65.88 -97.28
N ASP RA 252 58.49 -65.91 -98.42
CA ASP RA 252 58.12 -67.19 -99.03
C ASP RA 252 59.25 -67.78 -99.86
N SER RA 253 60.12 -66.94 -100.43
CA SER RA 253 61.30 -67.50 -101.07
C SER RA 253 62.31 -67.93 -100.02
N VAL RA 254 62.33 -67.23 -98.88
CA VAL RA 254 63.24 -67.59 -97.81
C VAL RA 254 62.89 -68.98 -97.28
N VAL RA 255 61.62 -69.20 -96.95
CA VAL RA 255 61.21 -70.50 -96.43
C VAL RA 255 61.52 -71.57 -97.47
N LEU RA 256 61.10 -71.33 -98.71
CA LEU RA 256 61.36 -72.26 -99.81
C LEU RA 256 62.83 -72.30 -100.17
N THR RA 257 63.60 -71.31 -99.74
CA THR RA 257 65.04 -71.31 -99.94
C THR RA 257 65.75 -72.16 -98.90
N VAL RA 258 65.14 -72.34 -97.74
CA VAL RA 258 65.80 -73.07 -96.68
C VAL RA 258 65.27 -74.51 -96.49
N LEU RA 259 64.02 -74.76 -96.84
CA LEU RA 259 63.47 -76.10 -96.64
C LEU RA 259 63.91 -77.09 -97.72
N LYS RA 260 64.91 -76.73 -98.52
CA LYS RA 260 65.63 -77.66 -99.38
C LYS RA 260 66.99 -78.03 -98.82
N GLN RA 261 67.32 -77.56 -97.60
CA GLN RA 261 68.62 -77.86 -97.03
C GLN RA 261 68.72 -78.47 -95.63
N ARG RA 262 68.22 -77.77 -94.61
CA ARG RA 262 68.62 -78.06 -93.23
C ARG RA 262 67.47 -78.19 -92.23
N GLU RA 263 66.31 -77.63 -92.50
CA GLU RA 263 65.27 -77.41 -91.51
C GLU RA 263 64.32 -78.59 -91.47
N ILE RA 264 64.81 -79.65 -90.86
CA ILE RA 264 64.04 -80.86 -90.74
C ILE RA 264 63.17 -80.72 -89.49
N GLN RA 265 62.08 -81.48 -89.46
CA GLN RA 265 61.13 -81.46 -88.35
C GLN RA 265 61.76 -81.43 -86.96
N ARG RA 266 62.92 -82.06 -86.77
CA ARG RA 266 63.56 -81.98 -85.46
C ARG RA 266 63.72 -80.54 -84.99
N GLN RA 267 63.88 -79.58 -85.91
CA GLN RA 267 64.11 -78.20 -85.53
C GLN RA 267 62.83 -77.47 -85.11
N ASP RA 268 61.65 -78.05 -85.35
CA ASP RA 268 60.39 -77.51 -84.85
C ASP RA 268 59.97 -78.39 -83.68
N PHE RA 269 59.80 -77.83 -82.49
CA PHE RA 269 59.40 -78.71 -81.40
C PHE RA 269 57.97 -79.13 -81.69
N THR RA 270 57.71 -80.43 -81.53
CA THR RA 270 56.42 -81.01 -81.89
C THR RA 270 55.27 -80.29 -81.20
N GLU RA 271 54.14 -80.21 -81.91
CA GLU RA 271 52.92 -79.70 -81.32
C GLU RA 271 52.59 -80.52 -80.10
N SER RA 272 52.79 -79.93 -78.92
CA SER RA 272 52.42 -80.62 -77.69
C SER RA 272 50.91 -80.60 -77.53
N LEU RA 273 50.33 -79.40 -77.52
CA LEU RA 273 48.90 -79.20 -77.45
C LEU RA 273 48.36 -78.71 -78.79
N GLY RA 274 48.98 -79.15 -79.88
CA GLY RA 274 48.75 -78.57 -81.18
C GLY RA 274 49.60 -77.36 -81.47
N ALA RA 275 50.77 -77.24 -80.85
CA ALA RA 275 51.59 -76.04 -80.85
C ALA RA 275 52.50 -76.00 -82.08
N PHE RA 276 53.37 -74.98 -82.16
CA PHE RA 276 54.26 -74.78 -83.30
C PHE RA 276 55.71 -74.47 -82.93
N ARG RA 277 56.03 -74.25 -81.67
CA ARG RA 277 57.12 -73.34 -81.29
C ARG RA 277 58.45 -73.92 -81.76
N LEU RA 278 59.25 -73.07 -82.39
CA LEU RA 278 60.53 -73.50 -82.95
C LEU RA 278 61.57 -73.60 -81.83
N THR RA 279 62.36 -74.68 -81.86
CA THR RA 279 63.44 -74.76 -80.87
C THR RA 279 64.35 -73.56 -81.09
N ASP RA 280 64.80 -72.96 -79.98
CA ASP RA 280 65.43 -71.65 -80.10
C ASP RA 280 66.68 -71.72 -80.94
N SER RA 281 67.39 -72.84 -80.91
CA SER RA 281 68.53 -73.02 -81.80
C SER RA 281 68.10 -72.77 -83.24
N ALA RA 282 66.94 -73.34 -83.63
CA ALA RA 282 66.41 -73.10 -84.96
C ALA RA 282 65.84 -71.69 -85.14
N THR RA 283 65.18 -71.14 -84.11
CA THR RA 283 64.70 -69.76 -84.23
C THR RA 283 65.83 -68.83 -84.62
N LYS RA 284 67.03 -69.07 -84.09
CA LYS RA 284 68.16 -68.19 -84.34
C LYS RA 284 68.63 -68.29 -85.79
N THR RA 285 68.88 -69.53 -86.25
CA THR RA 285 69.36 -69.78 -87.59
C THR RA 285 68.53 -69.13 -88.68
N PHE RA 286 67.20 -69.08 -88.48
CA PHE RA 286 66.27 -68.58 -89.49
C PHE RA 286 66.74 -67.25 -90.06
N LEU RA 287 67.21 -66.35 -89.20
CA LEU RA 287 67.54 -65.00 -89.63
C LEU RA 287 68.80 -64.97 -90.49
N GLY RA 288 69.73 -65.90 -90.28
CA GLY RA 288 70.94 -65.91 -91.07
C GLY RA 288 70.67 -65.87 -92.56
N ALA RA 289 69.71 -66.68 -93.02
CA ALA RA 289 69.26 -66.59 -94.41
C ALA RA 289 68.38 -65.37 -94.63
N PHE RA 290 67.68 -64.92 -93.59
CA PHE RA 290 66.75 -63.80 -93.75
C PHE RA 290 67.49 -62.51 -94.07
N ASP RA 291 68.50 -62.17 -93.27
CA ASP RA 291 69.28 -60.96 -93.52
C ASP RA 291 70.14 -61.09 -94.77
N ARG RA 292 70.52 -62.32 -95.11
CA ARG RA 292 71.24 -62.57 -96.36
C ARG RA 292 70.44 -62.08 -97.56
N LYS RA 293 69.16 -62.42 -97.63
CA LYS RA 293 68.32 -62.01 -98.75
C LYS RA 293 68.20 -60.50 -98.84
N LEU RA 294 68.07 -59.82 -97.70
CA LEU RA 294 67.88 -58.37 -97.66
C LEU RA 294 69.13 -57.61 -98.01
N SER RA 295 70.16 -58.27 -98.54
CA SER RA 295 71.40 -57.61 -98.91
C SER RA 295 71.68 -57.67 -100.40
N SER RA 296 70.64 -57.81 -101.23
CA SER RA 296 70.92 -57.96 -102.65
C SER RA 296 69.63 -57.87 -103.48
N GLU RA 297 69.82 -57.43 -104.72
CA GLU RA 297 68.83 -57.34 -105.80
C GLU RA 297 69.60 -56.67 -106.94
N PHE RA 298 69.07 -56.75 -108.15
CA PHE RA 298 69.70 -55.97 -109.21
C PHE RA 298 68.94 -54.65 -109.40
N LYS RA 299 67.78 -54.72 -110.05
CA LYS RA 299 66.87 -53.57 -110.14
C LYS RA 299 65.78 -53.82 -111.18
N HIS RA 300 64.83 -52.89 -111.27
CA HIS RA 300 63.75 -52.86 -112.27
C HIS RA 300 62.46 -52.39 -111.62
N PHE RA 303 64.57 -50.06 -114.54
CA PHE RA 303 65.77 -49.27 -114.73
C PHE RA 303 66.91 -49.77 -113.87
N ASN RA 304 68.04 -50.07 -114.50
CA ASN RA 304 69.24 -50.53 -113.80
C ASN RA 304 69.59 -49.64 -112.61
N TYR RA 305 69.53 -50.21 -111.41
CA TYR RA 305 69.93 -49.47 -110.21
C TYR RA 305 70.08 -50.36 -108.98
N LYS RA 306 71.25 -50.30 -108.33
CA LYS RA 306 71.51 -51.10 -107.14
C LYS RA 306 70.38 -50.92 -106.12
N CYS RA 307 70.00 -52.01 -105.46
CA CYS RA 307 69.03 -51.95 -104.38
C CYS RA 307 69.05 -53.21 -103.55
N THR RA 308 69.22 -53.09 -102.24
CA THR RA 308 68.90 -54.23 -101.40
C THR RA 308 67.38 -54.39 -101.37
N TYR RA 309 66.90 -55.59 -101.02
CA TYR RA 309 65.46 -55.72 -100.79
C TYR RA 309 65.06 -54.81 -99.63
N ARG RA 310 65.84 -54.85 -98.54
CA ARG RA 310 65.58 -54.02 -97.37
C ARG RA 310 65.36 -52.56 -97.75
N ARG RA 311 66.16 -52.05 -98.69
CA ARG RA 311 66.05 -50.63 -99.02
C ARG RA 311 64.87 -50.35 -99.95
N ALA RA 312 64.62 -51.25 -100.91
CA ALA RA 312 63.53 -51.04 -101.86
C ALA RA 312 62.24 -50.68 -101.14
N ILE RA 313 62.05 -51.17 -99.91
CA ILE RA 313 60.83 -50.90 -99.16
C ILE RA 313 60.74 -49.42 -98.82
N GLU RA 314 61.80 -48.88 -98.23
CA GLU RA 314 61.87 -47.45 -97.97
C GLU RA 314 61.47 -46.64 -99.20
N LEU RA 315 61.85 -47.10 -100.39
CA LEU RA 315 61.49 -46.38 -101.61
C LEU RA 315 60.00 -46.51 -101.88
N GLN RA 316 59.51 -47.75 -101.95
CA GLN RA 316 58.09 -47.97 -102.22
C GLN RA 316 57.23 -47.11 -101.32
N ALA RA 317 57.64 -46.97 -100.06
CA ALA RA 317 56.98 -46.01 -99.17
C ALA RA 317 57.17 -44.59 -99.67
N ARG RA 318 58.42 -44.21 -99.96
CA ARG RA 318 58.69 -42.87 -100.46
C ARG RA 318 57.97 -42.60 -101.78
N LEU RA 319 57.96 -43.57 -102.68
CA LEU RA 319 57.18 -43.42 -103.91
C LEU RA 319 55.71 -43.17 -103.60
N LEU RA 320 55.17 -43.85 -102.59
CA LEU RA 320 53.76 -43.68 -102.26
C LEU RA 320 53.51 -42.26 -101.78
N ALA RA 321 54.39 -41.73 -100.93
CA ALA RA 321 54.27 -40.35 -100.52
C ALA RA 321 54.24 -39.42 -101.73
N ARG RA 322 55.18 -39.61 -102.66
CA ARG RA 322 55.24 -38.77 -103.86
C ARG RA 322 54.03 -39.03 -104.77
N HIS RA 323 53.52 -40.25 -104.81
CA HIS RA 323 52.23 -40.49 -105.44
C HIS RA 323 51.15 -39.62 -104.81
N LEU RA 324 51.31 -39.32 -103.52
CA LEU RA 324 50.34 -38.59 -102.70
C LEU RA 324 50.70 -37.12 -102.51
N GLN RA 325 52.00 -36.82 -102.39
CA GLN RA 325 52.46 -35.46 -102.16
C GLN RA 325 52.73 -34.72 -103.45
N GLU RA 326 53.20 -35.44 -104.47
CA GLU RA 326 53.51 -34.87 -105.77
C GLU RA 326 52.49 -35.30 -106.82
N GLY RA 327 52.00 -36.52 -106.73
CA GLY RA 327 51.02 -37.06 -107.65
C GLY RA 327 51.57 -38.09 -108.61
N VAL RA 328 52.72 -38.70 -108.31
CA VAL RA 328 53.41 -39.64 -109.18
C VAL RA 328 52.72 -40.99 -109.22
N VAL RA 329 53.09 -41.82 -110.19
CA VAL RA 329 52.63 -43.21 -110.26
C VAL RA 329 53.35 -44.04 -109.21
N TYR RA 330 52.70 -45.12 -108.78
CA TYR RA 330 53.30 -46.12 -107.91
C TYR RA 330 53.40 -47.41 -108.72
N GLU RA 331 54.51 -47.60 -109.41
CA GLU RA 331 54.75 -48.85 -110.14
C GLU RA 331 55.39 -49.82 -109.16
N PRO RA 332 54.64 -50.81 -108.65
CA PRO RA 332 55.20 -51.69 -107.61
C PRO RA 332 56.36 -52.56 -108.06
N LEU RA 333 56.87 -53.34 -107.11
CA LEU RA 333 58.05 -54.16 -107.30
C LEU RA 333 57.70 -55.55 -107.81
N VAL RA 334 58.43 -56.01 -108.82
CA VAL RA 334 58.26 -57.34 -109.38
C VAL RA 334 59.65 -57.96 -109.50
N ILE RA 335 59.77 -59.22 -109.08
CA ILE RA 335 61.06 -59.91 -108.98
C ILE RA 335 62.18 -58.94 -108.61
N MET SA 12 55.39 -43.51 -33.37
CA MET SA 12 56.40 -43.57 -32.34
C MET SA 12 57.58 -44.46 -32.73
N LEU SA 13 57.40 -45.26 -33.79
CA LEU SA 13 58.46 -46.17 -34.23
C LEU SA 13 59.55 -45.36 -34.92
N TYR SA 14 60.63 -45.10 -34.21
CA TYR SA 14 61.73 -44.28 -34.73
C TYR SA 14 62.74 -45.21 -35.39
N LEU SA 15 62.88 -45.07 -36.70
CA LEU SA 15 63.88 -45.77 -37.48
C LEU SA 15 65.02 -44.80 -37.76
N ILE SA 16 66.25 -45.27 -37.64
CA ILE SA 16 67.41 -44.38 -37.65
C ILE SA 16 68.51 -44.96 -38.52
N ILE SA 17 69.35 -44.07 -39.04
CA ILE SA 17 70.45 -44.42 -39.92
C ILE SA 17 71.69 -43.66 -39.48
N TYR SA 18 72.85 -44.26 -39.72
CA TYR SA 18 74.12 -43.53 -39.60
C TYR SA 18 75.12 -44.13 -40.57
N ASP SA 19 75.78 -43.28 -41.34
CA ASP SA 19 76.88 -43.70 -42.21
C ASP SA 19 77.97 -42.66 -42.08
N VAL SA 20 79.08 -43.04 -41.45
CA VAL SA 20 80.05 -42.10 -40.91
C VAL SA 20 81.43 -42.55 -41.36
N PRO SA 21 82.37 -41.62 -41.58
CA PRO SA 21 83.67 -42.03 -42.15
C PRO SA 21 84.44 -42.98 -41.24
N ALA SA 22 85.59 -43.44 -41.71
CA ALA SA 22 86.40 -44.42 -40.98
C ALA SA 22 87.52 -43.77 -40.17
N THR SA 23 87.41 -42.49 -39.84
CA THR SA 23 88.42 -41.88 -39.00
C THR SA 23 88.26 -42.37 -37.57
N LYS SA 24 89.38 -42.73 -36.94
CA LYS SA 24 89.36 -43.17 -35.55
C LYS SA 24 88.85 -42.09 -34.60
N ALA SA 25 88.73 -40.85 -35.07
CA ALA SA 25 88.14 -39.78 -34.29
C ALA SA 25 86.63 -39.69 -34.45
N GLY SA 26 86.08 -40.35 -35.48
CA GLY SA 26 84.65 -40.42 -35.69
C GLY SA 26 84.15 -41.84 -35.54
N ASN SA 27 85.01 -42.80 -35.90
CA ASN SA 27 84.72 -44.21 -35.65
C ASN SA 27 84.38 -44.42 -34.18
N LYS SA 28 85.06 -43.69 -33.29
CA LYS SA 28 84.64 -43.64 -31.89
C LYS SA 28 83.19 -43.22 -31.79
N ARG SA 29 82.83 -42.12 -32.46
CA ARG SA 29 81.46 -41.62 -32.41
C ARG SA 29 80.49 -42.63 -33.00
N ARG SA 30 80.90 -43.33 -34.07
CA ARG SA 30 80.08 -44.42 -34.60
C ARG SA 30 79.98 -45.56 -33.60
N THR SA 31 81.14 -46.10 -33.19
CA THR SA 31 81.14 -47.29 -32.34
C THR SA 31 80.52 -47.01 -30.99
N ARG SA 32 80.67 -45.78 -30.48
CA ARG SA 32 79.98 -45.39 -29.25
C ARG SA 32 78.48 -45.29 -29.49
N LEU SA 33 78.08 -44.83 -30.68
CA LEU SA 33 76.66 -44.66 -30.96
C LEU SA 33 75.95 -45.99 -31.13
N PHE SA 34 76.62 -46.96 -31.75
CA PHE SA 34 76.03 -48.29 -31.84
C PHE SA 34 75.74 -48.88 -30.46
N ASP SA 35 76.70 -48.76 -29.54
CA ASP SA 35 76.47 -49.22 -28.17
C ASP SA 35 75.27 -48.53 -27.54
N LEU SA 36 74.91 -47.35 -28.03
CA LEU SA 36 73.76 -46.63 -27.52
C LEU SA 36 72.46 -47.19 -28.10
N LEU SA 37 72.35 -47.15 -29.43
CA LEU SA 37 71.07 -47.44 -30.08
C LEU SA 37 70.55 -48.83 -29.75
N SER SA 38 71.44 -49.81 -29.58
CA SER SA 38 71.02 -51.06 -28.99
C SER SA 38 70.42 -50.85 -27.61
N GLY SA 39 70.65 -49.70 -26.99
CA GLY SA 39 70.11 -49.38 -25.69
C GLY SA 39 68.70 -48.80 -25.72
N TYR SA 40 68.33 -48.15 -26.82
CA TYR SA 40 67.00 -47.58 -26.95
C TYR SA 40 66.10 -48.37 -27.90
N GLY SA 41 66.67 -49.21 -28.75
CA GLY SA 41 65.88 -49.93 -29.73
C GLY SA 41 66.65 -51.10 -30.29
N LYS SA 42 66.14 -51.64 -31.39
CA LYS SA 42 66.65 -52.86 -31.99
C LYS SA 42 67.51 -52.53 -33.21
N TRP SA 43 68.35 -53.50 -33.58
CA TRP SA 43 69.25 -53.41 -34.71
C TRP SA 43 68.69 -54.25 -35.85
N ARG SA 44 68.72 -53.70 -37.07
CA ARG SA 44 68.31 -54.44 -38.25
C ARG SA 44 69.42 -54.55 -39.30
N GLN SA 45 70.11 -53.45 -39.60
CA GLN SA 45 71.20 -53.46 -40.55
C GLN SA 45 72.36 -52.65 -39.99
N PHE SA 46 73.50 -52.76 -40.67
CA PHE SA 46 74.75 -52.19 -40.15
C PHE SA 46 74.56 -50.75 -39.71
N SER SA 47 73.94 -49.94 -40.57
CA SER SA 47 73.70 -48.53 -40.27
C SER SA 47 72.25 -48.24 -39.91
N VAL SA 48 71.56 -49.18 -39.26
CA VAL SA 48 70.11 -49.09 -39.11
C VAL SA 48 69.71 -49.60 -37.74
N PHE SA 49 68.79 -48.87 -37.08
CA PHE SA 49 68.13 -49.31 -35.87
C PHE SA 49 66.64 -49.02 -35.93
N GLU SA 50 65.86 -49.89 -35.29
CA GLU SA 50 64.43 -49.70 -35.10
C GLU SA 50 64.17 -49.43 -33.63
N CYS SA 51 63.73 -48.23 -33.30
CA CYS SA 51 63.51 -47.81 -31.92
C CYS SA 51 62.04 -47.44 -31.78
N PHE SA 52 61.23 -48.36 -31.23
CA PHE SA 52 59.87 -48.02 -30.86
C PHE SA 52 59.85 -47.62 -29.39
N LEU SA 53 59.23 -46.49 -29.09
CA LEU SA 53 59.34 -45.93 -27.76
C LEU SA 53 58.40 -44.74 -27.65
N SER SA 54 58.28 -44.21 -26.44
CA SER SA 54 57.41 -43.10 -26.15
C SER SA 54 58.19 -41.79 -26.35
N VAL SA 55 57.63 -40.68 -25.88
CA VAL SA 55 58.22 -39.38 -26.15
C VAL SA 55 59.31 -39.07 -25.12
N LYS SA 56 58.98 -39.19 -23.83
CA LYS SA 56 59.95 -38.94 -22.78
C LYS SA 56 61.27 -39.64 -23.07
N GLN SA 57 61.19 -40.83 -23.65
CA GLN SA 57 62.36 -41.61 -24.05
C GLN SA 57 63.11 -41.00 -25.22
N PHE SA 58 62.47 -40.10 -25.97
CA PHE SA 58 63.11 -39.50 -27.14
C PHE SA 58 64.16 -38.46 -26.77
N ALA SA 59 63.75 -37.43 -26.03
CA ALA SA 59 64.70 -36.37 -25.67
C ALA SA 59 65.87 -36.92 -24.86
N LYS SA 60 65.63 -37.99 -24.07
CA LYS SA 60 66.75 -38.67 -23.43
C LYS SA 60 67.77 -39.15 -24.45
N LEU SA 61 67.35 -39.31 -25.71
CA LEU SA 61 68.21 -39.75 -26.79
C LEU SA 61 68.69 -38.60 -27.67
N GLN SA 62 67.75 -37.89 -28.30
CA GLN SA 62 68.11 -36.75 -29.15
C GLN SA 62 69.03 -35.78 -28.42
N THR SA 63 68.71 -35.47 -27.16
CA THR SA 63 69.54 -34.55 -26.38
C THR SA 63 70.94 -35.12 -26.17
N ALA SA 64 71.13 -36.41 -26.41
CA ALA SA 64 72.45 -37.02 -26.37
C ALA SA 64 73.20 -36.86 -27.68
N MET SA 65 72.47 -36.63 -28.78
CA MET SA 65 73.06 -36.50 -30.11
C MET SA 65 73.52 -35.07 -30.39
N GLU SA 66 72.61 -34.10 -30.26
CA GLU SA 66 73.00 -32.69 -30.39
C GLU SA 66 74.18 -32.35 -29.50
N LYS SA 67 74.40 -33.14 -28.45
CA LYS SA 67 75.47 -32.98 -27.49
C LYS SA 67 76.73 -33.77 -27.88
N LEU SA 68 76.71 -34.44 -29.02
CA LEU SA 68 77.74 -35.41 -29.35
C LEU SA 68 78.30 -35.35 -30.77
N ILE SA 69 77.65 -34.69 -31.71
CA ILE SA 69 77.94 -34.91 -33.12
C ILE SA 69 78.67 -33.72 -33.73
N LYS SA 70 79.50 -34.02 -34.73
CA LYS SA 70 80.08 -33.02 -35.62
C LYS SA 70 79.33 -33.15 -36.96
N LEU SA 71 78.26 -32.39 -37.10
CA LEU SA 71 77.42 -32.44 -38.28
C LEU SA 71 78.06 -31.80 -39.50
N ASP SA 72 79.13 -31.02 -39.32
CA ASP SA 72 79.86 -30.48 -40.46
C ASP SA 72 80.60 -31.57 -41.22
N GLU SA 73 80.72 -32.77 -40.63
CA GLU SA 73 81.44 -33.87 -41.24
C GLU SA 73 80.69 -35.20 -41.14
N ASP SA 74 79.52 -35.22 -40.50
CA ASP SA 74 78.73 -36.43 -40.29
C ASP SA 74 77.40 -36.29 -41.03
N ALA SA 75 76.68 -37.41 -41.12
CA ALA SA 75 75.45 -37.45 -41.89
C ALA SA 75 74.52 -38.51 -41.30
N VAL SA 76 73.32 -38.08 -40.91
CA VAL SA 76 72.29 -38.99 -40.39
C VAL SA 76 70.93 -38.45 -40.76
N CYS SA 77 69.97 -39.35 -40.95
CA CYS SA 77 68.58 -39.01 -41.20
C CYS SA 77 67.70 -39.96 -40.40
N ILE SA 78 66.48 -39.51 -40.10
CA ILE SA 78 65.57 -40.26 -39.24
C ILE SA 78 64.17 -40.24 -39.84
N TYR SA 79 63.43 -41.32 -39.61
CA TYR SA 79 62.08 -41.50 -40.14
C TYR SA 79 61.17 -41.99 -39.02
N VAL SA 80 59.93 -41.51 -39.03
CA VAL SA 80 58.96 -41.74 -37.96
C VAL SA 80 57.86 -42.63 -38.51
N LEU SA 81 57.62 -43.75 -37.86
CA LEU SA 81 56.75 -44.80 -38.39
C LEU SA 81 55.66 -45.09 -37.36
N ASP SA 82 54.41 -44.81 -37.75
CA ASP SA 82 53.26 -45.18 -36.94
C ASP SA 82 52.71 -46.53 -37.39
N GLU SA 83 51.92 -47.15 -36.52
CA GLU SA 83 51.45 -48.50 -36.79
C GLU SA 83 50.80 -48.61 -38.17
N ASN SA 84 49.82 -47.74 -38.45
CA ASN SA 84 49.08 -47.85 -39.70
C ASN SA 84 49.95 -47.61 -40.92
N THR SA 85 51.13 -47.00 -40.76
CA THR SA 85 52.11 -46.97 -41.84
C THR SA 85 53.12 -48.11 -41.72
N VAL SA 86 53.20 -48.74 -40.55
CA VAL SA 86 54.08 -49.90 -40.38
C VAL SA 86 53.44 -51.15 -40.97
N GLN SA 87 52.15 -51.36 -40.71
CA GLN SA 87 51.45 -52.54 -41.18
C GLN SA 87 51.76 -52.84 -42.64
N ARG SA 88 52.01 -51.80 -43.43
CA ARG SA 88 52.23 -51.88 -44.86
C ARG SA 88 53.69 -52.02 -45.22
N THR SA 89 54.58 -51.97 -44.23
CA THR SA 89 56.00 -52.18 -44.47
C THR SA 89 56.25 -53.62 -44.94
N ILE SA 90 57.32 -53.80 -45.70
CA ILE SA 90 57.55 -55.04 -46.42
C ILE SA 90 58.99 -55.51 -46.26
N THR SA 91 59.16 -56.83 -46.11
CA THR SA 91 60.47 -57.47 -45.97
C THR SA 91 60.49 -58.78 -46.74
N TYR SA 92 61.71 -59.27 -47.00
CA TYR SA 92 61.87 -60.58 -47.64
C TYR SA 92 62.83 -61.50 -46.90
N GLY SA 93 63.94 -60.97 -46.39
CA GLY SA 93 64.99 -61.79 -45.79
C GLY SA 93 65.19 -61.64 -44.31
N THR SA 94 64.48 -60.70 -43.69
CA THR SA 94 64.57 -60.40 -42.27
C THR SA 94 63.18 -60.50 -41.67
N PRO SA 95 63.07 -60.69 -40.35
CA PRO SA 95 61.74 -60.74 -39.72
C PRO SA 95 61.10 -59.35 -39.65
N GLN SA 96 59.80 -59.35 -39.35
CA GLN SA 96 59.01 -58.14 -39.31
C GLN SA 96 59.13 -57.42 -37.98
N PRO SA 97 58.80 -56.12 -37.94
CA PRO SA 97 59.00 -55.33 -36.71
C PRO SA 97 58.06 -55.72 -35.57
N GLU SA 98 58.52 -55.49 -34.32
CA GLU SA 98 57.70 -55.74 -33.11
C GLU SA 98 58.28 -55.03 -31.89
N LYS SA 99 57.51 -55.01 -30.80
CA LYS SA 99 57.82 -54.18 -29.63
C LYS SA 99 57.36 -54.85 -28.34
N PRO SA 100 58.00 -56.00 -27.93
CA PRO SA 100 57.48 -56.71 -26.79
C PRO SA 100 58.30 -56.56 -25.51
N GLY SA 101 57.87 -57.17 -24.40
CA GLY SA 101 58.84 -57.58 -23.41
C GLY SA 101 59.54 -58.87 -23.85
N SER SA 102 60.83 -58.96 -23.54
CA SER SA 102 61.66 -60.08 -24.01
C SER SA 102 61.74 -61.14 -22.93
N ILE SA 103 61.80 -62.41 -23.35
CA ILE SA 103 61.79 -63.54 -22.43
C ILE SA 103 63.01 -64.41 -22.70
N ILE SA 104 63.87 -64.51 -21.69
CA ILE SA 104 64.99 -65.44 -21.70
C ILE SA 104 65.35 -65.79 -20.26
N MET TA 12 53.34 -42.93 -50.53
CA MET TA 12 53.88 -43.30 -51.83
C MET TA 12 55.37 -42.97 -51.94
N LEU TA 13 56.00 -42.62 -50.82
CA LEU TA 13 57.44 -42.38 -50.79
C LEU TA 13 58.10 -43.66 -50.30
N TYR TA 14 58.67 -44.42 -51.22
CA TYR TA 14 59.25 -45.73 -50.92
C TYR TA 14 60.72 -45.58 -50.57
N LEU TA 15 61.05 -45.80 -49.30
CA LEU TA 15 62.42 -45.86 -48.84
C LEU TA 15 62.77 -47.32 -48.58
N ILE TA 16 63.94 -47.76 -49.04
CA ILE TA 16 64.32 -49.16 -49.00
C ILE TA 16 65.78 -49.31 -48.65
N ILE TA 17 66.13 -50.53 -48.22
CA ILE TA 17 67.45 -50.85 -47.70
C ILE TA 17 67.95 -52.13 -48.39
N TYR TA 18 69.27 -52.30 -48.38
CA TYR TA 18 69.88 -53.57 -48.74
C TYR TA 18 71.10 -53.79 -47.85
N ASP TA 19 71.21 -55.00 -47.31
CA ASP TA 19 72.39 -55.39 -46.54
C ASP TA 19 72.77 -56.80 -46.94
N VAL TA 20 73.84 -56.93 -47.72
CA VAL TA 20 74.13 -58.17 -48.44
C VAL TA 20 75.61 -58.48 -48.31
N PRO TA 21 75.96 -59.77 -48.26
CA PRO TA 21 77.35 -60.15 -48.07
C PRO TA 21 78.25 -59.74 -49.22
N ALA TA 22 79.54 -60.04 -49.10
CA ALA TA 22 80.54 -59.72 -50.12
C ALA TA 22 80.76 -60.91 -51.05
N THR TA 23 79.79 -61.80 -51.16
CA THR TA 23 79.91 -62.94 -52.07
C THR TA 23 79.85 -62.48 -53.52
N LYS TA 24 80.75 -63.03 -54.33
CA LYS TA 24 80.79 -62.70 -55.76
C LYS TA 24 79.49 -63.05 -56.46
N ALA TA 25 78.63 -63.85 -55.84
CA ALA TA 25 77.30 -64.09 -56.38
C ALA TA 25 76.30 -63.07 -55.88
N GLY TA 26 76.62 -62.33 -54.81
CA GLY TA 26 75.76 -61.30 -54.29
C GLY TA 26 76.35 -59.91 -54.38
N ASN TA 27 77.67 -59.79 -54.27
CA ASN TA 27 78.31 -58.50 -54.53
C ASN TA 27 77.89 -57.97 -55.89
N LYS TA 28 77.77 -58.85 -56.88
CA LYS TA 28 77.10 -58.48 -58.11
C LYS TA 28 75.67 -58.03 -57.83
N ARG TA 29 74.93 -58.80 -57.03
CA ARG TA 29 73.55 -58.44 -56.74
C ARG TA 29 73.48 -57.07 -56.06
N ARG TA 30 74.46 -56.76 -55.21
CA ARG TA 30 74.54 -55.42 -54.63
C ARG TA 30 74.81 -54.39 -55.73
N THR TA 31 75.89 -54.58 -56.48
CA THR TA 31 76.29 -53.58 -57.46
C THR TA 31 75.28 -53.45 -58.59
N ARG TA 32 74.62 -54.55 -58.97
CA ARG TA 32 73.54 -54.46 -59.94
C ARG TA 32 72.33 -53.74 -59.35
N LEU TA 33 72.08 -53.93 -58.06
CA LEU TA 33 70.91 -53.32 -57.43
C LEU TA 33 71.08 -51.82 -57.27
N PHE TA 34 72.28 -51.35 -56.92
CA PHE TA 34 72.51 -49.91 -56.90
C PHE TA 34 72.30 -49.31 -58.29
N ASP TA 35 72.80 -49.98 -59.33
CA ASP TA 35 72.55 -49.52 -60.69
C ASP TA 35 71.06 -49.45 -60.98
N LEU TA 36 70.25 -50.22 -60.26
CA LEU TA 36 68.80 -50.17 -60.41
C LEU TA 36 68.20 -49.01 -59.63
N LEU TA 37 68.42 -49.02 -58.30
CA LEU TA 37 67.71 -48.11 -57.41
C LEU TA 37 67.97 -46.65 -57.76
N SER TA 38 69.16 -46.32 -58.24
CA SER TA 38 69.38 -45.00 -58.80
C SER TA 38 68.45 -44.73 -59.97
N GLY TA 39 67.85 -45.77 -60.55
CA GLY TA 39 66.92 -45.64 -61.66
C GLY TA 39 65.48 -45.40 -61.26
N TYR TA 40 65.10 -45.82 -60.05
CA TYR TA 40 63.75 -45.61 -59.55
C TYR TA 40 63.64 -44.53 -58.49
N GLY TA 41 64.73 -44.16 -57.83
CA GLY TA 41 64.67 -43.21 -56.76
C GLY TA 41 66.04 -42.66 -56.43
N LYS TA 42 66.11 -41.97 -55.29
CA LYS TA 42 67.29 -41.24 -54.87
C LYS TA 42 68.08 -42.01 -53.82
N TRP TA 43 69.35 -41.64 -53.68
CA TRP TA 43 70.28 -42.29 -52.77
C TRP TA 43 70.52 -41.44 -51.53
N ARG TA 44 70.52 -42.07 -50.36
CA ARG TA 44 70.89 -41.38 -49.12
C ARG TA 44 72.05 -42.02 -48.38
N GLN TA 45 72.06 -43.34 -48.21
CA GLN TA 45 73.15 -44.00 -47.51
C GLN TA 45 73.56 -45.29 -48.22
N PHE TA 46 74.68 -45.85 -47.76
CA PHE TA 46 75.31 -46.96 -48.46
C PHE TA 46 74.30 -48.07 -48.75
N SER TA 47 73.54 -48.47 -47.74
CA SER TA 47 72.53 -49.52 -47.85
C SER TA 47 71.12 -48.96 -47.94
N VAL TA 48 70.95 -47.78 -48.54
CA VAL TA 48 69.72 -47.02 -48.40
C VAL TA 48 69.37 -46.29 -49.69
N PHE TA 49 68.08 -46.37 -50.05
CA PHE TA 49 67.51 -45.50 -51.08
C PHE TA 49 66.14 -45.00 -50.64
N GLU TA 50 65.85 -43.75 -51.00
CA GLU TA 50 64.53 -43.16 -50.81
C GLU TA 50 63.95 -42.93 -52.21
N CYS TA 51 62.87 -43.65 -52.51
CA CYS TA 51 62.26 -43.67 -53.84
C CYS TA 51 60.83 -43.14 -53.72
N PHE TA 52 60.60 -41.90 -54.14
CA PHE TA 52 59.25 -41.36 -54.25
C PHE TA 52 58.74 -41.61 -55.67
N LEU TA 53 57.56 -42.21 -55.78
CA LEU TA 53 57.08 -42.71 -57.07
C LEU TA 53 55.64 -43.15 -56.94
N SER TA 54 55.06 -43.56 -58.08
CA SER TA 54 53.67 -43.97 -58.17
C SER TA 54 53.54 -45.47 -57.91
N VAL TA 55 52.36 -46.03 -58.19
CA VAL TA 55 52.06 -47.41 -57.83
C VAL TA 55 52.51 -48.37 -58.93
N LYS TA 56 51.97 -48.16 -60.15
CA LYS TA 56 52.37 -48.99 -61.29
C LYS TA 56 53.89 -49.04 -61.40
N GLN TA 57 54.57 -47.96 -61.01
CA GLN TA 57 56.02 -47.91 -60.98
C GLN TA 57 56.61 -48.89 -59.97
N PHE TA 58 55.81 -49.34 -59.00
CA PHE TA 58 56.31 -50.26 -57.98
C PHE TA 58 56.48 -51.66 -58.55
N ALA TA 59 55.41 -52.23 -59.11
CA ALA TA 59 55.49 -53.58 -59.63
C ALA TA 59 56.55 -53.72 -60.72
N LYS TA 60 56.79 -52.67 -61.50
CA LYS TA 60 57.93 -52.72 -62.41
C LYS TA 60 59.23 -52.92 -61.64
N LEU TA 61 59.22 -52.59 -60.35
CA LEU TA 61 60.37 -52.77 -59.45
C LEU TA 61 60.19 -54.01 -58.58
N GLN TA 62 59.08 -54.05 -57.82
CA GLN TA 62 58.78 -55.20 -56.99
C GLN TA 62 58.93 -56.51 -57.76
N THR TA 63 58.36 -56.54 -58.97
CA THR TA 63 58.45 -57.72 -59.82
C THR TA 63 59.87 -58.01 -60.27
N ALA TA 64 60.79 -57.06 -60.14
CA ALA TA 64 62.18 -57.30 -60.51
C ALA TA 64 62.99 -57.93 -59.40
N MET TA 65 62.61 -57.71 -58.14
CA MET TA 65 63.36 -58.25 -57.00
C MET TA 65 62.89 -59.64 -56.61
N GLU TA 66 61.58 -59.82 -56.41
CA GLU TA 66 61.04 -61.16 -56.21
C GLU TA 66 61.51 -62.12 -57.29
N LYS TA 67 61.97 -61.59 -58.42
CA LYS TA 67 62.40 -62.35 -59.59
C LYS TA 67 63.87 -62.71 -59.61
N LEU TA 68 64.66 -62.26 -58.62
CA LEU TA 68 66.11 -62.40 -58.72
C LEU TA 68 66.83 -62.82 -57.44
N ILE TA 69 66.18 -62.86 -56.28
CA ILE TA 69 66.89 -62.84 -55.00
C ILE TA 69 66.97 -64.23 -54.39
N LYS TA 70 68.01 -64.43 -53.59
CA LYS TA 70 68.18 -65.61 -52.74
C LYS TA 70 67.85 -65.22 -51.31
N LEU TA 71 66.63 -65.51 -50.88
CA LEU TA 71 66.20 -65.12 -49.55
C LEU TA 71 66.89 -65.94 -48.46
N ASP TA 72 67.51 -67.06 -48.83
CA ASP TA 72 68.28 -67.85 -47.88
C ASP TA 72 69.58 -67.17 -47.48
N GLU TA 73 70.02 -66.15 -48.23
CA GLU TA 73 71.30 -65.50 -47.98
C GLU TA 73 71.24 -63.99 -48.06
N ASP TA 74 70.09 -63.40 -48.37
CA ASP TA 74 69.95 -61.97 -48.56
C ASP TA 74 69.01 -61.41 -47.50
N ALA TA 75 68.99 -60.08 -47.38
CA ALA TA 75 68.22 -59.43 -46.33
C ALA TA 75 67.83 -58.02 -46.77
N VAL TA 76 66.54 -57.73 -46.79
CA VAL TA 76 66.04 -56.40 -47.14
C VAL TA 76 64.73 -56.15 -46.42
N CYS TA 77 64.46 -54.87 -46.14
CA CYS TA 77 63.19 -54.43 -45.56
C CYS TA 77 62.73 -53.16 -46.27
N ILE TA 78 61.43 -52.88 -46.16
CA ILE TA 78 60.79 -51.80 -46.90
C ILE TA 78 59.91 -51.00 -45.95
N TYR TA 79 59.80 -49.69 -46.20
CA TYR TA 79 59.00 -48.80 -45.38
C TYR TA 79 58.19 -47.86 -46.27
N VAL TA 80 56.97 -47.57 -45.83
CA VAL TA 80 55.99 -46.81 -46.61
C VAL TA 80 55.81 -45.46 -45.92
N LEU TA 81 56.09 -44.38 -46.65
CA LEU TA 81 56.17 -43.05 -46.05
C LEU TA 81 55.27 -42.09 -46.82
N ASP TA 82 54.20 -41.63 -46.17
CA ASP TA 82 53.32 -40.59 -46.69
C ASP TA 82 53.73 -39.23 -46.12
N GLU TA 83 53.30 -38.16 -46.79
CA GLU TA 83 53.76 -36.82 -46.43
C GLU TA 83 53.53 -36.53 -44.95
N ASN TA 84 52.30 -36.71 -44.47
CA ASN TA 84 52.02 -36.39 -43.07
C ASN TA 84 52.86 -37.24 -42.13
N THR TA 85 53.42 -38.34 -42.63
CA THR TA 85 54.45 -39.10 -41.93
C THR TA 85 55.85 -38.68 -42.34
N VAL TA 86 55.99 -38.00 -43.48
CA VAL TA 86 57.31 -37.57 -43.96
C VAL TA 86 57.79 -36.30 -43.29
N GLN TA 87 56.91 -35.29 -43.17
CA GLN TA 87 57.37 -33.99 -42.68
C GLN TA 87 58.22 -34.12 -41.43
N ARG TA 88 57.89 -35.08 -40.56
CA ARG TA 88 58.61 -35.26 -39.31
C ARG TA 88 59.67 -36.34 -39.49
N THR TA 89 60.65 -36.02 -40.32
CA THR TA 89 61.80 -36.87 -40.64
C THR TA 89 63.10 -36.09 -40.40
N ILE TA 90 63.21 -35.53 -39.19
CA ILE TA 90 64.29 -34.61 -38.85
C ILE TA 90 65.66 -35.14 -39.25
N THR TA 91 66.52 -34.22 -39.67
CA THR TA 91 67.89 -34.50 -40.07
C THR TA 91 68.77 -33.39 -39.48
N TYR TA 92 70.08 -33.61 -39.46
CA TYR TA 92 70.97 -32.59 -38.95
C TYR TA 92 72.08 -32.21 -39.92
N GLY TA 93 72.68 -33.18 -40.61
CA GLY TA 93 73.82 -32.90 -41.46
C GLY TA 93 73.55 -33.06 -42.94
N THR TA 94 72.38 -33.58 -43.28
CA THR TA 94 71.95 -33.78 -44.65
C THR TA 94 70.61 -33.10 -44.83
N PRO TA 95 70.21 -32.78 -46.06
CA PRO TA 95 68.89 -32.19 -46.28
C PRO TA 95 67.78 -33.23 -46.21
N GLN TA 96 66.55 -32.74 -46.04
CA GLN TA 96 65.38 -33.59 -45.96
C GLN TA 96 64.80 -33.86 -47.35
N PRO TA 97 63.98 -34.92 -47.48
CA PRO TA 97 63.53 -35.32 -48.81
C PRO TA 97 62.54 -34.35 -49.44
N GLU TA 98 62.54 -34.34 -50.77
CA GLU TA 98 61.62 -33.63 -51.65
C GLU TA 98 61.84 -34.24 -53.03
N LYS TA 99 60.90 -34.03 -53.95
CA LYS TA 99 61.01 -34.61 -55.29
C LYS TA 99 60.37 -33.74 -56.36
N PRO TA 100 61.08 -32.70 -56.79
CA PRO TA 100 60.58 -31.85 -57.88
C PRO TA 100 61.03 -32.36 -59.24
N GLY TA 101 60.69 -31.63 -60.30
CA GLY TA 101 61.38 -31.80 -61.56
C GLY TA 101 62.81 -31.28 -61.48
N SER TA 102 63.70 -31.93 -62.21
CA SER TA 102 65.13 -31.66 -62.12
C SER TA 102 65.56 -30.74 -63.26
N ILE TA 103 66.47 -29.81 -62.94
CA ILE TA 103 66.95 -28.83 -63.89
C ILE TA 103 68.48 -28.85 -63.89
N ILE TA 104 69.05 -28.63 -65.07
CA ILE TA 104 70.49 -28.48 -65.21
C ILE TA 104 70.78 -27.50 -66.35
#